data_8RAS
#
_entry.id   8RAS
#
_cell.length_a   1.00
_cell.length_b   1.00
_cell.length_c   1.00
_cell.angle_alpha   90.00
_cell.angle_beta   90.00
_cell.angle_gamma   90.00
#
_symmetry.space_group_name_H-M   'P 1'
#
loop_
_entity.id
_entity.type
_entity.pdbx_description
1 polymer 'DNA-directed RNA polymerase subunit alpha'
2 polymer 'DNA-directed RNA polymerase subunit beta'
3 polymer "DNA-directed RNA polymerase subunit beta'"
4 polymer "DNA-directed RNA polymerase subunit beta''"
5 polymer PAP1
6 polymer PAP2
7 polymer PAP3
8 polymer PAP4
9 polymer PAP5
10 polymer PAP6
11 polymer PAP7
12 polymer PAP8
13 polymer PAP9
14 polymer PAP10
15 polymer PAP11
16 polymer PAP12
17 polymer FLN2
18 polymer PTAC18
19 polymer 'DNA (81-MER)'
20 polymer 'DNA (81-MER)'
21 polymer 'RNA (40-MER)'
22 non-polymer 'MAGNESIUM ION'
23 non-polymer 'ZINC ION'
24 non-polymer 'FE (III) ION'
25 non-polymer S-ADENOSYL-L-HOMOCYSTEINE
26 water water
#
loop_
_entity_poly.entity_id
_entity_poly.type
_entity_poly.pdbx_seq_one_letter_code
_entity_poly.pdbx_strand_id
1 'polypeptide(L)'
;MVREKVKVSTRTLQWKCVESRRDSKRLYYGRFILSPLMKGQADTIGIAMRRALLGEIEGTCITRAKFENIPHDYSNIVGI
QESVHEILMNLNEIVLKSNLYGTRNALICVQGPGYITARDIILPPSVEIVDNTQHIATLTEPINLCIGLKIERNRGYSLK
MSNNFEDRSYPIDAVFMPVQNANHSIHSYGNGNEKQEILFIEIWTNGSLTPKEALHEASRNLINLFIPFLHVEEETFYLE
NNQHQVTLPLFPFHNKLVNLRQKKKELAFQYIFIDQLELPPRIYNCLKKSNIHTLLDLLNNSQEDLIKMEHFHIEDVKKL
LDILEKK
;
A,B
2 'polypeptide(L)'
;MLGDGKEGTSTIPGFNQIQFEGFYRFIDQGLIEELSKFPKIEDIDHEIEFQLFVETYQLVEPLIKERDAVYESLTYSSEL
YVSAGLIWKTNRNMQEQRIFIGNIPLMNSLGTFIVNGIYRVVINQILQSPGIYYQSELDHNGISVYTGTIISDWGGRLEL
EIDKKARIWARVSRKQKISILVLSSAMGSNLREILENVCYPEIFLSFLTDKEKKKIGSKENAILEFYQQFSCVGGDPIFS
ESLCKELQKKFFHQRCELGRIGRRNINWRLNLNIPQNNIFLLPRDILAAADHLIGMKFGMGTLDDMNHLKNKRIRSVADL
LQDQLGLALARLENVVKGTIGGAIRHKLIPTPQNLVTSTPLTTTYESFFGLHPLSQVLDRTNPLTQIVHGRKLSYLGPGG
LTGRTANFRIRDIHPSHYGRICPIDTSEGINVGLIGSLSIHARIGDWGSLESPFYELVEKSKKAQIRMLFLSPSQDEYYM
IAAGNSLALNRGIQEEQVVPARYRQEFLTIAWEEVHLRSIFPFQYFSIGASLIPFIEHNDANRALMSSNMQRQAVPLSRS
EKCIVGTGLERQVALDSGVPAIAEHEGKILYTDTEKIILSGNENTLSIPLIMYQRSNKNTCMHQKPQVRRGKCIKKGQIL
ADGAATVGGELALGKNVLVAYMPWEGYNFEDAVLISECLVYGDIYTSFHIRKYEIQTHVTTQGPERITKEIPHLEGRLLR
NLDKNGIVMLGSWVETGDILVGKLTPQVAKESSYAPEDRLLRAILGIQVSTSKETCLKLPIGGRGRVIDVRWVQKKGGSS
YNPEIIRVYISQKREIKVGDKVAGRHGNKGIISKILPRQDMPYLQDGRPVDMVFNPLGVPSRMNVGQIFECSLGLAGSLL
DRHYRIAPFDERYEQEASRKLVFSELYEASKQTANPWVFEPEYPGKSRIFDGRTGDPFEQPVIIGKPYILKLIHQVDDKI
HGRSSGHYALVTQQPLRGRSKQGGQRVGEMEVWALEGFGVAHILQEMLTYKSDHIRARQEVLGTTIIGGTIPKPEDAPES
FRLLVRELRSLALELNHFLVSEKNFQINRKEV
;
C
3 'polypeptide(L)'
;MIDRYKHQQLRIGLVSPQQISAWATKKIPNGEIVGEVTKPYTFHYKTNKPEKDGLFCERIFGPIKSGICACGNYRVIGDE
KEDPKFCEQCGVEFVDSRIRRYQMGYIKLTCPVTHVWYLKRLPSYIANLLDKPLKELEGLVYCDFSFARPITKKPTFLRL
RGSFEYEIQSWKYSIPLFFTTQGFEIFRNREISTGAGAIREQLADLDLRIIIENSLVEWKQLGEEGPTGNEWEDRKIVRR
KDFLVRRMELAKHFIRTNIEPEWMVLCLLPVLPPELRPIIQIEGGKLMSSDINELYRRVIYRNNTLTDLLTTSRSTPGEL
VMCQEKLVQEAVDTLLDNGIRGQPMRDGHNKVYKSFSDVIEGKEGRFRETLLGKRVDYSGRSVIVVGPSLSLHRCGLPRE
IAIELFQTFVIRGLIRQHLASNIGVAKSQIREKKPIVWEILQEVMQGHPVLLNRAPTLHRLGIQSFQPILVEGRTICLHP
LVCKGFNADFDGDQMAVHVPLSLEAQAEARLLMFSHMNLLSPAIGDPISVPTQDMLIGLYVLTSGTRRGICANRYNPCNR
KNYQNERIYETNYKYMKEPFFCNSYDAIGAYRQKRINLDSPLWLRWQLDQRVIASKEVPIEVHYESFGNYHEIYAHYLIV
RSVKKETLYIYIRTTVGHISFYREIEEAIQGFSQACSYDT
;
D
4 'polypeptide(L)'
;MAERANLVFHNKVIDGTAIKRLISRLIDHFGMAYTSHILDQVKTLGFQQATATSISLGIDDLLTIPSKGWLVQDAEQQSL
ILEKHHHYGNVHAVEKLRQSIEIWYATSEYLRQEMNPNFRMTDPFNPVHMMSFSGARGNASQVHQLVGMRGLMSDPQGQM
IDLPIQSNLREGLSLTEYIISCYGARKGVVDTAVRTSDAGYLTRRLVEVVQHIVVRRTDCGTIRGISVSPRNKSRMMSER
IFIQTLIGRVLADDIYIGSRCVAFRNQDLGIGLVNRFITFGTQSISIRTPFTCRSTSWICRLCYGRSPTHGDLVELGEAV
GIIAGQSIGEPGTQLTLRTFHTGGVFTGGTAEHVRAPYNGKIKFNEDLVHPTRTRHGHPAFLCYIDLSVIIESEDIIHSV
TIPPKSFLLVQNDQYVESEQVIAEIREGTYTFHFKERVRKYIYSDSEGEMHWSTDVSHAPEFTYSNVHLLPKTSHLWILS
GGSCGSSLILFSIHKDQDQMNIPFLSVERKSISSLSVNNDQVSQKFFSSDFSDKKKSGIPNYSELNGIVGTSHYNFIYSA
IFHENSDLLAKRRRNRFLIPFQSIQEQEQEKEFIPHSGISVEIPINGIFRRNSIFAFFDDPRYRRKSSGILKYGTLKADS
IIQKEDMIEYRGVQKFKTKYEMKVDRFFFIPEEVHILPESSAIMVENYSIIGVDTRITLNIRSQVGGLIRVERKKKRIEL
KIFSGDIHFPDKTDKISRHSGILIPPGRGKTNSKESKNLKNWIYVQRITPTKKKFFVLVRPVATYEIADSINLATLFPKD
LFREKDNIQLRVFNYILYGNGKPTRGISDTSIQLVRTCLVLNWDQDNKNSSLEEVRAFFVEVNTKGLIRDFIRIGLVKSH
ISYIRKRNNPPDSGLISADSMNPFYSISPKAGILHQSLRQNHGTIRMFLNRNKESQSLLILSSSNCFRIGPFNHVKYHNV
INQSIKKKPLITIKNSSGPLGTAIQISNFYSFLPLLTYNQISVIKYLQLDNFKYIFQVIHSYLIDENGRIFNLDPYSNLV
LNPFKLNWYFLHQNYNNNYCEETSTIISLGQFFCENVCIAKKEPYLKSGQVLIVQRDSVVIRSAKPYLATPGAKVHGHYR
EILYEGDTLVTFIYEKSRSGDITQGLPKVEQVLEVRSIDSISLNLEKRIKGWNRCITRILGIPWGFLIGAELTIVQSRIS
LVNKIQKVYRSQGVQIHNRHIEIIVRQITSKVLVSEEGMSNVFLPGELIGLLRAERTGRALEEAICYRAVLLGITRASLN
TQSFISEASFQETARVLAKAALRGRIDWLKGLKENVVLGGVIPAGTGFNKGLVHCSRQHTNILLEKKTKNLSLLEGDMRD
ILFYHREFCDSSI
;
E
5 'polypeptide(L)'
;MSLFFLNPALPSNSIHPIPRRAAGISSIRCSISAPEKKPRRRRKQQQKRENEDSSSFGSSEAVSALERSLRLTFMDELME
RARNRDPSGVSEVIYDMIAAGLSPGPRSFHGLVVAHALNGDEQGAMHSLRKELGAGQRPLPETMIALVRLSGSKGNAQRG
LELLAAMEKLNYDIRQAWLILVEELVRTNHLEEANKVFLKGARGGMRATDQLYDLMIEEDCKAGDHSNALDISYEMEAAG
RFATTFHFNCLLSVQATCGIPEVAYATFENMEYGEDFMKPDTETYNWVIQAYTRADSYDRVQDVAELLGMMVEDYKRVQP
NVKTHALLVECFTKYCVVKEAIRHFRALKNFEGGTKVLHNAGNFEDPLSLYLRALCREGRIVELIDALDAMRRDNQPIPP
RAMIMSRKYRTLVSSWIEPLQEEAELGYEIDYLARYVEEGGLTGERKRWVPRRGKTPLDPDAAGFIYSNPIETSFKQRCL
EDWKVHHRKLLRTLQSEGLPVLGDASESDYMRVMERLRNIIKGPAQNLLKPKAASKMVVSELKEELEAQGLPIDGTRNVL
YQRVQKARRINKSRGRPLWVPPIEEEEEEVDEEVDELICRIKLHEGDTEFWKRRFLGEGLIETTAETKETDESSVATGEI
ENKTEVVAKEADDDEDDEEEEQEGDEDDDENEEEEEAVVVEPENRAEGEDLIKNKAADAKRHLQMIGVQLLKESDEANRT
KKRGKRASRMTLEDDADEDWFPEEPFEAFKEMRERKVFDVSDMYTIADVWGWTWEKDFKNKTPRRWSQEWEVELAIVLMA
KVIELGGVPTIGDCAVILRAAIRAPMPSSFLKILQTTHSLGYAFGSPLYDEIITLCLDLGELDAAIAIVADMETTGITVP
DQTLDKVISARQSNEIPKSEHEEPPSSSESS
;
F
6 'polypeptide(L)'
;MNLAIPNPNSHHLSFLIQNSTFIGNRRFANSNHLSFLSGGKRPCSVAKINAKTKDLVLGNPSVSVEKGKYSYDVESLINK
LSSLPPRGSIARCLDIFKNKLSLNDFALVFKEFAGRGDWQRSLRLFKYMQRQIWCKPNEHIYTIMISLLGREGLLDKCLE
VFEEMPSQGVARSVFSYTALINAYGRNGRYETSLELLDRMKSEKISPSILTYNTVINACARGGLDWEGLLGLFAEMRHEG
IQPDIVTYNTLLSACAIRGLGDEAEMVFRTMNDGGIVPDLTTYSHLVETFGKLGRLEKVSDLLSEMASGGSLPDITSYNV
LLEAYAKSGSIKEAMGVFHQMQAAGCSPNANTYSVLLNLFGQNGRYDDVRQLFLEMKSSNTDPDAATYNILIDVFGEGGY
FKEVVTLFHDMVEENIEPDMETYEGIIFACGKGGLHEDARKILQYMTAKDVVPSSKAYTGVIEAFGQAALYEEALVAFNT
MHEVGSNPSIETFHSLLYSFARGGLFKESEVILSRLVNSGIPRNRDTFNATIEAYKQGGKFEEAVKTYVDMEKSRCDPDE
RTLEAVLSVYSCARLVDECREQFEEMKASDILPSIMCYCMMLSVYGKTESWDDVNELLEEMLSNRVSNIHQVIGQMIKGN
YDDDSNWQIVEYVLDKLNSEGCGLGIRFYNALLDALWWLGQKERAARVLNEATKRGIFPELFRKNKLVWSVDVHRMSEGG
MYTALSVWLNDLSDILVKGQDLPQLAVVVSVRGQLEKSSAARESPITRAAFSFLQDHVSSSFSFTGWNGGRIMCQRSQLK
QLLSTQEPTSEESPKSNIVALTNSPIFAAGTRTSTSSDTNHSGGNPSQRKTKMKKELAGSPA
;
G
7 'polypeptide(L)'
;MQICQATLTTFTFTNPSNPNFCKPKPLFPSFQPPRRVTLPPCRGFSSDEFPVDETFLEKFGPKDKDTEDEARRRNWIERG
WAPWEEILTPEADFARKSLNEGEEVPLQSPEAIEAFKMLRPSYRKKKIKEMGITEDEWYAKQFEIRGDKPPPLDTSWAGP
LVVRQIPPRDWPPKGWEVDRKELEFIREAHKLMAERVWLEDLDKDLKVGEDATVDKMCLERFKVFLKQYNEWVEANKDRL
EEDSYKYDQDFYPGRRIRGKDYKEGMYELPFYYPGMICEGTVTTLHLYQGAFVDIGGVHEGWVPIKGNDWFWIRHFIRVG
MHVIVEITAKRDPYRFRFPLELRFVHPNIDHMIFNKFDFPPIFHRDGDTNPDEIRRDCGRPPEPRKDPGSKPEEEGLLSD
HPYVDKLWQLHVAEQMILDDYEANPEKYKGKKLSELSDDEGFDERKEIEHGEAYYKKTKLPKVILKTSVKELDLEAALIE
RKYHNKLMMEAKARGEGYKIEKLRRNIEMDEYDSLHWRRSLEEREALLRDISSRQALGLPLEEPGRYKPGSFFGKDQYDP
TSALYQYDYWGEPKNSEISKQERMKDAHNKSIVGKGNVWYDMSYDDAIKQTIERRKAESNVVTQKEEETESKEEEEDDDD
EYEFDDFDYSILSDESSIGYSEQQPLVNGTQVFTD
;
H
8 'polypeptide(L)'
;MASCLVTTSSFYTVSDSSLRLKPSNLVHLSNQQRRRSLGSRGGLKVEAYYGLKTPPYPLDALEPYMSQRTLEVHWGKHHR
GYVDNLNKQLGKDDRLYGYTMEELIKATYNNGNPLPEFNNAAQVYNHDFFWESMQPGGGDMPIKGVLEQIEKDFGSFTNF
REKFTNAALTQFGSGWVWLVLKREERRLEVVKTSNAINPLVWDDIPIINLDVWEHSYYLDYKNERGKYINTFLNHLVSWN
AAMSRMARAEAFVNLGEPTIPIA
;
I
9 'polypeptide(L)'
;MASISTTSWLYRDKLCTESGKLGTCILQRPVKCGFPVKRLYVGITSKDVLMRDCIKCKKDDDDDDASEGSSKKDGQGYEY
VSVERAPYYSYMDSTSGKMEPASGARASIPGEDYWPEGTSSRVRAARAPQPAGESSSFPSYGKNPGSRRKKNRKATEGNA
AVETYDEVSDSEDSSEEEESDSSNGFVVYNNEVEGEDEEETGFELDKKLGRPHPFIDPTKKKQIETTLTSDESWWNWRKP
EKEQWSRWQRRRPDVETVFLKAMAETGQVKLYGKEPTLTETSLYRARRHLFKEERLQAERERLAKEGPMAFYSEWVKAWK
RDTSREAVQKHFEETGEDENTQLIEMFSHQTDREYRIMMGTDVRIKRDPLAMRMKEDQIKQIWGGDPVYPTINYIQAPDA
VMDFRGPDFHEPTPNMLSYLKENCKVISREMHETLLAKEKTEQVEVPDIDDAMAQAVDIGENDDEEEDTEEAEKDEKVAR
NWSVLKSTPELRNSKPKPKKEGRMSLDEAVDDSENLTDFLMDFDEETDP
;
J
10 'polypeptide(L)'
;MASLHLFPHLHHFDSIIHRREIAAHSRRQFLSPKASINGGVVTNGASAAETAKPSRKGRNKKKQTEETNPDSDPALVDYD
DGIDFPYDDPPLVCCFGAVQKEFVPVVRVHDNPMHPDIYSQWKMLQWDPPEFGRAPGGPPSNVAISHVRLGGRAAFMGKV
GGDDYGEELVLMMNKERVQTRGVKFDEGASTACTRVKIKFEDGKMKAETVKEPPEDSLLASELNLAVLKEARIFHFNSEV
LTSPTMESTLFKAIQWSKKFGGLIFFDLNLPLPLWRSRNETRKLIKKSWDEANIIEVSQQELEFLLDEEYYERRRNYTPQ
YFAEDFEQTKNRRDYYHYTPEEIKPLWHDDLKLLVVTDGTLRLHYYTPKFDGVVVGTEDVLITPFTCDRTGSGDAVVAGI
MRKLTTCPEMFEDQDVLERQLRFAVAAGIISQWTIGAVRGFPTESATQNLKEQVYVPSMW
;
K
11 'polypeptide(L)'
;MASPVSLHYLINTFISKPQGFCNGTVSSPRPRSSFVRERQNSVKPIKVASLETQPFPLFQSPASEESSSSELESADPDFY
KIGYVRRVRAYGVEFKEGPDGFGIYASKDIEPRRRARVIMEIPHELMITIRQKHPWMFFPDIVPIGHPIFDIINSTDPER
DWDLRLACLLLFSFDREDHFWRLYGDFLPAADECSSLLLATEEDLAELQDPQLVSTIRQQQKRVLEFWEKNWHSGVPLKI
KRLAEDAERFIWAVSIAQTRCISMKTRIGALVQDLNMMIPYADMLNHSFEPNCFLHWRPKDRILEVMSNAGQAIKKGEEM
TINYMPGQKNNMLMERYGFSTPVNPWDAIPFSGDSRIHLNSFLSVFNIFGLPEEYYHDSELSGDDSFVDGAVIAAARTLP
TWSDIDLPPIPSAERKAVKELQDECRKMLAEYPTTSEQDQKLLDSLSEARTTFATAVKYRMHRKMFIGKIIKALDIYQER
LLF
;
L
12 'polypeptide(L)'
;MASSAASPSLSLLSLTPKPPPSPSTASATSHRLFPSFRTNGCFAPLTLKPRRGRSIIVKVDDGDADGGGQDEYDMDDEEV
EEVDNKKDYDVEYDPLAAAMAAASGGGGDGDIAFVQSKSFISTQGWDSEMVVDYRINEDEFHKISLLDCDFFIRKPPDPD
NDVYDFREMYVTPPDTDIYSVPRVLAPMPQKYIRCAMSDYGCYDVTEPPIDAPRDPLYKSEREISKVFLTKHYRNRRLND
PEFVLDFEEIYVIDSKTKSITRARVLVTVPGGRKRDRKDDLLVIRDNGNSFKIIHVGERDDPTTVIEREEWTKTREDMEK
HLRKLRDFSVSNWF
;
M
13 'polypeptide(L)'
;MMTSTCSFLSSCSLLPSQEPNQRMQWKRHEKRQFSRKVAVSGVIRAGFELKPPPYPLDALEPHMSRETLDYHWGKHHKTY
VENLNKQIVGTDLDGLSLEEVVLLSYNRGNMLPAFNNAAQAWNHEFFWESIQPGGGGKPSGDLLRLIERDFGSFSDFVER
FKAAAASNFGSGWTWLAYKANRLDVANAVNPLPKEEDKKLVIVKTPNAVNPLVWDYSPLLTIDTWEHAYYLDFENRRIEY
INTFMEKLVSWETVSTRLESAMARAAQREQEGSDTEAEENPDDEEPEVYLDDASEVD
;
N
14 'polypeptide(L)'
;MALVQSRALPRLNVSLSPILSTLHAPPSSLFLRREIRPVVTSPFSSSTTGNLPFSPLTHPRKILCPPPRGKFVREDYLVR
KLSAQELQDLVKGERKVPLIVDFYATWCGPCILMAQELEMLAVEYESNAMIVKVDTDDEYEFARDMQVRGLPTLFFISPD
PSKDAIRTEGLIPLQMMRDIIDNDM
;
O,P
15 'polypeptide(L)'
;MAFTFFSPHPVFLPLGRTTSSFSYKPVYSPFPRNSRNLQLAAGPARRNSYPNPADDDPPEAPEDSMHGVSKFQQIQRQAA
RARKLEEEDFEKNRNTYLSAIADVEDAPETGRDDVESGGDLFSDIDRAISMKRSEFVKKGLLQPNPPKTTSSKKLDEEED
DVTDVVDELDEEEVVDLDEIDKLTGLTEVSDEEDWVDEEGNPRINKKKETGSDHHFEFDLDDFGGSKARIVEPKFRLSLA
ELLDESKVVPISVYGDLDVEITGIQHDSRGVSSGDLFVCCENEGDSVLSEADKRGAVAVVASKEIDIEDTLGCRALVIVE
DTEAVLAALASSFYRHPSKNMAVIGVTGTNGKTTTTYLIKSLYEAMGVRTGMFSTVSCYVHGDNKMDSPTTTSPDAVLVQ
SMMAKMLHNGTEALVMEASPQELASGKCDEVDFDIAVFTNLTREDSDFRGTDEEYRDAEAKLFARMVDPERHRKVVNIDD
PNAAFFVQQGNPDVPVVTFAMENTKADVHPLKFELSLFETQVLVNTPQGILEISSGLLGRHNIYNILAAVAVGIAVGAPL
EDIVRGVEEVDAVPGRCELIDEEQAFGVIVDHANTPDGLSRLLDSVRELKPRRIITVIGCAGENERGKRPVMTKIATEKS
DVTMLTSDNPGNEDPLDILDDMLSGIGWTMQEYLKHGEHDYYPPLSNGHRLFLHDVRRVAVRCAVAMGEEGDMVVVAGKG
HESYQLEGDKKEFYDDREECREALQYVDELHQAGIDTSEFPWRLPESH
;
Q
16 'polypeptide(L)'
;MFCSSFTSSISRIGDARSGNSRASSFTFQTQVSCGIQRDDNGRRIWRRRTLTKKDDMLRYKLQRVPFVEEQVRKIKEVGK
VMTMDIERLLLSEDNRFEFVNSVAAEATEYVEKNRDEYGGTKKAIFHVLSNRVNDLGFDRPEAYAESDPYKPGPGYLKEY
YT
;
R
17 'polypeptide(L)'
;MASLSFTQFLPFPRCSVDVPCLQPHGFVKFRGERWKGKHSFLMVAGRRKLSESAPLDEDDGGNGAVGGKKPTKVPKKSGA
RTAKKKVVAKDEPLEESSQLLVDSDNVSDNESDTKEPVRRTRKKAAASSDVNEGKTEKKVRRKRTVKKDKEVEDGLVTYD
EASDVEEALTVEATDADSEGEEIDLSKHESEDISHTYGWPPLVCCFGSAQHAFVPSGRPANRLLDYERQERMKDAVWAPE
KYIRAPGGCAGGVAIALASLGGKAAFMGKLGDDDFGQAMLYYLNVCQVQTRSVKIDSKRVTACSTMKISKRGRLKSTCVK
PCAEDSLSKSEINVDVLKEAKMFYFTTHSLLDKKMMSTTLQAIKISKQLGNVIFYDLNLPLPLWQSLEETKSLIQEVWDL
ADVIEVTKQELEFLCGIEPTEEFDTKNNDSSKFVHYEPETVEPLWHENLKILFVTNGTSKIHYYTKEHNGAVLGMEDVPI
TPFTRDMSASGDGIVAGLIRMLTVQPDLMNDKGYLERTARYAIECGVVDQWLLAQTRGYPPKDDMEEEEDDDEEEEMESD
PNGIRSITEREYRTSKPYDEPDGPYVMKPVEEREYRKLELVGSMGEDDDSS
;
S
18 'polypeptide(L)'
;MASLVMATPFSGSLTQCKKKTKNLSVQRAFFKVTCSMQTPLEELYNVKVERKVSQRRLEELGVSRWSVWKTGKCKLPWDW
QVDQLVYIEEGEVRVVPEGSKRFMQFLAGDLVRYPKWLEADLFFNAPYSERYCFKAYADD
;
T
19 'polydeoxyribonucleotide'
;(DT)(DT)(DA)(DT)(DT)(DT)(DG)(DG)(DT)(DT)(DC)(DC)(DT)(DA)(DA)(DA)(DA)(DT)(DG)(DG)
(DA)(DG)(DG)(DT)(DC)(DA)(DG)(DT)(DA)(DC)(DG)(DT)(DC)(DC)(DT)(DA)(DT)(DC)(DG)(DA)
(DT)(DC)(DT)(DT)(DC)(DG)(DG)(DA)(DC)(DT)(DG)(DC)(DA)(DA)(DT)(DT)(DT)(DT)(DA)(DG)
(DA)(DG)(DA)(DG)(DA)(DC)(DG)(DC)(DG)(DA)(DA)(DA)(DG)(DC)(DG)(DA)(DA)(DA)(DG)(DC)
(DC)
;
X
20 'polydeoxyribonucleotide'
;(DG)(DG)(DC)(DT)(DT)(DT)(DC)(DG)(DC)(DT)(DT)(DT)(DC)(DG)(DC)(DG)(DT)(DC)(DT)(DC)
(DT)(DC)(DT)(DA)(DA)(DA)(DA)(DT)(DT)(DG)(DC)(DA)(DG)(DT)(DC)(DC)(DC)(DG)(DC)(DG)
(DC)(DG)(DC)(DC)(DG)(DT)(DA)(DG)(DG)(DA)(DC)(DG)(DT)(DA)(DC)(DT)(DG)(DA)(DC)(DC)
(DT)(DC)(DC)(DA)(DT)(DT)(DT)(DT)(DA)(DG)(DG)(DA)(DA)(DC)(DC)(DA)(DA)(DA)(DT)(DA)
(DA)
;
Y
21 'polyribonucleotide' CCUGAUGAUUAAAUAAACCAAGGAUUUUACCCGGCGCGCG Z
#
loop_
_chem_comp.id
_chem_comp.type
_chem_comp.name
_chem_comp.formula
A RNA linking ADENOSINE-5'-MONOPHOSPHATE 'C10 H14 N5 O7 P'
C RNA linking CYTIDINE-5'-MONOPHOSPHATE 'C9 H14 N3 O8 P'
DA DNA linking 2'-DEOXYADENOSINE-5'-MONOPHOSPHATE 'C10 H14 N5 O6 P'
DC DNA linking 2'-DEOXYCYTIDINE-5'-MONOPHOSPHATE 'C9 H14 N3 O7 P'
DG DNA linking 2'-DEOXYGUANOSINE-5'-MONOPHOSPHATE 'C10 H14 N5 O7 P'
DT DNA linking THYMIDINE-5'-MONOPHOSPHATE 'C10 H15 N2 O8 P'
FE non-polymer 'FE (III) ION' 'Fe 3'
G RNA linking GUANOSINE-5'-MONOPHOSPHATE 'C10 H14 N5 O8 P'
MG non-polymer 'MAGNESIUM ION' 'Mg 2'
SAH non-polymer S-ADENOSYL-L-HOMOCYSTEINE 'C14 H20 N6 O5 S'
U RNA linking URIDINE-5'-MONOPHOSPHATE 'C9 H13 N2 O9 P'
ZN non-polymer 'ZINC ION' 'Zn 2'
#
# COMPACT_ATOMS: atom_id res chain seq x y z
N THR A 10 -32.67 -11.95 62.43
CA THR A 10 -34.13 -11.95 62.35
C THR A 10 -34.60 -12.07 60.90
N ARG A 11 -34.08 -11.21 60.04
CA ARG A 11 -34.45 -11.23 58.63
C ARG A 11 -33.83 -12.45 57.94
N THR A 12 -34.60 -13.05 57.05
CA THR A 12 -34.08 -14.19 56.30
C THR A 12 -32.94 -13.79 55.38
N LEU A 13 -33.03 -12.62 54.75
CA LEU A 13 -31.99 -12.08 53.90
C LEU A 13 -31.33 -10.92 54.63
N GLN A 14 -30.03 -11.03 54.87
CA GLN A 14 -29.29 -10.05 55.65
C GLN A 14 -28.14 -9.48 54.83
N TRP A 15 -27.68 -8.30 55.24
CA TRP A 15 -26.48 -7.69 54.70
C TRP A 15 -25.62 -7.22 55.87
N LYS A 16 -24.31 -7.22 55.65
CA LYS A 16 -23.38 -6.81 56.69
C LYS A 16 -22.07 -6.36 56.05
N CYS A 17 -21.37 -5.49 56.75
CA CYS A 17 -20.02 -5.09 56.35
C CYS A 17 -19.03 -6.10 56.92
N VAL A 18 -18.42 -6.91 56.04
CA VAL A 18 -17.50 -7.94 56.48
C VAL A 18 -16.08 -7.45 56.61
N GLU A 19 -15.78 -6.23 56.14
CA GLU A 19 -14.45 -5.65 56.31
C GLU A 19 -14.54 -4.15 56.08
N SER A 20 -13.92 -3.38 56.96
CA SER A 20 -13.80 -1.93 56.82
C SER A 20 -12.35 -1.55 57.07
N ARG A 21 -11.81 -0.69 56.21
CA ARG A 21 -10.38 -0.37 56.26
C ARG A 21 -10.16 1.05 55.81
N ARG A 22 -9.35 1.79 56.57
CA ARG A 22 -8.96 3.16 56.23
C ARG A 22 -7.46 3.13 55.94
N ASP A 23 -7.12 2.83 54.68
CA ASP A 23 -5.71 2.75 54.30
C ASP A 23 -5.02 4.10 54.42
N SER A 24 -5.71 5.18 54.05
CA SER A 24 -5.18 6.52 54.23
C SER A 24 -6.34 7.46 54.52
N LYS A 25 -6.02 8.75 54.66
CA LYS A 25 -7.05 9.73 54.95
C LYS A 25 -7.99 9.94 53.77
N ARG A 26 -7.56 9.63 52.55
CA ARG A 26 -8.37 9.83 51.36
C ARG A 26 -8.51 8.55 50.55
N LEU A 27 -8.54 7.40 51.22
CA LEU A 27 -8.78 6.13 50.53
C LEU A 27 -9.37 5.16 51.55
N TYR A 28 -10.68 5.00 51.50
CA TYR A 28 -11.40 4.08 52.38
C TYR A 28 -11.78 2.82 51.62
N TYR A 29 -11.88 1.71 52.34
CA TYR A 29 -12.26 0.44 51.75
C TYR A 29 -13.34 -0.21 52.58
N GLY A 30 -14.23 -0.93 51.90
CA GLY A 30 -15.27 -1.68 52.57
C GLY A 30 -15.76 -2.85 51.73
N ARG A 31 -15.99 -3.98 52.39
CA ARG A 31 -16.56 -5.16 51.74
C ARG A 31 -17.86 -5.52 52.45
N PHE A 32 -18.88 -5.84 51.66
CA PHE A 32 -20.21 -6.11 52.18
C PHE A 32 -20.71 -7.43 51.62
N ILE A 33 -21.56 -8.09 52.40
CA ILE A 33 -22.15 -9.37 52.01
C ILE A 33 -23.66 -9.20 51.94
N LEU A 34 -24.30 -10.07 51.14
CA LEU A 34 -25.75 -10.05 51.00
C LEU A 34 -26.17 -11.47 50.60
N SER A 35 -26.68 -12.22 51.57
CA SER A 35 -27.10 -13.60 51.34
C SER A 35 -28.31 -13.89 52.20
N PRO A 36 -29.16 -14.86 51.81
CA PRO A 36 -29.11 -15.62 50.56
C PRO A 36 -29.98 -15.00 49.47
N LEU A 37 -29.52 -15.00 48.23
CA LEU A 37 -30.26 -14.45 47.10
C LEU A 37 -30.66 -15.56 46.15
N MET A 38 -31.83 -15.41 45.54
CA MET A 38 -32.25 -16.37 44.53
C MET A 38 -31.37 -16.26 43.30
N LYS A 39 -31.30 -17.35 42.54
CA LYS A 39 -30.43 -17.40 41.37
C LYS A 39 -30.84 -16.33 40.36
N GLY A 40 -29.86 -15.54 39.92
CA GLY A 40 -30.08 -14.46 38.99
C GLY A 40 -30.26 -13.10 39.64
N GLN A 41 -30.63 -13.07 40.92
CA GLN A 41 -30.80 -11.79 41.61
C GLN A 41 -29.46 -11.12 41.89
N ALA A 42 -28.45 -11.93 42.22
CA ALA A 42 -27.14 -11.38 42.54
C ALA A 42 -26.53 -10.66 41.35
N ASP A 43 -26.69 -11.20 40.14
CA ASP A 43 -26.14 -10.56 38.96
C ASP A 43 -26.79 -9.21 38.71
N THR A 44 -28.12 -9.15 38.80
CA THR A 44 -28.84 -7.90 38.59
C THR A 44 -28.42 -6.86 39.63
N ILE A 45 -28.40 -7.25 40.90
CA ILE A 45 -28.01 -6.33 41.96
C ILE A 45 -26.59 -5.85 41.75
N GLY A 46 -25.68 -6.77 41.39
CA GLY A 46 -24.29 -6.39 41.23
C GLY A 46 -24.07 -5.42 40.09
N ILE A 47 -24.68 -5.69 38.93
CA ILE A 47 -24.45 -4.80 37.80
C ILE A 47 -25.09 -3.44 38.05
N ALA A 48 -26.32 -3.40 38.58
CA ALA A 48 -26.95 -2.12 38.83
C ALA A 48 -26.21 -1.33 39.91
N MET A 49 -25.76 -2.00 40.97
CA MET A 49 -25.02 -1.33 42.03
C MET A 49 -23.68 -0.82 41.54
N ARG A 50 -22.98 -1.60 40.71
CA ARG A 50 -21.72 -1.14 40.16
C ARG A 50 -21.92 0.10 39.30
N ARG A 51 -22.93 0.09 38.43
CA ARG A 51 -23.15 1.24 37.57
C ARG A 51 -23.57 2.47 38.38
N ALA A 52 -24.38 2.26 39.43
CA ALA A 52 -24.76 3.37 40.30
C ALA A 52 -23.56 3.94 41.05
N LEU A 53 -22.70 3.07 41.57
CA LEU A 53 -21.53 3.53 42.31
C LEU A 53 -20.57 4.28 41.41
N LEU A 54 -20.36 3.80 40.19
CA LEU A 54 -19.40 4.43 39.29
C LEU A 54 -19.97 5.65 38.58
N GLY A 55 -21.30 5.78 38.47
CA GLY A 55 -21.83 6.88 37.69
C GLY A 55 -22.86 7.78 38.33
N GLU A 56 -23.50 7.33 39.42
CA GLU A 56 -24.67 8.02 39.97
C GLU A 56 -24.41 8.70 41.31
N ILE A 57 -23.21 8.61 41.86
CA ILE A 57 -22.90 9.21 43.16
C ILE A 57 -22.20 10.53 42.94
N GLU A 58 -22.65 11.56 43.65
CA GLU A 58 -22.18 12.93 43.44
C GLU A 58 -21.16 13.32 44.49
N GLY A 59 -20.28 14.26 44.11
CA GLY A 59 -19.28 14.78 45.02
C GLY A 59 -19.13 16.28 44.86
N THR A 60 -18.37 16.86 45.78
CA THR A 60 -18.10 18.29 45.80
C THR A 60 -16.61 18.55 45.68
N CYS A 61 -16.24 19.53 44.86
CA CYS A 61 -14.85 19.89 44.69
C CYS A 61 -14.76 21.33 44.19
N ILE A 62 -13.56 21.90 44.31
CA ILE A 62 -13.31 23.25 43.82
C ILE A 62 -13.35 23.26 42.30
N THR A 63 -14.06 24.24 41.73
CA THR A 63 -14.21 24.32 40.29
C THR A 63 -13.67 25.63 39.69
N ARG A 64 -13.39 26.63 40.50
CA ARG A 64 -12.92 27.91 39.97
C ARG A 64 -12.14 28.63 41.06
N ALA A 65 -10.93 29.08 40.72
CA ALA A 65 -10.09 29.84 41.63
C ALA A 65 -9.73 31.17 40.98
N LYS A 66 -9.82 32.24 41.77
CA LYS A 66 -9.56 33.59 41.28
C LYS A 66 -8.30 34.16 41.92
N PHE A 67 -7.39 34.63 41.09
CA PHE A 67 -6.17 35.31 41.53
C PHE A 67 -6.29 36.80 41.22
N GLU A 68 -5.26 37.55 41.61
CA GLU A 68 -5.30 39.01 41.47
C GLU A 68 -4.17 39.58 40.63
N ASN A 69 -2.94 39.06 40.78
CA ASN A 69 -1.79 39.66 40.11
C ASN A 69 -1.06 38.65 39.24
N ILE A 70 -1.80 37.89 38.44
CA ILE A 70 -1.25 36.83 37.61
C ILE A 70 -1.57 37.14 36.16
N PRO A 71 -0.59 37.21 35.27
CA PRO A 71 -0.90 37.43 33.84
C PRO A 71 -1.64 36.25 33.23
N HIS A 72 -1.13 35.03 33.45
CA HIS A 72 -1.77 33.83 32.95
C HIS A 72 -1.38 32.66 33.85
N ASP A 73 -2.17 31.60 33.78
CA ASP A 73 -2.00 30.44 34.66
C ASP A 73 -0.69 29.70 34.42
N TYR A 74 0.11 30.18 33.47
CA TYR A 74 1.42 29.60 33.17
C TYR A 74 2.55 30.55 33.57
N SER A 75 2.38 31.21 34.71
CA SER A 75 3.36 32.16 35.21
C SER A 75 3.75 31.80 36.63
N ASN A 76 4.74 32.51 37.15
CA ASN A 76 5.26 32.28 38.49
C ASN A 76 4.91 33.46 39.41
N ILE A 77 5.05 33.21 40.71
CA ILE A 77 4.90 34.25 41.73
C ILE A 77 6.18 34.28 42.56
N VAL A 78 6.71 35.49 42.78
CA VAL A 78 7.91 35.63 43.59
C VAL A 78 7.57 35.32 45.05
N GLY A 79 8.37 34.45 45.66
CA GLY A 79 8.15 34.04 47.03
C GLY A 79 7.38 32.76 47.21
N ILE A 80 6.74 32.25 46.16
CA ILE A 80 6.03 30.97 46.19
C ILE A 80 6.78 30.00 45.29
N GLN A 81 7.12 28.83 45.84
CA GLN A 81 7.93 27.86 45.10
C GLN A 81 7.18 27.35 43.87
N GLU A 82 5.88 27.10 44.01
CA GLU A 82 5.08 26.53 42.93
C GLU A 82 4.49 27.62 42.05
N SER A 83 4.44 27.36 40.74
CA SER A 83 3.85 28.29 39.81
C SER A 83 2.32 28.28 39.95
N VAL A 84 1.66 29.06 39.11
CA VAL A 84 0.20 29.12 39.15
C VAL A 84 -0.39 27.79 38.70
N HIS A 85 0.21 27.16 37.70
CA HIS A 85 -0.28 25.87 37.22
C HIS A 85 -0.19 24.81 38.30
N GLU A 86 0.93 24.77 39.03
CA GLU A 86 1.08 23.80 40.11
C GLU A 86 0.09 24.09 41.24
N ILE A 87 -0.17 25.36 41.52
CA ILE A 87 -1.14 25.71 42.55
C ILE A 87 -2.53 25.24 42.14
N LEU A 88 -2.90 25.43 40.87
CA LEU A 88 -4.20 24.98 40.39
C LEU A 88 -4.30 23.45 40.43
N MET A 89 -3.22 22.75 40.07
CA MET A 89 -3.23 21.30 40.15
C MET A 89 -3.39 20.82 41.59
N ASN A 90 -2.73 21.49 42.54
CA ASN A 90 -2.89 21.15 43.95
C ASN A 90 -4.31 21.42 44.41
N LEU A 91 -4.91 22.52 43.95
CA LEU A 91 -6.28 22.84 44.32
C LEU A 91 -7.26 21.83 43.75
N ASN A 92 -6.96 21.25 42.60
CA ASN A 92 -7.86 20.26 42.00
C ASN A 92 -7.91 18.96 42.79
N GLU A 93 -6.92 18.69 43.64
CA GLU A 93 -6.84 17.45 44.38
C GLU A 93 -7.48 17.53 45.76
N ILE A 94 -8.09 18.66 46.11
CA ILE A 94 -8.71 18.81 47.43
C ILE A 94 -10.02 18.07 47.45
N VAL A 95 -10.21 17.21 48.45
CA VAL A 95 -11.42 16.42 48.60
C VAL A 95 -12.32 17.10 49.63
N LEU A 96 -13.54 17.46 49.21
CA LEU A 96 -14.51 18.09 50.06
C LEU A 96 -15.74 17.20 50.20
N LYS A 97 -16.57 17.52 51.19
CA LYS A 97 -17.83 16.81 51.39
C LYS A 97 -18.93 17.82 51.67
N SER A 98 -20.09 17.59 51.06
CA SER A 98 -21.27 18.43 51.28
C SER A 98 -22.50 17.67 50.81
N ASN A 99 -23.62 17.93 51.48
CA ASN A 99 -24.89 17.30 51.14
C ASN A 99 -25.80 18.23 50.33
N LEU A 100 -25.34 19.43 50.00
CA LEU A 100 -26.18 20.44 49.39
C LEU A 100 -25.65 20.84 48.02
N TYR A 101 -26.53 21.44 47.23
CA TYR A 101 -26.21 21.88 45.88
C TYR A 101 -26.03 23.40 45.86
N GLY A 102 -25.54 23.89 44.72
CA GLY A 102 -25.31 25.31 44.54
C GLY A 102 -23.82 25.64 44.52
N THR A 103 -23.51 26.82 43.98
CA THR A 103 -22.13 27.26 43.81
C THR A 103 -21.71 28.05 45.05
N ARG A 104 -21.30 27.32 46.08
CA ARG A 104 -20.72 27.95 47.25
C ARG A 104 -19.33 28.48 46.93
N ASN A 105 -18.88 29.45 47.72
CA ASN A 105 -17.55 30.02 47.54
C ASN A 105 -16.80 29.99 48.87
N ALA A 106 -15.50 29.75 48.79
CA ALA A 106 -14.60 29.73 49.93
C ALA A 106 -13.50 30.76 49.70
N LEU A 107 -12.59 30.85 50.67
CA LEU A 107 -11.55 31.87 50.61
C LEU A 107 -10.24 31.32 51.19
N ILE A 108 -9.14 31.64 50.53
CA ILE A 108 -7.80 31.42 51.05
C ILE A 108 -7.18 32.79 51.25
N CYS A 109 -6.95 33.18 52.51
CA CYS A 109 -6.45 34.51 52.84
C CYS A 109 -5.41 34.35 53.95
N VAL A 110 -4.15 34.16 53.56
CA VAL A 110 -3.06 33.91 54.50
C VAL A 110 -1.87 34.79 54.12
N GLN A 111 -0.98 34.96 55.09
CA GLN A 111 0.28 35.66 54.89
C GLN A 111 1.44 34.73 55.20
N GLY A 112 2.46 34.75 54.35
CA GLY A 112 3.59 33.87 54.50
C GLY A 112 4.60 34.40 55.51
N PRO A 113 5.70 33.66 55.66
CA PRO A 113 6.03 32.39 55.01
C PRO A 113 5.37 31.20 55.71
N GLY A 114 5.33 30.04 55.09
CA GLY A 114 4.75 28.87 55.69
C GLY A 114 4.16 27.95 54.63
N TYR A 115 3.48 26.92 55.12
CA TYR A 115 2.84 25.91 54.26
C TYR A 115 1.34 26.15 54.24
N ILE A 116 0.78 26.19 53.03
CA ILE A 116 -0.66 26.37 52.84
C ILE A 116 -1.28 24.98 52.65
N THR A 117 -1.94 24.49 53.68
CA THR A 117 -2.59 23.19 53.65
C THR A 117 -4.10 23.37 53.46
N ALA A 118 -4.80 22.25 53.32
CA ALA A 118 -6.24 22.29 53.09
C ALA A 118 -7.03 22.80 54.29
N ARG A 119 -6.39 22.91 55.46
CA ARG A 119 -7.05 23.48 56.63
C ARG A 119 -6.99 24.99 56.66
N ASP A 120 -6.36 25.62 55.67
CA ASP A 120 -6.30 27.06 55.56
C ASP A 120 -7.45 27.65 54.73
N ILE A 121 -8.36 26.80 54.26
CA ILE A 121 -9.49 27.26 53.45
C ILE A 121 -10.64 27.62 54.37
N ILE A 122 -11.14 28.85 54.23
CA ILE A 122 -12.31 29.29 54.99
C ILE A 122 -13.55 28.78 54.28
N LEU A 123 -14.17 27.77 54.84
CA LEU A 123 -15.28 27.11 54.15
C LEU A 123 -16.62 27.62 54.69
N PRO A 124 -17.64 27.63 53.85
CA PRO A 124 -19.00 27.87 54.33
C PRO A 124 -19.45 26.71 55.21
N PRO A 125 -20.45 26.93 56.08
CA PRO A 125 -20.80 25.89 57.06
C PRO A 125 -21.29 24.60 56.45
N SER A 126 -21.70 24.59 55.18
CA SER A 126 -22.23 23.40 54.55
C SER A 126 -21.16 22.52 53.91
N VAL A 127 -19.89 22.93 53.93
CA VAL A 127 -18.80 22.21 53.28
C VAL A 127 -17.74 21.89 54.33
N GLU A 128 -17.18 20.68 54.25
CA GLU A 128 -16.15 20.22 55.17
C GLU A 128 -14.93 19.74 54.40
N ILE A 129 -13.78 19.78 55.06
CA ILE A 129 -12.54 19.28 54.50
C ILE A 129 -12.36 17.83 54.93
N VAL A 130 -11.99 16.97 53.97
CA VAL A 130 -11.76 15.57 54.27
C VAL A 130 -10.35 15.37 54.84
N ASP A 131 -9.35 15.95 54.19
CA ASP A 131 -7.94 15.77 54.57
C ASP A 131 -7.34 17.14 54.86
N ASN A 132 -6.99 17.37 56.13
CA ASN A 132 -6.43 18.66 56.52
C ASN A 132 -5.02 18.86 55.98
N THR A 133 -4.30 17.78 55.73
CA THR A 133 -2.89 17.85 55.39
C THR A 133 -2.62 17.99 53.89
N GLN A 134 -3.66 18.10 53.07
CA GLN A 134 -3.45 18.23 51.64
C GLN A 134 -2.74 19.54 51.31
N HIS A 135 -1.73 19.47 50.45
CA HIS A 135 -0.86 20.59 50.17
C HIS A 135 -1.39 21.42 49.00
N ILE A 136 -1.24 22.74 49.12
CA ILE A 136 -1.61 23.65 48.04
C ILE A 136 -0.38 24.38 47.54
N ALA A 137 0.29 25.11 48.44
CA ALA A 137 1.48 25.86 48.07
C ALA A 137 2.31 26.12 49.32
N THR A 138 3.56 26.51 49.10
CA THR A 138 4.47 26.88 50.18
C THR A 138 4.96 28.30 49.96
N LEU A 139 4.91 29.11 51.02
CA LEU A 139 5.35 30.49 50.98
C LEU A 139 6.73 30.58 51.62
N THR A 140 7.70 31.11 50.88
CA THR A 140 9.07 31.22 51.39
C THR A 140 9.32 32.55 52.09
N GLU A 141 8.62 33.60 51.70
CA GLU A 141 8.75 34.94 52.26
C GLU A 141 7.36 35.45 52.62
N PRO A 142 7.27 36.53 53.40
CA PRO A 142 5.94 37.09 53.71
C PRO A 142 5.33 37.92 52.58
N ILE A 143 4.70 37.24 51.63
CA ILE A 143 3.93 37.89 50.58
C ILE A 143 2.46 37.62 50.83
N ASN A 144 1.63 38.59 50.48
CA ASN A 144 0.18 38.43 50.56
C ASN A 144 -0.29 37.41 49.51
N LEU A 145 -1.26 36.60 49.89
CA LEU A 145 -1.86 35.63 48.97
C LEU A 145 -3.34 35.50 49.29
N CYS A 146 -4.19 35.92 48.35
CA CYS A 146 -5.63 35.82 48.49
C CYS A 146 -6.20 35.10 47.27
N ILE A 147 -6.87 33.98 47.51
CA ILE A 147 -7.47 33.17 46.45
C ILE A 147 -8.94 32.96 46.78
N GLY A 148 -9.82 33.29 45.84
CA GLY A 148 -11.24 33.04 45.98
C GLY A 148 -11.63 31.80 45.20
N LEU A 149 -12.33 30.88 45.88
CA LEU A 149 -12.65 29.58 45.33
C LEU A 149 -14.16 29.46 45.09
N LYS A 150 -14.52 28.52 44.22
CA LYS A 150 -15.91 28.20 43.93
C LYS A 150 -16.11 26.70 44.09
N ILE A 151 -17.16 26.33 44.84
CA ILE A 151 -17.44 24.94 45.16
C ILE A 151 -18.90 24.65 44.82
N GLU A 152 -19.14 23.56 44.09
CA GLU A 152 -20.50 23.10 43.87
C GLU A 152 -20.52 21.58 43.84
N ARG A 153 -21.70 21.02 44.08
CA ARG A 153 -21.94 19.59 44.09
C ARG A 153 -22.49 19.18 42.72
N ASN A 154 -21.92 18.13 42.15
CA ASN A 154 -22.29 17.71 40.80
C ASN A 154 -21.94 16.24 40.63
N ARG A 155 -22.24 15.71 39.45
CA ARG A 155 -21.92 14.33 39.09
C ARG A 155 -20.99 14.33 37.89
N GLY A 156 -20.18 13.28 37.79
CA GLY A 156 -19.30 13.14 36.64
C GLY A 156 -18.08 14.02 36.78
N TYR A 157 -17.84 14.85 35.77
CA TYR A 157 -16.69 15.74 35.76
C TYR A 157 -17.00 16.96 34.92
N SER A 158 -16.20 18.00 35.11
CA SER A 158 -16.37 19.25 34.38
C SER A 158 -16.04 19.07 32.90
N SER A 169 -10.16 34.68 37.51
CA SER A 169 -10.82 33.40 37.73
C SER A 169 -10.39 32.37 36.70
N TYR A 170 -9.78 31.29 37.18
CA TYR A 170 -9.31 30.21 36.32
C TYR A 170 -10.14 28.96 36.54
N PRO A 171 -10.72 28.38 35.50
CA PRO A 171 -11.49 27.14 35.68
C PRO A 171 -10.60 25.99 36.15
N ILE A 172 -11.18 25.14 36.97
CA ILE A 172 -10.49 23.97 37.52
C ILE A 172 -11.25 22.73 37.06
N ASP A 173 -10.53 21.81 36.42
CA ASP A 173 -11.14 20.59 35.91
C ASP A 173 -11.49 19.66 37.06
N ALA A 174 -12.73 19.75 37.54
CA ALA A 174 -13.15 19.03 38.73
C ALA A 174 -13.69 17.65 38.37
N VAL A 175 -13.23 16.63 39.08
CA VAL A 175 -13.72 15.27 38.95
C VAL A 175 -14.63 15.01 40.16
N PHE A 176 -15.92 14.86 39.91
CA PHE A 176 -16.89 14.79 41.00
C PHE A 176 -17.12 13.39 41.54
N MET A 177 -16.66 12.35 40.86
CA MET A 177 -16.92 10.99 41.32
C MET A 177 -16.11 10.70 42.59
N PRO A 178 -16.76 10.39 43.72
CA PRO A 178 -16.02 10.08 44.95
C PRO A 178 -15.70 8.61 45.15
N VAL A 179 -16.31 7.72 44.38
CA VAL A 179 -16.02 6.29 44.46
C VAL A 179 -14.85 6.01 43.53
N GLN A 180 -13.74 5.55 44.12
CA GLN A 180 -12.54 5.31 43.31
C GLN A 180 -12.69 4.05 42.46
N ASN A 181 -13.22 2.98 43.04
CA ASN A 181 -13.37 1.73 42.32
C ASN A 181 -14.42 0.89 43.02
N ALA A 182 -14.93 -0.11 42.30
CA ALA A 182 -15.93 -1.01 42.86
C ALA A 182 -15.70 -2.40 42.28
N ASN A 183 -16.16 -3.41 43.02
CA ASN A 183 -16.08 -4.79 42.57
C ASN A 183 -17.18 -5.58 43.26
N HIS A 184 -17.56 -6.70 42.64
CA HIS A 184 -18.53 -7.60 43.25
C HIS A 184 -18.26 -9.01 42.77
N SER A 185 -18.70 -9.98 43.57
CA SER A 185 -18.54 -11.39 43.25
C SER A 185 -19.78 -12.15 43.69
N ILE A 186 -20.07 -13.24 42.98
CA ILE A 186 -21.25 -14.06 43.22
C ILE A 186 -20.79 -15.50 43.44
N HIS A 187 -21.25 -16.10 44.54
CA HIS A 187 -20.85 -17.45 44.91
C HIS A 187 -22.09 -18.29 45.18
N SER A 188 -22.02 -19.56 44.81
CA SER A 188 -23.11 -20.49 45.07
C SER A 188 -23.27 -20.69 46.57
N TYR A 189 -24.52 -20.62 47.04
CA TYR A 189 -24.77 -20.77 48.48
C TYR A 189 -24.55 -22.21 48.93
N GLY A 190 -24.98 -23.18 48.15
CA GLY A 190 -24.79 -24.57 48.52
C GLY A 190 -25.65 -25.54 47.74
N ASN A 191 -26.32 -26.44 48.45
CA ASN A 191 -27.17 -27.43 47.80
C ASN A 191 -28.31 -26.74 47.05
N GLY A 192 -28.66 -27.30 45.90
CA GLY A 192 -29.66 -26.68 45.04
C GLY A 192 -31.10 -26.87 45.49
N ASN A 193 -31.38 -26.56 46.76
CA ASN A 193 -32.76 -26.55 47.21
C ASN A 193 -33.56 -25.47 46.48
N GLU A 194 -33.04 -24.25 46.47
CA GLU A 194 -33.54 -23.18 45.62
C GLU A 194 -32.41 -22.52 44.84
N LYS A 195 -31.23 -23.15 44.80
CA LYS A 195 -30.03 -22.63 44.17
C LYS A 195 -29.81 -21.15 44.52
N GLN A 196 -29.59 -20.89 45.81
CA GLN A 196 -29.35 -19.54 46.30
C GLN A 196 -27.92 -19.11 45.99
N GLU A 197 -27.60 -17.86 46.32
CA GLU A 197 -26.31 -17.29 45.99
C GLU A 197 -25.87 -16.32 47.08
N ILE A 198 -24.58 -16.01 47.09
CA ILE A 198 -23.98 -15.06 48.01
C ILE A 198 -23.35 -13.95 47.19
N LEU A 199 -23.63 -12.71 47.56
CA LEU A 199 -23.09 -11.54 46.85
C LEU A 199 -22.16 -10.76 47.77
N PHE A 200 -20.96 -10.48 47.28
CA PHE A 200 -20.01 -9.60 47.93
C PHE A 200 -19.86 -8.33 47.10
N ILE A 201 -19.71 -7.19 47.78
CA ILE A 201 -19.49 -5.91 47.10
C ILE A 201 -18.32 -5.21 47.77
N GLU A 202 -17.36 -4.78 46.95
CA GLU A 202 -16.20 -4.03 47.42
C GLU A 202 -16.29 -2.61 46.89
N ILE A 203 -16.06 -1.63 47.78
CA ILE A 203 -16.16 -0.22 47.43
C ILE A 203 -14.90 0.49 47.90
N TRP A 204 -14.32 1.31 47.03
CA TRP A 204 -13.21 2.19 47.37
C TRP A 204 -13.66 3.63 47.20
N THR A 205 -13.56 4.42 48.25
CA THR A 205 -13.95 5.82 48.22
C THR A 205 -12.75 6.70 48.56
N ASN A 206 -12.90 8.01 48.35
CA ASN A 206 -11.86 8.98 48.61
C ASN A 206 -11.99 9.66 49.96
N GLY A 207 -12.82 9.11 50.86
CA GLY A 207 -13.00 9.65 52.18
C GLY A 207 -14.10 10.68 52.31
N SER A 208 -14.57 11.25 51.20
CA SER A 208 -15.70 12.17 51.26
C SER A 208 -16.96 11.49 51.75
N LEU A 209 -17.06 10.18 51.60
CA LEU A 209 -18.12 9.39 52.19
C LEU A 209 -17.62 7.97 52.36
N THR A 210 -18.09 7.31 53.42
CA THR A 210 -17.65 5.97 53.71
C THR A 210 -18.22 4.98 52.70
N PRO A 211 -17.62 3.80 52.56
CA PRO A 211 -18.19 2.79 51.66
C PRO A 211 -19.61 2.39 52.02
N LYS A 212 -19.96 2.37 53.30
CA LYS A 212 -21.34 2.11 53.70
C LYS A 212 -22.26 3.23 53.22
N GLU A 213 -21.82 4.49 53.37
CA GLU A 213 -22.60 5.61 52.86
C GLU A 213 -22.74 5.54 51.35
N ALA A 214 -21.68 5.14 50.65
CA ALA A 214 -21.76 4.98 49.20
C ALA A 214 -22.76 3.90 48.82
N LEU A 215 -22.76 2.78 49.55
CA LEU A 215 -23.71 1.71 49.27
C LEU A 215 -25.15 2.18 49.47
N HIS A 216 -25.41 2.87 50.59
CA HIS A 216 -26.75 3.37 50.85
C HIS A 216 -27.18 4.41 49.82
N GLU A 217 -26.28 5.32 49.46
CA GLU A 217 -26.60 6.34 48.48
C GLU A 217 -26.86 5.73 47.11
N ALA A 218 -26.09 4.70 46.73
CA ALA A 218 -26.33 4.02 45.47
C ALA A 218 -27.69 3.33 45.47
N SER A 219 -28.06 2.69 46.58
CA SER A 219 -29.38 2.07 46.67
C SER A 219 -30.49 3.11 46.52
N ARG A 220 -30.35 4.24 47.21
CA ARG A 220 -31.36 5.29 47.13
C ARG A 220 -31.45 5.87 45.73
N ASN A 221 -30.30 6.11 45.10
CA ASN A 221 -30.30 6.66 43.74
C ASN A 221 -30.93 5.68 42.75
N LEU A 222 -30.64 4.39 42.89
CA LEU A 222 -31.26 3.40 42.01
C LEU A 222 -32.76 3.36 42.21
N ILE A 223 -33.23 3.43 43.46
CA ILE A 223 -34.67 3.44 43.72
C ILE A 223 -35.31 4.67 43.10
N ASN A 224 -34.66 5.84 43.25
CA ASN A 224 -35.19 7.06 42.64
C ASN A 224 -35.17 6.97 41.13
N LEU A 225 -34.27 6.17 40.56
CA LEU A 225 -34.23 5.99 39.12
C LEU A 225 -35.33 5.05 38.62
N PHE A 226 -35.70 4.05 39.42
CA PHE A 226 -36.70 3.08 38.98
C PHE A 226 -38.12 3.45 39.40
N ILE A 227 -38.28 4.31 40.40
CA ILE A 227 -39.60 4.68 40.91
C ILE A 227 -40.45 5.53 39.95
N PRO A 228 -39.88 6.31 39.01
CA PRO A 228 -40.77 7.08 38.12
C PRO A 228 -41.75 6.23 37.33
N PHE A 229 -41.39 4.99 36.99
CA PHE A 229 -42.31 4.12 36.28
C PHE A 229 -43.50 3.70 37.12
N LEU A 230 -43.46 3.90 38.43
CA LEU A 230 -44.58 3.59 39.31
C LEU A 230 -45.49 4.78 39.55
N HIS A 231 -45.19 5.93 38.96
CA HIS A 231 -46.07 7.08 38.99
C HIS A 231 -47.24 6.87 38.03
N VAL A 232 -48.09 7.88 37.92
CA VAL A 232 -49.15 7.84 36.93
C VAL A 232 -48.58 8.20 35.56
N GLU A 233 -49.12 7.59 34.51
CA GLU A 233 -48.62 7.82 33.17
C GLU A 233 -48.81 9.28 32.78
N GLU A 234 -47.95 9.76 31.88
CA GLU A 234 -48.06 11.13 31.41
C GLU A 234 -49.39 11.35 30.71
N GLU A 235 -50.01 12.50 30.97
CA GLU A 235 -51.32 12.85 30.45
C GLU A 235 -52.38 11.83 30.89
N THR A 236 -52.49 11.70 32.21
CA THR A 236 -53.51 10.87 32.85
C THR A 236 -54.56 11.67 33.60
N PHE A 237 -54.14 12.66 34.37
CA PHE A 237 -55.05 13.58 35.05
C PHE A 237 -55.14 14.88 34.26
N TYR A 238 -56.24 15.59 34.46
CA TYR A 238 -56.43 16.86 33.79
C TYR A 238 -55.43 17.90 34.30
N LEU A 239 -54.89 18.69 33.38
CA LEU A 239 -53.94 19.72 33.74
C LEU A 239 -54.45 21.11 33.33
N THR A 247 -49.03 18.68 42.45
CA THR A 247 -49.13 18.47 43.89
C THR A 247 -50.45 17.80 44.25
N LEU A 248 -51.55 18.41 43.84
CA LEU A 248 -52.88 17.88 44.08
C LEU A 248 -53.63 17.79 42.75
N PRO A 249 -53.62 16.64 42.08
CA PRO A 249 -54.26 16.55 40.76
C PRO A 249 -55.75 16.80 40.77
N LEU A 250 -56.41 16.67 41.93
CA LEU A 250 -57.85 16.88 42.00
C LEU A 250 -58.22 18.32 41.68
N PHE A 251 -57.44 19.28 42.18
CA PHE A 251 -57.83 20.68 42.11
C PHE A 251 -57.96 21.24 40.70
N PRO A 252 -57.04 20.97 39.75
CA PRO A 252 -57.25 21.52 38.39
C PRO A 252 -58.55 21.08 37.74
N PHE A 253 -58.97 19.83 37.96
CA PHE A 253 -60.24 19.40 37.40
C PHE A 253 -61.42 20.08 38.09
N HIS A 254 -61.30 20.35 39.39
CA HIS A 254 -62.34 21.14 40.06
C HIS A 254 -62.43 22.54 39.49
N ASN A 255 -61.28 23.15 39.19
CA ASN A 255 -61.27 24.46 38.55
C ASN A 255 -61.93 24.39 37.16
N LYS A 256 -61.65 23.33 36.41
CA LYS A 256 -62.28 23.15 35.11
C LYS A 256 -63.80 23.02 35.26
N LEU A 257 -64.26 22.27 36.25
CA LEU A 257 -65.69 22.14 36.49
C LEU A 257 -66.31 23.48 36.88
N VAL A 258 -65.60 24.25 37.71
CA VAL A 258 -66.09 25.57 38.11
C VAL A 258 -66.23 26.48 36.89
N ASN A 259 -65.23 26.46 36.01
CA ASN A 259 -65.31 27.27 34.79
C ASN A 259 -66.44 26.78 33.89
N LEU A 260 -66.67 25.47 33.83
CA LEU A 260 -67.76 24.94 33.02
C LEU A 260 -69.12 25.29 33.60
N ARG A 261 -69.20 25.51 34.92
CA ARG A 261 -70.46 25.91 35.53
C ARG A 261 -70.93 27.25 34.97
N GLN A 262 -70.03 28.22 34.86
CA GLN A 262 -70.32 29.43 34.13
C GLN A 262 -70.32 29.15 32.63
N LYS A 263 -71.23 29.78 31.91
CA LYS A 263 -71.42 29.54 30.48
C LYS A 263 -71.63 28.04 30.23
N LYS A 264 -72.74 27.55 30.77
CA LYS A 264 -73.03 26.12 30.82
C LYS A 264 -72.82 25.45 29.48
N LYS A 265 -71.88 24.51 29.44
CA LYS A 265 -71.56 23.76 28.22
C LYS A 265 -71.44 22.26 28.49
N GLU A 266 -71.73 21.82 29.71
CA GLU A 266 -71.67 20.41 30.11
C GLU A 266 -70.26 19.84 30.00
N LEU A 267 -70.11 18.56 30.28
CA LEU A 267 -68.82 17.90 30.31
C LEU A 267 -68.63 17.06 29.05
N ALA A 268 -67.38 16.99 28.60
CA ALA A 268 -67.05 16.19 27.42
C ALA A 268 -67.25 14.71 27.70
N PHE A 269 -67.49 13.96 26.62
CA PHE A 269 -67.73 12.52 26.75
C PHE A 269 -66.48 11.79 27.24
N GLN A 270 -65.30 12.34 26.98
CA GLN A 270 -64.07 11.69 27.43
C GLN A 270 -63.97 11.68 28.95
N TYR A 271 -64.51 12.70 29.62
CA TYR A 271 -64.48 12.79 31.07
C TYR A 271 -65.66 12.11 31.74
N ILE A 272 -66.57 11.51 30.96
CA ILE A 272 -67.71 10.79 31.48
C ILE A 272 -67.47 9.30 31.31
N PHE A 273 -67.59 8.54 32.39
CA PHE A 273 -67.27 7.13 32.40
C PHE A 273 -68.55 6.29 32.40
N ILE A 274 -68.41 5.06 31.91
CA ILE A 274 -69.55 4.14 31.84
C ILE A 274 -70.04 3.68 33.20
N ASP A 275 -69.32 4.01 34.28
CA ASP A 275 -69.80 3.68 35.61
C ASP A 275 -71.06 4.45 35.96
N GLN A 276 -71.14 5.72 35.55
CA GLN A 276 -72.25 6.59 35.93
C GLN A 276 -73.47 6.41 35.03
N LEU A 277 -73.38 5.58 34.01
CA LEU A 277 -74.54 5.22 33.18
C LEU A 277 -75.10 3.90 33.67
N GLU A 278 -76.42 3.85 33.84
CA GLU A 278 -77.08 2.67 34.40
C GLU A 278 -77.06 1.54 33.38
N LEU A 279 -76.13 0.61 33.55
CA LEU A 279 -76.04 -0.57 32.72
C LEU A 279 -76.21 -1.83 33.56
N PRO A 280 -76.71 -2.93 32.98
CA PRO A 280 -76.73 -4.19 33.72
C PRO A 280 -75.31 -4.63 34.04
N PRO A 281 -75.12 -5.31 35.18
CA PRO A 281 -73.75 -5.68 35.59
C PRO A 281 -73.02 -6.53 34.58
N ARG A 282 -73.73 -7.43 33.87
CA ARG A 282 -73.06 -8.24 32.85
C ARG A 282 -72.51 -7.38 31.74
N ILE A 283 -73.29 -6.41 31.25
CA ILE A 283 -72.82 -5.54 30.18
C ILE A 283 -71.69 -4.64 30.67
N TYR A 284 -71.78 -4.17 31.92
CA TYR A 284 -70.70 -3.37 32.49
C TYR A 284 -69.41 -4.16 32.53
N ASN A 285 -69.46 -5.41 32.99
CA ASN A 285 -68.26 -6.24 33.02
C ASN A 285 -67.75 -6.52 31.62
N CYS A 286 -68.66 -6.77 30.67
CA CYS A 286 -68.25 -7.02 29.29
C CYS A 286 -67.50 -5.84 28.70
N LEU A 287 -68.01 -4.63 28.95
CA LEU A 287 -67.32 -3.44 28.47
C LEU A 287 -66.00 -3.23 29.21
N LYS A 288 -65.97 -3.53 30.51
CA LYS A 288 -64.77 -3.26 31.30
C LYS A 288 -63.62 -4.17 30.89
N LYS A 289 -63.86 -5.47 30.70
CA LYS A 289 -62.76 -6.33 30.29
C LYS A 289 -62.37 -6.13 28.83
N SER A 290 -63.20 -5.43 28.05
CA SER A 290 -62.85 -5.04 26.69
C SER A 290 -62.12 -3.70 26.65
N ASN A 291 -61.67 -3.20 27.79
CA ASN A 291 -60.94 -1.93 27.88
C ASN A 291 -61.77 -0.76 27.38
N ILE A 292 -63.02 -0.71 27.83
CA ILE A 292 -63.92 0.42 27.58
C ILE A 292 -64.23 1.06 28.92
N HIS A 293 -63.86 2.34 29.07
CA HIS A 293 -63.98 3.02 30.35
C HIS A 293 -64.78 4.31 30.28
N THR A 294 -64.64 5.08 29.22
CA THR A 294 -65.26 6.40 29.12
C THR A 294 -66.36 6.40 28.06
N LEU A 295 -67.19 7.45 28.11
CA LEU A 295 -68.31 7.56 27.18
C LEU A 295 -67.82 7.78 25.75
N LEU A 296 -66.72 8.51 25.57
CA LEU A 296 -66.17 8.72 24.23
C LEU A 296 -65.74 7.40 23.61
N ASP A 297 -65.11 6.52 24.39
CA ASP A 297 -64.74 5.20 23.89
C ASP A 297 -65.98 4.40 23.53
N LEU A 298 -67.03 4.49 24.35
CA LEU A 298 -68.26 3.76 24.05
C LEU A 298 -68.88 4.23 22.74
N LEU A 299 -68.90 5.56 22.52
CA LEU A 299 -69.47 6.08 21.29
C LEU A 299 -68.60 5.76 20.08
N ASN A 300 -67.27 5.71 20.26
CA ASN A 300 -66.38 5.39 19.15
C ASN A 300 -66.49 3.93 18.75
N ASN A 301 -66.91 3.07 19.66
CA ASN A 301 -67.04 1.65 19.36
C ASN A 301 -68.14 1.41 18.34
N SER A 302 -67.98 0.34 17.56
CA SER A 302 -68.97 -0.08 16.58
C SER A 302 -69.78 -1.26 17.10
N GLN A 303 -70.96 -1.44 16.53
CA GLN A 303 -71.83 -2.53 16.95
C GLN A 303 -71.22 -3.89 16.63
N GLU A 304 -70.54 -4.00 15.48
CA GLU A 304 -69.97 -5.28 15.08
C GLU A 304 -68.90 -5.75 16.05
N ASP A 305 -68.03 -4.84 16.51
CA ASP A 305 -66.99 -5.22 17.45
C ASP A 305 -67.57 -5.69 18.77
N LEU A 306 -68.60 -5.01 19.26
CA LEU A 306 -69.27 -5.45 20.49
C LEU A 306 -69.96 -6.80 20.29
N ILE A 307 -70.51 -7.04 19.10
CA ILE A 307 -71.11 -8.34 18.80
C ILE A 307 -70.05 -9.42 18.81
N LYS A 308 -68.84 -9.11 18.35
CA LYS A 308 -67.75 -10.08 18.35
C LYS A 308 -67.42 -10.57 19.75
N MET A 309 -67.71 -9.75 20.77
CA MET A 309 -67.35 -10.10 22.14
C MET A 309 -68.49 -10.93 22.72
N GLU A 310 -68.16 -12.04 23.36
CA GLU A 310 -69.17 -13.01 23.76
C GLU A 310 -70.10 -12.44 24.82
N HIS A 311 -71.08 -13.24 25.26
CA HIS A 311 -72.06 -12.85 26.26
C HIS A 311 -72.74 -11.52 25.92
N PHE A 312 -72.71 -11.13 24.65
CA PHE A 312 -73.18 -9.81 24.19
C PHE A 312 -73.97 -10.06 22.91
N HIS A 313 -75.27 -10.29 23.08
CA HIS A 313 -76.16 -10.61 21.99
C HIS A 313 -76.84 -9.36 21.46
N ILE A 314 -77.68 -9.53 20.44
CA ILE A 314 -78.36 -8.40 19.82
C ILE A 314 -79.33 -7.75 20.80
N GLU A 315 -79.89 -8.54 21.74
CA GLU A 315 -80.72 -7.96 22.78
C GLU A 315 -79.92 -7.01 23.66
N ASP A 316 -78.70 -7.40 24.03
CA ASP A 316 -77.82 -6.50 24.76
C ASP A 316 -77.51 -5.26 23.95
N VAL A 317 -77.27 -5.43 22.65
CA VAL A 317 -76.96 -4.29 21.78
C VAL A 317 -78.10 -3.29 21.77
N LYS A 318 -79.33 -3.78 21.57
CA LYS A 318 -80.47 -2.87 21.47
C LYS A 318 -80.79 -2.23 22.82
N LYS A 319 -80.65 -2.98 23.92
CA LYS A 319 -80.91 -2.39 25.23
C LYS A 319 -79.85 -1.34 25.58
N LEU A 320 -78.59 -1.59 25.21
CA LEU A 320 -77.54 -0.59 25.43
C LEU A 320 -77.78 0.65 24.58
N LEU A 321 -78.23 0.46 23.33
CA LEU A 321 -78.56 1.60 22.49
C LEU A 321 -79.71 2.40 23.07
N ASP A 322 -80.71 1.72 23.61
CA ASP A 322 -81.82 2.43 24.26
C ASP A 322 -81.33 3.21 25.48
N ILE A 323 -80.45 2.59 26.28
CA ILE A 323 -79.92 3.28 27.46
C ILE A 323 -79.13 4.51 27.05
N LEU A 324 -78.30 4.39 26.01
CA LEU A 324 -77.55 5.55 25.53
C LEU A 324 -78.48 6.63 24.99
N GLU A 325 -79.55 6.23 24.30
CA GLU A 325 -80.52 7.19 23.79
C GLU A 325 -81.20 7.93 24.93
N LYS A 326 -81.46 7.24 26.04
CA LYS A 326 -82.06 7.91 27.20
C LYS A 326 -81.16 8.99 27.76
N LYS A 327 -79.85 8.86 27.62
CA LYS A 327 -78.91 9.85 28.11
C LYS A 327 -79.07 11.17 27.37
N THR B 12 -40.05 17.80 34.64
CA THR B 12 -40.12 16.71 35.61
C THR B 12 -40.03 15.35 34.91
N LEU B 13 -39.53 14.35 35.65
CA LEU B 13 -39.30 13.03 35.08
C LEU B 13 -40.63 12.29 34.98
N GLN B 14 -41.06 12.01 33.75
CA GLN B 14 -42.33 11.36 33.49
C GLN B 14 -42.14 10.25 32.47
N TRP B 15 -43.09 9.33 32.45
CA TRP B 15 -43.08 8.21 31.51
C TRP B 15 -44.41 8.16 30.77
N LYS B 16 -44.37 7.58 29.57
CA LYS B 16 -45.56 7.49 28.74
C LYS B 16 -45.43 6.31 27.80
N CYS B 17 -46.57 5.72 27.46
CA CYS B 17 -46.63 4.65 26.45
C CYS B 17 -46.85 5.28 25.08
N VAL B 18 -45.87 5.12 24.19
CA VAL B 18 -45.92 5.75 22.87
C VAL B 18 -46.41 4.81 21.79
N GLU B 19 -46.55 3.52 22.07
CA GLU B 19 -47.03 2.56 21.09
C GLU B 19 -47.54 1.33 21.81
N SER B 20 -48.60 0.74 21.26
CA SER B 20 -49.18 -0.48 21.81
C SER B 20 -49.86 -1.24 20.69
N ARG B 21 -49.79 -2.57 20.77
CA ARG B 21 -50.38 -3.42 19.74
C ARG B 21 -50.71 -4.78 20.34
N ARG B 22 -51.62 -5.48 19.67
CA ARG B 22 -51.99 -6.86 20.01
C ARG B 22 -52.13 -7.62 18.69
N ASP B 23 -51.03 -8.21 18.23
CA ASP B 23 -51.07 -8.96 16.97
C ASP B 23 -51.99 -10.17 17.08
N SER B 24 -51.89 -10.90 18.19
CA SER B 24 -52.77 -12.02 18.46
C SER B 24 -53.06 -12.04 19.96
N LYS B 25 -53.63 -13.14 20.44
CA LYS B 25 -53.90 -13.27 21.86
C LYS B 25 -52.65 -13.63 22.66
N ARG B 26 -51.58 -14.08 21.99
CA ARG B 26 -50.34 -14.45 22.64
C ARG B 26 -49.16 -13.67 22.09
N LEU B 27 -49.40 -12.46 21.59
CA LEU B 27 -48.33 -11.59 21.11
C LEU B 27 -48.75 -10.15 21.36
N TYR B 28 -48.22 -9.57 22.43
CA TYR B 28 -48.47 -8.18 22.79
C TYR B 28 -47.18 -7.38 22.67
N TYR B 29 -47.29 -6.16 22.18
CA TYR B 29 -46.14 -5.28 22.02
C TYR B 29 -46.46 -3.92 22.61
N GLY B 30 -45.43 -3.28 23.16
CA GLY B 30 -45.59 -1.94 23.71
C GLY B 30 -44.27 -1.22 23.70
N ARG B 31 -44.33 0.10 23.52
CA ARG B 31 -43.16 0.96 23.53
C ARG B 31 -43.39 2.08 24.53
N PHE B 32 -42.40 2.32 25.38
CA PHE B 32 -42.54 3.27 26.48
C PHE B 32 -41.38 4.26 26.46
N ILE B 33 -41.63 5.42 27.05
CA ILE B 33 -40.70 6.53 27.04
C ILE B 33 -40.44 6.99 28.46
N LEU B 34 -39.28 7.62 28.67
CA LEU B 34 -38.94 8.17 29.98
C LEU B 34 -37.95 9.31 29.76
N SER B 35 -38.37 10.53 30.10
CA SER B 35 -37.57 11.71 29.87
C SER B 35 -38.07 12.81 30.79
N PRO B 36 -37.24 13.82 31.09
CA PRO B 36 -35.82 13.98 30.72
C PRO B 36 -34.89 13.23 31.67
N LEU B 37 -33.73 12.78 31.19
CA LEU B 37 -32.78 12.06 32.02
C LEU B 37 -31.41 12.71 31.89
N MET B 38 -30.59 12.50 32.92
CA MET B 38 -29.23 12.98 32.92
C MET B 38 -28.32 12.03 32.15
N LYS B 39 -27.11 12.50 31.85
CA LYS B 39 -26.18 11.71 31.07
C LYS B 39 -25.79 10.43 31.81
N GLY B 40 -25.91 9.30 31.12
CA GLY B 40 -25.57 8.01 31.68
C GLY B 40 -26.67 7.32 32.45
N GLN B 41 -27.73 8.03 32.80
CA GLN B 41 -28.80 7.42 33.59
C GLN B 41 -29.64 6.47 32.74
N ALA B 42 -29.92 6.86 31.49
CA ALA B 42 -30.80 6.06 30.64
C ALA B 42 -30.23 4.68 30.37
N ASP B 43 -28.91 4.60 30.15
CA ASP B 43 -28.29 3.29 29.90
C ASP B 43 -28.42 2.38 31.11
N THR B 44 -28.14 2.91 32.31
CA THR B 44 -28.24 2.10 33.52
C THR B 44 -29.67 1.63 33.75
N ILE B 45 -30.64 2.54 33.59
CA ILE B 45 -32.04 2.19 33.78
C ILE B 45 -32.46 1.13 32.76
N GLY B 46 -32.05 1.30 31.50
CA GLY B 46 -32.42 0.33 30.48
C GLY B 46 -31.83 -1.04 30.72
N ILE B 47 -30.56 -1.09 31.15
CA ILE B 47 -29.92 -2.37 31.42
C ILE B 47 -30.62 -3.08 32.57
N ALA B 48 -30.85 -2.36 33.67
CA ALA B 48 -31.51 -2.97 34.82
C ALA B 48 -32.92 -3.42 34.48
N MET B 49 -33.67 -2.58 33.75
CA MET B 49 -35.04 -2.91 33.41
C MET B 49 -35.10 -4.10 32.46
N ARG B 50 -34.18 -4.17 31.50
CA ARG B 50 -34.17 -5.32 30.58
C ARG B 50 -33.86 -6.61 31.33
N ARG B 51 -32.89 -6.57 32.25
CA ARG B 51 -32.59 -7.78 33.03
C ARG B 51 -33.78 -8.19 33.88
N ALA B 52 -34.44 -7.21 34.52
CA ALA B 52 -35.61 -7.52 35.34
C ALA B 52 -36.75 -8.09 34.49
N LEU B 53 -37.01 -7.50 33.33
CA LEU B 53 -38.07 -7.98 32.47
C LEU B 53 -37.78 -9.40 31.98
N LEU B 54 -36.53 -9.68 31.64
CA LEU B 54 -36.21 -10.99 31.09
C LEU B 54 -36.17 -12.09 32.15
N GLY B 55 -35.82 -11.77 33.40
CA GLY B 55 -35.71 -12.87 34.34
C GLY B 55 -36.32 -12.76 35.73
N GLU B 56 -36.73 -11.57 36.16
CA GLU B 56 -37.26 -11.39 37.50
C GLU B 56 -38.78 -11.42 37.55
N ILE B 57 -39.44 -11.55 36.40
CA ILE B 57 -40.90 -11.56 36.34
C ILE B 57 -41.38 -13.00 36.41
N GLU B 58 -42.35 -13.25 37.27
CA GLU B 58 -42.85 -14.61 37.48
C GLU B 58 -43.82 -15.00 36.37
N GLY B 59 -43.68 -16.25 35.91
CA GLY B 59 -44.57 -16.79 34.90
C GLY B 59 -45.20 -18.09 35.36
N THR B 60 -46.27 -18.51 34.71
CA THR B 60 -46.99 -19.72 35.07
C THR B 60 -46.95 -20.70 33.92
N CYS B 61 -46.50 -21.93 34.19
CA CYS B 61 -46.33 -22.93 33.15
C CYS B 61 -46.66 -24.30 33.70
N ILE B 62 -47.00 -25.22 32.80
CA ILE B 62 -47.16 -26.63 33.15
C ILE B 62 -45.78 -27.26 33.20
N THR B 63 -45.43 -27.82 34.36
CA THR B 63 -44.09 -28.35 34.57
C THR B 63 -44.02 -29.86 34.61
N ARG B 64 -45.15 -30.56 34.67
CA ARG B 64 -45.15 -32.00 34.78
C ARG B 64 -46.50 -32.53 34.30
N ALA B 65 -46.48 -33.69 33.66
CA ALA B 65 -47.68 -34.33 33.15
C ALA B 65 -47.68 -35.80 33.54
N LYS B 66 -48.79 -36.27 34.08
CA LYS B 66 -48.97 -37.67 34.44
C LYS B 66 -50.04 -38.28 33.55
N PHE B 67 -49.71 -39.38 32.89
CA PHE B 67 -50.62 -40.05 31.97
C PHE B 67 -51.28 -41.22 32.70
N GLU B 68 -52.57 -41.08 32.97
CA GLU B 68 -53.33 -42.11 33.65
C GLU B 68 -53.93 -43.07 32.62
N ASN B 69 -54.87 -43.91 33.07
CA ASN B 69 -55.57 -44.88 32.23
C ASN B 69 -54.62 -45.92 31.62
N ILE B 70 -53.46 -46.12 32.25
CA ILE B 70 -52.50 -47.15 31.88
C ILE B 70 -52.16 -47.08 30.40
N PRO B 71 -51.38 -46.09 29.95
CA PRO B 71 -50.97 -46.03 28.56
C PRO B 71 -49.85 -46.99 28.18
N HIS B 72 -49.52 -47.93 29.07
CA HIS B 72 -48.43 -48.90 28.91
C HIS B 72 -47.06 -48.24 28.80
N ASP B 73 -46.97 -46.94 29.05
CA ASP B 73 -45.70 -46.20 29.00
C ASP B 73 -45.01 -46.38 27.65
N TYR B 74 -45.79 -46.33 26.58
CA TYR B 74 -45.28 -46.49 25.23
C TYR B 74 -45.18 -45.13 24.54
N SER B 75 -44.69 -45.14 23.30
CA SER B 75 -44.52 -43.90 22.56
C SER B 75 -45.84 -43.34 22.07
N ASN B 76 -46.83 -44.19 21.85
CA ASN B 76 -48.13 -43.76 21.34
C ASN B 76 -49.23 -44.43 22.14
N ILE B 77 -50.40 -43.78 22.14
CA ILE B 77 -51.60 -44.30 22.79
C ILE B 77 -52.66 -44.55 21.73
N VAL B 78 -53.32 -45.70 21.82
CA VAL B 78 -54.30 -46.10 20.82
C VAL B 78 -55.46 -45.12 20.85
N GLY B 79 -55.77 -44.53 19.69
CA GLY B 79 -56.86 -43.59 19.56
C GLY B 79 -56.44 -42.14 19.51
N ILE B 80 -55.21 -41.82 19.88
CA ILE B 80 -54.70 -40.46 19.89
C ILE B 80 -53.79 -40.26 18.69
N GLN B 81 -54.08 -39.24 17.87
CA GLN B 81 -53.26 -38.98 16.71
C GLN B 81 -51.84 -38.58 17.09
N GLU B 82 -51.70 -37.73 18.10
CA GLU B 82 -50.39 -37.26 18.52
C GLU B 82 -49.74 -38.26 19.48
N SER B 83 -48.41 -38.31 19.42
CA SER B 83 -47.66 -39.20 20.31
C SER B 83 -47.53 -38.55 21.69
N VAL B 84 -46.95 -39.31 22.62
CA VAL B 84 -46.75 -38.82 23.98
C VAL B 84 -45.81 -37.62 23.97
N HIS B 85 -44.70 -37.73 23.24
CA HIS B 85 -43.76 -36.62 23.14
C HIS B 85 -44.41 -35.43 22.45
N GLU B 86 -45.21 -35.68 21.41
CA GLU B 86 -45.93 -34.60 20.75
C GLU B 86 -46.92 -33.94 21.70
N ILE B 87 -47.59 -34.74 22.53
CA ILE B 87 -48.53 -34.19 23.51
C ILE B 87 -47.80 -33.31 24.51
N LEU B 88 -46.64 -33.76 24.99
CA LEU B 88 -45.86 -32.95 25.93
C LEU B 88 -45.39 -31.65 25.28
N MET B 89 -44.96 -31.72 24.02
CA MET B 89 -44.54 -30.51 23.32
C MET B 89 -45.71 -29.54 23.15
N ASN B 90 -46.90 -30.08 22.87
CA ASN B 90 -48.09 -29.23 22.78
C ASN B 90 -48.41 -28.59 24.14
N LEU B 91 -48.28 -29.36 25.21
CA LEU B 91 -48.54 -28.84 26.55
C LEU B 91 -47.56 -27.74 26.94
N ASN B 92 -46.31 -27.85 26.48
CA ASN B 92 -45.32 -26.83 26.81
C ASN B 92 -45.65 -25.48 26.18
N GLU B 93 -46.50 -25.45 25.17
CA GLU B 93 -46.82 -24.23 24.44
C GLU B 93 -48.00 -23.46 25.04
N ILE B 94 -48.66 -24.00 26.06
CA ILE B 94 -49.86 -23.37 26.60
C ILE B 94 -49.45 -22.22 27.52
N VAL B 95 -50.02 -21.04 27.26
CA VAL B 95 -49.71 -19.83 28.01
C VAL B 95 -50.74 -19.65 29.11
N LEU B 96 -50.26 -19.52 30.35
CA LEU B 96 -51.12 -19.37 31.51
C LEU B 96 -50.69 -18.14 32.32
N LYS B 97 -51.64 -17.61 33.08
CA LYS B 97 -51.36 -16.57 34.06
C LYS B 97 -52.08 -16.95 35.35
N SER B 98 -51.47 -16.58 36.48
CA SER B 98 -52.01 -16.93 37.79
C SER B 98 -51.36 -16.06 38.85
N ASN B 99 -51.82 -16.24 40.08
CA ASN B 99 -51.23 -15.63 41.27
C ASN B 99 -50.86 -16.69 42.30
N LEU B 100 -50.69 -17.93 41.86
CA LEU B 100 -50.60 -19.06 42.78
C LEU B 100 -49.28 -19.05 43.55
N TYR B 101 -49.35 -19.52 44.79
CA TYR B 101 -48.20 -19.65 45.67
C TYR B 101 -47.99 -21.13 45.94
N GLY B 102 -46.80 -21.62 45.64
CA GLY B 102 -46.50 -23.03 45.79
C GLY B 102 -46.70 -23.78 44.48
N THR B 103 -47.44 -24.89 44.55
CA THR B 103 -47.73 -25.70 43.37
C THR B 103 -49.14 -26.25 43.47
N ARG B 104 -49.85 -26.24 42.36
CA ARG B 104 -51.21 -26.75 42.28
C ARG B 104 -51.28 -27.82 41.19
N ASN B 105 -52.48 -28.37 40.99
CA ASN B 105 -52.69 -29.46 40.05
C ASN B 105 -53.86 -29.14 39.12
N ALA B 106 -53.73 -29.58 37.88
CA ALA B 106 -54.78 -29.45 36.88
C ALA B 106 -55.02 -30.81 36.24
N LEU B 107 -56.23 -30.99 35.69
CA LEU B 107 -56.65 -32.27 35.15
C LEU B 107 -57.27 -32.08 33.77
N ILE B 108 -57.12 -33.10 32.94
CA ILE B 108 -57.72 -33.14 31.61
C ILE B 108 -58.56 -34.40 31.50
N CYS B 109 -59.84 -34.23 31.17
CA CYS B 109 -60.77 -35.36 31.04
C CYS B 109 -61.67 -35.08 29.84
N VAL B 110 -61.27 -35.59 28.68
CA VAL B 110 -62.04 -35.45 27.45
C VAL B 110 -62.67 -36.80 27.14
N GLN B 111 -63.97 -36.79 26.85
CA GLN B 111 -64.74 -38.04 26.75
C GLN B 111 -64.22 -38.93 25.63
N GLY B 112 -64.03 -38.37 24.43
CA GLY B 112 -63.71 -39.17 23.28
C GLY B 112 -63.32 -38.37 22.06
N PRO B 113 -63.87 -38.74 20.90
CA PRO B 113 -63.45 -38.11 19.64
C PRO B 113 -63.67 -36.61 19.64
N GLY B 114 -62.75 -35.91 19.00
CA GLY B 114 -62.76 -34.46 18.93
C GLY B 114 -61.37 -33.92 19.13
N TYR B 115 -61.28 -32.61 19.31
CA TYR B 115 -60.02 -31.91 19.50
C TYR B 115 -59.90 -31.47 20.95
N ILE B 116 -58.77 -31.80 21.58
CA ILE B 116 -58.47 -31.38 22.94
C ILE B 116 -57.64 -30.11 22.86
N THR B 117 -58.15 -29.04 23.47
CA THR B 117 -57.47 -27.75 23.47
C THR B 117 -57.22 -27.32 24.92
N ALA B 118 -56.68 -26.11 25.08
CA ALA B 118 -56.47 -25.57 26.43
C ALA B 118 -57.79 -25.41 27.16
N ARG B 119 -58.89 -25.19 26.43
CA ARG B 119 -60.21 -25.05 27.03
C ARG B 119 -60.61 -26.29 27.83
N ASP B 120 -60.03 -27.45 27.53
CA ASP B 120 -60.38 -28.70 28.20
C ASP B 120 -59.52 -28.98 29.43
N ILE B 121 -58.99 -27.94 30.07
CA ILE B 121 -58.15 -28.08 31.26
C ILE B 121 -58.92 -27.53 32.45
N ILE B 122 -59.10 -28.37 33.46
CA ILE B 122 -59.69 -27.93 34.72
C ILE B 122 -58.59 -27.27 35.56
N LEU B 123 -58.78 -26.01 35.91
CA LEU B 123 -57.69 -25.24 36.45
C LEU B 123 -57.82 -25.02 37.95
N PRO B 124 -56.71 -24.88 38.65
CA PRO B 124 -56.74 -24.41 40.04
C PRO B 124 -57.35 -23.02 40.13
N PRO B 125 -57.69 -22.56 41.35
CA PRO B 125 -58.51 -21.34 41.46
C PRO B 125 -57.95 -20.11 40.75
N SER B 126 -56.68 -19.77 40.98
CA SER B 126 -56.15 -18.51 40.49
C SER B 126 -55.63 -18.59 39.06
N VAL B 127 -55.57 -19.77 38.45
CA VAL B 127 -54.96 -19.95 37.14
C VAL B 127 -55.99 -19.67 36.06
N GLU B 128 -55.60 -18.88 35.07
CA GLU B 128 -56.39 -18.61 33.89
C GLU B 128 -55.66 -19.14 32.66
N ILE B 129 -56.33 -19.06 31.51
CA ILE B 129 -55.77 -19.49 30.24
C ILE B 129 -55.83 -18.32 29.26
N VAL B 130 -54.68 -17.98 28.69
CA VAL B 130 -54.61 -16.84 27.79
C VAL B 130 -55.32 -17.15 26.46
N ASP B 131 -55.06 -18.33 25.90
CA ASP B 131 -55.62 -18.74 24.62
C ASP B 131 -56.27 -20.09 24.77
N ASN B 132 -57.59 -20.15 24.60
CA ASN B 132 -58.32 -21.40 24.72
C ASN B 132 -58.27 -22.25 23.45
N THR B 133 -57.70 -21.73 22.37
CA THR B 133 -57.65 -22.43 21.09
C THR B 133 -56.34 -23.16 20.87
N GLN B 134 -55.46 -23.21 21.87
CA GLN B 134 -54.18 -23.89 21.72
C GLN B 134 -54.40 -25.39 21.70
N HIS B 135 -53.94 -26.05 20.63
CA HIS B 135 -54.20 -27.47 20.44
C HIS B 135 -53.34 -28.31 21.38
N ILE B 136 -53.90 -29.41 21.86
CA ILE B 136 -53.19 -30.33 22.73
C ILE B 136 -53.07 -31.70 22.08
N ALA B 137 -54.22 -32.33 21.80
CA ALA B 137 -54.23 -33.66 21.22
C ALA B 137 -55.51 -33.85 20.42
N THR B 138 -55.46 -34.78 19.48
CA THR B 138 -56.61 -35.11 18.63
C THR B 138 -57.04 -36.54 18.92
N LEU B 139 -58.32 -36.73 19.22
CA LEU B 139 -58.88 -38.04 19.51
C LEU B 139 -59.82 -38.45 18.39
N THR B 140 -59.65 -39.68 17.88
CA THR B 140 -60.49 -40.23 16.85
C THR B 140 -61.45 -41.29 17.37
N GLU B 141 -60.92 -42.30 18.06
CA GLU B 141 -61.76 -43.34 18.65
C GLU B 141 -62.19 -42.94 20.05
N PRO B 142 -63.37 -43.40 20.51
CA PRO B 142 -63.89 -42.97 21.82
C PRO B 142 -63.19 -43.62 23.02
N ILE B 143 -62.05 -43.04 23.40
CA ILE B 143 -61.31 -43.45 24.59
C ILE B 143 -61.11 -42.23 25.48
N ASN B 144 -61.42 -42.38 26.76
CA ASN B 144 -61.23 -41.30 27.71
C ASN B 144 -59.74 -41.11 27.99
N LEU B 145 -59.29 -39.85 27.95
CA LEU B 145 -57.89 -39.51 28.17
C LEU B 145 -57.78 -38.76 29.50
N CYS B 146 -56.88 -39.23 30.37
CA CYS B 146 -56.67 -38.64 31.68
C CYS B 146 -55.23 -38.19 31.79
N ILE B 147 -55.02 -36.87 31.89
CA ILE B 147 -53.70 -36.29 32.07
C ILE B 147 -53.72 -35.43 33.33
N GLY B 148 -52.78 -35.66 34.22
CA GLY B 148 -52.67 -34.87 35.43
C GLY B 148 -51.55 -33.85 35.34
N LEU B 149 -51.90 -32.58 35.15
CA LEU B 149 -50.92 -31.52 34.95
C LEU B 149 -50.48 -30.93 36.28
N LYS B 150 -49.20 -30.58 36.36
CA LYS B 150 -48.63 -29.88 37.50
C LYS B 150 -48.26 -28.46 37.06
N ILE B 151 -48.76 -27.47 37.79
CA ILE B 151 -48.63 -26.08 37.41
C ILE B 151 -47.84 -25.34 38.48
N GLU B 152 -46.81 -24.61 38.07
CA GLU B 152 -45.96 -23.87 38.99
C GLU B 152 -45.86 -22.42 38.53
N ARG B 153 -45.44 -21.57 39.46
CA ARG B 153 -45.20 -20.15 39.18
C ARG B 153 -43.79 -19.83 39.67
N ASN B 154 -42.93 -19.40 38.74
CA ASN B 154 -41.52 -19.23 39.05
C ASN B 154 -40.94 -18.08 38.25
N ARG B 155 -39.78 -17.59 38.72
CA ARG B 155 -39.02 -16.58 38.01
C ARG B 155 -38.30 -17.19 36.81
N GLY B 156 -37.97 -16.33 35.84
CA GLY B 156 -37.23 -16.79 34.68
C GLY B 156 -35.82 -17.23 35.01
N TYR B 157 -35.12 -16.46 35.84
CA TYR B 157 -33.74 -16.79 36.18
C TYR B 157 -33.62 -17.98 37.13
N SER B 158 -34.74 -18.46 37.67
CA SER B 158 -34.72 -19.65 38.51
C SER B 158 -34.46 -20.88 37.66
N ASP B 167 -42.48 -42.15 39.49
CA ASP B 167 -43.94 -42.18 39.53
C ASP B 167 -44.52 -42.18 38.13
N ARG B 168 -43.67 -42.40 37.13
CA ARG B 168 -44.07 -42.43 35.72
C ARG B 168 -44.76 -41.14 35.29
N SER B 169 -44.22 -40.01 35.74
CA SER B 169 -44.70 -38.69 35.35
C SER B 169 -43.64 -38.02 34.48
N TYR B 170 -44.04 -37.58 33.29
CA TYR B 170 -43.11 -37.00 32.34
C TYR B 170 -42.91 -35.53 32.62
N PRO B 171 -41.69 -35.07 32.84
CA PRO B 171 -41.47 -33.63 33.07
C PRO B 171 -41.61 -32.83 31.79
N ILE B 172 -41.91 -31.54 31.97
CA ILE B 172 -41.99 -30.59 30.88
C ILE B 172 -40.98 -29.49 31.17
N ASP B 173 -40.04 -29.29 30.25
CA ASP B 173 -38.95 -28.32 30.43
C ASP B 173 -39.51 -26.93 30.13
N ALA B 174 -40.23 -26.38 31.10
CA ALA B 174 -40.88 -25.10 30.94
C ALA B 174 -39.87 -23.96 31.10
N VAL B 175 -39.98 -22.96 30.22
CA VAL B 175 -39.17 -21.76 30.29
C VAL B 175 -40.10 -20.63 30.71
N PHE B 176 -39.87 -20.10 31.91
CA PHE B 176 -40.75 -19.08 32.50
C PHE B 176 -40.36 -17.71 31.96
N MET B 177 -40.84 -17.42 30.76
CA MET B 177 -40.58 -16.15 30.09
C MET B 177 -41.88 -15.52 29.61
N PRO B 178 -42.64 -14.90 30.53
CA PRO B 178 -43.80 -14.11 30.09
C PRO B 178 -43.43 -12.98 29.15
N VAL B 179 -42.27 -12.37 29.33
CA VAL B 179 -41.78 -11.32 28.45
C VAL B 179 -40.87 -11.97 27.42
N GLN B 180 -41.34 -12.09 26.18
CA GLN B 180 -40.58 -12.78 25.15
C GLN B 180 -39.30 -12.04 24.79
N ASN B 181 -39.36 -10.72 24.71
CA ASN B 181 -38.20 -9.93 24.33
C ASN B 181 -38.30 -8.55 24.96
N ALA B 182 -37.16 -7.89 25.09
CA ALA B 182 -37.10 -6.54 25.64
C ALA B 182 -35.88 -5.83 25.08
N ASN B 183 -36.03 -4.54 24.81
CA ASN B 183 -34.96 -3.73 24.25
C ASN B 183 -35.04 -2.33 24.82
N HIS B 184 -33.90 -1.63 24.80
CA HIS B 184 -33.86 -0.24 25.21
C HIS B 184 -32.96 0.53 24.26
N SER B 185 -33.29 1.80 24.05
CA SER B 185 -32.54 2.69 23.18
C SER B 185 -32.50 4.08 23.79
N ILE B 186 -31.50 4.85 23.40
CA ILE B 186 -31.22 6.16 23.98
C ILE B 186 -31.21 7.20 22.87
N HIS B 187 -31.93 8.30 23.10
CA HIS B 187 -31.88 9.47 22.24
C HIS B 187 -31.34 10.64 23.04
N SER B 188 -30.32 11.31 22.51
CA SER B 188 -29.65 12.39 23.21
C SER B 188 -29.90 13.72 22.50
N TYR B 189 -30.11 14.78 23.28
CA TYR B 189 -30.34 16.11 22.75
C TYR B 189 -29.54 17.12 23.57
N GLY B 190 -29.27 18.28 22.97
CA GLY B 190 -28.54 19.31 23.66
C GLY B 190 -28.35 20.58 22.86
N ASN B 191 -28.33 21.73 23.55
CA ASN B 191 -28.06 23.03 22.93
C ASN B 191 -26.99 23.72 23.77
N GLY B 192 -25.75 23.42 23.48
CA GLY B 192 -24.63 24.03 24.20
C GLY B 192 -24.21 23.19 25.39
N ASN B 193 -24.23 23.80 26.57
CA ASN B 193 -23.68 23.17 27.77
C ASN B 193 -24.70 22.33 28.55
N GLU B 194 -25.98 22.39 28.19
CA GLU B 194 -27.00 21.61 28.88
C GLU B 194 -27.51 20.51 27.94
N LYS B 195 -27.42 19.26 28.41
CA LYS B 195 -27.80 18.09 27.63
C LYS B 195 -29.01 17.42 28.27
N GLN B 196 -29.59 16.49 27.51
CA GLN B 196 -30.77 15.75 27.95
C GLN B 196 -30.91 14.52 27.08
N GLU B 197 -31.26 13.39 27.69
CA GLU B 197 -31.44 12.15 26.95
C GLU B 197 -32.80 11.54 27.28
N ILE B 198 -33.25 10.68 26.36
CA ILE B 198 -34.56 10.04 26.45
C ILE B 198 -34.36 8.54 26.37
N LEU B 199 -35.09 7.80 27.21
CA LEU B 199 -35.02 6.35 27.26
C LEU B 199 -36.27 5.76 26.61
N PHE B 200 -36.06 4.80 25.71
CA PHE B 200 -37.13 4.05 25.07
C PHE B 200 -37.01 2.59 25.47
N ILE B 201 -38.13 1.99 25.86
CA ILE B 201 -38.16 0.59 26.25
C ILE B 201 -39.23 -0.14 25.44
N GLU B 202 -38.84 -1.23 24.80
CA GLU B 202 -39.74 -2.08 24.04
C GLU B 202 -39.94 -3.39 24.79
N ILE B 203 -41.19 -3.82 24.92
CA ILE B 203 -41.52 -5.05 25.63
C ILE B 203 -42.44 -5.89 24.76
N TRP B 204 -42.08 -7.16 24.58
CA TRP B 204 -42.93 -8.15 23.93
C TRP B 204 -43.33 -9.19 24.96
N THR B 205 -44.63 -9.39 25.13
CA THR B 205 -45.15 -10.37 26.07
C THR B 205 -46.02 -11.38 25.34
N ASN B 206 -46.20 -12.55 25.95
CA ASN B 206 -46.97 -13.64 25.38
C ASN B 206 -48.45 -13.56 25.71
N GLY B 207 -48.94 -12.38 26.09
CA GLY B 207 -50.34 -12.18 26.36
C GLY B 207 -50.77 -12.44 27.79
N SER B 208 -49.96 -13.15 28.57
CA SER B 208 -50.27 -13.41 29.97
C SER B 208 -50.11 -12.17 30.83
N LEU B 209 -49.69 -11.06 30.24
CA LEU B 209 -49.38 -9.84 30.95
C LEU B 209 -49.15 -8.76 29.92
N THR B 210 -49.64 -7.55 30.20
CA THR B 210 -49.49 -6.47 29.25
C THR B 210 -48.11 -5.82 29.38
N PRO B 211 -47.61 -5.19 28.32
CA PRO B 211 -46.33 -4.49 28.43
C PRO B 211 -46.29 -3.43 29.51
N LYS B 212 -47.39 -2.73 29.74
CA LYS B 212 -47.46 -1.79 30.85
C LYS B 212 -47.35 -2.52 32.19
N GLU B 213 -48.06 -3.64 32.31
CA GLU B 213 -47.96 -4.46 33.51
C GLU B 213 -46.54 -5.00 33.68
N ALA B 214 -45.91 -5.40 32.58
CA ALA B 214 -44.53 -5.87 32.65
C ALA B 214 -43.59 -4.78 33.14
N LEU B 215 -43.77 -3.56 32.63
CA LEU B 215 -42.93 -2.44 33.06
C LEU B 215 -43.10 -2.17 34.55
N HIS B 216 -44.35 -2.15 35.02
CA HIS B 216 -44.60 -1.89 36.44
C HIS B 216 -44.04 -3.01 37.31
N GLU B 217 -44.21 -4.26 36.89
CA GLU B 217 -43.69 -5.39 37.66
C GLU B 217 -42.17 -5.37 37.71
N ALA B 218 -41.52 -5.03 36.60
CA ALA B 218 -40.07 -4.94 36.59
C ALA B 218 -39.58 -3.85 37.53
N SER B 219 -40.23 -2.68 37.50
CA SER B 219 -39.84 -1.61 38.41
C SER B 219 -40.00 -2.03 39.87
N ARG B 220 -41.13 -2.67 40.18
CA ARG B 220 -41.36 -3.10 41.56
C ARG B 220 -40.35 -4.15 42.00
N ASN B 221 -40.02 -5.10 41.11
CA ASN B 221 -39.05 -6.12 41.46
C ASN B 221 -37.67 -5.53 41.69
N LEU B 222 -37.26 -4.58 40.84
CA LEU B 222 -35.99 -3.91 41.06
C LEU B 222 -35.95 -3.18 42.39
N ILE B 223 -37.01 -2.42 42.68
CA ILE B 223 -37.05 -1.67 43.94
C ILE B 223 -37.00 -2.63 45.13
N ASN B 224 -37.74 -3.74 45.05
CA ASN B 224 -37.70 -4.74 46.11
C ASN B 224 -36.33 -5.37 46.24
N LEU B 225 -35.58 -5.45 45.14
CA LEU B 225 -34.22 -5.97 45.20
C LEU B 225 -33.27 -4.99 45.87
N PHE B 226 -33.55 -3.69 45.79
CA PHE B 226 -32.65 -2.71 46.38
C PHE B 226 -33.16 -2.11 47.69
N ILE B 227 -34.35 -2.49 48.15
CA ILE B 227 -34.79 -2.09 49.49
C ILE B 227 -33.91 -2.68 50.59
N PRO B 228 -33.53 -3.96 50.58
CA PRO B 228 -32.84 -4.54 51.74
C PRO B 228 -31.54 -3.86 52.13
N PHE B 229 -30.86 -3.17 51.20
CA PHE B 229 -29.62 -2.51 51.58
C PHE B 229 -29.84 -1.35 52.54
N LEU B 230 -31.07 -0.87 52.66
CA LEU B 230 -31.42 0.19 53.61
C LEU B 230 -32.00 -0.36 54.89
N HIS B 231 -31.98 -1.67 55.09
CA HIS B 231 -32.52 -2.27 56.30
C HIS B 231 -31.64 -1.99 57.50
N VAL B 232 -32.27 -1.78 58.65
CA VAL B 232 -31.57 -1.64 59.93
C VAL B 232 -32.12 -2.69 60.88
N GLU B 233 -31.36 -2.95 61.94
CA GLU B 233 -31.69 -4.00 62.89
C GLU B 233 -31.97 -3.41 64.27
N GLU B 234 -32.83 -4.10 65.02
CA GLU B 234 -33.14 -3.69 66.37
C GLU B 234 -31.92 -3.86 67.28
N GLU B 235 -31.76 -2.92 68.21
CA GLU B 235 -30.65 -2.97 69.16
C GLU B 235 -31.07 -3.64 70.46
N GLY C 8 34.91 4.69 23.45
CA GLY C 8 33.79 3.76 23.37
C GLY C 8 34.22 2.31 23.44
N THR C 9 35.36 2.06 24.09
CA THR C 9 35.87 0.70 24.22
C THR C 9 35.07 -0.12 25.24
N SER C 10 34.64 0.52 26.33
CA SER C 10 33.99 -0.19 27.42
C SER C 10 32.61 0.35 27.77
N THR C 11 32.21 1.49 27.22
CA THR C 11 30.88 2.05 27.45
C THR C 11 30.27 2.46 26.12
N ILE C 12 28.97 2.69 26.14
CA ILE C 12 28.31 3.26 24.96
C ILE C 12 28.78 4.71 24.79
N PRO C 13 29.31 5.08 23.62
CA PRO C 13 29.82 6.44 23.45
C PRO C 13 28.69 7.46 23.41
N GLY C 14 29.07 8.71 23.63
CA GLY C 14 28.13 9.81 23.52
C GLY C 14 27.53 9.89 22.13
N PHE C 15 26.21 10.04 22.04
CA PHE C 15 25.55 10.03 20.74
C PHE C 15 25.93 11.23 19.89
N ASN C 16 26.45 12.30 20.50
CA ASN C 16 26.91 13.47 19.79
C ASN C 16 28.43 13.53 19.67
N GLN C 17 29.13 12.43 19.98
CA GLN C 17 30.58 12.45 19.99
C GLN C 17 31.16 12.61 18.60
N ILE C 18 30.44 12.16 17.56
CA ILE C 18 30.95 12.30 16.21
C ILE C 18 30.94 13.77 15.78
N GLN C 19 29.84 14.47 16.07
CA GLN C 19 29.80 15.90 15.79
C GLN C 19 30.79 16.67 16.66
N PHE C 20 30.90 16.31 17.93
CA PHE C 20 31.83 16.99 18.83
C PHE C 20 33.27 16.82 18.36
N GLU C 21 33.65 15.60 17.97
CA GLU C 21 35.02 15.36 17.52
C GLU C 21 35.28 16.01 16.17
N GLY C 22 34.28 16.02 15.28
CA GLY C 22 34.47 16.62 13.98
C GLY C 22 34.74 18.12 14.06
N PHE C 23 33.93 18.82 14.86
CA PHE C 23 34.10 20.27 14.99
C PHE C 23 35.46 20.62 15.61
N TYR C 24 35.88 19.86 16.62
CA TYR C 24 37.16 20.13 17.25
C TYR C 24 38.31 19.89 16.27
N ARG C 25 38.19 18.87 15.41
CA ARG C 25 39.20 18.64 14.40
C ARG C 25 39.25 19.79 13.40
N PHE C 26 38.09 20.34 13.04
CA PHE C 26 38.05 21.48 12.14
C PHE C 26 38.76 22.69 12.75
N ILE C 27 38.54 22.93 14.04
CA ILE C 27 39.25 24.01 14.72
C ILE C 27 40.73 23.71 14.80
N ASP C 28 41.08 22.42 14.98
CA ASP C 28 42.48 22.03 15.16
C ASP C 28 43.28 22.24 13.89
N GLN C 29 42.92 21.53 12.82
CA GLN C 29 43.70 21.55 11.59
C GLN C 29 42.96 22.14 10.39
N GLY C 30 41.63 22.17 10.43
CA GLY C 30 40.88 22.69 9.29
C GLY C 30 41.13 24.18 9.06
N LEU C 31 41.18 24.96 10.14
CA LEU C 31 41.43 26.40 10.01
C LEU C 31 42.83 26.66 9.47
N ILE C 32 43.83 25.94 9.98
CA ILE C 32 45.21 26.17 9.54
C ILE C 32 45.40 25.69 8.11
N GLU C 33 44.86 24.51 7.79
CA GLU C 33 45.04 23.94 6.45
C GLU C 33 44.45 24.81 5.35
N GLU C 34 43.45 25.64 5.67
CA GLU C 34 42.82 26.50 4.69
C GLU C 34 43.43 27.88 4.63
N LEU C 35 43.86 28.43 5.78
CA LEU C 35 44.53 29.71 5.79
C LEU C 35 45.88 29.69 5.08
N SER C 36 46.43 28.49 4.82
CA SER C 36 47.68 28.38 4.08
C SER C 36 47.46 28.67 2.60
N GLN C 58 43.52 32.03 15.07
CA GLN C 58 43.27 33.05 16.09
C GLN C 58 41.79 33.40 16.16
N LEU C 59 41.12 32.85 17.17
CA LEU C 59 39.68 33.02 17.35
C LEU C 59 39.40 33.59 18.74
N VAL C 60 38.36 34.42 18.83
CA VAL C 60 37.95 35.00 20.10
C VAL C 60 36.54 34.52 20.40
N GLU C 61 36.23 34.36 21.69
CA GLU C 61 34.95 33.84 22.09
C GLU C 61 33.83 34.81 21.68
N PRO C 62 32.66 34.28 21.31
CA PRO C 62 31.58 35.15 20.83
C PRO C 62 31.12 36.14 21.90
N LEU C 63 30.76 37.34 21.44
CA LEU C 63 30.27 38.37 22.36
C LEU C 63 28.85 38.09 22.79
N ILE C 64 28.01 37.60 21.88
CA ILE C 64 26.64 37.25 22.22
C ILE C 64 26.62 35.86 22.86
N LYS C 65 25.74 35.70 23.85
CA LYS C 65 25.60 34.39 24.47
C LYS C 65 24.74 33.49 23.60
N GLU C 66 24.88 32.18 23.84
CA GLU C 66 24.14 31.20 23.05
C GLU C 66 22.63 31.39 23.18
N ARG C 67 22.18 31.70 24.40
CA ARG C 67 20.76 32.01 24.60
C ARG C 67 20.36 33.30 23.91
N ASP C 68 21.26 34.28 23.87
CA ASP C 68 20.93 35.55 23.24
C ASP C 68 20.85 35.42 21.72
N ALA C 69 21.66 34.55 21.12
CA ALA C 69 21.66 34.40 19.67
C ALA C 69 20.30 33.91 19.17
N VAL C 70 19.68 32.97 19.89
CA VAL C 70 18.39 32.45 19.46
C VAL C 70 17.24 33.34 19.94
N TYR C 71 17.41 34.00 21.09
CA TYR C 71 16.34 34.81 21.65
C TYR C 71 15.96 35.95 20.69
N GLU C 72 16.96 36.66 20.16
CA GLU C 72 16.71 37.80 19.28
C GLU C 72 17.26 37.55 17.87
N SER C 73 17.34 36.29 17.48
CA SER C 73 17.56 35.89 16.09
C SER C 73 18.91 36.37 15.54
N LEU C 74 19.98 35.94 16.20
CA LEU C 74 21.33 36.12 15.69
C LEU C 74 21.97 34.76 15.39
N THR C 75 23.23 34.80 14.98
CA THR C 75 24.01 33.63 14.65
C THR C 75 25.11 33.45 15.67
N TYR C 76 25.18 32.27 16.28
CA TYR C 76 26.21 31.96 17.27
C TYR C 76 27.51 31.69 16.53
N SER C 77 28.37 32.71 16.45
CA SER C 77 29.62 32.60 15.72
C SER C 77 30.71 33.35 16.48
N SER C 78 31.96 32.99 16.20
CA SER C 78 33.11 33.59 16.84
C SER C 78 33.95 34.33 15.79
N GLU C 79 34.66 35.36 16.24
CA GLU C 79 35.42 36.22 15.34
C GLU C 79 36.78 35.62 15.04
N LEU C 80 37.20 35.73 13.78
CA LEU C 80 38.52 35.27 13.34
C LEU C 80 39.37 36.49 13.00
N TYR C 81 40.51 36.61 13.65
CA TYR C 81 41.41 37.74 13.40
C TYR C 81 42.71 37.24 12.77
N PHE C 100 40.49 41.00 11.01
CA PHE C 100 39.06 40.76 10.90
C PHE C 100 38.73 40.09 9.57
N ILE C 101 38.86 38.77 9.54
CA ILE C 101 38.60 38.01 8.32
C ILE C 101 37.12 37.66 8.19
N GLY C 102 36.48 37.30 9.29
CA GLY C 102 35.06 36.98 9.25
C GLY C 102 34.60 36.37 10.56
N ASN C 103 33.43 35.73 10.52
CA ASN C 103 32.83 35.08 11.67
C ASN C 103 32.69 33.59 11.38
N ILE C 104 33.14 32.77 12.31
CA ILE C 104 33.09 31.31 12.21
C ILE C 104 32.00 30.81 13.14
N PRO C 105 30.96 30.13 12.64
CA PRO C 105 29.92 29.62 13.52
C PRO C 105 30.46 28.57 14.48
N LEU C 106 29.90 28.54 15.68
CA LEU C 106 30.32 27.63 16.73
C LEU C 106 29.25 26.57 16.96
N MET C 107 29.70 25.34 17.20
CA MET C 107 28.80 24.22 17.42
C MET C 107 28.51 24.07 18.92
N ASN C 108 27.24 23.84 19.24
CA ASN C 108 26.82 23.64 20.61
C ASN C 108 27.33 22.30 21.10
N SER C 109 27.42 22.15 22.43
CA SER C 109 27.84 20.88 23.01
C SER C 109 26.92 19.74 22.61
N LEU C 110 25.69 20.04 22.20
CA LEU C 110 24.78 19.04 21.65
C LEU C 110 25.01 18.79 20.17
N GLY C 111 25.88 19.57 19.52
CA GLY C 111 26.22 19.33 18.14
C GLY C 111 25.42 20.11 17.12
N THR C 112 24.74 21.18 17.51
CA THR C 112 23.91 21.96 16.61
C THR C 112 24.37 23.41 16.58
N PHE C 113 24.34 24.01 15.39
CA PHE C 113 24.67 25.42 15.23
C PHE C 113 23.42 26.27 15.35
N ILE C 114 23.64 27.58 15.50
CA ILE C 114 22.56 28.57 15.55
C ILE C 114 22.86 29.64 14.51
N VAL C 115 21.97 29.79 13.53
CA VAL C 115 22.07 30.85 12.55
C VAL C 115 20.73 31.58 12.49
N ASN C 116 20.78 32.90 12.63
CA ASN C 116 19.58 33.74 12.64
C ASN C 116 18.61 33.31 13.73
N GLY C 117 19.14 32.75 14.82
CA GLY C 117 18.29 32.23 15.88
C GLY C 117 17.61 30.92 15.56
N ILE C 118 18.13 30.16 14.61
CA ILE C 118 17.54 28.88 14.21
C ILE C 118 18.59 27.79 14.43
N TYR C 119 18.19 26.75 15.16
CA TYR C 119 19.07 25.60 15.36
C TYR C 119 19.22 24.82 14.06
N ARG C 120 20.46 24.49 13.71
CA ARG C 120 20.74 23.75 12.49
C ARG C 120 21.70 22.60 12.78
N VAL C 121 21.54 21.53 12.02
CA VAL C 121 22.37 20.32 12.15
C VAL C 121 23.00 20.02 10.81
N VAL C 122 24.28 19.68 10.83
CA VAL C 122 25.01 19.26 9.64
C VAL C 122 25.11 17.74 9.65
N ILE C 123 24.52 17.10 8.66
CA ILE C 123 24.45 15.65 8.61
C ILE C 123 25.58 15.14 7.72
N ASN C 124 25.90 13.86 7.88
CA ASN C 124 27.00 13.23 7.18
C ASN C 124 26.57 12.71 5.82
N GLN C 125 27.55 12.54 4.94
CA GLN C 125 27.30 12.12 3.56
C GLN C 125 28.17 10.91 3.23
N ILE C 126 27.61 10.02 2.40
CA ILE C 126 28.32 8.84 1.92
C ILE C 126 28.49 8.98 0.41
N LEU C 127 29.68 8.68 -0.09
CA LEU C 127 29.95 8.77 -1.52
C LEU C 127 31.15 7.90 -1.85
N GLN C 128 31.34 7.65 -3.14
CA GLN C 128 32.41 6.76 -3.60
C GLN C 128 33.76 7.29 -3.17
N SER C 129 34.61 6.39 -2.67
CA SER C 129 35.93 6.76 -2.19
C SER C 129 36.84 7.20 -3.33
N ASP C 305 33.19 -4.53 -6.49
CA ASP C 305 32.15 -4.35 -5.49
C ASP C 305 32.00 -2.88 -5.13
N MET C 306 31.14 -2.17 -5.89
CA MET C 306 30.98 -0.74 -5.67
C MET C 306 30.19 -0.43 -4.41
N ASN C 307 29.29 -1.32 -4.01
CA ASN C 307 28.47 -1.09 -2.82
C ASN C 307 29.17 -1.49 -1.54
N HIS C 308 30.38 -2.05 -1.62
CA HIS C 308 31.16 -2.36 -0.43
C HIS C 308 31.49 -1.09 0.33
N LEU C 309 31.32 -1.13 1.65
CA LEU C 309 31.59 0.04 2.47
C LEU C 309 33.07 0.39 2.51
N LYS C 310 33.95 -0.53 2.12
CA LYS C 310 35.37 -0.24 2.06
C LYS C 310 35.74 0.67 0.91
N ASN C 311 34.82 0.93 -0.01
CA ASN C 311 35.02 1.86 -1.11
C ASN C 311 34.22 3.14 -0.92
N LYS C 312 33.92 3.50 0.32
CA LYS C 312 33.15 4.69 0.65
C LYS C 312 33.95 5.60 1.59
N ARG C 313 33.42 6.81 1.76
CA ARG C 313 33.96 7.74 2.75
C ARG C 313 32.80 8.51 3.36
N ILE C 314 33.00 8.98 4.58
CA ILE C 314 32.01 9.74 5.33
C ILE C 314 32.55 11.14 5.54
N ARG C 315 31.78 12.14 5.11
CA ARG C 315 32.14 13.54 5.29
C ARG C 315 31.32 14.12 6.43
N SER C 316 31.98 14.46 7.53
CA SER C 316 31.32 14.99 8.71
C SER C 316 31.19 16.51 8.60
N VAL C 317 30.83 17.15 9.71
CA VAL C 317 30.83 18.61 9.76
C VAL C 317 32.24 19.16 9.61
N ALA C 318 33.26 18.38 9.96
CA ALA C 318 34.64 18.83 9.78
C ALA C 318 34.96 19.04 8.32
N ASP C 319 34.53 18.12 7.45
CA ASP C 319 34.79 18.27 6.02
C ASP C 319 33.90 19.34 5.40
N LEU C 320 32.66 19.48 5.87
CA LEU C 320 31.77 20.47 5.29
C LEU C 320 32.15 21.89 5.71
N LEU C 321 32.57 22.08 6.95
CA LEU C 321 32.94 23.41 7.41
C LEU C 321 34.27 23.85 6.81
N GLN C 322 35.23 22.93 6.72
CA GLN C 322 36.52 23.26 6.13
C GLN C 322 36.39 23.53 4.63
N ASP C 323 35.53 22.78 3.94
CA ASP C 323 35.33 22.99 2.51
C ASP C 323 34.76 24.38 2.22
N GLN C 324 33.79 24.81 3.04
CA GLN C 324 33.24 26.16 2.86
C GLN C 324 34.30 27.22 3.14
N LEU C 325 35.26 26.92 4.01
CA LEU C 325 36.39 27.83 4.20
C LEU C 325 37.23 27.94 2.94
N GLY C 326 37.30 26.86 2.16
CA GLY C 326 37.97 26.93 0.87
C GLY C 326 37.27 27.89 -0.09
N LEU C 327 35.94 27.85 -0.10
CA LEU C 327 35.18 28.81 -0.89
C LEU C 327 35.22 30.21 -0.27
N ALA C 328 35.24 30.28 1.06
CA ALA C 328 35.19 31.58 1.74
C ALA C 328 36.44 32.41 1.46
N LEU C 329 37.61 31.77 1.47
CA LEU C 329 38.86 32.49 1.29
C LEU C 329 39.16 32.83 -0.17
N ALA C 330 38.43 32.24 -1.12
CA ALA C 330 38.64 32.54 -2.53
C ALA C 330 37.82 33.76 -2.94
N LEU C 361 33.67 35.41 4.49
CA LEU C 361 33.51 34.38 5.51
C LEU C 361 32.10 34.38 6.08
N THR C 362 31.70 35.55 6.60
CA THR C 362 30.42 35.65 7.31
C THR C 362 29.25 35.35 6.38
N THR C 363 29.30 35.88 5.16
CA THR C 363 28.17 35.72 4.25
C THR C 363 28.06 34.30 3.72
N THR C 364 29.19 33.71 3.31
CA THR C 364 29.14 32.37 2.72
C THR C 364 28.77 31.31 3.75
N TYR C 365 29.23 31.45 4.99
CA TYR C 365 28.80 30.54 6.04
C TYR C 365 27.32 30.72 6.35
N GLU C 366 26.84 31.95 6.30
CA GLU C 366 25.41 32.21 6.47
C GLU C 366 24.59 31.56 5.38
N SER C 367 25.08 31.61 4.14
CA SER C 367 24.37 31.00 3.02
C SER C 367 24.54 29.49 2.97
N PHE C 368 25.55 28.95 3.63
CA PHE C 368 25.73 27.50 3.63
C PHE C 368 24.67 26.82 4.48
N PHE C 369 24.42 27.35 5.69
CA PHE C 369 23.41 26.74 6.55
C PHE C 369 22.01 26.95 6.01
N GLY C 370 21.75 28.10 5.36
CA GLY C 370 20.42 28.36 4.83
C GLY C 370 20.08 27.48 3.64
N LEU C 371 21.04 27.24 2.75
CA LEU C 371 20.74 26.67 1.45
C LEU C 371 21.19 25.22 1.26
N HIS C 372 22.26 24.79 1.92
CA HIS C 372 22.80 23.47 1.66
C HIS C 372 21.81 22.39 2.11
N PRO C 373 21.56 21.36 1.30
CA PRO C 373 20.66 20.29 1.74
C PRO C 373 21.17 19.53 2.96
N LEU C 374 22.48 19.38 3.11
CA LEU C 374 23.03 18.65 4.24
C LEU C 374 22.92 19.43 5.54
N SER C 375 22.59 20.72 5.48
CA SER C 375 22.32 21.51 6.68
C SER C 375 20.80 21.60 6.86
N GLN C 376 20.31 21.08 7.97
CA GLN C 376 18.88 20.94 8.19
C GLN C 376 18.50 21.54 9.53
N VAL C 377 17.24 21.95 9.63
CA VAL C 377 16.73 22.50 10.90
C VAL C 377 16.60 21.36 11.90
N LEU C 378 17.12 21.59 13.10
CA LEU C 378 17.07 20.57 14.15
C LEU C 378 15.63 20.26 14.52
N ASP C 379 15.30 18.98 14.61
CA ASP C 379 13.96 18.55 15.02
C ASP C 379 13.92 18.49 16.54
N ARG C 380 13.05 19.29 17.15
CA ARG C 380 12.97 19.41 18.59
C ARG C 380 11.60 18.98 19.11
N THR C 381 11.00 17.97 18.47
CA THR C 381 9.73 17.44 18.94
C THR C 381 9.88 16.83 20.33
N ASN C 382 10.89 16.01 20.53
CA ASN C 382 11.15 15.36 21.80
C ASN C 382 12.65 15.10 21.89
N PRO C 383 13.15 14.73 23.08
CA PRO C 383 14.60 14.49 23.21
C PRO C 383 15.12 13.43 22.26
N LEU C 384 14.31 12.47 21.85
CA LEU C 384 14.77 11.46 20.91
C LEU C 384 15.08 12.05 19.54
N THR C 385 14.28 13.01 19.09
CA THR C 385 14.50 13.60 17.76
C THR C 385 15.72 14.49 17.72
N GLN C 386 16.10 15.08 18.86
CA GLN C 386 17.24 16.00 18.87
C GLN C 386 18.54 15.29 18.55
N ILE C 387 18.70 14.04 19.01
CA ILE C 387 19.97 13.35 18.88
C ILE C 387 20.03 12.52 17.60
N VAL C 388 18.94 11.87 17.21
CA VAL C 388 18.98 11.00 16.04
C VAL C 388 19.13 11.78 14.75
N HIS C 389 18.78 13.07 14.75
CA HIS C 389 18.90 13.87 13.53
C HIS C 389 20.36 14.04 13.13
N GLY C 390 21.25 14.21 14.11
CA GLY C 390 22.66 14.43 13.82
C GLY C 390 23.44 13.20 13.41
N ARG C 391 22.86 12.01 13.54
CA ARG C 391 23.53 10.76 13.23
C ARG C 391 23.07 10.16 11.91
N LYS C 392 22.48 10.95 11.03
CA LYS C 392 21.99 10.43 9.77
C LYS C 392 23.09 10.40 8.73
N LEU C 393 23.01 9.41 7.84
CA LEU C 393 23.95 9.27 6.72
C LEU C 393 23.16 9.34 5.43
N SER C 394 23.61 10.18 4.50
CA SER C 394 22.87 10.44 3.26
C SER C 394 23.75 10.15 2.06
N TYR C 395 23.17 9.49 1.06
CA TYR C 395 23.78 9.39 -0.26
C TYR C 395 23.45 10.59 -1.14
N LEU C 396 22.47 11.39 -0.77
CA LEU C 396 22.07 12.56 -1.55
C LEU C 396 22.99 13.73 -1.23
N GLY C 397 22.61 14.92 -1.69
CA GLY C 397 23.43 16.09 -1.50
C GLY C 397 24.38 16.30 -2.67
N PRO C 398 25.06 17.44 -2.69
CA PRO C 398 26.01 17.70 -3.78
C PRO C 398 27.10 16.64 -3.82
N GLY C 399 27.44 16.21 -5.04
CA GLY C 399 28.35 15.11 -5.22
C GLY C 399 27.76 13.74 -4.97
N GLY C 400 26.45 13.66 -4.70
CA GLY C 400 25.82 12.40 -4.39
C GLY C 400 24.67 12.11 -5.34
N LEU C 401 24.29 10.84 -5.36
CA LEU C 401 23.26 10.37 -6.27
C LEU C 401 21.88 10.87 -5.88
N THR C 402 21.05 11.09 -6.90
CA THR C 402 19.65 11.49 -6.71
C THR C 402 18.80 10.21 -6.70
N GLY C 403 17.55 10.33 -6.24
CA GLY C 403 16.67 9.17 -6.22
C GLY C 403 16.48 8.55 -7.59
N ARG C 404 16.32 9.37 -8.62
CA ARG C 404 16.32 8.86 -9.99
C ARG C 404 17.68 8.31 -10.36
N THR C 405 18.75 8.98 -9.93
CA THR C 405 20.11 8.52 -10.21
C THR C 405 20.43 7.23 -9.46
N ALA C 406 19.75 6.98 -8.35
CA ALA C 406 20.09 5.85 -7.49
C ALA C 406 19.95 4.52 -8.25
N ASN C 407 20.96 3.68 -8.09
CA ASN C 407 20.95 2.34 -8.68
C ASN C 407 20.12 1.43 -7.79
N PHE C 408 19.49 0.42 -8.41
CA PHE C 408 18.66 -0.51 -7.67
C PHE C 408 19.47 -1.46 -6.78
N ARG C 409 20.74 -1.71 -7.13
CA ARG C 409 21.58 -2.51 -6.25
C ARG C 409 21.95 -1.74 -4.99
N ILE C 410 22.09 -0.41 -5.09
CA ILE C 410 22.12 0.44 -3.91
C ILE C 410 20.71 0.45 -3.32
N ARG C 411 20.56 1.01 -2.13
CA ARG C 411 19.38 0.92 -1.27
C ARG C 411 19.24 -0.45 -0.62
N ASP C 412 20.11 -1.39 -0.94
CA ASP C 412 20.09 -2.73 -0.37
C ASP C 412 21.06 -2.82 0.80
N ILE C 413 20.90 -3.87 1.59
CA ILE C 413 21.76 -4.09 2.75
C ILE C 413 23.03 -4.78 2.29
N HIS C 414 24.18 -4.17 2.59
CA HIS C 414 25.42 -4.86 2.29
C HIS C 414 26.01 -5.43 3.57
N PRO C 415 26.65 -6.60 3.51
CA PRO C 415 27.22 -7.19 4.73
C PRO C 415 28.30 -6.35 5.38
N SER C 416 28.89 -5.41 4.66
CA SER C 416 29.85 -4.50 5.26
C SER C 416 29.19 -3.48 6.18
N HIS C 417 27.86 -3.40 6.18
CA HIS C 417 27.14 -2.45 7.02
C HIS C 417 27.02 -2.90 8.47
N TYR C 418 27.32 -4.16 8.76
CA TYR C 418 27.04 -4.72 10.08
C TYR C 418 27.91 -4.07 11.14
N GLY C 419 27.27 -3.38 12.09
CA GLY C 419 27.96 -2.65 13.12
C GLY C 419 28.26 -1.20 12.79
N ARG C 420 28.03 -0.79 11.54
CA ARG C 420 28.30 0.58 11.11
C ARG C 420 27.04 1.32 10.70
N ILE C 421 26.22 0.74 9.82
CA ILE C 421 24.96 1.32 9.38
C ILE C 421 23.83 0.41 9.85
N CYS C 422 22.82 1.00 10.47
CA CYS C 422 21.70 0.22 10.97
C CYS C 422 20.93 -0.38 9.80
N PRO C 423 20.69 -1.70 9.79
CA PRO C 423 19.95 -2.31 8.68
C PRO C 423 18.45 -2.05 8.72
N ILE C 424 17.93 -1.50 9.82
CA ILE C 424 16.50 -1.25 9.95
C ILE C 424 16.14 0.18 9.58
N ASP C 425 16.86 1.15 10.13
CA ASP C 425 16.49 2.56 9.98
C ASP C 425 16.74 3.03 8.55
N THR C 426 15.68 3.53 7.91
CA THR C 426 15.77 4.11 6.58
C THR C 426 14.58 5.03 6.38
N SER C 427 14.68 5.87 5.35
CA SER C 427 13.61 6.80 5.05
C SER C 427 12.49 6.10 4.28
N GLU C 428 11.29 6.64 4.38
CA GLU C 428 10.11 6.09 3.72
C GLU C 428 9.77 6.93 2.51
N GLY C 429 9.56 6.26 1.37
CA GLY C 429 9.20 6.92 0.13
C GLY C 429 10.26 6.71 -0.94
N ILE C 430 10.38 7.70 -1.82
CA ILE C 430 11.33 7.63 -2.93
C ILE C 430 12.77 7.56 -2.41
N ASN C 431 13.02 8.12 -1.23
CA ASN C 431 14.36 8.17 -0.66
C ASN C 431 14.68 6.96 0.21
N VAL C 432 14.02 5.82 -0.03
CA VAL C 432 14.25 4.64 0.79
C VAL C 432 15.60 4.02 0.42
N GLY C 433 16.36 3.63 1.43
CA GLY C 433 17.66 3.04 1.23
C GLY C 433 18.77 4.03 0.94
N LEU C 434 18.46 5.32 0.86
CA LEU C 434 19.46 6.35 0.59
C LEU C 434 19.74 7.22 1.81
N ILE C 435 18.87 7.21 2.81
CA ILE C 435 19.09 7.90 4.07
C ILE C 435 19.35 6.84 5.12
N GLY C 436 20.57 6.78 5.63
CA GLY C 436 20.98 5.80 6.59
C GLY C 436 20.93 6.32 8.01
N SER C 437 21.58 5.58 8.90
CA SER C 437 21.66 5.96 10.30
C SER C 437 22.81 5.19 10.95
N LEU C 438 23.58 5.90 11.76
CA LEU C 438 24.73 5.28 12.41
C LEU C 438 24.29 4.35 13.53
N SER C 439 25.10 3.33 13.78
CA SER C 439 24.84 2.40 14.87
C SER C 439 25.23 3.03 16.20
N ILE C 440 24.83 2.36 17.29
CA ILE C 440 25.07 2.89 18.63
C ILE C 440 26.56 2.98 18.91
N HIS C 441 27.32 1.95 18.55
CA HIS C 441 28.74 1.88 18.85
C HIS C 441 29.62 2.26 17.66
N ALA C 442 29.03 2.77 16.58
CA ALA C 442 29.81 3.13 15.41
C ALA C 442 30.70 4.33 15.68
N ARG C 443 31.79 4.40 14.93
CA ARG C 443 32.75 5.49 15.05
C ARG C 443 33.31 5.80 13.67
N ILE C 444 33.70 7.05 13.48
CA ILE C 444 34.27 7.51 12.22
C ILE C 444 35.79 7.48 12.35
N GLY C 445 36.44 6.76 11.45
CA GLY C 445 37.88 6.59 11.50
C GLY C 445 38.62 7.75 10.86
N ASP C 446 39.94 7.57 10.76
CA ASP C 446 40.81 8.61 10.21
C ASP C 446 40.82 8.63 8.69
N TRP C 447 40.33 7.58 8.04
CA TRP C 447 40.27 7.52 6.58
C TRP C 447 38.86 7.74 6.06
N GLY C 448 37.97 8.30 6.87
CA GLY C 448 36.60 8.51 6.47
C GLY C 448 35.73 7.28 6.49
N SER C 449 36.22 6.18 7.05
CA SER C 449 35.47 4.94 7.11
C SER C 449 34.82 4.77 8.48
N LEU C 450 33.75 3.99 8.52
CA LEU C 450 33.03 3.71 9.76
C LEU C 450 33.63 2.48 10.43
N GLU C 451 33.76 2.56 11.75
CA GLU C 451 34.36 1.48 12.53
C GLU C 451 33.42 1.06 13.65
N SER C 452 33.45 -0.22 13.98
CA SER C 452 32.71 -0.79 15.09
C SER C 452 33.63 -1.63 15.94
N PRO C 453 33.41 -1.67 17.25
CA PRO C 453 34.34 -2.40 18.14
C PRO C 453 34.03 -3.88 18.17
N PHE C 454 35.09 -4.69 18.13
CA PHE C 454 35.00 -6.13 18.24
C PHE C 454 36.03 -6.63 19.24
N TYR C 455 35.67 -7.70 19.95
CA TYR C 455 36.52 -8.27 20.99
C TYR C 455 37.44 -9.32 20.38
N GLU C 456 38.74 -9.16 20.58
CA GLU C 456 39.73 -10.05 19.99
C GLU C 456 40.00 -11.25 20.87
N LEU C 457 39.89 -12.44 20.29
CA LEU C 457 40.31 -13.68 20.92
C LEU C 457 41.66 -14.07 20.35
N VAL C 458 42.69 -14.09 21.18
CA VAL C 458 44.06 -14.26 20.72
C VAL C 458 44.73 -15.36 21.55
N GLU C 459 45.82 -15.92 21.00
CA GLU C 459 46.50 -17.05 21.60
C GLU C 459 47.17 -16.70 22.93
N LYS C 460 47.79 -17.69 23.55
CA LYS C 460 48.38 -17.50 24.88
C LYS C 460 49.52 -16.49 24.83
N SER C 461 50.46 -16.66 23.89
CA SER C 461 51.68 -15.86 23.85
C SER C 461 51.41 -14.53 23.15
N LYS C 462 50.72 -13.64 23.86
CA LYS C 462 50.45 -12.30 23.38
C LYS C 462 50.01 -11.44 24.54
N LYS C 463 50.58 -10.23 24.64
CA LYS C 463 50.20 -9.32 25.71
C LYS C 463 48.74 -8.90 25.56
N ALA C 464 48.41 -8.20 24.48
CA ALA C 464 47.04 -7.79 24.16
C ALA C 464 46.41 -7.03 25.34
N GLN C 465 46.98 -5.86 25.62
CA GLN C 465 46.54 -5.06 26.76
C GLN C 465 45.06 -4.69 26.62
N ILE C 466 44.65 -4.24 25.44
CA ILE C 466 43.25 -3.92 25.16
C ILE C 466 42.78 -4.83 24.03
N ARG C 467 41.77 -5.65 24.32
CA ARG C 467 41.24 -6.61 23.37
C ARG C 467 40.08 -6.06 22.55
N MET C 468 39.70 -4.80 22.76
CA MET C 468 38.62 -4.17 22.01
C MET C 468 39.23 -3.27 20.94
N LEU C 469 39.05 -3.64 19.68
CA LEU C 469 39.64 -2.91 18.56
C LEU C 469 38.61 -2.72 17.46
N PHE C 470 38.68 -1.56 16.81
CA PHE C 470 37.69 -1.14 15.83
C PHE C 470 38.10 -1.58 14.43
N LEU C 471 37.13 -2.07 13.66
CA LEU C 471 37.36 -2.52 12.29
C LEU C 471 36.79 -1.51 11.31
N SER C 472 37.64 -1.04 10.40
CA SER C 472 37.14 -0.46 9.17
C SER C 472 36.55 -1.56 8.30
N PRO C 473 35.60 -1.25 7.42
CA PRO C 473 34.98 -2.30 6.62
C PRO C 473 35.95 -3.02 5.69
N SER C 474 37.08 -2.42 5.37
CA SER C 474 38.06 -3.09 4.50
C SER C 474 38.63 -4.33 5.16
N GLN C 475 38.93 -4.25 6.46
CA GLN C 475 39.47 -5.38 7.21
C GLN C 475 38.39 -6.20 7.89
N ASP C 476 37.11 -5.83 7.73
CA ASP C 476 36.04 -6.61 8.33
C ASP C 476 35.89 -7.97 7.66
N GLU C 477 36.17 -8.05 6.36
CA GLU C 477 36.01 -9.31 5.63
C GLU C 477 36.90 -10.41 6.18
N TYR C 478 38.17 -10.09 6.41
CA TYR C 478 39.18 -11.11 6.63
C TYR C 478 39.28 -11.56 8.08
N TYR C 479 38.21 -11.39 8.84
CA TYR C 479 38.13 -11.87 10.21
C TYR C 479 36.91 -12.76 10.35
N MET C 480 37.07 -13.86 11.08
CA MET C 480 35.96 -14.75 11.40
C MET C 480 35.32 -14.24 12.68
N ILE C 481 34.18 -13.57 12.54
CA ILE C 481 33.50 -12.92 13.66
C ILE C 481 32.28 -13.75 14.05
N ALA C 482 32.20 -14.10 15.33
CA ALA C 482 31.10 -14.90 15.86
C ALA C 482 30.22 -14.04 16.75
N ALA C 483 28.92 -14.35 16.74
CA ALA C 483 27.95 -13.68 17.59
C ALA C 483 27.35 -14.61 18.63
N GLY C 484 27.70 -15.90 18.62
CA GLY C 484 27.18 -16.84 19.58
C GLY C 484 27.92 -16.79 20.91
N ASN C 485 27.52 -17.68 21.81
CA ASN C 485 28.07 -17.77 23.14
C ASN C 485 28.75 -19.11 23.34
N SER C 486 29.45 -19.24 24.48
CA SER C 486 30.25 -20.42 24.78
C SER C 486 29.63 -21.28 25.87
N LEU C 487 28.31 -21.33 25.93
CA LEU C 487 27.60 -22.15 26.92
C LEU C 487 27.16 -23.48 26.30
N ALA C 488 28.14 -24.28 25.89
CA ALA C 488 27.87 -25.56 25.26
C ALA C 488 29.04 -26.49 25.53
N LEU C 489 28.75 -27.70 26.03
CA LEU C 489 29.79 -28.66 26.34
C LEU C 489 29.29 -30.07 26.05
N ASN C 490 30.15 -30.88 25.43
CA ASN C 490 29.89 -32.29 25.26
C ASN C 490 31.07 -33.08 25.81
N ARG C 491 31.14 -34.38 25.53
CA ARG C 491 32.22 -35.20 26.08
C ARG C 491 33.58 -34.82 25.54
N GLY C 492 33.66 -34.00 24.50
CA GLY C 492 34.92 -33.45 24.06
C GLY C 492 35.34 -32.27 24.92
N ILE C 493 35.88 -31.22 24.31
CA ILE C 493 36.24 -30.00 25.02
C ILE C 493 35.65 -28.80 24.28
N GLN C 494 35.72 -27.64 24.93
CA GLN C 494 34.95 -26.48 24.48
C GLN C 494 35.40 -25.94 23.13
N GLU C 495 36.62 -26.23 22.69
CA GLU C 495 37.17 -25.54 21.52
C GLU C 495 36.54 -26.01 20.22
N GLU C 496 36.09 -27.26 20.12
CA GLU C 496 35.44 -27.73 18.90
C GLU C 496 33.92 -27.66 18.96
N GLN C 497 33.36 -26.85 19.85
CA GLN C 497 31.94 -26.53 19.77
C GLN C 497 31.73 -25.50 18.67
N VAL C 498 30.67 -25.68 17.89
CA VAL C 498 30.45 -24.91 16.67
C VAL C 498 29.50 -23.75 16.96
N VAL C 499 29.76 -22.61 16.33
CA VAL C 499 28.92 -21.43 16.48
C VAL C 499 28.78 -20.74 15.14
N PRO C 500 27.68 -20.02 14.94
CA PRO C 500 27.54 -19.21 13.73
C PRO C 500 28.58 -18.09 13.70
N ALA C 501 29.05 -17.78 12.49
CA ALA C 501 30.10 -16.78 12.33
C ALA C 501 29.98 -16.12 10.95
N ARG C 502 30.65 -14.99 10.81
CA ARG C 502 30.69 -14.24 9.57
C ARG C 502 32.09 -14.22 8.99
N TYR C 503 32.19 -14.43 7.68
CA TYR C 503 33.48 -14.44 7.01
C TYR C 503 33.25 -14.29 5.51
N ARG C 504 33.91 -13.31 4.91
CA ARG C 504 33.90 -13.12 3.45
C ARG C 504 32.47 -12.96 2.91
N GLN C 505 31.72 -12.04 3.52
CA GLN C 505 30.36 -11.70 3.14
C GLN C 505 29.36 -12.85 3.30
N GLU C 506 29.75 -13.97 3.89
CA GLU C 506 28.79 -15.07 4.07
C GLU C 506 28.83 -15.55 5.53
N PHE C 507 27.82 -16.36 5.86
CA PHE C 507 27.62 -16.88 7.21
C PHE C 507 28.06 -18.34 7.25
N LEU C 508 28.83 -18.70 8.27
CA LEU C 508 29.37 -20.05 8.43
C LEU C 508 28.94 -20.63 9.76
N THR C 509 29.47 -21.84 10.04
CA THR C 509 29.28 -22.50 11.32
C THR C 509 30.56 -23.30 11.58
N ILE C 510 31.48 -22.69 12.32
CA ILE C 510 32.80 -23.26 12.55
C ILE C 510 33.05 -23.38 14.06
N ALA C 511 34.15 -24.06 14.39
CA ALA C 511 34.52 -24.27 15.79
C ALA C 511 35.02 -22.97 16.42
N TRP C 512 35.01 -22.95 17.76
CA TRP C 512 35.45 -21.76 18.48
C TRP C 512 36.92 -21.48 18.27
N GLU C 513 37.73 -22.52 18.06
CA GLU C 513 39.17 -22.32 17.90
C GLU C 513 39.52 -21.60 16.60
N GLU C 514 38.59 -21.49 15.67
CA GLU C 514 38.81 -20.77 14.43
C GLU C 514 38.20 -19.37 14.43
N VAL C 515 37.70 -18.93 15.58
CA VAL C 515 37.07 -17.61 15.70
C VAL C 515 38.13 -16.60 16.12
N HIS C 516 38.20 -15.48 15.40
CA HIS C 516 39.13 -14.42 15.73
C HIS C 516 38.50 -13.36 16.64
N LEU C 517 37.35 -12.84 16.24
CA LEU C 517 36.71 -11.74 16.94
C LEU C 517 35.30 -12.14 17.37
N ARG C 518 34.82 -11.49 18.42
CA ARG C 518 33.49 -11.70 18.96
C ARG C 518 32.71 -10.40 18.98
N SER C 519 31.44 -10.47 18.61
CA SER C 519 30.52 -9.36 18.76
C SER C 519 29.79 -9.53 20.10
N ILE C 520 30.11 -8.68 21.06
CA ILE C 520 29.62 -8.85 22.42
C ILE C 520 28.71 -7.72 22.88
N PHE C 521 28.74 -6.55 22.24
CA PHE C 521 27.87 -5.46 22.67
C PHE C 521 26.42 -5.76 22.27
N PRO C 522 25.46 -5.46 23.14
CA PRO C 522 24.06 -5.79 22.84
C PRO C 522 23.42 -4.86 21.81
N PHE C 523 23.80 -3.58 21.84
CA PHE C 523 23.23 -2.57 20.96
C PHE C 523 24.14 -2.25 19.78
N GLN C 524 25.00 -3.19 19.39
CA GLN C 524 26.05 -2.87 18.43
C GLN C 524 25.49 -2.60 17.03
N TYR C 525 24.49 -3.37 16.61
CA TYR C 525 24.07 -3.37 15.21
C TYR C 525 22.90 -2.44 14.92
N PHE C 526 22.41 -1.69 15.91
CA PHE C 526 21.20 -0.91 15.75
C PHE C 526 21.45 0.56 16.02
N SER C 527 20.50 1.38 15.59
CA SER C 527 20.51 2.81 15.86
C SER C 527 19.73 3.10 17.14
N ILE C 528 19.63 4.39 17.48
CA ILE C 528 18.94 4.77 18.71
C ILE C 528 17.46 4.41 18.64
N GLY C 529 16.85 4.58 17.47
CA GLY C 529 15.43 4.31 17.35
C GLY C 529 15.09 2.86 17.58
N ALA C 530 15.84 1.96 16.95
CA ALA C 530 15.59 0.52 17.11
C ALA C 530 16.07 -0.01 18.45
N SER C 531 16.89 0.74 19.17
CA SER C 531 17.42 0.31 20.46
C SER C 531 16.51 0.68 21.62
N LEU C 532 15.36 1.29 21.35
CA LEU C 532 14.39 1.63 22.38
C LEU C 532 13.16 0.75 22.34
N ILE C 533 13.23 -0.37 21.62
CA ILE C 533 12.10 -1.28 21.47
C ILE C 533 12.37 -2.50 22.35
N PRO C 534 11.66 -2.69 23.45
CA PRO C 534 11.85 -3.90 24.25
C PRO C 534 11.28 -5.11 23.55
N PHE C 535 11.95 -6.25 23.74
CA PHE C 535 11.59 -7.50 23.09
C PHE C 535 11.53 -7.35 21.58
N ILE C 536 12.51 -6.65 21.02
CA ILE C 536 12.53 -6.40 19.58
C ILE C 536 12.72 -7.69 18.79
N GLU C 537 13.37 -8.69 19.39
CA GLU C 537 13.62 -9.94 18.68
C GLU C 537 12.35 -10.74 18.41
N HIS C 538 11.23 -10.37 19.02
CA HIS C 538 9.95 -11.01 18.75
C HIS C 538 9.08 -10.23 17.79
N ASN C 539 9.56 -9.08 17.31
CA ASN C 539 8.86 -8.28 16.32
C ASN C 539 9.48 -8.51 14.95
N ASP C 540 8.65 -8.56 13.93
CA ASP C 540 9.15 -8.62 12.56
C ASP C 540 9.89 -7.33 12.21
N ALA C 541 11.00 -7.46 11.50
CA ALA C 541 11.84 -6.30 11.21
C ALA C 541 11.12 -5.25 10.38
N ASN C 542 10.06 -5.62 9.66
CA ASN C 542 9.29 -4.63 8.91
C ASN C 542 8.64 -3.62 9.83
N ARG C 543 8.07 -4.07 10.94
CA ARG C 543 7.45 -3.16 11.90
C ARG C 543 8.47 -2.44 12.76
N ALA C 544 9.70 -2.95 12.85
CA ALA C 544 10.74 -2.25 13.60
C ALA C 544 11.09 -0.92 12.96
N LEU C 545 11.08 -0.88 11.62
CA LEU C 545 11.35 0.38 10.92
C LEU C 545 10.25 1.40 11.19
N MET C 546 8.98 0.97 11.16
CA MET C 546 7.89 1.89 11.44
C MET C 546 7.84 2.28 12.90
N SER C 547 8.20 1.37 13.80
CA SER C 547 8.21 1.70 15.23
C SER C 547 9.22 2.80 15.54
N SER C 548 10.38 2.76 14.88
CA SER C 548 11.38 3.80 15.09
C SER C 548 10.86 5.15 14.64
N ASN C 549 10.17 5.20 13.51
CA ASN C 549 9.60 6.46 13.03
C ASN C 549 8.54 6.99 13.98
N MET C 550 7.69 6.11 14.50
CA MET C 550 6.61 6.55 15.38
C MET C 550 7.13 7.13 16.68
N GLN C 551 8.21 6.57 17.21
CA GLN C 551 8.79 7.10 18.44
C GLN C 551 9.32 8.51 18.26
N ARG C 552 9.64 8.91 17.03
CA ARG C 552 10.12 10.26 16.76
C ARG C 552 8.99 11.27 16.62
N GLN C 553 7.74 10.80 16.57
CA GLN C 553 6.58 11.70 16.48
C GLN C 553 5.84 11.83 17.80
N ALA C 554 6.37 11.25 18.87
CA ALA C 554 5.70 11.30 20.17
C ALA C 554 5.72 12.72 20.72
N VAL C 555 4.58 13.15 21.26
CA VAL C 555 4.43 14.49 21.83
C VAL C 555 4.75 14.44 23.32
N PRO C 556 5.63 15.31 23.81
CA PRO C 556 5.81 15.41 25.27
C PRO C 556 4.51 15.80 25.95
N LEU C 557 4.17 15.06 27.00
CA LEU C 557 2.93 15.29 27.73
C LEU C 557 3.16 16.27 28.87
N SER C 558 2.08 16.94 29.28
CA SER C 558 2.17 17.94 30.34
C SER C 558 2.72 17.33 31.63
N ARG C 559 2.47 16.04 31.86
CA ARG C 559 3.06 15.30 32.96
C ARG C 559 3.67 14.02 32.38
N SER C 560 4.91 13.74 32.74
CA SER C 560 5.64 12.62 32.19
C SER C 560 5.89 11.55 33.25
N GLU C 561 6.01 10.31 32.80
CA GLU C 561 6.29 9.19 33.70
C GLU C 561 7.14 8.17 32.96
N LYS C 562 7.96 7.45 33.72
CA LYS C 562 8.86 6.46 33.14
C LYS C 562 8.10 5.20 32.72
N CYS C 563 8.68 4.47 31.78
CA CYS C 563 8.12 3.21 31.33
C CYS C 563 8.44 2.11 32.32
N ILE C 564 7.46 1.24 32.59
CA ILE C 564 7.70 0.09 33.44
C ILE C 564 8.70 -0.86 32.80
N VAL C 565 8.59 -1.06 31.49
CA VAL C 565 9.47 -1.93 30.74
C VAL C 565 10.25 -1.10 29.73
N GLY C 566 11.58 -1.24 29.76
CA GLY C 566 12.44 -0.53 28.82
C GLY C 566 13.61 -1.37 28.39
N THR C 567 14.58 -0.76 27.72
CA THR C 567 15.77 -1.45 27.26
C THR C 567 17.04 -1.04 27.99
N GLY C 568 16.99 0.03 28.78
CA GLY C 568 18.18 0.54 29.43
C GLY C 568 18.90 1.63 28.66
N LEU C 569 18.46 1.95 27.44
CA LEU C 569 19.04 3.04 26.67
C LEU C 569 18.32 4.36 26.90
N GLU C 570 17.26 4.37 27.70
CA GLU C 570 16.55 5.63 27.97
C GLU C 570 17.44 6.59 28.75
N ARG C 571 18.24 6.07 29.68
CA ARG C 571 19.13 6.93 30.46
C ARG C 571 20.21 7.57 29.58
N GLN C 572 20.75 6.80 28.62
CA GLN C 572 21.74 7.38 27.70
C GLN C 572 21.12 8.45 26.82
N VAL C 573 19.88 8.24 26.37
CA VAL C 573 19.21 9.23 25.52
C VAL C 573 18.98 10.52 26.28
N ALA C 574 18.54 10.41 27.54
CA ALA C 574 18.30 11.61 28.34
C ALA C 574 19.59 12.39 28.59
N LEU C 575 20.68 11.69 28.87
CA LEU C 575 21.93 12.38 29.17
C LEU C 575 22.48 13.11 27.95
N ASP C 576 22.42 12.48 26.78
CA ASP C 576 23.04 13.01 25.58
C ASP C 576 22.14 13.98 24.82
N SER C 577 20.90 14.19 25.27
CA SER C 577 20.00 15.12 24.59
C SER C 577 20.15 16.55 25.09
N GLY C 578 20.70 16.76 26.28
CA GLY C 578 20.81 18.08 26.85
C GLY C 578 19.54 18.62 27.44
N VAL C 579 18.43 17.90 27.33
CA VAL C 579 17.16 18.37 27.90
C VAL C 579 17.24 18.48 29.42
N PRO C 580 17.73 17.51 30.18
CA PRO C 580 17.91 17.70 31.62
C PRO C 580 19.11 18.59 31.91
N ALA C 581 19.15 19.07 33.15
CA ALA C 581 20.25 19.90 33.62
C ALA C 581 21.33 19.01 34.22
N ILE C 582 22.56 19.14 33.71
CA ILE C 582 23.69 18.34 34.13
C ILE C 582 24.70 19.26 34.80
N ALA C 583 25.17 18.87 35.98
CA ALA C 583 26.10 19.69 36.73
C ALA C 583 27.44 19.80 36.02
N GLU C 584 27.98 21.02 35.97
CA GLU C 584 29.30 21.27 35.42
C GLU C 584 30.37 21.43 36.49
N HIS C 585 30.00 21.24 37.76
CA HIS C 585 30.92 21.43 38.87
C HIS C 585 30.36 20.71 40.09
N GLU C 586 31.23 20.04 40.83
CA GLU C 586 30.80 19.37 42.05
C GLU C 586 30.51 20.40 43.14
N GLY C 587 29.66 20.02 44.07
CA GLY C 587 29.33 20.95 45.15
C GLY C 587 28.07 20.50 45.87
N LYS C 588 27.38 21.49 46.45
CA LYS C 588 26.17 21.26 47.23
C LYS C 588 25.04 22.12 46.69
N ILE C 589 23.82 21.63 46.86
CA ILE C 589 22.62 22.36 46.46
C ILE C 589 22.19 23.25 47.60
N LEU C 590 21.98 24.53 47.30
CA LEU C 590 21.59 25.51 48.31
C LEU C 590 20.21 26.10 48.10
N TYR C 591 19.75 26.23 46.84
CA TYR C 591 18.46 26.83 46.57
C TYR C 591 17.88 26.24 45.31
N THR C 592 16.57 25.96 45.34
CA THR C 592 15.86 25.40 44.20
C THR C 592 14.49 26.06 44.08
N ASP C 593 14.10 26.37 42.86
CA ASP C 593 12.76 26.87 42.56
C ASP C 593 12.49 26.64 41.08
N THR C 594 11.35 27.14 40.61
CA THR C 594 10.99 26.96 39.20
C THR C 594 11.95 27.69 38.27
N GLU C 595 12.38 28.90 38.66
CA GLU C 595 13.11 29.75 37.73
C GLU C 595 14.59 29.39 37.65
N LYS C 596 15.17 28.85 38.71
CA LYS C 596 16.62 28.64 38.73
C LYS C 596 16.98 27.60 39.78
N ILE C 597 18.21 27.10 39.68
CA ILE C 597 18.81 26.23 40.68
C ILE C 597 20.20 26.78 41.00
N ILE C 598 20.51 26.91 42.28
CA ILE C 598 21.79 27.46 42.74
C ILE C 598 22.65 26.32 43.25
N LEU C 599 23.85 26.19 42.67
CA LEU C 599 24.82 25.18 43.07
C LEU C 599 26.12 25.87 43.45
N SER C 600 26.70 25.46 44.58
CA SER C 600 27.94 26.05 45.08
C SER C 600 28.92 24.93 45.43
N GLY C 601 30.14 25.04 44.93
CA GLY C 601 31.17 24.08 45.23
C GLY C 601 32.57 24.60 44.99
N ASN C 602 33.47 24.35 45.95
CA ASN C 602 34.87 24.78 45.86
C ASN C 602 34.96 26.29 45.63
N GLU C 603 34.29 27.05 46.49
CA GLU C 603 34.25 28.51 46.44
C GLU C 603 33.73 29.04 45.11
N ASN C 604 32.97 28.23 44.38
CA ASN C 604 32.40 28.63 43.09
C ASN C 604 30.90 28.41 43.15
N THR C 605 30.14 29.51 43.11
CA THR C 605 28.69 29.46 43.16
C THR C 605 28.13 29.83 41.78
N LEU C 606 27.33 28.94 41.21
CA LEU C 606 26.75 29.15 39.89
C LEU C 606 25.23 29.18 39.99
N SER C 607 24.61 29.89 39.05
CA SER C 607 23.17 29.97 38.94
C SER C 607 22.74 29.41 37.59
N ILE C 608 21.85 28.43 37.62
CA ILE C 608 21.43 27.70 36.42
C ILE C 608 19.98 28.05 36.13
N PRO C 609 19.70 28.83 35.09
CA PRO C 609 18.31 29.12 34.74
C PRO C 609 17.61 27.89 34.17
N LEU C 610 16.29 27.89 34.28
CA LEU C 610 15.48 26.74 33.88
C LEU C 610 14.46 27.16 32.83
N ILE C 611 14.27 26.30 31.84
CA ILE C 611 13.34 26.58 30.74
C ILE C 611 11.92 26.41 31.25
N MET C 612 11.07 27.41 30.98
CA MET C 612 9.69 27.43 31.46
C MET C 612 8.76 27.74 30.28
N TYR C 613 8.10 26.71 29.77
CA TYR C 613 7.07 26.84 28.73
C TYR C 613 7.59 27.60 27.52
N GLN C 614 8.61 27.02 26.89
CA GLN C 614 9.16 27.54 25.64
C GLN C 614 8.72 26.69 24.46
N ARG C 615 8.82 27.27 23.28
CA ARG C 615 8.31 26.66 22.05
C ARG C 615 9.43 26.02 21.26
N SER C 616 9.13 24.88 20.63
CA SER C 616 10.04 24.19 19.74
C SER C 616 9.75 24.60 18.29
N ASN C 617 10.53 24.05 17.37
CA ASN C 617 10.25 24.27 15.95
C ASN C 617 9.01 23.52 15.50
N LYS C 618 8.57 22.51 16.27
CA LYS C 618 7.39 21.72 15.93
C LYS C 618 6.20 22.03 16.83
N ASN C 619 6.19 23.22 17.43
CA ASN C 619 5.08 23.68 18.28
C ASN C 619 4.86 22.76 19.47
N THR C 620 5.95 22.30 20.07
CA THR C 620 5.90 21.48 21.27
C THR C 620 6.54 22.24 22.43
N CYS C 621 5.95 22.11 23.61
CA CYS C 621 6.40 22.88 24.77
C CYS C 621 7.61 22.24 25.43
N MET C 622 8.50 23.08 25.95
CA MET C 622 9.64 22.65 26.73
C MET C 622 9.54 23.20 28.14
N HIS C 623 9.87 22.36 29.13
CA HIS C 623 9.73 22.73 30.53
C HIS C 623 10.73 21.93 31.35
N GLN C 624 11.16 22.51 32.46
CA GLN C 624 12.14 21.89 33.34
C GLN C 624 11.71 22.02 34.80
N LYS C 625 11.94 20.96 35.56
CA LYS C 625 11.64 20.93 36.99
C LYS C 625 12.85 20.40 37.75
N PRO C 626 13.15 20.99 38.92
CA PRO C 626 14.30 20.53 39.70
C PRO C 626 14.22 19.04 40.02
N GLN C 627 15.39 18.39 40.04
CA GLN C 627 15.52 16.99 40.42
C GLN C 627 16.35 16.82 41.68
N VAL C 628 16.63 17.91 42.39
CA VAL C 628 17.47 17.88 43.58
C VAL C 628 16.82 18.75 44.65
N ARG C 629 17.22 18.53 45.90
CA ARG C 629 16.77 19.31 47.03
C ARG C 629 17.96 20.01 47.67
N ARG C 630 17.66 21.04 48.46
CA ARG C 630 18.71 21.79 49.14
C ARG C 630 19.47 20.89 50.11
N GLY C 631 20.79 21.03 50.11
CA GLY C 631 21.64 20.25 50.99
C GLY C 631 22.08 18.91 50.45
N LYS C 632 21.99 18.70 49.13
CA LYS C 632 22.37 17.45 48.51
C LYS C 632 23.71 17.61 47.80
N CYS C 633 24.63 16.67 48.04
CA CYS C 633 25.93 16.71 47.40
C CYS C 633 25.83 16.21 45.97
N ILE C 634 26.57 16.86 45.07
CA ILE C 634 26.46 16.63 43.64
C ILE C 634 27.85 16.41 43.07
N LYS C 635 28.01 15.38 42.24
CA LYS C 635 29.22 15.18 41.47
C LYS C 635 29.11 15.92 40.14
N LYS C 636 30.27 16.27 39.57
CA LYS C 636 30.27 16.88 38.25
C LYS C 636 29.77 15.88 37.22
N GLY C 637 28.76 16.27 36.46
CA GLY C 637 28.17 15.40 35.46
C GLY C 637 26.92 14.69 35.91
N GLN C 638 26.41 14.97 37.10
CA GLN C 638 25.19 14.36 37.61
C GLN C 638 24.00 15.26 37.36
N ILE C 639 22.82 14.63 37.30
CA ILE C 639 21.61 15.35 36.93
C ILE C 639 21.22 16.33 38.05
N LEU C 640 20.68 17.48 37.64
CA LEU C 640 20.16 18.47 38.57
C LEU C 640 18.68 18.75 38.39
N ALA C 641 18.15 18.64 37.17
CA ALA C 641 16.75 18.92 36.91
C ALA C 641 16.28 18.03 35.77
N ASP C 642 14.96 17.85 35.70
CA ASP C 642 14.34 17.03 34.66
C ASP C 642 13.63 17.93 33.66
N GLY C 643 13.88 17.69 32.37
CA GLY C 643 13.24 18.44 31.32
C GLY C 643 11.96 17.79 30.84
N ALA C 644 11.47 18.29 29.71
CA ALA C 644 10.25 17.74 29.12
C ALA C 644 10.52 16.34 28.56
N ALA C 645 9.54 15.46 28.74
CA ALA C 645 9.65 14.05 28.32
C ALA C 645 10.89 13.39 28.94
N THR C 646 11.16 13.72 30.20
CA THR C 646 12.30 13.16 30.91
C THR C 646 11.97 13.10 32.39
N VAL C 647 12.05 11.90 32.96
CA VAL C 647 11.74 11.68 34.38
C VAL C 647 12.92 10.93 34.99
N GLY C 648 13.52 11.53 36.02
CA GLY C 648 14.61 10.89 36.75
C GLY C 648 15.82 10.58 35.90
N GLY C 649 16.06 11.35 34.85
CA GLY C 649 17.17 11.09 33.96
C GLY C 649 16.93 10.03 32.92
N GLU C 650 15.68 9.79 32.55
CA GLU C 650 15.34 8.81 31.53
C GLU C 650 14.35 9.42 30.55
N LEU C 651 14.40 8.95 29.31
CA LEU C 651 13.46 9.40 28.29
C LEU C 651 12.06 8.85 28.61
N ALA C 652 11.07 9.74 28.66
CA ALA C 652 9.71 9.38 29.06
C ALA C 652 8.73 10.01 28.06
N LEU C 653 8.43 9.29 26.99
CA LEU C 653 7.59 9.80 25.91
C LEU C 653 6.13 9.40 26.03
N GLY C 654 5.77 8.57 26.99
CA GLY C 654 4.40 8.07 27.05
C GLY C 654 3.86 7.81 28.43
N LYS C 655 2.87 6.94 28.53
CA LYS C 655 2.19 6.63 29.78
C LYS C 655 1.95 5.14 29.89
N ASN C 656 1.84 4.65 31.12
CA ASN C 656 1.49 3.26 31.40
C ASN C 656 -0.01 3.21 31.71
N VAL C 657 -0.78 2.57 30.84
CA VAL C 657 -2.22 2.53 30.97
C VAL C 657 -2.70 1.09 30.92
N LEU C 658 -3.82 0.84 31.59
CA LEU C 658 -4.43 -0.48 31.58
C LEU C 658 -5.07 -0.74 30.23
N VAL C 659 -4.78 -1.91 29.65
CA VAL C 659 -5.11 -2.19 28.26
C VAL C 659 -5.64 -3.61 28.14
N ALA C 660 -6.67 -3.79 27.32
CA ALA C 660 -7.18 -5.10 26.94
C ALA C 660 -7.09 -5.26 25.43
N TYR C 661 -6.92 -6.51 24.98
CA TYR C 661 -6.81 -6.84 23.56
C TYR C 661 -8.01 -7.71 23.18
N MET C 662 -9.10 -7.06 22.77
CA MET C 662 -10.31 -7.77 22.38
C MET C 662 -11.11 -6.89 21.43
N PRO C 663 -11.93 -7.48 20.56
CA PRO C 663 -12.83 -6.66 19.75
C PRO C 663 -14.00 -6.16 20.58
N TRP C 664 -14.38 -4.90 20.34
CA TRP C 664 -15.46 -4.26 21.08
C TRP C 664 -16.41 -3.56 20.11
N GLU C 665 -17.40 -4.31 19.62
CA GLU C 665 -18.55 -3.76 18.90
C GLU C 665 -18.14 -2.96 17.66
N GLY C 666 -17.00 -3.29 17.08
CA GLY C 666 -16.56 -2.64 15.87
C GLY C 666 -15.91 -1.29 16.05
N TYR C 667 -15.79 -0.80 17.28
CA TYR C 667 -15.15 0.49 17.52
C TYR C 667 -13.63 0.40 17.52
N ASN C 668 -13.08 -0.80 17.45
CA ASN C 668 -11.65 -0.98 17.17
C ASN C 668 -11.47 -1.75 15.85
N PHE C 669 -12.38 -1.50 14.91
CA PHE C 669 -12.28 -2.12 13.58
C PHE C 669 -11.01 -1.67 12.88
N GLU C 670 -10.36 -2.60 12.19
CA GLU C 670 -9.08 -2.36 11.53
C GLU C 670 -8.04 -1.87 12.53
N ASP C 671 -7.86 -0.55 12.62
CA ASP C 671 -6.82 0.01 13.49
C ASP C 671 -7.37 1.06 14.44
N ALA C 672 -8.68 1.08 14.66
CA ALA C 672 -9.25 2.04 15.59
C ALA C 672 -8.97 1.63 17.03
N VAL C 673 -8.99 2.62 17.93
CA VAL C 673 -8.70 2.41 19.34
C VAL C 673 -9.85 2.97 20.16
N LEU C 674 -10.37 2.16 21.09
CA LEU C 674 -11.40 2.58 22.02
C LEU C 674 -10.76 2.88 23.37
N ILE C 675 -10.98 4.09 23.88
CA ILE C 675 -10.38 4.53 25.13
C ILE C 675 -11.47 4.89 26.12
N SER C 676 -11.06 5.08 27.37
CA SER C 676 -11.96 5.41 28.46
C SER C 676 -11.93 6.90 28.76
N GLU C 677 -12.99 7.37 29.42
CA GLU C 677 -13.07 8.77 29.81
C GLU C 677 -12.03 9.13 30.86
N CYS C 678 -11.52 8.14 31.60
CA CYS C 678 -10.52 8.41 32.62
C CYS C 678 -9.25 9.02 32.02
N LEU C 679 -8.89 8.61 30.80
CA LEU C 679 -7.74 9.21 30.12
C LEU C 679 -7.98 10.66 29.76
N VAL C 680 -9.23 11.11 29.74
CA VAL C 680 -9.56 12.48 29.36
C VAL C 680 -9.58 13.37 30.59
N TYR C 681 -10.45 13.07 31.55
CA TYR C 681 -10.55 13.92 32.74
C TYR C 681 -9.39 13.72 33.71
N GLY C 682 -8.61 12.66 33.54
CA GLY C 682 -7.40 12.49 34.31
C GLY C 682 -6.19 13.21 33.77
N ASP C 683 -6.33 13.83 32.59
CA ASP C 683 -5.23 14.53 31.92
C ASP C 683 -4.04 13.61 31.70
N ILE C 684 -4.32 12.36 31.34
CA ILE C 684 -3.26 11.39 31.12
C ILE C 684 -2.49 11.72 29.86
N TYR C 685 -3.18 12.12 28.80
CA TYR C 685 -2.57 12.39 27.50
C TYR C 685 -2.80 13.83 27.08
N THR C 686 -2.60 14.77 28.00
CA THR C 686 -2.74 16.19 27.72
C THR C 686 -1.36 16.78 27.44
N SER C 687 -1.25 17.53 26.35
CA SER C 687 0.01 18.12 25.93
C SER C 687 -0.18 19.60 25.65
N PHE C 688 0.88 20.37 25.93
CA PHE C 688 0.90 21.80 25.63
C PHE C 688 1.47 22.03 24.23
N HIS C 689 0.80 22.87 23.46
CA HIS C 689 1.23 23.20 22.10
C HIS C 689 1.23 24.70 21.92
N ILE C 690 2.32 25.23 21.36
CA ILE C 690 2.53 26.67 21.26
C ILE C 690 2.85 27.03 19.82
N ARG C 691 2.07 27.95 19.25
CA ARG C 691 2.37 28.50 17.94
C ARG C 691 3.04 29.87 18.09
N LYS C 692 3.58 30.35 16.97
CA LYS C 692 4.22 31.66 16.89
C LYS C 692 3.62 32.43 15.71
N TYR C 693 3.33 33.71 15.94
CA TYR C 693 2.75 34.57 14.91
C TYR C 693 3.57 35.85 14.82
N GLU C 694 4.01 36.17 13.61
CA GLU C 694 4.81 37.38 13.38
C GLU C 694 3.94 38.59 13.08
N VAL C 728 -1.35 43.08 21.32
CA VAL C 728 -2.24 42.22 22.09
C VAL C 728 -1.74 42.10 23.52
N MET C 729 -2.66 42.21 24.47
CA MET C 729 -2.29 42.14 25.88
C MET C 729 -1.77 40.75 26.24
N LEU C 730 -0.72 40.73 27.06
CA LEU C 730 -0.17 39.46 27.53
C LEU C 730 -1.17 38.78 28.47
N GLY C 731 -1.27 37.46 28.36
CA GLY C 731 -2.20 36.72 29.17
C GLY C 731 -3.65 36.83 28.75
N SER C 732 -3.91 37.15 27.48
CA SER C 732 -5.27 37.27 26.98
C SER C 732 -5.68 35.99 26.25
N TRP C 733 -6.97 35.69 26.32
CA TRP C 733 -7.53 34.51 25.64
C TRP C 733 -8.03 34.95 24.27
N VAL C 734 -7.20 34.76 23.24
CA VAL C 734 -7.58 35.16 21.89
C VAL C 734 -8.59 34.15 21.33
N GLU C 735 -9.24 34.56 20.25
CA GLU C 735 -10.23 33.72 19.59
C GLU C 735 -10.17 33.85 18.08
N GLY C 783 -7.41 28.04 16.43
CA GLY C 783 -6.27 28.77 16.94
C GLY C 783 -6.50 29.38 18.31
N ARG C 784 -7.65 29.09 18.90
CA ARG C 784 -7.98 29.62 20.22
C ARG C 784 -6.96 29.16 21.25
N GLY C 785 -6.54 30.09 22.10
CA GLY C 785 -5.56 29.77 23.11
C GLY C 785 -5.25 30.96 23.97
N ARG C 786 -4.26 30.80 24.84
CA ARG C 786 -3.84 31.84 25.78
C ARG C 786 -2.51 32.42 25.33
N VAL C 787 -2.45 33.74 25.22
CA VAL C 787 -1.20 34.41 24.86
C VAL C 787 -0.26 34.35 26.06
N ILE C 788 0.91 33.75 25.87
CA ILE C 788 1.84 33.51 26.96
C ILE C 788 3.10 34.38 26.85
N ASP C 789 3.51 34.76 25.65
CA ASP C 789 4.72 35.55 25.49
C ASP C 789 4.56 36.49 24.31
N VAL C 790 4.93 37.75 24.50
CA VAL C 790 4.92 38.77 23.46
C VAL C 790 6.30 39.39 23.37
N ARG C 791 6.86 39.45 22.17
CA ARG C 791 8.18 40.04 21.97
C ARG C 791 8.14 41.13 20.90
N ARG C 807 6.09 39.14 17.41
CA ARG C 807 6.12 37.73 17.78
C ARG C 807 5.18 37.44 18.94
N VAL C 808 4.12 36.70 18.66
CA VAL C 808 3.11 36.34 19.66
C VAL C 808 3.10 34.83 19.79
N TYR C 809 3.23 34.35 21.02
CA TYR C 809 3.23 32.93 21.35
C TYR C 809 1.93 32.58 22.07
N ILE C 810 1.22 31.58 21.55
CA ILE C 810 -0.09 31.20 22.06
C ILE C 810 -0.03 29.73 22.46
N SER C 811 -0.29 29.46 23.74
CA SER C 811 -0.30 28.10 24.25
C SER C 811 -1.67 27.47 24.07
N GLN C 812 -1.68 26.16 23.78
CA GLN C 812 -2.91 25.41 23.59
C GLN C 812 -2.81 24.11 24.37
N LYS C 813 -3.67 23.95 25.37
CA LYS C 813 -3.75 22.71 26.13
C LYS C 813 -4.65 21.74 25.39
N ARG C 814 -4.08 20.64 24.92
CA ARG C 814 -4.78 19.69 24.05
C ARG C 814 -4.93 18.36 24.78
N GLU C 815 -6.12 18.10 25.28
CA GLU C 815 -6.42 16.80 25.84
C GLU C 815 -6.69 15.80 24.72
N ILE C 816 -6.61 14.51 25.05
CA ILE C 816 -6.80 13.48 24.06
C ILE C 816 -8.25 13.52 23.54
N LYS C 817 -8.41 13.20 22.26
CA LYS C 817 -9.69 13.36 21.59
C LYS C 817 -9.88 12.26 20.56
N VAL C 818 -11.12 12.16 20.07
CA VAL C 818 -11.42 11.23 18.98
C VAL C 818 -10.75 11.71 17.71
N GLY C 819 -10.03 10.82 17.04
CA GLY C 819 -9.24 11.17 15.88
C GLY C 819 -7.76 11.34 16.17
N ASP C 820 -7.37 11.38 17.44
CA ASP C 820 -5.96 11.47 17.80
C ASP C 820 -5.27 10.13 17.55
N LYS C 821 -3.96 10.19 17.33
CA LYS C 821 -3.17 9.00 17.03
C LYS C 821 -2.36 8.59 18.25
N VAL C 822 -2.44 7.31 18.62
CA VAL C 822 -1.63 6.75 19.68
C VAL C 822 -0.90 5.54 19.11
N ALA C 823 0.25 5.22 19.72
CA ALA C 823 1.04 4.10 19.25
C ALA C 823 1.89 3.56 20.38
N GLY C 824 2.20 2.27 20.28
CA GLY C 824 3.19 1.65 21.14
C GLY C 824 4.55 1.58 20.46
N ARG C 825 5.51 1.03 21.18
CA ARG C 825 6.89 0.95 20.70
C ARG C 825 7.14 -0.27 19.83
N HIS C 826 6.10 -0.90 19.29
CA HIS C 826 6.25 -2.10 18.49
C HIS C 826 5.57 -1.96 17.14
N GLY C 827 5.45 -0.74 16.63
CA GLY C 827 4.80 -0.52 15.36
C GLY C 827 3.30 -0.66 15.40
N ASN C 828 2.69 -0.55 16.58
CA ASN C 828 1.25 -0.72 16.76
C ASN C 828 0.63 0.67 16.90
N LYS C 829 0.23 1.24 15.76
CA LYS C 829 -0.40 2.55 15.72
C LYS C 829 -1.91 2.42 15.60
N GLY C 830 -2.61 3.48 15.99
CA GLY C 830 -4.06 3.47 15.91
C GLY C 830 -4.71 4.81 16.16
N ILE C 831 -5.89 5.01 15.59
CA ILE C 831 -6.66 6.24 15.75
C ILE C 831 -7.73 6.01 16.80
N ILE C 832 -7.93 6.99 17.68
CA ILE C 832 -8.97 6.92 18.69
C ILE C 832 -10.31 7.23 18.03
N SER C 833 -11.24 6.28 18.10
CA SER C 833 -12.53 6.41 17.45
C SER C 833 -13.70 6.51 18.42
N LYS C 834 -13.51 6.15 19.68
CA LYS C 834 -14.60 6.16 20.65
C LYS C 834 -14.05 6.38 22.04
N ILE C 835 -14.78 7.16 22.85
CA ILE C 835 -14.45 7.40 24.24
C ILE C 835 -15.66 7.01 25.08
N LEU C 836 -15.45 6.15 26.06
CA LEU C 836 -16.55 5.62 26.86
C LEU C 836 -16.43 6.06 28.31
N PRO C 837 -17.55 6.15 29.03
CA PRO C 837 -17.49 6.31 30.48
C PRO C 837 -16.91 5.05 31.13
N ARG C 838 -16.32 5.25 32.32
CA ARG C 838 -15.62 4.15 32.97
C ARG C 838 -16.55 3.00 33.32
N GLN C 839 -17.84 3.26 33.51
CA GLN C 839 -18.78 2.21 33.82
C GLN C 839 -19.14 1.36 32.60
N ASP C 840 -18.77 1.79 31.40
CA ASP C 840 -19.05 1.04 30.18
C ASP C 840 -17.87 0.21 29.70
N MET C 841 -16.66 0.53 30.14
CA MET C 841 -15.50 -0.21 29.71
C MET C 841 -15.47 -1.60 30.35
N PRO C 842 -14.85 -2.58 29.69
CA PRO C 842 -14.62 -3.87 30.35
C PRO C 842 -13.71 -3.71 31.55
N TYR C 843 -13.96 -4.53 32.57
CA TYR C 843 -13.23 -4.43 33.83
C TYR C 843 -12.70 -5.80 34.25
N LEU C 844 -11.66 -5.78 35.08
CA LEU C 844 -10.94 -6.98 35.47
C LEU C 844 -11.59 -7.63 36.68
N GLN C 845 -10.99 -8.74 37.14
CA GLN C 845 -11.51 -9.46 38.29
C GLN C 845 -11.23 -8.74 39.60
N ASP C 846 -10.43 -7.68 39.59
CA ASP C 846 -10.32 -6.78 40.71
C ASP C 846 -11.26 -5.59 40.61
N GLY C 847 -12.10 -5.55 39.58
CA GLY C 847 -13.09 -4.51 39.40
C GLY C 847 -12.61 -3.28 38.68
N ARG C 848 -11.34 -3.20 38.32
CA ARG C 848 -10.81 -2.00 37.68
C ARG C 848 -11.14 -2.02 36.19
N PRO C 849 -11.77 -0.98 35.66
CA PRO C 849 -11.96 -0.89 34.22
C PRO C 849 -10.64 -0.62 33.51
N VAL C 850 -10.56 -1.08 32.26
CA VAL C 850 -9.38 -0.82 31.45
C VAL C 850 -9.48 0.57 30.82
N ASP C 851 -8.33 1.08 30.37
CA ASP C 851 -8.26 2.40 29.77
C ASP C 851 -8.30 2.39 28.26
N MET C 852 -7.72 1.38 27.62
CA MET C 852 -7.77 1.22 26.18
C MET C 852 -8.14 -0.21 25.83
N VAL C 853 -8.80 -0.37 24.69
CA VAL C 853 -9.11 -1.68 24.14
C VAL C 853 -8.53 -1.74 22.73
N PHE C 854 -7.70 -2.74 22.48
CA PHE C 854 -7.03 -2.91 21.21
C PHE C 854 -7.57 -4.12 20.47
N ASN C 855 -7.57 -4.05 19.15
CA ASN C 855 -8.01 -5.17 18.34
C ASN C 855 -6.95 -6.27 18.37
N PRO C 856 -7.31 -7.50 18.75
CA PRO C 856 -6.32 -8.59 18.73
C PRO C 856 -5.95 -9.02 17.32
N LEU C 857 -6.76 -8.68 16.32
CA LEU C 857 -6.47 -9.05 14.94
C LEU C 857 -5.26 -8.33 14.37
N GLY C 858 -4.78 -7.26 15.01
CA GLY C 858 -3.65 -6.53 14.51
C GLY C 858 -2.30 -7.15 14.78
N VAL C 859 -2.24 -8.18 15.62
CA VAL C 859 -0.97 -8.85 15.91
C VAL C 859 -0.59 -9.84 14.82
N PRO C 860 -1.45 -10.80 14.42
CA PRO C 860 -0.98 -11.82 13.48
C PRO C 860 -0.57 -11.28 12.12
N SER C 861 -1.33 -10.34 11.56
CA SER C 861 -0.96 -9.79 10.26
C SER C 861 0.29 -8.93 10.36
N ARG C 862 0.43 -8.19 11.45
CA ARG C 862 1.57 -7.29 11.63
C ARG C 862 2.79 -8.01 12.19
N MET C 863 2.59 -9.15 12.86
CA MET C 863 3.67 -10.01 13.34
C MET C 863 4.61 -9.28 14.29
N ASN C 864 4.03 -8.60 15.28
CA ASN C 864 4.79 -7.96 16.35
C ASN C 864 4.36 -8.59 17.67
N VAL C 865 5.03 -9.68 18.06
CA VAL C 865 4.70 -10.36 19.30
C VAL C 865 5.28 -9.66 20.52
N GLY C 866 6.24 -8.74 20.32
CA GLY C 866 6.87 -8.07 21.44
C GLY C 866 5.94 -7.20 22.25
N GLN C 867 4.81 -6.78 21.67
CA GLN C 867 3.85 -5.98 22.42
C GLN C 867 3.07 -6.83 23.42
N ILE C 868 2.86 -8.11 23.12
CA ILE C 868 2.23 -9.01 24.08
C ILE C 868 3.15 -9.27 25.26
N PHE C 869 4.46 -9.38 25.00
CA PHE C 869 5.42 -9.56 26.08
C PHE C 869 5.48 -8.34 26.99
N GLU C 870 5.45 -7.14 26.40
CA GLU C 870 5.63 -5.93 27.17
C GLU C 870 4.40 -5.62 28.03
N CYS C 871 3.20 -5.85 27.49
CA CYS C 871 1.99 -5.55 28.25
C CYS C 871 1.88 -6.45 29.48
N SER C 872 2.19 -7.74 29.33
CA SER C 872 2.13 -8.66 30.47
C SER C 872 3.16 -8.28 31.53
N LEU C 873 4.37 -7.93 31.13
CA LEU C 873 5.41 -7.55 32.09
C LEU C 873 5.15 -6.18 32.69
N GLY C 874 4.51 -5.28 31.93
CA GLY C 874 4.16 -3.98 32.49
C GLY C 874 3.15 -4.09 33.61
N LEU C 875 2.20 -5.01 33.48
CA LEU C 875 1.25 -5.27 34.56
C LEU C 875 1.95 -5.83 35.79
N ALA C 876 2.86 -6.78 35.59
CA ALA C 876 3.58 -7.38 36.71
C ALA C 876 4.42 -6.35 37.44
N GLY C 877 5.09 -5.46 36.69
CA GLY C 877 5.93 -4.46 37.33
C GLY C 877 5.13 -3.46 38.14
N SER C 878 3.93 -3.11 37.67
CA SER C 878 3.10 -2.15 38.40
C SER C 878 2.62 -2.73 39.72
N LEU C 879 2.33 -4.03 39.76
CA LEU C 879 1.89 -4.66 41.01
C LEU C 879 3.06 -4.89 41.95
N LEU C 880 4.23 -5.22 41.41
CA LEU C 880 5.42 -5.51 42.21
C LEU C 880 6.22 -4.25 42.54
N ASP C 881 5.79 -3.09 42.05
CA ASP C 881 6.55 -1.84 42.20
C ASP C 881 7.95 -1.99 41.64
N ARG C 882 8.04 -2.51 40.41
CA ARG C 882 9.30 -2.79 39.75
C ARG C 882 9.33 -2.15 38.37
N HIS C 883 10.54 -1.80 37.94
CA HIS C 883 10.80 -1.40 36.57
C HIS C 883 11.81 -2.36 35.97
N TYR C 884 11.72 -2.57 34.67
CA TYR C 884 12.58 -3.52 33.97
C TYR C 884 13.28 -2.83 32.82
N ARG C 885 14.59 -2.99 32.75
CA ARG C 885 15.41 -2.48 31.65
C ARG C 885 16.15 -3.69 31.06
N ILE C 886 15.62 -4.22 29.96
CA ILE C 886 16.06 -5.49 29.41
C ILE C 886 16.75 -5.24 28.09
N ALA C 887 18.00 -5.71 27.97
CA ALA C 887 18.71 -5.61 26.71
C ALA C 887 18.11 -6.61 25.70
N PRO C 888 18.16 -6.27 24.41
CA PRO C 888 17.53 -7.13 23.41
C PRO C 888 18.24 -8.46 23.25
N PHE C 889 17.55 -9.38 22.59
CA PHE C 889 18.07 -10.71 22.28
C PHE C 889 18.49 -11.46 23.54
N ASP C 890 17.57 -11.54 24.50
CA ASP C 890 17.85 -12.24 25.74
C ASP C 890 17.82 -13.75 25.58
N GLU C 891 17.39 -14.26 24.43
CA GLU C 891 17.41 -15.69 24.17
C GLU C 891 18.81 -16.23 23.93
N ARG C 892 19.82 -15.36 23.90
CA ARG C 892 21.20 -15.83 23.85
C ARG C 892 21.58 -16.56 25.14
N TYR C 893 20.95 -16.23 26.26
CA TYR C 893 21.21 -16.96 27.50
C TYR C 893 20.58 -18.35 27.45
N GLU C 894 19.33 -18.44 27.02
CA GLU C 894 18.60 -19.70 27.05
C GLU C 894 17.41 -19.59 26.11
N GLN C 895 16.83 -20.74 25.79
CA GLN C 895 15.63 -20.76 24.97
C GLN C 895 14.44 -20.20 25.74
N GLU C 896 13.64 -19.38 25.05
CA GLU C 896 12.45 -18.76 25.63
C GLU C 896 12.79 -17.97 26.89
N ALA C 897 13.84 -17.16 26.80
CA ALA C 897 14.25 -16.36 27.96
C ALA C 897 13.23 -15.28 28.29
N SER C 898 12.66 -14.64 27.25
CA SER C 898 11.64 -13.62 27.50
C SER C 898 10.39 -14.22 28.10
N ARG C 899 10.01 -15.43 27.66
CA ARG C 899 8.84 -16.10 28.22
C ARG C 899 9.05 -16.43 29.68
N LYS C 900 10.24 -16.93 30.03
CA LYS C 900 10.53 -17.25 31.43
C LYS C 900 10.50 -16.01 32.30
N LEU C 901 11.08 -14.91 31.81
CA LEU C 901 11.09 -13.67 32.59
C LEU C 901 9.69 -13.12 32.81
N VAL C 902 8.87 -13.10 31.75
CA VAL C 902 7.54 -12.53 31.87
C VAL C 902 6.63 -13.42 32.71
N PHE C 903 6.67 -14.75 32.48
CA PHE C 903 5.79 -15.65 33.21
C PHE C 903 6.14 -15.69 34.69
N SER C 904 7.44 -15.73 35.02
CA SER C 904 7.85 -15.79 36.42
C SER C 904 7.57 -14.48 37.14
N GLU C 905 7.72 -13.34 36.46
CA GLU C 905 7.39 -12.07 37.08
C GLU C 905 5.89 -11.89 37.22
N LEU C 906 5.11 -12.44 36.28
CA LEU C 906 3.66 -12.42 36.40
C LEU C 906 3.20 -13.24 37.60
N TYR C 907 3.82 -14.40 37.83
CA TYR C 907 3.43 -15.23 38.96
C TYR C 907 3.86 -14.60 40.28
N GLU C 908 5.00 -13.92 40.30
CA GLU C 908 5.44 -13.23 41.51
C GLU C 908 4.46 -12.13 41.89
N ALA C 909 3.98 -11.37 40.91
CA ALA C 909 3.00 -10.32 41.20
C ALA C 909 1.68 -10.92 41.65
N SER C 910 1.25 -12.02 41.04
CA SER C 910 0.01 -12.66 41.44
C SER C 910 0.10 -13.19 42.86
N LYS C 911 1.23 -13.80 43.23
CA LYS C 911 1.36 -14.40 44.56
C LYS C 911 1.53 -13.34 45.63
N GLN C 912 2.36 -12.32 45.37
CA GLN C 912 2.64 -11.32 46.39
C GLN C 912 1.42 -10.45 46.68
N THR C 913 0.66 -10.09 45.67
CA THR C 913 -0.49 -9.21 45.84
C THR C 913 -1.80 -9.96 46.03
N ALA C 914 -1.76 -11.30 46.04
CA ALA C 914 -2.95 -12.14 46.19
C ALA C 914 -3.98 -11.81 45.11
N ASN C 915 -3.55 -11.84 43.86
CA ASN C 915 -4.38 -11.54 42.70
C ASN C 915 -4.28 -12.72 41.74
N PRO C 916 -5.04 -13.78 41.97
CA PRO C 916 -4.87 -14.99 41.15
C PRO C 916 -5.18 -14.79 39.68
N TRP C 917 -5.91 -13.75 39.31
CA TRP C 917 -6.17 -13.49 37.89
C TRP C 917 -4.95 -12.97 37.16
N VAL C 918 -3.96 -12.45 37.89
CA VAL C 918 -2.79 -11.87 37.23
C VAL C 918 -1.97 -12.94 36.53
N PHE C 919 -1.82 -14.11 37.14
CA PHE C 919 -1.22 -15.27 36.48
C PHE C 919 -2.20 -16.43 36.56
N GLU C 920 -2.63 -16.90 35.40
CA GLU C 920 -3.54 -18.04 35.33
C GLU C 920 -2.79 -19.26 34.82
N PRO C 921 -2.67 -20.32 35.61
CA PRO C 921 -2.00 -21.53 35.11
C PRO C 921 -2.62 -22.10 33.85
N GLU C 922 -3.94 -21.98 33.68
CA GLU C 922 -4.59 -22.52 32.49
C GLU C 922 -4.14 -21.79 31.23
N TYR C 923 -4.03 -20.46 31.31
CA TYR C 923 -3.68 -19.64 30.15
C TYR C 923 -2.90 -18.43 30.63
N PRO C 924 -1.58 -18.58 30.81
CA PRO C 924 -0.79 -17.49 31.39
C PRO C 924 -0.84 -16.24 30.54
N GLY C 925 -1.00 -15.10 31.21
CA GLY C 925 -1.10 -13.82 30.55
C GLY C 925 -2.52 -13.37 30.24
N LYS C 926 -3.47 -14.30 30.22
CA LYS C 926 -4.85 -14.01 29.89
C LYS C 926 -5.74 -14.20 31.11
N SER C 927 -6.82 -13.43 31.17
CA SER C 927 -7.77 -13.52 32.27
C SER C 927 -9.16 -13.23 31.74
N ARG C 928 -10.17 -13.78 32.41
CA ARG C 928 -11.55 -13.48 32.07
C ARG C 928 -11.94 -12.12 32.62
N ILE C 929 -12.45 -11.26 31.75
CA ILE C 929 -12.90 -9.93 32.13
C ILE C 929 -14.41 -9.85 31.88
N PHE C 930 -15.02 -8.78 32.38
CA PHE C 930 -16.46 -8.66 32.40
C PHE C 930 -16.91 -7.49 31.55
N ASP C 931 -18.10 -7.64 30.95
CA ASP C 931 -18.70 -6.57 30.17
C ASP C 931 -19.21 -5.48 31.10
N GLY C 932 -18.75 -4.26 30.89
CA GLY C 932 -19.17 -3.14 31.72
C GLY C 932 -20.63 -2.78 31.55
N ARG C 933 -21.26 -3.22 30.46
CA ARG C 933 -22.67 -2.90 30.22
C ARG C 933 -23.62 -3.94 30.78
N THR C 934 -23.18 -5.20 30.90
CA THR C 934 -24.04 -6.27 31.38
C THR C 934 -23.54 -6.93 32.66
N GLY C 935 -22.27 -6.81 33.00
CA GLY C 935 -21.72 -7.50 34.14
C GLY C 935 -21.40 -8.95 33.91
N ASP C 936 -21.66 -9.47 32.72
CA ASP C 936 -21.43 -10.84 32.27
C ASP C 936 -20.01 -10.98 31.75
N PRO C 937 -19.33 -12.07 32.07
CA PRO C 937 -17.97 -12.26 31.57
C PRO C 937 -17.95 -12.51 30.07
N PHE C 938 -16.90 -12.03 29.43
CA PHE C 938 -16.64 -12.42 28.06
C PHE C 938 -16.21 -13.89 28.02
N GLU C 939 -16.59 -14.57 26.93
CA GLU C 939 -16.48 -16.02 26.90
C GLU C 939 -15.04 -16.50 26.96
N GLN C 940 -14.13 -15.80 26.26
CA GLN C 940 -12.73 -16.21 26.24
C GLN C 940 -11.88 -15.32 27.13
N PRO C 941 -10.82 -15.88 27.72
CA PRO C 941 -9.87 -15.05 28.47
C PRO C 941 -9.18 -14.06 27.53
N VAL C 942 -8.90 -12.87 28.08
CA VAL C 942 -8.36 -11.76 27.31
C VAL C 942 -6.97 -11.42 27.85
N ILE C 943 -6.02 -11.26 26.94
CA ILE C 943 -4.69 -10.78 27.32
C ILE C 943 -4.81 -9.33 27.76
N ILE C 944 -4.35 -9.04 28.98
CA ILE C 944 -4.42 -7.71 29.56
C ILE C 944 -3.03 -7.34 30.05
N GLY C 945 -2.84 -6.05 30.32
CA GLY C 945 -1.56 -5.59 30.81
C GLY C 945 -1.51 -4.08 30.90
N LYS C 946 -0.30 -3.58 31.12
CA LYS C 946 -0.04 -2.16 31.30
C LYS C 946 1.13 -1.76 30.40
N PRO C 947 0.90 -1.63 29.10
CA PRO C 947 1.97 -1.27 28.18
C PRO C 947 2.23 0.23 28.19
N TYR C 948 3.19 0.65 27.36
CA TYR C 948 3.62 2.04 27.25
C TYR C 948 3.11 2.57 25.91
N ILE C 949 2.18 3.52 25.97
CA ILE C 949 1.51 4.05 24.80
C ILE C 949 1.85 5.53 24.65
N LEU C 950 2.14 5.94 23.42
CA LEU C 950 2.58 7.30 23.12
C LEU C 950 1.48 8.05 22.39
N LYS C 951 1.53 9.38 22.47
CA LYS C 951 0.64 10.25 21.73
C LYS C 951 1.42 10.98 20.65
N LEU C 952 0.97 10.89 19.41
CA LEU C 952 1.73 11.37 18.26
C LEU C 952 1.23 12.73 17.79
N ILE C 953 2.08 13.41 17.03
CA ILE C 953 1.78 14.76 16.55
C ILE C 953 0.61 14.75 15.58
N HIS C 954 0.47 13.71 14.77
CA HIS C 954 -0.60 13.63 13.79
C HIS C 954 -1.93 13.50 14.51
N GLN C 955 -2.71 14.58 14.53
CA GLN C 955 -3.98 14.60 15.25
C GLN C 955 -4.91 15.58 14.56
N VAL C 956 -6.19 15.49 14.93
CA VAL C 956 -7.19 16.44 14.48
C VAL C 956 -6.89 17.79 15.12
N ASP C 957 -7.60 18.84 14.67
CA ASP C 957 -7.34 20.25 14.92
C ASP C 957 -6.15 20.75 14.12
N ASP C 958 -5.44 19.87 13.42
CA ASP C 958 -4.41 20.26 12.48
C ASP C 958 -4.62 19.63 11.10
N LYS C 959 -5.72 18.92 10.89
CA LYS C 959 -6.00 18.26 9.62
C LYS C 959 -7.41 18.50 9.11
N ILE C 960 -8.35 18.95 9.94
CA ILE C 960 -9.71 19.18 9.48
C ILE C 960 -9.75 20.48 8.67
N HIS C 961 -10.24 20.38 7.45
CA HIS C 961 -10.29 21.52 6.53
C HIS C 961 -11.66 21.59 5.87
N GLY C 962 -12.13 22.80 5.63
CA GLY C 962 -13.37 23.01 4.93
C GLY C 962 -13.31 24.29 4.14
N ARG C 963 -14.03 24.32 3.02
CA ARG C 963 -14.01 25.48 2.14
C ARG C 963 -15.32 25.57 1.39
N SER C 964 -15.87 26.79 1.33
CA SER C 964 -17.02 27.09 0.47
C SER C 964 -16.59 27.76 -0.83
N SER C 965 -15.88 28.87 -0.71
CA SER C 965 -15.32 29.61 -1.83
C SER C 965 -14.29 30.58 -1.24
N GLY C 966 -13.76 31.46 -2.08
CA GLY C 966 -12.78 32.40 -1.58
C GLY C 966 -11.77 32.87 -2.60
N HIS C 967 -10.49 32.73 -2.28
CA HIS C 967 -9.42 33.23 -3.12
C HIS C 967 -8.99 32.19 -4.13
N TYR C 968 -8.69 32.64 -5.34
CA TYR C 968 -8.26 31.78 -6.44
C TYR C 968 -6.88 32.22 -6.92
N ALA C 969 -6.23 31.32 -7.66
CA ALA C 969 -4.93 31.63 -8.22
C ALA C 969 -5.02 32.76 -9.23
N LEU C 970 -3.90 33.47 -9.41
CA LEU C 970 -3.91 34.63 -10.30
C LEU C 970 -3.98 34.21 -11.76
N VAL C 971 -3.21 33.19 -12.15
CA VAL C 971 -3.12 32.77 -13.54
C VAL C 971 -4.22 31.77 -13.86
N THR C 972 -4.20 30.62 -13.18
CA THR C 972 -5.15 29.56 -13.49
C THR C 972 -6.56 29.87 -13.00
N GLN C 973 -6.71 30.83 -12.09
CA GLN C 973 -8.00 31.23 -11.51
C GLN C 973 -8.70 30.08 -10.80
N GLN C 974 -7.96 29.02 -10.48
CA GLN C 974 -8.46 27.90 -9.71
C GLN C 974 -8.31 28.16 -8.23
N PRO C 975 -9.08 27.47 -7.38
CA PRO C 975 -8.94 27.65 -5.94
C PRO C 975 -7.53 27.31 -5.48
N LEU C 976 -7.09 28.00 -4.43
CA LEU C 976 -5.75 27.83 -3.91
C LEU C 976 -5.53 26.41 -3.38
N ARG C 977 -4.30 26.12 -3.04
CA ARG C 977 -3.90 24.81 -2.52
C ARG C 977 -3.35 24.96 -1.11
N GLY C 978 -3.87 24.16 -0.18
CA GLY C 978 -3.36 24.17 1.17
C GLY C 978 -4.39 24.54 2.22
N ARG C 979 -4.32 23.89 3.38
CA ARG C 979 -5.22 24.21 4.47
C ARG C 979 -4.95 25.62 5.00
N SER C 980 -3.68 26.01 5.10
CA SER C 980 -3.34 27.31 5.64
C SER C 980 -3.85 28.45 4.76
N LYS C 981 -3.97 28.19 3.46
CA LYS C 981 -4.46 29.19 2.51
C LYS C 981 -5.96 29.09 2.28
N GLN C 982 -6.66 28.28 3.07
CA GLN C 982 -8.09 28.02 2.88
C GLN C 982 -8.38 27.56 1.45
N GLY C 983 -7.50 26.70 0.94
CA GLY C 983 -7.64 26.19 -0.41
C GLY C 983 -8.62 25.04 -0.51
N GLY C 984 -8.86 24.62 -1.75
CA GLY C 984 -9.77 23.54 -2.03
C GLY C 984 -9.08 22.21 -2.28
N GLN C 985 -9.90 21.18 -2.44
CA GLN C 985 -9.40 19.83 -2.69
C GLN C 985 -9.28 19.59 -4.19
N ARG C 986 -8.20 18.93 -4.58
CA ARG C 986 -7.95 18.67 -6.00
C ARG C 986 -8.71 17.44 -6.45
N VAL C 987 -9.35 17.54 -7.61
CA VAL C 987 -9.97 16.41 -8.28
C VAL C 987 -9.03 16.02 -9.41
N GLY C 988 -8.16 15.06 -9.15
CA GLY C 988 -7.14 14.67 -10.09
C GLY C 988 -7.70 13.84 -11.23
N GLU C 989 -6.82 13.47 -12.15
CA GLU C 989 -7.23 12.71 -13.32
C GLU C 989 -7.74 11.32 -12.94
N MET C 990 -7.21 10.74 -11.85
CA MET C 990 -7.74 9.46 -11.39
C MET C 990 -9.14 9.61 -10.83
N GLU C 991 -9.43 10.73 -10.18
CA GLU C 991 -10.79 11.00 -9.73
C GLU C 991 -11.74 11.23 -10.89
N VAL C 992 -11.24 11.82 -11.98
CA VAL C 992 -12.07 12.04 -13.16
C VAL C 992 -12.41 10.71 -13.82
N TRP C 993 -11.47 9.76 -13.81
CA TRP C 993 -11.75 8.44 -14.37
C TRP C 993 -12.89 7.76 -13.63
N ALA C 994 -12.89 7.87 -12.30
CA ALA C 994 -13.94 7.24 -11.50
C ALA C 994 -15.30 7.83 -11.82
N LEU C 995 -15.38 9.16 -11.97
CA LEU C 995 -16.64 9.79 -12.32
C LEU C 995 -17.09 9.38 -13.72
N GLU C 996 -16.14 9.25 -14.66
CA GLU C 996 -16.49 8.76 -15.98
C GLU C 996 -16.93 7.30 -15.96
N GLY C 997 -16.35 6.50 -15.06
CA GLY C 997 -16.82 5.13 -14.90
C GLY C 997 -18.23 5.06 -14.36
N PHE C 998 -18.59 5.96 -13.46
CA PHE C 998 -19.95 6.04 -12.96
C PHE C 998 -20.92 6.58 -13.99
N GLY C 999 -20.43 7.33 -14.97
CA GLY C 999 -21.31 7.98 -15.93
C GLY C 999 -21.93 9.26 -15.44
N VAL C 1000 -21.43 9.83 -14.35
CA VAL C 1000 -22.02 11.05 -13.77
C VAL C 1000 -21.38 12.22 -14.51
N ALA C 1001 -21.97 12.55 -15.66
CA ALA C 1001 -21.41 13.59 -16.51
C ALA C 1001 -21.68 15.00 -15.99
N HIS C 1002 -22.70 15.17 -15.15
CA HIS C 1002 -23.02 16.49 -14.64
C HIS C 1002 -22.30 16.80 -13.33
N ILE C 1003 -21.98 15.78 -12.54
CA ILE C 1003 -21.09 15.99 -11.40
C ILE C 1003 -19.70 16.40 -11.88
N LEU C 1004 -19.22 15.76 -12.96
CA LEU C 1004 -17.91 16.09 -13.50
C LEU C 1004 -17.85 17.52 -14.02
N GLN C 1005 -18.90 17.97 -14.70
CA GLN C 1005 -18.91 19.32 -15.23
C GLN C 1005 -19.00 20.36 -14.12
N GLU C 1006 -19.63 20.02 -13.00
CA GLU C 1006 -19.67 20.94 -11.87
C GLU C 1006 -18.28 21.25 -11.37
N MET C 1007 -17.47 20.21 -11.20
CA MET C 1007 -16.13 20.34 -10.65
C MET C 1007 -15.09 20.68 -11.70
N LEU C 1008 -15.51 20.86 -12.96
CA LEU C 1008 -14.60 21.28 -14.01
C LEU C 1008 -14.77 22.74 -14.41
N THR C 1009 -15.98 23.32 -14.26
CA THR C 1009 -16.21 24.67 -14.74
C THR C 1009 -16.49 25.65 -13.59
N TYR C 1010 -17.60 25.50 -12.87
CA TYR C 1010 -18.03 26.59 -11.99
C TYR C 1010 -17.76 26.32 -10.52
N LYS C 1011 -17.05 25.25 -10.20
CA LYS C 1011 -16.44 25.11 -8.89
C LYS C 1011 -14.95 25.35 -8.91
N SER C 1012 -14.33 25.43 -10.09
CA SER C 1012 -12.89 25.62 -10.18
C SER C 1012 -12.49 26.94 -10.82
N ASP C 1013 -12.86 27.19 -12.08
CA ASP C 1013 -12.27 28.32 -12.79
C ASP C 1013 -13.20 29.11 -13.71
N HIS C 1014 -14.46 28.73 -13.86
CA HIS C 1014 -15.37 29.52 -14.69
C HIS C 1014 -15.73 30.79 -13.92
N ILE C 1015 -15.06 31.89 -14.25
CA ILE C 1015 -15.20 33.12 -13.46
C ILE C 1015 -16.65 33.61 -13.51
N ARG C 1016 -17.26 33.62 -14.69
CA ARG C 1016 -18.63 34.08 -14.80
C ARG C 1016 -19.59 33.16 -14.06
N ALA C 1017 -19.43 31.86 -14.21
CA ALA C 1017 -20.36 30.91 -13.62
C ALA C 1017 -20.11 30.66 -12.14
N ARG C 1018 -18.93 31.00 -11.63
CA ARG C 1018 -18.70 30.92 -10.18
C ARG C 1018 -19.53 31.96 -9.44
N GLN C 1019 -19.66 33.16 -10.02
CA GLN C 1019 -20.40 34.22 -9.36
C GLN C 1019 -21.90 33.96 -9.37
N GLU C 1020 -22.42 33.35 -10.45
CA GLU C 1020 -23.85 33.09 -10.53
C GLU C 1020 -24.25 31.94 -9.62
N VAL C 1021 -23.38 30.94 -9.46
CA VAL C 1021 -23.66 29.84 -8.53
C VAL C 1021 -23.74 30.37 -7.11
N LEU C 1022 -22.89 31.34 -6.77
CA LEU C 1022 -22.96 31.97 -5.46
C LEU C 1022 -24.30 32.66 -5.25
N GLY C 1023 -24.89 33.21 -6.31
CA GLY C 1023 -26.14 33.92 -6.19
C GLY C 1023 -27.37 33.03 -6.23
N THR C 1024 -27.38 32.05 -7.13
CA THR C 1024 -28.54 31.17 -7.26
C THR C 1024 -28.75 30.33 -6.00
N THR C 1025 -27.66 29.81 -5.41
CA THR C 1025 -27.80 28.95 -4.24
C THR C 1025 -28.32 29.71 -3.04
N ILE C 1026 -28.02 31.01 -2.93
CA ILE C 1026 -28.54 31.80 -1.83
C ILE C 1026 -30.03 32.10 -2.02
N ILE C 1027 -30.51 32.13 -3.26
CA ILE C 1027 -31.94 32.30 -3.52
C ILE C 1027 -32.61 31.00 -3.92
N GLY C 1028 -31.87 29.92 -4.13
CA GLY C 1028 -32.44 28.63 -4.46
C GLY C 1028 -33.18 28.60 -5.78
N GLY C 1029 -32.58 29.14 -6.83
CA GLY C 1029 -33.27 29.29 -8.09
C GLY C 1029 -32.68 28.57 -9.29
N THR C 1030 -32.15 27.36 -9.07
CA THR C 1030 -31.72 26.45 -10.14
C THR C 1030 -30.46 26.95 -10.85
N ILE C 1031 -29.47 26.08 -10.98
CA ILE C 1031 -28.18 26.42 -11.56
C ILE C 1031 -28.17 25.98 -13.02
N PRO C 1032 -27.90 26.87 -13.98
CA PRO C 1032 -27.88 26.48 -15.38
C PRO C 1032 -26.49 26.06 -15.84
N LYS C 1033 -26.46 25.44 -17.02
CA LYS C 1033 -25.20 24.97 -17.58
C LYS C 1033 -24.31 26.15 -17.99
N PRO C 1034 -22.99 26.02 -17.84
CA PRO C 1034 -22.09 27.14 -18.14
C PRO C 1034 -22.07 27.50 -19.62
N GLU C 1035 -21.87 26.50 -20.48
CA GLU C 1035 -21.86 26.59 -21.94
C GLU C 1035 -20.67 27.36 -22.49
N ASP C 1036 -19.81 27.92 -21.65
CA ASP C 1036 -18.63 28.65 -22.09
C ASP C 1036 -17.38 27.90 -21.66
N ALA C 1037 -16.22 28.46 -22.02
CA ALA C 1037 -15.00 27.73 -21.67
C ALA C 1037 -14.43 28.24 -20.35
N PRO C 1038 -13.93 27.33 -19.52
CA PRO C 1038 -13.27 27.76 -18.27
C PRO C 1038 -11.95 28.44 -18.56
N GLU C 1039 -11.48 29.20 -17.57
CA GLU C 1039 -10.28 29.99 -17.73
C GLU C 1039 -9.02 29.16 -17.90
N SER C 1040 -9.07 27.85 -17.62
CA SER C 1040 -7.92 27.01 -17.89
C SER C 1040 -7.76 26.70 -19.37
N PHE C 1041 -8.88 26.57 -20.09
CA PHE C 1041 -8.78 26.36 -21.54
C PHE C 1041 -8.39 27.63 -22.26
N ARG C 1042 -8.95 28.78 -21.86
CA ARG C 1042 -8.56 30.05 -22.44
C ARG C 1042 -7.10 30.35 -22.16
N LEU C 1043 -6.60 29.95 -20.99
CA LEU C 1043 -5.18 30.11 -20.68
C LEU C 1043 -4.31 29.28 -21.62
N LEU C 1044 -4.75 28.06 -21.95
CA LEU C 1044 -3.99 27.21 -22.86
C LEU C 1044 -4.00 27.76 -24.28
N VAL C 1045 -5.13 28.36 -24.70
CA VAL C 1045 -5.23 28.90 -26.05
C VAL C 1045 -4.22 30.02 -26.26
N ARG C 1046 -4.12 30.92 -25.28
CA ARG C 1046 -3.16 32.03 -25.40
C ARG C 1046 -1.72 31.51 -25.45
N GLU C 1047 -1.41 30.49 -24.65
CA GLU C 1047 -0.07 29.92 -24.67
C GLU C 1047 0.24 29.29 -26.03
N LEU C 1048 -0.74 28.60 -26.61
CA LEU C 1048 -0.55 28.06 -27.95
C LEU C 1048 -0.44 29.18 -28.99
N ARG C 1049 -1.12 30.30 -28.76
CA ARG C 1049 -0.94 31.45 -29.63
C ARG C 1049 0.48 31.98 -29.57
N SER C 1050 1.13 31.90 -28.41
CA SER C 1050 2.51 32.35 -28.26
C SER C 1050 3.49 31.45 -28.99
N LEU C 1051 3.08 30.26 -29.40
CA LEU C 1051 3.88 29.39 -30.25
C LEU C 1051 3.45 29.46 -31.71
N ALA C 1052 2.78 30.54 -32.10
CA ALA C 1052 2.30 30.76 -33.47
C ALA C 1052 1.31 29.68 -33.90
N LEU C 1053 0.50 29.19 -32.98
CA LEU C 1053 -0.51 28.19 -33.26
C LEU C 1053 -1.87 28.73 -32.86
N GLU C 1054 -2.86 28.58 -33.73
CA GLU C 1054 -4.22 29.03 -33.48
C GLU C 1054 -5.14 27.83 -33.27
N LEU C 1055 -5.90 27.87 -32.19
CA LEU C 1055 -6.82 26.80 -31.81
C LEU C 1055 -8.21 27.40 -31.67
N ASN C 1056 -9.11 27.05 -32.58
CA ASN C 1056 -10.46 27.59 -32.63
C ASN C 1056 -11.47 26.49 -32.36
N HIS C 1057 -12.52 26.83 -31.61
CA HIS C 1057 -13.62 25.90 -31.31
C HIS C 1057 -14.82 26.30 -32.14
N PHE C 1058 -15.31 25.37 -32.95
CA PHE C 1058 -16.42 25.61 -33.87
C PHE C 1058 -17.60 24.73 -33.54
N LEU C 1059 -18.79 25.30 -33.60
CA LEU C 1059 -20.03 24.56 -33.45
C LEU C 1059 -20.76 24.53 -34.78
N VAL C 1060 -21.08 23.33 -35.27
CA VAL C 1060 -21.81 23.16 -36.52
C VAL C 1060 -23.26 22.82 -36.16
N SER C 1061 -24.19 23.67 -36.58
CA SER C 1061 -25.59 23.45 -36.28
C SER C 1061 -26.08 22.21 -36.99
N GLU C 1062 -26.81 21.36 -36.27
CA GLU C 1062 -27.43 20.20 -36.90
C GLU C 1062 -28.71 20.55 -37.63
N LYS C 1063 -29.17 21.80 -37.54
CA LYS C 1063 -30.39 22.24 -38.21
C LYS C 1063 -30.09 22.81 -39.59
N ASN C 1064 -29.27 23.86 -39.66
CA ASN C 1064 -28.98 24.53 -40.91
C ASN C 1064 -27.49 24.48 -41.27
N PHE C 1065 -26.69 23.73 -40.53
CA PHE C 1065 -25.27 23.53 -40.84
C PHE C 1065 -24.49 24.84 -40.87
N GLN C 1066 -24.84 25.78 -40.00
CA GLN C 1066 -24.09 27.03 -39.87
C GLN C 1066 -22.97 26.84 -38.86
N ILE C 1067 -21.77 27.28 -39.22
CA ILE C 1067 -20.60 27.13 -38.37
C ILE C 1067 -20.51 28.32 -37.43
N ASN C 1068 -20.48 28.04 -36.13
CA ASN C 1068 -20.45 29.07 -35.10
C ASN C 1068 -19.09 29.02 -34.40
N ARG C 1069 -18.40 30.15 -34.36
CA ARG C 1069 -17.10 30.24 -33.72
C ARG C 1069 -17.29 30.61 -32.25
N LYS C 1070 -16.91 29.69 -31.36
CA LYS C 1070 -17.01 29.96 -29.93
C LYS C 1070 -15.90 30.89 -29.48
N GLU C 1071 -16.25 31.84 -28.61
CA GLU C 1071 -15.30 32.84 -28.16
C GLU C 1071 -14.25 32.20 -27.27
N VAL C 1072 -13.03 32.07 -27.80
CA VAL C 1072 -11.92 31.50 -27.04
C VAL C 1072 -10.60 31.97 -27.62
N MET D 1 -35.18 5.48 -33.72
CA MET D 1 -34.49 6.53 -32.98
C MET D 1 -33.50 7.31 -33.84
N ILE D 2 -33.74 8.61 -33.97
CA ILE D 2 -32.81 9.50 -34.63
C ILE D 2 -31.87 10.07 -33.58
N ASP D 3 -30.57 9.88 -33.77
CA ASP D 3 -29.60 10.33 -32.80
C ASP D 3 -29.60 11.85 -32.69
N ARG D 4 -29.45 12.34 -31.46
CA ARG D 4 -29.36 13.77 -31.21
C ARG D 4 -27.97 14.22 -31.66
N TYR D 5 -27.87 14.61 -32.93
CA TYR D 5 -26.59 14.91 -33.54
C TYR D 5 -25.95 16.13 -32.89
N LYS D 6 -24.66 16.04 -32.63
CA LYS D 6 -23.87 17.15 -32.10
C LYS D 6 -22.57 17.20 -32.89
N HIS D 7 -22.39 18.25 -33.68
CA HIS D 7 -21.21 18.43 -34.51
C HIS D 7 -20.40 19.59 -33.94
N GLN D 8 -19.46 19.27 -33.07
CA GLN D 8 -18.54 20.25 -32.50
C GLN D 8 -17.11 19.83 -32.80
N GLN D 9 -16.29 20.80 -33.18
CA GLN D 9 -14.90 20.53 -33.53
C GLN D 9 -14.02 21.64 -33.00
N LEU D 10 -12.74 21.32 -32.83
CA LEU D 10 -11.71 22.34 -32.67
C LEU D 10 -10.51 21.94 -33.51
N ARG D 11 -9.87 22.92 -34.13
CA ARG D 11 -8.74 22.65 -35.01
C ARG D 11 -7.58 23.57 -34.68
N ILE D 12 -6.41 22.98 -34.49
CA ILE D 12 -5.16 23.73 -34.52
C ILE D 12 -4.74 24.03 -35.95
N GLY D 13 -3.83 24.99 -36.09
CA GLY D 13 -3.29 25.36 -37.38
C GLY D 13 -2.14 26.35 -37.24
N LEU D 14 -1.18 26.29 -38.16
CA LEU D 14 -0.13 27.29 -38.18
C LEU D 14 -0.71 28.66 -38.52
N VAL D 15 -0.25 29.68 -37.82
CA VAL D 15 -0.82 31.02 -37.93
C VAL D 15 -0.04 31.83 -38.95
N SER D 16 -0.70 32.85 -39.52
CA SER D 16 -0.12 33.80 -40.45
C SER D 16 0.24 35.09 -39.74
N PRO D 17 1.22 35.83 -40.27
CA PRO D 17 1.53 37.15 -39.68
C PRO D 17 0.36 38.10 -39.70
N GLN D 18 -0.51 38.04 -40.71
CA GLN D 18 -1.69 38.89 -40.74
C GLN D 18 -2.62 38.56 -39.58
N GLN D 19 -2.79 37.28 -39.28
CA GLN D 19 -3.63 36.90 -38.14
C GLN D 19 -2.97 37.29 -36.82
N ILE D 20 -1.64 37.27 -36.76
CA ILE D 20 -0.96 37.77 -35.56
C ILE D 20 -1.25 39.26 -35.37
N SER D 21 -1.18 40.03 -36.45
CA SER D 21 -1.51 41.45 -36.36
C SER D 21 -2.97 41.65 -35.96
N ALA D 22 -3.87 40.83 -36.50
CA ALA D 22 -5.28 40.92 -36.13
C ALA D 22 -5.49 40.58 -34.65
N TRP D 23 -4.69 39.65 -34.12
CA TRP D 23 -4.72 39.38 -32.69
C TRP D 23 -4.29 40.62 -31.91
N ALA D 24 -3.19 41.25 -32.33
CA ALA D 24 -2.67 42.38 -31.59
C ALA D 24 -3.52 43.63 -31.78
N THR D 25 -4.00 43.87 -33.00
CA THR D 25 -4.79 45.06 -33.28
C THR D 25 -6.21 44.92 -32.70
N GLY D 35 -0.69 48.21 -31.31
CA GLY D 35 -0.70 47.03 -30.48
C GLY D 35 0.58 46.24 -30.53
N GLU D 36 1.67 46.91 -30.88
CA GLU D 36 2.98 46.28 -30.99
C GLU D 36 3.85 46.67 -29.80
N VAL D 37 4.46 45.67 -29.18
CA VAL D 37 5.39 45.91 -28.07
C VAL D 37 6.74 46.30 -28.66
N THR D 38 7.21 47.50 -28.30
CA THR D 38 8.44 48.03 -28.86
C THR D 38 9.56 48.23 -27.84
N LYS D 39 9.25 48.39 -26.56
CA LYS D 39 10.27 48.64 -25.55
C LYS D 39 10.37 47.47 -24.59
N PRO D 40 11.57 47.16 -24.09
CA PRO D 40 11.74 46.03 -23.17
C PRO D 40 11.47 46.37 -21.72
N TYR D 41 11.06 47.60 -21.41
CA TYR D 41 10.76 47.97 -20.03
C TYR D 41 9.49 47.29 -19.57
N THR D 42 9.53 46.72 -18.37
CA THR D 42 8.36 46.06 -17.80
C THR D 42 7.57 47.01 -16.90
N PHE D 43 8.21 47.50 -15.84
CA PHE D 43 7.55 48.35 -14.87
C PHE D 43 8.48 49.48 -14.45
N HIS D 44 7.87 50.57 -13.97
CA HIS D 44 8.66 51.69 -13.47
C HIS D 44 9.33 51.32 -12.16
N TYR D 45 10.62 51.63 -12.04
CA TYR D 45 11.35 51.32 -10.82
C TYR D 45 10.84 52.13 -9.64
N LYS D 46 10.43 53.37 -9.87
CA LYS D 46 10.01 54.27 -8.80
C LYS D 46 8.49 54.22 -8.59
N THR D 47 7.73 54.57 -9.62
CA THR D 47 6.28 54.70 -9.50
C THR D 47 5.55 53.36 -9.59
N ASN D 48 6.24 52.28 -9.96
CA ASN D 48 5.63 50.96 -10.08
C ASN D 48 4.43 50.98 -11.03
N LYS D 49 4.56 51.72 -12.12
CA LYS D 49 3.53 51.83 -13.14
C LYS D 49 3.98 51.15 -14.43
N PRO D 50 3.03 50.66 -15.24
CA PRO D 50 3.41 49.99 -16.50
C PRO D 50 4.05 50.98 -17.46
N GLU D 51 5.26 50.66 -17.90
CA GLU D 51 5.96 51.51 -18.86
C GLU D 51 5.24 51.50 -20.20
N LYS D 52 5.15 52.67 -20.82
CA LYS D 52 4.49 52.78 -22.11
C LYS D 52 5.27 52.03 -23.18
N ASP D 53 4.55 51.38 -24.09
CA ASP D 53 5.10 50.57 -25.18
C ASP D 53 5.92 49.39 -24.67
N GLY D 54 5.84 49.09 -23.38
CA GLY D 54 6.61 48.00 -22.79
C GLY D 54 5.83 46.70 -22.76
N LEU D 55 6.40 45.73 -22.03
CA LEU D 55 5.80 44.41 -21.94
C LEU D 55 4.47 44.42 -21.19
N PHE D 56 4.21 45.43 -20.38
CA PHE D 56 2.98 45.52 -19.60
C PHE D 56 2.18 46.78 -19.93
N CYS D 57 2.36 47.32 -21.14
CA CYS D 57 1.75 48.60 -21.49
C CYS D 57 0.24 48.56 -21.37
N GLU D 58 -0.32 49.56 -20.69
CA GLU D 58 -1.77 49.62 -20.51
C GLU D 58 -2.50 49.92 -21.81
N ARG D 59 -1.91 50.75 -22.67
CA ARG D 59 -2.51 51.06 -23.96
C ARG D 59 -2.59 49.81 -24.84
N ILE D 60 -1.52 49.01 -24.86
CA ILE D 60 -1.48 47.83 -25.71
C ILE D 60 -2.44 46.76 -25.20
N PHE D 61 -2.44 46.51 -23.88
CA PHE D 61 -3.07 45.32 -23.34
C PHE D 61 -4.40 45.59 -22.65
N GLY D 62 -4.58 46.76 -22.05
CA GLY D 62 -5.86 47.09 -21.43
C GLY D 62 -5.71 47.65 -20.04
N PRO D 63 -6.80 48.19 -19.50
CA PRO D 63 -6.73 48.85 -18.19
C PRO D 63 -6.41 47.88 -17.06
N ILE D 64 -5.73 48.40 -16.05
CA ILE D 64 -5.37 47.62 -14.87
C ILE D 64 -6.43 47.77 -13.80
N ARG D 98 -9.67 42.12 -16.80
CA ARG D 98 -10.20 40.96 -17.50
C ARG D 98 -9.63 40.88 -18.91
N ILE D 99 -9.60 42.02 -19.60
CA ILE D 99 -9.07 42.06 -20.96
C ILE D 99 -7.57 41.82 -20.98
N ARG D 100 -6.87 42.08 -19.87
CA ARG D 100 -5.45 41.83 -19.80
C ARG D 100 -5.11 40.35 -19.75
N ARG D 101 -6.11 39.48 -19.59
CA ARG D 101 -5.88 38.05 -19.65
C ARG D 101 -6.00 37.49 -21.07
N TYR D 102 -6.56 38.27 -21.99
CA TYR D 102 -6.85 37.78 -23.33
C TYR D 102 -6.26 38.62 -24.45
N GLN D 103 -6.05 39.92 -24.22
CA GLN D 103 -5.50 40.77 -25.27
C GLN D 103 -4.05 40.40 -25.56
N MET D 104 -3.75 40.20 -26.84
CA MET D 104 -2.42 39.81 -27.29
C MET D 104 -1.69 40.99 -27.90
N GLY D 105 -0.38 40.90 -27.93
CA GLY D 105 0.45 41.86 -28.62
C GLY D 105 1.33 41.17 -29.65
N TYR D 106 2.26 41.90 -30.25
CA TYR D 106 3.21 41.27 -31.17
C TYR D 106 4.49 42.08 -31.18
N ILE D 107 5.57 41.43 -31.60
CA ILE D 107 6.88 42.04 -31.75
C ILE D 107 7.23 42.03 -33.22
N LYS D 108 7.47 43.21 -33.79
CA LYS D 108 7.81 43.34 -35.20
C LYS D 108 9.30 43.08 -35.37
N LEU D 109 9.64 41.84 -35.73
CA LEU D 109 11.04 41.48 -35.94
C LEU D 109 11.55 42.11 -37.22
N THR D 110 12.73 42.73 -37.15
CA THR D 110 13.34 43.30 -38.34
C THR D 110 13.66 42.23 -39.38
N CYS D 111 14.21 41.10 -38.93
CA CYS D 111 14.50 40.00 -39.81
C CYS D 111 13.63 38.79 -39.45
N PRO D 112 13.20 38.00 -40.44
CA PRO D 112 12.43 36.80 -40.13
C PRO D 112 13.28 35.79 -39.37
N VAL D 113 12.65 35.09 -38.43
CA VAL D 113 13.29 34.05 -37.66
C VAL D 113 12.50 32.76 -37.81
N THR D 114 13.21 31.66 -38.02
CA THR D 114 12.54 30.38 -38.20
C THR D 114 11.95 29.89 -36.89
N HIS D 115 10.89 29.09 -37.00
CA HIS D 115 10.31 28.46 -35.83
C HIS D 115 11.13 27.23 -35.47
N VAL D 116 11.55 27.15 -34.20
CA VAL D 116 12.46 26.09 -33.78
C VAL D 116 11.81 24.72 -33.92
N TRP D 117 10.50 24.63 -33.66
CA TRP D 117 9.80 23.36 -33.75
C TRP D 117 9.89 22.76 -35.15
N TYR D 118 9.92 23.59 -36.19
CA TYR D 118 9.87 23.12 -37.56
C TYR D 118 11.23 23.05 -38.22
N LEU D 119 12.30 23.40 -37.52
CA LEU D 119 13.65 23.26 -38.05
C LEU D 119 14.53 22.32 -37.24
N LYS D 120 14.52 22.46 -35.91
CA LYS D 120 15.45 21.71 -35.08
C LYS D 120 14.90 20.37 -34.60
N ARG D 121 13.58 20.20 -34.57
CA ARG D 121 13.00 18.94 -34.16
C ARG D 121 13.19 17.88 -35.24
N LEU D 122 13.45 16.65 -34.82
CA LEU D 122 13.79 15.58 -35.75
C LEU D 122 12.59 14.67 -35.98
N PRO D 123 12.24 14.37 -37.23
CA PRO D 123 12.84 14.86 -38.47
C PRO D 123 12.40 16.28 -38.80
N SER D 124 13.28 17.07 -39.43
CA SER D 124 12.96 18.47 -39.69
C SER D 124 11.93 18.58 -40.81
N TYR D 125 10.88 19.36 -40.57
CA TYR D 125 9.87 19.57 -41.59
C TYR D 125 10.38 20.49 -42.69
N ILE D 126 11.08 21.57 -42.31
CA ILE D 126 11.62 22.49 -43.29
C ILE D 126 12.64 21.79 -44.17
N ALA D 127 13.52 20.98 -43.58
CA ALA D 127 14.51 20.27 -44.36
C ALA D 127 13.87 19.29 -45.33
N ASN D 128 12.83 18.58 -44.89
CA ASN D 128 12.15 17.63 -45.76
C ASN D 128 11.44 18.33 -46.91
N LEU D 129 10.78 19.45 -46.62
CA LEU D 129 10.05 20.15 -47.68
C LEU D 129 11.01 20.82 -48.66
N LEU D 130 12.14 21.33 -48.17
CA LEU D 130 13.15 21.90 -49.04
C LEU D 130 14.07 20.86 -49.65
N ASP D 131 14.06 19.63 -49.11
CA ASP D 131 14.88 18.52 -49.61
C ASP D 131 16.37 18.86 -49.57
N LYS D 132 16.85 19.16 -48.36
CA LYS D 132 18.26 19.42 -48.11
C LYS D 132 18.64 18.81 -46.78
N PRO D 133 19.91 18.43 -46.60
CA PRO D 133 20.34 17.87 -45.32
C PRO D 133 20.22 18.91 -44.21
N LEU D 134 20.02 18.42 -42.99
CA LEU D 134 19.83 19.30 -41.84
C LEU D 134 21.08 20.12 -41.54
N LYS D 135 22.26 19.56 -41.78
CA LYS D 135 23.51 20.26 -41.45
C LYS D 135 23.62 21.57 -42.22
N GLU D 136 23.34 21.54 -43.53
CA GLU D 136 23.52 22.75 -44.33
C GLU D 136 22.48 23.81 -43.96
N LEU D 137 21.25 23.39 -43.64
CA LEU D 137 20.24 24.35 -43.22
C LEU D 137 20.61 24.98 -41.88
N GLU D 138 21.09 24.17 -40.93
CA GLU D 138 21.50 24.71 -39.64
C GLU D 138 22.67 25.67 -39.80
N GLY D 139 23.63 25.31 -40.65
CA GLY D 139 24.73 26.23 -40.92
C GLY D 139 24.26 27.52 -41.56
N LEU D 140 23.29 27.44 -42.46
CA LEU D 140 22.74 28.65 -43.06
C LEU D 140 22.03 29.52 -42.04
N VAL D 141 21.42 28.91 -41.03
CA VAL D 141 20.69 29.69 -40.02
C VAL D 141 21.60 30.13 -38.87
N TYR D 142 22.59 29.32 -38.50
CA TYR D 142 23.39 29.60 -37.31
C TYR D 142 24.81 30.06 -37.61
N CYS D 143 25.35 29.75 -38.78
CA CYS D 143 26.72 30.11 -39.13
C CYS D 143 26.72 31.20 -40.21
N ASP D 144 27.92 31.56 -40.65
CA ASP D 144 28.08 32.60 -41.67
C ASP D 144 28.10 31.97 -43.06
N PHE D 145 27.00 31.34 -43.42
CA PHE D 145 26.83 30.67 -44.69
C PHE D 145 25.81 31.43 -45.54
N SER D 146 26.07 31.50 -46.84
CA SER D 146 25.15 32.15 -47.78
C SER D 146 24.68 31.12 -48.80
N PHE D 147 23.38 31.16 -49.09
CA PHE D 147 22.77 30.20 -50.01
C PHE D 147 22.72 30.77 -51.41
N ALA D 148 23.13 29.97 -52.39
CA ALA D 148 23.13 30.37 -53.78
C ALA D 148 21.80 29.97 -54.44
N ARG D 149 21.22 30.91 -55.19
CA ARG D 149 19.96 30.70 -55.89
C ARG D 149 18.85 30.33 -54.91
N PRO D 150 18.40 31.26 -54.07
CA PRO D 150 17.32 30.93 -53.12
C PRO D 150 15.93 30.95 -53.74
N ILE D 151 15.73 31.70 -54.82
CA ILE D 151 14.41 31.85 -55.43
C ILE D 151 14.50 31.50 -56.91
N THR D 152 13.36 31.16 -57.49
CA THR D 152 13.29 30.68 -58.87
C THR D 152 12.30 31.46 -59.73
N LYS D 153 11.19 31.92 -59.16
CA LYS D 153 10.17 32.60 -59.95
C LYS D 153 10.60 33.96 -60.46
N LYS D 154 11.86 34.35 -60.25
CA LYS D 154 12.40 35.57 -60.83
C LYS D 154 13.72 35.25 -61.53
N PRO D 155 14.01 35.89 -62.65
CA PRO D 155 15.20 35.53 -63.43
C PRO D 155 16.49 35.87 -62.71
N THR D 156 17.52 35.06 -62.97
CA THR D 156 18.87 35.28 -62.47
C THR D 156 19.85 35.21 -63.64
N PHE D 157 21.12 35.50 -63.35
CA PHE D 157 22.14 35.47 -64.40
C PHE D 157 23.46 34.86 -63.94
N LEU D 158 23.46 34.07 -62.87
CA LEU D 158 24.70 33.57 -62.28
C LEU D 158 24.66 32.06 -62.17
N ARG D 159 25.86 31.47 -62.15
CA ARG D 159 26.02 30.01 -62.05
C ARG D 159 26.34 29.60 -60.61
N LEU D 160 25.73 30.29 -59.65
CA LEU D 160 25.93 29.98 -58.24
C LEU D 160 24.87 28.98 -57.79
N ARG D 161 25.31 27.79 -57.39
CA ARG D 161 24.41 26.75 -56.92
C ARG D 161 24.99 26.12 -55.66
N GLY D 162 24.11 25.49 -54.89
CA GLY D 162 24.51 24.93 -53.62
C GLY D 162 24.61 25.98 -52.54
N SER D 163 25.23 25.59 -51.43
CA SER D 163 25.45 26.48 -50.28
C SER D 163 26.96 26.64 -50.11
N PHE D 164 27.51 27.68 -50.74
CA PHE D 164 28.94 27.93 -50.67
C PHE D 164 29.29 28.42 -49.26
N GLU D 165 30.10 27.64 -48.54
CA GLU D 165 30.46 28.00 -47.18
C GLU D 165 31.33 29.26 -47.16
N TYR D 166 32.37 29.29 -47.99
CA TYR D 166 33.21 30.46 -48.09
C TYR D 166 32.50 31.58 -48.83
N GLU D 167 32.78 32.81 -48.42
CA GLU D 167 32.26 33.96 -49.15
C GLU D 167 32.90 34.05 -50.52
N ILE D 168 32.10 34.45 -51.51
CA ILE D 168 32.58 34.60 -52.88
C ILE D 168 33.43 35.87 -52.96
N GLN D 169 34.68 35.71 -53.39
CA GLN D 169 35.59 36.85 -53.45
C GLN D 169 35.10 37.90 -54.43
N SER D 170 34.64 37.48 -55.60
CA SER D 170 34.12 38.43 -56.58
C SER D 170 32.87 39.12 -56.06
N TRP D 171 31.99 38.37 -55.38
CA TRP D 171 30.75 38.94 -54.88
C TRP D 171 30.97 40.00 -53.81
N LYS D 172 32.14 40.00 -53.16
CA LYS D 172 32.40 40.99 -52.11
C LYS D 172 32.59 42.38 -52.68
N TYR D 173 33.45 42.51 -53.69
CA TYR D 173 33.79 43.80 -54.27
C TYR D 173 33.41 43.93 -55.73
N SER D 174 33.82 42.96 -56.56
CA SER D 174 33.73 43.12 -58.01
C SER D 174 32.31 43.44 -58.46
N ILE D 175 31.39 42.53 -58.23
CA ILE D 175 30.00 42.70 -58.68
C ILE D 175 29.37 43.93 -58.02
N PRO D 176 29.45 44.11 -56.69
CA PRO D 176 28.84 45.33 -56.11
C PRO D 176 29.46 46.62 -56.63
N LEU D 177 30.78 46.64 -56.85
CA LEU D 177 31.41 47.89 -57.28
C LEU D 177 31.10 48.20 -58.73
N PHE D 178 30.91 47.19 -59.56
CA PHE D 178 30.48 47.42 -60.94
C PHE D 178 28.99 47.74 -61.00
N PHE D 179 28.19 47.14 -60.12
CA PHE D 179 26.74 47.32 -60.12
C PHE D 179 26.28 48.40 -59.15
N THR D 180 27.21 49.18 -58.59
CA THR D 180 26.90 50.20 -57.58
C THR D 180 26.19 49.58 -56.38
N THR D 181 25.50 50.40 -55.58
CA THR D 181 24.91 49.94 -54.33
C THR D 181 23.39 49.82 -54.40
N GLN D 182 22.70 50.84 -54.88
CA GLN D 182 21.24 50.84 -54.83
C GLN D 182 20.66 49.71 -55.68
N GLY D 183 21.06 49.65 -56.96
CA GLY D 183 20.55 48.60 -57.83
C GLY D 183 21.01 47.22 -57.41
N PHE D 184 22.26 47.12 -56.96
CA PHE D 184 22.78 45.83 -56.50
C PHE D 184 21.97 45.32 -55.32
N GLU D 185 21.68 46.18 -54.35
CA GLU D 185 20.84 45.77 -53.22
C GLU D 185 19.41 45.49 -53.67
N ILE D 186 18.93 46.20 -54.71
CA ILE D 186 17.60 45.92 -55.23
C ILE D 186 17.50 44.50 -55.76
N PHE D 187 18.51 44.06 -56.51
CA PHE D 187 18.51 42.69 -57.02
C PHE D 187 19.34 41.74 -56.16
N ARG D 188 19.84 42.20 -55.01
CA ARG D 188 20.70 41.38 -54.16
C ARG D 188 19.99 40.11 -53.72
N ASN D 189 18.78 40.24 -53.16
CA ASN D 189 18.10 39.11 -52.56
C ASN D 189 17.37 38.27 -53.61
N ARG D 190 18.09 37.88 -54.66
CA ARG D 190 17.54 36.99 -55.68
C ARG D 190 18.51 35.93 -56.17
N GLU D 191 19.80 36.03 -55.86
CA GLU D 191 20.77 35.03 -56.30
C GLU D 191 21.55 34.49 -55.12
N ILE D 192 21.82 35.35 -54.13
CA ILE D 192 22.53 34.96 -52.91
C ILE D 192 21.83 35.59 -51.72
N SER D 193 21.54 34.77 -50.71
CA SER D 193 20.97 35.25 -49.46
C SER D 193 21.45 34.34 -48.34
N THR D 194 21.09 34.69 -47.11
CA THR D 194 21.55 33.94 -45.95
C THR D 194 20.54 34.07 -44.82
N GLY D 195 20.64 33.15 -43.86
CA GLY D 195 19.77 33.18 -42.70
C GLY D 195 18.37 32.67 -42.99
N ALA D 196 17.47 32.97 -42.04
CA ALA D 196 16.09 32.53 -42.16
C ALA D 196 15.34 33.22 -43.29
N GLY D 197 15.83 34.37 -43.75
CA GLY D 197 15.21 35.01 -44.90
C GLY D 197 15.31 34.17 -46.15
N ALA D 198 16.47 33.55 -46.38
CA ALA D 198 16.61 32.63 -47.51
C ALA D 198 15.67 31.44 -47.38
N ILE D 199 15.51 30.92 -46.17
CA ILE D 199 14.60 29.80 -45.96
C ILE D 199 13.17 30.21 -46.29
N ARG D 200 12.76 31.39 -45.82
CA ARG D 200 11.40 31.86 -46.08
C ARG D 200 11.18 32.10 -47.57
N GLU D 201 12.20 32.62 -48.26
CA GLU D 201 12.09 32.81 -49.71
C GLU D 201 11.96 31.48 -50.43
N GLN D 202 12.73 30.47 -50.00
CA GLN D 202 12.63 29.15 -50.61
C GLN D 202 11.27 28.53 -50.37
N LEU D 203 10.71 28.72 -49.17
CA LEU D 203 9.41 28.14 -48.86
C LEU D 203 8.27 28.86 -49.59
N ALA D 204 8.40 30.17 -49.78
CA ALA D 204 7.31 30.96 -50.36
C ALA D 204 7.08 30.59 -51.82
N ASP D 205 8.15 30.37 -52.59
CA ASP D 205 8.04 30.10 -54.02
C ASP D 205 7.99 28.63 -54.35
N LEU D 206 7.91 27.75 -53.34
CA LEU D 206 7.85 26.32 -53.60
C LEU D 206 6.59 25.96 -54.38
N ASP D 207 6.75 25.12 -55.40
CA ASP D 207 5.63 24.58 -56.15
C ASP D 207 5.36 23.18 -55.61
N LEU D 208 4.26 23.04 -54.85
CA LEU D 208 4.00 21.80 -54.14
C LEU D 208 3.67 20.66 -55.10
N ARG D 209 2.92 20.95 -56.16
CA ARG D 209 2.56 19.91 -57.13
C ARG D 209 3.80 19.37 -57.84
N ILE D 210 4.73 20.25 -58.20
CA ILE D 210 5.99 19.81 -58.79
C ILE D 210 6.76 18.95 -57.79
N ILE D 211 6.70 19.31 -56.50
CA ILE D 211 7.36 18.51 -55.47
C ILE D 211 6.78 17.11 -55.44
N ILE D 212 5.45 17.01 -55.46
CA ILE D 212 4.79 15.71 -55.42
C ILE D 212 5.19 14.87 -56.63
N GLU D 213 5.16 15.49 -57.81
CA GLU D 213 5.48 14.74 -59.03
C GLU D 213 6.93 14.27 -59.04
N ASN D 214 7.86 15.15 -58.66
CA ASN D 214 9.27 14.75 -58.63
C ASN D 214 9.51 13.65 -57.61
N SER D 215 8.88 13.76 -56.44
CA SER D 215 9.04 12.73 -55.42
C SER D 215 8.49 11.39 -55.90
N LEU D 216 7.33 11.41 -56.55
CA LEU D 216 6.74 10.16 -57.04
C LEU D 216 7.61 9.53 -58.11
N VAL D 217 8.14 10.34 -59.05
CA VAL D 217 8.94 9.77 -60.12
C VAL D 217 10.26 9.24 -59.58
N GLU D 218 10.85 9.92 -58.59
CA GLU D 218 12.07 9.41 -57.99
C GLU D 218 11.81 8.13 -57.21
N TRP D 219 10.66 8.04 -56.53
CA TRP D 219 10.31 6.82 -55.83
C TRP D 219 10.14 5.66 -56.81
N LYS D 220 9.49 5.91 -57.94
CA LYS D 220 9.34 4.87 -58.95
C LYS D 220 10.69 4.43 -59.50
N GLN D 221 11.58 5.40 -59.77
CA GLN D 221 12.91 5.06 -60.26
C GLN D 221 13.64 4.18 -59.26
N LEU D 222 13.59 4.55 -57.98
CA LEU D 222 14.26 3.75 -56.95
C LEU D 222 13.66 2.36 -56.85
N GLY D 223 12.33 2.25 -56.96
CA GLY D 223 11.68 0.96 -56.84
C GLY D 223 11.99 0.03 -57.99
N GLU D 224 12.08 0.58 -59.22
CA GLU D 224 12.25 -0.27 -60.39
C GLU D 224 13.63 -0.92 -60.46
N GLU D 225 14.57 -0.49 -59.61
CA GLU D 225 15.91 -1.09 -59.59
C GLU D 225 15.86 -2.48 -58.96
N ASP D 234 20.68 -3.24 -48.72
CA ASP D 234 19.44 -2.58 -49.09
C ASP D 234 18.84 -1.82 -47.90
N ARG D 235 19.66 -1.00 -47.25
CA ARG D 235 19.22 -0.28 -46.06
C ARG D 235 18.71 1.11 -46.38
N LYS D 236 19.56 1.98 -46.94
CA LYS D 236 19.11 3.33 -47.26
C LYS D 236 18.69 3.47 -48.72
N ILE D 237 18.68 2.38 -49.48
CA ILE D 237 17.88 2.33 -50.70
C ILE D 237 16.41 2.39 -50.34
N VAL D 238 16.07 2.03 -49.10
CA VAL D 238 14.71 2.12 -48.59
C VAL D 238 14.48 3.43 -47.85
N ARG D 239 15.47 3.89 -47.07
CA ARG D 239 15.31 5.13 -46.32
C ARG D 239 15.14 6.32 -47.25
N ARG D 240 15.84 6.34 -48.38
CA ARG D 240 15.60 7.38 -49.37
C ARG D 240 14.19 7.31 -49.91
N LYS D 241 13.68 6.09 -50.13
CA LYS D 241 12.29 5.93 -50.49
C LYS D 241 11.36 6.45 -49.40
N ASP D 242 11.67 6.12 -48.14
CA ASP D 242 10.85 6.58 -47.03
C ASP D 242 10.87 8.10 -46.91
N PHE D 243 12.01 8.72 -47.19
CA PHE D 243 12.05 10.18 -47.26
C PHE D 243 11.16 10.69 -48.37
N LEU D 244 11.17 10.01 -49.52
CA LEU D 244 10.33 10.45 -50.65
C LEU D 244 8.86 10.34 -50.31
N VAL D 245 8.45 9.22 -49.70
CA VAL D 245 7.05 9.06 -49.31
C VAL D 245 6.66 10.12 -48.29
N ARG D 246 7.54 10.38 -47.32
CA ARG D 246 7.27 11.40 -46.32
C ARG D 246 7.16 12.79 -46.95
N ARG D 247 7.89 13.04 -48.04
CA ARG D 247 7.88 14.37 -48.64
C ARG D 247 6.60 14.62 -49.43
N MET D 248 6.08 13.63 -50.15
CA MET D 248 4.85 13.85 -50.91
C MET D 248 3.65 13.94 -49.99
N GLU D 249 3.64 13.16 -48.90
CA GLU D 249 2.57 13.28 -47.93
C GLU D 249 2.61 14.63 -47.21
N LEU D 250 3.81 15.18 -47.02
CA LEU D 250 3.92 16.50 -46.41
C LEU D 250 3.48 17.59 -47.38
N ALA D 251 3.87 17.47 -48.65
CA ALA D 251 3.45 18.45 -49.65
C ALA D 251 1.97 18.35 -49.98
N LYS D 252 1.40 17.14 -49.91
CA LYS D 252 -0.02 16.97 -50.20
C LYS D 252 -0.89 17.72 -49.19
N HIS D 253 -0.50 17.66 -47.91
CA HIS D 253 -1.32 18.27 -46.86
C HIS D 253 -1.38 19.79 -47.00
N PHE D 254 -0.33 20.42 -47.53
CA PHE D 254 -0.35 21.86 -47.70
C PHE D 254 -1.34 22.29 -48.77
N ILE D 255 -1.53 21.48 -49.81
CA ILE D 255 -2.42 21.86 -50.91
C ILE D 255 -3.87 21.93 -50.43
N ARG D 256 -4.30 20.93 -49.67
CA ARG D 256 -5.71 20.85 -49.27
C ARG D 256 -6.07 21.77 -48.11
N THR D 257 -5.09 22.29 -47.39
CA THR D 257 -5.35 23.16 -46.25
C THR D 257 -5.06 24.61 -46.63
N ASN D 258 -5.30 25.51 -45.67
CA ASN D 258 -4.99 26.92 -45.84
C ASN D 258 -3.64 27.28 -45.26
N ILE D 259 -2.87 26.29 -44.80
CA ILE D 259 -1.56 26.53 -44.22
C ILE D 259 -0.56 26.86 -45.33
N GLU D 260 0.33 27.80 -45.05
CA GLU D 260 1.41 28.13 -45.97
C GLU D 260 2.74 27.69 -45.39
N PRO D 261 3.57 27.01 -46.17
CA PRO D 261 4.86 26.54 -45.63
C PRO D 261 5.79 27.67 -45.19
N GLU D 262 5.59 28.89 -45.68
CA GLU D 262 6.44 30.00 -45.25
C GLU D 262 6.08 30.54 -43.89
N TRP D 263 4.92 30.17 -43.34
CA TRP D 263 4.58 30.53 -41.97
C TRP D 263 5.47 29.81 -40.96
N MET D 264 6.21 28.80 -41.40
CA MET D 264 7.18 28.09 -40.57
C MET D 264 8.35 28.97 -40.17
N VAL D 265 8.50 30.13 -40.81
CA VAL D 265 9.48 31.14 -40.43
C VAL D 265 8.72 32.39 -40.01
N LEU D 266 9.02 32.90 -38.82
CA LEU D 266 8.20 33.92 -38.19
C LEU D 266 8.63 35.31 -38.62
N CYS D 267 7.65 36.12 -39.04
CA CYS D 267 7.87 37.55 -39.30
C CYS D 267 7.42 38.41 -38.13
N LEU D 268 6.44 37.97 -37.36
CA LEU D 268 6.00 38.64 -36.16
C LEU D 268 5.97 37.65 -35.01
N LEU D 269 6.12 38.17 -33.79
CA LEU D 269 6.15 37.33 -32.60
C LEU D 269 5.01 37.73 -31.66
N PRO D 270 3.95 36.92 -31.57
CA PRO D 270 2.87 37.23 -30.63
C PRO D 270 3.37 37.26 -29.19
N VAL D 271 2.80 38.16 -28.41
CA VAL D 271 3.22 38.40 -27.04
C VAL D 271 2.10 37.99 -26.09
N LEU D 272 2.44 37.15 -25.12
CA LEU D 272 1.46 36.64 -24.18
C LEU D 272 0.85 37.77 -23.37
N PRO D 273 -0.44 37.67 -23.03
CA PRO D 273 -1.07 38.72 -22.23
C PRO D 273 -0.39 38.84 -20.89
N PRO D 274 -0.38 40.05 -20.31
CA PRO D 274 0.39 40.27 -19.07
C PRO D 274 -0.12 39.48 -17.88
N GLU D 275 -1.44 39.35 -17.74
CA GLU D 275 -1.99 38.67 -16.57
C GLU D 275 -1.67 37.19 -16.55
N LEU D 276 -1.22 36.62 -17.66
CA LEU D 276 -0.75 35.24 -17.69
C LEU D 276 0.72 35.12 -17.34
N ARG D 277 1.44 36.24 -17.25
CA ARG D 277 2.84 36.28 -16.85
C ARG D 277 3.04 37.39 -15.84
N PRO D 278 2.48 37.24 -14.62
CA PRO D 278 2.56 38.31 -13.63
C PRO D 278 3.96 38.47 -13.04
N ASP D 291 10.24 34.85 -15.68
CA ASP D 291 10.99 33.98 -16.58
C ASP D 291 10.58 34.23 -18.03
N ILE D 292 9.29 34.07 -18.31
CA ILE D 292 8.78 34.36 -19.65
C ILE D 292 8.95 35.84 -19.97
N ASN D 293 8.76 36.71 -18.99
CA ASN D 293 8.96 38.13 -19.21
C ASN D 293 10.41 38.43 -19.55
N GLU D 294 11.35 37.74 -18.90
CA GLU D 294 12.76 38.00 -19.16
C GLU D 294 13.12 37.62 -20.59
N LEU D 295 12.58 36.51 -21.10
CA LEU D 295 12.84 36.11 -22.47
C LEU D 295 12.25 37.09 -23.47
N TYR D 296 11.11 37.69 -23.14
CA TYR D 296 10.51 38.68 -24.03
C TYR D 296 11.37 39.94 -24.12
N ARG D 297 11.98 40.35 -23.01
CA ARG D 297 12.87 41.51 -23.04
C ARG D 297 14.06 41.27 -23.96
N ARG D 298 14.62 40.07 -23.92
CA ARG D 298 15.77 39.75 -24.77
C ARG D 298 15.44 39.90 -26.25
N VAL D 299 14.27 39.43 -26.67
CA VAL D 299 13.86 39.58 -28.06
C VAL D 299 13.82 41.06 -28.43
N ILE D 300 13.20 41.88 -27.58
CA ILE D 300 13.21 43.32 -27.78
C ILE D 300 14.62 43.87 -27.61
N TYR D 301 15.41 43.30 -26.70
CA TYR D 301 16.76 43.79 -26.47
C TYR D 301 17.63 43.63 -27.73
N ARG D 302 17.50 42.50 -28.42
CA ARG D 302 18.33 42.24 -29.58
C ARG D 302 17.67 42.63 -30.89
N ASN D 303 16.34 42.70 -30.95
CA ASN D 303 15.68 43.21 -32.15
C ASN D 303 15.86 44.72 -32.28
N ASN D 304 15.67 45.44 -31.17
CA ASN D 304 15.84 46.89 -31.21
C ASN D 304 17.29 47.27 -31.47
N THR D 305 18.25 46.43 -31.06
CA THR D 305 19.63 46.65 -31.44
C THR D 305 19.83 46.45 -32.93
N LEU D 306 19.16 45.45 -33.50
CA LEU D 306 19.34 45.14 -34.92
C LEU D 306 18.84 46.27 -35.81
N THR D 307 17.66 46.81 -35.50
CA THR D 307 17.13 47.91 -36.31
C THR D 307 17.96 49.18 -36.17
N ASP D 308 18.66 49.35 -35.05
CA ASP D 308 19.57 50.48 -34.91
C ASP D 308 20.72 50.37 -35.91
N LEU D 309 21.23 49.15 -36.13
CA LEU D 309 22.28 48.95 -37.11
C LEU D 309 21.79 49.29 -38.52
N LEU D 310 20.57 48.88 -38.85
CA LEU D 310 20.01 49.15 -40.17
C LEU D 310 19.29 50.50 -40.19
N VAL D 321 26.81 42.82 -38.47
CA VAL D 321 25.35 42.91 -38.49
C VAL D 321 24.74 41.50 -38.52
N MET D 322 25.50 40.54 -39.05
CA MET D 322 25.02 39.17 -39.12
C MET D 322 24.95 38.54 -37.74
N CYS D 323 25.89 38.89 -36.86
CA CYS D 323 25.91 38.31 -35.52
C CYS D 323 24.66 38.69 -34.74
N GLN D 324 24.24 39.96 -34.82
CA GLN D 324 23.02 40.39 -34.15
C GLN D 324 21.79 39.70 -34.73
N GLU D 325 21.80 39.39 -36.03
CA GLU D 325 20.70 38.65 -36.62
C GLU D 325 20.58 37.27 -36.00
N LYS D 326 21.71 36.61 -35.74
CA LYS D 326 21.67 35.31 -35.08
C LYS D 326 21.23 35.43 -33.63
N LEU D 327 21.60 36.53 -32.95
CA LEU D 327 21.22 36.70 -31.56
C LEU D 327 19.71 36.82 -31.40
N VAL D 328 19.05 37.51 -32.33
CA VAL D 328 17.60 37.59 -32.28
C VAL D 328 16.98 36.21 -32.45
N GLN D 329 17.51 35.43 -33.39
CA GLN D 329 16.98 34.09 -33.64
C GLN D 329 17.14 33.19 -32.41
N GLU D 330 18.29 33.27 -31.75
CA GLU D 330 18.50 32.46 -30.54
C GLU D 330 17.59 32.91 -29.40
N ALA D 331 17.30 34.21 -29.32
CA ALA D 331 16.36 34.69 -28.30
C ALA D 331 14.97 34.12 -28.52
N VAL D 332 14.53 34.03 -29.78
CA VAL D 332 13.21 33.49 -30.06
C VAL D 332 13.19 31.99 -29.80
N ASP D 333 14.25 31.27 -30.18
CA ASP D 333 14.30 29.84 -29.95
C ASP D 333 14.26 29.52 -28.46
N THR D 334 15.03 30.26 -27.66
CA THR D 334 15.02 30.05 -26.22
C THR D 334 13.65 30.36 -25.63
N LEU D 335 13.01 31.43 -26.10
CA LEU D 335 11.65 31.74 -25.66
C LEU D 335 10.67 30.66 -26.08
N LEU D 336 10.82 30.15 -27.31
CA LEU D 336 9.88 29.15 -27.82
C LEU D 336 10.16 27.76 -27.26
N ASP D 337 11.41 27.31 -27.34
CA ASP D 337 11.75 25.95 -26.89
C ASP D 337 13.23 25.89 -26.54
N ASN D 338 13.52 25.81 -25.25
CA ASN D 338 14.88 25.56 -24.78
C ASN D 338 15.14 24.06 -24.72
N GLY D 339 16.40 23.72 -24.42
CA GLY D 339 16.78 22.31 -24.30
C GLY D 339 16.58 21.50 -25.56
N ILE D 340 16.84 22.11 -26.71
CA ILE D 340 16.63 21.45 -27.99
C ILE D 340 17.88 21.60 -28.85
N ARG D 341 18.77 22.51 -28.46
CA ARG D 341 19.99 22.80 -29.19
C ARG D 341 21.22 22.20 -28.53
N GLY D 342 21.05 21.09 -27.82
CA GLY D 342 22.15 20.52 -27.07
C GLY D 342 22.25 21.15 -25.70
N GLN D 343 23.14 22.12 -25.55
CA GLN D 343 23.23 22.88 -24.32
C GLN D 343 22.10 23.90 -24.27
N PRO D 344 21.22 23.86 -23.27
CA PRO D 344 20.20 24.91 -23.15
C PRO D 344 20.75 26.11 -22.41
N MET D 345 20.43 27.30 -22.92
CA MET D 345 21.00 28.50 -22.34
C MET D 345 20.40 28.79 -20.98
N ARG D 346 21.25 29.15 -20.03
CA ARG D 346 20.85 29.36 -18.65
C ARG D 346 20.81 30.85 -18.33
N ASP D 347 20.33 31.16 -17.13
CA ASP D 347 20.27 32.54 -16.64
C ASP D 347 21.55 32.86 -15.88
N GLY D 348 21.57 33.99 -15.18
CA GLY D 348 22.72 34.35 -14.38
C GLY D 348 22.98 33.44 -13.20
N HIS D 349 21.95 32.73 -12.75
CA HIS D 349 22.08 31.78 -11.64
C HIS D 349 22.46 30.39 -12.10
N ASN D 350 22.88 30.24 -13.35
CA ASN D 350 23.21 28.93 -13.95
C ASN D 350 22.01 27.98 -13.84
N LYS D 351 20.82 28.49 -14.12
CA LYS D 351 19.60 27.71 -14.14
C LYS D 351 18.97 27.79 -15.52
N VAL D 352 18.51 26.65 -16.03
CA VAL D 352 17.92 26.60 -17.36
C VAL D 352 16.62 27.39 -17.39
N TYR D 353 16.43 28.19 -18.43
CA TYR D 353 15.18 28.90 -18.61
C TYR D 353 14.04 27.92 -18.93
N LYS D 354 12.82 28.39 -18.71
CA LYS D 354 11.62 27.62 -18.99
C LYS D 354 10.91 28.28 -20.17
N SER D 355 10.72 27.52 -21.25
CA SER D 355 10.10 28.03 -22.46
C SER D 355 8.63 27.63 -22.51
N PHE D 356 7.94 28.09 -23.55
CA PHE D 356 6.52 27.78 -23.70
C PHE D 356 6.29 26.29 -23.86
N SER D 357 7.18 25.62 -24.60
CA SER D 357 7.08 24.17 -24.76
C SER D 357 7.20 23.48 -23.41
N ASP D 358 8.09 23.97 -22.55
CA ASP D 358 8.25 23.37 -21.22
C ASP D 358 6.99 23.53 -20.39
N VAL D 359 6.34 24.68 -20.47
CA VAL D 359 5.16 24.93 -19.64
C VAL D 359 3.90 24.29 -20.21
N ILE D 360 3.88 23.93 -21.50
CA ILE D 360 2.72 23.23 -22.03
C ILE D 360 2.90 21.71 -22.04
N GLU D 361 4.13 21.22 -21.92
CA GLU D 361 4.40 19.79 -21.98
C GLU D 361 4.86 19.29 -20.61
N GLY D 362 4.87 17.96 -20.48
CA GLY D 362 5.31 17.33 -19.26
C GLY D 362 4.17 17.05 -18.30
N LYS D 363 4.48 16.26 -17.27
CA LYS D 363 3.48 15.90 -16.27
C LYS D 363 2.99 17.12 -15.51
N GLU D 364 3.86 18.10 -15.29
CA GLU D 364 3.49 19.33 -14.58
C GLU D 364 3.01 20.42 -15.53
N GLY D 365 2.91 20.14 -16.83
CA GLY D 365 2.53 21.14 -17.80
C GLY D 365 1.05 21.48 -17.74
N ARG D 366 0.64 22.30 -18.70
CA ARG D 366 -0.75 22.76 -18.75
C ARG D 366 -1.72 21.62 -18.99
N PHE D 367 -1.39 20.72 -19.91
CA PHE D 367 -2.33 19.69 -20.32
C PHE D 367 -2.60 18.70 -19.19
N ARG D 368 -1.54 18.20 -18.55
CA ARG D 368 -1.68 17.12 -17.58
C ARG D 368 -1.89 17.58 -16.15
N GLU D 369 -1.79 18.88 -15.87
CA GLU D 369 -1.95 19.38 -14.51
C GLU D 369 -3.08 20.36 -14.35
N THR D 370 -3.27 21.28 -15.29
CA THR D 370 -4.30 22.30 -15.17
C THR D 370 -5.62 21.88 -15.80
N LEU D 371 -5.58 21.07 -16.86
CA LEU D 371 -6.77 20.72 -17.63
C LEU D 371 -7.34 19.36 -17.25
N LEU D 372 -6.50 18.36 -17.01
CA LEU D 372 -6.97 17.03 -16.66
C LEU D 372 -7.38 16.90 -15.20
N GLY D 373 -7.00 17.86 -14.35
CA GLY D 373 -7.39 17.83 -12.96
C GLY D 373 -7.50 19.24 -12.40
N LYS D 374 -8.51 19.49 -11.57
CA LYS D 374 -8.78 20.83 -11.07
C LYS D 374 -9.01 20.80 -9.56
N ARG D 375 -8.63 21.88 -8.90
CA ARG D 375 -9.04 22.11 -7.52
C ARG D 375 -10.40 22.78 -7.51
N VAL D 376 -11.25 22.39 -6.56
CA VAL D 376 -12.65 22.75 -6.58
C VAL D 376 -13.05 23.41 -5.28
N ASP D 377 -14.13 24.20 -5.35
CA ASP D 377 -14.74 24.81 -4.19
C ASP D 377 -15.71 23.83 -3.53
N TYR D 378 -16.27 24.23 -2.38
CA TYR D 378 -17.24 23.43 -1.65
C TYR D 378 -16.69 22.04 -1.35
N SER D 379 -15.44 21.99 -0.91
CA SER D 379 -14.77 20.74 -0.61
C SER D 379 -14.07 20.84 0.74
N GLY D 380 -13.95 19.69 1.41
CA GLY D 380 -13.34 19.64 2.72
C GLY D 380 -12.45 18.43 2.92
N ARG D 381 -11.92 18.27 4.13
CA ARG D 381 -11.00 17.17 4.41
C ARG D 381 -10.89 17.00 5.92
N SER D 382 -10.79 15.75 6.37
CA SER D 382 -10.60 15.45 7.79
C SER D 382 -10.15 14.00 7.91
N VAL D 383 -9.86 13.59 9.15
CA VAL D 383 -9.44 12.24 9.44
C VAL D 383 -10.66 11.33 9.51
N ILE D 384 -10.49 10.07 9.14
CA ILE D 384 -11.57 9.09 9.07
C ILE D 384 -11.56 8.25 10.34
N VAL D 385 -12.73 8.11 10.97
CA VAL D 385 -12.92 7.21 12.09
C VAL D 385 -14.09 6.29 11.75
N VAL D 386 -14.11 5.13 12.39
CA VAL D 386 -15.12 4.11 12.09
C VAL D 386 -16.38 4.40 12.88
N GLY D 387 -17.53 4.28 12.21
CA GLY D 387 -18.79 4.25 12.88
C GLY D 387 -19.56 2.99 12.56
N PRO D 388 -19.67 2.08 13.54
CA PRO D 388 -20.41 0.84 13.30
C PRO D 388 -21.91 0.99 13.42
N SER D 389 -22.40 2.09 13.98
CA SER D 389 -23.84 2.33 14.08
C SER D 389 -24.42 3.01 12.85
N LEU D 390 -23.59 3.44 11.92
CA LEU D 390 -24.07 4.11 10.72
C LEU D 390 -24.79 3.13 9.81
N SER D 391 -25.70 3.67 8.99
CA SER D 391 -26.31 2.88 7.93
C SER D 391 -25.35 2.79 6.76
N LEU D 392 -25.65 1.86 5.85
CA LEU D 392 -24.79 1.66 4.69
C LEU D 392 -24.78 2.86 3.75
N HIS D 393 -25.81 3.72 3.82
CA HIS D 393 -25.94 4.86 2.94
C HIS D 393 -25.68 6.19 3.64
N ARG D 394 -25.10 6.17 4.84
CA ARG D 394 -24.91 7.39 5.62
C ARG D 394 -23.44 7.57 5.99
N CYS D 395 -23.07 8.82 6.22
CA CYS D 395 -21.75 9.17 6.69
C CYS D 395 -21.89 10.30 7.72
N GLY D 396 -20.87 10.43 8.56
CA GLY D 396 -20.83 11.47 9.56
C GLY D 396 -19.92 12.60 9.15
N LEU D 397 -20.46 13.82 9.18
CA LEU D 397 -19.69 15.00 8.79
C LEU D 397 -19.37 15.86 10.00
N PRO D 398 -18.13 16.32 10.12
CA PRO D 398 -17.80 17.26 11.19
C PRO D 398 -18.58 18.56 11.04
N ARG D 399 -18.88 19.17 12.18
CA ARG D 399 -19.73 20.37 12.17
C ARG D 399 -19.08 21.51 11.40
N GLU D 400 -17.76 21.67 11.55
CA GLU D 400 -17.07 22.76 10.86
C GLU D 400 -17.05 22.51 9.35
N ILE D 401 -16.73 21.28 8.93
CA ILE D 401 -16.75 20.96 7.51
C ILE D 401 -18.15 21.16 6.93
N ALA D 402 -19.17 20.69 7.66
CA ALA D 402 -20.54 20.83 7.17
C ALA D 402 -20.95 22.29 7.04
N ILE D 403 -20.61 23.12 8.05
CA ILE D 403 -21.01 24.52 7.98
C ILE D 403 -20.23 25.25 6.88
N GLU D 404 -19.00 24.81 6.59
CA GLU D 404 -18.26 25.43 5.49
C GLU D 404 -18.85 25.03 4.15
N LEU D 405 -19.14 23.74 3.96
CA LEU D 405 -19.58 23.26 2.65
C LEU D 405 -20.97 23.77 2.30
N PHE D 406 -21.88 23.78 3.28
CA PHE D 406 -23.26 24.18 3.05
C PHE D 406 -23.53 25.62 3.45
N GLN D 407 -22.53 26.50 3.32
CA GLN D 407 -22.68 27.87 3.81
C GLN D 407 -23.78 28.63 3.07
N THR D 408 -23.82 28.51 1.74
CA THR D 408 -24.85 29.21 0.97
C THR D 408 -26.24 28.69 1.29
N PHE D 409 -26.38 27.38 1.48
CA PHE D 409 -27.67 26.81 1.83
C PHE D 409 -28.11 27.24 3.22
N VAL D 410 -27.16 27.36 4.16
CA VAL D 410 -27.51 27.86 5.49
C VAL D 410 -27.90 29.33 5.42
N ILE D 411 -27.25 30.11 4.57
CA ILE D 411 -27.63 31.51 4.39
C ILE D 411 -29.04 31.60 3.84
N ARG D 412 -29.36 30.78 2.84
CA ARG D 412 -30.72 30.77 2.30
C ARG D 412 -31.73 30.36 3.35
N GLY D 413 -31.40 29.35 4.16
CA GLY D 413 -32.32 28.92 5.20
C GLY D 413 -32.54 29.99 6.26
N LEU D 414 -31.50 30.74 6.60
CA LEU D 414 -31.65 31.84 7.54
C LEU D 414 -32.53 32.94 6.97
N ILE D 415 -32.26 33.36 5.73
CA ILE D 415 -33.00 34.47 5.14
C ILE D 415 -34.45 34.08 4.89
N ARG D 416 -34.68 32.82 4.50
CA ARG D 416 -36.02 32.39 4.08
C ARG D 416 -37.02 32.50 5.21
N GLN D 417 -36.63 32.11 6.43
CA GLN D 417 -37.52 32.18 7.58
C GLN D 417 -37.37 33.48 8.35
N HIS D 418 -36.95 34.56 7.68
CA HIS D 418 -36.96 35.92 8.20
C HIS D 418 -36.09 36.08 9.45
N LEU D 419 -35.16 35.16 9.67
CA LEU D 419 -34.25 35.26 10.81
C LEU D 419 -32.97 36.02 10.48
N ALA D 420 -32.77 36.38 9.22
CA ALA D 420 -31.63 37.20 8.79
C ALA D 420 -32.14 38.29 7.88
N SER D 421 -31.68 39.53 8.12
CA SER D 421 -32.14 40.65 7.32
C SER D 421 -31.60 40.58 5.89
N ASN D 422 -30.32 40.24 5.74
CA ASN D 422 -29.70 40.19 4.42
C ASN D 422 -28.61 39.13 4.44
N ILE D 423 -27.80 39.10 3.38
CA ILE D 423 -26.73 38.11 3.29
C ILE D 423 -25.63 38.42 4.30
N GLY D 424 -25.28 39.69 4.47
CA GLY D 424 -24.23 40.04 5.40
C GLY D 424 -24.57 39.69 6.84
N VAL D 425 -25.81 39.94 7.25
CA VAL D 425 -26.24 39.60 8.60
C VAL D 425 -26.21 38.08 8.80
N ALA D 426 -26.66 37.33 7.79
CA ALA D 426 -26.62 35.88 7.88
C ALA D 426 -25.18 35.37 8.00
N LYS D 427 -24.27 35.94 7.21
CA LYS D 427 -22.87 35.53 7.30
C LYS D 427 -22.28 35.86 8.66
N SER D 428 -22.63 37.02 9.21
CA SER D 428 -22.17 37.36 10.56
C SER D 428 -22.71 36.39 11.59
N GLN D 429 -23.99 36.00 11.46
CA GLN D 429 -24.57 35.03 12.37
C GLN D 429 -23.85 33.68 12.27
N ILE D 430 -23.52 33.27 11.05
CA ILE D 430 -22.79 32.02 10.87
C ILE D 430 -21.41 32.12 11.50
N ARG D 431 -20.76 33.27 11.37
CA ARG D 431 -19.41 33.44 11.93
C ARG D 431 -19.42 33.39 13.45
N GLU D 432 -20.53 33.77 14.08
CA GLU D 432 -20.62 33.80 15.53
C GLU D 432 -21.03 32.45 16.12
N LYS D 433 -21.30 31.44 15.29
CA LYS D 433 -21.71 30.12 15.74
C LYS D 433 -22.96 30.19 16.63
N LYS D 434 -23.97 30.91 16.15
CA LYS D 434 -25.22 31.01 16.89
C LYS D 434 -25.91 29.65 16.94
N PRO D 435 -26.62 29.36 18.04
CA PRO D 435 -27.26 28.05 18.17
C PRO D 435 -28.32 27.77 17.11
N ILE D 436 -28.88 28.81 16.48
CA ILE D 436 -29.89 28.60 15.43
C ILE D 436 -29.26 28.31 14.08
N VAL D 437 -27.96 28.55 13.92
CA VAL D 437 -27.30 28.20 12.67
C VAL D 437 -27.28 26.69 12.48
N TRP D 438 -27.12 25.94 13.57
CA TRP D 438 -27.01 24.49 13.47
C TRP D 438 -28.35 23.85 13.14
N GLU D 439 -29.46 24.44 13.59
CA GLU D 439 -30.77 23.92 13.20
C GLU D 439 -30.98 24.02 11.70
N ILE D 440 -30.63 25.18 11.12
CA ILE D 440 -30.79 25.35 9.68
C ILE D 440 -29.83 24.46 8.91
N LEU D 441 -28.61 24.30 9.41
CA LEU D 441 -27.66 23.39 8.76
C LEU D 441 -28.19 21.96 8.77
N GLN D 442 -28.71 21.52 9.91
CA GLN D 442 -29.26 20.17 10.00
C GLN D 442 -30.47 20.01 9.08
N GLU D 443 -31.29 21.05 8.97
CA GLU D 443 -32.45 20.99 8.07
C GLU D 443 -32.03 20.89 6.61
N VAL D 444 -31.07 21.72 6.19
CA VAL D 444 -30.69 21.75 4.79
C VAL D 444 -29.81 20.58 4.38
N MET D 445 -29.12 19.94 5.32
CA MET D 445 -28.34 18.75 4.95
C MET D 445 -29.21 17.53 4.70
N GLN D 446 -30.47 17.55 5.11
CA GLN D 446 -31.36 16.42 4.88
C GLN D 446 -31.69 16.32 3.39
N GLY D 447 -31.42 15.15 2.81
CA GLY D 447 -31.70 14.93 1.41
C GLY D 447 -30.66 15.45 0.45
N HIS D 448 -29.59 16.07 0.94
CA HIS D 448 -28.53 16.57 0.08
C HIS D 448 -27.31 15.68 0.21
N PRO D 449 -26.97 14.87 -0.79
CA PRO D 449 -25.85 13.95 -0.66
C PRO D 449 -24.50 14.65 -0.79
N VAL D 450 -23.47 13.93 -0.36
CA VAL D 450 -22.09 14.38 -0.50
C VAL D 450 -21.28 13.22 -1.10
N LEU D 451 -20.12 13.57 -1.64
CA LEU D 451 -19.21 12.60 -2.25
C LEU D 451 -17.95 12.51 -1.43
N LEU D 452 -17.63 11.30 -0.96
CA LEU D 452 -16.39 11.03 -0.25
C LEU D 452 -15.38 10.42 -1.22
N ASN D 453 -14.10 10.64 -0.94
CA ASN D 453 -13.05 10.21 -1.87
C ASN D 453 -11.75 10.03 -1.11
N ARG D 454 -11.16 8.84 -1.19
CA ARG D 454 -9.83 8.62 -0.64
C ARG D 454 -8.77 8.94 -1.68
N ALA D 455 -7.52 9.06 -1.22
CA ALA D 455 -6.47 9.63 -2.08
C ALA D 455 -6.17 8.75 -3.28
N PRO D 456 -5.69 7.50 -3.14
CA PRO D 456 -5.35 6.74 -4.36
C PRO D 456 -6.57 6.07 -5.00
N THR D 457 -7.27 6.85 -5.82
CA THR D 457 -8.48 6.35 -6.47
C THR D 457 -8.10 5.35 -7.56
N LEU D 458 -8.11 4.06 -7.21
CA LEU D 458 -7.67 3.03 -8.15
C LEU D 458 -8.79 2.50 -9.02
N HIS D 459 -10.04 2.59 -8.56
CA HIS D 459 -11.19 2.22 -9.36
C HIS D 459 -12.33 3.20 -9.04
N ARG D 460 -13.48 2.99 -9.66
CA ARG D 460 -14.57 3.94 -9.50
C ARG D 460 -15.19 3.91 -8.12
N LEU D 461 -15.05 2.80 -7.39
CA LEU D 461 -15.55 2.76 -6.02
C LEU D 461 -14.66 3.52 -5.05
N GLY D 462 -13.61 4.17 -5.53
CA GLY D 462 -12.80 5.03 -4.69
C GLY D 462 -13.46 6.35 -4.35
N ILE D 463 -14.56 6.68 -5.01
CA ILE D 463 -15.40 7.82 -4.64
C ILE D 463 -16.84 7.33 -4.61
N GLN D 464 -17.53 7.59 -3.50
CA GLN D 464 -18.91 7.15 -3.32
C GLN D 464 -19.72 8.28 -2.70
N SER D 465 -21.04 8.14 -2.78
CA SER D 465 -21.96 9.15 -2.29
C SER D 465 -22.69 8.64 -1.06
N PHE D 466 -22.86 9.51 -0.07
CA PHE D 466 -23.50 9.16 1.18
C PHE D 466 -24.42 10.29 1.62
N GLN D 467 -25.31 9.98 2.56
CA GLN D 467 -26.18 10.98 3.15
C GLN D 467 -25.50 11.52 4.40
N PRO D 468 -25.10 12.79 4.43
CA PRO D 468 -24.37 13.31 5.59
C PRO D 468 -25.28 13.57 6.77
N ILE D 469 -24.76 13.28 7.96
CA ILE D 469 -25.41 13.63 9.21
C ILE D 469 -24.40 14.35 10.09
N LEU D 470 -24.90 15.16 11.01
CA LEU D 470 -24.04 15.95 11.88
C LEU D 470 -23.56 15.09 13.05
N VAL D 471 -22.25 14.94 13.16
CA VAL D 471 -21.65 14.19 14.26
C VAL D 471 -20.73 15.12 15.03
N GLU D 472 -20.60 14.85 16.33
CA GLU D 472 -19.73 15.65 17.18
C GLU D 472 -18.27 15.32 16.92
N GLY D 473 -17.41 16.30 17.16
CA GLY D 473 -15.99 16.13 16.95
C GLY D 473 -15.50 16.80 15.69
N ARG D 474 -14.36 16.30 15.20
CA ARG D 474 -13.71 16.88 14.03
C ARG D 474 -13.32 15.81 13.02
N THR D 475 -13.94 14.63 13.09
CA THR D 475 -13.60 13.52 12.21
C THR D 475 -14.81 13.13 11.37
N ILE D 476 -14.52 12.50 10.24
CA ILE D 476 -15.55 11.99 9.35
C ILE D 476 -15.87 10.55 9.74
N CYS D 477 -17.14 10.28 10.02
CA CYS D 477 -17.57 8.95 10.42
C CYS D 477 -17.88 8.14 9.16
N LEU D 478 -17.25 6.97 9.03
CA LEU D 478 -17.37 6.15 7.85
C LEU D 478 -17.88 4.76 8.22
N HIS D 479 -18.75 4.21 7.36
CA HIS D 479 -19.28 2.87 7.58
C HIS D 479 -18.17 1.85 7.46
N PRO D 480 -18.20 0.80 8.29
CA PRO D 480 -17.12 -0.21 8.20
C PRO D 480 -17.18 -1.07 6.96
N LEU D 481 -18.35 -1.24 6.36
CA LEU D 481 -18.50 -2.15 5.23
C LEU D 481 -18.07 -1.53 3.90
N VAL D 482 -17.79 -0.23 3.86
CA VAL D 482 -17.36 0.43 2.63
C VAL D 482 -15.86 0.71 2.64
N CYS D 483 -15.13 0.19 3.63
CA CYS D 483 -13.70 0.47 3.70
C CYS D 483 -12.92 -0.32 2.65
N LYS D 484 -13.37 -1.52 2.31
CA LYS D 484 -12.67 -2.33 1.32
C LYS D 484 -12.68 -1.66 -0.05
N GLY D 485 -13.83 -1.09 -0.44
CA GLY D 485 -13.89 -0.39 -1.71
C GLY D 485 -12.98 0.84 -1.74
N PHE D 486 -12.94 1.57 -0.64
CA PHE D 486 -12.04 2.71 -0.50
C PHE D 486 -10.60 2.30 -0.22
N ASN D 487 -10.36 1.03 0.11
CA ASN D 487 -9.05 0.55 0.56
C ASN D 487 -8.58 1.38 1.76
N ALA D 488 -9.49 1.60 2.71
CA ALA D 488 -9.25 2.50 3.83
C ALA D 488 -9.20 1.72 5.13
N ASP D 489 -8.25 2.10 6.00
CA ASP D 489 -8.22 1.64 7.37
C ASP D 489 -8.05 2.86 8.27
N PHE D 490 -8.38 2.69 9.54
CA PHE D 490 -8.44 3.81 10.48
C PHE D 490 -7.15 3.91 11.29
N ASP D 491 -6.06 4.18 10.57
CA ASP D 491 -4.76 4.40 11.20
C ASP D 491 -4.11 5.70 10.74
N GLY D 492 -4.91 6.64 10.23
CA GLY D 492 -4.38 7.92 9.81
C GLY D 492 -4.87 8.39 8.46
N ASP D 493 -5.72 7.60 7.81
CA ASP D 493 -6.23 7.96 6.50
C ASP D 493 -7.17 9.15 6.59
N GLN D 494 -7.25 9.92 5.51
CA GLN D 494 -8.12 11.08 5.41
C GLN D 494 -8.93 10.97 4.12
N MET D 495 -9.98 11.78 4.03
CA MET D 495 -10.88 11.74 2.88
C MET D 495 -11.29 13.16 2.52
N ALA D 496 -11.63 13.34 1.25
CA ALA D 496 -12.15 14.61 0.76
C ALA D 496 -13.66 14.50 0.58
N VAL D 497 -14.36 15.59 0.86
CA VAL D 497 -15.82 15.64 0.76
C VAL D 497 -16.19 16.70 -0.28
N HIS D 498 -17.15 16.37 -1.12
CA HIS D 498 -17.63 17.30 -2.15
C HIS D 498 -19.15 17.36 -2.10
N VAL D 499 -19.68 18.53 -2.40
CA VAL D 499 -21.12 18.79 -2.35
C VAL D 499 -21.61 19.03 -3.78
N PRO D 500 -22.47 18.18 -4.33
CA PRO D 500 -23.12 18.50 -5.59
C PRO D 500 -24.09 19.65 -5.42
N LEU D 501 -23.95 20.67 -6.26
CA LEU D 501 -24.72 21.90 -6.10
C LEU D 501 -26.02 21.87 -6.92
N SER D 502 -25.90 21.68 -8.23
CA SER D 502 -27.08 21.72 -9.10
C SER D 502 -27.94 20.48 -8.87
N LEU D 503 -29.20 20.58 -9.31
CA LEU D 503 -30.14 19.49 -9.13
C LEU D 503 -29.73 18.25 -9.91
N GLU D 504 -29.20 18.43 -11.13
CA GLU D 504 -28.78 17.29 -11.92
C GLU D 504 -27.64 16.53 -11.25
N ALA D 505 -26.67 17.26 -10.68
CA ALA D 505 -25.59 16.60 -9.97
C ALA D 505 -26.09 15.87 -8.74
N GLN D 506 -27.02 16.48 -8.00
CA GLN D 506 -27.59 15.81 -6.83
C GLN D 506 -28.33 14.54 -7.22
N ALA D 507 -29.09 14.59 -8.32
CA ALA D 507 -29.78 13.40 -8.79
C ALA D 507 -28.79 12.32 -9.21
N GLU D 508 -27.71 12.72 -9.89
CA GLU D 508 -26.69 11.76 -10.28
C GLU D 508 -26.08 11.08 -9.06
N ALA D 509 -25.73 11.87 -8.04
CA ALA D 509 -25.14 11.32 -6.84
C ALA D 509 -26.10 10.40 -6.10
N ARG D 510 -27.38 10.77 -6.06
CA ARG D 510 -28.35 9.97 -5.31
C ARG D 510 -28.67 8.67 -6.04
N LEU D 511 -28.78 8.71 -7.37
CA LEU D 511 -29.29 7.57 -8.13
C LEU D 511 -28.21 6.73 -8.78
N LEU D 512 -26.95 7.12 -8.71
CA LEU D 512 -25.92 6.36 -9.40
C LEU D 512 -24.74 6.00 -8.49
N MET D 513 -24.45 6.84 -7.49
CA MET D 513 -23.22 6.72 -6.74
C MET D 513 -23.42 6.25 -5.30
N PHE D 514 -24.66 6.07 -4.85
CA PHE D 514 -24.88 5.59 -3.49
C PHE D 514 -24.45 4.14 -3.37
N SER D 515 -24.00 3.78 -2.16
CA SER D 515 -23.39 2.48 -1.94
C SER D 515 -24.37 1.32 -2.06
N HIS D 516 -25.67 1.56 -1.90
CA HIS D 516 -26.62 0.46 -1.91
C HIS D 516 -26.97 -0.02 -3.30
N MET D 517 -26.60 0.71 -4.36
CA MET D 517 -26.70 0.19 -5.72
C MET D 517 -25.34 -0.17 -6.30
N ASN D 518 -24.29 -0.19 -5.48
CA ASN D 518 -22.93 -0.48 -5.91
C ASN D 518 -22.35 -1.61 -5.08
N LEU D 519 -23.12 -2.68 -4.91
CA LEU D 519 -22.69 -3.81 -4.09
C LEU D 519 -21.75 -4.76 -4.82
N LEU D 520 -21.59 -4.63 -6.14
CA LEU D 520 -20.76 -5.51 -6.92
C LEU D 520 -19.59 -4.74 -7.52
N SER D 521 -18.42 -5.38 -7.57
CA SER D 521 -17.24 -4.78 -8.18
C SER D 521 -17.30 -4.95 -9.70
N PRO D 522 -16.96 -3.89 -10.46
CA PRO D 522 -17.03 -4.00 -11.92
C PRO D 522 -15.96 -4.88 -12.53
N ALA D 523 -14.88 -5.18 -11.80
CA ALA D 523 -13.79 -5.95 -12.38
C ALA D 523 -14.24 -7.36 -12.78
N ILE D 524 -14.85 -8.08 -11.85
CA ILE D 524 -15.34 -9.43 -12.15
C ILE D 524 -16.76 -9.68 -11.66
N GLY D 525 -17.31 -8.85 -10.77
CA GLY D 525 -18.66 -9.04 -10.30
C GLY D 525 -18.79 -9.60 -8.90
N ASP D 526 -17.70 -9.74 -8.15
CA ASP D 526 -17.84 -10.19 -6.77
C ASP D 526 -18.40 -9.06 -5.90
N PRO D 527 -19.08 -9.40 -4.82
CA PRO D 527 -19.54 -8.37 -3.88
C PRO D 527 -18.36 -7.64 -3.26
N ILE D 528 -18.54 -6.34 -3.04
CA ILE D 528 -17.49 -5.51 -2.47
C ILE D 528 -17.74 -5.17 -1.01
N SER D 529 -19.00 -5.09 -0.58
CA SER D 529 -19.33 -4.83 0.82
C SER D 529 -19.67 -6.13 1.54
N VAL D 530 -18.65 -6.98 1.64
CA VAL D 530 -18.79 -8.27 2.32
C VAL D 530 -18.19 -8.13 3.72
N PRO D 531 -18.80 -8.73 4.75
CA PRO D 531 -18.22 -8.63 6.09
C PRO D 531 -16.81 -9.20 6.14
N THR D 532 -15.94 -8.50 6.87
CA THR D 532 -14.53 -8.85 6.94
C THR D 532 -14.04 -8.75 8.38
N GLN D 533 -13.01 -9.53 8.69
CA GLN D 533 -12.27 -9.43 9.95
C GLN D 533 -13.16 -9.68 11.16
N ASP D 534 -13.50 -8.62 11.90
CA ASP D 534 -14.22 -8.79 13.15
C ASP D 534 -15.61 -9.39 12.92
N MET D 535 -16.33 -8.89 11.92
CA MET D 535 -17.64 -9.47 11.61
C MET D 535 -17.50 -10.91 11.15
N LEU D 536 -16.46 -11.20 10.36
CA LEU D 536 -16.24 -12.57 9.90
C LEU D 536 -15.95 -13.50 11.06
N ILE D 537 -15.12 -13.06 12.01
CA ILE D 537 -14.83 -13.89 13.19
C ILE D 537 -16.09 -14.09 14.02
N GLY D 538 -16.88 -13.04 14.18
CA GLY D 538 -18.12 -13.18 14.93
C GLY D 538 -19.07 -14.18 14.31
N LEU D 539 -19.24 -14.11 12.98
CA LEU D 539 -20.10 -15.07 12.30
C LEU D 539 -19.53 -16.48 12.37
N TYR D 540 -18.21 -16.61 12.23
CA TYR D 540 -17.59 -17.93 12.30
C TYR D 540 -17.78 -18.57 13.67
N VAL D 541 -17.62 -17.78 14.74
CA VAL D 541 -17.83 -18.30 16.08
C VAL D 541 -19.30 -18.62 16.31
N LEU D 542 -20.19 -17.77 15.80
CA LEU D 542 -21.63 -18.00 15.96
C LEU D 542 -22.06 -19.30 15.29
N THR D 543 -21.59 -19.55 14.07
CA THR D 543 -22.02 -20.70 13.31
C THR D 543 -21.11 -21.91 13.47
N SER D 544 -20.07 -21.82 14.31
CA SER D 544 -19.27 -22.99 14.66
C SER D 544 -20.10 -23.89 15.57
N GLY D 545 -20.44 -25.08 15.09
CA GLY D 545 -21.40 -25.92 15.77
C GLY D 545 -20.92 -26.56 17.06
N THR D 546 -21.54 -27.67 17.42
CA THR D 546 -21.25 -28.35 18.67
C THR D 546 -19.88 -29.01 18.64
N ARG D 547 -19.30 -29.18 19.82
CA ARG D 547 -18.20 -30.11 19.97
C ARG D 547 -18.73 -31.53 19.85
N ARG D 548 -18.04 -32.35 19.08
CA ARG D 548 -18.57 -33.66 18.70
C ARG D 548 -17.56 -34.76 18.99
N GLY D 549 -18.08 -35.93 19.30
CA GLY D 549 -17.22 -37.10 19.43
C GLY D 549 -16.39 -37.07 20.70
N ILE D 550 -15.09 -37.36 20.55
CA ILE D 550 -14.19 -37.39 21.69
C ILE D 550 -13.94 -36.01 22.28
N CYS D 551 -14.31 -34.94 21.57
CA CYS D 551 -14.22 -33.59 22.10
C CYS D 551 -15.46 -33.17 22.85
N ALA D 552 -16.46 -34.04 22.96
CA ALA D 552 -17.69 -33.75 23.69
C ALA D 552 -17.90 -34.67 24.88
N ASN D 553 -17.50 -35.94 24.79
CA ASN D 553 -17.65 -36.90 25.87
C ASN D 553 -16.31 -37.51 26.19
N ARG D 554 -16.01 -37.66 27.49
CA ARG D 554 -14.80 -38.33 27.90
C ARG D 554 -14.83 -39.81 27.57
N TYR D 555 -16.01 -40.43 27.67
CA TYR D 555 -16.16 -41.86 27.46
C TYR D 555 -17.08 -42.10 26.27
N ASN D 556 -16.94 -43.29 25.67
CA ASN D 556 -17.83 -43.70 24.60
C ASN D 556 -19.26 -43.79 25.13
N PRO D 557 -20.22 -43.09 24.51
CA PRO D 557 -21.61 -43.20 24.98
C PRO D 557 -22.22 -44.56 24.68
N CYS D 558 -21.67 -45.60 25.29
CA CYS D 558 -22.10 -46.98 25.07
C CYS D 558 -22.06 -47.34 23.59
N GLU D 578 -30.31 -33.59 25.80
CA GLU D 578 -30.37 -32.32 25.09
C GLU D 578 -31.80 -31.79 25.07
N PRO D 579 -31.97 -30.49 25.33
CA PRO D 579 -33.31 -29.93 25.42
C PRO D 579 -34.04 -29.93 24.09
N PHE D 580 -35.36 -30.05 24.16
CA PHE D 580 -36.26 -29.93 23.02
C PHE D 580 -36.99 -28.61 23.11
N PHE D 581 -37.00 -27.86 22.01
CA PHE D 581 -37.63 -26.55 21.98
C PHE D 581 -38.73 -26.53 20.92
N CYS D 582 -39.88 -25.96 21.28
CA CYS D 582 -40.99 -25.89 20.34
C CYS D 582 -40.67 -24.98 19.15
N ASN D 583 -40.01 -23.86 19.41
CA ASN D 583 -39.68 -22.91 18.36
C ASN D 583 -38.36 -22.23 18.69
N SER D 584 -37.82 -21.52 17.70
CA SER D 584 -36.53 -20.86 17.87
C SER D 584 -36.56 -19.78 18.94
N TYR D 585 -37.72 -19.12 19.08
CA TYR D 585 -37.84 -18.08 20.11
C TYR D 585 -37.65 -18.66 21.50
N ASP D 586 -38.17 -19.86 21.74
CA ASP D 586 -37.98 -20.51 23.03
C ASP D 586 -36.50 -20.80 23.28
N ALA D 587 -35.78 -21.26 22.25
CA ALA D 587 -34.37 -21.56 22.40
C ALA D 587 -33.56 -20.30 22.70
N ILE D 588 -33.83 -19.21 21.97
CA ILE D 588 -33.09 -17.98 22.23
C ILE D 588 -33.44 -17.41 23.60
N GLY D 589 -34.70 -17.54 24.01
CA GLY D 589 -35.07 -17.10 25.36
C GLY D 589 -34.37 -17.90 26.44
N ALA D 590 -34.24 -19.22 26.24
CA ALA D 590 -33.47 -20.03 27.19
C ALA D 590 -32.01 -19.61 27.19
N TYR D 591 -31.46 -19.26 26.03
CA TYR D 591 -30.09 -18.78 25.96
C TYR D 591 -29.92 -17.47 26.71
N ARG D 592 -30.92 -16.58 26.62
CA ARG D 592 -30.84 -15.30 27.32
C ARG D 592 -30.84 -15.50 28.83
N GLN D 593 -31.64 -16.45 29.31
CA GLN D 593 -31.70 -16.77 30.74
C GLN D 593 -30.56 -17.70 31.18
N LYS D 594 -29.52 -17.83 30.36
CA LYS D 594 -28.31 -18.59 30.68
C LYS D 594 -28.61 -20.07 30.97
N ARG D 595 -29.71 -20.60 30.44
CA ARG D 595 -30.00 -22.02 30.59
C ARG D 595 -29.14 -22.88 29.69
N ILE D 596 -28.77 -22.36 28.51
CA ILE D 596 -27.95 -23.09 27.55
C ILE D 596 -26.86 -22.17 27.04
N ASN D 597 -25.81 -22.77 26.48
CA ASN D 597 -24.69 -22.03 25.95
C ASN D 597 -24.92 -21.72 24.47
N LEU D 598 -23.96 -21.02 23.86
CA LEU D 598 -24.08 -20.68 22.44
C LEU D 598 -23.89 -21.90 21.55
N ASP D 599 -23.10 -22.87 21.99
CA ASP D 599 -22.79 -24.05 21.18
C ASP D 599 -23.27 -25.34 21.83
N SER D 600 -24.17 -25.26 22.81
CA SER D 600 -24.73 -26.47 23.40
C SER D 600 -25.76 -27.07 22.45
N PRO D 601 -25.73 -28.39 22.23
CA PRO D 601 -26.69 -28.99 21.30
C PRO D 601 -28.12 -28.93 21.81
N LEU D 602 -29.06 -28.83 20.89
CA LEU D 602 -30.47 -28.82 21.21
C LEU D 602 -31.25 -29.32 20.00
N TRP D 603 -32.48 -29.74 20.26
CA TRP D 603 -33.38 -30.20 19.21
C TRP D 603 -34.45 -29.13 18.98
N LEU D 604 -34.62 -28.73 17.72
CA LEU D 604 -35.57 -27.69 17.34
C LEU D 604 -36.69 -28.30 16.53
N ARG D 605 -37.93 -28.08 16.96
CA ARG D 605 -39.08 -28.52 16.20
C ARG D 605 -39.17 -27.72 14.91
N TRP D 606 -39.22 -28.44 13.78
CA TRP D 606 -39.27 -27.83 12.46
C TRP D 606 -40.66 -27.99 11.89
N GLN D 607 -41.28 -26.87 11.50
CA GLN D 607 -42.62 -26.87 10.93
C GLN D 607 -42.64 -26.35 9.51
N LEU D 608 -41.50 -26.42 8.82
CA LEU D 608 -41.38 -26.05 7.42
C LEU D 608 -40.88 -27.26 6.63
N ASP D 609 -40.57 -27.03 5.36
CA ASP D 609 -40.00 -28.09 4.55
C ASP D 609 -38.56 -28.35 4.94
N GLN D 610 -38.04 -29.51 4.55
CA GLN D 610 -36.65 -29.86 4.81
C GLN D 610 -35.74 -28.94 3.99
N ARG D 611 -35.10 -28.00 4.66
CA ARG D 611 -34.25 -27.02 4.00
C ARG D 611 -32.93 -26.84 4.73
N VAL D 612 -32.47 -27.89 5.42
CA VAL D 612 -31.23 -27.84 6.18
C VAL D 612 -30.12 -28.46 5.34
N ILE D 613 -29.06 -27.70 5.11
CA ILE D 613 -27.93 -28.20 4.35
C ILE D 613 -27.21 -29.26 5.17
N ALA D 614 -27.11 -30.47 4.63
CA ALA D 614 -26.45 -31.57 5.30
C ALA D 614 -25.96 -32.56 4.25
N SER D 615 -25.07 -33.45 4.67
CA SER D 615 -24.54 -34.46 3.77
C SER D 615 -25.64 -35.39 3.29
N LYS D 616 -25.58 -35.75 2.01
CA LYS D 616 -26.58 -36.62 1.39
C LYS D 616 -26.32 -38.04 1.88
N GLU D 617 -26.87 -38.35 3.06
CA GLU D 617 -26.65 -39.63 3.71
C GLU D 617 -27.96 -40.24 4.17
N VAL D 618 -28.01 -41.56 4.16
CA VAL D 618 -29.16 -42.33 4.63
C VAL D 618 -29.20 -42.23 6.16
N PRO D 619 -30.32 -42.55 6.80
CA PRO D 619 -30.37 -42.46 8.26
C PRO D 619 -29.36 -43.39 8.91
N ILE D 620 -28.78 -42.93 10.02
CA ILE D 620 -27.91 -43.79 10.81
C ILE D 620 -28.71 -44.96 11.38
N GLU D 621 -29.89 -44.68 11.90
CA GLU D 621 -30.70 -45.69 12.57
C GLU D 621 -32.16 -45.41 12.30
N VAL D 622 -32.92 -46.45 11.99
CA VAL D 622 -34.36 -46.37 11.83
C VAL D 622 -35.00 -47.20 12.92
N HIS D 623 -35.81 -46.57 13.75
CA HIS D 623 -36.49 -47.23 14.86
C HIS D 623 -37.94 -47.47 14.45
N TYR D 624 -38.23 -48.67 13.96
CA TYR D 624 -39.54 -49.01 13.44
C TYR D 624 -40.36 -49.67 14.54
N GLU D 625 -41.52 -49.10 14.85
CA GLU D 625 -42.41 -49.66 15.84
C GLU D 625 -43.43 -50.57 15.18
N SER D 626 -43.89 -51.57 15.94
CA SER D 626 -44.88 -52.52 15.43
C SER D 626 -46.24 -51.87 15.22
N PHE D 627 -46.48 -50.69 15.78
CA PHE D 627 -47.75 -49.99 15.58
C PHE D 627 -47.80 -49.21 14.28
N GLY D 628 -46.67 -49.08 13.56
CA GLY D 628 -46.61 -48.41 12.28
C GLY D 628 -45.66 -47.23 12.24
N ASN D 629 -45.55 -46.50 13.34
CA ASN D 629 -44.66 -45.35 13.40
C ASN D 629 -43.21 -45.79 13.35
N TYR D 630 -42.38 -45.06 12.61
CA TYR D 630 -40.94 -45.28 12.60
C TYR D 630 -40.22 -43.95 12.71
N HIS D 631 -39.07 -43.97 13.38
CA HIS D 631 -38.24 -42.79 13.58
C HIS D 631 -36.96 -42.96 12.77
N GLU D 632 -36.69 -42.00 11.89
CA GLU D 632 -35.48 -41.99 11.09
C GLU D 632 -34.51 -40.99 11.69
N ILE D 633 -33.34 -41.48 12.11
CA ILE D 633 -32.34 -40.67 12.80
C ILE D 633 -31.20 -40.41 11.84
N TYR D 634 -31.03 -39.15 11.45
CA TYR D 634 -29.93 -38.73 10.60
C TYR D 634 -28.83 -38.12 11.46
N ALA D 635 -27.81 -37.59 10.79
CA ALA D 635 -26.70 -36.97 11.51
C ALA D 635 -27.10 -35.66 12.15
N HIS D 636 -28.05 -34.94 11.55
CA HIS D 636 -28.41 -33.61 12.03
C HIS D 636 -29.91 -33.38 12.21
N TYR D 637 -30.74 -34.38 11.96
CA TYR D 637 -32.17 -34.20 12.20
C TYR D 637 -32.82 -35.56 12.44
N LEU D 638 -34.02 -35.50 13.01
CA LEU D 638 -34.84 -36.68 13.29
C LEU D 638 -36.20 -36.48 12.63
N ILE D 639 -36.66 -37.49 11.91
CA ILE D 639 -37.91 -37.43 11.16
C ILE D 639 -38.80 -38.57 11.64
N VAL D 640 -40.02 -38.23 12.04
CA VAL D 640 -41.00 -39.20 12.52
C VAL D 640 -42.06 -39.39 11.45
N ARG D 641 -42.24 -40.63 11.00
CA ARG D 641 -43.21 -40.96 9.98
C ARG D 641 -44.07 -42.13 10.44
N SER D 642 -45.21 -42.29 9.80
CA SER D 642 -46.14 -43.35 10.12
C SER D 642 -46.71 -43.94 8.84
N VAL D 643 -47.13 -45.20 8.91
CA VAL D 643 -47.78 -45.84 7.78
C VAL D 643 -49.30 -45.67 7.83
N LYS D 644 -49.87 -45.38 9.00
CA LYS D 644 -51.30 -45.16 9.09
C LYS D 644 -51.70 -43.79 8.58
N LYS D 645 -51.01 -42.75 9.03
CA LYS D 645 -51.34 -41.37 8.71
C LYS D 645 -50.31 -40.79 7.76
N GLU D 646 -50.57 -39.55 7.33
CA GLU D 646 -49.65 -38.79 6.50
C GLU D 646 -48.83 -37.79 7.30
N THR D 647 -48.84 -37.90 8.62
CA THR D 647 -48.09 -36.99 9.48
C THR D 647 -46.60 -37.12 9.25
N LEU D 648 -45.88 -36.02 9.47
CA LEU D 648 -44.44 -35.99 9.28
C LEU D 648 -43.87 -34.89 10.17
N TYR D 649 -43.18 -35.29 11.23
CA TYR D 649 -42.57 -34.35 12.17
C TYR D 649 -41.06 -34.32 11.96
N ILE D 650 -40.49 -33.12 12.03
CA ILE D 650 -39.07 -32.91 11.80
C ILE D 650 -38.48 -32.17 12.99
N TYR D 651 -37.36 -32.67 13.51
CA TYR D 651 -36.63 -32.02 14.58
C TYR D 651 -35.18 -31.86 14.13
N ILE D 652 -34.68 -30.63 14.20
CA ILE D 652 -33.34 -30.30 13.74
C ILE D 652 -32.40 -30.20 14.94
N ARG D 653 -31.29 -30.94 14.89
CA ARG D 653 -30.27 -30.86 15.92
C ARG D 653 -29.30 -29.75 15.55
N THR D 654 -29.28 -28.69 16.35
CA THR D 654 -28.50 -27.51 16.04
C THR D 654 -28.13 -26.80 17.34
N THR D 655 -27.61 -25.59 17.22
CA THR D 655 -27.24 -24.76 18.36
C THR D 655 -28.00 -23.43 18.29
N VAL D 656 -27.78 -22.60 19.30
CA VAL D 656 -28.39 -21.27 19.30
C VAL D 656 -27.74 -20.39 18.26
N GLY D 657 -26.47 -20.64 17.91
CA GLY D 657 -25.79 -19.78 16.95
C GLY D 657 -26.36 -19.90 15.54
N HIS D 658 -26.60 -21.13 15.09
CA HIS D 658 -27.19 -21.32 13.76
C HIS D 658 -28.59 -20.72 13.71
N ILE D 659 -29.37 -20.95 14.76
CA ILE D 659 -30.72 -20.38 14.85
C ILE D 659 -30.65 -18.86 14.81
N SER D 660 -29.67 -18.28 15.50
CA SER D 660 -29.53 -16.83 15.53
C SER D 660 -29.16 -16.27 14.17
N PHE D 661 -28.26 -16.93 13.46
CA PHE D 661 -27.90 -16.48 12.11
C PHE D 661 -29.11 -16.54 11.17
N TYR D 662 -29.82 -17.67 11.20
CA TYR D 662 -30.99 -17.83 10.35
C TYR D 662 -32.05 -16.79 10.68
N ARG D 663 -32.30 -16.57 11.97
CA ARG D 663 -33.29 -15.58 12.38
C ARG D 663 -32.87 -14.17 11.99
N GLU D 664 -31.57 -13.87 12.08
CA GLU D 664 -31.11 -12.53 11.71
C GLU D 664 -31.40 -12.26 10.25
N ILE D 665 -31.04 -13.19 9.37
CA ILE D 665 -31.29 -12.97 7.95
C ILE D 665 -32.79 -12.94 7.65
N GLU D 666 -33.54 -13.88 8.23
CA GLU D 666 -34.98 -13.94 8.02
C GLU D 666 -35.68 -12.67 8.47
N GLU D 667 -35.31 -12.18 9.67
CA GLU D 667 -35.91 -10.97 10.20
C GLU D 667 -35.50 -9.76 9.40
N ALA D 668 -34.28 -9.72 8.86
CA ALA D 668 -33.89 -8.62 7.99
C ALA D 668 -34.80 -8.57 6.77
N ILE D 669 -35.03 -9.73 6.15
CA ILE D 669 -35.88 -9.77 4.95
C ILE D 669 -37.31 -9.36 5.30
N GLN D 670 -37.85 -9.92 6.39
CA GLN D 670 -39.23 -9.62 6.76
C GLN D 670 -39.41 -8.15 7.15
N GLY D 671 -38.46 -7.59 7.87
CA GLY D 671 -38.55 -6.18 8.24
C GLY D 671 -38.47 -5.26 7.03
N PHE D 672 -37.57 -5.57 6.10
CA PHE D 672 -37.51 -4.76 4.88
C PHE D 672 -38.80 -4.87 4.09
N SER D 673 -39.38 -6.07 4.00
CA SER D 673 -40.64 -6.24 3.28
C SER D 673 -41.77 -5.46 3.95
N GLN D 674 -41.84 -5.52 5.28
CA GLN D 674 -42.91 -4.84 6.01
C GLN D 674 -42.78 -3.33 5.92
N ALA D 675 -41.54 -2.82 5.97
CA ALA D 675 -41.32 -1.38 5.95
C ALA D 675 -41.67 -0.75 4.60
N CYS D 676 -41.89 -1.54 3.57
CA CYS D 676 -42.22 -1.00 2.25
C CYS D 676 -43.66 -1.32 1.87
N ALA E 5 -39.54 -15.51 2.80
CA ALA E 5 -38.25 -15.80 2.17
C ALA E 5 -37.89 -17.28 2.32
N ASN E 6 -37.57 -17.92 1.20
CA ASN E 6 -37.23 -19.34 1.19
C ASN E 6 -35.72 -19.51 1.27
N LEU E 7 -35.19 -19.25 2.45
CA LEU E 7 -33.76 -19.35 2.70
C LEU E 7 -33.40 -20.76 3.15
N VAL E 8 -32.28 -21.26 2.65
CA VAL E 8 -31.76 -22.54 3.11
C VAL E 8 -31.22 -22.38 4.52
N PHE E 9 -31.22 -23.46 5.28
CA PHE E 9 -30.80 -23.44 6.68
C PHE E 9 -29.37 -23.98 6.76
N HIS E 10 -28.40 -23.08 6.84
CA HIS E 10 -27.01 -23.47 7.04
C HIS E 10 -26.82 -24.03 8.44
N ASN E 11 -26.17 -25.19 8.53
CA ASN E 11 -25.99 -25.86 9.81
C ASN E 11 -24.56 -26.32 10.06
N LYS E 12 -23.59 -25.87 9.26
CA LYS E 12 -22.22 -26.33 9.43
C LYS E 12 -21.27 -25.22 9.86
N VAL E 13 -21.10 -24.19 9.04
CA VAL E 13 -20.15 -23.12 9.33
C VAL E 13 -20.37 -21.99 8.35
N ILE E 14 -19.99 -20.78 8.73
CA ILE E 14 -20.00 -19.62 7.84
C ILE E 14 -18.60 -19.01 7.87
N ASP E 15 -17.81 -19.30 6.85
CA ASP E 15 -16.46 -18.77 6.72
C ASP E 15 -16.46 -17.62 5.71
N GLY E 16 -15.26 -17.14 5.36
CA GLY E 16 -15.15 -16.05 4.42
C GLY E 16 -15.69 -16.39 3.05
N THR E 17 -15.43 -17.61 2.59
CA THR E 17 -15.93 -18.03 1.28
C THR E 17 -17.45 -18.19 1.29
N ALA E 18 -18.00 -18.73 2.39
CA ALA E 18 -19.43 -18.95 2.45
C ALA E 18 -20.21 -17.64 2.49
N ILE E 19 -19.72 -16.65 3.25
CA ILE E 19 -20.43 -15.38 3.34
C ILE E 19 -20.36 -14.62 2.02
N LYS E 20 -19.23 -14.73 1.30
CA LYS E 20 -19.13 -14.08 -0.01
C LYS E 20 -20.08 -14.73 -1.01
N ARG E 21 -20.18 -16.06 -0.99
CA ARG E 21 -21.09 -16.75 -1.89
C ARG E 21 -22.54 -16.48 -1.52
N LEU E 22 -22.85 -16.43 -0.23
CA LEU E 22 -24.21 -16.18 0.21
C LEU E 22 -24.69 -14.80 -0.20
N ILE E 23 -23.84 -13.79 -0.06
CA ILE E 23 -24.22 -12.43 -0.43
C ILE E 23 -24.47 -12.32 -1.92
N SER E 24 -23.62 -12.96 -2.73
CA SER E 24 -23.80 -12.92 -4.18
C SER E 24 -25.11 -13.56 -4.59
N ARG E 25 -25.48 -14.67 -3.96
CA ARG E 25 -26.75 -15.31 -4.27
C ARG E 25 -27.93 -14.47 -3.80
N LEU E 26 -27.77 -13.74 -2.70
CA LEU E 26 -28.86 -12.89 -2.21
C LEU E 26 -29.12 -11.72 -3.16
N ILE E 27 -28.06 -11.16 -3.74
CA ILE E 27 -28.24 -10.06 -4.69
C ILE E 27 -29.00 -10.54 -5.92
N ASP E 28 -28.65 -11.73 -6.42
CA ASP E 28 -29.33 -12.27 -7.59
C ASP E 28 -30.81 -12.53 -7.31
N HIS E 29 -31.11 -13.06 -6.12
CA HIS E 29 -32.48 -13.45 -5.81
C HIS E 29 -33.31 -12.27 -5.30
N PHE E 30 -32.76 -11.49 -4.37
CA PHE E 30 -33.51 -10.44 -3.71
C PHE E 30 -33.25 -9.04 -4.26
N GLY E 31 -32.08 -8.80 -4.85
CA GLY E 31 -31.73 -7.48 -5.34
C GLY E 31 -30.79 -6.76 -4.40
N MET E 32 -30.28 -5.63 -4.89
CA MET E 32 -29.30 -4.86 -4.14
C MET E 32 -29.91 -4.09 -2.98
N ALA E 33 -31.19 -3.72 -3.06
CA ALA E 33 -31.82 -2.98 -1.97
C ALA E 33 -32.07 -3.90 -0.78
N TYR E 34 -32.59 -5.10 -1.03
CA TYR E 34 -32.79 -6.06 0.06
C TYR E 34 -31.47 -6.49 0.67
N THR E 35 -30.47 -6.78 -0.18
CA THR E 35 -29.20 -7.27 0.33
C THR E 35 -28.43 -6.18 1.07
N SER E 36 -28.63 -4.91 0.71
CA SER E 36 -27.98 -3.83 1.45
C SER E 36 -28.46 -3.80 2.90
N HIS E 37 -29.73 -4.10 3.13
CA HIS E 37 -30.24 -4.17 4.49
C HIS E 37 -29.79 -5.44 5.20
N ILE E 38 -29.70 -6.55 4.48
CA ILE E 38 -29.20 -7.79 5.07
C ILE E 38 -27.76 -7.62 5.50
N LEU E 39 -26.95 -6.91 4.70
CA LEU E 39 -25.57 -6.66 5.07
C LEU E 39 -25.46 -5.81 6.33
N ASP E 40 -26.34 -4.82 6.48
CA ASP E 40 -26.33 -4.00 7.69
C ASP E 40 -26.65 -4.83 8.92
N GLN E 41 -27.61 -5.75 8.80
CA GLN E 41 -27.97 -6.59 9.95
C GLN E 41 -26.89 -7.60 10.26
N VAL E 42 -26.33 -8.24 9.23
CA VAL E 42 -25.28 -9.23 9.45
C VAL E 42 -24.03 -8.59 10.01
N LYS E 43 -23.72 -7.35 9.60
CA LYS E 43 -22.56 -6.65 10.14
C LYS E 43 -22.70 -6.44 11.64
N THR E 44 -23.89 -6.06 12.10
CA THR E 44 -24.12 -5.89 13.53
C THR E 44 -24.02 -7.22 14.27
N LEU E 45 -24.57 -8.28 13.70
CA LEU E 45 -24.52 -9.59 14.36
C LEU E 45 -23.09 -10.10 14.48
N GLY E 46 -22.29 -9.92 13.44
CA GLY E 46 -20.90 -10.34 13.50
C GLY E 46 -20.09 -9.52 14.51
N PHE E 47 -20.33 -8.21 14.55
CA PHE E 47 -19.68 -7.38 15.55
C PHE E 47 -20.14 -7.74 16.96
N GLN E 48 -21.43 -8.06 17.12
CA GLN E 48 -21.97 -8.35 18.44
C GLN E 48 -21.45 -9.66 19.00
N GLN E 49 -21.14 -10.63 18.14
CA GLN E 49 -20.64 -11.91 18.60
C GLN E 49 -19.13 -11.94 18.75
N ALA E 50 -18.42 -11.11 17.99
CA ALA E 50 -16.97 -10.98 18.20
C ALA E 50 -16.69 -10.40 19.57
N THR E 51 -17.48 -9.43 20.01
CA THR E 51 -17.31 -8.86 21.34
C THR E 51 -17.73 -9.85 22.42
N ALA E 52 -18.86 -10.53 22.23
CA ALA E 52 -19.36 -11.44 23.25
C ALA E 52 -18.39 -12.59 23.51
N THR E 53 -17.84 -13.17 22.45
CA THR E 53 -16.83 -14.21 22.61
C THR E 53 -15.49 -13.61 23.02
N SER E 54 -15.13 -12.46 22.46
CA SER E 54 -13.92 -11.73 22.81
C SER E 54 -12.67 -12.59 22.57
N ILE E 55 -12.44 -12.91 21.31
CA ILE E 55 -11.20 -13.57 20.92
C ILE E 55 -10.03 -12.66 21.25
N SER E 56 -8.93 -13.25 21.68
CA SER E 56 -7.75 -12.50 22.12
C SER E 56 -6.53 -13.22 21.58
N LEU E 57 -5.35 -12.88 22.10
CA LEU E 57 -4.12 -13.50 21.61
C LEU E 57 -3.05 -13.43 22.69
N GLY E 58 -2.65 -14.59 23.22
CA GLY E 58 -1.60 -14.67 24.22
C GLY E 58 -0.37 -15.40 23.70
N ILE E 59 0.65 -15.42 24.55
CA ILE E 59 1.88 -16.14 24.21
C ILE E 59 1.62 -17.64 24.12
N ASP E 60 0.75 -18.16 24.99
CA ASP E 60 0.45 -19.58 24.99
C ASP E 60 -0.28 -20.02 23.71
N ASP E 61 -1.13 -19.14 23.15
CA ASP E 61 -1.92 -19.51 21.99
C ASP E 61 -1.08 -19.70 20.74
N LEU E 62 0.12 -19.12 20.69
CA LEU E 62 0.99 -19.28 19.53
C LEU E 62 1.58 -20.69 19.54
N LEU E 63 0.89 -21.62 18.88
CA LEU E 63 1.14 -23.05 19.03
C LEU E 63 2.13 -23.53 17.98
N THR E 64 3.33 -23.91 18.43
CA THR E 64 4.25 -24.64 17.58
C THR E 64 3.86 -26.12 17.58
N ILE E 65 3.99 -26.77 16.43
CA ILE E 65 3.64 -28.17 16.29
C ILE E 65 4.55 -29.00 17.19
N PRO E 66 4.08 -30.12 17.74
CA PRO E 66 4.88 -30.85 18.74
C PRO E 66 6.19 -31.41 18.19
N SER E 67 6.33 -31.57 16.89
CA SER E 67 7.47 -32.26 16.32
C SER E 67 8.55 -31.32 15.78
N LYS E 68 8.47 -30.02 16.09
CA LYS E 68 9.49 -29.10 15.62
C LYS E 68 10.86 -29.42 16.23
N GLY E 69 10.89 -29.66 17.54
CA GLY E 69 12.15 -29.98 18.19
C GLY E 69 12.76 -31.26 17.66
N TRP E 70 11.92 -32.24 17.33
CA TRP E 70 12.41 -33.46 16.70
C TRP E 70 13.02 -33.19 15.33
N LEU E 71 12.34 -32.37 14.52
CA LEU E 71 12.78 -32.15 13.15
C LEU E 71 13.98 -31.21 13.08
N VAL E 72 14.04 -30.22 13.97
CA VAL E 72 15.19 -29.33 14.00
C VAL E 72 16.43 -30.09 14.45
N GLN E 73 16.28 -31.02 15.39
CA GLN E 73 17.42 -31.80 15.86
C GLN E 73 17.95 -32.72 14.77
N ASP E 74 17.07 -33.34 13.98
CA ASP E 74 17.52 -34.18 12.88
C ASP E 74 18.26 -33.37 11.82
N ALA E 75 17.74 -32.19 11.48
CA ALA E 75 18.43 -31.35 10.50
C ALA E 75 19.77 -30.87 11.03
N GLU E 76 19.86 -30.63 12.34
CA GLU E 76 21.13 -30.23 12.93
C GLU E 76 22.14 -31.37 12.90
N GLN E 77 21.66 -32.60 13.13
CA GLN E 77 22.56 -33.75 13.09
C GLN E 77 23.10 -33.98 11.69
N GLN E 78 22.27 -33.82 10.67
CA GLN E 78 22.72 -34.02 9.29
C GLN E 78 23.67 -32.93 8.85
N SER E 79 23.44 -31.69 9.31
CA SER E 79 24.35 -30.60 8.97
C SER E 79 25.69 -30.75 9.67
N LEU E 80 25.70 -31.29 10.89
CA LEU E 80 26.96 -31.50 11.60
C LEU E 80 27.79 -32.59 10.92
N ILE E 81 27.15 -33.66 10.46
CA ILE E 81 27.88 -34.76 9.84
C ILE E 81 28.48 -34.33 8.52
N LEU E 82 27.72 -33.60 7.70
CA LEU E 82 28.22 -33.20 6.39
C LEU E 82 29.32 -32.15 6.50
N GLU E 83 29.26 -31.30 7.52
CA GLU E 83 30.32 -30.30 7.71
C GLU E 83 31.65 -30.97 8.02
N LYS E 84 31.63 -32.03 8.84
CA LYS E 84 32.86 -32.75 9.15
C LYS E 84 33.42 -33.43 7.91
N HIS E 85 32.58 -34.07 7.12
CA HIS E 85 33.05 -34.77 5.92
C HIS E 85 33.41 -33.81 4.81
N HIS E 86 32.81 -32.62 4.79
CA HIS E 86 33.30 -31.57 3.89
C HIS E 86 34.71 -31.16 4.27
N HIS E 87 34.99 -31.05 5.57
CA HIS E 87 36.34 -30.77 6.03
C HIS E 87 37.29 -31.91 5.70
N TYR E 88 36.79 -33.14 5.71
CA TYR E 88 37.60 -34.30 5.33
C TYR E 88 37.93 -34.30 3.84
N GLY E 89 37.24 -33.49 3.04
CA GLY E 89 37.39 -33.56 1.60
C GLY E 89 36.55 -34.64 0.93
N ASN E 90 35.48 -35.08 1.58
CA ASN E 90 34.62 -36.12 1.03
C ASN E 90 33.46 -35.56 0.20
N VAL E 91 33.11 -34.30 0.39
CA VAL E 91 32.18 -33.58 -0.47
C VAL E 91 32.78 -32.23 -0.80
N HIS E 92 32.31 -31.64 -1.89
CA HIS E 92 32.80 -30.34 -2.31
C HIS E 92 31.86 -29.23 -1.84
N ALA E 93 32.25 -27.99 -2.11
CA ALA E 93 31.56 -26.85 -1.52
C ALA E 93 30.11 -26.74 -2.00
N VAL E 94 29.89 -26.98 -3.29
CA VAL E 94 28.53 -26.86 -3.83
C VAL E 94 27.62 -27.91 -3.22
N GLU E 95 28.13 -29.12 -3.00
CA GLU E 95 27.35 -30.16 -2.34
C GLU E 95 26.98 -29.75 -0.92
N LYS E 96 27.90 -29.12 -0.22
CA LYS E 96 27.61 -28.63 1.12
C LYS E 96 26.64 -27.46 1.09
N LEU E 97 26.80 -26.56 0.12
CA LEU E 97 25.90 -25.41 0.01
C LEU E 97 24.48 -25.84 -0.31
N ARG E 98 24.33 -26.81 -1.22
CA ARG E 98 23.00 -27.30 -1.57
C ARG E 98 22.33 -28.00 -0.39
N GLN E 99 23.10 -28.78 0.38
CA GLN E 99 22.52 -29.57 1.45
C GLN E 99 21.91 -28.67 2.53
N SER E 100 22.65 -27.65 2.95
CA SER E 100 22.17 -26.79 4.03
C SER E 100 20.91 -26.03 3.61
N ILE E 101 20.87 -25.53 2.38
CA ILE E 101 19.71 -24.77 1.93
C ILE E 101 18.49 -25.67 1.83
N GLU E 102 18.63 -26.83 1.20
CA GLU E 102 17.47 -27.65 0.88
C GLU E 102 16.96 -28.43 2.09
N ILE E 103 17.84 -28.83 3.01
CA ILE E 103 17.38 -29.56 4.18
C ILE E 103 16.58 -28.64 5.11
N TRP E 104 16.96 -27.37 5.19
CA TRP E 104 16.25 -26.43 6.04
C TRP E 104 15.02 -25.84 5.36
N TYR E 105 14.99 -25.83 4.03
CA TYR E 105 13.76 -25.45 3.33
C TYR E 105 12.71 -26.55 3.43
N ALA E 106 13.14 -27.81 3.33
CA ALA E 106 12.20 -28.92 3.49
C ALA E 106 11.64 -28.98 4.90
N THR E 107 12.48 -28.73 5.91
CA THR E 107 12.01 -28.70 7.28
C THR E 107 11.04 -27.55 7.50
N SER E 108 11.34 -26.37 6.94
CA SER E 108 10.45 -25.24 7.07
C SER E 108 9.11 -25.48 6.38
N GLU E 109 9.15 -26.11 5.19
CA GLU E 109 7.91 -26.35 4.46
C GLU E 109 7.07 -27.43 5.13
N TYR E 110 7.70 -28.39 5.81
CA TYR E 110 6.94 -29.45 6.48
C TYR E 110 6.20 -28.89 7.69
N LEU E 111 6.80 -27.94 8.41
CA LEU E 111 6.13 -27.34 9.55
C LEU E 111 4.86 -26.61 9.12
N ARG E 112 4.92 -25.92 7.99
CA ARG E 112 3.75 -25.19 7.51
C ARG E 112 2.64 -26.14 7.09
N GLN E 113 3.00 -27.28 6.50
CA GLN E 113 1.99 -28.25 6.09
C GLN E 113 1.25 -28.83 7.30
N GLU E 114 1.97 -29.17 8.35
CA GLU E 114 1.38 -29.77 9.54
C GLU E 114 0.82 -28.75 10.51
N MET E 115 0.97 -27.46 10.22
CA MET E 115 0.48 -26.42 11.13
C MET E 115 -1.05 -26.45 11.23
N ASN E 116 -1.74 -26.65 10.11
CA ASN E 116 -3.19 -26.59 10.09
C ASN E 116 -3.82 -27.86 10.68
N PRO E 117 -3.40 -29.06 10.29
CA PRO E 117 -3.95 -30.26 10.96
C PRO E 117 -3.71 -30.28 12.46
N ASN E 118 -2.57 -29.73 12.92
CA ASN E 118 -2.35 -29.61 14.36
C ASN E 118 -3.38 -28.70 14.99
N PHE E 119 -3.70 -27.58 14.33
CA PHE E 119 -4.73 -26.69 14.85
C PHE E 119 -6.12 -27.30 14.74
N ARG E 120 -6.36 -28.08 13.69
CA ARG E 120 -7.72 -28.57 13.44
C ARG E 120 -8.09 -29.69 14.42
N MET E 121 -7.14 -30.54 14.78
CA MET E 121 -7.46 -31.69 15.62
C MET E 121 -7.27 -31.43 17.11
N THR E 122 -6.29 -30.62 17.49
CA THR E 122 -5.94 -30.46 18.90
C THR E 122 -6.40 -29.13 19.50
N ASP E 123 -6.52 -28.07 18.70
CA ASP E 123 -6.94 -26.77 19.22
C ASP E 123 -7.80 -26.08 18.17
N PRO E 124 -9.00 -26.61 17.90
CA PRO E 124 -9.85 -26.00 16.86
C PRO E 124 -10.24 -24.57 17.16
N PHE E 125 -10.44 -24.22 18.44
CA PHE E 125 -10.82 -22.88 18.83
C PHE E 125 -9.63 -22.04 19.27
N ASN E 126 -8.43 -22.40 18.83
CA ASN E 126 -7.26 -21.57 19.11
C ASN E 126 -7.45 -20.20 18.46
N PRO E 127 -7.15 -19.12 19.16
CA PRO E 127 -7.37 -17.78 18.58
C PRO E 127 -6.59 -17.55 17.30
N VAL E 128 -5.37 -18.07 17.20
CA VAL E 128 -4.59 -17.89 15.98
C VAL E 128 -5.24 -18.64 14.82
N HIS E 129 -5.68 -19.87 15.07
CA HIS E 129 -6.32 -20.66 14.02
C HIS E 129 -7.62 -20.01 13.56
N MET E 130 -8.45 -19.56 14.51
CA MET E 130 -9.72 -18.94 14.15
C MET E 130 -9.53 -17.62 13.42
N MET E 131 -8.47 -16.88 13.76
CA MET E 131 -8.23 -15.60 13.09
C MET E 131 -7.86 -15.75 11.63
N SER E 132 -7.45 -16.94 11.20
CA SER E 132 -7.03 -17.16 9.82
C SER E 132 -7.84 -18.22 9.09
N PHE E 133 -8.31 -19.26 9.79
CA PHE E 133 -9.15 -20.27 9.14
C PHE E 133 -10.47 -19.66 8.68
N SER E 134 -11.03 -18.75 9.48
CA SER E 134 -12.26 -18.07 9.11
C SER E 134 -12.08 -17.11 7.93
N GLY E 135 -10.84 -16.84 7.53
CA GLY E 135 -10.60 -15.89 6.46
C GLY E 135 -10.66 -14.44 6.90
N ALA E 136 -10.56 -14.18 8.21
CA ALA E 136 -10.74 -12.82 8.71
C ALA E 136 -9.50 -11.98 8.48
N ARG E 137 -8.37 -12.37 9.06
CA ARG E 137 -7.15 -11.56 8.97
C ARG E 137 -5.95 -12.47 9.15
N GLY E 138 -5.09 -12.52 8.15
CA GLY E 138 -3.89 -13.34 8.20
C GLY E 138 -4.07 -14.64 7.46
N ASN E 139 -2.97 -15.11 6.87
CA ASN E 139 -2.94 -16.36 6.12
C ASN E 139 -1.97 -17.33 6.77
N ALA E 140 -1.89 -18.54 6.20
CA ALA E 140 -1.05 -19.58 6.78
C ALA E 140 0.43 -19.19 6.78
N SER E 141 0.88 -18.47 5.75
CA SER E 141 2.29 -18.08 5.67
C SER E 141 2.67 -17.16 6.83
N GLN E 142 1.81 -16.20 7.16
CA GLN E 142 2.11 -15.28 8.25
C GLN E 142 2.07 -15.98 9.60
N VAL E 143 1.15 -16.93 9.78
CA VAL E 143 1.10 -17.69 11.01
C VAL E 143 2.34 -18.58 11.15
N HIS E 144 2.81 -19.12 10.02
CA HIS E 144 4.03 -19.93 10.05
C HIS E 144 5.22 -19.11 10.55
N GLN E 145 5.26 -17.82 10.23
CA GLN E 145 6.31 -16.96 10.74
C GLN E 145 6.24 -16.78 12.24
N LEU E 146 5.08 -17.03 12.85
CA LEU E 146 4.88 -16.86 14.28
C LEU E 146 5.03 -18.15 15.08
N VAL E 147 4.60 -19.28 14.51
CA VAL E 147 4.58 -20.54 15.25
C VAL E 147 5.48 -21.60 14.63
N GLY E 148 5.93 -21.45 13.38
CA GLY E 148 6.79 -22.45 12.78
C GLY E 148 8.25 -22.00 12.76
N MET E 149 8.73 -21.62 11.59
CA MET E 149 10.06 -21.05 11.46
C MET E 149 10.08 -20.13 10.25
N ARG E 150 10.91 -19.08 10.32
CA ARG E 150 10.96 -18.11 9.25
C ARG E 150 11.67 -18.64 8.00
N GLY E 151 12.29 -19.82 8.08
CA GLY E 151 12.88 -20.45 6.91
C GLY E 151 14.18 -19.81 6.45
N LEU E 152 14.33 -19.65 5.14
CA LEU E 152 15.53 -19.10 4.54
C LEU E 152 15.22 -17.78 3.87
N MET E 153 16.18 -16.86 3.93
CA MET E 153 16.09 -15.57 3.28
C MET E 153 17.03 -15.54 2.08
N SER E 154 17.02 -14.43 1.36
CA SER E 154 17.82 -14.26 0.16
C SER E 154 18.57 -12.94 0.20
N ASP E 155 19.83 -12.98 -0.21
CA ASP E 155 20.62 -11.77 -0.33
C ASP E 155 20.17 -10.96 -1.54
N PRO E 156 20.52 -9.67 -1.60
CA PRO E 156 19.99 -8.81 -2.68
C PRO E 156 20.29 -9.31 -4.07
N GLN E 157 21.45 -9.90 -4.33
CA GLN E 157 21.78 -10.38 -5.67
C GLN E 157 21.35 -11.83 -5.88
N GLY E 158 20.07 -12.10 -5.57
CA GLY E 158 19.44 -13.36 -5.95
C GLY E 158 19.75 -14.56 -5.08
N GLN E 159 21.01 -14.72 -4.67
CA GLN E 159 21.43 -15.95 -4.02
C GLN E 159 20.81 -16.07 -2.63
N MET E 160 20.70 -17.31 -2.16
CA MET E 160 20.15 -17.62 -0.85
C MET E 160 21.26 -17.63 0.19
N ILE E 161 20.94 -17.13 1.38
CA ILE E 161 21.90 -17.10 2.48
C ILE E 161 22.03 -18.51 3.05
N ASP E 162 23.27 -18.96 3.22
CA ASP E 162 23.53 -20.31 3.70
C ASP E 162 23.42 -20.38 5.22
N LEU E 163 22.33 -19.88 5.77
CA LEU E 163 22.04 -19.95 7.19
C LEU E 163 20.53 -19.82 7.40
N PRO E 164 19.89 -20.82 8.01
CA PRO E 164 18.44 -20.76 8.18
C PRO E 164 18.03 -19.99 9.42
N ILE E 165 16.83 -19.43 9.36
CA ILE E 165 16.18 -18.84 10.54
C ILE E 165 15.27 -19.93 11.09
N GLN E 166 15.82 -20.74 12.00
CA GLN E 166 15.12 -21.89 12.53
C GLN E 166 14.17 -21.54 13.68
N SER E 167 14.13 -20.29 14.11
CA SER E 167 13.26 -19.85 15.18
C SER E 167 12.12 -19.01 14.60
N ASN E 168 10.98 -19.02 15.30
CA ASN E 168 9.85 -18.20 14.94
C ASN E 168 9.82 -16.95 15.82
N LEU E 169 8.85 -16.06 15.54
CA LEU E 169 8.80 -14.79 16.25
C LEU E 169 8.39 -14.95 17.71
N ARG E 170 7.67 -16.02 18.03
CA ARG E 170 7.32 -16.25 19.43
C ARG E 170 8.54 -16.68 20.23
N GLU E 171 9.39 -17.54 19.66
CA GLU E 171 10.59 -17.97 20.35
C GLU E 171 11.59 -16.83 20.49
N GLY E 172 11.68 -15.98 19.47
CA GLY E 172 12.63 -14.90 19.48
C GLY E 172 13.82 -15.15 18.57
N LEU E 173 14.01 -14.29 17.58
CA LEU E 173 15.13 -14.45 16.66
C LEU E 173 16.45 -14.16 17.35
N SER E 174 17.48 -14.93 17.00
CA SER E 174 18.82 -14.62 17.45
C SER E 174 19.33 -13.37 16.73
N LEU E 175 20.43 -12.83 17.24
CA LEU E 175 21.00 -11.62 16.66
C LEU E 175 21.41 -11.86 15.21
N THR E 176 22.01 -13.02 14.92
CA THR E 176 22.34 -13.35 13.55
C THR E 176 21.09 -13.51 12.69
N GLU E 177 20.06 -14.18 13.24
CA GLU E 177 18.83 -14.39 12.48
C GLU E 177 18.09 -13.08 12.22
N TYR E 178 18.11 -12.17 13.20
CA TYR E 178 17.43 -10.89 13.01
C TYR E 178 18.09 -10.06 11.93
N ILE E 179 19.42 -10.08 11.86
CA ILE E 179 20.13 -9.36 10.81
C ILE E 179 19.78 -9.93 9.44
N ILE E 180 19.75 -11.25 9.32
CA ILE E 180 19.41 -11.88 8.05
C ILE E 180 17.97 -11.59 7.66
N SER E 181 17.06 -11.61 8.64
CA SER E 181 15.67 -11.31 8.34
C SER E 181 15.46 -9.86 7.90
N CYS E 182 16.44 -8.99 8.17
CA CYS E 182 16.34 -7.61 7.69
C CYS E 182 16.52 -7.51 6.19
N TYR E 183 17.05 -8.56 5.55
CA TYR E 183 17.20 -8.54 4.09
C TYR E 183 15.85 -8.44 3.40
N GLY E 184 14.88 -9.23 3.87
CA GLY E 184 13.55 -9.18 3.27
C GLY E 184 12.77 -7.94 3.67
N ALA E 185 13.08 -7.38 4.85
CA ALA E 185 12.44 -6.14 5.25
C ALA E 185 12.81 -4.99 4.33
N ARG E 186 14.08 -4.91 3.93
CA ARG E 186 14.51 -3.88 3.01
C ARG E 186 13.89 -4.08 1.63
N LYS E 187 13.76 -5.34 1.20
CA LYS E 187 13.18 -5.61 -0.11
C LYS E 187 11.72 -5.16 -0.18
N GLY E 188 10.96 -5.38 0.89
CA GLY E 188 9.55 -5.02 0.85
C GLY E 188 9.31 -3.53 0.69
N VAL E 189 10.09 -2.72 1.40
CA VAL E 189 9.91 -1.27 1.30
C VAL E 189 10.38 -0.76 -0.05
N VAL E 190 11.51 -1.28 -0.55
CA VAL E 190 12.02 -0.84 -1.84
C VAL E 190 11.10 -1.28 -2.97
N ASP E 191 10.61 -2.52 -2.92
CA ASP E 191 9.70 -3.00 -3.96
C ASP E 191 8.39 -2.22 -3.95
N THR E 192 8.00 -1.67 -2.79
CA THR E 192 6.82 -0.83 -2.75
C THR E 192 7.02 0.44 -3.57
N ALA E 193 8.21 1.03 -3.50
CA ALA E 193 8.50 2.25 -4.24
C ALA E 193 8.53 2.04 -5.75
N VAL E 194 8.58 0.80 -6.22
CA VAL E 194 8.52 0.52 -7.65
C VAL E 194 7.21 -0.14 -8.07
N ARG E 195 6.50 -0.81 -7.16
CA ARG E 195 5.19 -1.35 -7.52
C ARG E 195 4.19 -0.25 -7.80
N THR E 196 4.31 0.88 -7.11
CA THR E 196 3.36 1.98 -7.30
C THR E 196 3.72 2.83 -8.51
N SER E 197 5.01 3.19 -8.65
CA SER E 197 5.41 4.06 -9.75
C SER E 197 5.30 3.37 -11.11
N ASP E 198 5.28 2.03 -11.14
CA ASP E 198 5.13 1.30 -12.39
C ASP E 198 3.67 1.00 -12.69
N ALA E 199 2.90 0.55 -11.70
CA ALA E 199 1.48 0.27 -11.92
C ALA E 199 0.70 1.55 -12.22
N GLY E 200 1.07 2.65 -11.56
CA GLY E 200 0.42 3.91 -11.87
C GLY E 200 0.66 4.36 -13.30
N TYR E 201 1.89 4.21 -13.77
CA TYR E 201 2.18 4.48 -15.19
C TYR E 201 1.43 3.50 -16.09
N LEU E 202 1.38 2.22 -15.69
CA LEU E 202 0.67 1.23 -16.49
C LEU E 202 -0.82 1.53 -16.55
N THR E 203 -1.40 1.95 -15.42
CA THR E 203 -2.83 2.24 -15.41
C THR E 203 -3.18 3.44 -16.30
N ARG E 204 -2.33 4.47 -16.29
CA ARG E 204 -2.59 5.64 -17.13
C ARG E 204 -2.57 5.28 -18.60
N ARG E 205 -1.61 4.48 -19.02
CA ARG E 205 -1.55 4.04 -20.42
C ARG E 205 -2.70 3.10 -20.75
N LEU E 206 -3.14 2.30 -19.78
CA LEU E 206 -4.25 1.38 -20.03
C LEU E 206 -5.56 2.13 -20.23
N VAL E 207 -5.84 3.10 -19.36
CA VAL E 207 -7.07 3.89 -19.49
C VAL E 207 -7.03 4.73 -20.76
N GLU E 208 -5.84 5.25 -21.11
CA GLU E 208 -5.73 6.18 -22.23
C GLU E 208 -6.09 5.51 -23.55
N VAL E 209 -5.67 4.26 -23.74
CA VAL E 209 -5.85 3.60 -25.03
C VAL E 209 -7.30 3.26 -25.32
N VAL E 210 -8.14 3.19 -24.29
CA VAL E 210 -9.53 2.77 -24.48
C VAL E 210 -10.50 3.76 -23.84
N GLN E 211 -10.04 4.98 -23.58
CA GLN E 211 -10.89 5.96 -22.91
C GLN E 211 -12.11 6.32 -23.76
N HIS E 212 -11.99 6.22 -25.08
CA HIS E 212 -13.04 6.64 -25.98
C HIS E 212 -14.07 5.55 -26.26
N ILE E 213 -13.89 4.36 -25.70
CA ILE E 213 -14.80 3.25 -25.99
C ILE E 213 -16.03 3.39 -25.10
N VAL E 214 -17.19 3.61 -25.72
CA VAL E 214 -18.46 3.77 -25.02
C VAL E 214 -19.51 2.96 -25.78
N VAL E 215 -20.43 2.35 -25.03
CA VAL E 215 -21.53 1.62 -25.66
C VAL E 215 -22.45 2.65 -26.31
N ARG E 216 -22.49 2.66 -27.64
CA ARG E 216 -23.23 3.67 -28.39
C ARG E 216 -24.32 3.11 -29.28
N ARG E 217 -24.36 1.79 -29.50
CA ARG E 217 -25.36 1.18 -30.36
C ARG E 217 -25.92 -0.06 -29.68
N THR E 218 -27.14 -0.42 -30.05
CA THR E 218 -27.74 -1.65 -29.52
C THR E 218 -27.17 -2.88 -30.21
N ASP E 219 -26.93 -2.79 -31.51
CA ASP E 219 -26.44 -3.93 -32.28
C ASP E 219 -25.78 -3.42 -33.54
N CYS E 220 -24.48 -3.70 -33.70
CA CYS E 220 -23.76 -3.26 -34.89
C CYS E 220 -24.18 -4.02 -36.14
N GLY E 221 -24.83 -5.17 -35.98
CA GLY E 221 -25.25 -5.97 -37.12
C GLY E 221 -24.24 -6.99 -37.59
N THR E 222 -23.20 -7.26 -36.81
CA THR E 222 -22.18 -8.20 -37.22
C THR E 222 -22.73 -9.63 -37.24
N ILE E 223 -22.12 -10.46 -38.09
CA ILE E 223 -22.45 -11.88 -38.16
C ILE E 223 -21.30 -12.76 -37.67
N ARG E 224 -20.10 -12.22 -37.55
CA ARG E 224 -18.96 -13.00 -37.07
C ARG E 224 -19.17 -13.42 -35.62
N GLY E 225 -18.59 -14.55 -35.27
CA GLY E 225 -18.66 -15.04 -33.91
C GLY E 225 -17.47 -15.89 -33.52
N ILE E 226 -16.84 -15.57 -32.39
CA ILE E 226 -15.73 -16.36 -31.90
C ILE E 226 -16.24 -17.75 -31.52
N SER E 227 -15.53 -18.78 -31.97
CA SER E 227 -15.93 -20.16 -31.71
C SER E 227 -15.29 -20.63 -30.41
N VAL E 228 -16.12 -21.20 -29.53
CA VAL E 228 -15.67 -21.69 -28.23
C VAL E 228 -16.01 -23.17 -28.13
N SER E 229 -15.12 -23.92 -27.50
CA SER E 229 -15.33 -25.36 -27.30
C SER E 229 -15.51 -25.69 -25.83
N PHE E 242 -13.30 -21.79 -17.63
CA PHE E 242 -14.02 -21.95 -18.89
C PHE E 242 -15.45 -21.44 -18.77
N ILE E 243 -16.14 -21.87 -17.71
CA ILE E 243 -17.54 -21.48 -17.52
C ILE E 243 -17.64 -19.98 -17.28
N GLN E 244 -16.76 -19.43 -16.44
CA GLN E 244 -16.83 -18.01 -16.12
C GLN E 244 -16.58 -17.13 -17.33
N THR E 245 -15.92 -17.65 -18.37
CA THR E 245 -15.73 -16.87 -19.59
C THR E 245 -17.02 -16.78 -20.40
N LEU E 246 -17.77 -17.88 -20.48
CA LEU E 246 -18.95 -17.94 -21.33
C LEU E 246 -20.16 -17.22 -20.76
N ILE E 247 -20.16 -16.95 -19.45
CA ILE E 247 -21.32 -16.33 -18.83
C ILE E 247 -21.43 -14.87 -19.24
N GLY E 248 -22.63 -14.46 -19.65
CA GLY E 248 -22.87 -13.09 -20.04
C GLY E 248 -22.63 -12.78 -21.50
N ARG E 249 -22.12 -13.72 -22.27
CA ARG E 249 -21.90 -13.49 -23.69
C ARG E 249 -23.17 -13.71 -24.48
N VAL E 250 -23.25 -13.04 -25.62
CA VAL E 250 -24.43 -13.11 -26.50
C VAL E 250 -24.10 -14.03 -27.67
N LEU E 251 -24.95 -15.02 -27.89
CA LEU E 251 -24.70 -16.00 -28.94
C LEU E 251 -24.78 -15.35 -30.31
N ALA E 252 -23.82 -15.67 -31.17
CA ALA E 252 -23.81 -15.19 -32.54
C ALA E 252 -24.47 -16.16 -33.52
N ASP E 253 -24.90 -17.34 -33.05
CA ASP E 253 -25.51 -18.31 -33.92
C ASP E 253 -26.44 -19.20 -33.09
N ASP E 254 -27.40 -19.81 -33.78
CA ASP E 254 -28.31 -20.73 -33.12
C ASP E 254 -27.60 -22.02 -32.72
N ILE E 255 -28.06 -22.62 -31.64
CA ILE E 255 -27.52 -23.88 -31.13
C ILE E 255 -28.63 -24.92 -31.18
N TYR E 256 -28.31 -26.08 -31.76
CA TYR E 256 -29.28 -27.14 -31.98
C TYR E 256 -28.84 -28.41 -31.29
N ILE E 257 -29.80 -29.12 -30.69
CA ILE E 257 -29.61 -30.47 -30.18
C ILE E 257 -30.58 -31.36 -30.94
N GLY E 258 -30.04 -32.16 -31.87
CA GLY E 258 -30.91 -32.90 -32.76
C GLY E 258 -31.66 -31.95 -33.66
N SER E 259 -32.99 -32.08 -33.68
CA SER E 259 -33.85 -31.19 -34.42
C SER E 259 -34.47 -30.09 -33.56
N ARG E 260 -33.99 -29.95 -32.33
CA ARG E 260 -34.54 -28.98 -31.38
C ARG E 260 -33.55 -27.83 -31.18
N CYS E 261 -34.07 -26.61 -31.20
CA CYS E 261 -33.25 -25.44 -30.92
C CYS E 261 -33.26 -25.19 -29.41
N VAL E 262 -32.08 -25.28 -28.80
CA VAL E 262 -31.97 -25.09 -27.35
C VAL E 262 -31.44 -23.70 -26.99
N ALA E 263 -30.91 -22.96 -27.96
CA ALA E 263 -30.41 -21.61 -27.70
C ALA E 263 -30.41 -20.84 -29.01
N PHE E 264 -30.96 -19.63 -28.98
CA PHE E 264 -31.18 -18.84 -30.18
C PHE E 264 -30.08 -17.80 -30.35
N ARG E 265 -29.96 -17.29 -31.58
CA ARG E 265 -29.02 -16.21 -31.86
C ARG E 265 -29.46 -14.95 -31.15
N ASN E 266 -28.47 -14.16 -30.69
CA ASN E 266 -28.71 -12.92 -29.97
C ASN E 266 -29.43 -13.18 -28.65
N GLN E 267 -28.89 -14.11 -27.88
CA GLN E 267 -29.45 -14.50 -26.60
C GLN E 267 -28.34 -14.58 -25.57
N ASP E 268 -28.56 -13.98 -24.40
CA ASP E 268 -27.56 -13.99 -23.35
C ASP E 268 -27.32 -15.41 -22.85
N LEU E 269 -26.06 -15.72 -22.57
CA LEU E 269 -25.65 -17.05 -22.15
C LEU E 269 -25.73 -17.13 -20.63
N GLY E 270 -26.78 -17.78 -20.12
CA GLY E 270 -26.83 -18.07 -18.71
C GLY E 270 -25.99 -19.29 -18.36
N ILE E 271 -25.86 -19.54 -17.05
CA ILE E 271 -25.08 -20.69 -16.63
C ILE E 271 -25.86 -21.99 -16.83
N GLY E 272 -27.19 -21.92 -16.81
CA GLY E 272 -27.97 -23.11 -17.11
C GLY E 272 -27.82 -23.55 -18.55
N LEU E 273 -27.76 -22.59 -19.48
CA LEU E 273 -27.50 -22.92 -20.87
C LEU E 273 -26.11 -23.52 -21.06
N VAL E 274 -25.11 -22.95 -20.38
CA VAL E 274 -23.74 -23.46 -20.49
C VAL E 274 -23.66 -24.88 -19.97
N ASN E 275 -24.30 -25.16 -18.82
CA ASN E 275 -24.31 -26.51 -18.29
C ASN E 275 -25.02 -27.47 -19.24
N ARG E 276 -26.10 -27.00 -19.87
CA ARG E 276 -26.79 -27.83 -20.86
C ARG E 276 -25.89 -28.14 -22.05
N PHE E 277 -25.09 -27.16 -22.47
CA PHE E 277 -24.13 -27.41 -23.55
C PHE E 277 -23.08 -28.42 -23.13
N ILE E 278 -22.58 -28.31 -21.89
CA ILE E 278 -21.59 -29.26 -21.40
C ILE E 278 -22.21 -30.63 -21.18
N THR E 279 -23.45 -30.67 -20.68
CA THR E 279 -24.11 -31.95 -20.41
C THR E 279 -24.26 -32.77 -21.68
N PHE E 280 -24.67 -32.12 -22.78
CA PHE E 280 -24.79 -32.81 -24.05
C PHE E 280 -23.49 -32.67 -24.84
N GLY E 281 -23.48 -33.22 -26.05
CA GLY E 281 -22.30 -33.21 -26.87
C GLY E 281 -22.21 -32.01 -27.81
N THR E 282 -22.11 -30.81 -27.24
CA THR E 282 -22.00 -29.59 -28.02
C THR E 282 -20.53 -29.20 -28.13
N GLN E 283 -20.02 -29.15 -29.35
CA GLN E 283 -18.59 -28.94 -29.57
C GLN E 283 -18.23 -27.49 -29.84
N SER E 284 -19.08 -26.75 -30.55
CA SER E 284 -18.77 -25.39 -30.98
C SER E 284 -19.83 -24.43 -30.46
N ILE E 285 -19.38 -23.34 -29.85
CA ILE E 285 -20.25 -22.26 -29.39
C ILE E 285 -19.75 -20.96 -30.02
N SER E 286 -20.64 -20.26 -30.70
CA SER E 286 -20.31 -19.00 -31.35
C SER E 286 -20.89 -17.86 -30.53
N ILE E 287 -20.02 -16.96 -30.07
CA ILE E 287 -20.41 -15.87 -29.18
C ILE E 287 -19.92 -14.54 -29.76
N ARG E 288 -20.57 -13.46 -29.34
CA ARG E 288 -20.19 -12.11 -29.72
C ARG E 288 -19.31 -11.52 -28.63
N THR E 289 -18.12 -11.09 -29.00
CA THR E 289 -17.15 -10.54 -28.07
C THR E 289 -16.74 -9.15 -28.53
N PRO E 290 -15.94 -8.41 -27.76
CA PRO E 290 -15.38 -7.15 -28.29
C PRO E 290 -14.55 -7.35 -29.55
N PHE E 291 -14.04 -8.55 -29.79
CA PHE E 291 -13.27 -8.81 -31.00
C PHE E 291 -14.15 -8.88 -32.24
N THR E 292 -15.45 -9.03 -32.09
CA THR E 292 -16.35 -9.22 -33.23
C THR E 292 -17.16 -7.98 -33.59
N CYS E 293 -17.02 -6.89 -32.84
CA CYS E 293 -17.82 -5.71 -33.10
C CYS E 293 -17.31 -4.98 -34.34
N ARG E 294 -18.23 -4.37 -35.08
CA ARG E 294 -17.89 -3.69 -36.32
C ARG E 294 -17.44 -2.26 -36.07
N SER E 295 -16.52 -2.07 -35.12
CA SER E 295 -15.99 -0.76 -34.80
C SER E 295 -14.85 -0.91 -33.80
N THR E 296 -13.88 -0.01 -33.89
CA THR E 296 -12.85 0.13 -32.86
C THR E 296 -12.95 1.45 -32.12
N SER E 297 -13.92 2.30 -32.46
CA SER E 297 -14.14 3.54 -31.75
C SER E 297 -15.29 3.47 -30.75
N TRP E 298 -16.18 2.49 -30.90
CA TRP E 298 -17.23 2.24 -29.92
C TRP E 298 -17.53 0.75 -29.91
N ILE E 299 -18.42 0.35 -29.01
CA ILE E 299 -18.91 -1.02 -28.95
C ILE E 299 -20.43 -0.96 -28.81
N CYS E 300 -21.08 -2.05 -29.18
CA CYS E 300 -22.53 -2.16 -29.06
C CYS E 300 -22.89 -3.02 -27.87
N ARG E 301 -24.19 -3.02 -27.54
CA ARG E 301 -24.67 -3.74 -26.37
C ARG E 301 -24.50 -5.26 -26.53
N LEU E 302 -24.77 -5.77 -27.73
CA LEU E 302 -24.75 -7.22 -27.92
C LEU E 302 -23.32 -7.76 -27.96
N CYS E 303 -22.39 -7.01 -28.54
CA CYS E 303 -21.01 -7.48 -28.62
C CYS E 303 -20.30 -7.39 -27.27
N TYR E 304 -20.71 -6.47 -26.41
CA TYR E 304 -20.14 -6.41 -25.06
C TYR E 304 -20.71 -7.53 -24.20
N GLY E 305 -22.03 -7.54 -24.01
CA GLY E 305 -22.68 -8.58 -23.24
C GLY E 305 -23.41 -8.01 -22.03
N ARG E 306 -23.51 -8.84 -21.00
CA ARG E 306 -24.20 -8.42 -19.78
C ARG E 306 -23.36 -7.43 -18.99
N SER E 307 -24.04 -6.58 -18.25
CA SER E 307 -23.35 -5.57 -17.45
C SER E 307 -22.51 -6.24 -16.36
N PRO E 308 -21.30 -5.74 -16.10
CA PRO E 308 -20.48 -6.37 -15.04
C PRO E 308 -21.05 -6.21 -13.65
N THR E 309 -21.97 -5.27 -13.42
CA THR E 309 -22.45 -4.99 -12.09
C THR E 309 -23.98 -4.97 -12.00
N HIS E 310 -24.64 -4.65 -13.10
CA HIS E 310 -26.08 -4.47 -13.10
C HIS E 310 -26.84 -5.71 -13.53
N GLY E 311 -26.16 -6.81 -13.80
CA GLY E 311 -26.85 -8.06 -14.11
C GLY E 311 -27.46 -8.21 -15.48
N ASP E 312 -28.17 -7.20 -15.95
CA ASP E 312 -28.82 -7.24 -17.25
C ASP E 312 -27.79 -6.91 -18.34
N LEU E 313 -28.27 -6.77 -19.58
CA LEU E 313 -27.41 -6.36 -20.68
C LEU E 313 -26.87 -4.95 -20.43
N VAL E 314 -25.68 -4.67 -20.95
CA VAL E 314 -25.06 -3.38 -20.73
C VAL E 314 -25.90 -2.28 -21.37
N GLU E 315 -25.88 -1.10 -20.75
CA GLU E 315 -26.73 0.01 -21.15
C GLU E 315 -25.99 0.97 -22.07
N LEU E 316 -26.75 1.64 -22.93
CA LEU E 316 -26.17 2.61 -23.84
C LEU E 316 -25.56 3.78 -23.07
N GLY E 317 -24.45 4.29 -23.58
CA GLY E 317 -23.76 5.39 -22.93
C GLY E 317 -22.83 4.99 -21.81
N GLU E 318 -22.63 3.71 -21.57
CA GLU E 318 -21.73 3.25 -20.53
C GLU E 318 -20.29 3.35 -21.01
N ALA E 319 -19.42 3.93 -20.19
CA ALA E 319 -18.01 4.10 -20.53
C ALA E 319 -17.24 2.84 -20.14
N VAL E 320 -17.46 1.78 -20.94
CA VAL E 320 -16.87 0.48 -20.64
C VAL E 320 -15.37 0.48 -20.83
N GLY E 321 -14.83 1.39 -21.65
CA GLY E 321 -13.39 1.44 -21.85
C GLY E 321 -12.64 1.86 -20.60
N ILE E 322 -13.14 2.88 -19.91
CA ILE E 322 -12.48 3.34 -18.69
C ILE E 322 -12.62 2.29 -17.59
N ILE E 323 -13.78 1.62 -17.52
CA ILE E 323 -13.95 0.54 -16.56
C ILE E 323 -12.99 -0.61 -16.86
N ALA E 324 -12.80 -0.91 -18.14
CA ALA E 324 -11.84 -1.95 -18.53
C ALA E 324 -10.43 -1.57 -18.14
N GLY E 325 -10.05 -0.30 -18.36
CA GLY E 325 -8.72 0.14 -17.98
C GLY E 325 -8.51 0.14 -16.49
N GLN E 326 -9.51 0.59 -15.73
CA GLN E 326 -9.38 0.62 -14.27
C GLN E 326 -9.35 -0.78 -13.69
N SER E 327 -10.10 -1.72 -14.28
CA SER E 327 -10.18 -3.06 -13.73
C SER E 327 -8.84 -3.79 -13.82
N ILE E 328 -8.05 -3.52 -14.85
CA ILE E 328 -6.78 -4.21 -15.00
C ILE E 328 -5.69 -3.52 -14.19
N GLY E 329 -5.66 -2.19 -14.19
CA GLY E 329 -4.62 -1.47 -13.48
C GLY E 329 -4.80 -1.43 -11.98
N GLU E 330 -6.02 -1.66 -11.49
CA GLU E 330 -6.27 -1.59 -10.05
C GLU E 330 -5.47 -2.62 -9.26
N PRO E 331 -5.44 -3.90 -9.61
CA PRO E 331 -4.66 -4.87 -8.81
C PRO E 331 -3.15 -4.85 -9.09
N GLY E 332 -2.66 -3.89 -9.86
CA GLY E 332 -1.23 -3.81 -10.15
C GLY E 332 -0.41 -3.37 -8.96
N ALA E 351 9.70 -30.92 -6.38
CA ALA E 351 10.34 -32.02 -5.67
C ALA E 351 9.68 -32.25 -4.32
N GLU E 352 9.00 -33.38 -4.18
CA GLU E 352 8.32 -33.75 -2.94
C GLU E 352 9.12 -34.82 -2.21
N HIS E 353 9.04 -34.79 -0.88
CA HIS E 353 9.81 -35.68 -0.03
C HIS E 353 8.88 -36.73 0.57
N VAL E 354 9.25 -38.00 0.41
CA VAL E 354 8.56 -39.08 1.09
C VAL E 354 9.14 -39.23 2.49
N ARG E 355 8.28 -39.23 3.49
CA ARG E 355 8.70 -39.30 4.88
C ARG E 355 8.18 -40.59 5.51
N ALA E 356 8.95 -41.11 6.46
CA ALA E 356 8.56 -42.35 7.12
C ALA E 356 7.33 -42.11 7.97
N PRO E 357 6.25 -42.87 7.78
CA PRO E 357 5.05 -42.67 8.59
C PRO E 357 5.06 -43.37 9.94
N TYR E 358 5.99 -44.29 10.17
CA TYR E 358 6.09 -44.97 11.46
C TYR E 358 7.55 -45.24 11.78
N ASN E 359 7.81 -45.46 13.06
CA ASN E 359 9.12 -45.96 13.49
C ASN E 359 9.20 -47.45 13.18
N GLY E 360 10.30 -47.87 12.57
CA GLY E 360 10.44 -49.27 12.23
C GLY E 360 11.72 -49.54 11.46
N LYS E 361 11.79 -50.75 10.93
CA LYS E 361 12.95 -51.24 10.21
C LYS E 361 12.65 -51.25 8.72
N ILE E 362 13.50 -50.59 7.94
CA ILE E 362 13.31 -50.50 6.50
C ILE E 362 13.73 -51.82 5.87
N LYS E 363 12.85 -52.41 5.07
CA LYS E 363 13.09 -53.70 4.44
C LYS E 363 12.80 -53.58 2.94
N PHE E 364 13.85 -53.62 2.13
CA PHE E 364 13.71 -53.64 0.68
C PHE E 364 14.94 -54.28 0.09
N ASN E 365 14.81 -54.74 -1.15
CA ASN E 365 15.91 -55.39 -1.86
C ASN E 365 16.72 -54.33 -2.61
N GLU E 366 18.02 -54.29 -2.34
CA GLU E 366 18.90 -53.28 -2.92
C GLU E 366 19.34 -53.62 -4.34
N ASP E 367 18.99 -54.80 -4.86
CA ASP E 367 19.39 -55.20 -6.20
C ASP E 367 18.45 -54.69 -7.29
N LEU E 368 17.29 -54.15 -6.93
CA LEU E 368 16.39 -53.55 -7.90
C LEU E 368 16.59 -52.05 -8.05
N VAL E 369 17.57 -51.47 -7.38
CA VAL E 369 17.84 -50.04 -7.44
C VAL E 369 19.28 -49.83 -7.85
N HIS E 370 19.53 -48.68 -8.48
CA HIS E 370 20.85 -48.37 -9.03
C HIS E 370 21.55 -47.37 -8.14
N PRO E 371 22.76 -47.67 -7.65
CA PRO E 371 23.47 -46.71 -6.81
C PRO E 371 23.78 -45.42 -7.54
N THR E 372 23.73 -44.32 -6.81
CA THR E 372 23.99 -42.99 -7.36
C THR E 372 24.65 -42.14 -6.28
N ARG E 373 24.74 -40.84 -6.55
CA ARG E 373 25.26 -39.88 -5.59
C ARG E 373 24.40 -38.63 -5.66
N THR E 374 23.81 -38.26 -4.53
CA THR E 374 22.87 -37.13 -4.52
C THR E 374 23.61 -35.81 -4.77
N ARG E 375 22.82 -34.76 -5.01
CA ARG E 375 23.38 -33.42 -5.14
C ARG E 375 23.95 -32.91 -3.82
N HIS E 376 23.68 -33.59 -2.71
CA HIS E 376 24.25 -33.25 -1.42
C HIS E 376 25.48 -34.08 -1.08
N GLY E 377 25.93 -34.94 -2.00
CA GLY E 377 27.11 -35.75 -1.77
C GLY E 377 26.88 -37.04 -1.03
N HIS E 378 25.64 -37.49 -0.91
CA HIS E 378 25.38 -38.71 -0.16
C HIS E 378 25.19 -39.90 -1.09
N PRO E 379 25.60 -41.10 -0.67
CA PRO E 379 25.22 -42.30 -1.41
C PRO E 379 23.71 -42.51 -1.36
N ALA E 380 23.16 -43.00 -2.45
CA ALA E 380 21.72 -43.23 -2.53
C ALA E 380 21.43 -44.27 -3.60
N PHE E 381 20.16 -44.65 -3.70
CA PHE E 381 19.69 -45.62 -4.67
C PHE E 381 18.70 -44.93 -5.60
N LEU E 382 18.96 -45.01 -6.90
CA LEU E 382 18.01 -44.50 -7.88
C LEU E 382 16.96 -45.56 -8.17
N CYS E 383 15.70 -45.14 -8.20
CA CYS E 383 14.57 -46.03 -8.41
C CYS E 383 13.92 -45.71 -9.75
N TYR E 384 13.72 -46.73 -10.58
CA TYR E 384 13.09 -46.58 -11.88
C TYR E 384 11.87 -47.48 -12.04
N ILE E 385 11.46 -48.17 -10.98
CA ILE E 385 10.38 -49.14 -11.03
C ILE E 385 9.41 -48.86 -9.89
N ASP E 386 8.40 -49.72 -9.77
CA ASP E 386 7.43 -49.62 -8.68
C ASP E 386 7.98 -50.38 -7.48
N LEU E 387 8.96 -49.77 -6.82
CA LEU E 387 9.61 -50.40 -5.68
C LEU E 387 8.67 -50.42 -4.47
N SER E 388 8.70 -51.52 -3.73
CA SER E 388 7.91 -51.67 -2.52
C SER E 388 8.87 -51.72 -1.33
N VAL E 389 8.66 -50.83 -0.36
CA VAL E 389 9.50 -50.71 0.82
C VAL E 389 8.67 -51.07 2.04
N ILE E 390 9.19 -51.96 2.87
CA ILE E 390 8.50 -52.47 4.05
C ILE E 390 9.12 -51.84 5.30
N ILE E 391 8.28 -51.25 6.14
CA ILE E 391 8.69 -50.72 7.44
C ILE E 391 8.10 -51.63 8.51
N GLU E 392 8.97 -52.31 9.25
CA GLU E 392 8.54 -53.23 10.30
C GLU E 392 8.35 -52.41 11.58
N SER E 393 7.13 -51.92 11.77
CA SER E 393 6.84 -51.02 12.88
C SER E 393 6.70 -51.81 14.18
N GLU E 394 6.31 -51.11 15.25
CA GLU E 394 6.20 -51.76 16.56
C GLU E 394 5.02 -52.71 16.62
N ASP E 395 3.90 -52.34 15.98
CA ASP E 395 2.69 -53.16 16.02
C ASP E 395 2.50 -53.98 14.75
N ILE E 396 2.40 -53.33 13.60
CA ILE E 396 2.05 -53.97 12.34
C ILE E 396 3.12 -53.65 11.31
N ILE E 397 3.46 -54.63 10.48
CA ILE E 397 4.36 -54.39 9.36
C ILE E 397 3.65 -53.55 8.32
N HIS E 398 4.27 -52.41 7.95
CA HIS E 398 3.68 -51.46 7.03
C HIS E 398 4.49 -51.41 5.74
N SER E 399 3.82 -51.00 4.66
CA SER E 399 4.43 -50.93 3.34
C SER E 399 4.29 -49.51 2.79
N VAL E 400 5.37 -49.01 2.19
CA VAL E 400 5.41 -47.70 1.58
C VAL E 400 5.80 -47.87 0.12
N THR E 401 5.04 -47.26 -0.78
CA THR E 401 5.27 -47.35 -2.21
C THR E 401 6.10 -46.15 -2.66
N ILE E 402 7.23 -46.42 -3.30
CA ILE E 402 8.13 -45.39 -3.79
C ILE E 402 7.92 -45.24 -5.29
N PRO E 403 7.46 -44.09 -5.77
CA PRO E 403 7.26 -43.92 -7.21
C PRO E 403 8.59 -43.93 -7.95
N PRO E 404 8.59 -44.29 -9.24
CA PRO E 404 9.85 -44.31 -9.99
C PRO E 404 10.44 -42.92 -10.19
N LYS E 405 11.62 -42.86 -10.81
CA LYS E 405 12.34 -41.59 -11.03
C LYS E 405 12.54 -40.85 -9.71
N SER E 406 12.84 -41.59 -8.65
CA SER E 406 12.98 -41.03 -7.32
C SER E 406 14.24 -41.57 -6.65
N PHE E 407 14.78 -40.78 -5.72
CA PHE E 407 15.98 -41.13 -4.99
C PHE E 407 15.60 -41.76 -3.66
N LEU E 408 16.08 -42.98 -3.41
CA LEU E 408 15.87 -43.67 -2.15
C LEU E 408 17.10 -43.46 -1.28
N LEU E 409 16.95 -42.71 -0.20
CA LEU E 409 18.07 -42.26 0.62
C LEU E 409 18.39 -43.20 1.78
N VAL E 410 17.60 -44.25 1.99
CA VAL E 410 17.81 -45.15 3.11
C VAL E 410 18.36 -46.47 2.59
N GLN E 411 18.91 -47.27 3.51
CA GLN E 411 19.43 -48.59 3.20
C GLN E 411 18.53 -49.66 3.80
N ASN E 412 18.71 -50.88 3.31
CA ASN E 412 17.97 -52.02 3.85
C ASN E 412 18.41 -52.28 5.29
N ASP E 413 17.45 -52.70 6.12
CA ASP E 413 17.66 -52.98 7.54
C ASP E 413 18.03 -51.74 8.35
N GLN E 414 17.78 -50.56 7.81
CA GLN E 414 18.03 -49.33 8.54
C GLN E 414 16.83 -48.97 9.40
N TYR E 415 17.13 -48.37 10.56
CA TYR E 415 16.08 -47.89 11.45
C TYR E 415 15.71 -46.45 11.09
N VAL E 416 14.42 -46.18 11.03
CA VAL E 416 13.91 -44.86 10.68
C VAL E 416 12.93 -44.41 11.76
N GLU E 417 12.80 -43.10 11.89
CA GLU E 417 11.84 -42.48 12.80
C GLU E 417 10.67 -41.92 12.00
N SER E 418 9.58 -41.63 12.72
CA SER E 418 8.42 -41.03 12.07
C SER E 418 8.75 -39.64 11.56
N GLU E 419 8.13 -39.27 10.44
CA GLU E 419 8.31 -37.97 9.80
C GLU E 419 9.74 -37.73 9.34
N GLN E 420 10.52 -38.80 9.17
CA GLN E 420 11.89 -38.70 8.69
C GLN E 420 11.93 -38.97 7.20
N VAL E 421 12.61 -38.10 6.45
CA VAL E 421 12.66 -38.23 5.00
C VAL E 421 13.39 -39.51 4.64
N ILE E 422 12.72 -40.38 3.89
CA ILE E 422 13.33 -41.63 3.43
C ILE E 422 13.53 -41.67 1.93
N ALA E 423 12.80 -40.87 1.16
CA ALA E 423 12.95 -40.85 -0.28
C ALA E 423 12.60 -39.46 -0.80
N GLU E 424 13.13 -39.14 -1.98
CA GLU E 424 12.88 -37.86 -2.63
C GLU E 424 12.49 -38.14 -4.07
N ILE E 425 11.38 -37.54 -4.51
CA ILE E 425 10.85 -37.75 -5.85
C ILE E 425 11.09 -36.51 -6.68
N ARG E 426 11.17 -36.70 -7.99
CA ARG E 426 11.43 -35.61 -8.92
C ARG E 426 11.00 -35.98 -10.33
N GLU E 436 20.24 -20.89 -14.47
CA GLU E 436 21.25 -19.88 -14.20
C GLU E 436 22.60 -20.52 -13.90
N ARG E 437 23.67 -19.73 -14.03
CA ARG E 437 25.02 -20.20 -13.74
C ARG E 437 25.62 -19.29 -12.67
N VAL E 438 26.09 -19.90 -11.57
CA VAL E 438 26.64 -19.17 -10.44
C VAL E 438 28.07 -19.64 -10.21
N ARG E 439 28.95 -18.71 -9.85
CA ARG E 439 30.35 -19.01 -9.58
C ARG E 439 30.58 -19.09 -8.08
N LYS E 440 31.13 -20.21 -7.63
CA LYS E 440 31.42 -20.47 -6.23
C LYS E 440 32.93 -20.40 -6.00
N TYR E 441 33.33 -19.72 -4.93
CA TYR E 441 34.73 -19.52 -4.60
C TYR E 441 35.08 -20.27 -3.32
N ILE E 442 36.21 -20.96 -3.34
CA ILE E 442 36.72 -21.68 -2.18
C ILE E 442 37.96 -20.93 -1.68
N TYR E 443 37.93 -20.53 -0.42
CA TYR E 443 39.00 -19.75 0.17
C TYR E 443 39.92 -20.64 1.00
N SER E 444 41.19 -20.25 1.07
CA SER E 444 42.15 -20.99 1.89
C SER E 444 41.86 -20.75 3.36
N ASP E 445 41.66 -21.82 4.12
CA ASP E 445 41.41 -21.71 5.55
C ASP E 445 42.68 -21.41 6.34
N SER E 446 43.85 -21.61 5.74
CA SER E 446 45.11 -21.36 6.42
C SER E 446 46.17 -21.04 5.38
N GLU E 447 47.25 -20.40 5.84
CA GLU E 447 48.38 -20.11 4.97
C GLU E 447 49.15 -21.39 4.66
N GLY E 448 49.56 -21.53 3.40
CA GLY E 448 50.30 -22.71 3.02
C GLY E 448 50.62 -22.69 1.54
N GLU E 449 51.14 -23.82 1.06
CA GLU E 449 51.52 -23.99 -0.33
C GLU E 449 50.67 -25.08 -0.98
N MET E 450 50.44 -24.91 -2.28
CA MET E 450 49.53 -25.76 -3.03
C MET E 450 50.24 -27.02 -3.54
N HIS E 451 49.53 -28.14 -3.50
CA HIS E 451 50.02 -29.39 -4.06
C HIS E 451 48.87 -30.15 -4.70
N TRP E 452 49.12 -30.66 -5.90
CA TRP E 452 48.22 -31.61 -6.55
C TRP E 452 49.04 -32.76 -7.08
N SER E 453 48.48 -33.97 -7.02
CA SER E 453 49.19 -35.16 -7.49
C SER E 453 48.85 -35.47 -8.94
N THR E 454 47.58 -35.65 -9.24
CA THR E 454 47.13 -36.00 -10.59
C THR E 454 45.83 -35.27 -10.89
N ASP E 455 45.34 -35.45 -12.12
CA ASP E 455 44.05 -34.94 -12.57
C ASP E 455 43.98 -33.42 -12.57
N VAL E 456 45.12 -32.75 -12.54
CA VAL E 456 45.21 -31.31 -12.73
C VAL E 456 46.20 -31.04 -13.84
N SER E 457 45.78 -30.26 -14.83
CA SER E 457 46.64 -29.98 -15.98
C SER E 457 47.82 -29.11 -15.56
N HIS E 458 49.02 -29.56 -15.92
CA HIS E 458 50.22 -28.80 -15.58
C HIS E 458 50.37 -27.54 -16.42
N ALA E 459 49.75 -27.50 -17.59
CA ALA E 459 49.81 -26.34 -18.47
C ALA E 459 48.69 -25.37 -18.12
N PRO E 460 49.00 -24.10 -17.91
CA PRO E 460 47.93 -23.12 -17.63
C PRO E 460 46.98 -23.00 -18.81
N GLU E 461 45.72 -22.72 -18.51
CA GLU E 461 44.73 -22.59 -19.57
C GLU E 461 45.06 -21.44 -20.52
N PHE E 462 45.70 -20.40 -20.02
CA PHE E 462 46.20 -19.31 -20.83
C PHE E 462 47.70 -19.19 -20.64
N THR E 463 48.40 -18.79 -21.70
CA THR E 463 49.85 -18.74 -21.67
C THR E 463 50.40 -17.75 -20.66
N TYR E 464 49.58 -16.81 -20.19
CA TYR E 464 50.01 -15.79 -19.24
C TYR E 464 49.44 -15.96 -17.85
N SER E 465 48.50 -16.88 -17.65
CA SER E 465 47.79 -17.00 -16.39
C SER E 465 48.36 -18.15 -15.54
N ASN E 466 47.83 -18.26 -14.32
CA ASN E 466 48.18 -19.33 -13.40
C ASN E 466 46.98 -20.21 -13.08
N VAL E 467 46.00 -20.26 -13.96
CA VAL E 467 44.76 -21.00 -13.74
C VAL E 467 44.85 -22.33 -14.48
N HIS E 468 44.64 -23.42 -13.76
CA HIS E 468 44.71 -24.76 -14.31
C HIS E 468 43.34 -25.43 -14.25
N LEU E 469 43.13 -26.38 -15.16
CA LEU E 469 41.86 -27.07 -15.28
C LEU E 469 41.98 -28.49 -14.73
N LEU E 470 40.82 -29.07 -14.39
CA LEU E 470 40.76 -30.45 -13.91
C LEU E 470 40.05 -31.31 -14.96
N PRO E 471 40.78 -32.15 -15.71
CA PRO E 471 40.09 -33.11 -16.57
C PRO E 471 39.21 -34.08 -15.81
N LYS E 472 39.60 -34.44 -14.59
CA LYS E 472 38.85 -35.40 -13.78
C LYS E 472 38.70 -34.84 -12.36
N THR E 473 38.10 -35.63 -11.48
CA THR E 473 37.96 -35.24 -10.09
C THR E 473 39.25 -35.50 -9.33
N SER E 474 39.62 -34.56 -8.48
CA SER E 474 40.88 -34.66 -7.74
C SER E 474 40.78 -33.84 -6.46
N HIS E 475 41.74 -34.06 -5.57
CA HIS E 475 41.86 -33.32 -4.33
C HIS E 475 43.02 -32.34 -4.43
N LEU E 476 42.77 -31.09 -4.08
CA LEU E 476 43.82 -30.08 -4.01
C LEU E 476 44.26 -29.94 -2.56
N TRP E 477 45.56 -30.03 -2.33
CA TRP E 477 46.12 -30.00 -0.99
C TRP E 477 46.74 -28.62 -0.71
N ILE E 478 46.61 -28.17 0.54
CA ILE E 478 47.30 -26.99 1.03
C ILE E 478 48.17 -27.43 2.19
N LEU E 479 49.49 -27.33 2.01
CA LEU E 479 50.44 -27.74 3.04
C LEU E 479 50.74 -26.56 3.94
N SER E 480 50.34 -26.66 5.22
CA SER E 480 50.39 -25.52 6.12
C SER E 480 51.82 -25.07 6.36
N GLY E 481 52.00 -23.77 6.50
CA GLY E 481 53.30 -23.20 6.79
C GLY E 481 53.14 -21.88 7.51
N GLY E 482 54.16 -21.53 8.30
CA GLY E 482 54.13 -20.31 9.08
C GLY E 482 54.20 -19.06 8.24
N ILE E 489 63.67 -11.15 6.61
CA ILE E 489 64.06 -11.57 5.26
C ILE E 489 65.34 -10.87 4.85
N LEU E 490 66.43 -11.62 4.77
CA LEU E 490 67.73 -11.07 4.44
C LEU E 490 68.30 -11.61 3.13
N PHE E 491 67.94 -12.83 2.74
CA PHE E 491 68.38 -13.47 1.50
C PHE E 491 69.88 -13.70 1.44
N SER E 492 70.58 -13.50 2.54
CA SER E 492 72.00 -13.79 2.63
C SER E 492 72.33 -14.69 3.83
N ILE E 493 71.62 -14.52 4.93
CA ILE E 493 71.80 -15.38 6.10
C ILE E 493 70.63 -16.34 6.29
N HIS E 494 69.46 -16.06 5.74
CA HIS E 494 68.30 -16.92 5.86
C HIS E 494 68.18 -17.75 4.59
N LYS E 495 68.32 -19.07 4.72
CA LYS E 495 68.31 -19.96 3.58
C LYS E 495 67.55 -21.22 3.95
N ASP E 496 67.45 -22.15 2.99
CA ASP E 496 66.62 -23.34 3.16
C ASP E 496 67.08 -24.17 4.34
N GLN E 497 66.12 -24.65 5.12
CA GLN E 497 66.32 -25.53 6.28
C GLN E 497 67.10 -24.86 7.40
N ASP E 498 67.17 -23.53 7.42
CA ASP E 498 67.76 -22.83 8.55
C ASP E 498 66.83 -22.91 9.75
N GLN E 499 67.41 -23.18 10.91
CA GLN E 499 66.65 -23.28 12.15
C GLN E 499 66.75 -21.96 12.89
N MET E 500 65.65 -21.21 12.94
CA MET E 500 65.62 -19.91 13.60
C MET E 500 65.14 -20.08 15.03
N ASN E 501 66.04 -19.82 15.97
CA ASN E 501 65.69 -19.80 17.39
C ASN E 501 65.24 -18.43 17.86
N ILE E 502 65.18 -17.45 16.95
CA ILE E 502 64.81 -16.09 17.29
C ILE E 502 63.82 -15.56 16.25
N PRO E 503 63.02 -14.55 16.62
CA PRO E 503 62.13 -13.92 15.65
C PRO E 503 62.91 -13.18 14.58
N PHE E 504 62.24 -12.97 13.45
CA PHE E 504 62.84 -12.27 12.32
C PHE E 504 63.26 -10.85 12.69
N SER E 566 86.30 37.60 14.47
CA SER E 566 85.11 36.81 14.72
C SER E 566 85.13 35.51 13.93
N ASP E 567 85.79 35.53 12.76
CA ASP E 567 85.90 34.33 11.94
C ASP E 567 86.73 33.26 12.64
N LEU E 568 87.71 33.66 13.45
CA LEU E 568 88.50 32.70 14.21
C LEU E 568 87.64 31.89 15.17
N LEU E 569 86.49 32.41 15.56
CA LEU E 569 85.55 31.70 16.40
C LEU E 569 84.64 30.76 15.60
N ALA E 570 84.67 30.86 14.27
CA ALA E 570 83.82 30.06 13.40
C ALA E 570 84.63 28.92 12.77
N LYS E 571 83.92 28.02 12.10
CA LYS E 571 84.54 26.83 11.52
C LYS E 571 83.72 26.37 10.32
N ARG E 572 84.43 25.92 9.28
CA ARG E 572 83.81 25.35 8.09
C ARG E 572 84.38 23.97 7.83
N ARG E 573 83.50 23.02 7.52
CA ARG E 573 83.90 21.63 7.30
C ARG E 573 83.16 21.11 6.06
N ARG E 574 83.18 19.80 5.88
CA ARG E 574 82.55 19.17 4.72
C ARG E 574 81.04 19.34 4.79
N ASN E 575 80.47 20.04 3.80
CA ASN E 575 79.03 20.25 3.66
C ASN E 575 78.41 20.91 4.89
N ARG E 576 79.20 21.61 5.68
CA ARG E 576 78.68 22.28 6.87
C ARG E 576 79.66 23.35 7.31
N PHE E 577 79.12 24.37 7.99
CA PHE E 577 79.95 25.44 8.50
C PHE E 577 79.23 26.06 9.70
N LEU E 578 79.99 26.81 10.50
CA LEU E 578 79.51 27.35 11.76
C LEU E 578 79.60 28.86 11.76
N ILE E 579 78.64 29.50 12.41
CA ILE E 579 78.59 30.96 12.52
C ILE E 579 78.28 31.31 13.98
N PRO E 580 79.04 32.23 14.60
CA PRO E 580 78.85 32.63 16.00
C PRO E 580 77.46 33.23 16.26
N ILE E 599 77.12 42.02 9.31
CA ILE E 599 76.55 40.84 8.67
C ILE E 599 75.48 40.23 9.54
N SER E 600 74.27 40.09 8.99
CA SER E 600 73.13 39.52 9.71
C SER E 600 72.72 38.21 9.05
N VAL E 601 72.43 37.21 9.87
CA VAL E 601 72.06 35.88 9.41
C VAL E 601 70.55 35.74 9.44
N GLU E 602 69.97 35.34 8.31
CA GLU E 602 68.52 35.14 8.19
C GLU E 602 68.24 33.67 8.00
N ILE E 603 67.46 33.10 8.91
CA ILE E 603 67.07 31.69 8.84
C ILE E 603 65.55 31.61 8.74
N PRO E 604 65.00 30.77 7.87
CA PRO E 604 63.54 30.66 7.76
C PRO E 604 62.92 30.13 9.05
N ILE E 605 61.60 30.27 9.13
CA ILE E 605 60.87 29.87 10.34
C ILE E 605 61.02 28.37 10.58
N ASN E 606 60.86 27.57 9.52
CA ASN E 606 60.99 26.13 9.65
C ASN E 606 62.43 25.66 9.82
N GLY E 607 63.40 26.56 9.64
CA GLY E 607 64.79 26.17 9.73
C GLY E 607 65.28 25.35 8.57
N ILE E 608 64.61 25.42 7.43
CA ILE E 608 64.94 24.63 6.25
C ILE E 608 65.39 25.59 5.14
N PHE E 609 66.50 25.25 4.51
CA PHE E 609 67.07 26.07 3.44
C PHE E 609 66.75 25.43 2.10
N ARG E 610 66.28 26.24 1.16
CA ARG E 610 66.05 25.81 -0.21
C ARG E 610 67.22 26.20 -1.10
N ARG E 611 67.27 25.61 -2.28
CA ARG E 611 68.38 25.87 -3.20
C ARG E 611 68.33 27.31 -3.68
N ASN E 612 69.51 27.95 -3.75
CA ASN E 612 69.65 29.34 -4.11
C ASN E 612 68.83 30.24 -3.19
N SER E 613 69.18 30.19 -1.91
CA SER E 613 68.54 31.00 -0.88
C SER E 613 69.57 31.93 -0.25
N ILE E 614 69.09 33.05 0.26
CA ILE E 614 69.94 34.07 0.89
C ILE E 614 69.77 33.97 2.40
N PHE E 615 70.85 33.64 3.09
CA PHE E 615 70.84 33.56 4.54
C PHE E 615 71.62 34.67 5.23
N ALA E 616 72.59 35.28 4.55
CA ALA E 616 73.35 36.38 5.11
C ALA E 616 73.69 37.37 4.01
N PHE E 617 73.72 38.65 4.37
CA PHE E 617 74.02 39.70 3.42
C PHE E 617 74.87 40.79 4.06
N THR E 795 84.86 37.59 5.24
CA THR E 795 85.69 36.59 5.90
C THR E 795 84.95 35.95 7.07
N LEU E 796 84.21 34.88 6.78
CA LEU E 796 83.43 34.19 7.80
C LEU E 796 84.15 32.99 8.39
N PHE E 797 85.17 32.46 7.72
CA PHE E 797 85.83 31.23 8.14
C PHE E 797 87.33 31.44 8.21
N PRO E 798 88.03 30.68 9.06
CA PRO E 798 89.47 30.89 9.24
C PRO E 798 90.31 30.58 8.01
N LYS E 799 89.72 30.20 6.87
CA LYS E 799 90.45 29.87 5.66
C LYS E 799 91.44 28.73 5.91
N ASP E 800 90.87 27.56 6.20
CA ASP E 800 91.65 26.40 6.57
C ASP E 800 92.61 26.00 5.45
N LEU E 801 93.70 25.34 5.85
CA LEU E 801 94.72 24.95 4.88
C LEU E 801 94.19 23.96 3.86
N PHE E 802 93.37 23.02 4.29
CA PHE E 802 92.80 21.99 3.42
C PHE E 802 91.28 22.09 3.41
N ARG E 803 90.70 21.94 2.23
CA ARG E 803 89.25 21.98 2.06
C ARG E 803 88.82 20.92 1.05
N GLU E 804 87.88 20.06 1.45
CA GLU E 804 87.37 19.03 0.56
C GLU E 804 86.27 19.60 -0.34
N LYS E 805 85.86 18.79 -1.31
CA LYS E 805 84.73 19.16 -2.14
C LYS E 805 83.45 19.11 -1.32
N ASP E 806 82.58 20.09 -1.52
CA ASP E 806 81.30 20.15 -0.83
C ASP E 806 80.18 20.26 -1.87
N ASN E 807 79.10 19.53 -1.63
CA ASN E 807 77.92 19.70 -2.47
C ASN E 807 77.37 21.12 -2.34
N ILE E 808 77.35 21.65 -1.12
CA ILE E 808 76.98 23.04 -0.92
C ILE E 808 78.10 23.96 -1.40
N GLN E 809 77.73 25.18 -1.76
CA GLN E 809 78.70 26.18 -2.17
C GLN E 809 78.13 27.56 -1.88
N LEU E 810 79.00 28.49 -1.50
CA LEU E 810 78.62 29.85 -1.15
C LEU E 810 79.08 30.80 -2.25
N ARG E 811 78.17 31.66 -2.69
CA ARG E 811 78.48 32.62 -3.75
C ARG E 811 78.42 34.04 -3.23
N LEU E 839 75.61 36.53 -0.20
CA LEU E 839 75.89 35.15 0.15
C LEU E 839 74.68 34.26 -0.14
N VAL E 840 74.78 33.47 -1.21
CA VAL E 840 73.72 32.58 -1.65
C VAL E 840 74.14 31.15 -1.38
N LEU E 841 73.28 30.40 -0.69
CA LEU E 841 73.59 29.03 -0.28
C LEU E 841 72.94 28.09 -1.28
N ASN E 842 73.76 27.50 -2.16
CA ASN E 842 73.28 26.65 -3.25
C ASN E 842 74.06 25.35 -3.26
N TRP E 843 73.39 24.25 -3.58
CA TRP E 843 74.04 22.95 -3.69
C TRP E 843 73.59 22.21 -4.94
N VAL E 855 68.44 21.59 3.63
CA VAL E 855 69.46 21.95 4.60
C VAL E 855 68.81 22.40 5.91
N ARG E 856 69.12 21.70 6.99
CA ARG E 856 68.59 22.03 8.30
C ARG E 856 69.47 23.11 8.96
N ALA E 857 69.07 23.52 10.15
CA ALA E 857 69.82 24.52 10.91
C ALA E 857 69.42 24.42 12.37
N PHE E 858 70.38 24.17 13.25
CA PHE E 858 70.12 24.06 14.67
C PHE E 858 71.22 24.74 15.46
N PHE E 859 70.89 25.17 16.67
CA PHE E 859 71.82 25.92 17.50
C PHE E 859 72.89 25.00 18.09
N VAL E 860 74.10 25.55 18.24
CA VAL E 860 75.21 24.87 18.89
C VAL E 860 75.70 25.78 20.01
N GLU E 861 75.57 25.31 21.25
CA GLU E 861 75.93 26.10 22.43
C GLU E 861 77.03 25.39 23.20
N VAL E 862 78.11 26.11 23.49
CA VAL E 862 79.23 25.60 24.25
C VAL E 862 79.18 26.24 25.63
N ASN E 863 79.15 25.41 26.68
CA ASN E 863 79.02 25.89 28.05
C ASN E 863 80.22 25.43 28.87
N THR E 864 80.82 26.39 29.59
CA THR E 864 81.96 26.10 30.47
C THR E 864 81.80 26.96 31.71
N LYS E 865 81.52 26.31 32.85
CA LYS E 865 81.43 26.99 34.15
C LYS E 865 80.40 28.11 34.11
N GLY E 866 79.29 27.88 33.41
CA GLY E 866 78.22 28.85 33.32
C GLY E 866 78.36 29.85 32.19
N LEU E 867 79.48 29.85 31.46
CA LEU E 867 79.66 30.76 30.34
C LEU E 867 78.99 30.16 29.11
N ILE E 868 78.03 30.90 28.55
CA ILE E 868 77.16 30.39 27.49
C ILE E 868 77.41 31.19 26.22
N ARG E 869 77.57 30.48 25.10
CA ARG E 869 77.68 31.11 23.79
C ARG E 869 77.09 30.17 22.75
N ASP E 870 76.20 30.71 21.91
CA ASP E 870 75.49 29.92 20.92
C ASP E 870 76.09 30.12 19.53
N PHE E 871 75.98 29.08 18.71
CA PHE E 871 76.49 29.11 17.34
C PHE E 871 75.39 28.65 16.39
N ILE E 872 75.52 29.09 15.14
CA ILE E 872 74.58 28.74 14.08
C ILE E 872 75.22 27.66 13.23
N ARG E 873 74.52 26.53 13.08
CA ARG E 873 75.02 25.39 12.34
C ARG E 873 74.18 25.21 11.07
N ILE E 874 74.84 25.26 9.92
CA ILE E 874 74.18 25.12 8.62
C ILE E 874 74.91 24.00 7.90
N GLY E 875 74.28 22.82 7.85
CA GLY E 875 74.91 21.67 7.24
C GLY E 875 73.89 20.80 6.51
N LEU E 876 74.42 19.85 5.74
CA LEU E 876 73.60 18.94 4.95
C LEU E 876 73.46 17.59 5.64
N ARG E 885 79.16 5.70 1.43
CA ARG E 885 80.26 4.96 2.01
C ARG E 885 80.42 5.28 3.50
N LYS E 886 81.27 4.51 4.18
CA LYS E 886 81.50 4.76 5.60
C LYS E 886 82.21 6.08 5.84
N ARG E 887 82.99 6.56 4.86
CA ARG E 887 83.71 7.82 5.03
C ARG E 887 82.75 9.00 5.08
N ASN E 888 81.78 9.04 4.17
CA ASN E 888 80.86 10.17 4.08
C ASN E 888 79.89 10.26 5.25
N ASN E 889 80.01 9.38 6.23
CA ASN E 889 79.21 9.51 7.44
C ASN E 889 79.70 10.75 8.18
N PRO E 890 78.83 11.72 8.49
CA PRO E 890 79.23 12.94 9.17
C PRO E 890 79.35 12.78 10.68
N MET E 901 76.26 2.99 21.39
CA MET E 901 77.08 3.08 20.19
C MET E 901 78.56 3.14 20.54
N ASN E 902 78.88 3.87 21.60
CA ASN E 902 80.27 4.00 22.04
C ASN E 902 80.66 2.75 22.83
N PRO E 903 81.66 1.99 22.39
CA PRO E 903 82.10 0.83 23.17
C PRO E 903 82.63 1.20 24.54
N PHE E 904 83.27 2.36 24.68
CA PHE E 904 83.76 2.79 25.99
C PHE E 904 82.61 3.01 26.96
N TYR E 905 81.52 3.61 26.49
CA TYR E 905 80.37 3.88 27.33
C TYR E 905 79.35 2.75 27.26
N HIS E 922 60.42 -20.41 17.59
CA HIS E 922 61.21 -21.36 16.80
C HIS E 922 60.72 -21.43 15.37
N GLY E 923 61.15 -22.47 14.65
CA GLY E 923 60.73 -22.67 13.28
C GLY E 923 61.87 -22.93 12.33
N THR E 924 61.60 -23.68 11.28
CA THR E 924 62.57 -24.00 10.24
C THR E 924 62.20 -23.28 8.95
N ILE E 925 63.19 -22.70 8.31
CA ILE E 925 62.98 -21.91 7.09
C ILE E 925 62.80 -22.86 5.91
N ARG E 926 61.75 -22.62 5.12
CA ARG E 926 61.51 -23.36 3.89
C ARG E 926 61.54 -22.37 2.73
N MET E 927 62.54 -22.52 1.86
CA MET E 927 62.73 -21.63 0.73
C MET E 927 62.66 -22.41 -0.57
N PHE E 928 62.20 -21.73 -1.62
CA PHE E 928 62.21 -22.28 -2.97
C PHE E 928 62.03 -21.18 -4.01
N SER E 937 60.30 -16.47 -1.75
CA SER E 937 59.22 -17.24 -1.15
C SER E 937 59.72 -18.02 0.07
N LEU E 938 59.14 -17.73 1.23
CA LEU E 938 59.57 -18.32 2.49
C LEU E 938 58.37 -18.84 3.26
N LEU E 939 58.51 -20.03 3.83
CA LEU E 939 57.54 -20.60 4.74
C LEU E 939 58.27 -21.10 5.99
N ILE E 940 57.60 -21.03 7.13
CA ILE E 940 58.17 -21.43 8.40
C ILE E 940 57.48 -22.72 8.84
N LEU E 941 58.28 -23.76 9.06
CA LEU E 941 57.78 -25.03 9.57
C LEU E 941 58.16 -25.16 11.04
N SER E 942 57.17 -25.46 11.88
CA SER E 942 57.39 -25.51 13.32
C SER E 942 56.46 -26.56 13.91
N SER E 943 56.29 -26.52 15.22
CA SER E 943 55.36 -27.42 15.89
C SER E 943 53.90 -27.05 15.68
N SER E 944 53.62 -25.90 15.07
CA SER E 944 52.26 -25.51 14.75
C SER E 944 51.72 -26.20 13.50
N ASN E 945 52.58 -26.81 12.70
CA ASN E 945 52.13 -27.48 11.48
C ASN E 945 52.77 -28.84 11.26
N CYS E 946 53.69 -29.26 12.12
CA CYS E 946 54.32 -30.57 12.00
C CYS E 946 54.18 -31.30 13.34
N PHE E 947 53.73 -32.55 13.29
CA PHE E 947 53.47 -33.32 14.48
C PHE E 947 53.92 -34.76 14.27
N ARG E 948 54.19 -35.45 15.37
CA ARG E 948 54.69 -36.81 15.35
C ARG E 948 53.55 -37.79 15.59
N ILE E 949 53.47 -38.82 14.75
CA ILE E 949 52.49 -39.89 14.88
C ILE E 949 53.26 -41.18 15.15
N GLY E 950 52.89 -41.89 16.22
CA GLY E 950 53.53 -43.14 16.56
C GLY E 950 53.92 -43.25 18.02
N THR E 972 88.48 -61.67 15.87
CA THR E 972 87.69 -60.51 15.50
C THR E 972 86.86 -60.02 16.68
N ILE E 973 86.32 -58.81 16.56
CA ILE E 973 85.53 -58.20 17.63
C ILE E 973 84.08 -58.04 17.15
N LYS E 974 83.23 -57.53 18.04
CA LYS E 974 81.83 -57.35 17.70
C LYS E 974 81.67 -56.32 16.59
N ASN E 975 80.76 -56.61 15.66
CA ASN E 975 80.49 -55.68 14.56
C ASN E 975 79.81 -54.42 15.09
N SER E 976 80.35 -53.27 14.72
CA SER E 976 79.80 -52.00 15.17
C SER E 976 80.00 -50.96 14.08
N SER E 977 79.02 -50.07 13.94
CA SER E 977 79.12 -49.00 12.96
C SER E 977 80.19 -48.00 13.35
N GLY E 978 80.96 -47.55 12.37
CA GLY E 978 82.03 -46.60 12.62
C GLY E 978 82.93 -46.43 11.42
N PRO E 979 84.01 -45.66 11.61
CA PRO E 979 84.96 -45.46 10.50
C PRO E 979 85.73 -46.73 10.18
N LEU E 980 86.12 -46.84 8.90
CA LEU E 980 86.96 -47.93 8.44
C LEU E 980 88.34 -47.44 8.01
N GLY E 981 88.67 -46.19 8.30
CA GLY E 981 89.91 -45.58 7.88
C GLY E 981 89.68 -44.53 6.81
N THR E 982 90.78 -43.90 6.40
CA THR E 982 90.75 -42.85 5.38
C THR E 982 91.19 -43.47 4.07
N ALA E 983 90.28 -43.50 3.09
CA ALA E 983 90.61 -44.05 1.78
C ALA E 983 91.69 -43.21 1.11
N ILE E 984 92.60 -43.87 0.42
CA ILE E 984 93.71 -43.21 -0.24
C ILE E 984 93.52 -43.28 -1.75
N GLN E 985 94.15 -42.33 -2.44
CA GLN E 985 94.01 -42.25 -3.89
C GLN E 985 94.68 -43.45 -4.55
N ILE E 986 93.99 -44.04 -5.51
CA ILE E 986 94.55 -45.08 -6.37
C ILE E 986 95.00 -44.41 -7.66
N SER E 987 96.30 -44.53 -7.95
CA SER E 987 96.85 -43.82 -9.11
C SER E 987 96.36 -44.39 -10.43
N ASN E 988 95.80 -45.60 -10.42
CA ASN E 988 95.29 -46.19 -11.65
C ASN E 988 94.00 -45.51 -12.11
N PHE E 989 93.34 -44.75 -11.23
CA PHE E 989 92.10 -44.06 -11.56
C PHE E 989 92.27 -42.56 -11.70
N TYR E 990 93.46 -42.02 -11.47
CA TYR E 990 93.80 -40.61 -11.72
C TYR E 990 92.93 -39.64 -10.93
N SER E 991 92.36 -40.06 -9.80
CA SER E 991 91.47 -39.22 -9.01
C SER E 991 92.14 -38.87 -7.68
N PHE E 992 92.14 -37.58 -7.34
CA PHE E 992 92.68 -37.15 -6.06
C PHE E 992 91.97 -37.84 -4.91
N LEU E 993 90.64 -37.80 -4.90
CA LEU E 993 89.83 -38.52 -3.96
C LEU E 993 89.24 -39.75 -4.63
N PRO E 994 89.43 -40.95 -4.07
CA PRO E 994 89.03 -42.17 -4.78
C PRO E 994 87.52 -42.22 -5.01
N LEU E 995 87.14 -42.77 -6.17
CA LEU E 995 85.72 -42.91 -6.50
C LEU E 995 85.07 -43.99 -5.65
N LEU E 996 85.72 -45.16 -5.54
CA LEU E 996 85.30 -46.29 -4.71
C LEU E 996 84.05 -46.99 -5.23
N THR E 997 83.39 -46.42 -6.25
CA THR E 997 82.10 -46.93 -6.68
C THR E 997 81.61 -46.26 -7.95
N TYR E 998 80.93 -47.02 -8.81
CA TYR E 998 80.24 -46.50 -9.99
C TYR E 998 78.75 -46.82 -9.88
N ASN E 999 77.98 -46.33 -10.86
CA ASN E 999 76.58 -46.66 -11.01
C ASN E 999 76.31 -47.01 -12.46
N GLN E 1000 75.07 -47.44 -12.75
CA GLN E 1000 74.72 -47.88 -14.10
C GLN E 1000 74.88 -46.77 -15.14
N ILE E 1001 74.85 -45.51 -14.72
CA ILE E 1001 75.07 -44.41 -15.66
C ILE E 1001 76.54 -44.01 -15.70
N SER E 1002 77.21 -43.98 -14.55
CA SER E 1002 78.61 -43.57 -14.51
C SER E 1002 79.55 -44.66 -15.03
N VAL E 1003 79.21 -45.94 -14.79
CA VAL E 1003 80.09 -47.02 -15.24
C VAL E 1003 80.13 -47.10 -16.76
N ILE E 1004 79.03 -46.78 -17.43
CA ILE E 1004 79.05 -46.72 -18.89
C ILE E 1004 79.72 -45.45 -19.38
N LYS E 1005 79.74 -44.40 -18.55
CA LYS E 1005 80.21 -43.09 -18.98
C LYS E 1005 81.70 -42.87 -18.67
N TYR E 1006 82.18 -43.33 -17.53
CA TYR E 1006 83.51 -42.96 -17.03
C TYR E 1006 84.30 -44.19 -16.60
N LEU E 1007 84.32 -45.22 -17.43
CA LEU E 1007 85.14 -46.40 -17.20
C LEU E 1007 86.13 -46.54 -18.35
N GLN E 1008 87.41 -46.35 -18.06
CA GLN E 1008 88.43 -46.51 -19.08
C GLN E 1008 88.59 -47.98 -19.46
N LEU E 1009 89.14 -48.21 -20.65
CA LEU E 1009 89.28 -49.57 -21.16
C LEU E 1009 90.21 -50.40 -20.28
N ASP E 1010 91.32 -49.81 -19.82
CA ASP E 1010 92.25 -50.53 -18.96
C ASP E 1010 91.70 -50.76 -17.56
N ASN E 1011 90.58 -50.15 -17.20
CA ASN E 1011 89.98 -50.31 -15.89
C ASN E 1011 88.81 -51.28 -15.88
N PHE E 1012 88.57 -51.97 -17.00
CA PHE E 1012 87.43 -52.90 -17.07
C PHE E 1012 87.59 -54.05 -16.10
N LYS E 1013 88.80 -54.57 -15.94
CA LYS E 1013 89.03 -55.72 -15.09
C LYS E 1013 89.06 -55.38 -13.60
N TYR E 1014 89.14 -54.10 -13.25
CA TYR E 1014 89.31 -53.70 -11.86
C TYR E 1014 87.99 -53.47 -11.13
N ILE E 1015 86.85 -53.53 -11.82
CA ILE E 1015 85.57 -53.39 -11.16
C ILE E 1015 85.23 -54.68 -10.41
N PHE E 1016 84.68 -54.53 -9.21
CA PHE E 1016 84.35 -55.66 -8.36
C PHE E 1016 82.89 -55.57 -7.93
N GLN E 1017 82.21 -56.72 -7.93
CA GLN E 1017 80.83 -56.78 -7.48
C GLN E 1017 80.70 -56.88 -5.96
N VAL E 1018 81.81 -57.06 -5.25
CA VAL E 1018 81.81 -57.14 -3.79
C VAL E 1018 82.94 -56.26 -3.26
N ILE E 1019 82.96 -56.09 -1.94
CA ILE E 1019 83.92 -55.21 -1.30
C ILE E 1019 85.17 -56.00 -0.95
N HIS E 1020 86.32 -55.54 -1.46
CA HIS E 1020 87.63 -56.06 -1.09
C HIS E 1020 88.39 -54.95 -0.39
N SER E 1021 88.80 -55.19 0.85
CA SER E 1021 89.38 -54.15 1.69
C SER E 1021 90.79 -54.54 2.09
N TYR E 1022 91.73 -53.61 1.89
CA TYR E 1022 93.12 -53.76 2.30
C TYR E 1022 93.41 -52.77 3.43
N LEU E 1023 94.67 -52.72 3.85
CA LEU E 1023 95.10 -51.79 4.88
C LEU E 1023 96.60 -51.59 4.75
N ILE E 1024 97.02 -50.32 4.73
CA ILE E 1024 98.43 -49.96 4.61
C ILE E 1024 98.83 -49.17 5.85
N ASP E 1025 99.89 -49.61 6.51
CA ASP E 1025 100.38 -48.96 7.71
C ASP E 1025 101.43 -47.91 7.34
N GLU E 1026 102.07 -47.32 8.34
CA GLU E 1026 103.01 -46.23 8.11
C GLU E 1026 104.24 -46.67 7.34
N ASN E 1027 104.56 -47.97 7.34
CA ASN E 1027 105.76 -48.46 6.67
C ASN E 1027 105.53 -48.84 5.22
N GLY E 1028 104.28 -48.82 4.75
CA GLY E 1028 103.98 -49.12 3.36
C GLY E 1028 103.55 -50.55 3.09
N ARG E 1029 103.56 -51.42 4.09
CA ARG E 1029 103.10 -52.79 3.90
C ARG E 1029 101.59 -52.82 3.72
N ILE E 1030 101.12 -53.80 2.95
CA ILE E 1030 99.70 -53.97 2.65
C ILE E 1030 99.19 -55.20 3.38
N PHE E 1031 98.10 -55.03 4.14
CA PHE E 1031 97.54 -56.09 4.97
C PHE E 1031 96.08 -56.30 4.62
N ASN E 1032 95.67 -57.55 4.55
CA ASN E 1032 94.27 -57.89 4.28
C ASN E 1032 93.68 -58.86 5.29
N LEU E 1033 94.46 -59.85 5.74
CA LEU E 1033 94.08 -60.87 6.72
C LEU E 1033 93.09 -61.87 6.14
N ASP E 1034 92.55 -61.57 4.96
CA ASP E 1034 91.68 -62.50 4.23
C ASP E 1034 91.45 -61.94 2.83
N PRO E 1035 91.68 -62.72 1.78
CA PRO E 1035 91.45 -62.24 0.42
C PRO E 1035 90.04 -62.48 -0.11
N TYR E 1036 89.17 -63.17 0.64
CA TYR E 1036 87.85 -63.54 0.15
C TYR E 1036 86.73 -63.20 1.13
N SER E 1037 87.01 -62.39 2.16
CA SER E 1037 85.97 -62.01 3.11
C SER E 1037 85.90 -60.48 3.23
N ASN E 1038 85.09 -60.00 4.18
CA ASN E 1038 84.91 -58.58 4.41
C ASN E 1038 85.50 -58.24 5.78
N LEU E 1039 86.79 -57.96 5.81
CA LEU E 1039 87.51 -57.69 7.05
C LEU E 1039 88.12 -56.30 6.99
N VAL E 1040 87.82 -55.48 8.01
CA VAL E 1040 88.39 -54.15 8.16
C VAL E 1040 88.80 -53.95 9.61
N LEU E 1041 89.65 -52.95 9.83
CA LEU E 1041 90.23 -52.68 11.14
C LEU E 1041 89.49 -51.54 11.83
N ASN E 1042 89.20 -51.73 13.12
CA ASN E 1042 88.56 -50.68 13.91
C ASN E 1042 89.63 -49.69 14.38
N PRO E 1043 89.56 -48.42 13.97
CA PRO E 1043 90.57 -47.45 14.40
C PRO E 1043 90.63 -47.25 15.91
N PHE E 1044 89.50 -47.35 16.60
CA PHE E 1044 89.47 -47.06 18.03
C PHE E 1044 90.06 -48.20 18.85
N LYS E 1045 89.46 -49.39 18.74
CA LYS E 1045 89.91 -50.54 19.53
C LYS E 1045 91.15 -51.21 18.95
N LEU E 1046 91.53 -50.89 17.71
CA LEU E 1046 92.68 -51.49 17.05
C LEU E 1046 92.56 -53.00 16.99
N ASN E 1047 91.53 -53.46 16.30
CA ASN E 1047 91.28 -54.89 16.12
C ASN E 1047 90.47 -55.10 14.86
N TRP E 1048 90.76 -56.19 14.16
CA TRP E 1048 90.02 -56.54 12.96
C TRP E 1048 88.61 -57.00 13.33
N TYR E 1049 87.70 -56.86 12.37
CA TYR E 1049 86.32 -57.34 12.53
C TYR E 1049 85.70 -57.46 11.15
N PHE E 1050 84.53 -58.11 11.12
CA PHE E 1050 83.82 -58.38 9.89
C PHE E 1050 82.84 -57.27 9.56
N LEU E 1051 82.52 -57.14 8.27
CA LEU E 1051 81.49 -56.22 7.83
C LEU E 1051 80.13 -56.88 8.02
N HIS E 1052 79.08 -56.27 7.46
CA HIS E 1052 77.72 -56.72 7.71
C HIS E 1052 77.05 -57.41 6.52
N GLN E 1053 77.37 -57.01 5.29
CA GLN E 1053 76.62 -57.49 4.13
C GLN E 1053 77.48 -57.98 2.98
N ASN E 1054 78.76 -57.59 2.91
CA ASN E 1054 79.65 -57.84 1.77
C ASN E 1054 79.26 -56.97 0.58
N TYR E 1055 78.13 -56.27 0.70
CA TYR E 1055 77.67 -55.25 -0.23
C TYR E 1055 77.80 -55.71 -1.69
N ASN E 1056 77.04 -56.74 -2.01
CA ASN E 1056 77.02 -57.28 -3.36
C ASN E 1056 76.30 -56.35 -4.32
N THR E 1065 59.31 -50.03 5.41
CA THR E 1065 58.21 -50.29 6.32
C THR E 1065 56.86 -50.09 5.62
N ILE E 1066 55.82 -49.85 6.42
CA ILE E 1066 54.48 -49.68 5.85
C ILE E 1066 54.33 -48.31 5.20
N ILE E 1067 54.61 -47.25 5.95
CA ILE E 1067 54.41 -45.88 5.47
C ILE E 1067 55.63 -45.44 4.69
N SER E 1068 55.41 -44.94 3.48
CA SER E 1068 56.48 -44.42 2.64
C SER E 1068 56.65 -42.92 2.85
N LEU E 1069 57.84 -42.43 2.49
CA LEU E 1069 58.15 -41.02 2.64
C LEU E 1069 57.48 -40.20 1.54
N GLY E 1070 56.84 -39.11 1.92
CA GLY E 1070 56.21 -38.21 0.97
C GLY E 1070 54.77 -38.50 0.66
N GLN E 1071 54.20 -39.57 1.22
CA GLN E 1071 52.81 -39.91 0.93
C GLN E 1071 51.85 -38.94 1.61
N PHE E 1072 50.67 -38.79 1.02
CA PHE E 1072 49.60 -37.96 1.57
C PHE E 1072 48.53 -38.84 2.18
N PHE E 1073 48.05 -38.45 3.36
CA PHE E 1073 47.03 -39.20 4.08
C PHE E 1073 45.74 -38.40 4.14
N CYS E 1074 44.63 -39.12 4.31
CA CYS E 1074 43.36 -38.51 4.60
C CYS E 1074 43.18 -38.42 6.12
N GLU E 1075 42.03 -37.88 6.54
CA GLU E 1075 41.85 -37.57 7.95
C GLU E 1075 41.66 -38.82 8.79
N ASN E 1076 40.98 -39.84 8.26
CA ASN E 1076 40.64 -41.03 9.03
C ASN E 1076 41.14 -42.29 8.32
N VAL E 1077 42.40 -42.25 7.89
CA VAL E 1077 43.01 -43.41 7.27
C VAL E 1077 43.55 -44.34 8.36
N CYS E 1078 43.16 -45.60 8.29
CA CYS E 1078 43.57 -46.59 9.28
C CYS E 1078 44.82 -47.31 8.82
N ILE E 1079 45.73 -47.56 9.76
CA ILE E 1079 46.93 -48.33 9.49
C ILE E 1079 46.95 -49.67 10.21
N ALA E 1080 46.25 -49.79 11.34
CA ALA E 1080 46.16 -51.04 12.07
C ALA E 1080 44.95 -50.98 12.98
N LYS E 1081 44.45 -52.16 13.36
CA LYS E 1081 43.29 -52.23 14.24
C LYS E 1081 43.59 -51.63 15.61
N LYS E 1082 44.78 -51.90 16.14
CA LYS E 1082 45.19 -51.40 17.45
C LYS E 1082 45.94 -50.09 17.38
N GLU E 1083 45.72 -49.29 16.34
CA GLU E 1083 46.41 -48.02 16.18
C GLU E 1083 45.42 -46.91 15.93
N PRO E 1084 45.71 -45.70 16.41
CA PRO E 1084 44.85 -44.56 16.09
C PRO E 1084 44.93 -44.21 14.61
N TYR E 1085 43.86 -43.59 14.13
CA TYR E 1085 43.78 -43.23 12.72
C TYR E 1085 44.84 -42.19 12.37
N LEU E 1086 45.51 -42.39 11.23
CA LEU E 1086 46.40 -41.39 10.68
C LEU E 1086 45.59 -40.21 10.16
N LYS E 1087 46.15 -39.01 10.25
CA LYS E 1087 45.40 -37.83 9.85
C LYS E 1087 45.98 -37.21 8.58
N SER E 1088 45.30 -36.18 8.11
CA SER E 1088 45.63 -35.57 6.82
C SER E 1088 46.97 -34.85 6.88
N GLY E 1089 47.74 -34.99 5.83
CA GLY E 1089 49.03 -34.35 5.72
C GLY E 1089 49.97 -35.23 4.91
N GLN E 1090 51.22 -34.77 4.82
CA GLN E 1090 52.25 -35.47 4.06
C GLN E 1090 53.32 -35.99 5.01
N VAL E 1091 53.84 -37.18 4.71
CA VAL E 1091 54.89 -37.79 5.52
C VAL E 1091 56.17 -36.98 5.30
N LEU E 1092 56.64 -36.32 6.36
CA LEU E 1092 57.82 -35.46 6.30
C LEU E 1092 59.07 -36.16 6.79
N ILE E 1093 58.98 -36.85 7.93
CA ILE E 1093 60.10 -37.56 8.53
C ILE E 1093 59.70 -39.00 8.78
N VAL E 1094 60.58 -39.93 8.42
CA VAL E 1094 60.37 -41.35 8.66
C VAL E 1094 61.45 -41.84 9.61
N GLN E 1095 61.04 -42.46 10.71
CA GLN E 1095 61.97 -42.94 11.72
C GLN E 1095 61.74 -44.41 12.03
N ARG E 1096 62.37 -44.91 13.11
CA ARG E 1096 62.25 -46.33 13.45
C ARG E 1096 60.81 -46.71 13.76
N ASP E 1097 60.17 -45.98 14.68
CA ASP E 1097 58.85 -46.34 15.18
C ASP E 1097 57.84 -45.21 15.06
N SER E 1098 58.14 -44.16 14.29
CA SER E 1098 57.24 -43.04 14.20
C SER E 1098 57.46 -42.32 12.88
N VAL E 1099 56.49 -41.48 12.53
CA VAL E 1099 56.59 -40.59 11.38
C VAL E 1099 56.11 -39.21 11.79
N VAL E 1100 56.75 -38.19 11.24
CA VAL E 1100 56.35 -36.80 11.47
C VAL E 1100 55.59 -36.32 10.25
N ILE E 1101 54.41 -35.74 10.48
CA ILE E 1101 53.49 -35.36 9.41
C ILE E 1101 53.42 -33.85 9.35
N ARG E 1102 53.58 -33.29 8.16
CA ARG E 1102 53.26 -31.90 7.91
C ARG E 1102 51.79 -31.81 7.50
N SER E 1103 50.98 -31.15 8.34
CA SER E 1103 49.54 -31.18 8.15
C SER E 1103 49.15 -30.51 6.84
N ALA E 1104 48.16 -31.11 6.16
CA ALA E 1104 47.65 -30.60 4.90
C ALA E 1104 46.15 -30.78 4.87
N LYS E 1105 45.47 -29.90 4.15
CA LYS E 1105 44.02 -29.94 4.03
C LYS E 1105 43.62 -30.24 2.59
N PRO E 1106 42.93 -31.34 2.33
CA PRO E 1106 42.50 -31.62 0.96
C PRO E 1106 41.18 -30.92 0.62
N TYR E 1107 41.08 -30.52 -0.64
CA TYR E 1107 39.87 -29.88 -1.16
C TYR E 1107 39.40 -30.64 -2.39
N LEU E 1108 38.15 -31.08 -2.37
CA LEU E 1108 37.59 -31.83 -3.50
C LEU E 1108 37.17 -30.87 -4.59
N ALA E 1109 37.49 -31.23 -5.84
CA ALA E 1109 37.19 -30.39 -6.99
C ALA E 1109 36.68 -31.26 -8.13
N THR E 1110 35.46 -30.97 -8.58
CA THR E 1110 34.87 -31.71 -9.69
C THR E 1110 35.51 -31.28 -11.01
N PRO E 1111 35.37 -32.09 -12.06
CA PRO E 1111 35.90 -31.69 -13.37
C PRO E 1111 35.29 -30.38 -13.84
N GLY E 1112 36.12 -29.56 -14.50
CA GLY E 1112 35.72 -28.24 -14.92
C GLY E 1112 36.07 -27.12 -13.96
N ALA E 1113 36.51 -27.46 -12.75
CA ALA E 1113 36.92 -26.44 -11.80
C ALA E 1113 38.27 -25.85 -12.21
N LYS E 1114 38.53 -24.64 -11.75
CA LYS E 1114 39.73 -23.89 -12.11
C LYS E 1114 40.60 -23.70 -10.88
N VAL E 1115 41.83 -24.21 -10.93
CA VAL E 1115 42.77 -24.05 -9.85
C VAL E 1115 43.43 -22.68 -9.96
N HIS E 1116 43.35 -21.89 -8.90
CA HIS E 1116 43.90 -20.54 -8.89
C HIS E 1116 45.28 -20.59 -8.24
N GLY E 1117 46.29 -20.86 -9.05
CA GLY E 1117 47.67 -20.87 -8.60
C GLY E 1117 48.49 -21.98 -9.22
N HIS E 1118 49.78 -21.73 -9.37
CA HIS E 1118 50.70 -22.76 -9.85
C HIS E 1118 50.97 -23.78 -8.75
N TYR E 1119 51.76 -24.79 -9.09
CA TYR E 1119 52.19 -25.75 -8.08
C TYR E 1119 53.13 -25.06 -7.09
N ARG E 1120 53.03 -25.45 -5.82
CA ARG E 1120 53.88 -24.95 -4.75
C ARG E 1120 53.71 -23.45 -4.52
N GLU E 1121 52.59 -22.89 -4.96
CA GLU E 1121 52.34 -21.47 -4.78
C GLU E 1121 51.89 -21.18 -3.36
N ILE E 1122 52.41 -20.10 -2.80
CA ILE E 1122 52.07 -19.71 -1.43
C ILE E 1122 50.71 -19.05 -1.44
N LEU E 1123 49.78 -19.59 -0.66
CA LEU E 1123 48.44 -19.05 -0.51
C LEU E 1123 48.25 -18.59 0.93
N TYR E 1124 47.75 -17.38 1.11
CA TYR E 1124 47.46 -16.85 2.42
C TYR E 1124 46.01 -17.12 2.80
N GLU E 1125 45.66 -16.79 4.04
CA GLU E 1125 44.30 -17.01 4.51
C GLU E 1125 43.32 -16.17 3.71
N GLY E 1126 42.24 -16.79 3.26
CA GLY E 1126 41.22 -16.11 2.49
C GLY E 1126 41.47 -16.02 1.00
N ASP E 1127 42.63 -16.48 0.53
CA ASP E 1127 42.91 -16.45 -0.89
C ASP E 1127 42.07 -17.47 -1.63
N THR E 1128 41.61 -17.10 -2.83
CA THR E 1128 40.84 -18.01 -3.66
C THR E 1128 41.71 -19.19 -4.08
N LEU E 1129 41.16 -20.39 -3.98
CA LEU E 1129 41.92 -21.61 -4.28
C LEU E 1129 41.35 -22.38 -5.46
N VAL E 1130 40.03 -22.53 -5.55
CA VAL E 1130 39.38 -23.21 -6.66
C VAL E 1130 38.05 -22.52 -6.94
N THR E 1131 37.54 -22.71 -8.16
CA THR E 1131 36.33 -22.04 -8.60
C THR E 1131 35.35 -23.09 -9.12
N PHE E 1132 34.11 -23.01 -8.65
CA PHE E 1132 33.05 -23.93 -9.05
C PHE E 1132 31.97 -23.18 -9.80
N ILE E 1133 31.42 -23.83 -10.83
CA ILE E 1133 30.27 -23.32 -11.57
C ILE E 1133 29.14 -24.30 -11.40
N TYR E 1134 28.01 -23.82 -10.87
CA TYR E 1134 26.86 -24.66 -10.60
C TYR E 1134 25.59 -23.94 -11.02
N GLU E 1135 24.54 -24.71 -11.25
CA GLU E 1135 23.25 -24.16 -11.64
C GLU E 1135 22.60 -23.42 -10.48
N GLY E 1145 5.94 -11.06 -13.25
CA GLY E 1145 4.74 -10.47 -12.70
C GLY E 1145 4.31 -9.21 -13.40
N LEU E 1146 4.29 -8.09 -12.68
CA LEU E 1146 3.95 -6.81 -13.28
C LEU E 1146 4.86 -6.43 -14.44
N PRO E 1147 6.19 -6.58 -14.36
CA PRO E 1147 7.01 -6.32 -15.56
C PRO E 1147 6.65 -7.22 -16.74
N LYS E 1148 6.22 -8.45 -16.47
CA LYS E 1148 5.85 -9.34 -17.57
C LYS E 1148 4.61 -8.85 -18.29
N VAL E 1149 3.58 -8.45 -17.56
CA VAL E 1149 2.34 -8.02 -18.19
C VAL E 1149 2.53 -6.72 -18.95
N GLU E 1150 3.39 -5.83 -18.45
CA GLU E 1150 3.66 -4.58 -19.16
C GLU E 1150 4.40 -4.82 -20.46
N GLN E 1151 5.28 -5.83 -20.48
CA GLN E 1151 6.03 -6.13 -21.70
C GLN E 1151 5.10 -6.63 -22.80
N VAL E 1152 4.11 -7.45 -22.45
CA VAL E 1152 3.17 -7.96 -23.44
C VAL E 1152 2.31 -6.82 -24.00
N LEU E 1153 1.85 -5.92 -23.13
CA LEU E 1153 0.97 -4.84 -23.58
C LEU E 1153 1.68 -3.93 -24.56
N GLU E 1154 2.94 -3.60 -24.29
CA GLU E 1154 3.73 -2.76 -25.19
C GLU E 1154 4.40 -3.55 -26.30
N VAL E 1155 4.24 -4.87 -26.32
CA VAL E 1155 4.84 -5.75 -27.33
C VAL E 1155 6.35 -5.61 -27.32
N SER E 1162 5.20 -14.39 -26.97
CA SER E 1162 5.40 -15.82 -27.19
C SER E 1162 6.40 -16.07 -28.32
N LEU E 1163 7.26 -17.07 -28.15
CA LEU E 1163 8.20 -17.42 -29.18
C LEU E 1163 7.51 -18.05 -30.38
N ASN E 1164 6.43 -18.80 -30.14
CA ASN E 1164 5.71 -19.42 -31.25
C ASN E 1164 4.95 -18.39 -32.07
N LEU E 1165 4.42 -17.35 -31.41
CA LEU E 1165 3.63 -16.35 -32.12
C LEU E 1165 4.46 -15.64 -33.17
N GLU E 1166 5.66 -15.19 -32.80
CA GLU E 1166 6.51 -14.49 -33.76
C GLU E 1166 7.09 -15.43 -34.80
N LYS E 1167 7.25 -16.72 -34.47
CA LYS E 1167 7.72 -17.68 -35.47
C LYS E 1167 6.60 -18.07 -36.43
N ARG E 1168 5.35 -18.07 -35.98
CA ARG E 1168 4.24 -18.37 -36.89
C ARG E 1168 3.94 -17.18 -37.80
N ILE E 1169 4.03 -15.96 -37.27
CA ILE E 1169 3.80 -14.77 -38.08
C ILE E 1169 4.86 -14.69 -39.19
N LYS E 1170 6.11 -14.98 -38.86
CA LYS E 1170 7.15 -15.01 -39.88
C LYS E 1170 6.87 -16.07 -40.93
N GLY E 1171 6.47 -17.26 -40.49
CA GLY E 1171 6.18 -18.33 -41.44
C GLY E 1171 4.96 -18.05 -42.30
N TRP E 1172 3.89 -17.53 -41.68
CA TRP E 1172 2.66 -17.27 -42.42
C TRP E 1172 2.83 -16.15 -43.44
N ASN E 1173 3.65 -15.14 -43.11
CA ASN E 1173 3.80 -13.99 -44.00
C ASN E 1173 4.36 -14.38 -45.35
N ARG E 1174 5.38 -15.25 -45.37
CA ARG E 1174 6.07 -15.59 -46.60
C ARG E 1174 5.31 -16.59 -47.46
N CYS E 1175 4.21 -17.16 -46.97
CA CYS E 1175 3.51 -18.23 -47.66
C CYS E 1175 2.17 -17.82 -48.23
N ILE E 1176 1.34 -17.14 -47.44
CA ILE E 1176 -0.04 -16.85 -47.87
C ILE E 1176 -0.04 -15.94 -49.09
N THR E 1177 0.82 -14.92 -49.10
CA THR E 1177 0.89 -14.02 -50.25
C THR E 1177 1.38 -14.75 -51.50
N ARG E 1178 2.26 -15.74 -51.34
CA ARG E 1178 2.69 -16.51 -52.50
C ARG E 1178 1.62 -17.45 -53.00
N ILE E 1179 0.71 -17.89 -52.11
CA ILE E 1179 -0.36 -18.80 -52.52
C ILE E 1179 -1.53 -18.03 -53.11
N LEU E 1180 -2.00 -17.00 -52.41
CA LEU E 1180 -3.11 -16.19 -52.85
C LEU E 1180 -2.61 -14.80 -53.22
N GLY E 1181 -3.18 -14.24 -54.28
CA GLY E 1181 -2.67 -12.99 -54.84
C GLY E 1181 -3.48 -11.77 -54.44
N ILE E 1182 -4.39 -11.35 -55.31
CA ILE E 1182 -5.32 -10.25 -55.09
C ILE E 1182 -6.01 -10.46 -53.73
N PRO E 1183 -6.65 -9.42 -53.11
CA PRO E 1183 -6.56 -9.26 -51.65
C PRO E 1183 -6.65 -10.49 -50.77
N TRP E 1184 -7.19 -11.61 -51.26
CA TRP E 1184 -7.17 -12.83 -50.46
C TRP E 1184 -5.77 -13.19 -49.99
N GLY E 1185 -4.73 -12.70 -50.67
CA GLY E 1185 -3.38 -12.83 -50.12
C GLY E 1185 -3.17 -11.99 -48.88
N PHE E 1186 -3.62 -10.72 -48.92
CA PHE E 1186 -3.44 -9.80 -47.80
C PHE E 1186 -4.57 -9.92 -46.78
N LEU E 1187 -5.81 -10.06 -47.24
CA LEU E 1187 -6.94 -10.12 -46.31
C LEU E 1187 -6.86 -11.36 -45.43
N ILE E 1188 -6.65 -12.52 -46.04
CA ILE E 1188 -6.59 -13.77 -45.27
C ILE E 1188 -5.33 -13.80 -44.40
N GLY E 1189 -4.22 -13.29 -44.91
CA GLY E 1189 -3.01 -13.25 -44.12
C GLY E 1189 -3.15 -12.38 -42.89
N ALA E 1190 -3.72 -11.17 -43.06
CA ALA E 1190 -3.93 -10.29 -41.93
C ALA E 1190 -4.95 -10.89 -40.95
N GLU E 1191 -6.00 -11.51 -41.47
CA GLU E 1191 -7.01 -12.13 -40.61
C GLU E 1191 -6.40 -13.24 -39.77
N LEU E 1192 -5.59 -14.09 -40.39
CA LEU E 1192 -4.99 -15.21 -39.66
C LEU E 1192 -3.99 -14.74 -38.62
N THR E 1193 -3.20 -13.71 -38.96
CA THR E 1193 -2.21 -13.19 -38.02
C THR E 1193 -2.90 -12.53 -36.83
N ILE E 1194 -3.92 -11.72 -37.09
CA ILE E 1194 -4.58 -10.97 -36.02
C ILE E 1194 -5.37 -11.91 -35.12
N VAL E 1195 -6.03 -12.91 -35.70
CA VAL E 1195 -6.81 -13.86 -34.91
C VAL E 1195 -5.90 -14.63 -33.97
N GLN E 1196 -4.73 -15.08 -34.46
CA GLN E 1196 -3.79 -15.78 -33.60
C GLN E 1196 -3.20 -14.85 -32.56
N SER E 1197 -2.90 -13.60 -32.93
CA SER E 1197 -2.31 -12.67 -31.98
C SER E 1197 -3.25 -12.38 -30.82
N ARG E 1198 -4.55 -12.20 -31.11
CA ARG E 1198 -5.51 -11.89 -30.05
C ARG E 1198 -5.62 -13.05 -29.06
N ILE E 1199 -5.61 -14.28 -29.55
CA ILE E 1199 -5.73 -15.44 -28.67
C ILE E 1199 -4.54 -15.52 -27.73
N SER E 1200 -3.33 -15.33 -28.26
CA SER E 1200 -2.14 -15.42 -27.43
C SER E 1200 -1.95 -14.20 -26.55
N LEU E 1201 -2.33 -13.01 -27.03
CA LEU E 1201 -2.19 -11.81 -26.21
C LEU E 1201 -3.06 -11.86 -24.97
N VAL E 1202 -4.30 -12.34 -25.11
CA VAL E 1202 -5.18 -12.48 -23.96
C VAL E 1202 -4.69 -13.61 -23.05
N ASN E 1203 -4.23 -14.71 -23.64
CA ASN E 1203 -3.76 -15.84 -22.84
C ASN E 1203 -2.55 -15.46 -21.99
N LYS E 1204 -1.60 -14.73 -22.56
CA LYS E 1204 -0.40 -14.34 -21.82
C LYS E 1204 -0.74 -13.40 -20.66
N ILE E 1205 -1.62 -12.43 -20.91
CA ILE E 1205 -1.99 -11.48 -19.86
C ILE E 1205 -2.80 -12.20 -18.78
N GLN E 1206 -3.73 -13.07 -19.17
CA GLN E 1206 -4.53 -13.78 -18.18
C GLN E 1206 -3.68 -14.73 -17.35
N LYS E 1207 -2.68 -15.36 -17.98
CA LYS E 1207 -1.81 -16.28 -17.24
C LYS E 1207 -1.00 -15.53 -16.19
N VAL E 1208 -0.54 -14.32 -16.51
CA VAL E 1208 0.24 -13.54 -15.55
C VAL E 1208 -0.62 -13.18 -14.34
N TYR E 1209 -1.85 -12.74 -14.58
CA TYR E 1209 -2.72 -12.33 -13.48
C TYR E 1209 -3.26 -13.52 -12.70
N ARG E 1210 -3.55 -14.63 -13.38
CA ARG E 1210 -4.03 -15.82 -12.68
C ARG E 1210 -2.96 -16.40 -11.77
N SER E 1211 -1.69 -16.24 -12.12
CA SER E 1211 -0.61 -16.75 -11.28
C SER E 1211 -0.54 -16.04 -9.94
N GLN E 1212 -1.08 -14.82 -9.83
CA GLN E 1212 -1.07 -14.06 -8.60
C GLN E 1212 -2.43 -14.02 -7.93
N GLY E 1213 -3.39 -14.82 -8.40
CA GLY E 1213 -4.71 -14.84 -7.81
C GLY E 1213 -5.63 -13.71 -8.22
N VAL E 1214 -5.21 -12.87 -9.17
CA VAL E 1214 -6.02 -11.76 -9.62
C VAL E 1214 -7.10 -12.27 -10.56
N GLN E 1215 -8.34 -11.86 -10.31
CA GLN E 1215 -9.50 -12.30 -11.10
C GLN E 1215 -10.04 -11.11 -11.88
N ILE E 1216 -9.78 -11.10 -13.19
CA ILE E 1216 -10.29 -10.08 -14.09
C ILE E 1216 -11.04 -10.78 -15.22
N HIS E 1217 -12.20 -10.24 -15.57
CA HIS E 1217 -13.00 -10.82 -16.64
C HIS E 1217 -12.27 -10.71 -17.98
N ASN E 1218 -12.55 -11.67 -18.86
CA ASN E 1218 -11.96 -11.65 -20.20
C ASN E 1218 -12.42 -10.45 -21.01
N ARG E 1219 -13.57 -9.88 -20.67
CA ARG E 1219 -14.08 -8.73 -21.41
C ARG E 1219 -13.15 -7.54 -21.31
N HIS E 1220 -12.62 -7.26 -20.12
CA HIS E 1220 -11.76 -6.10 -19.93
C HIS E 1220 -10.48 -6.22 -20.74
N ILE E 1221 -9.89 -7.42 -20.78
CA ILE E 1221 -8.66 -7.60 -21.53
C ILE E 1221 -8.93 -7.54 -23.02
N GLU E 1222 -10.06 -8.11 -23.47
CA GLU E 1222 -10.39 -8.08 -24.88
C GLU E 1222 -10.63 -6.66 -25.37
N ILE E 1223 -11.08 -5.77 -24.48
CA ILE E 1223 -11.22 -4.36 -24.84
C ILE E 1223 -9.85 -3.74 -25.12
N ILE E 1224 -8.86 -4.06 -24.28
CA ILE E 1224 -7.53 -3.51 -24.48
C ILE E 1224 -6.86 -4.11 -25.71
N VAL E 1225 -6.97 -5.44 -25.87
CA VAL E 1225 -6.28 -6.11 -26.96
C VAL E 1225 -6.85 -5.69 -28.31
N ARG E 1226 -8.17 -5.43 -28.38
CA ARG E 1226 -8.78 -5.04 -29.64
C ARG E 1226 -8.13 -3.78 -30.21
N GLN E 1227 -7.74 -2.85 -29.35
CA GLN E 1227 -7.04 -1.66 -29.82
C GLN E 1227 -5.60 -1.95 -30.22
N ILE E 1228 -5.01 -3.00 -29.65
CA ILE E 1228 -3.65 -3.39 -30.03
C ILE E 1228 -3.65 -3.98 -31.43
N THR E 1229 -4.66 -4.78 -31.76
CA THR E 1229 -4.70 -5.56 -33.00
C THR E 1229 -5.76 -5.03 -33.98
N SER E 1230 -5.89 -3.71 -34.08
CA SER E 1230 -6.89 -3.11 -34.95
C SER E 1230 -6.31 -2.32 -36.10
N LYS E 1231 -5.00 -2.39 -36.33
CA LYS E 1231 -4.35 -1.62 -37.38
C LYS E 1231 -3.49 -2.52 -38.24
N VAL E 1232 -3.29 -2.11 -39.49
CA VAL E 1232 -2.40 -2.78 -40.42
C VAL E 1232 -1.45 -1.74 -41.00
N LEU E 1233 -0.32 -2.21 -41.50
CA LEU E 1233 0.74 -1.36 -42.02
C LEU E 1233 0.79 -1.49 -43.53
N VAL E 1234 0.62 -0.37 -44.24
CA VAL E 1234 0.70 -0.39 -45.69
C VAL E 1234 2.11 -0.70 -46.12
N SER E 1235 2.26 -1.72 -46.98
CA SER E 1235 3.59 -2.20 -47.34
C SER E 1235 4.35 -1.16 -48.16
N GLU E 1236 5.67 -1.30 -48.16
CA GLU E 1236 6.56 -0.31 -48.76
C GLU E 1236 6.43 -0.24 -50.28
N GLU E 1237 5.78 -1.21 -50.92
CA GLU E 1237 5.64 -1.24 -52.36
C GLU E 1237 4.26 -0.80 -52.84
N GLY E 1238 3.38 -0.37 -51.93
CA GLY E 1238 2.04 0.01 -52.32
C GLY E 1238 1.91 1.49 -52.63
N MET E 1239 1.99 1.84 -53.92
CA MET E 1239 1.85 3.21 -54.37
C MET E 1239 0.45 3.40 -54.96
N SER E 1240 -0.29 4.35 -54.40
CA SER E 1240 -1.60 4.71 -54.92
C SER E 1240 -1.97 6.07 -54.36
N ASN E 1241 -3.01 6.67 -54.93
CA ASN E 1241 -3.54 7.91 -54.40
C ASN E 1241 -4.50 7.69 -53.24
N VAL E 1242 -4.79 6.45 -52.90
CA VAL E 1242 -5.64 6.14 -51.75
C VAL E 1242 -4.80 5.95 -50.49
N PHE E 1243 -3.76 5.13 -50.56
CA PHE E 1243 -2.87 4.91 -49.43
C PHE E 1243 -1.43 5.15 -49.86
N LEU E 1244 -0.60 5.51 -48.89
CA LEU E 1244 0.83 5.63 -49.08
C LEU E 1244 1.56 4.57 -48.27
N PRO E 1245 2.72 4.11 -48.74
CA PRO E 1245 3.45 3.06 -48.00
C PRO E 1245 3.82 3.53 -46.60
N GLY E 1246 3.74 2.60 -45.64
CA GLY E 1246 4.02 2.91 -44.27
C GLY E 1246 2.89 3.56 -43.50
N GLU E 1247 1.76 3.83 -44.15
CA GLU E 1247 0.64 4.47 -43.48
C GLU E 1247 -0.07 3.50 -42.55
N LEU E 1248 -0.47 3.99 -41.39
CA LEU E 1248 -1.15 3.18 -40.39
C LEU E 1248 -2.66 3.37 -40.56
N ILE E 1249 -3.32 2.34 -41.08
CA ILE E 1249 -4.75 2.39 -41.36
C ILE E 1249 -5.45 1.29 -40.58
N GLY E 1250 -6.75 1.50 -40.36
CA GLY E 1250 -7.53 0.52 -39.64
C GLY E 1250 -7.68 -0.78 -40.43
N LEU E 1251 -7.83 -1.88 -39.69
CA LEU E 1251 -7.98 -3.18 -40.33
C LEU E 1251 -9.29 -3.28 -41.10
N LEU E 1252 -10.38 -2.80 -40.52
CA LEU E 1252 -11.67 -2.88 -41.19
C LEU E 1252 -11.69 -2.03 -42.45
N ARG E 1253 -11.10 -0.84 -42.39
CA ARG E 1253 -11.01 0.01 -43.57
C ARG E 1253 -10.16 -0.63 -44.65
N ALA E 1254 -9.06 -1.28 -44.26
CA ALA E 1254 -8.19 -1.92 -45.24
C ALA E 1254 -8.90 -3.03 -45.99
N GLU E 1255 -9.68 -3.85 -45.27
CA GLU E 1255 -10.40 -4.94 -45.91
C GLU E 1255 -11.51 -4.43 -46.82
N ARG E 1256 -12.20 -3.37 -46.39
CA ARG E 1256 -13.27 -2.81 -47.20
C ARG E 1256 -12.73 -2.24 -48.51
N THR E 1257 -11.60 -1.52 -48.46
CA THR E 1257 -11.01 -1.01 -49.68
C THR E 1257 -10.44 -2.14 -50.54
N GLY E 1258 -10.06 -3.26 -49.91
CA GLY E 1258 -9.56 -4.38 -50.68
C GLY E 1258 -10.60 -4.98 -51.61
N ARG E 1259 -11.84 -5.09 -51.13
CA ARG E 1259 -12.91 -5.65 -51.96
C ARG E 1259 -13.37 -4.68 -53.04
N ALA E 1260 -13.14 -3.39 -52.87
CA ALA E 1260 -13.65 -2.38 -53.79
C ALA E 1260 -12.62 -1.88 -54.78
N LEU E 1261 -11.34 -1.92 -54.43
CA LEU E 1261 -10.29 -1.40 -55.30
C LEU E 1261 -9.23 -2.46 -55.50
N GLU E 1262 -8.57 -2.41 -56.66
CA GLU E 1262 -7.43 -3.26 -56.97
C GLU E 1262 -6.23 -2.39 -57.32
N GLU E 1263 -6.01 -1.35 -56.53
CA GLU E 1263 -4.98 -0.34 -56.79
C GLU E 1263 -3.75 -0.53 -55.91
N ALA E 1264 -3.32 -1.78 -55.73
CA ALA E 1264 -2.18 -2.13 -54.88
C ALA E 1264 -2.46 -1.76 -53.43
N ILE E 1265 -3.55 -2.34 -52.91
CA ILE E 1265 -3.88 -2.20 -51.48
C ILE E 1265 -3.15 -3.34 -50.78
N CYS E 1266 -1.88 -3.08 -50.46
CA CYS E 1266 -1.01 -4.08 -49.85
C CYS E 1266 -0.74 -3.67 -48.40
N TYR E 1267 -1.04 -4.57 -47.47
CA TYR E 1267 -0.92 -4.25 -46.06
C TYR E 1267 -0.59 -5.52 -45.28
N ARG E 1268 -0.03 -5.32 -44.09
CA ARG E 1268 0.29 -6.42 -43.18
C ARG E 1268 -0.11 -6.02 -41.77
N ALA E 1269 -0.58 -7.00 -41.00
CA ALA E 1269 -1.02 -6.74 -39.63
C ALA E 1269 0.15 -6.31 -38.77
N VAL E 1270 -0.07 -5.26 -37.97
CA VAL E 1270 0.95 -4.71 -37.08
C VAL E 1270 0.40 -4.71 -35.66
N LEU E 1271 1.26 -5.08 -34.71
CA LEU E 1271 0.92 -5.04 -33.30
C LEU E 1271 1.45 -3.74 -32.70
N LEU E 1272 0.55 -2.95 -32.14
CA LEU E 1272 0.89 -1.68 -31.52
C LEU E 1272 0.80 -1.80 -30.00
N GLY E 1273 1.79 -1.25 -29.31
CA GLY E 1273 1.72 -1.17 -27.88
C GLY E 1273 0.68 -0.17 -27.42
N ILE E 1274 0.31 -0.25 -26.14
CA ILE E 1274 -0.71 0.64 -25.60
C ILE E 1274 -0.25 2.09 -25.61
N THR E 1275 1.04 2.34 -25.74
CA THR E 1275 1.56 3.70 -25.87
C THR E 1275 1.52 4.18 -27.32
N ARG E 1276 2.01 3.36 -28.24
CA ARG E 1276 1.98 3.73 -29.65
C ARG E 1276 0.55 3.83 -30.17
N ALA E 1277 -0.32 2.91 -29.74
CA ALA E 1277 -1.71 2.97 -30.16
C ALA E 1277 -2.38 4.25 -29.68
N SER E 1278 -2.07 4.68 -28.47
CA SER E 1278 -2.65 5.89 -27.92
C SER E 1278 -2.15 7.16 -28.59
N LEU E 1279 -1.06 7.08 -29.36
CA LEU E 1279 -0.54 8.23 -30.09
C LEU E 1279 -0.97 8.25 -31.55
N ASN E 1280 -1.79 7.30 -31.98
CA ASN E 1280 -2.31 7.23 -33.33
C ASN E 1280 -3.83 7.26 -33.33
N THR E 1281 -4.42 8.12 -32.49
CA THR E 1281 -5.85 8.18 -32.34
C THR E 1281 -6.45 9.16 -33.33
N GLN E 1282 -7.75 9.43 -33.22
CA GLN E 1282 -8.44 10.38 -34.06
C GLN E 1282 -8.52 11.77 -33.43
N SER E 1283 -7.91 11.96 -32.27
CA SER E 1283 -7.93 13.25 -31.58
C SER E 1283 -6.50 13.66 -31.26
N PHE E 1284 -6.16 14.91 -31.60
CA PHE E 1284 -4.85 15.42 -31.23
C PHE E 1284 -4.84 15.99 -29.82
N ILE E 1285 -6.00 16.35 -29.27
CA ILE E 1285 -6.05 16.78 -27.88
C ILE E 1285 -5.77 15.62 -26.94
N SER E 1286 -6.29 14.42 -27.27
CA SER E 1286 -6.03 13.25 -26.44
C SER E 1286 -4.56 12.86 -26.49
N GLU E 1287 -3.93 12.96 -27.66
CA GLU E 1287 -2.51 12.63 -27.76
C GLU E 1287 -1.64 13.69 -27.10
N ALA E 1288 -2.02 14.97 -27.25
CA ALA E 1288 -1.22 16.05 -26.67
C ALA E 1288 -1.22 15.98 -25.14
N SER E 1289 -2.35 15.61 -24.56
CA SER E 1289 -2.45 15.48 -23.11
C SER E 1289 -1.94 14.14 -22.60
N PHE E 1290 -1.52 13.24 -23.49
CA PHE E 1290 -0.98 11.96 -23.08
C PHE E 1290 0.54 11.98 -23.01
N GLN E 1291 1.20 12.25 -24.13
CA GLN E 1291 2.66 12.22 -24.20
C GLN E 1291 3.10 13.09 -25.36
N GLU E 1292 4.38 13.47 -25.33
CA GLU E 1292 5.05 14.26 -26.38
C GLU E 1292 4.14 15.35 -26.93
N THR E 1293 3.77 16.26 -26.02
CA THR E 1293 2.84 17.34 -26.38
C THR E 1293 3.39 18.19 -27.51
N ALA E 1294 4.66 18.58 -27.43
CA ALA E 1294 5.24 19.44 -28.45
C ALA E 1294 5.30 18.74 -29.79
N ARG E 1295 5.68 17.46 -29.81
CA ARG E 1295 5.76 16.73 -31.07
C ARG E 1295 4.37 16.56 -31.69
N VAL E 1296 3.37 16.25 -30.87
CA VAL E 1296 2.01 16.05 -31.39
C VAL E 1296 1.46 17.36 -31.95
N LEU E 1297 1.60 18.44 -31.20
CA LEU E 1297 1.03 19.72 -31.63
C LEU E 1297 1.74 20.27 -32.86
N ALA E 1298 3.06 20.09 -32.95
CA ALA E 1298 3.79 20.58 -34.10
C ALA E 1298 3.37 19.85 -35.37
N LYS E 1299 3.27 18.53 -35.31
CA LYS E 1299 2.84 17.76 -36.47
C LYS E 1299 1.42 18.10 -36.86
N ALA E 1300 0.53 18.25 -35.88
CA ALA E 1300 -0.87 18.51 -36.16
C ALA E 1300 -1.07 19.90 -36.75
N ALA E 1301 -0.44 20.91 -36.15
CA ALA E 1301 -0.66 22.29 -36.59
C ALA E 1301 -0.14 22.54 -38.00
N LEU E 1302 0.72 21.67 -38.51
CA LEU E 1302 1.20 21.81 -39.87
C LEU E 1302 0.12 21.50 -40.89
N ARG E 1303 -0.81 20.60 -40.55
CA ARG E 1303 -1.81 20.12 -41.49
C ARG E 1303 -3.23 20.57 -41.13
N GLY E 1304 -3.39 21.50 -40.21
CA GLY E 1304 -4.71 21.96 -39.84
C GLY E 1304 -5.61 20.86 -39.31
N ARG E 1305 -5.07 20.01 -38.42
CA ARG E 1305 -5.82 18.84 -37.97
C ARG E 1305 -7.08 19.25 -37.23
N ILE E 1306 -8.14 18.47 -37.43
CA ILE E 1306 -9.45 18.74 -36.85
C ILE E 1306 -9.78 17.63 -35.87
N ASP E 1307 -10.18 18.00 -34.66
CA ASP E 1307 -10.62 17.07 -33.62
C ASP E 1307 -12.13 17.23 -33.46
N TRP E 1308 -12.86 16.13 -33.61
CA TRP E 1308 -14.31 16.17 -33.56
C TRP E 1308 -14.86 15.86 -32.18
N LEU E 1309 -13.99 15.73 -31.18
CA LEU E 1309 -14.41 15.65 -29.77
C LEU E 1309 -15.36 14.48 -29.52
N LYS E 1310 -15.09 13.35 -30.16
CA LYS E 1310 -15.91 12.16 -29.97
C LYS E 1310 -15.53 11.37 -28.73
N GLY E 1311 -14.41 11.70 -28.08
CA GLY E 1311 -13.94 10.94 -26.95
C GLY E 1311 -14.23 11.60 -25.62
N LEU E 1312 -13.96 10.84 -24.54
CA LEU E 1312 -14.26 11.33 -23.20
C LEU E 1312 -13.25 12.38 -22.75
N LYS E 1313 -11.96 12.16 -23.02
CA LYS E 1313 -10.95 13.08 -22.52
C LYS E 1313 -10.97 14.41 -23.25
N GLU E 1314 -11.38 14.43 -24.51
CA GLU E 1314 -11.43 15.67 -25.27
C GLU E 1314 -12.39 16.67 -24.63
N ASN E 1315 -13.56 16.20 -24.19
CA ASN E 1315 -14.53 17.09 -23.57
C ASN E 1315 -14.16 17.47 -22.15
N VAL E 1316 -13.32 16.67 -21.49
CA VAL E 1316 -12.83 17.04 -20.17
C VAL E 1316 -11.93 18.27 -20.25
N VAL E 1317 -11.07 18.32 -21.28
CA VAL E 1317 -10.18 19.46 -21.45
C VAL E 1317 -10.98 20.74 -21.65
N LEU E 1318 -12.03 20.68 -22.46
CA LEU E 1318 -12.87 21.85 -22.73
C LEU E 1318 -13.78 22.20 -21.57
N GLY E 1319 -13.92 21.32 -20.58
CA GLY E 1319 -14.84 21.56 -19.49
C GLY E 1319 -16.28 21.23 -19.79
N GLY E 1320 -16.57 20.64 -20.96
CA GLY E 1320 -17.93 20.32 -21.34
C GLY E 1320 -18.38 18.98 -20.80
N VAL E 1321 -19.59 18.60 -21.21
CA VAL E 1321 -20.18 17.33 -20.77
C VAL E 1321 -19.63 16.20 -21.62
N ILE E 1322 -19.13 15.16 -20.96
CA ILE E 1322 -18.61 14.00 -21.69
C ILE E 1322 -19.76 13.28 -22.38
N PRO E 1323 -19.56 12.71 -23.57
CA PRO E 1323 -20.63 11.98 -24.28
C PRO E 1323 -20.82 10.55 -23.77
N ALA E 1324 -20.91 10.40 -22.45
CA ALA E 1324 -21.09 9.10 -21.83
C ALA E 1324 -21.93 9.27 -20.58
N GLY E 1325 -22.60 8.19 -20.19
CA GLY E 1325 -23.46 8.25 -19.02
C GLY E 1325 -24.63 9.19 -19.26
N THR E 1326 -24.86 10.09 -18.30
CA THR E 1326 -25.95 11.05 -18.41
C THR E 1326 -25.75 12.06 -19.54
N GLY E 1327 -24.53 12.19 -20.05
CA GLY E 1327 -24.27 13.05 -21.19
C GLY E 1327 -24.37 12.38 -22.53
N PHE E 1328 -24.72 11.09 -22.57
CA PHE E 1328 -24.85 10.38 -23.83
C PHE E 1328 -26.08 10.86 -24.59
N ASN E 1329 -25.94 10.94 -25.92
CA ASN E 1329 -27.02 11.38 -26.81
C ASN E 1329 -27.54 12.76 -26.42
N LYS E 1330 -26.61 13.65 -26.08
CA LYS E 1330 -26.93 15.03 -25.70
C LYS E 1330 -27.92 15.06 -24.52
N GLY E 1331 -27.69 14.20 -23.55
CA GLY E 1331 -28.54 14.14 -22.37
C GLY E 1331 -29.91 13.54 -22.65
N ASP E 1360 -59.22 37.20 -30.38
CA ASP E 1360 -59.89 36.17 -29.61
C ASP E 1360 -61.40 36.17 -29.88
N ILE E 1361 -61.84 35.23 -30.70
CA ILE E 1361 -63.27 35.07 -31.00
C ILE E 1361 -63.95 34.51 -29.76
N LEU E 1362 -65.28 34.52 -29.74
CA LEU E 1362 -66.16 34.12 -28.65
C LEU E 1362 -66.16 35.13 -27.51
N PHE E 1363 -65.32 36.16 -27.57
CA PHE E 1363 -65.34 37.26 -26.63
C PHE E 1363 -65.73 38.54 -27.35
N TYR E 1364 -66.41 39.43 -26.64
CA TYR E 1364 -67.06 40.60 -27.22
C TYR E 1364 -68.09 40.22 -28.28
N HIS E 1365 -68.59 38.97 -28.23
CA HIS E 1365 -69.57 38.51 -29.20
C HIS E 1365 -70.67 37.67 -28.55
N ARG E 1366 -70.79 37.72 -27.23
CA ARG E 1366 -71.79 36.91 -26.54
C ARG E 1366 -73.20 37.36 -26.91
N GLU E 1367 -74.17 36.52 -26.58
CA GLU E 1367 -75.57 36.83 -26.86
C GLU E 1367 -75.99 38.06 -26.06
N PHE E 1368 -76.63 39.02 -26.75
CA PHE E 1368 -77.01 40.26 -26.09
C PHE E 1368 -78.04 40.04 -25.01
N CYS E 1369 -79.02 39.18 -25.27
CA CYS E 1369 -80.09 38.86 -24.32
C CYS E 1369 -80.83 40.12 -23.86
N VAL F 63 -92.52 20.89 -29.85
CA VAL F 63 -92.33 20.90 -31.29
C VAL F 63 -93.46 20.14 -31.98
N SER F 64 -94.38 20.87 -32.58
CA SER F 64 -95.53 20.27 -33.25
C SER F 64 -95.13 19.75 -34.63
N ALA F 65 -96.04 19.00 -35.25
CA ALA F 65 -95.82 18.53 -36.61
C ALA F 65 -95.84 19.67 -37.61
N LEU F 66 -96.66 20.69 -37.37
CA LEU F 66 -96.71 21.85 -38.26
C LEU F 66 -95.39 22.61 -38.21
N GLU F 67 -94.88 22.86 -37.00
CA GLU F 67 -93.58 23.53 -36.87
C GLU F 67 -92.48 22.68 -37.48
N ARG F 68 -92.55 21.36 -37.30
CA ARG F 68 -91.55 20.47 -37.89
C ARG F 68 -91.58 20.55 -39.41
N SER F 69 -92.78 20.56 -40.01
CA SER F 69 -92.88 20.63 -41.45
C SER F 69 -92.38 21.98 -41.99
N LEU F 70 -92.73 23.07 -41.29
CA LEU F 70 -92.25 24.38 -41.71
C LEU F 70 -90.73 24.46 -41.63
N ARG F 71 -90.15 23.94 -40.54
CA ARG F 71 -88.70 23.93 -40.40
C ARG F 71 -88.06 23.04 -41.47
N LEU F 72 -88.70 21.92 -41.80
CA LEU F 72 -88.17 21.04 -42.84
C LEU F 72 -88.12 21.75 -44.18
N THR F 73 -89.22 22.41 -44.56
CA THR F 73 -89.26 23.12 -45.83
C THR F 73 -88.23 24.25 -45.86
N PHE F 74 -88.16 25.02 -44.78
CA PHE F 74 -87.24 26.16 -44.76
C PHE F 74 -85.79 25.70 -44.77
N MET F 75 -85.48 24.64 -44.01
CA MET F 75 -84.13 24.09 -44.01
C MET F 75 -83.75 23.52 -45.36
N ASP F 76 -84.69 22.84 -46.03
CA ASP F 76 -84.41 22.32 -47.35
C ASP F 76 -84.09 23.43 -48.34
N GLU F 77 -84.91 24.48 -48.33
CA GLU F 77 -84.69 25.57 -49.29
C GLU F 77 -83.40 26.33 -48.97
N LEU F 78 -83.11 26.51 -47.67
CA LEU F 78 -81.87 27.17 -47.27
C LEU F 78 -80.64 26.35 -47.65
N MET F 79 -80.67 25.03 -47.42
CA MET F 79 -79.55 24.19 -47.81
C MET F 79 -79.39 24.18 -49.32
N GLU F 80 -80.50 24.24 -50.06
CA GLU F 80 -80.40 24.39 -51.50
C GLU F 80 -79.66 25.67 -51.85
N ARG F 81 -80.10 26.81 -51.33
CA ARG F 81 -79.45 28.08 -51.64
C ARG F 81 -77.99 28.08 -51.25
N ALA F 82 -77.64 27.39 -50.15
CA ALA F 82 -76.24 27.26 -49.77
C ALA F 82 -75.47 26.39 -50.76
N ARG F 83 -76.13 25.40 -51.36
CA ARG F 83 -75.46 24.53 -52.31
C ARG F 83 -75.23 25.17 -53.67
N ASN F 84 -76.01 26.18 -54.05
CA ASN F 84 -75.73 26.96 -55.26
C ASN F 84 -74.98 28.25 -54.96
N ARG F 85 -74.13 28.25 -53.94
CA ARG F 85 -73.18 29.33 -53.66
C ARG F 85 -73.88 30.70 -53.63
N ASP F 86 -74.97 30.78 -52.90
CA ASP F 86 -75.79 31.99 -52.82
C ASP F 86 -75.98 32.36 -51.34
N PRO F 87 -74.96 32.96 -50.72
CA PRO F 87 -75.12 33.40 -49.33
C PRO F 87 -76.22 34.43 -49.14
N SER F 88 -76.44 35.29 -50.14
CA SER F 88 -77.53 36.26 -50.04
C SER F 88 -78.88 35.57 -49.94
N GLY F 89 -79.08 34.52 -50.75
CA GLY F 89 -80.32 33.76 -50.65
C GLY F 89 -80.48 33.10 -49.29
N VAL F 90 -79.39 32.61 -48.72
CA VAL F 90 -79.44 32.04 -47.37
C VAL F 90 -79.84 33.11 -46.37
N SER F 91 -79.37 34.34 -46.56
CA SER F 91 -79.78 35.43 -45.69
C SER F 91 -81.28 35.72 -45.83
N GLU F 92 -81.80 35.66 -47.07
CA GLU F 92 -83.24 35.81 -47.25
C GLU F 92 -84.01 34.72 -46.52
N VAL F 93 -83.51 33.48 -46.60
CA VAL F 93 -84.20 32.38 -45.90
C VAL F 93 -84.15 32.59 -44.40
N ILE F 94 -83.02 33.06 -43.88
CA ILE F 94 -82.90 33.29 -42.44
C ILE F 94 -83.87 34.37 -41.99
N TYR F 95 -83.97 35.45 -42.75
CA TYR F 95 -84.94 36.49 -42.41
C TYR F 95 -86.37 35.99 -42.55
N ASP F 96 -86.63 35.09 -43.50
CA ASP F 96 -87.95 34.46 -43.59
C ASP F 96 -88.25 33.65 -42.34
N MET F 97 -87.25 32.92 -41.82
CA MET F 97 -87.44 32.19 -40.58
C MET F 97 -87.71 33.14 -39.42
N ILE F 98 -86.99 34.27 -39.39
CA ILE F 98 -87.20 35.25 -38.34
C ILE F 98 -88.63 35.80 -38.38
N ALA F 99 -89.11 36.12 -39.58
CA ALA F 99 -90.47 36.61 -39.72
C ALA F 99 -91.49 35.53 -39.34
N ALA F 100 -91.23 34.28 -39.73
CA ALA F 100 -92.14 33.18 -39.45
C ALA F 100 -92.15 32.76 -37.98
N GLY F 101 -91.23 33.28 -37.17
CA GLY F 101 -91.13 32.89 -35.79
C GLY F 101 -90.20 31.73 -35.51
N LEU F 102 -89.64 31.11 -36.54
CA LEU F 102 -88.72 30.00 -36.37
C LEU F 102 -87.36 30.55 -35.94
N SER F 103 -86.87 30.06 -34.80
CA SER F 103 -85.57 30.51 -34.31
C SER F 103 -84.46 29.92 -35.16
N PRO F 104 -83.51 30.72 -35.64
CA PRO F 104 -82.42 30.17 -36.46
C PRO F 104 -81.45 29.33 -35.65
N GLY F 105 -81.49 28.01 -35.86
CA GLY F 105 -80.59 27.12 -35.18
C GLY F 105 -79.23 27.08 -35.81
N PRO F 106 -78.34 26.27 -35.23
CA PRO F 106 -76.99 26.15 -35.79
C PRO F 106 -76.95 25.58 -37.19
N ARG F 107 -77.96 24.83 -37.62
CA ARG F 107 -77.93 24.22 -38.95
C ARG F 107 -78.08 25.25 -40.05
N SER F 108 -79.08 26.14 -39.93
CA SER F 108 -79.28 27.16 -40.96
C SER F 108 -78.09 28.11 -41.03
N PHE F 109 -77.58 28.51 -39.86
CA PHE F 109 -76.40 29.37 -39.84
C PHE F 109 -75.18 28.65 -40.39
N HIS F 110 -75.06 27.35 -40.15
CA HIS F 110 -73.96 26.60 -40.74
C HIS F 110 -74.07 26.58 -42.26
N GLY F 111 -75.30 26.45 -42.77
CA GLY F 111 -75.49 26.58 -44.20
C GLY F 111 -75.08 27.93 -44.72
N LEU F 112 -75.38 28.99 -43.96
CA LEU F 112 -74.94 30.33 -44.34
C LEU F 112 -73.42 30.42 -44.38
N VAL F 113 -72.75 29.88 -43.37
CA VAL F 113 -71.29 29.94 -43.32
C VAL F 113 -70.69 29.16 -44.48
N VAL F 114 -71.25 27.98 -44.78
CA VAL F 114 -70.75 27.18 -45.88
C VAL F 114 -70.95 27.89 -47.21
N ALA F 115 -72.10 28.55 -47.38
CA ALA F 115 -72.35 29.30 -48.61
C ALA F 115 -71.35 30.43 -48.77
N HIS F 116 -71.04 31.14 -47.67
CA HIS F 116 -70.04 32.20 -47.74
C HIS F 116 -68.66 31.64 -48.05
N ALA F 117 -68.31 30.50 -47.44
CA ALA F 117 -66.97 29.95 -47.58
C ALA F 117 -66.74 29.29 -48.94
N LEU F 118 -67.79 28.77 -49.57
CA LEU F 118 -67.63 28.05 -50.83
C LEU F 118 -67.07 28.95 -51.92
N ASN F 119 -67.58 30.17 -52.03
CA ASN F 119 -67.08 31.12 -53.02
C ASN F 119 -66.00 32.03 -52.44
N GLY F 120 -65.02 31.43 -51.78
CA GLY F 120 -63.85 32.11 -51.25
C GLY F 120 -64.09 33.47 -50.61
N ASP F 121 -65.00 33.55 -49.65
CA ASP F 121 -65.34 34.81 -48.98
C ASP F 121 -65.08 34.62 -47.50
N GLU F 122 -63.90 35.01 -47.03
CA GLU F 122 -63.52 34.84 -45.64
C GLU F 122 -64.21 35.84 -44.73
N GLN F 123 -64.29 37.11 -45.15
CA GLN F 123 -64.90 38.14 -44.32
C GLN F 123 -66.38 37.85 -44.07
N GLY F 124 -67.10 37.42 -45.11
CA GLY F 124 -68.49 37.05 -44.93
C GLY F 124 -68.67 35.85 -44.03
N ALA F 125 -67.76 34.87 -44.13
CA ALA F 125 -67.84 33.72 -43.25
C ALA F 125 -67.63 34.10 -41.80
N MET F 126 -66.65 34.98 -41.53
CA MET F 126 -66.46 35.43 -40.16
C MET F 126 -67.61 36.31 -39.69
N HIS F 127 -68.23 37.07 -40.59
CA HIS F 127 -69.45 37.80 -40.22
C HIS F 127 -70.57 36.85 -39.83
N SER F 128 -70.71 35.74 -40.57
CA SER F 128 -71.71 34.74 -40.22
C SER F 128 -71.41 34.08 -38.88
N LEU F 129 -70.13 33.85 -38.58
CA LEU F 129 -69.78 33.33 -37.27
C LEU F 129 -70.05 34.35 -36.17
N ARG F 130 -69.87 35.63 -36.45
CA ARG F 130 -70.24 36.66 -35.49
C ARG F 130 -71.73 36.68 -35.26
N LYS F 131 -72.51 36.44 -36.32
CA LYS F 131 -73.96 36.29 -36.16
C LYS F 131 -74.30 35.05 -35.33
N GLU F 132 -73.54 33.96 -35.52
CA GLU F 132 -73.61 32.81 -34.63
C GLU F 132 -73.53 33.24 -33.18
N LEU F 133 -72.42 33.86 -32.81
CA LEU F 133 -72.15 34.18 -31.42
C LEU F 133 -73.16 35.21 -30.88
N GLY F 134 -73.57 36.16 -31.71
CA GLY F 134 -74.58 37.11 -31.28
C GLY F 134 -75.94 36.46 -31.09
N ALA F 135 -76.30 35.51 -31.96
CA ALA F 135 -77.58 34.82 -31.86
C ALA F 135 -77.65 33.90 -30.65
N GLY F 136 -76.52 33.61 -30.01
CA GLY F 136 -76.51 32.75 -28.84
C GLY F 136 -76.43 31.27 -29.14
N GLN F 137 -76.32 30.88 -30.41
CA GLN F 137 -76.26 29.47 -30.78
C GLN F 137 -74.83 28.97 -30.76
N ARG F 138 -74.67 27.68 -30.48
CA ARG F 138 -73.36 27.05 -30.46
C ARG F 138 -73.00 26.58 -31.87
N PRO F 139 -71.94 27.11 -32.47
CA PRO F 139 -71.60 26.70 -33.83
C PRO F 139 -71.24 25.23 -33.91
N LEU F 140 -71.61 24.59 -35.02
CA LEU F 140 -71.35 23.19 -35.23
C LEU F 140 -69.86 22.96 -35.51
N PRO F 141 -69.37 21.75 -35.26
CA PRO F 141 -67.98 21.43 -35.66
C PRO F 141 -67.73 21.61 -37.15
N GLU F 142 -68.72 21.31 -37.99
CA GLU F 142 -68.55 21.48 -39.43
C GLU F 142 -68.36 22.95 -39.80
N THR F 143 -69.03 23.87 -39.10
CA THR F 143 -68.83 25.29 -39.36
C THR F 143 -67.39 25.70 -39.11
N MET F 144 -66.84 25.28 -37.97
CA MET F 144 -65.46 25.62 -37.65
C MET F 144 -64.49 24.94 -38.59
N ILE F 145 -64.79 23.71 -39.01
CA ILE F 145 -63.95 23.01 -39.97
C ILE F 145 -63.94 23.76 -41.30
N ALA F 146 -65.10 24.23 -41.75
CA ALA F 146 -65.16 25.01 -42.98
C ALA F 146 -64.37 26.29 -42.85
N LEU F 147 -64.47 26.96 -41.69
CA LEU F 147 -63.75 28.21 -41.50
C LEU F 147 -62.24 27.99 -41.51
N VAL F 148 -61.75 26.95 -40.83
CA VAL F 148 -60.31 26.70 -40.81
C VAL F 148 -59.82 26.27 -42.18
N ARG F 149 -60.64 25.50 -42.91
CA ARG F 149 -60.26 25.12 -44.28
C ARG F 149 -60.18 26.33 -45.19
N LEU F 150 -61.13 27.27 -45.05
CA LEU F 150 -61.08 28.49 -45.84
C LEU F 150 -59.85 29.32 -45.49
N SER F 151 -59.53 29.44 -44.20
CA SER F 151 -58.35 30.18 -43.79
C SER F 151 -57.08 29.56 -44.34
N GLY F 152 -57.00 28.23 -44.30
CA GLY F 152 -55.84 27.55 -44.86
C GLY F 152 -55.73 27.72 -46.37
N SER F 153 -56.87 27.67 -47.07
CA SER F 153 -56.87 27.88 -48.51
C SER F 153 -56.40 29.29 -48.86
N LYS F 154 -56.84 30.28 -48.09
CA LYS F 154 -56.37 31.65 -48.29
C LYS F 154 -55.02 31.91 -47.65
N GLY F 155 -54.48 30.96 -46.89
CA GLY F 155 -53.20 31.15 -46.23
C GLY F 155 -53.25 31.90 -44.93
N ASN F 156 -54.45 32.20 -44.41
CA ASN F 156 -54.61 32.94 -43.17
C ASN F 156 -54.33 32.00 -42.00
N ALA F 157 -53.05 31.81 -41.71
CA ALA F 157 -52.64 30.91 -40.64
C ALA F 157 -53.10 31.41 -39.28
N GLN F 158 -52.97 32.71 -39.03
CA GLN F 158 -53.37 33.27 -37.73
C GLN F 158 -54.88 33.15 -37.52
N ARG F 159 -55.66 33.38 -38.58
CA ARG F 159 -57.11 33.20 -38.48
C ARG F 159 -57.45 31.75 -38.17
N GLY F 160 -56.74 30.81 -38.80
CA GLY F 160 -56.96 29.40 -38.48
C GLY F 160 -56.61 29.06 -37.05
N LEU F 161 -55.52 29.65 -36.53
CA LEU F 161 -55.15 29.42 -35.14
C LEU F 161 -56.20 29.99 -34.19
N GLU F 162 -56.74 31.17 -34.51
CA GLU F 162 -57.79 31.74 -33.69
C GLU F 162 -59.04 30.86 -33.71
N LEU F 163 -59.39 30.33 -34.89
CA LEU F 163 -60.54 29.44 -34.97
C LEU F 163 -60.29 28.15 -34.20
N LEU F 164 -59.06 27.64 -34.22
CA LEU F 164 -58.73 26.46 -33.44
C LEU F 164 -58.84 26.74 -31.94
N ALA F 165 -58.40 27.91 -31.51
CA ALA F 165 -58.54 28.29 -30.10
C ALA F 165 -60.02 28.39 -29.72
N ALA F 166 -60.83 28.97 -30.60
CA ALA F 166 -62.27 29.03 -30.35
C ALA F 166 -62.87 27.63 -30.27
N MET F 167 -62.42 26.72 -31.13
CA MET F 167 -62.87 25.34 -31.07
C MET F 167 -62.51 24.71 -29.73
N GLU F 168 -61.28 24.97 -29.26
CA GLU F 168 -60.84 24.43 -27.97
C GLU F 168 -61.69 24.98 -26.84
N LYS F 169 -62.02 26.27 -26.90
CA LYS F 169 -62.85 26.87 -25.86
C LYS F 169 -64.25 26.26 -25.84
N LEU F 170 -64.73 25.80 -27.00
CA LEU F 170 -66.06 25.20 -27.10
C LEU F 170 -66.04 23.69 -26.90
N ASN F 171 -64.98 23.16 -26.25
CA ASN F 171 -64.88 21.74 -25.92
C ASN F 171 -65.02 20.85 -27.16
N TYR F 172 -64.14 21.10 -28.13
CA TYR F 172 -64.15 20.35 -29.39
C TYR F 172 -62.79 19.74 -29.64
N ASP F 173 -62.78 18.63 -30.38
CA ASP F 173 -61.54 17.97 -30.77
C ASP F 173 -60.96 18.70 -31.97
N ILE F 174 -59.80 19.32 -31.79
CA ILE F 174 -59.21 20.17 -32.82
C ILE F 174 -58.16 19.44 -33.65
N ARG F 175 -58.00 18.13 -33.46
CA ARG F 175 -57.00 17.38 -34.22
C ARG F 175 -57.34 17.37 -35.70
N GLN F 176 -58.59 17.05 -36.04
CA GLN F 176 -58.98 16.98 -37.45
C GLN F 176 -58.86 18.34 -38.12
N ALA F 177 -59.30 19.41 -37.43
CA ALA F 177 -59.18 20.74 -37.99
C ALA F 177 -57.72 21.15 -38.16
N TRP F 178 -56.88 20.78 -37.19
CA TRP F 178 -55.45 21.06 -37.30
C TRP F 178 -54.83 20.36 -38.51
N LEU F 179 -55.18 19.09 -38.71
CA LEU F 179 -54.67 18.36 -39.87
C LEU F 179 -55.15 18.99 -41.16
N ILE F 180 -56.43 19.36 -41.22
CA ILE F 180 -56.98 19.97 -42.42
C ILE F 180 -56.29 21.30 -42.72
N LEU F 181 -56.09 22.12 -41.70
CA LEU F 181 -55.43 23.40 -41.88
C LEU F 181 -53.99 23.22 -42.38
N VAL F 182 -53.25 22.27 -41.80
CA VAL F 182 -51.88 22.03 -42.21
C VAL F 182 -51.84 21.56 -43.66
N GLU F 183 -52.71 20.62 -44.01
CA GLU F 183 -52.73 20.10 -45.37
C GLU F 183 -53.11 21.18 -46.38
N GLU F 184 -54.09 22.01 -46.05
CA GLU F 184 -54.48 23.10 -46.94
C GLU F 184 -53.34 24.10 -47.11
N LEU F 185 -52.65 24.45 -46.02
CA LEU F 185 -51.54 25.38 -46.12
C LEU F 185 -50.43 24.81 -46.98
N VAL F 186 -50.18 23.51 -46.88
CA VAL F 186 -49.18 22.88 -47.74
C VAL F 186 -49.63 22.92 -49.20
N ARG F 187 -50.91 22.63 -49.45
CA ARG F 187 -51.41 22.56 -50.82
C ARG F 187 -51.32 23.90 -51.52
N THR F 188 -51.67 24.98 -50.82
CA THR F 188 -51.70 26.32 -51.39
C THR F 188 -50.29 26.92 -51.53
N ASN F 189 -49.26 26.18 -51.10
CA ASN F 189 -47.86 26.59 -51.15
C ASN F 189 -47.60 27.74 -50.16
N HIS F 190 -47.82 27.43 -48.89
CA HIS F 190 -47.49 28.29 -47.75
C HIS F 190 -46.66 27.51 -46.74
N LEU F 191 -45.58 26.88 -47.23
CA LEU F 191 -44.83 25.92 -46.44
C LEU F 191 -44.34 26.48 -45.11
N GLU F 192 -44.05 27.79 -45.06
CA GLU F 192 -43.60 28.38 -43.80
C GLU F 192 -44.70 28.35 -42.75
N GLU F 193 -45.89 28.85 -43.11
CA GLU F 193 -47.00 28.85 -42.16
C GLU F 193 -47.49 27.44 -41.87
N ALA F 194 -47.46 26.56 -42.88
CA ALA F 194 -47.81 25.17 -42.64
C ALA F 194 -46.86 24.53 -41.63
N ASN F 195 -45.55 24.79 -41.78
CA ASN F 195 -44.58 24.26 -40.84
C ASN F 195 -44.81 24.82 -39.44
N LYS F 196 -45.07 26.12 -39.34
CA LYS F 196 -45.29 26.72 -38.02
C LYS F 196 -46.52 26.13 -37.35
N VAL F 197 -47.62 25.98 -38.08
CA VAL F 197 -48.84 25.42 -37.51
C VAL F 197 -48.62 23.96 -37.11
N PHE F 198 -47.95 23.18 -37.98
CA PHE F 198 -47.70 21.79 -37.67
C PHE F 198 -46.83 21.66 -36.42
N LEU F 199 -45.80 22.50 -36.29
CA LEU F 199 -44.92 22.42 -35.13
C LEU F 199 -45.66 22.85 -33.87
N LYS F 200 -46.52 23.86 -33.96
CA LYS F 200 -47.34 24.24 -32.81
C LYS F 200 -48.21 23.06 -32.36
N GLY F 201 -48.88 22.42 -33.31
CA GLY F 201 -49.72 21.28 -32.96
C GLY F 201 -48.93 20.12 -32.38
N ALA F 202 -47.78 19.81 -32.97
CA ALA F 202 -46.98 18.68 -32.51
C ALA F 202 -46.41 18.94 -31.12
N ARG F 203 -45.90 20.16 -30.87
CA ARG F 203 -45.44 20.51 -29.54
C ARG F 203 -46.58 20.59 -28.54
N GLY F 204 -47.81 20.78 -29.00
CA GLY F 204 -48.96 20.75 -28.13
C GLY F 204 -49.44 19.37 -27.75
N GLY F 205 -48.71 18.32 -28.12
CA GLY F 205 -49.11 16.96 -27.82
C GLY F 205 -49.96 16.29 -28.87
N MET F 206 -50.33 16.99 -29.93
CA MET F 206 -51.17 16.44 -30.99
C MET F 206 -50.33 15.57 -31.92
N ARG F 207 -50.92 14.47 -32.38
CA ARG F 207 -50.27 13.53 -33.27
C ARG F 207 -50.88 13.63 -34.66
N ALA F 208 -50.02 13.68 -35.68
CA ALA F 208 -50.46 13.74 -37.07
C ALA F 208 -50.42 12.35 -37.69
N THR F 209 -51.07 12.22 -38.85
CA THR F 209 -51.08 10.97 -39.56
C THR F 209 -49.72 10.71 -40.21
N ASP F 210 -49.50 9.44 -40.59
CA ASP F 210 -48.25 9.07 -41.24
C ASP F 210 -48.07 9.80 -42.56
N GLN F 211 -49.15 9.93 -43.32
CA GLN F 211 -49.09 10.63 -44.60
C GLN F 211 -48.69 12.08 -44.41
N LEU F 212 -49.24 12.74 -43.40
CA LEU F 212 -48.89 14.13 -43.15
C LEU F 212 -47.44 14.27 -42.72
N TYR F 213 -46.95 13.36 -41.87
CA TYR F 213 -45.54 13.38 -41.48
C TYR F 213 -44.64 13.25 -42.70
N ASP F 214 -44.93 12.27 -43.56
CA ASP F 214 -44.12 12.06 -44.75
C ASP F 214 -44.18 13.27 -45.68
N LEU F 215 -45.36 13.85 -45.84
CA LEU F 215 -45.51 15.01 -46.70
C LEU F 215 -44.70 16.19 -46.18
N MET F 216 -44.77 16.43 -44.86
CA MET F 216 -44.02 17.53 -44.27
C MET F 216 -42.53 17.33 -44.45
N ILE F 217 -42.04 16.12 -44.16
CA ILE F 217 -40.60 15.85 -44.28
C ILE F 217 -40.15 16.02 -45.72
N GLU F 218 -40.88 15.43 -46.66
CA GLU F 218 -40.47 15.48 -48.06
C GLU F 218 -40.51 16.90 -48.60
N GLU F 219 -41.57 17.65 -48.32
CA GLU F 219 -41.67 19.01 -48.81
C GLU F 219 -40.59 19.90 -48.20
N ASP F 220 -40.34 19.76 -46.90
CA ASP F 220 -39.33 20.58 -46.25
C ASP F 220 -37.94 20.28 -46.81
N CYS F 221 -37.65 19.00 -47.07
CA CYS F 221 -36.34 18.67 -47.60
C CYS F 221 -36.21 19.04 -49.08
N LYS F 222 -37.33 19.03 -49.82
CA LYS F 222 -37.29 19.50 -51.20
C LYS F 222 -37.05 20.99 -51.26
N ALA F 223 -37.65 21.74 -50.33
CA ALA F 223 -37.43 23.19 -50.27
C ALA F 223 -36.07 23.54 -49.70
N GLY F 224 -35.30 22.56 -49.23
CA GLY F 224 -34.01 22.82 -48.62
C GLY F 224 -34.07 23.23 -47.16
N ASP F 225 -35.22 23.06 -46.51
CA ASP F 225 -35.40 23.46 -45.11
C ASP F 225 -35.11 22.25 -44.24
N HIS F 226 -33.86 22.10 -43.83
CA HIS F 226 -33.48 20.97 -42.99
C HIS F 226 -33.90 21.17 -41.54
N SER F 227 -33.97 22.40 -41.06
CA SER F 227 -34.31 22.64 -39.66
C SER F 227 -35.73 22.17 -39.35
N ASN F 228 -36.70 22.61 -40.15
CA ASN F 228 -38.08 22.20 -39.92
C ASN F 228 -38.26 20.70 -40.11
N ALA F 229 -37.60 20.13 -41.11
CA ALA F 229 -37.71 18.69 -41.35
C ALA F 229 -37.15 17.91 -40.17
N LEU F 230 -36.00 18.31 -39.63
CA LEU F 230 -35.43 17.63 -38.48
C LEU F 230 -36.32 17.77 -37.25
N ASP F 231 -36.87 18.97 -37.04
CA ASP F 231 -37.77 19.16 -35.90
C ASP F 231 -39.01 18.28 -36.02
N ILE F 232 -39.58 18.21 -37.22
CA ILE F 232 -40.78 17.40 -37.43
C ILE F 232 -40.47 15.93 -37.28
N SER F 233 -39.30 15.48 -37.74
CA SER F 233 -38.91 14.09 -37.56
C SER F 233 -38.71 13.75 -36.08
N TYR F 234 -38.08 14.66 -35.33
CA TYR F 234 -37.94 14.45 -33.90
C TYR F 234 -39.31 14.36 -33.21
N GLU F 235 -40.23 15.25 -33.58
CA GLU F 235 -41.57 15.23 -32.98
C GLU F 235 -42.31 13.95 -33.36
N MET F 236 -42.16 13.50 -34.61
CA MET F 236 -42.82 12.28 -35.04
C MET F 236 -42.29 11.07 -34.30
N GLU F 237 -40.98 11.00 -34.09
CA GLU F 237 -40.42 9.91 -33.31
C GLU F 237 -40.83 10.00 -31.84
N ALA F 238 -41.01 11.21 -31.32
CA ALA F 238 -41.52 11.35 -29.96
C ALA F 238 -42.96 10.87 -29.86
N ALA F 239 -43.76 11.10 -30.91
CA ALA F 239 -45.15 10.67 -30.92
C ALA F 239 -45.31 9.16 -31.03
N GLY F 240 -44.25 8.43 -31.34
CA GLY F 240 -44.31 6.98 -31.41
C GLY F 240 -44.07 6.39 -32.78
N ARG F 241 -43.85 7.19 -33.83
CA ARG F 241 -43.56 6.66 -35.16
C ARG F 241 -42.08 6.86 -35.45
N PHE F 242 -41.34 5.76 -35.51
CA PHE F 242 -39.91 5.79 -35.73
C PHE F 242 -39.58 6.10 -37.18
N ALA F 243 -38.44 6.76 -37.38
CA ALA F 243 -38.01 7.12 -38.72
C ALA F 243 -37.50 5.90 -39.47
N THR F 244 -37.82 5.83 -40.75
CA THR F 244 -37.40 4.76 -41.63
C THR F 244 -36.38 5.30 -42.64
N THR F 245 -36.00 4.46 -43.59
CA THR F 245 -35.01 4.87 -44.58
C THR F 245 -35.51 6.02 -45.44
N PHE F 246 -36.83 6.15 -45.62
CA PHE F 246 -37.37 7.23 -46.43
C PHE F 246 -37.10 8.59 -45.80
N HIS F 247 -37.44 8.74 -44.51
CA HIS F 247 -37.21 10.00 -43.84
C HIS F 247 -35.72 10.31 -43.74
N PHE F 248 -34.90 9.29 -43.48
CA PHE F 248 -33.47 9.49 -43.39
C PHE F 248 -32.88 9.93 -44.73
N ASN F 249 -33.35 9.35 -45.83
CA ASN F 249 -32.91 9.79 -47.15
C ASN F 249 -33.34 11.21 -47.43
N CYS F 250 -34.57 11.56 -47.03
CA CYS F 250 -35.03 12.94 -47.21
C CYS F 250 -34.12 13.91 -46.46
N LEU F 251 -33.77 13.57 -45.22
CA LEU F 251 -32.85 14.41 -44.45
C LEU F 251 -31.47 14.47 -45.10
N LEU F 252 -30.98 13.33 -45.61
CA LEU F 252 -29.66 13.27 -46.21
C LEU F 252 -29.58 14.08 -47.50
N SER F 253 -30.72 14.25 -48.18
CA SER F 253 -30.73 15.01 -49.43
C SER F 253 -30.29 16.46 -49.23
N VAL F 254 -30.36 16.98 -48.00
CA VAL F 254 -29.98 18.36 -47.73
C VAL F 254 -28.61 18.39 -47.07
N GLN F 255 -28.30 17.37 -46.25
CA GLN F 255 -27.00 17.34 -45.59
C GLN F 255 -25.86 17.11 -46.58
N ALA F 256 -26.13 16.43 -47.69
CA ALA F 256 -25.10 16.13 -48.67
C ALA F 256 -24.56 17.36 -49.37
N THR F 257 -25.25 18.50 -49.30
CA THR F 257 -24.83 19.72 -49.95
C THR F 257 -24.33 20.78 -48.97
N CYS F 258 -24.16 20.41 -47.70
CA CYS F 258 -23.74 21.38 -46.69
C CYS F 258 -22.24 21.65 -46.70
N GLY F 259 -21.46 20.86 -47.45
CA GLY F 259 -20.03 21.05 -47.51
C GLY F 259 -19.26 20.40 -46.39
N ILE F 260 -19.94 19.79 -45.42
CA ILE F 260 -19.29 19.11 -44.30
C ILE F 260 -19.71 17.65 -44.33
N PRO F 261 -18.82 16.75 -44.76
CA PRO F 261 -19.20 15.34 -44.87
C PRO F 261 -19.56 14.69 -43.55
N GLU F 262 -19.16 15.28 -42.42
CA GLU F 262 -19.37 14.64 -41.14
C GLU F 262 -20.84 14.61 -40.73
N VAL F 263 -21.64 15.59 -41.16
CA VAL F 263 -23.07 15.56 -40.87
C VAL F 263 -23.73 14.38 -41.57
N ALA F 264 -23.47 14.24 -42.87
CA ALA F 264 -24.03 13.13 -43.63
C ALA F 264 -23.51 11.80 -43.10
N TYR F 265 -22.24 11.76 -42.68
CA TYR F 265 -21.71 10.52 -42.14
C TYR F 265 -22.32 10.18 -40.79
N ALA F 266 -22.63 11.17 -39.97
CA ALA F 266 -23.31 10.90 -38.71
C ALA F 266 -24.70 10.33 -38.97
N THR F 267 -25.43 10.89 -39.94
CA THR F 267 -26.72 10.33 -40.30
C THR F 267 -26.58 8.90 -40.84
N PHE F 268 -25.55 8.67 -41.66
CA PHE F 268 -25.33 7.34 -42.21
C PHE F 268 -24.99 6.33 -41.11
N GLU F 269 -24.18 6.74 -40.13
CA GLU F 269 -23.86 5.85 -39.01
C GLU F 269 -25.10 5.56 -38.19
N ASN F 270 -25.96 6.56 -38.00
CA ASN F 270 -27.23 6.31 -37.33
C ASN F 270 -28.04 5.26 -38.08
N MET F 271 -28.08 5.35 -39.41
CA MET F 271 -28.87 4.40 -40.19
C MET F 271 -28.26 3.01 -40.19
N GLU F 272 -26.94 2.91 -40.36
CA GLU F 272 -26.30 1.63 -40.64
C GLU F 272 -26.35 0.71 -39.42
N TYR F 273 -26.10 1.25 -38.23
CA TYR F 273 -26.08 0.46 -37.01
C TYR F 273 -27.40 0.58 -36.23
N GLY F 274 -28.51 0.71 -36.93
CA GLY F 274 -29.81 0.81 -36.30
C GLY F 274 -30.69 -0.39 -36.57
N GLU F 275 -32.00 -0.17 -36.62
CA GLU F 275 -32.95 -1.25 -36.84
C GLU F 275 -33.01 -1.60 -38.32
N ASP F 276 -33.83 -2.62 -38.63
CA ASP F 276 -33.94 -3.09 -40.01
C ASP F 276 -34.59 -2.04 -40.91
N PHE F 277 -35.57 -1.32 -40.40
CA PHE F 277 -36.28 -0.33 -41.22
C PHE F 277 -35.50 0.96 -41.40
N MET F 278 -34.39 1.15 -40.68
CA MET F 278 -33.53 2.30 -40.85
C MET F 278 -32.30 2.00 -41.68
N LYS F 279 -32.17 0.79 -42.21
CA LYS F 279 -30.94 0.40 -42.88
C LYS F 279 -30.77 1.20 -44.17
N PRO F 280 -29.53 1.55 -44.54
CA PRO F 280 -29.31 2.32 -45.75
C PRO F 280 -29.64 1.52 -47.01
N ASP F 281 -30.03 2.25 -48.04
CA ASP F 281 -30.23 1.71 -49.38
C ASP F 281 -29.30 2.44 -50.35
N THR F 282 -29.51 2.20 -51.65
CA THR F 282 -28.63 2.78 -52.66
C THR F 282 -28.67 4.31 -52.61
N GLU F 283 -29.84 4.88 -52.36
CA GLU F 283 -29.94 6.34 -52.28
C GLU F 283 -29.13 6.89 -51.11
N THR F 284 -29.14 6.19 -49.98
CA THR F 284 -28.37 6.64 -48.82
C THR F 284 -26.87 6.62 -49.12
N TYR F 285 -26.39 5.52 -49.70
CA TYR F 285 -24.98 5.44 -50.07
C TYR F 285 -24.62 6.53 -51.07
N ASN F 286 -25.50 6.79 -52.04
CA ASN F 286 -25.25 7.84 -53.00
C ASN F 286 -25.15 9.20 -52.32
N TRP F 287 -26.05 9.48 -51.38
CA TRP F 287 -26.01 10.76 -50.68
C TRP F 287 -24.72 10.93 -49.89
N VAL F 288 -24.30 9.89 -49.16
CA VAL F 288 -23.08 10.00 -48.36
C VAL F 288 -21.86 10.12 -49.25
N ILE F 289 -21.81 9.36 -50.35
CA ILE F 289 -20.69 9.46 -51.27
C ILE F 289 -20.64 10.84 -51.90
N GLN F 290 -21.79 11.39 -52.30
CA GLN F 290 -21.81 12.73 -52.87
C GLN F 290 -21.34 13.76 -51.86
N ALA F 291 -21.72 13.59 -50.60
CA ALA F 291 -21.25 14.49 -49.55
C ALA F 291 -19.73 14.42 -49.42
N TYR F 292 -19.17 13.21 -49.51
CA TYR F 292 -17.73 13.07 -49.31
C TYR F 292 -16.91 13.54 -50.50
N THR F 293 -17.35 13.27 -51.73
CA THR F 293 -16.57 13.64 -52.90
C THR F 293 -16.62 15.13 -53.19
N ARG F 294 -17.61 15.85 -52.67
CA ARG F 294 -17.75 17.28 -52.90
C ARG F 294 -17.42 18.07 -51.64
N ALA F 295 -16.44 17.58 -50.87
CA ALA F 295 -16.04 18.24 -49.64
C ALA F 295 -15.26 19.52 -49.95
N ASP F 296 -15.27 20.44 -48.97
CA ASP F 296 -14.59 21.71 -49.15
C ASP F 296 -13.08 21.57 -49.08
N SER F 297 -12.58 20.83 -48.10
CA SER F 297 -11.14 20.70 -47.91
C SER F 297 -10.82 19.29 -47.43
N TYR F 298 -9.52 19.02 -47.29
CA TYR F 298 -8.98 17.71 -46.91
C TYR F 298 -9.29 16.65 -47.95
N ASP F 299 -8.58 15.53 -47.92
CA ASP F 299 -8.83 14.46 -48.87
C ASP F 299 -9.87 13.48 -48.32
N ARG F 300 -10.67 12.92 -49.22
CA ARG F 300 -11.75 12.00 -48.86
C ARG F 300 -11.76 10.76 -49.72
N VAL F 301 -10.64 10.46 -50.42
CA VAL F 301 -10.60 9.26 -51.24
C VAL F 301 -10.66 8.00 -50.38
N GLN F 302 -10.00 8.04 -49.22
CA GLN F 302 -10.06 6.89 -48.31
C GLN F 302 -11.47 6.67 -47.79
N ASP F 303 -12.16 7.75 -47.42
CA ASP F 303 -13.52 7.62 -46.92
C ASP F 303 -14.45 7.07 -47.99
N VAL F 304 -14.33 7.55 -49.22
CA VAL F 304 -15.17 7.06 -50.30
C VAL F 304 -14.86 5.61 -50.62
N ALA F 305 -13.57 5.24 -50.57
CA ALA F 305 -13.21 3.85 -50.83
C ALA F 305 -13.77 2.92 -49.77
N GLU F 306 -13.69 3.33 -48.50
CA GLU F 306 -14.27 2.51 -47.42
C GLU F 306 -15.79 2.43 -47.54
N LEU F 307 -16.43 3.53 -47.90
CA LEU F 307 -17.88 3.51 -48.10
C LEU F 307 -18.27 2.58 -49.24
N LEU F 308 -17.49 2.60 -50.33
CA LEU F 308 -17.73 1.69 -51.43
C LEU F 308 -17.56 0.24 -50.98
N GLY F 309 -16.56 -0.02 -50.15
CA GLY F 309 -16.40 -1.37 -49.61
C GLY F 309 -17.57 -1.81 -48.76
N MET F 310 -18.07 -0.90 -47.91
CA MET F 310 -19.24 -1.23 -47.09
C MET F 310 -20.46 -1.49 -47.97
N MET F 311 -20.63 -0.70 -49.03
CA MET F 311 -21.73 -0.94 -49.97
C MET F 311 -21.59 -2.28 -50.65
N VAL F 312 -20.35 -2.65 -51.01
CA VAL F 312 -20.11 -3.95 -51.65
C VAL F 312 -20.47 -5.08 -50.71
N GLU F 313 -20.05 -4.98 -49.45
CA GLU F 313 -20.37 -6.03 -48.48
C GLU F 313 -21.87 -6.15 -48.23
N ASP F 314 -22.65 -5.13 -48.60
CA ASP F 314 -24.10 -5.15 -48.46
C ASP F 314 -24.80 -5.54 -49.76
N TYR F 315 -24.15 -6.36 -50.59
CA TYR F 315 -24.68 -6.64 -51.93
C TYR F 315 -26.01 -7.39 -51.87
N LYS F 316 -26.19 -8.25 -50.86
CA LYS F 316 -27.41 -9.04 -50.78
C LYS F 316 -28.64 -8.17 -50.56
N ARG F 317 -28.46 -6.94 -50.09
CA ARG F 317 -29.57 -6.03 -49.84
C ARG F 317 -29.53 -4.75 -50.65
N VAL F 318 -28.38 -4.37 -51.18
CA VAL F 318 -28.24 -3.11 -51.90
C VAL F 318 -27.51 -3.36 -53.22
N GLN F 319 -27.90 -2.59 -54.24
CA GLN F 319 -27.29 -2.62 -55.56
C GLN F 319 -27.19 -1.20 -56.08
N PRO F 320 -26.21 -0.91 -56.94
CA PRO F 320 -26.00 0.47 -57.39
C PRO F 320 -26.97 0.86 -58.50
N ASN F 321 -26.91 2.14 -58.85
CA ASN F 321 -27.62 2.69 -59.99
C ASN F 321 -26.68 3.62 -60.74
N VAL F 322 -27.24 4.41 -61.65
CA VAL F 322 -26.41 5.28 -62.49
C VAL F 322 -25.68 6.33 -61.66
N LYS F 323 -26.38 6.90 -60.67
CA LYS F 323 -25.78 7.95 -59.86
C LYS F 323 -24.59 7.44 -59.06
N THR F 324 -24.66 6.20 -58.58
CA THR F 324 -23.55 5.62 -57.84
C THR F 324 -22.28 5.61 -58.68
N HIS F 325 -22.37 5.09 -59.90
CA HIS F 325 -21.21 5.01 -60.77
C HIS F 325 -20.76 6.40 -61.22
N ALA F 326 -21.69 7.32 -61.45
CA ALA F 326 -21.30 8.68 -61.82
C ALA F 326 -20.49 9.33 -60.69
N LEU F 327 -20.98 9.23 -59.46
CA LEU F 327 -20.27 9.80 -58.32
C LEU F 327 -18.90 9.14 -58.13
N LEU F 328 -18.84 7.81 -58.30
CA LEU F 328 -17.56 7.13 -58.11
C LEU F 328 -16.56 7.51 -59.19
N VAL F 329 -17.01 7.64 -60.45
CA VAL F 329 -16.13 8.08 -61.52
C VAL F 329 -15.62 9.48 -61.23
N GLU F 330 -16.51 10.38 -60.81
CA GLU F 330 -16.09 11.74 -60.50
C GLU F 330 -15.06 11.76 -59.37
N CYS F 331 -15.31 10.99 -58.31
CA CYS F 331 -14.39 10.96 -57.17
C CYS F 331 -13.02 10.43 -57.59
N PHE F 332 -12.99 9.29 -58.26
CA PHE F 332 -11.71 8.71 -58.66
C PHE F 332 -11.04 9.50 -59.77
N THR F 333 -11.76 10.42 -60.42
CA THR F 333 -11.13 11.30 -61.39
C THR F 333 -10.48 12.50 -60.72
N LYS F 334 -11.18 13.13 -59.75
CA LYS F 334 -10.61 14.29 -59.08
C LYS F 334 -9.34 13.93 -58.30
N TYR F 335 -9.26 12.71 -57.80
CA TYR F 335 -8.09 12.26 -57.04
C TYR F 335 -7.11 11.49 -57.89
N CYS F 336 -7.31 11.46 -59.21
CA CYS F 336 -6.38 10.85 -60.16
C CYS F 336 -6.20 9.35 -59.92
N VAL F 337 -7.23 8.68 -59.41
CA VAL F 337 -7.26 7.22 -59.40
C VAL F 337 -7.97 6.82 -60.69
N VAL F 338 -7.20 6.79 -61.78
CA VAL F 338 -7.80 6.73 -63.11
C VAL F 338 -8.36 5.34 -63.42
N LYS F 339 -7.67 4.29 -62.98
CA LYS F 339 -8.11 2.94 -63.32
C LYS F 339 -9.47 2.61 -62.68
N GLU F 340 -9.67 3.01 -61.43
CA GLU F 340 -10.97 2.80 -60.79
C GLU F 340 -12.05 3.62 -61.49
N ALA F 341 -11.72 4.83 -61.91
CA ALA F 341 -12.67 5.64 -62.68
C ALA F 341 -13.02 4.95 -63.99
N ILE F 342 -12.05 4.29 -64.63
CA ILE F 342 -12.32 3.55 -65.85
C ILE F 342 -13.24 2.37 -65.58
N ARG F 343 -12.99 1.64 -64.50
CA ARG F 343 -13.85 0.52 -64.14
C ARG F 343 -15.29 0.99 -63.93
N HIS F 344 -15.47 2.05 -63.15
CA HIS F 344 -16.82 2.52 -62.88
C HIS F 344 -17.44 3.20 -64.08
N PHE F 345 -16.65 3.74 -65.00
CA PHE F 345 -17.20 4.24 -66.25
C PHE F 345 -17.67 3.10 -67.15
N ARG F 346 -16.94 1.98 -67.15
CA ARG F 346 -17.41 0.79 -67.85
C ARG F 346 -18.73 0.32 -67.27
N ALA F 347 -18.85 0.33 -65.94
CA ALA F 347 -20.13 -0.03 -65.31
C ALA F 347 -21.22 0.98 -65.66
N LEU F 348 -20.87 2.26 -65.71
CA LEU F 348 -21.84 3.32 -65.97
C LEU F 348 -22.32 3.32 -67.42
N LYS F 349 -21.50 2.79 -68.33
CA LYS F 349 -21.87 2.77 -69.75
C LYS F 349 -23.17 2.03 -69.98
N ASN F 350 -23.41 0.97 -69.21
CA ASN F 350 -24.61 0.14 -69.40
C ASN F 350 -25.90 0.87 -69.04
N PHE F 351 -25.82 2.02 -68.40
CA PHE F 351 -27.00 2.79 -68.02
C PHE F 351 -27.28 3.86 -69.08
N GLU F 352 -28.54 3.96 -69.49
CA GLU F 352 -28.95 5.05 -70.37
C GLU F 352 -28.79 6.38 -69.66
N GLY F 353 -28.52 7.42 -70.43
CA GLY F 353 -28.12 8.69 -69.85
C GLY F 353 -26.64 8.67 -69.55
N GLY F 354 -26.26 7.97 -68.47
CA GLY F 354 -24.87 7.65 -68.23
C GLY F 354 -23.95 8.85 -68.16
N THR F 355 -23.17 9.03 -69.23
CA THR F 355 -22.23 10.15 -69.29
C THR F 355 -22.94 11.50 -69.16
N LYS F 356 -24.23 11.56 -69.52
CA LYS F 356 -24.99 12.78 -69.32
C LYS F 356 -25.14 13.09 -67.83
N VAL F 357 -25.38 12.07 -67.00
CA VAL F 357 -25.43 12.27 -65.57
C VAL F 357 -24.06 12.69 -65.04
N LEU F 358 -23.00 12.03 -65.52
CA LEU F 358 -21.64 12.40 -65.09
C LEU F 358 -21.31 13.83 -65.48
N HIS F 359 -21.87 14.32 -66.58
CA HIS F 359 -21.61 15.69 -67.00
C HIS F 359 -22.11 16.70 -65.97
N ASN F 360 -23.18 16.36 -65.25
CA ASN F 360 -23.75 17.21 -64.20
C ASN F 360 -24.18 18.57 -64.73
N ALA F 361 -24.58 18.62 -66.01
CA ALA F 361 -24.99 19.84 -66.68
C ALA F 361 -23.90 20.91 -66.61
N GLY F 362 -22.64 20.49 -66.54
CA GLY F 362 -21.53 21.40 -66.42
C GLY F 362 -21.22 21.85 -65.01
N ASN F 363 -22.12 21.61 -64.06
CA ASN F 363 -21.89 22.00 -62.68
C ASN F 363 -20.84 21.09 -62.04
N PHE F 364 -20.36 21.51 -60.87
CA PHE F 364 -19.33 20.78 -60.13
C PHE F 364 -18.11 20.54 -61.01
N GLU F 365 -17.77 21.55 -61.80
CA GLU F 365 -16.59 21.63 -62.64
C GLU F 365 -16.73 20.78 -63.91
N ASP F 366 -17.84 20.03 -64.06
CA ASP F 366 -18.06 19.08 -65.16
C ASP F 366 -17.11 17.90 -65.10
N PRO F 367 -17.34 16.96 -64.17
CA PRO F 367 -16.43 15.82 -64.02
C PRO F 367 -16.26 14.95 -65.27
N LEU F 368 -17.21 14.97 -66.21
CA LEU F 368 -17.03 14.20 -67.44
C LEU F 368 -15.84 14.73 -68.24
N SER F 369 -15.70 16.04 -68.32
CA SER F 369 -14.54 16.63 -68.97
C SER F 369 -13.26 16.24 -68.24
N LEU F 370 -13.30 16.18 -66.90
CA LEU F 370 -12.14 15.73 -66.15
C LEU F 370 -11.80 14.28 -66.47
N TYR F 371 -12.81 13.43 -66.62
CA TYR F 371 -12.55 12.04 -66.98
C TYR F 371 -11.87 11.96 -68.34
N LEU F 372 -12.37 12.71 -69.32
CA LEU F 372 -11.75 12.69 -70.64
C LEU F 372 -10.32 13.23 -70.59
N ARG F 373 -10.09 14.31 -69.85
CA ARG F 373 -8.75 14.86 -69.73
C ARG F 373 -7.80 13.89 -69.04
N ALA F 374 -8.26 13.24 -67.97
CA ALA F 374 -7.42 12.27 -67.27
C ALA F 374 -7.09 11.09 -68.15
N LEU F 375 -8.04 10.65 -68.98
CA LEU F 375 -7.73 9.59 -69.94
C LEU F 375 -6.71 10.06 -70.96
N CYS F 376 -6.82 11.30 -71.44
CA CYS F 376 -5.90 11.79 -72.45
C CYS F 376 -4.49 11.96 -71.90
N ARG F 377 -4.35 12.47 -70.68
CA ARG F 377 -3.03 12.82 -70.15
C ARG F 377 -2.17 11.59 -69.93
N GLU F 378 -2.77 10.48 -69.50
CA GLU F 378 -2.00 9.27 -69.21
C GLU F 378 -1.86 8.35 -70.41
N GLY F 379 -2.32 8.77 -71.59
CA GLY F 379 -2.21 7.95 -72.78
C GLY F 379 -3.04 6.68 -72.75
N ARG F 380 -4.22 6.74 -72.15
CA ARG F 380 -5.16 5.62 -72.17
C ARG F 380 -6.16 5.83 -73.32
N ILE F 381 -5.61 5.80 -74.53
CA ILE F 381 -6.35 6.25 -75.71
C ILE F 381 -7.47 5.30 -76.07
N VAL F 382 -7.31 4.00 -75.84
CA VAL F 382 -8.42 3.07 -76.08
C VAL F 382 -9.59 3.40 -75.17
N GLU F 383 -9.31 3.68 -73.90
CA GLU F 383 -10.38 4.08 -72.98
C GLU F 383 -10.97 5.43 -73.34
N LEU F 384 -10.14 6.36 -73.85
CA LEU F 384 -10.66 7.62 -74.33
C LEU F 384 -11.62 7.42 -75.49
N ILE F 385 -11.27 6.51 -76.41
CA ILE F 385 -12.15 6.20 -77.53
C ILE F 385 -13.45 5.57 -77.03
N ASP F 386 -13.35 4.67 -76.06
CA ASP F 386 -14.55 4.06 -75.50
C ASP F 386 -15.45 5.10 -74.85
N ALA F 387 -14.86 6.06 -74.13
CA ALA F 387 -15.64 7.15 -73.55
C ALA F 387 -16.29 7.99 -74.64
N LEU F 388 -15.56 8.24 -75.74
CA LEU F 388 -16.15 9.01 -76.84
C LEU F 388 -17.34 8.28 -77.45
N ASP F 389 -17.24 6.97 -77.62
CA ASP F 389 -18.39 6.19 -78.08
C ASP F 389 -19.54 6.27 -77.08
N ALA F 390 -19.21 6.25 -75.79
CA ALA F 390 -20.25 6.35 -74.76
C ALA F 390 -21.02 7.66 -74.87
N MET F 391 -20.31 8.78 -75.02
CA MET F 391 -20.99 10.06 -75.16
C MET F 391 -21.71 10.17 -76.50
N ARG F 392 -21.17 9.55 -77.55
CA ARG F 392 -21.86 9.58 -78.84
C ARG F 392 -23.18 8.84 -78.78
N ARG F 393 -23.20 7.66 -78.13
CA ARG F 393 -24.44 6.92 -77.99
C ARG F 393 -25.42 7.65 -77.07
N ASP F 394 -24.92 8.40 -76.10
CA ASP F 394 -25.75 9.13 -75.16
C ASP F 394 -26.16 10.49 -75.68
N ASN F 395 -25.77 10.84 -76.92
CA ASN F 395 -26.05 12.16 -77.49
C ASN F 395 -25.48 13.26 -76.61
N GLN F 396 -24.25 13.07 -76.14
CA GLN F 396 -23.57 14.03 -75.28
C GLN F 396 -22.46 14.72 -76.05
N PRO F 397 -22.62 15.98 -76.43
CA PRO F 397 -21.51 16.69 -77.08
C PRO F 397 -20.35 16.87 -76.12
N ILE F 398 -19.14 16.84 -76.68
CA ILE F 398 -17.93 16.97 -75.86
C ILE F 398 -17.84 18.42 -75.37
N PRO F 399 -17.79 18.63 -74.05
CA PRO F 399 -17.83 19.99 -73.52
C PRO F 399 -16.54 20.73 -73.81
N PRO F 400 -16.57 22.07 -73.80
CA PRO F 400 -15.34 22.83 -74.05
C PRO F 400 -14.23 22.56 -73.05
N ARG F 401 -14.59 22.26 -71.79
CA ARG F 401 -13.56 21.94 -70.79
C ARG F 401 -12.80 20.69 -71.18
N ALA F 402 -13.49 19.68 -71.71
CA ALA F 402 -12.81 18.49 -72.21
C ALA F 402 -11.97 18.81 -73.44
N MET F 403 -12.38 19.81 -74.22
CA MET F 403 -11.66 20.22 -75.42
C MET F 403 -10.70 21.37 -75.16
N ILE F 404 -10.13 21.44 -73.94
CA ILE F 404 -9.19 22.51 -73.64
C ILE F 404 -7.98 22.38 -74.56
N MET F 405 -7.38 23.52 -74.88
CA MET F 405 -6.30 23.60 -75.85
C MET F 405 -4.97 23.75 -75.12
N SER F 406 -4.00 22.92 -75.50
CA SER F 406 -2.76 22.80 -74.75
C SER F 406 -1.88 24.04 -74.97
N ARG F 407 -0.67 24.00 -74.43
CA ARG F 407 0.25 25.12 -74.55
C ARG F 407 0.61 25.39 -76.00
N LYS F 408 0.87 24.33 -76.78
CA LYS F 408 1.26 24.46 -78.17
C LYS F 408 0.07 24.35 -79.13
N TYR F 409 -1.10 24.83 -78.70
CA TYR F 409 -2.29 24.88 -79.55
C TYR F 409 -2.68 23.49 -80.05
N ARG F 410 -2.56 22.50 -79.18
CA ARG F 410 -2.95 21.13 -79.46
C ARG F 410 -4.07 20.71 -78.52
N THR F 411 -4.71 19.60 -78.85
CA THR F 411 -5.79 19.05 -78.03
C THR F 411 -5.59 17.56 -77.81
N LEU F 412 -6.61 16.88 -77.28
CA LEU F 412 -6.50 15.45 -77.03
C LEU F 412 -6.33 14.65 -78.30
N VAL F 413 -6.62 15.23 -79.46
CA VAL F 413 -6.47 14.50 -80.72
C VAL F 413 -5.01 14.16 -80.98
N SER F 414 -4.12 15.14 -80.82
CA SER F 414 -2.68 14.94 -80.99
C SER F 414 -1.98 15.49 -79.76
N SER F 415 -1.84 14.65 -78.74
CA SER F 415 -1.09 14.98 -77.55
C SER F 415 -0.29 13.81 -76.99
N TRP F 416 -0.46 12.61 -77.55
CA TRP F 416 0.15 11.40 -77.02
C TRP F 416 1.11 10.75 -78.00
N ILE F 417 1.36 11.36 -79.16
CA ILE F 417 2.30 10.85 -80.14
C ILE F 417 3.69 11.37 -79.78
N GLU F 418 4.73 10.80 -80.40
CA GLU F 418 6.13 11.04 -80.02
C GLU F 418 6.54 12.51 -79.93
N PRO F 419 5.94 13.47 -80.68
CA PRO F 419 6.21 14.88 -80.37
C PRO F 419 5.36 15.32 -79.18
N LEU F 420 6.02 15.47 -78.02
CA LEU F 420 5.35 15.80 -76.78
C LEU F 420 5.55 17.27 -76.46
N GLN F 421 4.45 17.99 -76.29
CA GLN F 421 4.48 19.42 -75.95
C GLN F 421 5.28 20.23 -76.97
N GLU F 422 5.20 19.82 -78.24
CA GLU F 422 5.91 20.48 -79.32
C GLU F 422 5.02 20.53 -80.54
N GLU F 423 5.29 21.50 -81.41
CA GLU F 423 4.52 21.67 -82.63
C GLU F 423 5.16 20.92 -83.79
N ALA F 424 4.37 20.72 -84.84
CA ALA F 424 4.84 20.07 -86.05
C ALA F 424 5.40 21.11 -87.01
N GLU F 425 5.84 20.65 -88.19
CA GLU F 425 6.44 21.56 -89.16
C GLU F 425 5.39 22.53 -89.71
N LEU F 426 4.24 22.00 -90.14
CA LEU F 426 3.10 22.74 -90.67
C LEU F 426 3.37 23.39 -92.01
N GLY F 427 4.60 23.31 -92.53
CA GLY F 427 4.91 23.81 -93.86
C GLY F 427 5.21 25.29 -93.96
N TYR F 428 5.09 26.06 -92.88
CA TYR F 428 5.37 27.48 -92.92
C TYR F 428 5.65 27.98 -91.51
N GLU F 429 5.98 29.27 -91.40
CA GLU F 429 6.17 29.90 -90.11
C GLU F 429 4.84 30.04 -89.37
N ILE F 430 4.92 30.04 -88.05
CA ILE F 430 3.75 30.20 -87.20
C ILE F 430 3.45 31.68 -87.02
N ASP F 431 2.19 32.06 -87.19
CA ASP F 431 1.76 33.45 -87.05
C ASP F 431 1.55 33.74 -85.58
N TYR F 432 2.61 34.22 -84.91
CA TYR F 432 2.52 34.52 -83.49
C TYR F 432 1.71 35.78 -83.22
N LEU F 433 1.71 36.74 -84.16
CA LEU F 433 0.91 37.94 -83.98
C LEU F 433 -0.58 37.61 -83.92
N ALA F 434 -1.04 36.71 -84.79
CA ALA F 434 -2.44 36.28 -84.75
C ALA F 434 -2.76 35.58 -83.44
N ARG F 435 -1.84 34.73 -82.95
CA ARG F 435 -2.06 34.06 -81.69
C ARG F 435 -2.17 35.06 -80.53
N TYR F 436 -1.29 36.07 -80.52
CA TYR F 436 -1.36 37.09 -79.48
C TYR F 436 -2.65 37.90 -79.56
N VAL F 437 -3.09 38.22 -80.77
CA VAL F 437 -4.29 39.04 -80.92
C VAL F 437 -5.53 38.26 -80.52
N GLU F 438 -5.62 37.00 -80.93
CA GLU F 438 -6.82 36.20 -80.68
C GLU F 438 -6.93 35.75 -79.22
N GLU F 439 -5.87 35.84 -78.44
CA GLU F 439 -5.87 35.39 -77.06
C GLU F 439 -6.29 36.47 -76.08
N GLY F 440 -6.68 37.64 -76.56
CA GLY F 440 -7.10 38.72 -75.69
C GLY F 440 -6.04 39.74 -75.35
N GLY F 441 -4.96 39.82 -76.13
CA GLY F 441 -3.91 40.79 -75.85
C GLY F 441 -4.30 42.23 -76.15
N LEU F 442 -5.46 42.45 -76.76
CA LEU F 442 -5.93 43.80 -77.05
C LEU F 442 -6.68 44.43 -75.87
N THR F 443 -7.45 43.62 -75.13
CA THR F 443 -8.27 44.12 -74.03
C THR F 443 -7.76 43.67 -72.67
N GLY F 444 -6.54 43.15 -72.59
CA GLY F 444 -5.99 42.76 -71.31
C GLY F 444 -6.56 41.49 -70.71
N GLU F 445 -7.15 40.63 -71.53
CA GLU F 445 -7.74 39.38 -71.06
C GLU F 445 -6.86 38.17 -71.36
N ARG F 446 -5.59 38.39 -71.68
CA ARG F 446 -4.69 37.28 -71.98
C ARG F 446 -4.33 36.54 -70.70
N LYS F 447 -3.83 35.31 -70.89
CA LYS F 447 -3.40 34.44 -69.79
C LYS F 447 -1.88 34.37 -69.81
N ARG F 448 -1.25 35.05 -68.86
CA ARG F 448 0.20 35.12 -68.82
C ARG F 448 0.78 33.89 -68.12
N TRP F 449 1.76 33.27 -68.75
CA TRP F 449 2.34 32.01 -68.25
C TRP F 449 3.60 32.27 -67.42
N VAL F 450 3.42 33.04 -66.35
CA VAL F 450 4.50 33.37 -65.42
C VAL F 450 4.18 32.72 -64.08
N PRO F 451 5.13 32.03 -63.45
CA PRO F 451 4.85 31.42 -62.14
C PRO F 451 4.55 32.48 -61.09
N ARG F 452 3.70 32.12 -60.13
CA ARG F 452 3.29 33.03 -59.09
C ARG F 452 3.30 32.31 -57.74
N ARG F 453 3.51 33.08 -56.68
CA ARG F 453 3.53 32.53 -55.33
C ARG F 453 2.11 32.22 -54.87
N GLY F 454 1.88 30.99 -54.49
CA GLY F 454 0.56 30.55 -54.05
C GLY F 454 0.31 29.11 -54.43
N LYS F 455 -0.61 28.49 -53.70
CA LYS F 455 -0.98 27.10 -53.95
C LYS F 455 -2.11 26.99 -54.97
N THR F 456 -1.92 27.61 -56.12
CA THR F 456 -2.87 27.52 -57.22
C THR F 456 -2.15 27.10 -58.49
N PRO F 457 -2.80 26.32 -59.34
CA PRO F 457 -2.13 25.85 -60.57
C PRO F 457 -2.03 26.97 -61.59
N LEU F 458 -0.83 27.13 -62.15
CA LEU F 458 -0.67 28.04 -63.27
C LEU F 458 -1.36 27.49 -64.51
N ASP F 459 -1.32 26.18 -64.70
CA ASP F 459 -1.96 25.55 -65.85
C ASP F 459 -3.48 25.55 -65.67
N PRO F 460 -4.24 26.12 -66.59
CA PRO F 460 -5.70 26.04 -66.48
C PRO F 460 -6.24 24.62 -66.62
N ASP F 461 -5.45 23.69 -67.18
CA ASP F 461 -5.93 22.32 -67.33
C ASP F 461 -6.09 21.62 -65.98
N ALA F 462 -5.27 22.01 -64.99
CA ALA F 462 -5.32 21.37 -63.69
C ALA F 462 -6.52 21.80 -62.85
N ALA F 463 -7.30 22.77 -63.32
CA ALA F 463 -8.47 23.21 -62.57
C ALA F 463 -9.50 22.09 -62.46
N GLY F 464 -9.87 21.77 -61.23
CA GLY F 464 -10.84 20.72 -61.00
C GLY F 464 -10.29 19.55 -60.23
N PHE F 465 -9.07 19.13 -60.56
CA PHE F 465 -8.45 18.03 -59.83
C PHE F 465 -8.04 18.48 -58.44
N ILE F 466 -7.92 17.51 -57.53
CA ILE F 466 -7.56 17.82 -56.15
C ILE F 466 -6.11 18.25 -56.05
N TYR F 467 -5.21 17.52 -56.70
CA TYR F 467 -3.78 17.79 -56.68
C TYR F 467 -3.24 17.90 -58.10
N SER F 468 -3.92 18.71 -58.92
CA SER F 468 -3.57 18.97 -60.31
C SER F 468 -3.83 17.75 -61.20
N ASN F 469 -3.79 17.97 -62.51
CA ASN F 469 -4.09 16.92 -63.47
C ASN F 469 -2.97 15.87 -63.48
N PRO F 470 -3.25 14.66 -63.98
CA PRO F 470 -2.17 13.68 -64.14
C PRO F 470 -1.13 14.18 -65.12
N ILE F 471 0.12 13.78 -64.89
CA ILE F 471 1.22 14.26 -65.72
C ILE F 471 1.06 13.72 -67.14
N GLU F 472 1.57 14.49 -68.09
CA GLU F 472 1.47 14.11 -69.51
C GLU F 472 2.26 12.85 -69.76
N THR F 473 1.59 11.82 -70.27
CA THR F 473 2.23 10.58 -70.66
C THR F 473 1.76 10.21 -72.07
N SER F 474 2.71 9.94 -72.95
CA SER F 474 2.38 9.61 -74.32
C SER F 474 1.77 8.22 -74.41
N PHE F 475 0.94 8.01 -75.42
CA PHE F 475 0.38 6.69 -75.67
C PHE F 475 1.48 5.67 -75.92
N LYS F 476 2.62 6.10 -76.48
CA LYS F 476 3.75 5.20 -76.65
C LYS F 476 4.33 4.79 -75.30
N GLN F 477 4.40 5.72 -74.35
CA GLN F 477 4.93 5.39 -73.03
C GLN F 477 3.97 4.53 -72.24
N ARG F 478 2.66 4.83 -72.33
CA ARG F 478 1.68 4.06 -71.56
C ARG F 478 1.66 2.61 -72.01
N CYS F 479 1.76 2.36 -73.32
CA CYS F 479 1.80 1.00 -73.82
C CYS F 479 3.02 0.25 -73.31
N LEU F 480 4.19 0.91 -73.31
CA LEU F 480 5.39 0.27 -72.80
C LEU F 480 5.28 -0.01 -71.31
N GLU F 481 4.68 0.91 -70.55
CA GLU F 481 4.48 0.68 -69.12
C GLU F 481 3.58 -0.52 -68.88
N ASP F 482 2.49 -0.62 -69.63
CA ASP F 482 1.59 -1.76 -69.48
C ASP F 482 2.26 -3.07 -69.88
N TRP F 483 3.17 -3.02 -70.86
CA TRP F 483 3.94 -4.21 -71.22
C TRP F 483 4.85 -4.63 -70.08
N LYS F 484 5.46 -3.66 -69.39
CA LYS F 484 6.37 -3.98 -68.30
C LYS F 484 5.62 -4.52 -67.08
N VAL F 485 4.51 -3.89 -66.71
CA VAL F 485 3.80 -4.32 -65.51
C VAL F 485 3.22 -5.71 -65.70
N HIS F 486 2.78 -6.06 -66.91
CA HIS F 486 2.31 -7.42 -67.17
C HIS F 486 3.42 -8.43 -66.98
N HIS F 487 4.62 -8.12 -67.45
CA HIS F 487 5.72 -9.08 -67.36
C HIS F 487 6.32 -9.13 -65.96
N ARG F 488 6.27 -8.04 -65.21
CA ARG F 488 6.63 -8.11 -63.79
C ARG F 488 5.69 -9.04 -63.05
N LYS F 489 4.40 -9.03 -63.40
CA LYS F 489 3.46 -9.98 -62.82
C LYS F 489 3.81 -11.41 -63.21
N LEU F 490 4.18 -11.62 -64.48
CA LEU F 490 4.48 -12.98 -64.95
C LEU F 490 5.72 -13.55 -64.27
N LEU F 491 6.72 -12.71 -64.01
CA LEU F 491 7.90 -13.18 -63.31
C LEU F 491 7.60 -13.51 -61.86
N ARG F 492 6.71 -12.73 -61.22
CA ARG F 492 6.38 -12.95 -59.82
C ARG F 492 5.75 -14.33 -59.62
N THR F 493 4.76 -14.68 -60.46
CA THR F 493 4.08 -15.95 -60.29
C THR F 493 4.95 -17.15 -60.65
N LEU F 494 6.07 -16.94 -61.33
CA LEU F 494 6.95 -18.06 -61.67
C LEU F 494 7.69 -18.56 -60.44
N GLN F 495 8.20 -17.64 -59.61
CA GLN F 495 8.90 -18.06 -58.39
C GLN F 495 7.96 -18.74 -57.41
N SER F 496 6.73 -18.24 -57.30
CA SER F 496 5.76 -18.79 -56.36
C SER F 496 5.34 -20.20 -56.77
N GLU F 541 42.51 1.57 -69.65
CA GLU F 541 41.09 1.27 -69.79
C GLU F 541 40.31 2.53 -70.12
N LEU F 542 41.00 3.53 -70.69
CA LEU F 542 40.37 4.81 -70.98
C LEU F 542 39.28 4.68 -72.03
N LYS F 543 39.28 3.61 -72.83
CA LYS F 543 38.20 3.41 -73.80
C LYS F 543 36.85 3.19 -73.11
N GLU F 544 36.85 2.81 -71.83
CA GLU F 544 35.61 2.70 -71.08
C GLU F 544 34.94 4.05 -70.87
N GLU F 545 35.70 5.15 -70.92
CA GLU F 545 35.12 6.48 -70.80
C GLU F 545 34.22 6.81 -71.99
N LEU F 546 34.44 6.16 -73.13
CA LEU F 546 33.69 6.51 -74.35
C LEU F 546 32.20 6.23 -74.20
N GLU F 547 31.83 5.29 -73.32
CA GLU F 547 30.42 4.97 -73.13
C GLU F 547 29.63 6.09 -72.47
N ALA F 548 30.30 7.08 -71.87
CA ALA F 548 29.61 8.21 -71.27
C ALA F 548 29.25 9.29 -72.29
N GLN F 549 29.70 9.16 -73.54
CA GLN F 549 29.36 10.13 -74.57
C GLN F 549 28.98 9.42 -75.86
N GLY F 550 28.86 10.17 -76.96
CA GLY F 550 28.39 9.65 -78.22
C GLY F 550 29.43 9.00 -79.11
N LEU F 551 30.67 8.85 -78.63
CA LEU F 551 31.76 8.24 -79.39
C LEU F 551 31.99 8.99 -80.69
N PRO F 552 32.53 10.20 -80.65
CA PRO F 552 32.87 10.92 -81.90
C PRO F 552 34.22 10.48 -82.43
N ILE F 553 34.20 9.81 -83.60
CA ILE F 553 35.41 9.30 -84.25
C ILE F 553 36.21 8.44 -83.29
N ASP F 554 37.37 8.95 -82.86
CA ASP F 554 38.28 8.26 -81.94
C ASP F 554 38.84 6.98 -82.55
N GLY F 555 39.81 6.36 -81.87
CA GLY F 555 40.24 5.03 -82.25
C GLY F 555 41.72 4.77 -82.42
N THR F 556 42.49 5.72 -82.97
CA THR F 556 43.86 5.42 -83.38
C THR F 556 44.87 5.70 -82.27
N ARG F 557 45.04 6.97 -81.91
CA ARG F 557 45.91 7.36 -80.80
C ARG F 557 45.77 8.86 -80.55
N ASN F 558 45.75 9.22 -79.27
CA ASN F 558 45.75 10.60 -78.77
C ASN F 558 44.42 11.29 -79.04
N VAL F 559 43.59 10.70 -79.90
CA VAL F 559 42.25 11.22 -80.11
C VAL F 559 41.39 10.96 -78.88
N LEU F 560 41.52 9.76 -78.31
CA LEU F 560 40.83 9.44 -77.08
C LEU F 560 41.25 10.37 -75.94
N TYR F 561 42.55 10.66 -75.84
CA TYR F 561 43.03 11.56 -74.80
C TYR F 561 42.49 12.98 -74.99
N GLN F 562 42.60 13.50 -76.22
CA GLN F 562 42.12 14.86 -76.46
C GLN F 562 40.61 14.97 -76.23
N ARG F 563 39.86 13.92 -76.57
CA ARG F 563 38.42 13.98 -76.40
C ARG F 563 38.03 13.83 -74.93
N VAL F 564 38.71 12.96 -74.19
CA VAL F 564 38.39 12.83 -72.77
C VAL F 564 38.78 14.09 -72.00
N GLN F 565 39.79 14.80 -72.47
CA GLN F 565 40.18 16.04 -71.80
C GLN F 565 39.37 17.25 -72.25
N LYS F 566 38.79 17.23 -73.45
CA LYS F 566 37.94 18.32 -73.90
C LYS F 566 36.45 18.09 -73.63
N ALA F 567 36.07 16.89 -73.17
CA ALA F 567 34.68 16.64 -72.82
C ALA F 567 34.24 17.40 -71.58
N ARG F 568 35.18 17.92 -70.80
CA ARG F 568 34.83 18.67 -69.59
C ARG F 568 34.35 20.08 -69.91
N ARG F 569 34.57 20.57 -71.13
CA ARG F 569 34.11 21.91 -71.49
C ARG F 569 32.58 22.00 -71.46
N ILE F 570 31.90 20.96 -71.97
CA ILE F 570 30.44 20.98 -72.00
C ILE F 570 29.84 20.93 -70.60
N ASN F 571 30.59 20.46 -69.61
CA ASN F 571 30.09 20.40 -68.24
C ASN F 571 30.28 21.74 -67.53
N LYS F 602 0.30 -18.93 -66.22
CA LYS F 602 -0.85 -18.11 -66.56
C LYS F 602 -1.32 -17.29 -65.37
N LEU F 603 -1.59 -16.01 -65.60
CA LEU F 603 -2.08 -15.15 -64.53
C LEU F 603 -3.54 -15.48 -64.20
N HIS F 604 -3.93 -15.18 -62.96
CA HIS F 604 -5.28 -15.46 -62.50
C HIS F 604 -5.85 -14.30 -61.69
N GLU F 605 -5.44 -13.07 -62.00
CA GLU F 605 -5.92 -11.92 -61.26
C GLU F 605 -7.42 -11.71 -61.50
N GLY F 606 -8.14 -11.38 -60.43
CA GLY F 606 -9.56 -11.15 -60.51
C GLY F 606 -10.41 -12.40 -60.61
N ASP F 607 -9.81 -13.58 -60.54
CA ASP F 607 -10.53 -14.85 -60.67
C ASP F 607 -10.77 -15.40 -59.28
N THR F 608 -11.88 -14.97 -58.66
CA THR F 608 -12.19 -15.37 -57.30
C THR F 608 -12.40 -16.88 -57.18
N GLU F 609 -12.91 -17.52 -58.24
CA GLU F 609 -13.16 -18.96 -58.18
C GLU F 609 -11.86 -19.75 -58.06
N PHE F 610 -10.82 -19.32 -58.78
CA PHE F 610 -9.53 -20.00 -58.67
C PHE F 610 -8.96 -19.87 -57.25
N TRP F 611 -9.06 -18.68 -56.67
CA TRP F 611 -8.57 -18.49 -55.31
C TRP F 611 -9.43 -19.24 -54.30
N LYS F 612 -10.73 -19.34 -54.54
CA LYS F 612 -11.58 -20.14 -53.66
C LYS F 612 -11.21 -21.61 -53.72
N ARG F 613 -10.90 -22.10 -54.92
CA ARG F 613 -10.44 -23.49 -55.05
C ARG F 613 -9.09 -23.69 -54.36
N ARG F 614 -8.18 -22.73 -54.50
CA ARG F 614 -6.87 -22.85 -53.86
C ARG F 614 -6.96 -22.73 -52.35
N PHE F 615 -7.97 -22.03 -51.83
CA PHE F 615 -8.11 -21.85 -50.39
C PHE F 615 -8.39 -23.17 -49.70
N LEU F 616 -9.20 -24.02 -50.31
CA LEU F 616 -9.55 -25.31 -49.72
C LEU F 616 -8.38 -26.29 -49.76
N TRP F 740 -3.38 -23.06 -31.01
CA TRP F 740 -2.39 -22.68 -32.00
C TRP F 740 -2.83 -23.05 -33.41
N PHE F 741 -2.87 -22.07 -34.29
CA PHE F 741 -3.07 -22.36 -35.71
C PHE F 741 -1.80 -23.00 -36.27
N PRO F 742 -1.90 -24.12 -36.98
CA PRO F 742 -0.70 -24.79 -37.48
C PRO F 742 0.07 -23.91 -38.45
N GLU F 743 1.40 -24.10 -38.48
CA GLU F 743 2.25 -23.30 -39.34
C GLU F 743 2.04 -23.60 -40.82
N GLU F 744 1.48 -24.76 -41.15
CA GLU F 744 1.24 -25.09 -42.55
C GLU F 744 0.14 -24.20 -43.11
N PRO F 745 0.37 -23.51 -44.22
CA PRO F 745 -0.64 -22.56 -44.72
C PRO F 745 -1.98 -23.20 -45.03
N PHE F 746 -2.00 -24.40 -45.61
CA PHE F 746 -3.27 -25.03 -45.94
C PHE F 746 -3.92 -25.63 -44.70
N GLU F 747 -3.13 -26.15 -43.77
CA GLU F 747 -3.67 -26.57 -42.48
C GLU F 747 -4.24 -25.37 -41.74
N ALA F 748 -3.56 -24.22 -41.81
CA ALA F 748 -4.09 -23.01 -41.20
C ALA F 748 -5.40 -22.58 -41.86
N PHE F 749 -5.47 -22.69 -43.19
CA PHE F 749 -6.72 -22.36 -43.89
C PHE F 749 -7.86 -23.26 -43.44
N LYS F 750 -7.59 -24.57 -43.34
CA LYS F 750 -8.59 -25.50 -42.83
C LYS F 750 -8.97 -25.17 -41.39
N GLU F 751 -8.03 -24.69 -40.60
CA GLU F 751 -8.33 -24.30 -39.22
C GLU F 751 -9.30 -23.12 -39.18
N MET F 752 -9.00 -22.06 -39.94
CA MET F 752 -9.92 -20.93 -39.95
C MET F 752 -11.26 -21.29 -40.57
N ARG F 753 -11.29 -22.28 -41.47
CA ARG F 753 -12.57 -22.80 -41.93
C ARG F 753 -13.32 -23.50 -40.81
N GLU F 754 -12.61 -24.25 -39.97
CA GLU F 754 -13.26 -24.98 -38.89
C GLU F 754 -13.63 -24.07 -37.72
N ARG F 755 -12.79 -23.08 -37.42
CA ARG F 755 -13.07 -22.12 -36.36
C ARG F 755 -13.89 -20.94 -36.84
N LYS F 756 -14.34 -20.96 -38.09
CA LYS F 756 -15.23 -19.94 -38.66
C LYS F 756 -14.57 -18.56 -38.65
N VAL F 757 -13.25 -18.51 -38.71
CA VAL F 757 -12.56 -17.24 -38.87
C VAL F 757 -12.77 -16.70 -40.28
N PHE F 758 -12.66 -17.57 -41.28
CA PHE F 758 -12.80 -17.16 -42.67
C PHE F 758 -13.30 -18.36 -43.47
N ASP F 759 -14.08 -18.08 -44.51
CA ASP F 759 -14.65 -19.14 -45.35
C ASP F 759 -14.82 -18.61 -46.76
N VAL F 760 -15.12 -19.52 -47.68
CA VAL F 760 -15.28 -19.15 -49.08
C VAL F 760 -16.45 -18.21 -49.31
N SER F 761 -17.43 -18.21 -48.40
CA SER F 761 -18.53 -17.27 -48.50
C SER F 761 -18.10 -15.83 -48.30
N ASP F 762 -16.90 -15.60 -47.78
CA ASP F 762 -16.35 -14.27 -47.59
C ASP F 762 -15.45 -13.84 -48.74
N MET F 763 -15.33 -14.65 -49.79
CA MET F 763 -14.45 -14.34 -50.91
C MET F 763 -15.30 -13.86 -52.08
N TYR F 764 -15.44 -12.54 -52.19
CA TYR F 764 -16.12 -11.93 -53.32
C TYR F 764 -15.61 -10.51 -53.47
N THR F 765 -15.57 -10.03 -54.71
CA THR F 765 -15.12 -8.69 -55.03
C THR F 765 -16.30 -7.84 -55.48
N ILE F 766 -16.00 -6.58 -55.81
CA ILE F 766 -17.02 -5.71 -56.38
C ILE F 766 -17.47 -6.19 -57.74
N ALA F 767 -16.62 -6.95 -58.44
CA ALA F 767 -16.94 -7.36 -59.80
C ALA F 767 -18.01 -8.46 -59.81
N ASP F 768 -17.88 -9.46 -58.95
CA ASP F 768 -18.73 -10.63 -59.02
C ASP F 768 -20.00 -10.52 -58.17
N VAL F 769 -20.17 -9.43 -57.42
CA VAL F 769 -21.42 -9.18 -56.72
C VAL F 769 -22.22 -8.06 -57.37
N TRP F 770 -21.61 -7.23 -58.21
CA TRP F 770 -22.30 -6.20 -58.95
C TRP F 770 -22.55 -6.60 -60.40
N GLY F 771 -22.32 -7.85 -60.75
CA GLY F 771 -22.55 -8.34 -62.10
C GLY F 771 -21.61 -7.78 -63.14
N TRP F 772 -20.34 -7.59 -62.78
CA TRP F 772 -19.34 -7.08 -63.73
C TRP F 772 -18.74 -8.27 -64.46
N THR F 773 -19.52 -8.80 -65.42
CA THR F 773 -19.04 -9.92 -66.23
C THR F 773 -18.00 -9.49 -67.26
N TRP F 774 -17.99 -8.21 -67.64
CA TRP F 774 -17.03 -7.73 -68.62
C TRP F 774 -15.63 -7.55 -68.05
N GLU F 775 -15.49 -7.56 -66.72
CA GLU F 775 -14.18 -7.29 -66.12
C GLU F 775 -13.17 -8.38 -66.46
N LYS F 776 -13.60 -9.63 -66.59
CA LYS F 776 -12.68 -10.71 -66.89
C LYS F 776 -12.12 -10.64 -68.30
N ASP F 777 -12.73 -9.84 -69.18
CA ASP F 777 -12.23 -9.68 -70.55
C ASP F 777 -11.17 -8.60 -70.67
N PHE F 778 -10.94 -7.81 -69.62
CA PHE F 778 -9.93 -6.76 -69.62
C PHE F 778 -8.74 -7.11 -68.74
N LYS F 779 -8.64 -8.37 -68.29
CA LYS F 779 -7.57 -8.77 -67.37
C LYS F 779 -7.04 -10.13 -67.80
N ASN F 780 -5.84 -10.44 -67.31
CA ASN F 780 -5.14 -11.69 -67.64
C ASN F 780 -4.95 -11.84 -69.15
N LYS F 781 -4.68 -10.72 -69.81
CA LYS F 781 -4.44 -10.70 -71.25
C LYS F 781 -3.11 -10.02 -71.52
N THR F 782 -2.36 -10.56 -72.48
CA THR F 782 -1.08 -9.97 -72.84
C THR F 782 -1.31 -8.65 -73.55
N PRO F 783 -0.74 -7.54 -73.07
CA PRO F 783 -0.98 -6.24 -73.71
C PRO F 783 -0.40 -6.18 -75.10
N ARG F 784 -1.05 -5.40 -75.96
CA ARG F 784 -0.61 -5.25 -77.34
C ARG F 784 0.59 -4.32 -77.41
N ARG F 785 1.63 -4.77 -78.13
CA ARG F 785 2.81 -3.94 -78.30
C ARG F 785 2.49 -2.69 -79.10
N TRP F 786 3.05 -1.57 -78.68
CA TRP F 786 2.87 -0.32 -79.40
C TRP F 786 3.55 -0.39 -80.76
N SER F 787 2.89 0.16 -81.77
CA SER F 787 3.45 0.24 -83.11
C SER F 787 3.00 1.55 -83.75
N GLN F 788 3.76 2.00 -84.74
CA GLN F 788 3.42 3.24 -85.41
C GLN F 788 2.11 3.12 -86.17
N GLU F 789 1.88 1.97 -86.82
CA GLU F 789 0.63 1.76 -87.53
C GLU F 789 -0.56 1.78 -86.57
N TRP F 790 -0.42 1.12 -85.42
CA TRP F 790 -1.47 1.15 -84.42
C TRP F 790 -1.73 2.57 -83.95
N GLU F 791 -0.66 3.33 -83.68
CA GLU F 791 -0.83 4.69 -83.19
C GLU F 791 -1.52 5.57 -84.22
N VAL F 792 -1.14 5.46 -85.49
CA VAL F 792 -1.73 6.33 -86.50
C VAL F 792 -3.19 5.95 -86.75
N GLU F 793 -3.51 4.65 -86.75
CA GLU F 793 -4.90 4.26 -86.93
C GLU F 793 -5.75 4.70 -85.74
N LEU F 794 -5.19 4.62 -84.53
CA LEU F 794 -5.91 5.11 -83.35
C LEU F 794 -6.10 6.62 -83.44
N ALA F 795 -5.10 7.34 -83.93
CA ALA F 795 -5.22 8.78 -84.09
C ALA F 795 -6.32 9.13 -85.08
N ILE F 796 -6.39 8.40 -86.20
CA ILE F 796 -7.44 8.66 -87.18
C ILE F 796 -8.82 8.38 -86.58
N VAL F 797 -8.95 7.26 -85.86
CA VAL F 797 -10.23 6.91 -85.26
C VAL F 797 -10.65 7.96 -84.24
N LEU F 798 -9.72 8.38 -83.38
CA LEU F 798 -10.02 9.38 -82.37
C LEU F 798 -10.39 10.72 -82.99
N MET F 799 -9.67 11.12 -84.04
CA MET F 799 -9.99 12.37 -84.71
C MET F 799 -11.38 12.33 -85.30
N ALA F 800 -11.75 11.21 -85.95
CA ALA F 800 -13.09 11.09 -86.52
C ALA F 800 -14.15 11.15 -85.43
N LYS F 801 -13.92 10.45 -84.31
CA LYS F 801 -14.93 10.41 -83.25
C LYS F 801 -15.04 11.75 -82.54
N VAL F 802 -13.95 12.50 -82.41
CA VAL F 802 -14.01 13.82 -81.82
C VAL F 802 -14.73 14.79 -82.76
N ILE F 803 -14.45 14.70 -84.06
CA ILE F 803 -15.12 15.57 -85.03
C ILE F 803 -16.62 15.32 -85.01
N GLU F 804 -17.03 14.04 -85.02
CA GLU F 804 -18.44 13.72 -85.04
C GLU F 804 -19.16 14.08 -83.74
N LEU F 805 -18.42 14.36 -82.67
CA LEU F 805 -19.01 14.69 -81.37
C LEU F 805 -19.15 16.19 -81.15
N GLY F 806 -18.72 17.01 -82.09
CA GLY F 806 -18.79 18.46 -81.95
C GLY F 806 -17.50 19.12 -81.54
N GLY F 807 -16.46 18.35 -81.23
CA GLY F 807 -15.16 18.92 -80.90
C GLY F 807 -14.32 19.08 -82.14
N VAL F 808 -13.86 20.30 -82.38
CA VAL F 808 -13.10 20.63 -83.58
C VAL F 808 -11.61 20.57 -83.24
N PRO F 809 -10.83 19.70 -83.87
CA PRO F 809 -9.38 19.72 -83.65
C PRO F 809 -8.74 20.90 -84.37
N THR F 810 -7.62 21.36 -83.83
CA THR F 810 -6.89 22.46 -84.40
C THR F 810 -6.02 21.98 -85.57
N ILE F 811 -5.50 22.96 -86.32
CA ILE F 811 -4.63 22.63 -87.45
C ILE F 811 -3.36 21.96 -86.95
N GLY F 812 -2.82 22.42 -85.82
CA GLY F 812 -1.63 21.80 -85.27
C GLY F 812 -1.85 20.36 -84.87
N ASP F 813 -3.08 19.99 -84.54
CA ASP F 813 -3.39 18.61 -84.20
C ASP F 813 -3.22 17.70 -85.42
N CYS F 814 -3.78 18.12 -86.56
CA CYS F 814 -3.64 17.34 -87.79
C CYS F 814 -2.20 17.35 -88.30
N ALA F 815 -1.48 18.46 -88.08
CA ALA F 815 -0.10 18.54 -88.54
C ALA F 815 0.79 17.49 -87.88
N VAL F 816 0.45 17.09 -86.65
CA VAL F 816 1.20 16.04 -85.98
C VAL F 816 1.02 14.71 -86.70
N ILE F 817 -0.19 14.45 -87.19
CA ILE F 817 -0.49 13.21 -87.91
C ILE F 817 0.28 13.18 -89.24
N GLN F 835 -6.91 14.09 -96.19
CA GLN F 835 -8.22 14.50 -96.71
C GLN F 835 -9.12 15.01 -95.59
N THR F 836 -8.92 14.46 -94.38
CA THR F 836 -9.68 14.92 -93.22
C THR F 836 -9.14 16.25 -92.70
N THR F 837 -7.86 16.54 -92.96
CA THR F 837 -7.30 17.82 -92.53
C THR F 837 -8.01 18.99 -93.20
N HIS F 838 -8.25 18.89 -94.51
CA HIS F 838 -8.92 19.96 -95.23
C HIS F 838 -10.42 20.00 -94.96
N SER F 839 -11.00 18.90 -94.48
CA SER F 839 -12.43 18.87 -94.21
C SER F 839 -12.82 19.81 -93.08
N LEU F 840 -11.88 20.17 -92.22
CA LEU F 840 -12.13 21.08 -91.11
C LEU F 840 -11.98 22.54 -91.51
N GLY F 841 -11.66 22.83 -92.77
CA GLY F 841 -11.42 24.18 -93.22
C GLY F 841 -9.99 24.63 -93.16
N TYR F 842 -9.04 23.71 -93.01
CA TYR F 842 -7.63 24.06 -92.87
C TYR F 842 -6.93 23.99 -94.23
N ALA F 843 -5.67 24.40 -94.24
CA ALA F 843 -4.84 24.36 -95.44
C ALA F 843 -3.39 24.41 -95.02
N PHE F 844 -2.61 23.40 -95.41
CA PHE F 844 -1.20 23.33 -95.03
C PHE F 844 -0.40 24.46 -95.68
N MET G 420 -60.09 58.37 -44.35
CA MET G 420 -60.71 58.45 -43.03
C MET G 420 -61.93 59.37 -43.10
N GLU G 421 -61.70 60.60 -43.56
CA GLU G 421 -62.80 61.56 -43.67
C GLU G 421 -63.86 61.08 -44.66
N THR G 422 -63.43 60.55 -45.81
CA THR G 422 -64.39 60.09 -46.81
C THR G 422 -65.22 58.92 -46.28
N TYR G 423 -64.57 57.98 -45.60
CA TYR G 423 -65.30 56.83 -45.06
C TYR G 423 -66.35 57.27 -44.05
N GLU G 424 -65.95 58.13 -43.11
CA GLU G 424 -66.89 58.61 -42.10
C GLU G 424 -68.03 59.41 -42.72
N GLY G 425 -67.71 60.25 -43.71
CA GLY G 425 -68.75 61.03 -44.35
C GLY G 425 -69.77 60.16 -45.07
N ILE G 426 -69.28 59.18 -45.84
CA ILE G 426 -70.18 58.29 -46.56
C ILE G 426 -71.03 57.49 -45.57
N ILE G 427 -70.40 56.98 -44.50
CA ILE G 427 -71.12 56.16 -43.54
C ILE G 427 -72.18 56.98 -42.80
N PHE G 428 -71.84 58.22 -42.42
CA PHE G 428 -72.82 59.08 -41.76
C PHE G 428 -73.97 59.42 -42.69
N ALA G 429 -73.68 59.69 -43.97
CA ALA G 429 -74.74 59.97 -44.92
C ALA G 429 -75.66 58.77 -45.07
N CYS G 430 -75.08 57.56 -45.17
CA CYS G 430 -75.89 56.36 -45.29
C CYS G 430 -76.74 56.13 -44.05
N GLY G 431 -76.17 56.37 -42.87
CA GLY G 431 -76.92 56.20 -41.64
C GLY G 431 -78.08 57.19 -41.52
N LYS G 432 -77.83 58.45 -41.88
CA LYS G 432 -78.90 59.44 -41.86
C LYS G 432 -79.99 59.09 -42.86
N GLY G 433 -79.59 58.67 -44.06
CA GLY G 433 -80.55 58.30 -45.09
C GLY G 433 -81.09 56.90 -45.01
N GLY G 434 -80.69 56.14 -43.99
CA GLY G 434 -81.16 54.76 -43.87
C GLY G 434 -80.69 53.85 -44.97
N LEU G 435 -79.48 54.05 -45.47
CA LEU G 435 -78.91 53.21 -46.51
C LEU G 435 -77.97 52.19 -45.86
N HIS G 436 -78.57 51.12 -45.34
CA HIS G 436 -77.80 50.10 -44.65
C HIS G 436 -76.89 49.35 -45.61
N GLU G 437 -77.37 49.07 -46.82
CA GLU G 437 -76.58 48.27 -47.77
C GLU G 437 -75.32 49.02 -48.19
N ASP G 438 -75.42 50.31 -48.49
CA ASP G 438 -74.25 51.08 -48.90
C ASP G 438 -73.24 51.18 -47.77
N ALA G 439 -73.71 51.40 -46.53
CA ALA G 439 -72.80 51.45 -45.39
C ALA G 439 -72.11 50.10 -45.19
N ARG G 440 -72.86 49.01 -45.35
CA ARG G 440 -72.27 47.68 -45.23
C ARG G 440 -71.20 47.45 -46.29
N LYS G 441 -71.49 47.84 -47.54
CA LYS G 441 -70.50 47.69 -48.61
C LYS G 441 -69.25 48.50 -48.33
N ILE G 442 -69.42 49.74 -47.87
CA ILE G 442 -68.28 50.57 -47.53
C ILE G 442 -67.47 49.94 -46.40
N LEU G 443 -68.16 49.39 -45.41
CA LEU G 443 -67.48 48.75 -44.28
C LEU G 443 -66.64 47.58 -44.75
N GLN G 444 -67.21 46.70 -45.59
CA GLN G 444 -66.44 45.56 -46.09
C GLN G 444 -65.26 46.02 -46.95
N TYR G 445 -65.49 47.00 -47.83
CA TYR G 445 -64.41 47.45 -48.70
C TYR G 445 -63.26 48.03 -47.89
N MET G 446 -63.57 48.86 -46.89
CA MET G 446 -62.54 49.51 -46.10
C MET G 446 -61.89 48.56 -45.10
N THR G 447 -62.59 47.51 -44.67
CA THR G 447 -61.96 46.48 -43.86
C THR G 447 -61.05 45.59 -44.70
N ALA G 448 -61.37 45.42 -45.98
CA ALA G 448 -60.55 44.59 -46.86
C ALA G 448 -59.19 45.20 -47.15
N LYS G 449 -58.97 46.47 -46.79
CA LYS G 449 -57.71 47.15 -47.04
C LYS G 449 -56.87 47.30 -45.78
N ASP G 450 -57.10 46.44 -44.78
CA ASP G 450 -56.34 46.46 -43.53
C ASP G 450 -56.42 47.82 -42.84
N VAL G 451 -57.64 48.35 -42.73
CA VAL G 451 -57.91 49.62 -42.08
C VAL G 451 -58.73 49.35 -40.83
N VAL G 452 -58.23 49.77 -39.68
CA VAL G 452 -58.95 49.59 -38.42
C VAL G 452 -60.05 50.65 -38.35
N PRO G 453 -61.32 50.25 -38.26
CA PRO G 453 -62.39 51.23 -38.23
C PRO G 453 -62.39 52.05 -36.95
N SER G 454 -62.89 53.28 -37.08
CA SER G 454 -63.01 54.17 -35.94
C SER G 454 -64.38 54.00 -35.27
N SER G 455 -64.53 54.64 -34.10
CA SER G 455 -65.79 54.52 -33.37
C SER G 455 -66.93 55.23 -34.10
N LYS G 456 -66.64 56.37 -34.73
CA LYS G 456 -67.69 57.13 -35.40
C LYS G 456 -68.25 56.37 -36.61
N ALA G 457 -67.37 55.75 -37.41
CA ALA G 457 -67.84 54.99 -38.56
C ALA G 457 -68.66 53.78 -38.13
N TYR G 458 -68.22 53.09 -37.07
CA TYR G 458 -68.98 51.97 -36.54
C TYR G 458 -70.34 52.43 -36.01
N THR G 459 -70.38 53.57 -35.34
CA THR G 459 -71.66 54.12 -34.89
C THR G 459 -72.56 54.42 -36.08
N GLY G 460 -71.98 54.96 -37.15
CA GLY G 460 -72.77 55.26 -38.34
C GLY G 460 -73.37 54.02 -38.96
N VAL G 461 -72.57 52.96 -39.11
CA VAL G 461 -73.12 51.74 -39.70
C VAL G 461 -74.14 51.08 -38.76
N ILE G 462 -73.92 51.18 -37.45
CA ILE G 462 -74.87 50.63 -36.49
C ILE G 462 -76.21 51.33 -36.61
N GLU G 463 -76.20 52.66 -36.65
CA GLU G 463 -77.44 53.40 -36.78
C GLU G 463 -78.06 53.22 -38.16
N ALA G 464 -77.25 52.98 -39.19
CA ALA G 464 -77.78 52.67 -40.51
C ALA G 464 -78.55 51.34 -40.48
N PHE G 465 -78.01 50.34 -39.80
CA PHE G 465 -78.71 49.06 -39.70
C PHE G 465 -79.99 49.19 -38.90
N GLY G 466 -80.00 50.03 -37.87
CA GLY G 466 -81.18 50.22 -37.05
C GLY G 466 -82.32 50.92 -37.75
N GLN G 467 -82.03 51.70 -38.80
CA GLN G 467 -83.09 52.37 -39.55
C GLN G 467 -83.99 51.36 -40.24
N ALA G 468 -83.41 50.29 -40.79
CA ALA G 468 -84.16 49.26 -41.50
C ALA G 468 -84.61 48.13 -40.59
N ALA G 469 -84.65 48.36 -39.28
CA ALA G 469 -85.09 47.38 -38.29
C ALA G 469 -84.26 46.10 -38.32
N LEU G 470 -83.03 46.18 -38.81
CA LEU G 470 -82.12 45.03 -38.82
C LEU G 470 -81.34 45.05 -37.52
N TYR G 471 -82.02 44.64 -36.45
CA TYR G 471 -81.43 44.72 -35.12
C TYR G 471 -80.24 43.79 -34.98
N GLU G 472 -80.31 42.60 -35.57
CA GLU G 472 -79.22 41.63 -35.42
C GLU G 472 -77.93 42.14 -36.05
N GLU G 473 -78.02 42.78 -37.22
CA GLU G 473 -76.82 43.31 -37.85
C GLU G 473 -76.21 44.44 -37.04
N ALA G 474 -77.06 45.32 -36.49
CA ALA G 474 -76.56 46.40 -35.64
C ALA G 474 -75.90 45.84 -34.39
N LEU G 475 -76.48 44.81 -33.79
CA LEU G 475 -75.88 44.20 -32.61
C LEU G 475 -74.56 43.52 -32.95
N VAL G 476 -74.48 42.89 -34.12
CA VAL G 476 -73.24 42.25 -34.55
C VAL G 476 -72.15 43.31 -34.73
N ALA G 477 -72.49 44.44 -35.36
CA ALA G 477 -71.52 45.51 -35.52
C ALA G 477 -71.09 46.09 -34.17
N PHE G 478 -72.04 46.25 -33.25
CA PHE G 478 -71.71 46.75 -31.92
C PHE G 478 -70.78 45.79 -31.19
N ASN G 479 -71.02 44.48 -31.33
CA ASN G 479 -70.14 43.48 -30.74
C ASN G 479 -68.75 43.53 -31.36
N THR G 480 -68.68 43.66 -32.68
CA THR G 480 -67.39 43.79 -33.36
C THR G 480 -66.66 45.07 -32.97
N MET G 481 -67.39 46.08 -32.51
CA MET G 481 -66.77 47.35 -32.13
C MET G 481 -65.70 47.13 -31.06
N HIS G 482 -66.02 46.36 -30.02
CA HIS G 482 -65.05 46.12 -28.96
C HIS G 482 -63.91 45.21 -29.41
N GLU G 483 -64.17 44.33 -30.38
CA GLU G 483 -63.14 43.39 -30.84
C GLU G 483 -61.95 44.11 -31.45
N VAL G 484 -62.22 45.14 -32.26
CA VAL G 484 -61.13 45.89 -32.90
C VAL G 484 -60.54 46.96 -32.00
N GLY G 485 -60.98 47.05 -30.75
CA GLY G 485 -60.47 48.04 -29.82
C GLY G 485 -61.22 49.35 -29.82
N SER G 486 -62.19 49.54 -30.71
CA SER G 486 -62.96 50.78 -30.76
C SER G 486 -64.00 50.75 -29.64
N ASN G 487 -63.77 51.57 -28.62
CA ASN G 487 -64.70 51.64 -27.50
C ASN G 487 -65.96 52.41 -27.88
N PRO G 488 -67.11 52.04 -27.32
CA PRO G 488 -68.35 52.77 -27.62
C PRO G 488 -68.29 54.19 -27.09
N SER G 489 -69.02 55.08 -27.78
CA SER G 489 -69.13 56.48 -27.41
C SER G 489 -70.58 56.82 -27.09
N ILE G 490 -70.82 58.09 -26.77
CA ILE G 490 -72.17 58.53 -26.43
C ILE G 490 -73.08 58.45 -27.64
N GLU G 491 -72.55 58.76 -28.83
CA GLU G 491 -73.36 58.71 -30.05
C GLU G 491 -73.78 57.29 -30.37
N THR G 492 -72.90 56.31 -30.12
CA THR G 492 -73.25 54.91 -30.34
C THR G 492 -74.41 54.50 -29.46
N PHE G 493 -74.38 54.88 -28.18
CA PHE G 493 -75.48 54.56 -27.28
C PHE G 493 -76.76 55.28 -27.70
N HIS G 494 -76.64 56.54 -28.13
CA HIS G 494 -77.84 57.26 -28.58
C HIS G 494 -78.47 56.56 -29.77
N SER G 495 -77.66 56.13 -30.73
CA SER G 495 -78.18 55.38 -31.87
C SER G 495 -78.82 54.07 -31.43
N LEU G 496 -78.19 53.38 -30.47
CA LEU G 496 -78.73 52.11 -29.99
C LEU G 496 -80.10 52.29 -29.34
N LEU G 497 -80.23 53.27 -28.44
CA LEU G 497 -81.52 53.53 -27.81
C LEU G 497 -82.57 53.96 -28.83
N TYR G 498 -82.20 54.82 -29.78
CA TYR G 498 -83.18 55.26 -30.77
C TYR G 498 -83.66 54.09 -31.62
N SER G 499 -82.73 53.23 -32.06
CA SER G 499 -83.12 52.08 -32.88
C SER G 499 -83.99 51.11 -32.09
N PHE G 500 -83.66 50.88 -30.82
CA PHE G 500 -84.46 49.95 -30.02
C PHE G 500 -85.82 50.56 -29.65
N ALA G 501 -85.89 51.89 -29.53
CA ALA G 501 -87.14 52.56 -29.19
C ALA G 501 -88.09 52.62 -30.38
N ARG G 502 -87.56 52.76 -31.60
CA ARG G 502 -88.44 52.77 -32.77
C ARG G 502 -89.21 51.47 -32.90
N GLY G 503 -88.55 50.34 -32.63
CA GLY G 503 -89.18 49.04 -32.72
C GLY G 503 -89.97 48.59 -31.51
N GLY G 504 -89.97 49.37 -30.42
CA GLY G 504 -90.67 48.97 -29.23
C GLY G 504 -89.95 47.98 -28.35
N LEU G 505 -88.68 47.69 -28.63
CA LEU G 505 -87.90 46.72 -27.87
C LEU G 505 -87.43 47.39 -26.57
N PHE G 506 -88.35 47.47 -25.61
CA PHE G 506 -88.03 48.13 -24.35
C PHE G 506 -87.13 47.28 -23.44
N LYS G 507 -87.12 45.96 -23.64
CA LYS G 507 -86.19 45.12 -22.87
C LYS G 507 -84.75 45.45 -23.24
N GLU G 508 -84.45 45.55 -24.53
CA GLU G 508 -83.15 46.02 -24.95
C GLU G 508 -82.89 47.44 -24.45
N SER G 509 -83.94 48.25 -24.36
CA SER G 509 -83.79 49.60 -23.84
C SER G 509 -83.29 49.59 -22.41
N GLU G 510 -83.90 48.77 -21.55
CA GLU G 510 -83.45 48.78 -20.15
C GLU G 510 -82.12 48.06 -20.01
N VAL G 511 -81.82 47.11 -20.89
CA VAL G 511 -80.50 46.48 -20.87
C VAL G 511 -79.41 47.51 -21.19
N ILE G 512 -79.63 48.32 -22.22
CA ILE G 512 -78.68 49.37 -22.55
C ILE G 512 -78.63 50.42 -21.45
N LEU G 513 -79.76 50.69 -20.81
CA LEU G 513 -79.76 51.63 -19.69
C LEU G 513 -78.91 51.11 -18.53
N SER G 514 -79.01 49.81 -18.25
CA SER G 514 -78.16 49.22 -17.22
C SER G 514 -76.69 49.26 -17.62
N ARG G 515 -76.41 49.05 -18.91
CA ARG G 515 -75.03 49.19 -19.39
C ARG G 515 -74.52 50.61 -19.18
N LEU G 516 -75.38 51.60 -19.46
CA LEU G 516 -75.00 53.00 -19.22
C LEU G 516 -74.76 53.26 -17.74
N VAL G 517 -75.63 52.72 -16.87
CA VAL G 517 -75.50 52.98 -15.44
C VAL G 517 -74.24 52.32 -14.87
N ASN G 518 -73.85 51.16 -15.39
CA ASN G 518 -72.61 50.55 -14.92
C ASN G 518 -71.39 51.11 -15.63
N SER G 519 -71.56 51.83 -16.73
CA SER G 519 -70.45 52.53 -17.38
C SER G 519 -70.20 53.91 -16.77
N GLY G 520 -71.14 54.43 -15.98
CA GLY G 520 -70.95 55.69 -15.30
C GLY G 520 -71.20 56.94 -16.12
N ILE G 521 -71.58 56.79 -17.38
CA ILE G 521 -71.79 57.97 -18.23
C ILE G 521 -73.10 58.66 -17.82
N PRO G 522 -73.11 59.98 -17.68
CA PRO G 522 -74.35 60.67 -17.33
C PRO G 522 -75.40 60.53 -18.42
N ARG G 523 -76.66 60.56 -18.00
CA ARG G 523 -77.79 60.40 -18.91
C ARG G 523 -78.33 61.77 -19.30
N ASN G 524 -78.34 62.06 -20.59
CA ASN G 524 -78.84 63.33 -21.08
C ASN G 524 -80.30 63.17 -21.50
N ARG G 525 -80.86 64.22 -22.12
CA ARG G 525 -82.26 64.18 -22.55
C ARG G 525 -82.49 63.06 -23.57
N ASP G 526 -81.48 62.73 -24.36
CA ASP G 526 -81.63 61.70 -25.38
C ASP G 526 -81.99 60.36 -24.76
N THR G 527 -81.30 59.97 -23.68
CA THR G 527 -81.62 58.71 -23.02
C THR G 527 -83.04 58.72 -22.49
N PHE G 528 -83.44 59.83 -21.84
CA PHE G 528 -84.77 59.90 -21.23
C PHE G 528 -85.86 59.79 -22.28
N ASN G 529 -85.77 60.58 -23.36
CA ASN G 529 -86.85 60.57 -24.34
C ASN G 529 -86.83 59.30 -25.18
N ALA G 530 -85.64 58.72 -25.43
CA ALA G 530 -85.59 57.43 -26.09
C ALA G 530 -86.29 56.37 -25.25
N THR G 531 -86.08 56.39 -23.94
CA THR G 531 -86.83 55.48 -23.06
C THR G 531 -88.33 55.80 -23.13
N ILE G 532 -88.69 57.08 -23.21
CA ILE G 532 -90.10 57.47 -23.26
C ILE G 532 -90.79 56.81 -24.45
N GLU G 533 -90.24 57.01 -25.66
CA GLU G 533 -90.90 56.39 -26.82
C GLU G 533 -90.65 54.89 -26.91
N ALA G 534 -89.61 54.36 -26.25
CA ALA G 534 -89.46 52.91 -26.19
C ALA G 534 -90.60 52.28 -25.40
N TYR G 535 -90.98 52.89 -24.29
CA TYR G 535 -92.11 52.40 -23.53
C TYR G 535 -93.44 52.74 -24.20
N LYS G 536 -93.49 53.85 -24.95
CA LYS G 536 -94.70 54.20 -25.68
C LYS G 536 -95.00 53.19 -26.78
N GLN G 537 -93.99 52.85 -27.60
CA GLN G 537 -94.19 51.88 -28.66
C GLN G 537 -94.47 50.49 -28.10
N GLY G 538 -93.88 50.17 -26.95
CA GLY G 538 -94.17 48.91 -26.30
C GLY G 538 -95.49 48.84 -25.57
N GLY G 539 -96.20 49.95 -25.49
CA GLY G 539 -97.50 49.99 -24.85
C GLY G 539 -97.48 50.20 -23.35
N LYS G 540 -96.31 50.40 -22.74
CA LYS G 540 -96.21 50.57 -21.29
C LYS G 540 -96.41 52.05 -20.97
N PHE G 541 -97.68 52.45 -20.95
CA PHE G 541 -98.03 53.84 -20.66
C PHE G 541 -97.67 54.22 -19.23
N GLU G 542 -97.94 53.32 -18.27
CA GLU G 542 -97.65 53.62 -16.87
C GLU G 542 -96.15 53.80 -16.64
N GLU G 543 -95.34 52.92 -17.22
CA GLU G 543 -93.89 53.09 -17.11
C GLU G 543 -93.42 54.34 -17.85
N ALA G 544 -94.10 54.71 -18.94
CA ALA G 544 -93.75 55.92 -19.66
C ALA G 544 -93.95 57.16 -18.79
N VAL G 545 -95.10 57.27 -18.14
CA VAL G 545 -95.34 58.43 -17.29
C VAL G 545 -94.46 58.38 -16.04
N LYS G 546 -94.15 57.18 -15.53
CA LYS G 546 -93.22 57.08 -14.42
C LYS G 546 -91.84 57.59 -14.81
N THR G 547 -91.36 57.22 -16.00
CA THR G 547 -90.07 57.72 -16.47
C THR G 547 -90.12 59.22 -16.75
N TYR G 548 -91.27 59.74 -17.19
CA TYR G 548 -91.42 61.19 -17.33
C TYR G 548 -91.27 61.90 -15.98
N VAL G 549 -91.95 61.38 -14.95
CA VAL G 549 -91.86 62.03 -13.64
C VAL G 549 -90.46 61.88 -13.07
N ASP G 550 -89.76 60.79 -13.39
CA ASP G 550 -88.37 60.65 -12.96
C ASP G 550 -87.45 61.62 -13.72
N MET G 551 -87.75 61.86 -15.00
CA MET G 551 -86.98 62.81 -15.78
C MET G 551 -87.14 64.21 -15.20
N GLU G 552 -88.35 64.57 -14.78
CA GLU G 552 -88.56 65.86 -14.13
C GLU G 552 -87.99 65.89 -12.72
N LYS G 553 -87.86 64.73 -12.07
CA LYS G 553 -87.38 64.69 -10.69
C LYS G 553 -85.92 65.13 -10.60
N SER G 554 -85.07 64.66 -11.50
CA SER G 554 -83.63 64.81 -11.31
C SER G 554 -83.12 66.18 -11.79
N ARG G 555 -83.20 66.44 -13.09
CA ARG G 555 -82.52 67.58 -13.68
C ARG G 555 -82.84 67.66 -15.17
N CYS G 556 -82.37 68.72 -15.85
CA CYS G 556 -82.43 68.92 -17.30
C CYS G 556 -83.84 69.29 -17.76
N ASP G 557 -83.91 69.99 -18.90
CA ASP G 557 -85.16 70.53 -19.42
C ASP G 557 -85.59 69.72 -20.64
N PRO G 558 -86.81 69.17 -20.64
CA PRO G 558 -87.27 68.45 -21.84
C PRO G 558 -87.38 69.37 -23.04
N ASP G 559 -87.02 68.85 -24.20
CA ASP G 559 -87.12 69.58 -25.46
C ASP G 559 -88.49 69.32 -26.08
N GLU G 560 -88.66 69.74 -27.33
CA GLU G 560 -89.91 69.46 -28.05
C GLU G 560 -90.13 67.97 -28.23
N ARG G 561 -89.06 67.19 -28.33
CA ARG G 561 -89.21 65.76 -28.58
C ARG G 561 -89.89 65.05 -27.41
N THR G 562 -89.55 65.44 -26.18
CA THR G 562 -90.14 64.78 -25.01
C THR G 562 -91.64 65.06 -24.92
N LEU G 563 -92.05 66.32 -25.07
CA LEU G 563 -93.47 66.63 -25.03
C LEU G 563 -94.21 66.04 -26.22
N GLU G 564 -93.56 65.95 -27.38
CA GLU G 564 -94.17 65.25 -28.51
C GLU G 564 -94.41 63.79 -28.20
N ALA G 565 -93.42 63.12 -27.60
CA ALA G 565 -93.57 61.71 -27.25
C ALA G 565 -94.69 61.52 -26.23
N VAL G 566 -94.76 62.41 -25.23
CA VAL G 566 -95.83 62.26 -24.24
C VAL G 566 -97.19 62.57 -24.85
N LEU G 567 -97.26 63.50 -25.80
CA LEU G 567 -98.53 63.74 -26.49
C LEU G 567 -98.94 62.52 -27.29
N SER G 568 -97.99 61.87 -27.96
CA SER G 568 -98.30 60.65 -28.70
C SER G 568 -98.78 59.54 -27.77
N VAL G 569 -98.12 59.37 -26.62
CA VAL G 569 -98.51 58.31 -25.70
C VAL G 569 -99.86 58.61 -25.06
N TYR G 570 -100.17 59.89 -24.85
CA TYR G 570 -101.48 60.26 -24.32
C TYR G 570 -102.58 60.01 -25.36
N SER G 571 -102.30 60.35 -26.62
CA SER G 571 -103.28 60.10 -27.68
C SER G 571 -103.52 58.61 -27.87
N CYS G 572 -102.46 57.81 -27.78
CA CYS G 572 -102.62 56.37 -27.95
C CYS G 572 -103.47 55.76 -26.85
N ALA G 573 -103.25 56.18 -25.59
CA ALA G 573 -103.95 55.59 -24.46
C ALA G 573 -105.21 56.36 -24.08
N ARG G 574 -106.03 56.68 -25.09
CA ARG G 574 -107.36 57.25 -24.92
C ARG G 574 -107.42 58.29 -23.80
N LEU G 575 -106.58 59.31 -23.93
CA LEU G 575 -106.51 60.40 -22.95
C LEU G 575 -106.65 61.72 -23.70
N VAL G 576 -107.90 62.13 -23.93
CA VAL G 576 -108.16 63.37 -24.66
C VAL G 576 -107.84 64.59 -23.79
N ASP G 577 -108.22 64.54 -22.51
CA ASP G 577 -108.14 65.74 -21.67
C ASP G 577 -106.68 66.15 -21.44
N GLU G 578 -105.83 65.21 -21.03
CA GLU G 578 -104.41 65.52 -20.88
C GLU G 578 -103.80 65.92 -22.21
N CYS G 579 -104.28 65.32 -23.31
CA CYS G 579 -103.78 65.69 -24.63
C CYS G 579 -104.02 67.16 -24.91
N ARG G 580 -105.26 67.64 -24.75
CA ARG G 580 -105.53 69.03 -25.07
C ARG G 580 -104.92 69.97 -24.04
N GLU G 581 -104.76 69.51 -22.78
CA GLU G 581 -104.05 70.32 -21.80
C GLU G 581 -102.60 70.55 -22.22
N GLN G 582 -101.90 69.48 -22.62
CA GLN G 582 -100.54 69.62 -23.12
C GLN G 582 -100.50 70.43 -24.41
N PHE G 583 -101.55 70.32 -25.23
CA PHE G 583 -101.61 71.08 -26.47
C PHE G 583 -101.66 72.58 -26.19
N GLU G 584 -102.57 73.00 -25.32
CA GLU G 584 -102.69 74.42 -25.01
C GLU G 584 -101.50 74.92 -24.19
N GLU G 585 -100.84 74.03 -23.44
CA GLU G 585 -99.66 74.45 -22.70
C GLU G 585 -98.46 74.66 -23.63
N MET G 586 -98.28 73.76 -24.60
CA MET G 586 -97.10 73.82 -25.45
C MET G 586 -97.20 74.91 -26.50
N LYS G 587 -98.39 75.19 -27.04
CA LYS G 587 -98.53 76.21 -28.06
C LYS G 587 -98.41 77.62 -27.50
N ALA G 588 -98.39 77.78 -26.17
CA ALA G 588 -98.24 79.09 -25.54
C ALA G 588 -96.81 79.61 -25.60
N SER G 589 -95.85 78.79 -26.01
CA SER G 589 -94.45 79.18 -26.05
C SER G 589 -94.03 79.78 -27.39
N ASP G 590 -94.96 79.91 -28.35
CA ASP G 590 -94.68 80.43 -29.68
C ASP G 590 -93.56 79.63 -30.35
N ILE G 591 -93.85 78.35 -30.59
CA ILE G 591 -92.87 77.38 -31.05
C ILE G 591 -93.19 76.86 -32.44
N LEU G 592 -94.20 77.44 -33.12
CA LEU G 592 -94.64 76.97 -34.43
C LEU G 592 -94.94 75.48 -34.40
N PRO G 593 -96.07 75.07 -33.82
CA PRO G 593 -96.33 73.64 -33.61
C PRO G 593 -96.21 72.84 -34.91
N SER G 594 -95.57 71.67 -34.81
CA SER G 594 -95.18 70.90 -35.97
C SER G 594 -96.33 70.05 -36.48
N ILE G 595 -96.04 69.26 -37.52
CA ILE G 595 -97.03 68.38 -38.13
C ILE G 595 -97.50 67.33 -37.12
N MET G 596 -96.60 66.90 -36.23
CA MET G 596 -96.93 65.90 -35.23
C MET G 596 -98.19 66.27 -34.46
N CYS G 597 -98.12 67.37 -33.69
CA CYS G 597 -99.19 67.73 -32.77
C CYS G 597 -100.54 67.74 -33.47
N TYR G 598 -100.62 68.42 -34.61
CA TYR G 598 -101.85 68.43 -35.38
C TYR G 598 -102.28 67.02 -35.76
N CYS G 599 -101.33 66.19 -36.20
CA CYS G 599 -101.69 64.87 -36.70
C CYS G 599 -102.30 64.01 -35.60
N MET G 600 -101.61 63.87 -34.46
CA MET G 600 -102.28 62.99 -33.49
C MET G 600 -103.39 63.70 -32.74
N MET G 601 -103.52 65.03 -32.86
CA MET G 601 -104.72 65.67 -32.34
C MET G 601 -105.94 65.32 -33.17
N LEU G 602 -105.81 65.34 -34.49
CA LEU G 602 -106.89 64.84 -35.34
C LEU G 602 -107.17 63.37 -35.04
N SER G 603 -106.11 62.58 -34.81
CA SER G 603 -106.31 61.17 -34.48
C SER G 603 -107.12 61.00 -33.20
N VAL G 604 -106.71 61.67 -32.12
CA VAL G 604 -107.39 61.50 -30.84
C VAL G 604 -108.81 62.08 -30.89
N TYR G 605 -109.02 63.16 -31.65
CA TYR G 605 -110.37 63.68 -31.78
C TYR G 605 -111.25 62.77 -32.61
N GLY G 606 -110.68 62.06 -33.59
CA GLY G 606 -111.43 61.06 -34.32
C GLY G 606 -111.66 59.78 -33.54
N LYS G 607 -110.91 59.57 -32.46
CA LYS G 607 -111.15 58.40 -31.61
C LYS G 607 -112.56 58.44 -31.01
N THR G 608 -112.98 59.60 -30.51
CA THR G 608 -114.25 59.75 -29.81
C THR G 608 -115.30 60.49 -30.64
N GLU G 609 -115.09 60.59 -31.96
CA GLU G 609 -115.99 61.30 -32.87
C GLU G 609 -116.19 62.75 -32.41
N SER G 610 -115.07 63.45 -32.29
CA SER G 610 -115.09 64.88 -31.98
C SER G 610 -114.98 65.70 -33.26
N TRP G 611 -116.02 65.58 -34.11
CA TRP G 611 -116.02 66.26 -35.39
C TRP G 611 -115.96 67.77 -35.23
N ASP G 612 -116.59 68.31 -34.19
CA ASP G 612 -116.51 69.74 -33.93
C ASP G 612 -115.08 70.16 -33.62
N ASP G 613 -114.38 69.40 -32.78
CA ASP G 613 -112.98 69.71 -32.49
C ASP G 613 -112.11 69.55 -33.72
N VAL G 614 -112.38 68.52 -34.53
CA VAL G 614 -111.61 68.32 -35.75
C VAL G 614 -111.77 69.52 -36.68
N ASN G 615 -113.01 70.00 -36.84
CA ASN G 615 -113.27 71.14 -37.71
C ASN G 615 -112.66 72.42 -37.15
N GLU G 616 -112.73 72.62 -35.83
CA GLU G 616 -112.17 73.84 -35.24
C GLU G 616 -110.64 73.83 -35.33
N LEU G 617 -110.01 72.66 -35.28
CA LEU G 617 -108.58 72.59 -35.53
C LEU G 617 -108.26 72.84 -37.00
N LEU G 618 -109.04 72.24 -37.90
CA LEU G 618 -108.79 72.38 -39.33
C LEU G 618 -108.98 73.81 -39.81
N GLU G 619 -109.87 74.57 -39.17
CA GLU G 619 -110.09 75.95 -39.59
C GLU G 619 -108.82 76.77 -39.46
N GLU G 620 -108.11 76.63 -38.34
CA GLU G 620 -106.81 77.28 -38.20
C GLU G 620 -105.74 76.59 -39.02
N MET G 621 -105.86 75.26 -39.18
CA MET G 621 -104.82 74.48 -39.85
C MET G 621 -104.72 74.84 -41.33
N LEU G 622 -105.86 75.06 -41.98
CA LEU G 622 -105.87 75.21 -43.43
C LEU G 622 -105.06 76.41 -43.91
N SER G 623 -105.16 77.54 -43.21
CA SER G 623 -104.52 78.75 -43.70
C SER G 623 -103.00 78.66 -43.58
N ASN G 624 -102.50 78.58 -42.35
CA ASN G 624 -101.07 78.40 -42.06
C ASN G 624 -100.21 79.34 -42.89
N ARG G 625 -100.36 80.64 -42.60
CA ARG G 625 -99.61 81.66 -43.32
C ARG G 625 -98.10 81.51 -43.14
N VAL G 626 -97.65 80.88 -42.06
CA VAL G 626 -96.23 80.82 -41.77
C VAL G 626 -95.54 79.78 -42.65
N SER G 627 -95.93 78.52 -42.51
CA SER G 627 -95.28 77.41 -43.21
C SER G 627 -96.13 76.93 -44.37
N ASN G 628 -95.51 76.12 -45.22
CA ASN G 628 -96.16 75.56 -46.40
C ASN G 628 -96.55 74.10 -46.21
N ILE G 629 -95.76 73.34 -45.44
CA ILE G 629 -96.02 71.92 -45.26
C ILE G 629 -97.36 71.69 -44.57
N HIS G 630 -97.65 72.49 -43.53
CA HIS G 630 -98.92 72.35 -42.83
C HIS G 630 -100.09 72.68 -43.74
N GLN G 631 -99.96 73.74 -44.55
CA GLN G 631 -101.02 74.11 -45.46
C GLN G 631 -101.29 72.98 -46.46
N VAL G 632 -100.22 72.41 -47.04
CA VAL G 632 -100.40 71.35 -48.03
C VAL G 632 -101.08 70.14 -47.41
N ILE G 633 -100.59 69.71 -46.23
CA ILE G 633 -101.15 68.50 -45.64
C ILE G 633 -102.59 68.73 -45.17
N GLY G 634 -102.88 69.92 -44.65
CA GLY G 634 -104.24 70.22 -44.24
C GLY G 634 -105.20 70.29 -45.41
N GLN G 635 -104.73 70.80 -46.56
CA GLN G 635 -105.57 70.79 -47.75
C GLN G 635 -105.79 69.36 -48.25
N MET G 636 -104.75 68.53 -48.22
CA MET G 636 -104.89 67.21 -48.84
C MET G 636 -105.66 66.23 -47.94
N ILE G 637 -105.63 66.39 -46.62
CA ILE G 637 -106.36 65.47 -45.77
C ILE G 637 -107.86 65.59 -46.01
N LYS G 638 -108.35 66.80 -46.28
CA LYS G 638 -109.77 67.00 -46.53
C LYS G 638 -110.21 66.53 -47.92
N GLY G 639 -109.27 66.18 -48.79
CA GLY G 639 -109.59 65.71 -50.12
C GLY G 639 -109.49 66.73 -51.23
N ASN G 640 -109.03 67.95 -50.92
CA ASN G 640 -108.91 69.00 -51.93
C ASN G 640 -107.72 68.79 -52.86
N TYR G 641 -106.78 67.91 -52.52
CA TYR G 641 -105.58 67.70 -53.31
C TYR G 641 -105.51 66.30 -53.92
N ASP G 642 -106.65 65.62 -54.03
CA ASP G 642 -106.66 64.24 -54.52
C ASP G 642 -106.55 64.14 -56.03
N ASP G 643 -106.71 65.24 -56.76
CA ASP G 643 -106.62 65.18 -58.22
C ASP G 643 -105.18 64.91 -58.66
N ASP G 644 -105.03 64.53 -59.93
CA ASP G 644 -103.71 64.21 -60.46
C ASP G 644 -102.79 65.42 -60.41
N SER G 645 -103.29 66.59 -60.80
CA SER G 645 -102.49 67.81 -60.72
C SER G 645 -102.38 68.31 -59.28
N ASN G 646 -103.40 68.08 -58.47
CA ASN G 646 -103.40 68.56 -57.10
C ASN G 646 -102.67 67.65 -56.12
N TRP G 647 -102.31 66.43 -56.53
CA TRP G 647 -101.45 65.59 -55.71
C TRP G 647 -99.97 65.90 -55.93
N GLN G 648 -99.64 66.66 -56.97
CA GLN G 648 -98.24 66.98 -57.25
C GLN G 648 -97.65 67.89 -56.19
N ILE G 649 -98.44 68.82 -55.66
CA ILE G 649 -97.95 69.68 -54.58
C ILE G 649 -97.63 68.84 -53.35
N VAL G 650 -98.49 67.87 -53.04
CA VAL G 650 -98.22 66.95 -51.94
C VAL G 650 -96.96 66.14 -52.22
N GLU G 651 -96.74 65.75 -53.48
CA GLU G 651 -95.55 64.97 -53.79
C GLU G 651 -94.28 65.79 -53.64
N TYR G 652 -94.29 67.07 -54.06
CA TYR G 652 -93.09 67.89 -53.85
C TYR G 652 -92.86 68.16 -52.37
N VAL G 653 -93.93 68.40 -51.59
CA VAL G 653 -93.70 68.67 -50.18
C VAL G 653 -93.19 67.41 -49.48
N LEU G 654 -93.67 66.24 -49.88
CA LEU G 654 -93.14 64.99 -49.33
C LEU G 654 -91.68 64.80 -49.70
N ASP G 655 -91.31 65.10 -50.95
CA ASP G 655 -89.92 65.00 -51.36
C ASP G 655 -89.03 65.96 -50.58
N LYS G 656 -89.52 67.19 -50.36
CA LYS G 656 -88.76 68.15 -49.56
C LYS G 656 -88.60 67.68 -48.13
N LEU G 657 -89.65 67.09 -47.55
CA LEU G 657 -89.55 66.56 -46.20
C LEU G 657 -88.59 65.37 -46.11
N ASN G 658 -88.34 64.69 -47.21
CA ASN G 658 -87.45 63.53 -47.20
C ASN G 658 -86.00 63.97 -47.32
N SER G 659 -85.57 64.88 -46.44
CA SER G 659 -84.19 65.33 -46.39
C SER G 659 -83.60 65.38 -45.00
N GLU G 660 -84.44 65.42 -43.95
CA GLU G 660 -83.94 65.40 -42.58
C GLU G 660 -83.58 64.02 -42.10
N GLY G 661 -84.00 62.97 -42.80
CA GLY G 661 -83.62 61.62 -42.43
C GLY G 661 -84.78 60.67 -42.24
N CYS G 662 -84.51 59.36 -42.39
CA CYS G 662 -85.56 58.36 -42.19
C CYS G 662 -86.04 58.34 -40.74
N GLY G 663 -85.20 58.76 -39.80
CA GLY G 663 -85.63 58.83 -38.41
C GLY G 663 -86.81 59.77 -38.21
N LEU G 664 -86.79 60.90 -38.91
CA LEU G 664 -87.93 61.80 -38.89
C LEU G 664 -89.03 61.36 -39.85
N GLY G 665 -88.65 60.73 -40.96
CA GLY G 665 -89.65 60.30 -41.93
C GLY G 665 -90.59 59.25 -41.38
N ILE G 666 -90.05 58.29 -40.61
CA ILE G 666 -90.89 57.24 -40.05
C ILE G 666 -91.92 57.83 -39.09
N ARG G 667 -91.49 58.78 -38.25
CA ARG G 667 -92.43 59.42 -37.33
C ARG G 667 -93.47 60.24 -38.08
N PHE G 668 -93.05 60.96 -39.12
CA PHE G 668 -94.00 61.77 -39.88
C PHE G 668 -95.05 60.89 -40.54
N TYR G 669 -94.61 59.78 -41.15
CA TYR G 669 -95.54 58.87 -41.79
C TYR G 669 -96.44 58.18 -40.77
N ASN G 670 -95.90 57.85 -39.60
CA ASN G 670 -96.73 57.25 -38.56
C ASN G 670 -97.84 58.19 -38.13
N ALA G 671 -97.50 59.45 -37.86
CA ALA G 671 -98.50 60.42 -37.43
C ALA G 671 -99.53 60.66 -38.52
N LEU G 672 -99.07 60.83 -39.77
CA LEU G 672 -99.99 61.08 -40.87
C LEU G 672 -100.94 59.89 -41.09
N LEU G 673 -100.41 58.67 -41.03
CA LEU G 673 -101.23 57.49 -41.24
C LEU G 673 -102.25 57.33 -40.12
N ASP G 674 -101.83 57.57 -38.87
CA ASP G 674 -102.78 57.49 -37.76
C ASP G 674 -103.90 58.51 -37.92
N ALA G 675 -103.54 59.74 -38.28
CA ALA G 675 -104.56 60.77 -38.46
C ALA G 675 -105.50 60.41 -39.60
N LEU G 676 -104.96 59.94 -40.73
CA LEU G 676 -105.80 59.62 -41.88
C LEU G 676 -106.72 58.45 -41.60
N TRP G 677 -106.21 57.40 -40.94
CA TRP G 677 -107.06 56.25 -40.63
C TRP G 677 -108.13 56.61 -39.63
N TRP G 678 -107.79 57.44 -38.63
CA TRP G 678 -108.73 57.74 -37.56
C TRP G 678 -109.61 58.95 -37.88
N LEU G 679 -109.50 59.51 -39.09
CA LEU G 679 -110.40 60.55 -39.56
C LEU G 679 -111.29 60.08 -40.69
N GLY G 680 -111.37 58.78 -40.93
CA GLY G 680 -112.21 58.24 -41.98
C GLY G 680 -111.60 58.24 -43.37
N GLN G 681 -110.37 58.71 -43.52
CA GLN G 681 -109.71 58.72 -44.83
C GLN G 681 -108.84 57.48 -44.98
N LYS G 682 -109.53 56.35 -45.19
CA LYS G 682 -108.83 55.08 -45.34
C LYS G 682 -108.13 54.97 -46.69
N GLU G 683 -108.80 55.42 -47.76
CA GLU G 683 -108.17 55.39 -49.08
C GLU G 683 -106.98 56.34 -49.14
N ARG G 684 -107.10 57.52 -48.54
CA ARG G 684 -105.98 58.44 -48.49
C ARG G 684 -104.83 57.88 -47.68
N ALA G 685 -105.14 57.20 -46.56
CA ALA G 685 -104.09 56.57 -45.78
C ALA G 685 -103.40 55.48 -46.58
N ALA G 686 -104.17 54.69 -47.34
CA ALA G 686 -103.58 53.65 -48.17
C ALA G 686 -102.65 54.24 -49.22
N ARG G 687 -103.08 55.34 -49.88
CA ARG G 687 -102.24 55.94 -50.90
C ARG G 687 -101.00 56.61 -50.28
N VAL G 688 -101.12 57.16 -49.07
CA VAL G 688 -99.96 57.73 -48.40
C VAL G 688 -98.96 56.65 -48.05
N LEU G 689 -99.45 55.51 -47.53
CA LEU G 689 -98.56 54.38 -47.25
C LEU G 689 -97.91 53.87 -48.52
N ASN G 690 -98.67 53.83 -49.63
CA ASN G 690 -98.13 53.36 -50.89
C ASN G 690 -97.01 54.27 -51.39
N GLU G 691 -97.20 55.59 -51.29
CA GLU G 691 -96.15 56.51 -51.73
C GLU G 691 -94.97 56.53 -50.77
N ALA G 692 -95.19 56.19 -49.49
CA ALA G 692 -94.09 56.11 -48.55
C ALA G 692 -93.23 54.88 -48.79
N THR G 693 -93.84 53.78 -49.24
CA THR G 693 -93.09 52.55 -49.46
C THR G 693 -92.04 52.73 -50.54
N LYS G 694 -92.39 53.39 -51.65
CA LYS G 694 -91.41 53.61 -52.71
C LYS G 694 -90.37 54.65 -52.33
N ARG G 695 -90.63 55.46 -51.30
CA ARG G 695 -89.67 56.46 -50.87
C ARG G 695 -88.46 55.82 -50.18
N GLY G 696 -88.72 54.86 -49.30
CA GLY G 696 -87.65 54.22 -48.55
C GLY G 696 -87.99 54.03 -47.09
N ILE G 697 -89.07 54.67 -46.66
CA ILE G 697 -89.54 54.53 -45.28
C ILE G 697 -90.28 53.20 -45.14
N PHE G 698 -90.14 52.58 -43.96
CA PHE G 698 -90.69 51.27 -43.66
C PHE G 698 -90.17 50.23 -44.65
N PRO G 699 -88.86 49.95 -44.67
CA PRO G 699 -88.35 48.97 -45.63
C PRO G 699 -88.68 47.53 -45.27
N GLU G 700 -89.07 47.26 -44.03
CA GLU G 700 -89.40 45.92 -43.58
C GLU G 700 -90.90 45.63 -43.69
N LEU G 701 -91.67 46.53 -44.30
CA LEU G 701 -93.12 46.42 -44.26
C LEU G 701 -93.61 45.14 -44.92
N PHE G 702 -93.08 44.80 -46.09
CA PHE G 702 -93.60 43.67 -46.86
C PHE G 702 -92.48 42.75 -47.31
N ARG G 703 -92.74 41.44 -47.22
CA ARG G 703 -91.86 40.42 -47.75
C ARG G 703 -92.70 39.45 -48.58
N LYS G 704 -92.29 39.22 -49.83
CA LYS G 704 -93.02 38.36 -50.74
C LYS G 704 -92.06 37.32 -51.32
N ASN G 705 -92.35 36.05 -51.07
CA ASN G 705 -91.58 34.94 -51.62
C ASN G 705 -92.42 33.68 -51.54
N LYS G 706 -91.88 32.60 -52.09
CA LYS G 706 -92.60 31.32 -52.09
C LYS G 706 -92.80 30.77 -50.69
N LEU G 707 -92.05 31.25 -49.71
CA LEU G 707 -92.10 30.72 -48.35
C LEU G 707 -92.99 31.55 -47.42
N VAL G 708 -92.69 32.85 -47.29
CA VAL G 708 -93.34 33.70 -46.30
C VAL G 708 -93.86 34.96 -46.97
N TRP G 709 -95.13 35.28 -46.73
CA TRP G 709 -95.72 36.57 -47.08
C TRP G 709 -95.99 37.29 -45.77
N SER G 710 -95.17 38.28 -45.44
CA SER G 710 -95.16 38.87 -44.12
C SER G 710 -95.46 40.37 -44.18
N VAL G 711 -96.03 40.87 -43.09
CA VAL G 711 -96.22 42.30 -42.85
C VAL G 711 -95.68 42.61 -41.48
N ASP G 712 -94.82 43.62 -41.39
CA ASP G 712 -94.18 44.01 -40.14
C ASP G 712 -94.82 45.30 -39.64
N VAL G 713 -95.25 45.29 -38.37
CA VAL G 713 -95.96 46.42 -37.79
C VAL G 713 -95.40 46.83 -36.44
N HIS G 714 -94.31 46.22 -35.97
CA HIS G 714 -93.81 46.50 -34.63
C HIS G 714 -93.28 47.93 -34.50
N ARG G 715 -92.88 48.56 -35.61
CA ARG G 715 -92.41 49.94 -35.58
C ARG G 715 -93.52 50.94 -35.89
N MET G 716 -94.73 50.49 -36.15
CA MET G 716 -95.84 51.35 -36.52
C MET G 716 -96.72 51.64 -35.32
N SER G 717 -97.61 52.63 -35.49
CA SER G 717 -98.62 52.95 -34.50
C SER G 717 -99.88 52.13 -34.78
N GLU G 718 -100.92 52.36 -33.98
CA GLU G 718 -102.18 51.64 -34.20
C GLU G 718 -102.80 52.02 -35.53
N GLY G 719 -102.78 53.30 -35.88
CA GLY G 719 -103.31 53.71 -37.17
C GLY G 719 -102.49 53.19 -38.33
N GLY G 720 -101.17 53.25 -38.22
CA GLY G 720 -100.32 52.74 -39.29
C GLY G 720 -100.46 51.25 -39.49
N MET G 721 -100.67 50.51 -38.40
CA MET G 721 -100.89 49.06 -38.51
C MET G 721 -102.16 48.76 -39.30
N TYR G 722 -103.24 49.47 -39.00
CA TYR G 722 -104.53 49.15 -39.61
C TYR G 722 -104.52 49.43 -41.10
N THR G 723 -103.87 50.52 -41.52
CA THR G 723 -103.74 50.82 -42.95
C THR G 723 -102.89 49.77 -43.64
N ALA G 724 -101.77 49.38 -43.02
CA ALA G 724 -100.90 48.37 -43.61
C ALA G 724 -101.60 47.02 -43.68
N LEU G 725 -102.32 46.64 -42.62
CA LEU G 725 -103.05 45.38 -42.63
C LEU G 725 -104.15 45.41 -43.69
N SER G 726 -104.82 46.54 -43.86
CA SER G 726 -105.89 46.64 -44.83
C SER G 726 -105.37 46.40 -46.25
N VAL G 727 -104.24 47.02 -46.59
CA VAL G 727 -103.68 46.83 -47.92
C VAL G 727 -102.96 45.49 -48.06
N TRP G 728 -102.52 44.90 -46.95
CA TRP G 728 -101.91 43.57 -47.01
C TRP G 728 -102.96 42.50 -47.25
N LEU G 729 -104.12 42.61 -46.60
CA LEU G 729 -105.19 41.65 -46.82
C LEU G 729 -105.70 41.72 -48.25
N ASN G 730 -105.82 42.94 -48.80
CA ASN G 730 -106.31 43.09 -50.16
C ASN G 730 -105.36 42.42 -51.16
N ASP G 731 -104.05 42.57 -50.95
CA ASP G 731 -103.09 41.95 -51.86
C ASP G 731 -103.10 40.43 -51.74
N LEU G 732 -103.41 39.90 -50.55
CA LEU G 732 -103.47 38.46 -50.38
C LEU G 732 -104.59 37.85 -51.21
N SER G 733 -105.76 38.51 -51.25
CA SER G 733 -106.89 37.98 -51.99
C SER G 733 -106.67 38.02 -53.50
N ASP G 734 -105.74 38.85 -53.98
CA ASP G 734 -105.49 38.94 -55.42
C ASP G 734 -104.98 37.61 -55.96
N ILE G 735 -104.08 36.95 -55.23
CA ILE G 735 -103.54 35.68 -55.67
C ILE G 735 -104.45 34.54 -55.23
N LEU G 742 -98.70 30.23 -54.35
CA LEU G 742 -99.16 30.52 -53.00
C LEU G 742 -98.05 30.24 -51.99
N PRO G 743 -97.76 31.22 -51.14
CA PRO G 743 -96.71 31.04 -50.14
C PRO G 743 -97.09 30.00 -49.10
N GLN G 744 -96.07 29.33 -48.56
CA GLN G 744 -96.30 28.33 -47.53
C GLN G 744 -96.90 28.92 -46.26
N LEU G 745 -96.78 30.23 -46.08
CA LEU G 745 -97.21 30.86 -44.83
C LEU G 745 -97.37 32.35 -45.04
N ALA G 746 -98.47 32.90 -44.54
CA ALA G 746 -98.67 34.34 -44.43
C ALA G 746 -98.67 34.70 -42.94
N VAL G 747 -97.75 35.57 -42.54
CA VAL G 747 -97.50 35.83 -41.12
C VAL G 747 -97.55 37.34 -40.88
N VAL G 748 -97.81 37.70 -39.63
CA VAL G 748 -97.83 39.10 -39.18
C VAL G 748 -96.84 39.24 -38.06
N VAL G 749 -95.85 40.12 -38.23
CA VAL G 749 -94.81 40.33 -37.21
C VAL G 749 -95.33 41.46 -36.32
N SER G 750 -96.16 41.08 -35.35
CA SER G 750 -96.70 42.07 -34.41
C SER G 750 -95.63 42.55 -33.45
N VAL G 751 -94.88 41.62 -32.85
CA VAL G 751 -93.85 41.95 -31.88
C VAL G 751 -92.55 41.27 -32.30
N ARG G 752 -91.47 42.05 -32.36
CA ARG G 752 -90.15 41.54 -32.73
C ARG G 752 -89.16 41.94 -31.66
N GLY G 753 -88.44 40.96 -31.11
CA GLY G 753 -87.43 41.21 -30.12
C GLY G 753 -87.39 40.09 -29.10
N GLN G 754 -86.86 40.42 -27.92
CA GLN G 754 -86.79 39.45 -26.83
C GLN G 754 -88.16 39.06 -26.31
N LEU G 755 -89.17 39.92 -26.47
CA LEU G 755 -90.51 39.63 -25.98
C LEU G 755 -91.16 38.45 -26.69
N GLU G 756 -90.61 38.02 -27.84
CA GLU G 756 -91.22 36.90 -28.56
C GLU G 756 -91.23 35.62 -27.74
N LYS G 757 -90.12 35.33 -27.07
CA LYS G 757 -90.02 34.11 -26.25
C LYS G 757 -90.57 34.33 -24.86
N SER G 758 -91.79 34.85 -24.79
CA SER G 758 -92.46 35.12 -23.51
C SER G 758 -93.93 35.34 -23.77
N SER G 759 -94.73 35.23 -22.71
CA SER G 759 -96.15 35.53 -22.78
C SER G 759 -96.45 37.02 -22.68
N ALA G 760 -95.44 37.85 -22.42
CA ALA G 760 -95.66 39.28 -22.32
C ALA G 760 -96.11 39.87 -23.65
N ALA G 761 -95.49 39.42 -24.75
CA ALA G 761 -95.88 39.92 -26.06
C ALA G 761 -97.30 39.49 -26.44
N ARG G 762 -97.84 38.47 -25.78
CA ARG G 762 -99.20 38.03 -26.10
C ARG G 762 -100.22 39.10 -25.76
N GLU G 763 -100.02 39.81 -24.65
CA GLU G 763 -100.93 40.86 -24.19
C GLU G 763 -100.65 42.21 -24.81
N SER G 764 -99.56 42.35 -25.56
CA SER G 764 -99.13 43.66 -26.02
C SER G 764 -100.20 44.31 -26.90
N PRO G 765 -100.36 45.63 -26.81
CA PRO G 765 -101.40 46.30 -27.61
C PRO G 765 -101.28 46.04 -29.10
N ILE G 766 -100.04 45.97 -29.61
CA ILE G 766 -99.83 45.67 -31.03
C ILE G 766 -100.42 44.31 -31.37
N THR G 767 -100.09 43.29 -30.59
CA THR G 767 -100.52 41.93 -30.88
C THR G 767 -102.04 41.80 -30.78
N ARG G 768 -102.62 42.31 -29.70
CA ARG G 768 -104.07 42.18 -29.52
C ARG G 768 -104.82 42.98 -30.57
N ALA G 769 -104.32 44.17 -30.92
CA ALA G 769 -104.97 44.98 -31.95
C ALA G 769 -104.94 44.27 -33.29
N ALA G 770 -103.78 43.72 -33.67
CA ALA G 770 -103.70 43.00 -34.93
C ALA G 770 -104.61 41.77 -34.94
N PHE G 771 -104.62 41.03 -33.82
CA PHE G 771 -105.47 39.84 -33.73
C PHE G 771 -106.94 40.20 -33.86
N SER G 772 -107.38 41.25 -33.16
CA SER G 772 -108.78 41.65 -33.24
C SER G 772 -109.15 42.12 -34.63
N PHE G 773 -108.27 42.90 -35.27
CA PHE G 773 -108.52 43.35 -36.63
C PHE G 773 -108.68 42.17 -37.59
N LEU G 774 -107.75 41.23 -37.53
CA LEU G 774 -107.83 40.06 -38.41
C LEU G 774 -109.05 39.20 -38.07
N GLN G 775 -109.38 39.07 -36.79
CA GLN G 775 -110.52 38.26 -36.38
C GLN G 775 -111.83 38.85 -36.91
N ASP G 776 -112.00 40.17 -36.81
CA ASP G 776 -113.24 40.76 -37.26
C ASP G 776 -113.28 41.02 -38.76
N HIS G 777 -112.14 40.91 -39.46
CA HIS G 777 -112.15 41.10 -40.91
C HIS G 777 -112.19 39.80 -41.69
N VAL G 778 -111.32 38.85 -41.38
CA VAL G 778 -111.24 37.60 -42.15
C VAL G 778 -111.65 36.41 -41.29
N SER G 779 -112.52 36.65 -40.33
CA SER G 779 -113.13 35.59 -39.49
C SER G 779 -112.01 34.87 -38.73
N SER G 780 -112.25 33.60 -38.39
CA SER G 780 -111.28 32.81 -37.63
C SER G 780 -110.39 32.01 -38.58
N SER G 781 -109.47 32.73 -39.21
CA SER G 781 -108.50 32.13 -40.12
C SER G 781 -107.06 32.39 -39.73
N PHE G 782 -106.76 33.54 -39.16
CA PHE G 782 -105.39 33.90 -38.76
C PHE G 782 -105.23 33.57 -37.28
N SER G 783 -104.60 32.44 -37.00
CA SER G 783 -104.40 31.97 -35.64
C SER G 783 -103.03 32.39 -35.13
N PHE G 784 -102.80 32.12 -33.85
CA PHE G 784 -101.53 32.46 -33.21
C PHE G 784 -100.48 31.38 -33.49
N THR G 785 -99.24 31.67 -33.11
CA THR G 785 -98.13 30.74 -33.26
C THR G 785 -97.92 29.99 -31.96
N GLY G 786 -97.78 28.67 -32.06
CA GLY G 786 -97.50 27.86 -30.90
C GLY G 786 -96.07 27.91 -30.42
N TRP G 787 -95.19 28.59 -31.16
CA TRP G 787 -93.79 28.71 -30.81
C TRP G 787 -93.33 30.14 -30.58
N ASN G 788 -94.02 31.13 -31.12
CA ASN G 788 -93.65 32.53 -30.96
C ASN G 788 -94.80 33.29 -30.30
N GLY G 789 -94.46 34.12 -29.32
CA GLY G 789 -95.45 34.88 -28.59
C GLY G 789 -95.84 36.21 -29.18
N GLY G 790 -95.33 36.55 -30.36
CA GLY G 790 -95.63 37.83 -30.96
C GLY G 790 -95.88 37.79 -32.46
N ARG G 791 -96.42 36.67 -32.96
CA ARG G 791 -96.70 36.51 -34.37
C ARG G 791 -98.10 35.98 -34.57
N ILE G 792 -98.73 36.41 -35.67
CA ILE G 792 -100.04 35.92 -36.09
C ILE G 792 -99.82 35.06 -37.32
N MET G 793 -100.41 33.87 -37.32
CA MET G 793 -100.05 32.81 -38.26
C MET G 793 -101.25 32.42 -39.11
N CYS G 794 -100.96 31.94 -40.32
CA CYS G 794 -102.01 31.46 -41.22
C CYS G 794 -101.37 30.50 -42.21
N GLN G 795 -101.67 29.21 -42.07
CA GLN G 795 -101.09 28.19 -42.93
C GLN G 795 -101.62 28.31 -44.35
N ARG G 796 -100.93 27.63 -45.27
CA ARG G 796 -101.35 27.65 -46.67
C ARG G 796 -102.72 27.03 -46.86
N SER G 797 -103.05 26.01 -46.07
CA SER G 797 -104.37 25.41 -46.16
C SER G 797 -105.47 26.42 -45.82
N GLN G 798 -105.27 27.22 -44.77
CA GLN G 798 -106.21 28.27 -44.45
C GLN G 798 -106.18 29.41 -45.47
N LEU G 799 -105.07 29.57 -46.18
CA LEU G 799 -105.03 30.55 -47.27
C LEU G 799 -105.88 30.08 -48.46
N LYS G 800 -105.92 28.78 -48.71
CA LYS G 800 -106.68 28.26 -49.84
C LYS G 800 -108.17 28.55 -49.68
N GLN G 801 -108.71 28.37 -48.48
CA GLN G 801 -110.13 28.60 -48.23
C GLN G 801 -110.48 30.07 -48.11
N LEU G 802 -109.49 30.96 -47.98
CA LEU G 802 -109.75 32.39 -47.80
C LEU G 802 -110.41 32.99 -49.04
N ASN G 817 -110.62 42.13 -52.86
CA ASN G 817 -111.09 43.19 -51.96
C ASN G 817 -111.70 42.60 -50.69
N ILE G 818 -110.95 42.70 -49.59
CA ILE G 818 -111.40 42.22 -48.29
C ILE G 818 -111.77 43.37 -47.37
N VAL G 819 -110.95 44.41 -47.32
CA VAL G 819 -111.18 45.57 -46.47
C VAL G 819 -111.68 46.71 -47.33
N ALA G 820 -112.80 47.31 -46.93
CA ALA G 820 -113.40 48.41 -47.69
C ALA G 820 -112.69 49.70 -47.33
N LEU G 821 -111.97 50.27 -48.29
CA LEU G 821 -111.27 51.54 -48.12
C LEU G 821 -112.12 52.64 -48.75
N THR G 822 -112.66 53.52 -47.90
CA THR G 822 -113.53 54.59 -48.35
C THR G 822 -113.14 55.89 -47.66
N ASN G 823 -113.49 57.00 -48.30
CA ASN G 823 -113.24 58.33 -47.74
C ASN G 823 -114.53 58.87 -47.14
N SER G 824 -114.44 59.37 -45.92
CA SER G 824 -115.61 59.90 -45.22
C SER G 824 -116.11 61.17 -45.87
N THR H 67 52.50 -27.54 -24.01
CA THR H 67 51.78 -28.80 -24.06
C THR H 67 51.83 -29.52 -22.72
N GLU H 68 51.00 -30.56 -22.56
CA GLU H 68 50.98 -31.31 -21.32
C GLU H 68 51.94 -32.49 -21.35
N ASP H 69 53.16 -32.23 -21.80
CA ASP H 69 54.32 -33.08 -21.59
C ASP H 69 55.52 -32.29 -21.12
N GLU H 70 55.69 -31.07 -21.63
CA GLU H 70 56.76 -30.17 -21.18
C GLU H 70 56.36 -29.36 -19.97
N ALA H 71 55.06 -29.07 -19.82
CA ALA H 71 54.60 -28.37 -18.62
C ALA H 71 54.81 -29.23 -17.38
N ARG H 72 54.52 -30.53 -17.48
CA ARG H 72 54.76 -31.42 -16.34
C ARG H 72 56.24 -31.53 -16.01
N ARG H 73 57.09 -31.63 -17.04
CA ARG H 73 58.53 -31.68 -16.81
C ARG H 73 59.03 -30.39 -16.18
N ARG H 74 58.52 -29.25 -16.63
CA ARG H 74 58.89 -27.98 -16.03
C ARG H 74 58.43 -27.90 -14.58
N ASN H 75 57.22 -28.39 -14.29
CA ASN H 75 56.74 -28.42 -12.92
C ASN H 75 57.66 -29.25 -12.04
N TRP H 76 58.02 -30.45 -12.51
CA TRP H 76 58.93 -31.30 -11.75
C TRP H 76 60.27 -30.60 -11.50
N ILE H 77 60.85 -30.02 -12.53
CA ILE H 77 62.21 -29.50 -12.41
C ILE H 77 62.25 -28.21 -11.59
N GLU H 78 61.35 -27.27 -11.89
CA GLU H 78 61.43 -25.94 -11.31
C GLU H 78 60.56 -25.75 -10.07
N ARG H 79 59.55 -26.59 -9.85
CA ARG H 79 58.61 -26.37 -8.77
C ARG H 79 58.49 -27.57 -7.83
N GLY H 80 59.33 -28.59 -7.99
CA GLY H 80 59.34 -29.69 -7.06
C GLY H 80 58.14 -30.61 -7.11
N TRP H 81 57.40 -30.62 -8.22
CA TRP H 81 56.22 -31.47 -8.31
C TRP H 81 56.60 -32.94 -8.36
N ALA H 82 55.77 -33.79 -7.75
CA ALA H 82 55.94 -35.23 -7.81
C ALA H 82 54.60 -35.87 -7.53
N PRO H 83 54.24 -36.95 -8.24
CA PRO H 83 52.92 -37.59 -8.00
C PRO H 83 52.93 -38.50 -6.78
N TRP H 84 53.01 -37.89 -5.60
CA TRP H 84 52.96 -38.65 -4.37
C TRP H 84 51.61 -39.34 -4.21
N GLU H 85 51.64 -40.56 -3.67
CA GLU H 85 50.41 -41.33 -3.52
C GLU H 85 49.54 -40.72 -2.42
N GLU H 86 48.27 -40.51 -2.74
CA GLU H 86 47.29 -40.02 -1.77
C GLU H 86 46.49 -41.21 -1.28
N ILE H 87 46.74 -41.63 -0.04
CA ILE H 87 45.99 -42.72 0.57
C ILE H 87 44.66 -42.14 1.04
N LEU H 88 43.57 -42.55 0.39
CA LEU H 88 42.26 -41.98 0.62
C LEU H 88 41.39 -42.94 1.41
N THR H 89 40.44 -42.38 2.16
CA THR H 89 39.42 -43.16 2.80
C THR H 89 38.42 -43.65 1.75
N PRO H 90 37.61 -44.66 2.08
CA PRO H 90 36.56 -45.08 1.13
C PRO H 90 35.65 -43.96 0.71
N GLU H 91 35.36 -43.01 1.60
CA GLU H 91 34.50 -41.89 1.25
C GLU H 91 35.14 -40.97 0.22
N ALA H 92 36.42 -40.63 0.42
CA ALA H 92 37.11 -39.78 -0.54
C ALA H 92 37.33 -40.49 -1.86
N ASP H 93 37.65 -41.79 -1.81
CA ASP H 93 37.79 -42.57 -3.03
C ASP H 93 36.48 -42.62 -3.81
N PHE H 94 35.36 -42.83 -3.11
CA PHE H 94 34.06 -42.83 -3.76
C PHE H 94 33.72 -41.46 -4.34
N ALA H 95 34.08 -40.40 -3.61
CA ALA H 95 33.82 -39.05 -4.11
C ALA H 95 34.59 -38.77 -5.39
N ARG H 96 35.85 -39.24 -5.45
CA ARG H 96 36.65 -39.02 -6.65
C ARG H 96 36.16 -39.88 -7.81
N LYS H 97 35.83 -41.15 -7.55
CA LYS H 97 35.44 -42.05 -8.62
C LYS H 97 34.03 -41.81 -9.13
N SER H 98 33.13 -41.28 -8.29
CA SER H 98 31.74 -41.13 -8.66
C SER H 98 31.42 -39.76 -9.22
N LEU H 99 32.13 -38.72 -8.79
CA LEU H 99 31.91 -37.39 -9.35
C LEU H 99 32.42 -37.26 -10.77
N ASN H 100 33.20 -38.23 -11.25
CA ASN H 100 33.67 -38.23 -12.63
C ASN H 100 32.57 -38.56 -13.63
N GLU H 101 31.44 -39.10 -13.16
CA GLU H 101 30.36 -39.50 -14.05
C GLU H 101 29.33 -38.40 -14.24
N GLY H 102 28.88 -37.79 -13.15
CA GLY H 102 27.89 -36.74 -13.24
C GLY H 102 27.43 -36.31 -11.86
N GLU H 103 26.37 -35.49 -11.86
CA GLU H 103 25.85 -34.96 -10.59
C GLU H 103 24.97 -35.98 -9.90
N GLU H 104 23.86 -36.37 -10.53
CA GLU H 104 22.94 -37.37 -10.00
C GLU H 104 22.62 -38.33 -11.14
N VAL H 105 23.46 -39.35 -11.30
CA VAL H 105 23.32 -40.29 -12.42
C VAL H 105 23.51 -41.70 -11.89
N PRO H 106 22.88 -42.67 -12.56
CA PRO H 106 23.13 -44.08 -12.21
C PRO H 106 24.58 -44.43 -12.54
N LEU H 107 25.33 -44.83 -11.51
CA LEU H 107 26.75 -45.13 -11.70
C LEU H 107 26.91 -46.36 -12.60
N GLN H 108 27.77 -46.24 -13.60
CA GLN H 108 28.00 -47.32 -14.56
C GLN H 108 29.43 -47.81 -14.60
N SER H 109 30.41 -46.95 -14.34
CA SER H 109 31.80 -47.37 -14.36
C SER H 109 32.05 -48.36 -13.23
N PRO H 110 32.69 -49.51 -13.50
CA PRO H 110 32.87 -50.51 -12.43
C PRO H 110 33.64 -50.00 -11.23
N GLU H 111 34.58 -49.08 -11.43
CA GLU H 111 35.31 -48.51 -10.30
C GLU H 111 34.37 -47.74 -9.38
N ALA H 112 33.43 -46.99 -9.95
CA ALA H 112 32.46 -46.27 -9.12
C ALA H 112 31.55 -47.24 -8.38
N ILE H 113 31.14 -48.33 -9.03
CA ILE H 113 30.31 -49.33 -8.35
C ILE H 113 31.07 -49.95 -7.19
N GLU H 114 32.34 -50.29 -7.39
CA GLU H 114 33.14 -50.86 -6.32
C GLU H 114 33.31 -49.85 -5.19
N ALA H 115 33.55 -48.59 -5.52
CA ALA H 115 33.68 -47.55 -4.49
C ALA H 115 32.39 -47.41 -3.69
N PHE H 116 31.24 -47.48 -4.36
CA PHE H 116 29.97 -47.44 -3.66
C PHE H 116 29.82 -48.63 -2.72
N LYS H 117 30.24 -49.82 -3.16
CA LYS H 117 30.14 -51.00 -2.32
C LYS H 117 31.06 -50.93 -1.12
N MET H 118 32.23 -50.31 -1.28
CA MET H 118 33.21 -50.23 -0.19
C MET H 118 32.86 -49.18 0.86
N LEU H 119 31.78 -48.41 0.66
CA LEU H 119 31.37 -47.43 1.65
C LEU H 119 30.97 -48.09 2.97
N ARG H 120 30.58 -49.37 2.94
CA ARG H 120 30.23 -50.08 4.15
C ARG H 120 31.40 -50.97 4.57
N PRO H 121 31.99 -50.75 5.74
CA PRO H 121 33.12 -51.60 6.17
C PRO H 121 32.77 -53.07 6.28
N SER H 122 31.49 -53.43 6.47
CA SER H 122 31.11 -54.84 6.49
C SER H 122 31.37 -55.50 5.15
N TYR H 123 31.04 -54.81 4.05
CA TYR H 123 31.35 -55.35 2.73
C TYR H 123 32.85 -55.48 2.53
N ARG H 124 33.62 -54.52 3.02
CA ARG H 124 35.07 -54.61 2.91
C ARG H 124 35.61 -55.81 3.68
N LYS H 125 35.09 -56.05 4.88
CA LYS H 125 35.52 -57.21 5.65
C LYS H 125 35.15 -58.51 4.96
N LYS H 126 33.94 -58.58 4.39
CA LYS H 126 33.54 -59.78 3.66
C LYS H 126 34.45 -60.02 2.45
N LYS H 127 34.76 -58.95 1.71
CA LYS H 127 35.66 -59.10 0.58
C LYS H 127 37.05 -59.53 1.03
N ILE H 128 37.55 -58.96 2.12
CA ILE H 128 38.87 -59.32 2.63
C ILE H 128 38.91 -60.79 3.03
N LYS H 129 37.84 -61.27 3.67
CA LYS H 129 37.75 -62.69 3.99
C LYS H 129 37.68 -63.54 2.72
N GLU H 130 37.03 -63.03 1.68
CA GLU H 130 36.97 -63.75 0.41
C GLU H 130 38.36 -63.90 -0.20
N MET H 131 39.18 -62.84 -0.14
CA MET H 131 40.56 -62.96 -0.61
C MET H 131 41.44 -63.78 0.34
N GLY H 132 40.92 -64.17 1.49
CA GLY H 132 41.68 -65.01 2.42
C GLY H 132 42.90 -64.34 3.00
N ILE H 133 42.82 -63.06 3.32
CA ILE H 133 43.93 -62.31 3.90
C ILE H 133 43.42 -61.58 5.13
N THR H 134 44.35 -61.20 6.00
CA THR H 134 43.99 -60.49 7.22
C THR H 134 43.84 -59.00 6.96
N GLU H 135 43.17 -58.32 7.90
CA GLU H 135 42.87 -56.91 7.72
C GLU H 135 44.09 -56.02 7.94
N ASP H 136 45.04 -56.46 8.75
CA ASP H 136 46.16 -55.59 9.12
C ASP H 136 47.02 -55.25 7.91
N GLU H 137 47.45 -56.26 7.15
CA GLU H 137 48.26 -55.98 5.97
C GLU H 137 47.42 -55.45 4.82
N TRP H 138 46.10 -55.65 4.83
CA TRP H 138 45.25 -54.94 3.88
C TRP H 138 45.28 -53.44 4.14
N TYR H 139 45.24 -53.05 5.42
CA TYR H 139 45.50 -51.66 5.76
C TYR H 139 46.90 -51.26 5.32
N ALA H 140 47.89 -52.12 5.56
CA ALA H 140 49.24 -51.87 5.07
C ALA H 140 49.32 -51.96 3.56
N LYS H 141 48.36 -52.61 2.91
CA LYS H 141 48.36 -52.70 1.45
C LYS H 141 48.05 -51.36 0.81
N GLN H 142 47.31 -50.48 1.51
CA GLN H 142 47.00 -49.18 0.95
C GLN H 142 48.26 -48.34 0.75
N PHE H 143 49.20 -48.44 1.69
CA PHE H 143 50.43 -47.64 1.63
C PHE H 143 51.47 -48.33 0.74
N GLU H 144 51.07 -48.60 -0.50
CA GLU H 144 51.94 -49.16 -1.51
C GLU H 144 52.25 -48.09 -2.55
N ILE H 145 53.51 -48.05 -2.99
CA ILE H 145 53.93 -47.05 -3.95
C ILE H 145 53.35 -47.41 -5.32
N ARG H 146 52.62 -46.48 -5.91
CA ARG H 146 52.01 -46.69 -7.21
C ARG H 146 52.95 -46.21 -8.32
N GLY H 147 52.55 -46.50 -9.55
CA GLY H 147 53.36 -46.13 -10.70
C GLY H 147 54.50 -47.08 -10.94
N ASP H 148 55.34 -46.70 -11.89
CA ASP H 148 56.49 -47.52 -12.26
C ASP H 148 57.56 -47.48 -11.18
N LYS H 149 58.40 -48.52 -11.17
CA LYS H 149 59.52 -48.62 -10.25
C LYS H 149 60.82 -48.25 -10.94
N PRO H 150 61.75 -47.63 -10.22
CA PRO H 150 63.03 -47.28 -10.84
C PRO H 150 63.87 -48.52 -11.07
N PRO H 151 64.78 -48.49 -12.04
CA PRO H 151 65.65 -49.64 -12.30
C PRO H 151 66.51 -49.95 -11.09
N PRO H 152 66.76 -51.23 -10.81
CA PRO H 152 67.59 -51.58 -9.64
C PRO H 152 69.01 -51.05 -9.78
N LEU H 153 69.63 -50.79 -8.64
CA LEU H 153 70.98 -50.23 -8.61
C LEU H 153 72.02 -51.33 -8.74
N ASP H 154 73.02 -51.08 -9.57
CA ASP H 154 74.17 -51.97 -9.74
C ASP H 154 75.39 -51.21 -9.22
N THR H 155 75.64 -51.30 -7.91
CA THR H 155 76.72 -50.56 -7.26
C THR H 155 78.02 -51.30 -7.52
N SER H 156 78.80 -50.83 -8.49
CA SER H 156 80.05 -51.46 -8.89
C SER H 156 81.22 -50.70 -8.28
N TRP H 157 82.10 -51.42 -7.58
CA TRP H 157 83.23 -50.80 -6.91
C TRP H 157 84.32 -50.45 -7.92
N ALA H 158 84.85 -49.24 -7.82
CA ALA H 158 85.93 -48.78 -8.69
C ALA H 158 87.26 -49.21 -8.07
N GLY H 159 87.60 -50.47 -8.29
CA GLY H 159 88.79 -51.05 -7.71
C GLY H 159 88.56 -51.45 -6.27
N PRO H 160 89.57 -52.05 -5.65
CA PRO H 160 89.44 -52.45 -4.24
C PRO H 160 89.52 -51.26 -3.31
N LEU H 161 89.02 -51.45 -2.10
CA LEU H 161 89.05 -50.41 -1.07
C LEU H 161 90.39 -50.47 -0.36
N VAL H 162 91.23 -49.46 -0.56
CA VAL H 162 92.52 -49.35 0.10
C VAL H 162 92.43 -48.17 1.06
N VAL H 163 92.55 -48.44 2.35
CA VAL H 163 92.44 -47.41 3.38
C VAL H 163 93.71 -47.41 4.21
N ARG H 164 93.92 -46.30 4.91
CA ARG H 164 95.06 -46.14 5.79
C ARG H 164 94.65 -45.29 6.98
N GLN H 165 94.99 -45.73 8.18
CA GLN H 165 94.64 -45.02 9.40
C GLN H 165 95.46 -43.74 9.48
N ILE H 166 94.82 -42.60 9.19
CA ILE H 166 95.46 -41.30 9.21
C ILE H 166 94.79 -40.47 10.29
N PRO H 167 95.54 -39.86 11.21
CA PRO H 167 94.92 -39.00 12.22
C PRO H 167 94.29 -37.78 11.57
N PRO H 168 93.21 -37.26 12.15
CA PRO H 168 92.60 -36.04 11.60
C PRO H 168 93.57 -34.87 11.63
N ARG H 169 93.50 -34.03 10.60
CA ARG H 169 94.44 -32.92 10.49
C ARG H 169 94.12 -31.81 11.49
N ASP H 170 92.85 -31.66 11.88
CA ASP H 170 92.46 -30.57 12.77
C ASP H 170 92.81 -30.84 14.22
N TRP H 171 93.27 -32.04 14.55
CA TRP H 171 93.68 -32.32 15.92
C TRP H 171 94.88 -31.45 16.28
N PRO H 172 94.93 -30.89 17.50
CA PRO H 172 93.95 -30.96 18.58
C PRO H 172 92.86 -29.90 18.47
N PRO H 173 91.77 -30.02 19.23
CA PRO H 173 90.74 -28.98 19.20
C PRO H 173 91.27 -27.66 19.73
N LYS H 174 90.66 -26.58 19.27
CA LYS H 174 91.07 -25.24 19.68
C LYS H 174 90.90 -25.08 21.19
N GLY H 175 91.86 -24.41 21.81
CA GLY H 175 91.88 -24.24 23.25
C GLY H 175 92.40 -25.42 24.03
N TRP H 176 92.82 -26.49 23.36
CA TRP H 176 93.35 -27.68 24.01
C TRP H 176 94.85 -27.74 23.76
N GLU H 177 95.62 -27.86 24.84
CA GLU H 177 97.07 -27.90 24.76
C GLU H 177 97.56 -29.34 24.94
N VAL H 178 98.43 -29.77 24.03
CA VAL H 178 98.99 -31.11 24.05
C VAL H 178 100.50 -31.01 23.83
N ASP H 179 101.18 -32.15 23.92
CA ASP H 179 102.61 -32.19 23.69
C ASP H 179 102.91 -31.86 22.23
N ARG H 180 103.71 -30.82 22.01
CA ARG H 180 104.04 -30.40 20.65
C ARG H 180 104.86 -31.47 19.93
N LYS H 181 105.77 -32.12 20.66
CA LYS H 181 106.56 -33.19 20.04
C LYS H 181 105.67 -34.36 19.62
N GLU H 182 104.72 -34.75 20.47
CA GLU H 182 103.79 -35.81 20.10
C GLU H 182 102.94 -35.41 18.90
N LEU H 183 102.49 -34.17 18.87
CA LEU H 183 101.70 -33.69 17.74
C LEU H 183 102.50 -33.73 16.45
N GLU H 184 103.75 -33.27 16.50
CA GLU H 184 104.60 -33.29 15.31
C GLU H 184 104.89 -34.72 14.86
N PHE H 185 105.03 -35.63 15.83
CA PHE H 185 105.18 -37.04 15.48
C PHE H 185 103.93 -37.55 14.77
N ILE H 186 102.76 -37.14 15.25
CA ILE H 186 101.50 -37.53 14.60
C ILE H 186 101.42 -36.93 13.20
N ARG H 187 101.78 -35.64 13.07
CA ARG H 187 101.58 -34.92 11.82
C ARG H 187 102.44 -35.46 10.69
N GLU H 188 103.47 -36.26 11.00
CA GLU H 188 104.26 -36.88 9.95
C GLU H 188 103.45 -37.88 9.14
N ALA H 189 102.38 -38.44 9.72
CA ALA H 189 101.55 -39.38 8.99
C ALA H 189 100.73 -38.70 7.90
N HIS H 190 100.46 -37.40 8.05
CA HIS H 190 99.68 -36.68 7.04
C HIS H 190 100.43 -36.60 5.71
N LYS H 191 101.76 -36.65 5.74
CA LYS H 191 102.55 -36.59 4.51
C LYS H 191 102.43 -37.86 3.68
N LEU H 192 101.82 -38.92 4.20
CA LEU H 192 101.71 -40.17 3.48
C LEU H 192 100.69 -40.10 2.34
N MET H 193 99.91 -39.02 2.25
CA MET H 193 98.98 -38.87 1.14
C MET H 193 99.70 -38.79 -0.20
N ALA H 194 100.95 -38.32 -0.18
CA ALA H 194 101.72 -38.20 -1.42
C ALA H 194 102.19 -39.55 -1.95
N GLU H 195 102.30 -40.56 -1.08
CA GLU H 195 102.73 -41.88 -1.53
C GLU H 195 101.71 -42.47 -2.49
N ARG H 196 102.20 -43.00 -3.61
CA ARG H 196 101.33 -43.50 -4.67
C ARG H 196 101.11 -45.00 -4.52
N VAL H 197 99.86 -45.42 -4.74
CA VAL H 197 99.47 -46.82 -4.67
C VAL H 197 98.95 -47.23 -6.03
N TRP H 198 99.53 -48.27 -6.60
CA TRP H 198 99.13 -48.81 -7.89
C TRP H 198 98.43 -50.14 -7.69
N LEU H 199 97.38 -50.36 -8.48
CA LEU H 199 96.61 -51.60 -8.36
C LEU H 199 97.44 -52.82 -8.77
N GLU H 200 98.39 -52.64 -9.68
CA GLU H 200 99.30 -53.71 -10.07
C GLU H 200 100.44 -53.92 -9.06
N ASP H 201 100.35 -53.32 -7.88
CA ASP H 201 101.38 -53.42 -6.86
C ASP H 201 100.93 -54.18 -5.62
N LEU H 202 99.63 -54.28 -5.37
CA LEU H 202 99.13 -54.91 -4.16
C LEU H 202 99.12 -56.43 -4.29
N ASP H 203 100.24 -57.01 -4.70
CA ASP H 203 100.40 -58.47 -4.73
C ASP H 203 101.74 -58.96 -4.20
N LYS H 204 102.77 -58.12 -4.14
CA LYS H 204 104.10 -58.61 -3.80
C LYS H 204 104.22 -58.94 -2.32
N ASP H 205 103.68 -58.10 -1.45
CA ASP H 205 103.86 -58.20 -0.01
C ASP H 205 102.51 -58.25 0.71
N LEU H 206 101.60 -59.09 0.21
CA LEU H 206 100.30 -59.26 0.84
C LEU H 206 100.45 -60.18 2.05
N LYS H 207 100.28 -59.62 3.25
CA LYS H 207 100.34 -60.39 4.49
C LYS H 207 98.92 -60.79 4.87
N VAL H 208 98.62 -62.08 4.79
CA VAL H 208 97.30 -62.62 5.06
C VAL H 208 97.40 -63.62 6.20
N GLY H 209 96.57 -63.46 7.21
CA GLY H 209 96.53 -64.38 8.33
C GLY H 209 97.34 -63.87 9.51
N GLU H 210 98.14 -64.75 10.12
CA GLU H 210 98.90 -64.38 11.30
C GLU H 210 99.94 -63.30 11.02
N ASP H 211 100.28 -63.07 9.75
CA ASP H 211 101.16 -61.97 9.38
C ASP H 211 100.44 -60.64 9.33
N ALA H 212 99.12 -60.62 9.48
CA ALA H 212 98.34 -59.40 9.49
C ALA H 212 97.69 -59.13 10.85
N THR H 213 98.21 -59.75 11.91
CA THR H 213 97.66 -59.55 13.24
C THR H 213 98.06 -58.17 13.76
N VAL H 214 97.21 -57.60 14.63
CA VAL H 214 97.35 -56.22 15.05
C VAL H 214 98.71 -55.95 15.71
N ASP H 215 99.32 -56.98 16.33
CA ASP H 215 100.63 -56.77 16.94
C ASP H 215 101.68 -56.40 15.92
N LYS H 216 101.54 -56.88 14.68
CA LYS H 216 102.46 -56.55 13.61
C LYS H 216 102.18 -55.20 12.98
N MET H 217 101.09 -54.54 13.37
CA MET H 217 100.75 -53.24 12.82
C MET H 217 101.80 -52.20 13.20
N CYS H 218 102.06 -51.27 12.28
CA CYS H 218 102.92 -50.12 12.53
C CYS H 218 102.05 -48.87 12.48
N LEU H 219 101.41 -48.56 13.62
CA LEU H 219 100.51 -47.43 13.76
C LEU H 219 100.84 -46.64 15.01
N GLU H 220 102.13 -46.38 15.22
CA GLU H 220 102.57 -45.69 16.43
C GLU H 220 102.02 -44.27 16.51
N ARG H 221 102.05 -43.55 15.38
CA ARG H 221 101.49 -42.20 15.36
C ARG H 221 99.99 -42.24 15.64
N PHE H 222 99.29 -43.21 15.06
CA PHE H 222 97.87 -43.37 15.35
C PHE H 222 97.63 -43.74 16.80
N LYS H 223 98.54 -44.50 17.41
CA LYS H 223 98.40 -44.81 18.83
C LYS H 223 98.58 -43.57 19.69
N VAL H 224 99.52 -42.69 19.34
CA VAL H 224 99.67 -41.42 20.05
C VAL H 224 98.41 -40.58 19.90
N PHE H 225 97.87 -40.52 18.68
CA PHE H 225 96.63 -39.81 18.47
C PHE H 225 95.50 -40.40 19.31
N LEU H 226 95.45 -41.74 19.40
CA LEU H 226 94.40 -42.39 20.18
C LEU H 226 94.51 -42.05 21.65
N LYS H 227 95.72 -42.07 22.21
CA LYS H 227 95.88 -41.76 23.62
C LYS H 227 95.53 -40.30 23.91
N GLN H 228 95.96 -39.38 23.03
CA GLN H 228 95.60 -37.98 23.21
C GLN H 228 94.09 -37.77 23.08
N TYR H 229 93.46 -38.46 22.12
CA TYR H 229 92.02 -38.35 21.94
C TYR H 229 91.28 -38.87 23.17
N ASN H 230 91.75 -39.99 23.73
CA ASN H 230 91.10 -40.52 24.93
C ASN H 230 91.25 -39.57 26.11
N GLU H 231 92.43 -38.98 26.26
CA GLU H 231 92.63 -38.00 27.33
C GLU H 231 91.68 -36.80 27.15
N TRP H 232 91.59 -36.30 25.92
CA TRP H 232 90.71 -35.16 25.66
C TRP H 232 89.25 -35.53 25.91
N VAL H 233 88.84 -36.74 25.51
CA VAL H 233 87.46 -37.18 25.71
C VAL H 233 87.14 -37.26 27.20
N GLU H 234 88.05 -37.87 27.98
CA GLU H 234 87.80 -37.98 29.41
C GLU H 234 87.79 -36.61 30.08
N ALA H 235 88.58 -35.67 29.57
CA ALA H 235 88.61 -34.34 30.19
C ALA H 235 87.40 -33.48 29.80
N ASN H 236 86.88 -33.64 28.59
CA ASN H 236 85.88 -32.72 28.05
C ASN H 236 84.51 -33.36 27.86
N LYS H 237 84.31 -34.60 28.31
CA LYS H 237 83.07 -35.31 28.00
C LYS H 237 81.86 -34.62 28.62
N ASP H 238 81.96 -34.22 29.89
CA ASP H 238 80.81 -33.67 30.59
C ASP H 238 80.51 -32.23 30.17
N ARG H 239 81.55 -31.45 29.89
CA ARG H 239 81.34 -30.07 29.49
C ARG H 239 80.61 -29.99 28.16
N LEU H 240 80.93 -30.89 27.22
CA LEU H 240 80.24 -30.91 25.94
C LEU H 240 78.76 -31.23 26.11
N GLU H 241 78.44 -32.19 26.99
CA GLU H 241 77.04 -32.51 27.26
C GLU H 241 76.32 -31.33 27.90
N GLU H 242 76.98 -30.65 28.83
CA GLU H 242 76.36 -29.48 29.45
C GLU H 242 76.11 -28.38 28.42
N ASP H 243 77.08 -28.15 27.52
CA ASP H 243 76.90 -27.15 26.47
C ASP H 243 75.76 -27.53 25.53
N SER H 244 75.66 -28.82 25.19
CA SER H 244 74.59 -29.28 24.34
C SER H 244 73.23 -29.06 24.99
N TYR H 245 73.13 -29.36 26.28
CA TYR H 245 71.88 -29.12 27.00
C TYR H 245 71.57 -27.63 27.09
N LYS H 246 72.60 -26.79 27.21
CA LYS H 246 72.38 -25.35 27.35
C LYS H 246 71.96 -24.72 26.04
N TYR H 247 72.55 -25.15 24.93
CA TYR H 247 72.33 -24.49 23.64
C TYR H 247 71.22 -25.13 22.81
N ASP H 248 71.02 -26.44 22.93
CA ASP H 248 70.03 -27.16 22.15
C ASP H 248 68.90 -27.59 23.06
N GLN H 249 67.75 -26.91 22.95
CA GLN H 249 66.62 -27.22 23.82
C GLN H 249 66.10 -28.63 23.57
N ASP H 250 65.96 -29.01 22.32
CA ASP H 250 65.42 -30.30 21.94
C ASP H 250 66.43 -31.07 21.11
N PHE H 251 66.31 -32.40 21.14
CA PHE H 251 67.18 -33.27 20.35
C PHE H 251 66.65 -33.44 18.95
N TYR H 252 67.55 -33.38 17.97
CA TYR H 252 67.25 -33.59 16.57
C TYR H 252 68.39 -34.40 15.98
N PRO H 253 68.14 -35.18 14.93
CA PRO H 253 69.24 -35.85 14.23
C PRO H 253 70.30 -34.85 13.79
N GLY H 254 71.54 -35.15 14.10
CA GLY H 254 72.64 -34.23 13.92
C GLY H 254 73.09 -33.53 15.19
N ARG H 255 72.24 -33.51 16.21
CA ARG H 255 72.63 -32.95 17.50
C ARG H 255 73.40 -33.99 18.32
N ARG H 256 73.93 -33.56 19.45
CA ARG H 256 74.69 -34.45 20.31
C ARG H 256 73.75 -35.40 21.04
N ILE H 257 74.05 -36.70 20.97
CA ILE H 257 73.25 -37.70 21.66
C ILE H 257 73.58 -37.62 23.14
N ARG H 258 72.62 -37.17 23.94
CA ARG H 258 72.83 -36.88 25.35
C ARG H 258 71.82 -37.65 26.19
N GLY H 259 71.90 -37.44 27.51
CA GLY H 259 70.96 -38.07 28.42
C GLY H 259 71.10 -39.58 28.46
N LYS H 260 69.96 -40.24 28.68
CA LYS H 260 69.95 -41.70 28.75
C LYS H 260 70.27 -42.35 27.42
N ASP H 261 70.17 -41.62 26.31
CA ASP H 261 70.50 -42.16 25.00
C ASP H 261 71.99 -42.22 24.73
N TYR H 262 72.81 -41.58 25.55
CA TYR H 262 74.25 -41.60 25.36
C TYR H 262 74.85 -42.88 25.91
N LYS H 263 75.78 -43.46 25.16
CA LYS H 263 76.50 -44.66 25.57
C LYS H 263 77.99 -44.39 25.54
N GLU H 264 78.71 -44.97 26.50
CA GLU H 264 80.16 -44.81 26.54
C GLU H 264 80.79 -45.48 25.32
N GLY H 265 81.81 -44.83 24.77
CA GLY H 265 82.47 -45.31 23.57
C GLY H 265 82.01 -44.66 22.28
N MET H 266 81.06 -43.73 22.35
CA MET H 266 80.63 -43.01 21.15
C MET H 266 81.74 -42.06 20.69
N TYR H 267 82.00 -42.07 19.39
CA TYR H 267 83.08 -41.24 18.85
C TYR H 267 82.67 -39.77 18.84
N GLU H 268 83.58 -38.92 19.28
CA GLU H 268 83.34 -37.49 19.24
C GLU H 268 83.68 -36.93 17.86
N LEU H 269 83.35 -35.65 17.67
CA LEU H 269 83.59 -35.02 16.38
C LEU H 269 85.06 -34.99 15.96
N PRO H 270 86.03 -34.64 16.82
CA PRO H 270 87.42 -34.63 16.36
C PRO H 270 87.93 -35.99 15.91
N PHE H 271 87.27 -37.08 16.30
CA PHE H 271 87.65 -38.40 15.81
C PHE H 271 87.41 -38.56 14.32
N TYR H 272 86.61 -37.69 13.71
CA TYR H 272 86.25 -37.78 12.31
C TYR H 272 86.98 -36.73 11.48
N TYR H 273 87.06 -36.98 10.18
CA TYR H 273 87.65 -36.05 9.23
C TYR H 273 87.16 -36.38 7.85
N PRO H 274 87.06 -35.41 6.95
CA PRO H 274 86.65 -35.70 5.57
C PRO H 274 87.56 -36.71 4.91
N GLY H 275 86.97 -37.56 4.07
CA GLY H 275 87.68 -38.62 3.40
C GLY H 275 87.63 -39.96 4.10
N MET H 276 87.19 -40.01 5.35
CA MET H 276 87.07 -41.27 6.06
C MET H 276 85.93 -42.09 5.49
N ILE H 277 86.13 -43.40 5.42
CA ILE H 277 85.11 -44.34 4.97
C ILE H 277 84.47 -44.96 6.20
N CYS H 278 83.14 -44.91 6.28
CA CYS H 278 82.43 -45.32 7.46
C CYS H 278 81.36 -46.35 7.13
N GLU H 279 81.14 -47.25 8.07
CA GLU H 279 80.05 -48.21 8.02
C GLU H 279 78.95 -47.75 8.97
N GLY H 280 77.72 -47.67 8.48
CA GLY H 280 76.66 -47.12 9.29
C GLY H 280 75.30 -47.63 8.87
N THR H 281 74.30 -47.21 9.63
CA THR H 281 72.91 -47.60 9.41
C THR H 281 72.05 -46.37 9.22
N VAL H 282 71.13 -46.42 8.25
CA VAL H 282 70.22 -45.32 8.02
C VAL H 282 69.17 -45.30 9.12
N THR H 283 69.03 -44.16 9.79
CA THR H 283 68.14 -44.05 10.94
C THR H 283 66.96 -43.12 10.72
N THR H 284 67.07 -42.14 9.83
CA THR H 284 66.02 -41.14 9.66
C THR H 284 65.99 -40.67 8.22
N LEU H 285 64.80 -40.60 7.64
CA LEU H 285 64.58 -40.05 6.31
C LEU H 285 63.75 -38.78 6.43
N HIS H 286 64.32 -37.66 5.99
CA HIS H 286 63.61 -36.38 5.96
C HIS H 286 63.40 -35.94 4.53
N LEU H 287 62.19 -35.48 4.21
CA LEU H 287 61.85 -35.14 2.84
C LEU H 287 62.57 -33.88 2.37
N TYR H 288 62.86 -32.95 3.28
CA TYR H 288 63.48 -31.70 2.92
C TYR H 288 64.93 -31.58 3.33
N GLN H 289 65.47 -32.56 4.05
CA GLN H 289 66.85 -32.50 4.52
C GLN H 289 67.72 -33.62 3.95
N GLY H 290 67.29 -34.87 4.10
CA GLY H 290 68.03 -35.98 3.55
C GLY H 290 68.00 -37.17 4.48
N ALA H 291 68.95 -38.07 4.27
CA ALA H 291 69.08 -39.29 5.05
C ALA H 291 70.09 -39.09 6.16
N PHE H 292 69.75 -39.58 7.35
CA PHE H 292 70.61 -39.47 8.52
C PHE H 292 71.14 -40.85 8.87
N VAL H 293 72.46 -40.97 8.95
CA VAL H 293 73.14 -42.25 9.11
C VAL H 293 73.93 -42.22 10.41
N ASP H 294 73.74 -43.23 11.25
CA ASP H 294 74.49 -43.37 12.48
C ASP H 294 75.80 -44.10 12.18
N ILE H 295 76.92 -43.42 12.37
CA ILE H 295 78.22 -43.97 12.04
C ILE H 295 79.03 -44.17 13.32
N GLY H 296 78.35 -44.46 14.41
CA GLY H 296 79.01 -44.78 15.66
C GLY H 296 79.48 -43.58 16.47
N GLY H 297 79.13 -42.37 16.05
CA GLY H 297 79.54 -41.18 16.77
C GLY H 297 78.43 -40.59 17.63
N VAL H 298 78.81 -39.59 18.42
CA VAL H 298 77.85 -38.86 19.24
C VAL H 298 76.99 -37.92 18.41
N HIS H 299 77.35 -37.69 17.16
CA HIS H 299 76.53 -36.95 16.20
C HIS H 299 76.25 -37.84 14.99
N GLU H 300 75.02 -37.80 14.52
CA GLU H 300 74.65 -38.57 13.33
C GLU H 300 75.18 -37.89 12.07
N GLY H 301 75.42 -38.72 11.05
CA GLY H 301 75.81 -38.20 9.76
C GLY H 301 74.62 -37.78 8.91
N TRP H 302 74.89 -36.96 7.91
CA TRP H 302 73.83 -36.37 7.09
C TRP H 302 74.20 -36.50 5.61
N VAL H 303 73.28 -37.03 4.83
CA VAL H 303 73.40 -37.12 3.38
C VAL H 303 72.32 -36.23 2.78
N PRO H 304 72.67 -35.07 2.21
CA PRO H 304 71.64 -34.14 1.73
C PRO H 304 70.85 -34.62 0.52
N ILE H 305 69.59 -34.96 0.73
CA ILE H 305 68.64 -35.27 -0.32
C ILE H 305 67.34 -34.53 -0.01
N LYS H 306 66.75 -33.90 -1.03
CA LYS H 306 65.54 -33.14 -0.78
C LYS H 306 64.69 -33.05 -2.04
N GLY H 307 63.38 -33.04 -1.85
CA GLY H 307 62.46 -32.69 -2.92
C GLY H 307 62.09 -33.89 -3.78
N ASN H 308 62.17 -33.70 -5.10
CA ASN H 308 61.76 -34.73 -6.04
C ASN H 308 62.59 -36.00 -5.92
N ASP H 309 63.87 -35.85 -5.58
CA ASP H 309 64.77 -37.00 -5.56
C ASP H 309 64.26 -38.11 -4.67
N TRP H 310 63.53 -37.76 -3.60
CA TRP H 310 63.00 -38.77 -2.70
C TRP H 310 61.91 -39.61 -3.35
N PHE H 311 61.34 -39.17 -4.47
CA PHE H 311 60.31 -39.96 -5.13
C PHE H 311 60.86 -41.29 -5.62
N TRP H 312 62.07 -41.29 -6.16
CA TRP H 312 62.73 -42.51 -6.62
C TRP H 312 63.70 -43.08 -5.59
N ILE H 313 64.41 -42.22 -4.86
CA ILE H 313 65.43 -42.68 -3.93
C ILE H 313 64.80 -43.44 -2.76
N ARG H 314 63.55 -43.13 -2.42
CA ARG H 314 62.89 -43.84 -1.33
C ARG H 314 62.75 -45.33 -1.61
N HIS H 315 62.83 -45.74 -2.87
CA HIS H 315 62.82 -47.16 -3.19
C HIS H 315 64.11 -47.86 -2.77
N PHE H 316 65.20 -47.14 -2.67
CA PHE H 316 66.51 -47.73 -2.40
C PHE H 316 67.12 -47.32 -1.06
N ILE H 317 66.92 -46.09 -0.62
CA ILE H 317 67.40 -45.63 0.68
C ILE H 317 66.24 -45.70 1.66
N ARG H 318 66.28 -46.67 2.56
CA ARG H 318 65.21 -46.89 3.52
C ARG H 318 65.80 -47.08 4.90
N VAL H 319 64.95 -46.88 5.91
CA VAL H 319 65.40 -46.88 7.30
C VAL H 319 65.80 -48.29 7.72
N GLY H 320 66.97 -48.40 8.36
CA GLY H 320 67.44 -49.64 8.92
C GLY H 320 68.49 -50.35 8.09
N MET H 321 68.65 -49.99 6.82
CA MET H 321 69.61 -50.67 5.97
C MET H 321 71.03 -50.21 6.28
N HIS H 322 71.99 -51.10 6.01
CA HIS H 322 73.39 -50.81 6.23
C HIS H 322 74.02 -50.27 4.95
N VAL H 323 74.78 -49.19 5.07
CA VAL H 323 75.36 -48.51 3.93
C VAL H 323 76.84 -48.27 4.21
N ILE H 324 77.55 -47.87 3.17
CA ILE H 324 78.92 -47.38 3.26
C ILE H 324 78.91 -45.91 2.84
N VAL H 325 79.44 -45.05 3.71
CA VAL H 325 79.39 -43.62 3.48
C VAL H 325 80.78 -43.02 3.62
N GLU H 326 81.01 -41.92 2.91
CA GLU H 326 82.25 -41.17 2.97
C GLU H 326 81.98 -39.79 3.54
N ILE H 327 82.75 -39.40 4.54
CA ILE H 327 82.61 -38.08 5.14
C ILE H 327 83.12 -37.04 4.16
N THR H 328 82.23 -36.12 3.75
CA THR H 328 82.60 -35.06 2.84
C THR H 328 83.03 -33.79 3.57
N ALA H 329 82.41 -33.48 4.70
CA ALA H 329 82.72 -32.27 5.44
C ALA H 329 82.43 -32.48 6.91
N LYS H 330 83.22 -31.83 7.76
CA LYS H 330 82.98 -31.78 9.19
C LYS H 330 82.91 -30.31 9.61
N ARG H 331 81.90 -29.97 10.40
CA ARG H 331 81.60 -28.58 10.71
C ARG H 331 81.36 -28.42 12.20
N ASP H 332 81.26 -27.16 12.63
CA ASP H 332 81.05 -26.85 14.03
C ASP H 332 79.57 -27.04 14.38
N PRO H 333 79.24 -27.90 15.35
CA PRO H 333 77.83 -28.14 15.66
C PRO H 333 77.09 -26.92 16.18
N TYR H 334 77.79 -25.96 16.79
CA TYR H 334 77.12 -24.78 17.31
C TYR H 334 76.52 -23.94 16.19
N ARG H 335 77.25 -23.77 15.10
CA ARG H 335 76.78 -22.94 13.99
C ARG H 335 75.95 -23.73 12.99
N PHE H 336 76.42 -24.91 12.60
CA PHE H 336 75.78 -25.70 11.55
C PHE H 336 74.88 -26.77 12.17
N ARG H 337 73.72 -26.99 11.54
CA ARG H 337 72.76 -27.95 12.07
C ARG H 337 73.30 -29.37 12.05
N PHE H 338 73.98 -29.75 10.97
CA PHE H 338 74.49 -31.11 10.78
C PHE H 338 76.00 -31.04 10.63
N PRO H 339 76.75 -31.24 11.71
CA PRO H 339 78.21 -31.13 11.63
C PRO H 339 78.86 -32.12 10.68
N LEU H 340 78.33 -33.34 10.56
CA LEU H 340 78.92 -34.37 9.72
C LEU H 340 78.09 -34.52 8.45
N GLU H 341 78.72 -34.27 7.31
CA GLU H 341 78.09 -34.37 6.01
C GLU H 341 78.72 -35.52 5.24
N LEU H 342 77.89 -36.41 4.71
CA LEU H 342 78.35 -37.63 4.07
C LEU H 342 77.79 -37.72 2.65
N ARG H 343 78.24 -38.75 1.94
CA ARG H 343 77.66 -39.17 0.69
C ARG H 343 77.63 -40.69 0.66
N PHE H 344 76.67 -41.24 -0.08
CA PHE H 344 76.49 -42.69 -0.12
C PHE H 344 77.52 -43.31 -1.06
N VAL H 345 78.37 -44.17 -0.52
CA VAL H 345 79.30 -44.92 -1.36
C VAL H 345 78.62 -46.19 -1.88
N HIS H 346 78.02 -46.96 -0.99
CA HIS H 346 77.20 -48.11 -1.38
C HIS H 346 75.89 -48.02 -0.62
N PRO H 347 74.74 -47.91 -1.31
CA PRO H 347 74.58 -47.89 -2.78
C PRO H 347 74.90 -46.52 -3.37
N ASN H 348 75.19 -46.47 -4.67
CA ASN H 348 75.51 -45.23 -5.36
C ASN H 348 74.23 -44.63 -5.92
N ILE H 349 73.85 -43.47 -5.41
CA ILE H 349 72.64 -42.79 -5.86
C ILE H 349 73.00 -41.39 -6.35
N ASP H 350 74.25 -41.23 -6.80
CA ASP H 350 74.68 -39.93 -7.30
C ASP H 350 73.89 -39.52 -8.54
N HIS H 351 73.56 -40.48 -9.41
CA HIS H 351 72.82 -40.19 -10.62
C HIS H 351 71.36 -39.81 -10.35
N MET H 352 70.88 -40.02 -9.12
CA MET H 352 69.48 -39.73 -8.78
C MET H 352 69.30 -38.44 -8.00
N ILE H 353 70.39 -37.80 -7.58
CA ILE H 353 70.31 -36.58 -6.78
C ILE H 353 70.44 -35.37 -7.70
N PHE H 354 69.41 -34.56 -7.76
CA PHE H 354 69.40 -33.36 -8.58
C PHE H 354 69.25 -32.09 -7.76
N ASN H 355 68.39 -32.08 -6.75
CA ASN H 355 68.23 -30.92 -5.89
C ASN H 355 69.39 -30.84 -4.91
N LYS H 356 70.18 -29.78 -5.01
CA LYS H 356 71.38 -29.62 -4.21
C LYS H 356 71.23 -28.44 -3.26
N PHE H 357 71.91 -28.53 -2.12
CA PHE H 357 71.87 -27.47 -1.12
C PHE H 357 72.89 -26.40 -1.51
N ASP H 358 72.43 -25.15 -1.65
CA ASP H 358 73.34 -24.06 -1.98
C ASP H 358 74.33 -23.83 -0.85
N PHE H 359 73.83 -23.78 0.39
CA PHE H 359 74.65 -23.65 1.58
C PHE H 359 74.15 -24.62 2.63
N PRO H 360 75.03 -25.18 3.45
CA PRO H 360 74.58 -26.04 4.55
C PRO H 360 73.78 -25.25 5.56
N PRO H 361 72.65 -25.79 6.01
CA PRO H 361 71.80 -25.05 6.95
C PRO H 361 72.51 -24.77 8.27
N ILE H 362 72.19 -23.63 8.87
CA ILE H 362 72.83 -23.15 10.08
C ILE H 362 71.75 -22.82 11.11
N PHE H 363 72.20 -22.56 12.33
CA PHE H 363 71.33 -22.07 13.40
C PHE H 363 71.37 -20.56 13.46
N HIS H 364 70.28 -19.97 13.95
CA HIS H 364 70.20 -18.55 14.23
C HIS H 364 70.00 -18.41 15.74
N ARG H 365 71.10 -18.28 16.46
CA ARG H 365 71.08 -18.28 17.91
C ARG H 365 70.62 -16.93 18.46
N ASP H 366 70.34 -16.90 19.76
CA ASP H 366 69.92 -15.66 20.41
C ASP H 366 71.05 -14.64 20.46
N GLY H 367 72.30 -15.09 20.54
CA GLY H 367 73.43 -14.19 20.56
C GLY H 367 73.81 -13.61 19.22
N ASP H 368 73.18 -14.07 18.14
CA ASP H 368 73.45 -13.59 16.80
C ASP H 368 72.63 -12.33 16.56
N THR H 369 73.26 -11.17 16.75
CA THR H 369 72.60 -9.89 16.53
C THR H 369 73.14 -9.15 15.31
N ASN H 370 74.26 -9.58 14.74
CA ASN H 370 74.84 -8.95 13.56
C ASN H 370 74.79 -9.93 12.39
N PRO H 371 74.06 -9.63 11.32
CA PRO H 371 74.05 -10.53 10.16
C PRO H 371 75.42 -10.76 9.55
N ASP H 372 76.29 -9.75 9.56
CA ASP H 372 77.64 -9.93 9.01
C ASP H 372 78.43 -10.94 9.81
N GLU H 373 78.33 -10.91 11.14
CA GLU H 373 79.01 -11.90 11.96
C GLU H 373 78.49 -13.30 11.67
N ILE H 374 77.17 -13.43 11.47
CA ILE H 374 76.60 -14.74 11.14
C ILE H 374 77.15 -15.23 9.81
N ARG H 375 77.11 -14.37 8.78
CA ARG H 375 77.57 -14.80 7.46
C ARG H 375 79.07 -15.02 7.41
N ARG H 376 79.83 -14.47 8.36
CA ARG H 376 81.25 -14.75 8.46
C ARG H 376 81.54 -16.01 9.26
N ASP H 377 80.67 -16.38 10.20
CA ASP H 377 80.85 -17.63 10.92
C ASP H 377 80.70 -18.83 9.99
N CYS H 378 79.77 -18.75 9.05
CA CYS H 378 79.68 -19.70 7.95
C CYS H 378 80.32 -19.07 6.72
N GLY H 379 80.15 -19.71 5.57
CA GLY H 379 80.72 -19.21 4.34
C GLY H 379 79.72 -18.52 3.44
N ARG H 380 78.83 -17.73 4.01
CA ARG H 380 77.74 -17.14 3.25
C ARG H 380 78.12 -15.75 2.75
N PRO H 381 77.58 -15.32 1.61
CA PRO H 381 77.99 -14.05 1.01
C PRO H 381 77.45 -12.86 1.79
N PRO H 382 78.04 -11.68 1.62
CA PRO H 382 77.54 -10.49 2.33
C PRO H 382 76.21 -10.03 1.77
N GLU H 383 75.53 -9.21 2.57
CA GLU H 383 74.26 -8.65 2.14
C GLU H 383 74.48 -7.64 1.01
N PRO H 384 73.83 -7.80 -0.13
CA PRO H 384 74.06 -6.89 -1.25
C PRO H 384 73.37 -5.55 -1.05
N ARG H 385 73.84 -4.56 -1.79
CA ARG H 385 73.26 -3.23 -1.79
C ARG H 385 73.36 -2.65 -3.19
N LYS H 386 72.61 -1.57 -3.43
CA LYS H 386 72.63 -0.93 -4.74
C LYS H 386 74.01 -0.39 -5.05
N ASP H 387 74.42 -0.53 -6.30
CA ASP H 387 75.72 -0.04 -6.72
C ASP H 387 75.74 1.48 -6.72
N PRO H 388 76.64 2.12 -5.98
CA PRO H 388 76.69 3.60 -6.00
C PRO H 388 76.98 4.16 -7.38
N GLY H 389 77.71 3.43 -8.22
CA GLY H 389 78.02 3.89 -9.56
C GLY H 389 79.17 4.88 -9.67
N SER H 390 79.81 5.22 -8.56
CA SER H 390 80.93 6.15 -8.55
C SER H 390 82.19 5.38 -8.19
N LYS H 391 83.20 5.45 -9.05
CA LYS H 391 84.44 4.74 -8.81
C LYS H 391 85.18 5.34 -7.62
N PRO H 392 85.86 4.51 -6.81
CA PRO H 392 86.47 5.02 -5.57
C PRO H 392 87.72 5.85 -5.79
N GLU H 393 88.47 5.63 -6.87
CA GLU H 393 89.71 6.37 -7.08
C GLU H 393 89.50 7.69 -7.82
N GLU H 394 88.30 7.94 -8.36
CA GLU H 394 87.99 9.25 -8.93
C GLU H 394 87.48 10.24 -7.89
N GLU H 395 87.13 9.78 -6.71
CA GLU H 395 86.61 10.65 -5.67
C GLU H 395 87.72 11.48 -5.04
N GLY H 396 87.36 12.65 -4.53
CA GLY H 396 88.34 13.52 -3.93
C GLY H 396 88.84 13.01 -2.60
N LEU H 397 90.05 13.45 -2.24
CA LEU H 397 90.65 13.03 -0.99
C LEU H 397 89.97 13.71 0.19
N LEU H 398 90.13 13.11 1.36
CA LEU H 398 89.47 13.54 2.59
C LEU H 398 90.49 14.19 3.50
N SER H 399 90.17 15.39 4.01
CA SER H 399 91.08 16.13 4.87
C SER H 399 90.41 16.62 6.15
N ASP H 400 89.15 16.26 6.40
CA ASP H 400 88.44 16.72 7.58
C ASP H 400 88.69 15.75 8.72
N HIS H 401 89.64 16.09 9.58
CA HIS H 401 89.97 15.24 10.72
C HIS H 401 88.84 15.26 11.74
N PRO H 402 88.34 14.11 12.18
CA PRO H 402 87.22 14.11 13.13
C PRO H 402 87.55 14.73 14.48
N TYR H 403 88.83 14.83 14.85
CA TYR H 403 89.21 15.42 16.12
C TYR H 403 89.08 16.94 16.13
N VAL H 404 88.92 17.56 14.96
CA VAL H 404 88.89 19.02 14.89
C VAL H 404 87.67 19.57 15.63
N ASP H 405 86.55 18.84 15.57
CA ASP H 405 85.35 19.29 16.28
C ASP H 405 85.58 19.40 17.77
N LYS H 406 86.25 18.40 18.37
CA LYS H 406 86.65 18.50 19.76
C LYS H 406 87.64 19.64 19.96
N LEU H 407 88.58 19.80 19.02
CA LEU H 407 89.49 20.93 19.07
C LEU H 407 88.74 22.24 18.97
N TRP H 408 87.72 22.30 18.11
CA TRP H 408 86.93 23.52 17.99
C TRP H 408 86.21 23.83 19.30
N GLN H 409 85.64 22.81 19.94
CA GLN H 409 84.95 23.02 21.21
C GLN H 409 85.91 23.50 22.29
N LEU H 410 87.10 22.90 22.35
CA LEU H 410 88.10 23.36 23.32
C LEU H 410 88.51 24.80 23.03
N HIS H 411 88.63 25.15 21.75
CA HIS H 411 89.03 26.50 21.36
C HIS H 411 87.99 27.52 21.79
N VAL H 412 86.71 27.24 21.51
CA VAL H 412 85.67 28.20 21.87
C VAL H 412 85.55 28.30 23.39
N ALA H 413 85.73 27.18 24.09
CA ALA H 413 85.72 27.21 25.55
C ALA H 413 86.82 28.09 26.09
N GLU H 414 88.04 27.94 25.57
CA GLU H 414 89.16 28.77 26.03
C GLU H 414 88.93 30.23 25.71
N GLN H 415 88.39 30.52 24.52
CA GLN H 415 88.13 31.90 24.15
C GLN H 415 87.08 32.54 25.07
N MET H 416 86.00 31.81 25.37
CA MET H 416 84.97 32.37 26.24
C MET H 416 85.47 32.53 27.66
N ILE H 417 86.32 31.60 28.13
CA ILE H 417 86.90 31.75 29.47
C ILE H 417 87.80 32.97 29.52
N LEU H 418 88.61 33.17 28.48
CA LEU H 418 89.48 34.35 28.43
C LEU H 418 88.66 35.63 28.42
N ASP H 419 87.58 35.66 27.63
CA ASP H 419 86.75 36.86 27.56
C ASP H 419 86.09 37.15 28.89
N ASP H 420 85.59 36.12 29.58
CA ASP H 420 85.00 36.32 30.89
C ASP H 420 86.03 36.81 31.90
N TYR H 421 87.25 36.24 31.85
CA TYR H 421 88.30 36.67 32.76
C TYR H 421 88.68 38.13 32.52
N GLU H 422 88.75 38.54 31.25
CA GLU H 422 89.02 39.94 30.94
C GLU H 422 87.90 40.84 31.42
N ALA H 423 86.65 40.41 31.24
CA ALA H 423 85.52 41.19 31.71
C ALA H 423 85.47 41.26 33.24
N ASN H 424 85.76 40.15 33.90
CA ASN H 424 85.71 40.05 35.37
C ASN H 424 87.05 39.51 35.86
N PRO H 425 88.05 40.37 36.06
CA PRO H 425 89.36 39.94 36.57
C PRO H 425 89.29 39.44 38.01
N PRO H 461 65.53 23.61 18.14
CA PRO H 461 66.76 23.11 17.51
C PRO H 461 68.02 23.61 18.20
N LYS H 462 68.25 23.17 19.43
CA LYS H 462 69.39 23.60 20.22
C LYS H 462 70.15 22.38 20.72
N VAL H 463 71.48 22.46 20.65
CA VAL H 463 72.36 21.40 21.14
C VAL H 463 73.38 22.03 22.07
N ILE H 464 73.52 21.48 23.27
CA ILE H 464 74.41 22.02 24.29
C ILE H 464 75.65 21.15 24.35
N LEU H 465 76.83 21.76 24.21
CA LEU H 465 78.10 21.07 24.23
C LEU H 465 78.73 21.26 25.61
N LYS H 466 78.65 20.23 26.44
CA LYS H 466 79.23 20.31 27.77
C LYS H 466 80.75 20.21 27.69
N THR H 467 81.44 21.09 28.41
CA THR H 467 82.89 21.09 28.43
C THR H 467 83.37 21.54 29.81
N SER H 468 84.26 20.75 30.41
CA SER H 468 84.87 21.13 31.67
C SER H 468 86.05 22.07 31.42
N VAL H 469 86.77 22.40 32.50
CA VAL H 469 87.93 23.28 32.41
C VAL H 469 89.24 22.52 32.59
N LYS H 470 89.20 21.29 33.10
CA LYS H 470 90.44 20.56 33.38
C LYS H 470 91.16 20.11 32.13
N GLU H 471 90.47 20.02 30.99
CA GLU H 471 91.07 19.57 29.75
C GLU H 471 91.44 20.71 28.82
N LEU H 472 91.77 21.87 29.38
CA LEU H 472 92.13 23.06 28.61
C LEU H 472 93.43 23.64 29.11
N ASP H 473 94.17 24.27 28.20
CA ASP H 473 95.44 24.92 28.54
C ASP H 473 95.16 26.41 28.74
N LEU H 474 94.77 26.78 29.96
CA LEU H 474 94.41 28.16 30.24
C LEU H 474 95.61 29.09 30.20
N GLU H 475 96.80 28.60 30.59
CA GLU H 475 97.96 29.48 30.68
C GLU H 475 98.41 29.96 29.30
N ALA H 476 98.52 29.04 28.34
CA ALA H 476 98.94 29.42 27.00
C ALA H 476 97.94 30.38 26.36
N ALA H 477 96.65 30.10 26.52
CA ALA H 477 95.63 30.98 25.99
C ALA H 477 95.69 32.37 26.62
N LEU H 478 95.90 32.42 27.93
CA LEU H 478 96.02 33.70 28.62
C LEU H 478 97.23 34.48 28.12
N ILE H 479 98.36 33.80 27.92
CA ILE H 479 99.55 34.48 27.40
C ILE H 479 99.29 35.01 26.00
N GLU H 480 98.64 34.20 25.15
CA GLU H 480 98.35 34.64 23.79
C GLU H 480 97.41 35.84 23.80
N ARG H 481 96.42 35.85 24.69
CA ARG H 481 95.52 36.99 24.80
C ARG H 481 96.26 38.22 25.30
N LYS H 482 97.22 38.03 26.22
CA LYS H 482 98.04 39.15 26.65
C LYS H 482 98.91 39.69 25.53
N TYR H 483 99.28 38.82 24.58
CA TYR H 483 100.01 39.30 23.40
C TYR H 483 99.16 40.27 22.61
N HIS H 484 97.93 39.87 22.27
CA HIS H 484 97.03 40.72 21.50
C HIS H 484 96.22 41.63 22.42
N LYS H 502 95.91 33.70 12.28
CA LYS H 502 95.10 32.82 13.11
C LYS H 502 95.82 32.46 14.41
N LEU H 503 95.10 31.82 15.32
CA LEU H 503 95.61 31.54 16.66
C LEU H 503 96.26 30.15 16.70
N ARG H 504 96.62 29.68 17.89
CA ARG H 504 97.26 28.37 18.01
C ARG H 504 96.30 27.26 17.62
N ARG H 505 95.08 27.28 18.18
CA ARG H 505 94.14 26.19 17.92
C ARG H 505 93.84 26.03 16.43
N ASN H 506 93.86 27.15 15.69
CA ASN H 506 93.72 27.04 14.24
C ASN H 506 94.92 26.34 13.60
N ILE H 507 96.12 26.59 14.12
CA ILE H 507 97.30 25.88 13.62
C ILE H 507 97.21 24.40 13.93
N GLU H 508 96.71 24.05 15.12
CA GLU H 508 96.51 22.64 15.47
C GLU H 508 95.48 22.00 14.53
N MET H 509 94.39 22.72 14.24
CA MET H 509 93.41 22.24 13.29
C MET H 509 94.06 22.00 11.93
N ASP H 510 94.90 22.93 11.49
CA ASP H 510 95.55 22.80 10.19
C ASP H 510 96.48 21.60 10.15
N GLU H 511 97.24 21.36 11.21
CA GLU H 511 98.16 20.23 11.21
C GLU H 511 97.41 18.91 11.28
N TYR H 512 96.30 18.86 12.04
CA TYR H 512 95.50 17.63 12.06
C TYR H 512 94.84 17.38 10.71
N ASP H 513 94.40 18.45 10.03
CA ASP H 513 93.85 18.29 8.69
C ASP H 513 94.92 17.85 7.71
N SER H 514 96.16 18.33 7.88
CA SER H 514 97.27 17.86 7.06
C SER H 514 97.53 16.38 7.30
N LEU H 515 97.42 15.93 8.54
CA LEU H 515 97.54 14.50 8.83
C LEU H 515 96.45 13.70 8.14
N HIS H 516 95.21 14.16 8.22
CA HIS H 516 94.13 13.43 7.56
C HIS H 516 94.29 13.46 6.04
N TRP H 517 94.81 14.55 5.49
CA TRP H 517 94.96 14.66 4.05
C TRP H 517 96.14 13.85 3.54
N ARG H 518 97.22 13.71 4.32
CA ARG H 518 98.25 12.79 3.86
C ARG H 518 97.84 11.34 4.09
N ARG H 519 96.98 11.11 5.08
CA ARG H 519 96.28 9.84 5.21
C ARG H 519 95.62 9.50 3.88
N SER H 520 94.85 10.46 3.37
CA SER H 520 94.14 10.29 2.11
C SER H 520 95.10 10.03 0.95
N LEU H 521 96.19 10.79 0.85
CA LEU H 521 97.06 10.61 -0.32
C LEU H 521 97.70 9.22 -0.30
N GLU H 522 98.24 8.81 0.85
CA GLU H 522 98.92 7.52 0.88
C GLU H 522 97.95 6.37 0.65
N GLU H 523 96.74 6.47 1.22
CA GLU H 523 95.75 5.44 0.95
C GLU H 523 95.38 5.42 -0.53
N ARG H 524 95.27 6.60 -1.15
CA ARG H 524 94.94 6.67 -2.57
C ARG H 524 96.04 6.07 -3.44
N GLU H 525 97.31 6.33 -3.12
CA GLU H 525 98.39 5.77 -3.92
C GLU H 525 98.44 4.25 -3.78
N ALA H 526 98.32 3.75 -2.56
CA ALA H 526 98.20 2.30 -2.39
C ALA H 526 97.01 1.76 -3.17
N LEU H 527 95.93 2.54 -3.21
CA LEU H 527 94.73 2.12 -3.93
C LEU H 527 94.99 2.00 -5.43
N LEU H 528 95.62 3.00 -6.03
CA LEU H 528 95.93 2.95 -7.46
C LEU H 528 96.87 1.80 -7.78
N ARG H 529 97.86 1.55 -6.90
CA ARG H 529 98.69 0.37 -7.10
C ARG H 529 97.87 -0.90 -7.03
N ASP H 530 96.87 -0.94 -6.15
CA ASP H 530 95.99 -2.10 -6.07
C ASP H 530 95.21 -2.30 -7.36
N ILE H 531 94.66 -1.23 -7.93
CA ILE H 531 93.97 -1.35 -9.21
C ILE H 531 94.92 -1.86 -10.29
N SER H 532 96.13 -1.31 -10.34
CA SER H 532 97.09 -1.76 -11.34
C SER H 532 97.35 -3.25 -11.22
N SER H 533 97.67 -3.71 -10.00
CA SER H 533 97.98 -5.12 -9.81
C SER H 533 96.78 -6.01 -10.11
N ARG H 534 95.59 -5.61 -9.65
CA ARG H 534 94.42 -6.47 -9.79
C ARG H 534 93.97 -6.58 -11.24
N GLN H 535 93.87 -5.46 -11.96
CA GLN H 535 93.57 -5.54 -13.38
C GLN H 535 94.69 -6.18 -14.18
N ALA H 536 95.92 -6.21 -13.66
CA ALA H 536 96.95 -7.00 -14.31
C ALA H 536 96.78 -8.49 -14.04
N LEU H 537 96.14 -8.85 -12.93
CA LEU H 537 96.00 -10.24 -12.54
C LEU H 537 94.56 -10.72 -12.44
N GLY H 538 93.58 -9.89 -12.76
CA GLY H 538 92.20 -10.32 -12.79
C GLY H 538 91.52 -10.45 -11.45
N LEU H 539 92.15 -10.03 -10.36
CA LEU H 539 91.52 -10.10 -9.06
C LEU H 539 90.35 -9.11 -8.96
N PRO H 540 89.35 -9.42 -8.14
CA PRO H 540 88.22 -8.50 -8.00
C PRO H 540 88.63 -7.18 -7.38
N LEU H 541 87.94 -6.12 -7.82
CA LEU H 541 88.20 -4.77 -7.31
C LEU H 541 87.43 -4.51 -6.03
N GLU H 542 86.11 -4.65 -6.07
CA GLU H 542 85.27 -4.52 -4.88
C GLU H 542 84.98 -5.90 -4.31
N GLU H 543 84.43 -5.91 -3.10
CA GLU H 543 84.17 -7.16 -2.41
C GLU H 543 83.11 -7.96 -3.15
N PRO H 544 83.39 -9.22 -3.49
CA PRO H 544 82.37 -10.04 -4.18
C PRO H 544 81.15 -10.25 -3.30
N GLY H 545 79.99 -10.37 -3.95
CA GLY H 545 78.73 -10.48 -3.24
C GLY H 545 78.15 -9.16 -2.81
N ARG H 546 78.78 -8.04 -3.15
CA ARG H 546 78.29 -6.71 -2.81
C ARG H 546 78.07 -5.91 -4.09
N TYR H 547 77.17 -4.94 -4.02
CA TYR H 547 76.87 -4.04 -5.14
C TYR H 547 76.41 -4.83 -6.37
N LYS H 548 75.26 -5.49 -6.21
CA LYS H 548 74.66 -6.22 -7.31
C LYS H 548 74.17 -5.23 -8.38
N PRO H 549 74.06 -5.68 -9.64
CA PRO H 549 73.64 -4.76 -10.71
C PRO H 549 72.19 -4.34 -10.60
N GLY H 550 71.72 -3.57 -11.58
CA GLY H 550 70.35 -3.09 -11.54
C GLY H 550 69.34 -4.20 -11.69
N SER H 551 68.09 -3.88 -11.33
CA SER H 551 66.93 -4.76 -11.36
C SER H 551 67.03 -5.90 -10.34
N PHE H 552 68.10 -5.97 -9.55
CA PHE H 552 68.20 -7.00 -8.52
C PHE H 552 67.20 -6.77 -7.40
N PHE H 553 66.91 -5.51 -7.08
CA PHE H 553 66.00 -5.19 -5.99
C PHE H 553 64.61 -4.89 -6.51
N SER H 603 81.70 33.59 -6.19
CA SER H 603 82.09 32.50 -5.30
C SER H 603 82.75 33.04 -4.04
N TYR H 604 82.60 32.30 -2.94
CA TYR H 604 83.20 32.71 -1.68
C TYR H 604 84.72 32.69 -1.77
N ASP H 605 85.28 31.70 -2.47
CA ASP H 605 86.73 31.59 -2.59
C ASP H 605 87.32 32.80 -3.29
N ASP H 606 86.62 33.33 -4.30
CA ASP H 606 87.08 34.55 -4.97
C ASP H 606 87.09 35.73 -4.00
N ALA H 607 86.07 35.85 -3.16
CA ALA H 607 86.00 36.93 -2.19
C ALA H 607 86.75 36.56 -0.92
N TYR I 49 100.60 -31.08 7.07
CA TYR I 49 101.71 -31.09 6.12
C TYR I 49 101.36 -31.94 4.92
N TYR I 50 101.75 -31.47 3.74
CA TYR I 50 101.48 -32.16 2.48
C TYR I 50 102.79 -32.60 1.87
N GLY I 51 102.89 -33.89 1.56
CA GLY I 51 104.09 -34.40 0.92
C GLY I 51 104.12 -34.10 -0.57
N LEU I 52 105.32 -34.16 -1.13
CA LEU I 52 105.51 -33.92 -2.56
C LEU I 52 105.16 -35.20 -3.31
N LYS I 53 104.01 -35.20 -3.99
CA LYS I 53 103.57 -36.37 -4.73
C LYS I 53 104.25 -36.43 -6.08
N THR I 54 104.84 -37.59 -6.39
CA THR I 54 105.51 -37.76 -7.67
C THR I 54 104.49 -37.92 -8.79
N PRO I 55 104.86 -37.53 -10.01
CA PRO I 55 103.97 -37.78 -11.14
C PRO I 55 103.79 -39.27 -11.34
N PRO I 56 102.66 -39.69 -11.93
CA PRO I 56 102.37 -41.13 -12.03
C PRO I 56 103.21 -41.85 -13.08
N TYR I 57 104.21 -41.17 -13.63
CA TYR I 57 105.07 -41.71 -14.66
C TYR I 57 106.51 -41.36 -14.32
N PRO I 58 107.47 -42.11 -14.86
CA PRO I 58 108.87 -41.70 -14.73
C PRO I 58 109.10 -40.35 -15.40
N LEU I 59 110.08 -39.61 -14.87
CA LEU I 59 110.31 -38.24 -15.34
C LEU I 59 110.74 -38.19 -16.80
N ASP I 60 111.18 -39.31 -17.37
CA ASP I 60 111.57 -39.38 -18.77
C ASP I 60 110.48 -39.95 -19.66
N ALA I 61 109.29 -40.21 -19.12
CA ALA I 61 108.24 -40.86 -19.90
C ALA I 61 107.59 -39.92 -20.90
N LEU I 62 107.78 -38.61 -20.75
CA LEU I 62 107.16 -37.64 -21.65
C LEU I 62 108.07 -37.27 -22.82
N GLU I 63 109.25 -37.88 -22.93
CA GLU I 63 110.15 -37.60 -24.03
C GLU I 63 109.59 -38.15 -25.34
N PRO I 64 109.83 -37.46 -26.46
CA PRO I 64 110.54 -36.18 -26.61
C PRO I 64 109.60 -34.98 -26.50
N TYR I 65 108.33 -35.23 -26.18
CA TYR I 65 107.35 -34.14 -26.10
C TYR I 65 107.70 -33.19 -24.96
N MET I 66 108.11 -33.72 -23.82
CA MET I 66 108.57 -32.90 -22.70
C MET I 66 109.85 -33.53 -22.16
N SER I 67 110.96 -32.82 -22.29
CA SER I 67 112.26 -33.39 -21.94
C SER I 67 112.38 -33.58 -20.44
N GLN I 68 113.27 -34.50 -20.06
CA GLN I 68 113.46 -34.82 -18.64
C GLN I 68 113.97 -33.63 -17.84
N ARG I 69 114.74 -32.74 -18.47
CA ARG I 69 115.27 -31.59 -17.76
C ARG I 69 114.15 -30.69 -17.27
N THR I 70 113.11 -30.51 -18.08
CA THR I 70 111.94 -29.76 -17.63
C THR I 70 111.26 -30.45 -16.46
N LEU I 71 111.15 -31.78 -16.51
CA LEU I 71 110.53 -32.52 -15.41
C LEU I 71 111.33 -32.35 -14.12
N GLU I 72 112.66 -32.39 -14.22
CA GLU I 72 113.49 -32.33 -13.02
C GLU I 72 113.56 -30.93 -12.42
N VAL I 73 113.15 -29.90 -13.16
CA VAL I 73 113.17 -28.54 -12.64
C VAL I 73 111.76 -28.12 -12.26
N HIS I 74 110.75 -28.63 -12.97
CA HIS I 74 109.36 -28.31 -12.65
C HIS I 74 108.90 -29.06 -11.42
N TRP I 75 109.48 -30.23 -11.14
CA TRP I 75 109.11 -31.02 -9.97
C TRP I 75 110.22 -31.13 -8.95
N GLY I 76 111.48 -31.08 -9.37
CA GLY I 76 112.58 -31.19 -8.42
C GLY I 76 112.66 -30.01 -7.47
N LYS I 77 112.51 -28.80 -7.98
CA LYS I 77 112.60 -27.63 -7.13
C LYS I 77 111.39 -26.71 -7.23
N HIS I 78 110.79 -26.59 -8.42
CA HIS I 78 109.60 -25.75 -8.56
C HIS I 78 108.45 -26.28 -7.71
N HIS I 79 108.00 -27.50 -8.00
CA HIS I 79 106.89 -28.06 -7.24
C HIS I 79 107.30 -28.42 -5.82
N ARG I 80 108.56 -28.81 -5.61
CA ARG I 80 109.04 -29.09 -4.26
C ARG I 80 109.15 -27.81 -3.45
N GLY I 81 109.57 -26.71 -4.08
CA GLY I 81 109.67 -25.45 -3.36
C GLY I 81 108.33 -24.95 -2.87
N TYR I 82 107.29 -25.10 -3.68
CA TYR I 82 105.94 -24.73 -3.24
C TYR I 82 105.51 -25.61 -2.07
N VAL I 83 105.83 -26.90 -2.11
CA VAL I 83 105.43 -27.81 -1.04
C VAL I 83 106.13 -27.46 0.25
N ASP I 84 107.44 -27.21 0.19
CA ASP I 84 108.21 -26.94 1.41
C ASP I 84 107.83 -25.61 2.03
N ASN I 85 107.56 -24.61 1.20
CA ASN I 85 107.16 -23.30 1.73
C ASN I 85 105.83 -23.39 2.45
N LEU I 86 104.88 -24.16 1.91
CA LEU I 86 103.57 -24.30 2.55
C LEU I 86 103.69 -24.97 3.90
N ASN I 87 104.50 -26.02 4.01
CA ASN I 87 104.62 -26.76 5.26
C ASN I 87 105.19 -25.88 6.37
N LYS I 88 106.14 -25.01 6.04
CA LYS I 88 106.66 -24.07 7.02
C LYS I 88 105.57 -23.11 7.50
N GLN I 89 104.73 -22.63 6.57
CA GLN I 89 103.63 -21.76 6.96
C GLN I 89 102.59 -22.51 7.78
N LEU I 90 102.30 -23.76 7.40
CA LEU I 90 101.32 -24.54 8.14
C LEU I 90 101.82 -25.00 9.50
N GLY I 91 103.14 -25.00 9.70
CA GLY I 91 103.70 -25.38 10.99
C GLY I 91 103.58 -24.33 12.07
N LYS I 92 103.15 -23.12 11.71
CA LYS I 92 103.02 -22.03 12.67
C LYS I 92 101.58 -21.78 13.11
N ASP I 93 100.60 -22.06 12.25
CA ASP I 93 99.20 -21.81 12.55
C ASP I 93 98.46 -23.14 12.62
N ASP I 94 97.77 -23.37 13.72
CA ASP I 94 96.98 -24.59 13.90
C ASP I 94 95.58 -24.48 13.32
N ARG I 95 95.23 -23.34 12.74
CA ARG I 95 93.92 -23.15 12.13
C ARG I 95 93.95 -23.50 10.64
N LEU I 96 94.91 -22.93 9.89
CA LEU I 96 95.08 -23.32 8.49
C LEU I 96 95.44 -24.79 8.39
N TYR I 97 96.32 -25.27 9.26
CA TYR I 97 96.45 -26.70 9.45
C TYR I 97 95.13 -27.25 10.00
N GLY I 98 94.66 -28.34 9.40
CA GLY I 98 93.39 -28.93 9.72
C GLY I 98 92.37 -28.83 8.61
N TYR I 99 92.43 -27.77 7.81
CA TYR I 99 91.60 -27.66 6.63
C TYR I 99 92.02 -28.72 5.60
N THR I 100 91.05 -29.19 4.83
CA THR I 100 91.38 -30.01 3.68
C THR I 100 92.06 -29.14 2.63
N MET I 101 92.59 -29.80 1.59
CA MET I 101 93.33 -29.06 0.58
C MET I 101 92.44 -28.07 -0.16
N GLU I 102 91.23 -28.49 -0.53
CA GLU I 102 90.30 -27.57 -1.18
C GLU I 102 89.79 -26.52 -0.22
N GLU I 103 89.60 -26.88 1.06
CA GLU I 103 89.20 -25.89 2.05
C GLU I 103 90.29 -24.85 2.27
N LEU I 104 91.55 -25.28 2.33
CA LEU I 104 92.65 -24.34 2.54
C LEU I 104 92.78 -23.36 1.39
N ILE I 105 92.61 -23.83 0.17
CA ILE I 105 92.70 -22.94 -0.99
C ILE I 105 91.62 -21.88 -0.95
N LYS I 106 90.39 -22.28 -0.64
CA LYS I 106 89.29 -21.33 -0.60
C LYS I 106 89.40 -20.41 0.62
N ALA I 107 89.80 -20.95 1.77
CA ALA I 107 89.95 -20.13 2.96
C ALA I 107 91.06 -19.10 2.79
N THR I 108 92.19 -19.50 2.24
CA THR I 108 93.30 -18.57 2.07
C THR I 108 93.07 -17.59 0.93
N TYR I 109 92.14 -17.89 0.01
CA TYR I 109 91.80 -16.93 -1.02
C TYR I 109 91.14 -15.69 -0.43
N ASN I 110 90.33 -15.87 0.61
CA ASN I 110 89.77 -14.76 1.39
C ASN I 110 88.96 -13.81 0.52
N ASN I 111 88.15 -14.37 -0.38
CA ASN I 111 87.20 -13.61 -1.19
C ASN I 111 87.89 -12.49 -1.97
N GLY I 112 88.97 -12.84 -2.67
CA GLY I 112 89.69 -11.90 -3.49
C GLY I 112 90.75 -11.09 -2.79
N ASN I 113 91.04 -11.39 -1.53
CA ASN I 113 92.09 -10.72 -0.77
C ASN I 113 93.00 -11.80 -0.18
N PRO I 114 93.79 -12.45 -1.02
CA PRO I 114 94.47 -13.70 -0.60
C PRO I 114 95.37 -13.50 0.61
N LEU I 115 95.36 -14.50 1.49
CA LEU I 115 96.29 -14.56 2.60
C LEU I 115 97.67 -14.94 2.09
N PRO I 116 98.72 -14.70 2.89
CA PRO I 116 100.07 -15.07 2.43
C PRO I 116 100.24 -16.54 2.11
N GLU I 117 99.42 -17.41 2.70
CA GLU I 117 99.52 -18.85 2.46
C GLU I 117 98.83 -19.29 1.18
N PHE I 118 98.10 -18.40 0.51
CA PHE I 118 97.34 -18.82 -0.67
C PHE I 118 98.24 -19.26 -1.81
N ASN I 119 99.34 -18.53 -2.04
CA ASN I 119 100.18 -18.82 -3.19
C ASN I 119 100.82 -20.20 -3.10
N ASN I 120 101.29 -20.58 -1.91
CA ASN I 120 101.93 -21.87 -1.76
C ASN I 120 100.92 -23.01 -1.82
N ALA I 121 99.77 -22.86 -1.14
CA ALA I 121 98.78 -23.93 -1.13
C ALA I 121 98.17 -24.15 -2.50
N ALA I 122 97.82 -23.06 -3.20
CA ALA I 122 97.17 -23.19 -4.50
C ALA I 122 98.12 -23.73 -5.56
N GLN I 123 99.41 -23.45 -5.44
CA GLN I 123 100.35 -23.87 -6.47
C GLN I 123 100.64 -25.36 -6.41
N VAL I 124 100.72 -25.94 -5.21
CA VAL I 124 100.96 -27.38 -5.12
C VAL I 124 99.75 -28.16 -5.63
N TYR I 125 98.53 -27.67 -5.38
CA TYR I 125 97.36 -28.35 -5.90
C TYR I 125 97.37 -28.37 -7.42
N ASN I 126 97.77 -27.26 -8.05
CA ASN I 126 97.74 -27.18 -9.50
C ASN I 126 98.75 -28.13 -10.13
N HIS I 127 99.91 -28.31 -9.49
CA HIS I 127 100.96 -29.13 -10.08
C HIS I 127 100.60 -30.61 -10.06
N ASP I 128 100.12 -31.12 -8.93
CA ASP I 128 99.64 -32.50 -8.90
C ASP I 128 98.46 -32.69 -9.84
N PHE I 129 97.61 -31.67 -9.98
CA PHE I 129 96.57 -31.74 -10.99
C PHE I 129 97.16 -31.70 -12.39
N PHE I 130 98.29 -31.00 -12.58
CA PHE I 130 98.92 -30.95 -13.88
C PHE I 130 99.59 -32.26 -14.24
N TRP I 131 100.29 -32.88 -13.28
CA TRP I 131 100.95 -34.15 -13.55
C TRP I 131 99.95 -35.23 -13.94
N GLU I 132 98.84 -35.32 -13.21
CA GLU I 132 97.82 -36.32 -13.54
C GLU I 132 97.04 -35.93 -14.79
N SER I 133 97.05 -34.65 -15.18
CA SER I 133 96.38 -34.23 -16.39
C SER I 133 97.11 -34.68 -17.66
N MET I 134 98.34 -35.17 -17.53
CA MET I 134 99.12 -35.67 -18.65
C MET I 134 99.51 -37.12 -18.40
N GLN I 135 99.47 -37.93 -19.46
CA GLN I 135 99.88 -39.32 -19.40
C GLN I 135 100.79 -39.62 -20.59
N PRO I 136 101.68 -40.59 -20.47
CA PRO I 136 102.49 -41.00 -21.61
C PRO I 136 101.61 -41.50 -22.76
N GLY I 137 101.95 -41.08 -23.97
CA GLY I 137 101.14 -41.44 -25.12
C GLY I 137 99.73 -40.88 -25.08
N GLY I 138 99.58 -39.65 -24.62
CA GLY I 138 98.28 -39.01 -24.55
C GLY I 138 97.90 -38.34 -25.86
N GLY I 139 96.83 -37.55 -25.78
CA GLY I 139 96.35 -36.83 -26.94
C GLY I 139 95.14 -37.45 -27.59
N ASP I 140 95.28 -37.82 -28.86
CA ASP I 140 94.24 -38.41 -29.70
C ASP I 140 92.86 -37.81 -29.46
N MET I 141 91.83 -38.66 -29.36
CA MET I 141 90.45 -38.23 -29.31
C MET I 141 89.83 -38.78 -28.03
N PRO I 142 89.27 -37.94 -27.15
CA PRO I 142 88.60 -38.46 -25.96
C PRO I 142 87.37 -39.27 -26.33
N ILE I 143 87.06 -40.27 -25.50
CA ILE I 143 86.00 -41.23 -25.80
C ILE I 143 85.03 -41.29 -24.62
N LYS I 144 83.80 -41.71 -24.92
CA LYS I 144 82.76 -42.02 -23.94
C LYS I 144 82.42 -40.75 -23.18
N GLY I 145 82.48 -40.72 -21.86
CA GLY I 145 81.78 -39.69 -21.10
C GLY I 145 82.22 -38.27 -21.40
N VAL I 146 83.52 -38.06 -21.54
CA VAL I 146 84.02 -36.74 -21.92
C VAL I 146 83.54 -36.38 -23.33
N LEU I 147 83.30 -37.38 -24.18
CA LEU I 147 83.09 -37.10 -25.60
C LEU I 147 81.77 -36.36 -25.84
N GLU I 148 80.64 -36.92 -25.40
CA GLU I 148 79.39 -36.22 -25.67
C GLU I 148 79.27 -34.94 -24.84
N GLN I 149 79.90 -34.90 -23.67
CA GLN I 149 79.86 -33.67 -22.88
C GLN I 149 80.63 -32.55 -23.58
N ILE I 150 81.77 -32.87 -24.19
CA ILE I 150 82.52 -31.87 -24.94
C ILE I 150 81.71 -31.36 -26.12
N GLU I 151 81.07 -32.26 -26.86
CA GLU I 151 80.29 -31.85 -28.03
C GLU I 151 78.91 -31.32 -27.67
N LYS I 152 78.53 -31.35 -26.40
CA LYS I 152 77.25 -30.78 -25.96
C LYS I 152 77.38 -29.32 -25.57
N ASP I 153 78.34 -29.00 -24.69
CA ASP I 153 78.53 -27.64 -24.22
C ASP I 153 79.47 -26.83 -25.10
N PHE I 154 80.02 -27.42 -26.16
CA PHE I 154 80.85 -26.69 -27.10
C PHE I 154 80.42 -26.85 -28.55
N GLY I 155 79.51 -27.76 -28.85
CA GLY I 155 79.06 -27.98 -30.22
C GLY I 155 79.71 -29.19 -30.85
N SER I 156 81.02 -29.33 -30.64
CA SER I 156 81.82 -30.46 -31.12
C SER I 156 83.22 -30.29 -30.55
N PHE I 157 84.02 -31.36 -30.68
CA PHE I 157 85.39 -31.31 -30.21
C PHE I 157 86.21 -30.28 -30.99
N THR I 158 85.91 -30.09 -32.27
CA THR I 158 86.65 -29.12 -33.08
C THR I 158 86.50 -27.72 -32.53
N ASN I 159 85.27 -27.34 -32.13
CA ASN I 159 85.07 -26.04 -31.50
C ASN I 159 85.67 -25.98 -30.11
N PHE I 160 85.84 -27.12 -29.44
CA PHE I 160 86.48 -27.12 -28.12
C PHE I 160 87.99 -26.88 -28.23
N ARG I 161 88.63 -27.51 -29.22
CA ARG I 161 90.07 -27.38 -29.36
C ARG I 161 90.48 -25.94 -29.64
N GLU I 162 89.75 -25.27 -30.53
CA GLU I 162 90.08 -23.88 -30.83
C GLU I 162 89.82 -22.97 -29.62
N LYS I 163 88.75 -23.25 -28.88
CA LYS I 163 88.45 -22.45 -27.69
C LYS I 163 89.52 -22.63 -26.62
N PHE I 164 89.98 -23.87 -26.42
CA PHE I 164 91.03 -24.12 -25.43
C PHE I 164 92.34 -23.45 -25.82
N THR I 165 92.71 -23.52 -27.11
CA THR I 165 93.97 -22.93 -27.54
C THR I 165 93.95 -21.41 -27.39
N ASN I 166 92.85 -20.76 -27.76
CA ASN I 166 92.78 -19.30 -27.64
C ASN I 166 92.87 -18.84 -26.20
N ALA I 167 92.37 -19.64 -25.26
CA ALA I 167 92.50 -19.30 -23.86
C ALA I 167 93.96 -19.29 -23.44
N ALA I 168 94.74 -20.27 -23.89
CA ALA I 168 96.16 -20.31 -23.57
C ALA I 168 96.96 -19.31 -24.39
N LEU I 169 96.57 -19.11 -25.65
CA LEU I 169 97.28 -18.16 -26.51
C LEU I 169 97.14 -16.73 -25.99
N THR I 170 95.95 -16.36 -25.53
CA THR I 170 95.69 -15.01 -25.06
C THR I 170 95.98 -14.82 -23.57
N GLN I 171 96.51 -15.84 -22.90
CA GLN I 171 96.87 -15.72 -21.50
C GLN I 171 98.17 -14.94 -21.38
N PHE I 172 98.08 -13.71 -20.86
CA PHE I 172 99.23 -12.83 -20.72
C PHE I 172 99.91 -13.14 -19.39
N GLY I 173 101.18 -13.51 -19.44
CA GLY I 173 101.94 -13.78 -18.25
C GLY I 173 101.75 -15.19 -17.73
N SER I 174 102.33 -15.44 -16.56
CA SER I 174 102.23 -16.74 -15.93
C SER I 174 100.82 -16.99 -15.43
N GLY I 175 100.27 -18.16 -15.76
CA GLY I 175 98.93 -18.49 -15.35
C GLY I 175 98.59 -19.93 -15.65
N TRP I 176 97.29 -20.20 -15.70
CA TRP I 176 96.81 -21.56 -15.98
C TRP I 176 95.61 -21.50 -16.91
N VAL I 177 95.38 -22.60 -17.61
CA VAL I 177 94.24 -22.76 -18.50
C VAL I 177 93.47 -24.00 -18.04
N TRP I 178 92.15 -23.87 -17.93
CA TRP I 178 91.33 -24.90 -17.32
C TRP I 178 90.17 -25.29 -18.22
N LEU I 179 89.84 -26.58 -18.16
CA LEU I 179 88.55 -27.10 -18.62
C LEU I 179 87.82 -27.56 -17.37
N VAL I 180 86.80 -26.81 -16.96
CA VAL I 180 86.15 -27.02 -15.67
C VAL I 180 84.68 -27.34 -15.88
N LEU I 181 84.05 -27.81 -14.82
CA LEU I 181 82.62 -28.13 -14.78
C LEU I 181 81.94 -27.15 -13.85
N LYS I 182 81.10 -26.29 -14.42
CA LYS I 182 80.39 -25.30 -13.62
C LYS I 182 79.35 -25.99 -12.74
N ARG I 183 79.41 -25.70 -11.44
CA ARG I 183 78.52 -26.38 -10.49
C ARG I 183 77.07 -25.93 -10.67
N GLU I 184 76.85 -24.61 -10.75
CA GLU I 184 75.49 -24.11 -10.87
C GLU I 184 74.94 -24.30 -12.28
N GLU I 185 75.77 -24.13 -13.30
CA GLU I 185 75.32 -24.23 -14.68
C GLU I 185 75.35 -25.66 -15.22
N ARG I 186 76.08 -26.57 -14.57
CA ARG I 186 76.13 -27.98 -14.95
C ARG I 186 76.56 -28.14 -16.41
N ARG I 187 77.69 -27.54 -16.76
CA ARG I 187 78.22 -27.63 -18.11
C ARG I 187 79.74 -27.45 -18.08
N LEU I 188 80.38 -27.89 -19.15
CA LEU I 188 81.83 -27.78 -19.29
C LEU I 188 82.19 -26.44 -19.91
N GLU I 189 83.22 -25.80 -19.36
CA GLU I 189 83.69 -24.51 -19.84
C GLU I 189 85.21 -24.48 -19.82
N VAL I 190 85.77 -23.55 -20.59
CA VAL I 190 87.21 -23.31 -20.64
C VAL I 190 87.47 -21.96 -19.99
N VAL I 191 88.33 -21.96 -18.96
CA VAL I 191 88.61 -20.76 -18.18
C VAL I 191 90.11 -20.53 -18.16
N LYS I 192 90.52 -19.30 -18.45
CA LYS I 192 91.90 -18.87 -18.31
C LYS I 192 92.07 -18.16 -16.98
N THR I 193 93.18 -18.42 -16.30
CA THR I 193 93.41 -17.88 -14.97
C THR I 193 94.89 -17.54 -14.82
N SER I 194 95.16 -16.49 -14.05
CA SER I 194 96.52 -15.97 -13.87
C SER I 194 97.05 -16.32 -12.50
N ASN I 195 98.38 -16.44 -12.42
CA ASN I 195 99.14 -16.66 -11.17
C ASN I 195 98.73 -18.03 -10.60
N ALA I 196 98.53 -18.12 -9.29
CA ALA I 196 98.27 -19.40 -8.63
C ALA I 196 96.78 -19.72 -8.47
N ILE I 197 95.90 -18.82 -8.91
CA ILE I 197 94.47 -19.02 -8.68
C ILE I 197 93.97 -20.20 -9.51
N ASN I 198 93.08 -20.98 -8.92
CA ASN I 198 92.43 -22.10 -9.58
C ASN I 198 90.92 -21.98 -9.39
N PRO I 199 90.13 -22.60 -10.27
CA PRO I 199 88.67 -22.45 -10.19
C PRO I 199 88.04 -23.08 -8.96
N LEU I 200 88.87 -23.67 -8.07
CA LEU I 200 88.36 -24.16 -6.80
C LEU I 200 87.76 -23.02 -5.98
N VAL I 201 88.29 -21.81 -6.11
CA VAL I 201 87.76 -20.66 -5.39
C VAL I 201 86.41 -20.21 -5.93
N TRP I 202 86.01 -20.67 -7.12
CA TRP I 202 84.67 -20.45 -7.65
C TRP I 202 83.77 -21.66 -7.43
N ASP I 203 84.20 -22.63 -6.62
CA ASP I 203 83.45 -23.87 -6.40
C ASP I 203 83.18 -24.60 -7.71
N ASP I 204 84.18 -24.65 -8.57
CA ASP I 204 84.12 -25.39 -9.82
C ASP I 204 85.16 -26.51 -9.79
N ILE I 205 84.81 -27.64 -10.39
CA ILE I 205 85.66 -28.82 -10.36
C ILE I 205 86.51 -28.82 -11.64
N PRO I 206 87.83 -28.68 -11.54
CA PRO I 206 88.67 -28.78 -12.74
C PRO I 206 88.68 -30.19 -13.29
N ILE I 207 88.87 -30.29 -14.61
CA ILE I 207 88.92 -31.56 -15.32
C ILE I 207 90.27 -31.76 -16.01
N ILE I 208 90.71 -30.78 -16.78
CA ILE I 208 91.97 -30.85 -17.52
C ILE I 208 92.79 -29.61 -17.17
N ASN I 209 94.08 -29.83 -16.91
CA ASN I 209 94.99 -28.76 -16.50
C ASN I 209 96.07 -28.56 -17.55
N LEU I 210 96.39 -27.29 -17.82
CA LEU I 210 97.52 -26.92 -18.65
C LEU I 210 98.26 -25.78 -17.97
N ASP I 211 99.59 -25.90 -17.90
CA ASP I 211 100.42 -24.88 -17.28
C ASP I 211 101.03 -24.01 -18.37
N VAL I 212 100.72 -22.73 -18.34
CA VAL I 212 101.30 -21.77 -19.27
C VAL I 212 102.33 -20.86 -18.59
N TRP I 213 102.76 -21.22 -17.38
CA TRP I 213 103.91 -20.55 -16.77
C TRP I 213 105.13 -20.75 -17.65
N GLU I 214 105.95 -19.71 -17.77
CA GLU I 214 107.10 -19.77 -18.66
C GLU I 214 108.06 -20.88 -18.26
N HIS I 215 108.29 -21.04 -16.95
CA HIS I 215 109.22 -22.05 -16.47
C HIS I 215 108.79 -23.47 -16.84
N SER I 216 107.52 -23.68 -17.18
CA SER I 216 107.05 -25.01 -17.53
C SER I 216 107.51 -25.44 -18.91
N TYR I 217 107.70 -24.48 -19.83
CA TYR I 217 108.01 -24.83 -21.21
C TYR I 217 109.08 -23.95 -21.85
N TYR I 218 109.92 -23.29 -21.05
CA TYR I 218 110.90 -22.38 -21.62
C TYR I 218 112.18 -23.07 -22.06
N LEU I 219 112.26 -24.39 -21.95
CA LEU I 219 113.44 -25.13 -22.40
C LEU I 219 113.25 -25.78 -23.76
N ASP I 220 112.11 -26.40 -24.02
CA ASP I 220 111.87 -27.10 -25.26
C ASP I 220 111.09 -26.29 -26.28
N TYR I 221 110.39 -25.24 -25.86
CA TYR I 221 109.59 -24.44 -26.77
C TYR I 221 109.92 -22.96 -26.62
N LYS I 222 110.30 -22.57 -25.40
CA LYS I 222 110.70 -21.19 -25.07
C LYS I 222 109.53 -20.28 -25.37
N ASN I 223 109.70 -19.19 -26.14
CA ASN I 223 108.61 -18.26 -26.38
C ASN I 223 107.61 -18.76 -27.41
N GLU I 224 107.89 -19.88 -28.08
CA GLU I 224 106.95 -20.45 -29.05
C GLU I 224 105.89 -21.26 -28.29
N ARG I 225 105.04 -20.52 -27.57
CA ARG I 225 103.99 -21.15 -26.77
C ARG I 225 102.89 -21.72 -27.65
N GLY I 226 102.71 -21.19 -28.85
CA GLY I 226 101.62 -21.64 -29.70
C GLY I 226 101.72 -23.10 -30.06
N LYS I 227 102.92 -23.55 -30.44
CA LYS I 227 103.12 -24.96 -30.75
C LYS I 227 103.18 -25.81 -29.48
N TYR I 228 103.54 -25.22 -28.35
CA TYR I 228 103.55 -25.98 -27.10
C TYR I 228 102.14 -26.38 -26.70
N ILE I 229 101.16 -25.49 -26.91
CA ILE I 229 99.77 -25.81 -26.63
C ILE I 229 99.29 -26.94 -27.55
N ASN I 230 99.65 -26.86 -28.83
CA ASN I 230 99.22 -27.88 -29.79
C ASN I 230 99.80 -29.24 -29.45
N THR I 231 101.08 -29.29 -29.07
CA THR I 231 101.70 -30.57 -28.73
C THR I 231 101.07 -31.17 -27.49
N PHE I 232 100.73 -30.34 -26.50
CA PHE I 232 100.07 -30.84 -25.30
C PHE I 232 98.72 -31.46 -25.64
N LEU I 233 97.96 -30.82 -26.53
CA LEU I 233 96.66 -31.33 -26.93
C LEU I 233 96.75 -32.51 -27.89
N ASN I 234 97.93 -32.81 -28.42
CA ASN I 234 98.09 -33.85 -29.41
C ASN I 234 98.84 -35.08 -28.93
N HIS I 235 99.71 -34.93 -27.91
CA HIS I 235 100.52 -36.04 -27.43
C HIS I 235 100.56 -36.19 -25.93
N LEU I 236 100.08 -35.22 -25.16
CA LEU I 236 100.25 -35.23 -23.71
C LEU I 236 98.96 -35.17 -22.92
N VAL I 237 97.89 -34.58 -23.46
CA VAL I 237 96.67 -34.41 -22.69
C VAL I 237 96.08 -35.78 -22.36
N SER I 238 95.75 -35.98 -21.08
CA SER I 238 95.24 -37.26 -20.60
C SER I 238 93.71 -37.16 -20.48
N TRP I 239 93.00 -37.73 -21.44
CA TRP I 239 91.55 -37.82 -21.35
C TRP I 239 91.11 -38.98 -20.45
N ASN I 240 92.00 -39.92 -20.15
CA ASN I 240 91.70 -40.96 -19.19
C ASN I 240 91.50 -40.37 -17.80
N ALA I 241 92.32 -39.38 -17.44
CA ALA I 241 92.15 -38.70 -16.15
C ALA I 241 90.85 -37.92 -16.13
N ALA I 242 90.46 -37.34 -17.26
CA ALA I 242 89.19 -36.61 -17.34
C ALA I 242 88.00 -37.52 -17.10
N MET I 243 88.16 -38.83 -17.29
CA MET I 243 87.07 -39.76 -17.01
C MET I 243 86.68 -39.74 -15.54
N SER I 244 87.66 -39.93 -14.65
CA SER I 244 87.35 -40.04 -13.24
C SER I 244 87.09 -38.68 -12.60
N ARG I 245 87.76 -37.63 -13.08
CA ARG I 245 87.49 -36.30 -12.56
C ARG I 245 86.05 -35.90 -12.83
N MET I 246 85.55 -36.19 -14.03
CA MET I 246 84.14 -35.93 -14.32
C MET I 246 83.24 -37.00 -13.71
N ALA I 247 83.79 -38.16 -13.36
CA ALA I 247 83.04 -39.13 -12.56
C ALA I 247 82.99 -38.71 -11.10
N ARG I 248 84.09 -38.19 -10.56
CA ARG I 248 84.09 -37.68 -9.20
C ARG I 248 83.19 -36.46 -9.08
N ALA I 249 83.18 -35.59 -10.10
CA ALA I 249 82.30 -34.44 -10.10
C ALA I 249 80.83 -34.83 -10.17
N GLU I 250 80.52 -36.02 -10.71
CA GLU I 250 79.13 -36.47 -10.76
C GLU I 250 78.53 -36.65 -9.37
N ALA I 251 79.37 -36.81 -8.34
CA ALA I 251 78.88 -36.85 -6.98
C ALA I 251 78.41 -35.49 -6.48
N PHE I 252 78.66 -34.42 -7.24
CA PHE I 252 78.29 -33.08 -6.81
C PHE I 252 77.56 -32.26 -7.87
N VAL I 253 77.54 -32.68 -9.13
CA VAL I 253 76.97 -31.88 -10.21
C VAL I 253 75.77 -32.57 -10.86
N ASN I 254 75.86 -33.87 -11.13
CA ASN I 254 74.76 -34.64 -11.71
C ASN I 254 74.32 -34.07 -13.07
N LEU I 255 75.23 -34.20 -14.04
CA LEU I 255 75.02 -33.71 -15.40
C LEU I 255 73.93 -34.48 -16.16
N GLY I 256 73.21 -35.42 -15.56
CA GLY I 256 72.19 -36.18 -16.28
C GLY I 256 70.85 -35.47 -16.31
N GLU I 257 69.81 -36.27 -16.56
CA GLU I 257 68.44 -35.78 -16.62
C GLU I 257 67.54 -36.64 -15.73
N PRO I 258 66.53 -36.05 -15.12
CA PRO I 258 65.66 -36.80 -14.22
C PRO I 258 64.62 -37.62 -14.95
N THR I 259 64.23 -38.72 -14.32
CA THR I 259 63.15 -39.57 -14.82
C THR I 259 61.83 -39.06 -14.25
N ILE I 260 60.97 -38.55 -15.10
CA ILE I 260 59.74 -37.86 -14.70
C ILE I 260 58.56 -38.75 -15.05
N PRO I 261 57.71 -39.11 -14.09
CA PRO I 261 56.57 -39.97 -14.40
C PRO I 261 55.53 -39.25 -15.25
N ILE I 262 54.75 -40.06 -15.98
CA ILE I 262 53.71 -39.52 -16.85
C ILE I 262 52.44 -39.13 -16.11
N ALA I 263 52.34 -39.44 -14.82
CA ALA I 263 51.14 -39.13 -14.05
C ALA I 263 51.10 -37.64 -13.69
N ASN J 184 -37.56 -69.12 6.38
CA ASN J 184 -36.36 -69.89 6.06
C ASN J 184 -35.20 -69.47 6.95
N GLY J 185 -33.99 -69.48 6.38
CA GLY J 185 -32.81 -69.09 7.12
C GLY J 185 -32.59 -67.59 7.15
N PHE J 186 -33.68 -66.82 7.11
CA PHE J 186 -33.60 -65.37 7.14
C PHE J 186 -33.86 -64.79 8.53
N VAL J 187 -34.50 -65.54 9.41
CA VAL J 187 -34.80 -65.10 10.77
C VAL J 187 -33.99 -65.97 11.73
N VAL J 188 -33.19 -65.32 12.58
CA VAL J 188 -32.33 -66.01 13.54
C VAL J 188 -32.67 -65.50 14.93
N TYR J 189 -32.83 -66.42 15.87
CA TYR J 189 -33.16 -66.08 17.26
C TYR J 189 -31.91 -66.24 18.12
N ASN J 190 -31.59 -65.22 18.89
CA ASN J 190 -30.44 -65.25 19.78
C ASN J 190 -30.54 -64.16 20.85
N GLY J 202 -9.40 -55.61 30.84
CA GLY J 202 -8.28 -54.78 30.45
C GLY J 202 -8.44 -54.15 29.08
N PHE J 203 -7.53 -54.48 28.18
CA PHE J 203 -7.60 -53.96 26.82
C PHE J 203 -8.84 -54.52 26.12
N GLU J 204 -9.17 -53.90 24.98
CA GLU J 204 -10.33 -54.20 24.14
C GLU J 204 -11.63 -53.82 24.82
N LEU J 205 -11.59 -53.38 26.08
CA LEU J 205 -12.73 -52.79 26.77
C LEU J 205 -12.44 -51.38 27.24
N ASP J 206 -11.24 -51.13 27.76
CA ASP J 206 -10.82 -49.75 28.01
C ASP J 206 -10.73 -48.97 26.70
N LYS J 207 -10.26 -49.62 25.63
CA LYS J 207 -10.21 -48.95 24.33
C LYS J 207 -11.60 -48.64 23.82
N LYS J 208 -12.55 -49.55 24.02
CA LYS J 208 -13.91 -49.31 23.57
C LYS J 208 -14.57 -48.22 24.40
N LEU J 209 -14.41 -48.28 25.73
CA LEU J 209 -15.06 -47.33 26.63
C LEU J 209 -14.39 -45.96 26.64
N GLY J 210 -13.18 -45.84 26.10
CA GLY J 210 -12.44 -44.60 26.19
C GLY J 210 -11.69 -44.40 27.49
N ARG J 211 -11.60 -45.43 28.32
CA ARG J 211 -10.83 -45.33 29.56
C ARG J 211 -9.34 -45.30 29.24
N PRO J 212 -8.53 -44.74 30.14
CA PRO J 212 -7.09 -44.64 29.87
C PRO J 212 -6.46 -46.01 29.61
N HIS J 213 -5.79 -46.11 28.46
CA HIS J 213 -5.19 -47.36 28.02
C HIS J 213 -4.04 -47.02 27.08
N PRO J 214 -3.05 -47.91 26.94
CA PRO J 214 -1.99 -47.69 25.96
C PRO J 214 -2.56 -47.65 24.54
N PHE J 215 -1.94 -46.81 23.71
CA PHE J 215 -2.33 -46.75 22.31
C PHE J 215 -2.07 -48.08 21.60
N ILE J 216 -0.95 -48.72 21.92
CA ILE J 216 -0.61 -50.03 21.37
C ILE J 216 -0.70 -51.05 22.49
N ASP J 217 -1.41 -52.14 22.24
CA ASP J 217 -1.58 -53.20 23.23
C ASP J 217 -0.22 -53.80 23.58
N PRO J 218 0.17 -53.83 24.85
CA PRO J 218 1.47 -54.43 25.21
C PRO J 218 1.60 -55.88 24.79
N THR J 219 0.51 -56.66 24.85
CA THR J 219 0.58 -58.05 24.43
C THR J 219 0.78 -58.16 22.93
N LYS J 220 0.06 -57.35 22.15
CA LYS J 220 0.20 -57.36 20.70
C LYS J 220 1.28 -56.39 20.23
N LYS J 221 2.47 -56.51 20.82
CA LYS J 221 3.58 -55.62 20.54
C LYS J 221 4.84 -56.44 20.29
N LYS J 222 5.61 -56.03 19.30
CA LYS J 222 6.84 -56.72 18.93
C LYS J 222 7.98 -55.71 18.83
N GLN J 223 9.20 -56.20 19.05
CA GLN J 223 10.38 -55.37 18.91
C GLN J 223 10.67 -55.11 17.43
N ILE J 224 11.73 -54.35 17.16
CA ILE J 224 12.02 -53.92 15.80
C ILE J 224 13.28 -54.63 15.35
N GLU J 225 13.52 -55.82 15.89
CA GLU J 225 14.62 -56.70 15.48
C GLU J 225 15.95 -55.97 15.69
N THR J 226 16.94 -56.28 14.86
CA THR J 226 18.25 -55.64 14.92
C THR J 226 18.50 -54.89 13.63
N THR J 227 18.96 -53.65 13.74
CA THR J 227 19.20 -52.78 12.60
C THR J 227 20.70 -52.65 12.35
N LEU J 228 21.06 -51.77 11.42
CA LEU J 228 22.45 -51.59 11.05
C LEU J 228 23.27 -51.16 12.26
N THR J 229 24.47 -51.74 12.39
CA THR J 229 25.32 -51.53 13.55
C THR J 229 26.47 -50.57 13.27
N SER J 230 26.30 -49.66 12.31
CA SER J 230 27.26 -48.64 11.91
C SER J 230 28.49 -49.21 11.22
N ASP J 231 28.61 -50.54 11.16
CA ASP J 231 29.65 -51.17 10.35
C ASP J 231 29.14 -51.63 9.00
N GLU J 232 27.82 -51.69 8.83
CA GLU J 232 27.19 -51.98 7.55
C GLU J 232 26.34 -50.81 7.09
N SER J 233 26.75 -49.59 7.46
CA SER J 233 25.99 -48.38 7.17
C SER J 233 26.90 -47.37 6.48
N TRP J 234 26.28 -46.50 5.68
CA TRP J 234 27.01 -45.41 5.06
C TRP J 234 27.38 -44.36 6.11
N TRP J 235 28.32 -43.49 5.73
CA TRP J 235 28.84 -42.52 6.68
C TRP J 235 27.75 -41.55 7.14
N ASN J 236 26.86 -41.15 6.23
CA ASN J 236 25.84 -40.17 6.56
C ASN J 236 24.72 -40.73 7.43
N TRP J 237 24.66 -42.05 7.63
CA TRP J 237 23.63 -42.66 8.45
C TRP J 237 24.20 -43.30 9.73
N ARG J 238 25.39 -42.88 10.14
CA ARG J 238 26.05 -43.42 11.32
C ARG J 238 25.77 -42.55 12.54
N LYS J 239 25.48 -43.21 13.66
CA LYS J 239 25.25 -42.50 14.90
C LYS J 239 26.59 -41.91 15.37
N PRO J 240 26.66 -40.61 15.65
CA PRO J 240 27.94 -40.01 16.03
C PRO J 240 28.53 -40.64 17.28
N GLU J 241 29.86 -40.72 17.30
CA GLU J 241 30.55 -41.39 18.42
C GLU J 241 30.25 -40.70 19.74
N LYS J 242 30.26 -39.36 19.75
CA LYS J 242 29.96 -38.57 20.94
C LYS J 242 28.65 -37.84 20.77
N GLU J 243 27.89 -37.73 21.86
CA GLU J 243 26.65 -36.97 21.84
C GLU J 243 26.95 -35.51 21.52
N GLN J 244 26.08 -34.90 20.73
CA GLN J 244 26.29 -33.55 20.22
C GLN J 244 25.33 -32.57 20.93
N TRP J 245 25.88 -31.45 21.38
CA TRP J 245 25.06 -30.41 21.97
C TRP J 245 24.12 -29.82 20.92
N SER J 246 22.88 -29.53 21.34
CA SER J 246 21.83 -29.27 20.36
C SER J 246 21.05 -27.97 20.57
N ARG J 247 20.92 -27.54 21.82
CA ARG J 247 20.06 -26.42 22.22
C ARG J 247 18.59 -26.81 22.14
N TRP J 248 18.30 -28.00 21.61
CA TRP J 248 16.95 -28.56 21.62
C TRP J 248 16.92 -29.86 22.40
N GLN J 249 17.92 -30.10 23.26
CA GLN J 249 18.05 -31.35 23.99
C GLN J 249 17.10 -31.44 25.18
N ARG J 250 16.47 -30.34 25.58
CA ARG J 250 15.50 -30.34 26.66
C ARG J 250 14.10 -30.13 26.09
N ARG J 251 13.13 -30.85 26.64
CA ARG J 251 11.75 -30.68 26.20
C ARG J 251 11.20 -29.34 26.65
N ARG J 252 10.45 -28.69 25.77
CA ARG J 252 9.91 -27.37 26.06
C ARG J 252 8.84 -27.48 27.14
N PRO J 253 8.91 -26.65 28.19
CA PRO J 253 7.84 -26.66 29.19
C PRO J 253 6.58 -25.97 28.67
N ASP J 254 5.44 -26.41 29.20
CA ASP J 254 4.16 -25.85 28.80
C ASP J 254 3.13 -26.13 29.89
N VAL J 255 1.93 -25.60 29.70
CA VAL J 255 0.84 -25.81 30.63
C VAL J 255 0.38 -27.26 30.62
N GLU J 256 0.39 -27.88 29.43
CA GLU J 256 -0.17 -29.22 29.28
C GLU J 256 0.59 -30.25 30.10
N THR J 257 1.93 -30.16 30.12
CA THR J 257 2.73 -31.12 30.88
C THR J 257 2.43 -31.02 32.37
N VAL J 258 2.37 -29.79 32.89
CA VAL J 258 2.12 -29.59 34.32
C VAL J 258 0.74 -30.10 34.69
N PHE J 259 -0.26 -29.77 33.88
CA PHE J 259 -1.63 -30.19 34.20
C PHE J 259 -1.77 -31.70 34.08
N LEU J 260 -1.15 -32.31 33.07
CA LEU J 260 -1.22 -33.77 32.93
C LEU J 260 -0.53 -34.47 34.09
N LYS J 261 0.60 -33.92 34.55
CA LYS J 261 1.25 -34.50 35.72
C LYS J 261 0.37 -34.37 36.96
N ALA J 262 -0.32 -33.24 37.11
CA ALA J 262 -1.19 -33.06 38.26
C ALA J 262 -2.35 -34.05 38.25
N MET J 263 -3.00 -34.20 37.09
CA MET J 263 -4.11 -35.16 37.00
C MET J 263 -3.63 -36.60 37.05
N ALA J 264 -2.37 -36.87 36.73
CA ALA J 264 -1.83 -38.20 36.95
C ALA J 264 -1.57 -38.45 38.43
N GLU J 265 -1.15 -37.39 39.15
CA GLU J 265 -1.00 -37.49 40.59
C GLU J 265 -2.33 -37.77 41.27
N THR J 266 -3.39 -37.07 40.85
CA THR J 266 -4.69 -37.26 41.46
C THR J 266 -5.40 -38.52 41.00
N GLY J 267 -4.93 -39.17 39.94
CA GLY J 267 -5.56 -40.37 39.44
C GLY J 267 -6.69 -40.15 38.46
N GLN J 268 -6.94 -38.91 38.05
CA GLN J 268 -7.98 -38.65 37.05
C GLN J 268 -7.64 -39.32 35.73
N VAL J 269 -6.37 -39.26 35.31
CA VAL J 269 -5.88 -39.98 34.15
C VAL J 269 -4.60 -40.69 34.54
N LYS J 270 -4.24 -41.70 33.76
CA LYS J 270 -2.97 -42.39 33.91
C LYS J 270 -2.22 -42.36 32.59
N LEU J 271 -0.92 -42.10 32.65
CA LEU J 271 -0.09 -41.99 31.48
C LEU J 271 0.77 -43.24 31.32
N TYR J 272 1.41 -43.35 30.15
CA TYR J 272 2.29 -44.48 29.90
C TYR J 272 3.48 -44.50 30.85
N GLY J 273 4.06 -43.33 31.13
CA GLY J 273 5.16 -43.23 32.07
C GLY J 273 4.99 -42.07 33.03
N LYS J 274 6.08 -41.68 33.70
CA LYS J 274 6.00 -40.57 34.65
C LYS J 274 5.90 -39.23 33.93
N GLU J 275 6.66 -39.03 32.87
CA GLU J 275 6.62 -37.79 32.11
C GLU J 275 5.70 -37.97 30.92
N PRO J 276 4.66 -37.15 30.76
CA PRO J 276 3.78 -37.27 29.60
C PRO J 276 4.55 -37.01 28.30
N THR J 277 4.19 -37.77 27.27
CA THR J 277 4.83 -37.62 25.97
C THR J 277 4.18 -36.47 25.20
N LEU J 278 4.74 -36.19 24.01
CA LEU J 278 4.15 -35.15 23.17
C LEU J 278 2.81 -35.58 22.58
N THR J 279 2.65 -36.88 22.30
CA THR J 279 1.35 -37.39 21.88
C THR J 279 0.31 -37.21 22.96
N GLU J 280 0.66 -37.54 24.21
CA GLU J 280 -0.27 -37.35 25.31
C GLU J 280 -0.55 -35.88 25.55
N THR J 281 0.47 -35.02 25.38
CA THR J 281 0.25 -33.58 25.51
C THR J 281 -0.72 -33.07 24.45
N SER J 282 -0.59 -33.54 23.21
CA SER J 282 -1.51 -33.14 22.16
C SER J 282 -2.92 -33.64 22.46
N LEU J 283 -3.05 -34.88 22.93
CA LEU J 283 -4.36 -35.41 23.26
C LEU J 283 -5.02 -34.62 24.40
N TYR J 284 -4.24 -34.25 25.41
CA TYR J 284 -4.77 -33.43 26.49
C TYR J 284 -5.19 -32.06 25.97
N ARG J 285 -4.38 -31.47 25.09
CA ARG J 285 -4.77 -30.19 24.49
C ARG J 285 -6.08 -30.32 23.74
N ALA J 286 -6.32 -31.47 23.12
CA ALA J 286 -7.58 -31.68 22.42
C ALA J 286 -8.76 -31.84 23.39
N ARG J 287 -8.56 -32.56 24.49
CA ARG J 287 -9.67 -32.98 25.34
C ARG J 287 -9.65 -32.34 26.73
N ARG J 288 -9.01 -31.17 26.87
CA ARG J 288 -8.74 -30.63 28.20
C ARG J 288 -9.96 -30.03 28.89
N HIS J 289 -11.01 -29.68 28.13
CA HIS J 289 -12.18 -29.05 28.75
C HIS J 289 -13.01 -30.05 29.54
N LEU J 290 -13.04 -31.31 29.12
CA LEU J 290 -13.84 -32.32 29.80
C LEU J 290 -13.33 -32.57 31.22
N PHE J 291 -12.00 -32.62 31.39
CA PHE J 291 -11.44 -32.88 32.71
C PHE J 291 -11.67 -31.71 33.65
N LYS J 292 -11.55 -30.49 33.14
CA LYS J 292 -11.86 -29.31 33.95
C LYS J 292 -13.32 -29.30 34.35
N GLU J 293 -14.21 -29.69 33.44
CA GLU J 293 -15.63 -29.77 33.78
C GLU J 293 -15.88 -30.82 34.86
N GLU J 294 -15.18 -31.95 34.78
CA GLU J 294 -15.30 -32.96 35.83
C GLU J 294 -14.85 -32.43 37.17
N ARG J 295 -13.73 -31.70 37.20
CA ARG J 295 -13.25 -31.10 38.45
C ARG J 295 -14.26 -30.11 39.00
N LEU J 296 -14.83 -29.27 38.14
CA LEU J 296 -15.82 -28.29 38.59
C LEU J 296 -17.07 -28.97 39.13
N GLN J 297 -17.51 -30.04 38.48
CA GLN J 297 -18.67 -30.79 38.96
C GLN J 297 -18.39 -31.43 40.31
N ALA J 298 -17.18 -31.96 40.49
CA ALA J 298 -16.81 -32.53 41.79
C ALA J 298 -16.81 -31.46 42.87
N GLU J 299 -16.33 -30.26 42.56
CA GLU J 299 -16.37 -29.19 43.54
C GLU J 299 -17.81 -28.79 43.87
N ARG J 300 -18.69 -28.76 42.85
CA ARG J 300 -20.09 -28.45 43.12
C ARG J 300 -20.72 -29.51 44.02
N GLU J 301 -20.43 -30.78 43.77
CA GLU J 301 -20.96 -31.84 44.62
C GLU J 301 -20.43 -31.73 46.05
N ARG J 302 -19.15 -31.39 46.19
CA ARG J 302 -18.59 -31.20 47.52
C ARG J 302 -19.27 -30.04 48.25
N LEU J 303 -19.54 -28.94 47.54
CA LEU J 303 -20.25 -27.82 48.16
C LEU J 303 -21.66 -28.24 48.58
N ALA J 304 -22.36 -29.00 47.73
CA ALA J 304 -23.70 -29.43 48.06
C ALA J 304 -23.71 -30.40 49.25
N LYS J 305 -22.68 -31.22 49.38
CA LYS J 305 -22.66 -32.22 50.44
C LYS J 305 -22.21 -31.62 51.77
N GLU J 306 -21.10 -30.88 51.77
CA GLU J 306 -20.53 -30.38 53.02
C GLU J 306 -21.33 -29.21 53.59
N GLY J 307 -21.78 -28.31 52.73
CA GLY J 307 -22.45 -27.11 53.17
C GLY J 307 -21.58 -25.88 53.03
N PRO J 308 -22.19 -24.71 52.96
CA PRO J 308 -21.40 -23.48 52.75
C PRO J 308 -20.37 -23.20 53.82
N MET J 309 -20.65 -23.53 55.09
CA MET J 309 -19.71 -23.23 56.16
C MET J 309 -18.45 -24.08 56.03
N ALA J 310 -18.61 -25.38 55.77
CA ALA J 310 -17.45 -26.24 55.62
C ALA J 310 -16.71 -25.95 54.31
N PHE J 311 -17.44 -25.64 53.24
CA PHE J 311 -16.81 -25.41 51.95
C PHE J 311 -15.98 -24.14 51.94
N TYR J 312 -16.55 -23.04 52.42
CA TYR J 312 -15.90 -21.74 52.31
C TYR J 312 -14.94 -21.44 53.45
N SER J 313 -14.84 -22.32 54.44
CA SER J 313 -13.86 -22.14 55.50
C SER J 313 -12.44 -22.39 55.02
N GLU J 314 -12.27 -22.98 53.83
CA GLU J 314 -10.94 -23.13 53.26
C GLU J 314 -10.26 -21.79 53.06
N TRP J 315 -11.04 -20.76 52.73
CA TRP J 315 -10.52 -19.42 52.51
C TRP J 315 -10.76 -18.49 53.70
N VAL J 316 -11.15 -19.04 54.84
CA VAL J 316 -11.24 -18.29 56.10
C VAL J 316 -10.45 -19.10 57.12
N LYS J 317 -9.15 -18.79 57.25
CA LYS J 317 -8.30 -19.55 58.17
C LYS J 317 -8.47 -19.11 59.62
N ALA J 318 -8.94 -17.89 59.87
CA ALA J 318 -9.15 -17.42 61.23
C ALA J 318 -10.37 -18.04 61.89
N TRP J 319 -11.20 -18.76 61.13
CA TRP J 319 -12.38 -19.43 61.68
C TRP J 319 -11.96 -20.77 62.25
N LYS J 320 -11.99 -20.90 63.58
CA LYS J 320 -11.56 -22.11 64.26
C LYS J 320 -12.71 -22.99 64.70
N ARG J 321 -13.94 -22.52 64.61
CA ARG J 321 -15.09 -23.32 65.05
C ARG J 321 -15.34 -24.46 64.09
N ASP J 322 -16.09 -25.45 64.58
CA ASP J 322 -16.47 -26.59 63.74
C ASP J 322 -17.48 -26.14 62.69
N THR J 323 -17.25 -26.53 61.44
CA THR J 323 -18.04 -26.08 60.31
C THR J 323 -18.95 -27.17 59.75
N SER J 324 -19.03 -28.32 60.39
CA SER J 324 -19.87 -29.39 59.90
C SER J 324 -21.34 -29.01 60.01
N ARG J 325 -22.17 -29.67 59.20
CA ARG J 325 -23.60 -29.37 59.20
C ARG J 325 -24.21 -29.66 60.56
N GLU J 326 -23.77 -30.74 61.21
CA GLU J 326 -24.27 -31.07 62.55
C GLU J 326 -23.92 -29.96 63.54
N ALA J 327 -22.68 -29.47 63.49
CA ALA J 327 -22.26 -28.41 64.40
C ALA J 327 -23.04 -27.12 64.14
N VAL J 328 -23.32 -26.83 62.87
CA VAL J 328 -24.14 -25.67 62.55
C VAL J 328 -25.53 -25.82 63.13
N GLN J 329 -26.10 -27.03 63.04
CA GLN J 329 -27.42 -27.26 63.62
C GLN J 329 -27.40 -27.08 65.13
N LYS J 330 -26.37 -27.60 65.80
CA LYS J 330 -26.28 -27.39 67.25
C LYS J 330 -26.15 -25.91 67.60
N HIS J 331 -25.32 -25.18 66.85
CA HIS J 331 -25.16 -23.75 67.13
C HIS J 331 -26.47 -23.01 66.95
N PHE J 332 -27.23 -23.37 65.91
CA PHE J 332 -28.55 -22.78 65.71
C PHE J 332 -29.47 -23.09 66.89
N GLU J 333 -29.43 -24.34 67.37
CA GLU J 333 -30.32 -24.74 68.45
C GLU J 333 -29.99 -23.99 69.74
N GLU J 334 -28.71 -23.89 70.09
CA GLU J 334 -28.35 -23.24 71.36
C GLU J 334 -28.26 -21.73 71.27
N THR J 335 -28.24 -21.13 70.08
CA THR J 335 -28.10 -19.69 69.98
C THR J 335 -29.18 -19.01 69.15
N GLY J 336 -29.89 -19.73 68.29
CA GLY J 336 -30.88 -19.10 67.43
C GLY J 336 -30.34 -18.47 66.18
N GLU J 337 -29.03 -18.57 65.93
CA GLU J 337 -28.42 -18.06 64.71
C GLU J 337 -28.40 -19.17 63.67
N ASP J 338 -29.11 -18.96 62.56
CA ASP J 338 -29.24 -19.99 61.54
C ASP J 338 -27.93 -20.10 60.75
N GLU J 339 -27.97 -20.95 59.71
CA GLU J 339 -26.78 -21.19 58.91
C GLU J 339 -26.33 -19.92 58.21
N ASN J 340 -27.27 -19.10 57.73
CA ASN J 340 -26.90 -17.87 57.04
C ASN J 340 -26.23 -16.88 57.98
N THR J 341 -26.74 -16.76 59.21
CA THR J 341 -26.11 -15.85 60.18
C THR J 341 -24.70 -16.29 60.51
N GLN J 342 -24.50 -17.60 60.73
CA GLN J 342 -23.16 -18.12 61.00
C GLN J 342 -22.24 -17.91 59.82
N LEU J 343 -22.77 -18.08 58.60
CA LEU J 343 -21.96 -17.88 57.40
C LEU J 343 -21.53 -16.43 57.27
N ILE J 344 -22.43 -15.49 57.56
CA ILE J 344 -22.09 -14.08 57.53
C ILE J 344 -21.05 -13.76 58.60
N GLU J 345 -21.18 -14.37 59.77
CA GLU J 345 -20.22 -14.14 60.85
C GLU J 345 -18.84 -14.68 60.48
N MET J 346 -18.79 -15.84 59.84
CA MET J 346 -17.51 -16.44 59.47
C MET J 346 -16.79 -15.61 58.40
N PHE J 347 -17.55 -15.07 57.46
CA PHE J 347 -16.96 -14.22 56.42
C PHE J 347 -16.51 -12.87 56.96
N SER J 348 -16.89 -12.52 58.19
CA SER J 348 -16.43 -11.27 58.80
C SER J 348 -15.01 -11.38 59.34
N HIS J 349 -14.44 -12.57 59.38
CA HIS J 349 -13.06 -12.76 59.79
C HIS J 349 -12.13 -13.02 58.62
N GLN J 350 -12.66 -13.08 57.40
CA GLN J 350 -11.84 -13.26 56.21
C GLN J 350 -11.08 -11.97 55.90
N THR J 351 -9.85 -12.14 55.42
CA THR J 351 -9.04 -11.00 54.99
C THR J 351 -9.25 -10.73 53.51
N ASP J 352 -8.79 -9.57 53.06
CA ASP J 352 -8.97 -9.19 51.66
C ASP J 352 -8.16 -10.11 50.74
N ARG J 353 -6.97 -10.53 51.17
CA ARG J 353 -6.19 -11.49 50.40
C ARG J 353 -6.92 -12.82 50.27
N GLU J 354 -7.46 -13.32 51.38
CA GLU J 354 -8.22 -14.56 51.35
C GLU J 354 -9.46 -14.43 50.51
N TYR J 355 -10.15 -13.29 50.60
CA TYR J 355 -11.34 -13.07 49.78
C TYR J 355 -11.00 -13.06 48.30
N ARG J 356 -9.89 -12.41 47.93
CA ARG J 356 -9.48 -12.39 46.54
C ARG J 356 -9.07 -13.76 46.03
N ILE J 357 -8.45 -14.58 46.89
CA ILE J 357 -8.15 -15.95 46.50
C ILE J 357 -9.44 -16.74 46.29
N MET J 358 -10.43 -16.52 47.15
CA MET J 358 -11.69 -17.26 47.07
C MET J 358 -12.52 -16.87 45.84
N MET J 359 -12.14 -15.81 45.14
CA MET J 359 -12.89 -15.38 43.95
C MET J 359 -12.79 -16.38 42.81
N GLY J 360 -11.90 -17.37 42.89
CA GLY J 360 -11.90 -18.43 41.90
C GLY J 360 -13.12 -19.33 41.96
N THR J 361 -13.86 -19.28 43.07
CA THR J 361 -15.12 -20.00 43.20
C THR J 361 -16.31 -19.19 42.74
N ASP J 362 -16.09 -17.99 42.21
CA ASP J 362 -17.16 -17.19 41.64
C ASP J 362 -17.85 -17.96 40.53
N VAL J 363 -19.19 -17.86 40.49
CA VAL J 363 -19.96 -18.63 39.52
C VAL J 363 -19.71 -18.17 38.09
N ARG J 364 -19.25 -16.94 37.89
CA ARG J 364 -18.96 -16.45 36.55
C ARG J 364 -17.50 -16.66 36.15
N ILE J 365 -16.60 -16.74 37.12
CA ILE J 365 -15.19 -16.95 36.82
C ILE J 365 -14.90 -18.43 36.58
N LYS J 366 -15.29 -19.28 37.52
CA LYS J 366 -15.15 -20.73 37.40
C LYS J 366 -13.70 -21.13 37.13
N ARG J 367 -12.81 -20.69 38.01
CA ARG J 367 -11.41 -21.07 37.91
C ARG J 367 -11.26 -22.58 38.10
N ASP J 368 -10.26 -23.14 37.43
CA ASP J 368 -9.97 -24.56 37.55
C ASP J 368 -9.61 -24.90 38.98
N PRO J 369 -10.29 -25.84 39.62
CA PRO J 369 -9.89 -26.24 40.98
C PRO J 369 -8.48 -26.80 41.06
N LEU J 370 -8.03 -27.48 40.00
CA LEU J 370 -6.65 -27.97 39.96
C LEU J 370 -5.66 -26.81 39.97
N ALA J 371 -5.95 -25.75 39.23
CA ALA J 371 -5.07 -24.59 39.21
C ALA J 371 -5.14 -23.79 40.50
N MET J 372 -6.29 -23.82 41.18
CA MET J 372 -6.45 -23.08 42.42
C MET J 372 -5.54 -23.64 43.52
N ARG J 373 -5.41 -24.96 43.60
CA ARG J 373 -4.65 -25.61 44.65
C ARG J 373 -3.25 -26.00 44.20
N MET J 374 -2.82 -25.60 43.01
CA MET J 374 -1.48 -25.89 42.55
C MET J 374 -0.45 -25.13 43.39
N LYS J 375 0.63 -25.81 43.73
CA LYS J 375 1.69 -25.21 44.53
C LYS J 375 2.72 -24.52 43.64
N GLU J 376 3.59 -23.73 44.28
CA GLU J 376 4.54 -22.92 43.54
C GLU J 376 5.51 -23.77 42.74
N ASP J 377 5.97 -24.88 43.31
CA ASP J 377 6.91 -25.74 42.59
C ASP J 377 6.28 -26.38 41.37
N GLN J 378 4.97 -26.62 41.41
CA GLN J 378 4.27 -27.13 40.23
C GLN J 378 4.10 -26.04 39.18
N ILE J 379 3.75 -24.83 39.62
CA ILE J 379 3.46 -23.74 38.68
C ILE J 379 4.72 -23.30 37.95
N LYS J 380 5.86 -23.26 38.66
CA LYS J 380 7.10 -22.79 38.05
C LYS J 380 7.53 -23.66 36.87
N GLN J 381 7.10 -24.92 36.84
CA GLN J 381 7.46 -25.81 35.73
C GLN J 381 6.74 -25.44 34.44
N ILE J 382 5.76 -24.54 34.48
CA ILE J 382 5.08 -24.11 33.25
C ILE J 382 6.06 -23.41 32.32
N TRP J 383 6.87 -22.51 32.87
CA TRP J 383 7.89 -21.82 32.09
C TRP J 383 9.28 -22.43 32.27
N GLY J 384 9.41 -23.49 33.06
CA GLY J 384 10.65 -24.21 33.16
C GLY J 384 11.52 -23.89 34.36
N GLY J 385 11.04 -23.08 35.30
CA GLY J 385 11.80 -22.74 36.47
C GLY J 385 12.49 -21.40 36.37
N ASP J 386 13.48 -21.20 37.23
CA ASP J 386 14.14 -19.91 37.33
C ASP J 386 14.98 -19.64 36.08
N PRO J 387 14.93 -18.42 35.54
CA PRO J 387 15.82 -18.07 34.43
C PRO J 387 17.28 -18.13 34.85
N VAL J 388 18.12 -18.59 33.92
CA VAL J 388 19.54 -18.71 34.22
C VAL J 388 20.18 -17.34 34.38
N TYR J 389 19.73 -16.35 33.62
CA TYR J 389 20.16 -14.97 33.82
C TYR J 389 19.30 -14.34 34.90
N PRO J 390 19.86 -13.90 36.02
CA PRO J 390 19.02 -13.41 37.12
C PRO J 390 18.24 -12.17 36.75
N THR J 391 16.98 -12.13 37.19
CA THR J 391 16.12 -10.99 36.91
C THR J 391 16.55 -9.74 37.68
N ILE J 392 17.31 -9.92 38.76
CA ILE J 392 17.79 -8.77 39.54
C ILE J 392 18.63 -7.83 38.69
N ASN J 393 19.22 -8.32 37.60
CA ASN J 393 19.93 -7.44 36.67
C ASN J 393 18.98 -6.49 35.96
N TYR J 394 17.74 -6.92 35.73
CA TYR J 394 16.75 -6.11 35.03
C TYR J 394 16.02 -5.15 35.95
N ILE J 395 15.90 -5.48 37.24
CA ILE J 395 14.99 -4.77 38.13
C ILE J 395 15.55 -3.40 38.46
N GLN J 396 14.70 -2.38 38.34
CA GLN J 396 15.04 -1.00 38.66
C GLN J 396 13.92 -0.42 39.51
N ALA J 397 14.29 0.44 40.45
CA ALA J 397 13.28 1.07 41.30
C ALA J 397 12.45 2.06 40.48
N PRO J 398 11.13 2.07 40.65
CA PRO J 398 10.30 3.02 39.88
C PRO J 398 10.62 4.48 40.18
N ASP J 399 11.16 4.79 41.36
CA ASP J 399 11.50 6.15 41.73
C ASP J 399 12.99 6.42 41.57
N ALA J 400 13.73 5.53 40.93
CA ALA J 400 15.18 5.68 40.83
C ALA J 400 15.57 6.87 39.98
N VAL J 401 16.60 7.58 40.41
CA VAL J 401 17.21 8.65 39.63
C VAL J 401 18.48 8.10 39.00
N MET J 402 18.67 8.34 37.71
CA MET J 402 19.80 7.77 37.00
C MET J 402 21.08 8.47 37.41
N ASP J 403 22.06 7.70 37.87
CA ASP J 403 23.37 8.21 38.24
C ASP J 403 24.23 8.24 36.98
N PHE J 404 24.54 9.44 36.50
CA PHE J 404 25.26 9.59 35.24
C PHE J 404 26.76 9.45 35.40
N ARG J 405 27.26 9.27 36.62
CA ARG J 405 28.66 8.99 36.87
C ARG J 405 28.92 7.51 37.10
N GLY J 406 27.96 6.65 36.78
CA GLY J 406 28.10 5.23 37.00
C GLY J 406 29.03 4.58 35.99
N PRO J 407 29.34 3.29 36.22
CA PRO J 407 30.30 2.61 35.34
C PRO J 407 29.82 2.42 33.92
N ASP J 408 28.53 2.55 33.65
CA ASP J 408 27.98 2.30 32.32
C ASP J 408 27.84 3.57 31.50
N PHE J 409 28.38 4.70 31.97
CA PHE J 409 28.25 5.97 31.30
C PHE J 409 29.61 6.48 30.86
N HIS J 410 29.61 7.25 29.77
CA HIS J 410 30.82 7.89 29.31
C HIS J 410 31.22 9.03 30.25
N GLU J 411 32.38 9.61 30.00
CA GLU J 411 32.84 10.73 30.80
C GLU J 411 31.94 11.94 30.55
N PRO J 412 31.79 12.81 31.55
CA PRO J 412 30.93 13.99 31.37
C PRO J 412 31.35 14.81 30.16
N THR J 413 30.38 15.17 29.34
CA THR J 413 30.65 15.91 28.12
C THR J 413 31.03 17.34 28.46
N PRO J 414 32.21 17.82 28.07
CA PRO J 414 32.60 19.19 28.40
C PRO J 414 31.89 20.20 27.52
N ASN J 415 31.79 21.42 28.05
CA ASN J 415 31.28 22.54 27.27
C ASN J 415 32.19 22.78 26.08
N MET J 416 31.60 22.93 24.89
CA MET J 416 32.39 23.05 23.68
C MET J 416 33.27 24.30 23.72
N LEU J 417 32.69 25.43 24.13
CA LEU J 417 33.48 26.64 24.27
C LEU J 417 34.54 26.50 25.36
N SER J 418 34.17 25.92 26.49
CA SER J 418 35.14 25.71 27.56
C SER J 418 36.20 24.71 27.15
N TYR J 419 35.83 23.69 26.38
CA TYR J 419 36.82 22.75 25.87
C TYR J 419 37.79 23.43 24.91
N LEU J 420 37.28 24.29 24.03
CA LEU J 420 38.14 25.02 23.11
C LEU J 420 39.09 25.96 23.85
N LYS J 421 38.58 26.68 24.85
CA LYS J 421 39.42 27.59 25.61
C LYS J 421 40.44 26.84 26.48
N GLU J 422 40.06 25.67 26.99
CA GLU J 422 40.96 24.89 27.85
C GLU J 422 42.19 24.46 27.06
N ASN J 423 42.00 24.03 25.82
CA ASN J 423 43.12 23.66 24.96
C ASN J 423 43.88 24.87 24.43
N CYS J 424 43.51 26.08 24.87
CA CYS J 424 44.19 27.32 24.50
C CYS J 424 44.16 27.53 22.98
N LYS J 425 42.94 27.59 22.45
CA LYS J 425 42.74 27.82 21.03
C LYS J 425 41.71 28.90 20.72
N VAL J 426 40.95 29.36 21.71
CA VAL J 426 40.04 30.49 21.56
C VAL J 426 40.34 31.47 22.69
N ILE J 427 40.68 32.70 22.34
CA ILE J 427 41.02 33.70 23.35
C ILE J 427 39.74 34.33 23.90
N SER J 428 39.86 34.88 25.11
CA SER J 428 38.73 35.51 25.79
C SER J 428 38.26 36.76 25.05
N TYR K 87 16.87 -33.97 63.51
CA TYR K 87 17.60 -32.99 62.73
C TYR K 87 16.97 -32.82 61.35
N ASP K 88 16.67 -31.57 60.99
CA ASP K 88 15.99 -31.29 59.74
C ASP K 88 16.94 -31.42 58.55
N ASP K 89 16.34 -31.64 57.37
CA ASP K 89 17.02 -31.76 56.09
C ASP K 89 16.87 -30.48 55.28
N PRO K 90 17.85 -30.13 54.44
CA PRO K 90 19.13 -30.81 54.21
C PRO K 90 20.11 -30.65 55.36
N PRO K 91 21.17 -31.46 55.43
CA PRO K 91 22.11 -31.36 56.55
C PRO K 91 22.73 -29.97 56.64
N LEU K 92 22.89 -29.50 57.87
CA LEU K 92 23.41 -28.17 58.13
C LEU K 92 24.92 -28.12 57.90
N VAL K 93 25.39 -26.97 57.42
CA VAL K 93 26.80 -26.69 57.31
C VAL K 93 27.10 -25.42 58.10
N CYS K 94 28.32 -25.32 58.60
CA CYS K 94 28.75 -24.17 59.39
C CYS K 94 29.91 -23.47 58.70
N CYS K 95 29.79 -22.15 58.55
CA CYS K 95 30.85 -21.33 57.98
C CYS K 95 31.46 -20.50 59.08
N PHE K 96 32.76 -20.67 59.30
CA PHE K 96 33.47 -20.05 60.40
C PHE K 96 34.43 -19.00 59.86
N GLY K 97 34.39 -17.82 60.45
CA GLY K 97 35.31 -16.77 60.08
C GLY K 97 34.66 -15.41 60.21
N ALA K 98 35.08 -14.49 59.36
CA ALA K 98 34.61 -13.11 59.39
C ALA K 98 33.50 -12.90 58.38
N VAL K 99 32.52 -12.10 58.75
CA VAL K 99 31.44 -11.69 57.85
C VAL K 99 31.75 -10.28 57.36
N GLN K 100 31.95 -10.16 56.04
CA GLN K 100 32.33 -8.89 55.44
C GLN K 100 31.52 -8.69 54.17
N LYS K 101 31.37 -7.43 53.78
CA LYS K 101 30.72 -7.08 52.52
C LYS K 101 31.78 -7.02 51.43
N GLU K 102 31.67 -7.92 50.45
CA GLU K 102 32.62 -8.05 49.34
C GLU K 102 33.98 -8.50 49.87
N PHE K 103 35.00 -7.67 49.70
CA PHE K 103 36.33 -7.91 50.28
C PHE K 103 36.93 -9.24 49.78
N VAL K 104 37.29 -9.25 48.51
CA VAL K 104 38.07 -10.39 48.01
C VAL K 104 39.42 -10.43 48.73
N PRO K 105 39.82 -11.57 49.31
CA PRO K 105 41.09 -11.62 50.03
C PRO K 105 42.31 -11.81 49.13
N VAL K 106 42.17 -12.57 48.04
CA VAL K 106 43.30 -12.95 47.21
C VAL K 106 43.71 -11.74 46.37
N VAL K 107 44.89 -11.19 46.68
CA VAL K 107 45.42 -10.02 45.97
C VAL K 107 46.84 -10.33 45.54
N ARG K 108 47.12 -10.15 44.25
CA ARG K 108 48.47 -10.25 43.72
C ARG K 108 48.73 -9.08 42.77
N VAL K 109 49.85 -9.11 42.06
CA VAL K 109 50.23 -8.06 41.13
C VAL K 109 49.79 -8.45 39.74
N HIS K 110 49.11 -7.54 39.05
CA HIS K 110 48.69 -7.73 37.67
C HIS K 110 49.42 -6.73 36.78
N ASP K 111 49.79 -7.17 35.58
CA ASP K 111 50.60 -6.38 34.67
C ASP K 111 49.78 -5.62 33.64
N ASN K 112 48.45 -5.63 33.76
CA ASN K 112 47.57 -5.00 32.78
C ASN K 112 46.59 -4.07 33.50
N PRO K 113 47.08 -2.94 34.02
CA PRO K 113 46.20 -2.01 34.71
C PRO K 113 45.44 -1.11 33.75
N MET K 114 44.25 -0.70 34.18
CA MET K 114 43.42 0.22 33.44
C MET K 114 43.66 1.64 33.94
N HIS K 115 42.82 2.57 33.51
CA HIS K 115 42.97 3.95 33.92
C HIS K 115 42.79 4.08 35.43
N PRO K 116 43.68 4.78 36.13
CA PRO K 116 43.57 4.86 37.59
C PRO K 116 42.30 5.53 38.08
N ASP K 117 41.67 6.37 37.27
CA ASP K 117 40.49 7.13 37.69
C ASP K 117 39.21 6.68 37.01
N ILE K 118 39.26 6.35 35.73
CA ILE K 118 38.06 6.02 34.97
C ILE K 118 37.68 4.57 35.26
N TYR K 119 36.82 4.36 36.26
CA TYR K 119 36.38 3.02 36.62
C TYR K 119 35.45 2.41 35.60
N SER K 120 34.98 3.19 34.62
CA SER K 120 34.18 2.62 33.54
C SER K 120 35.01 1.73 32.62
N GLN K 121 36.34 1.85 32.67
CA GLN K 121 37.23 0.97 31.92
C GLN K 121 37.56 -0.32 32.68
N TRP K 122 37.31 -0.37 33.98
CA TRP K 122 37.75 -1.50 34.78
C TRP K 122 36.95 -2.76 34.54
N LYS K 123 35.81 -2.67 33.84
CA LYS K 123 35.06 -3.87 33.48
C LYS K 123 35.78 -4.70 32.43
N MET K 124 36.71 -4.10 31.67
CA MET K 124 37.50 -4.87 30.72
C MET K 124 38.44 -5.84 31.43
N LEU K 125 38.79 -5.59 32.68
CA LEU K 125 39.54 -6.54 33.48
C LEU K 125 38.65 -7.57 34.14
N GLN K 126 37.33 -7.46 33.99
CA GLN K 126 36.42 -8.50 34.43
C GLN K 126 36.25 -9.58 33.38
N TRP K 127 36.34 -9.22 32.11
CA TRP K 127 36.30 -10.20 31.02
C TRP K 127 37.67 -10.55 30.48
N ASP K 128 38.72 -9.90 30.96
CA ASP K 128 40.10 -10.31 30.73
C ASP K 128 40.82 -10.27 32.07
N PRO K 129 40.50 -11.18 32.97
CA PRO K 129 40.92 -11.05 34.37
C PRO K 129 42.35 -11.51 34.57
N PRO K 130 42.98 -11.11 35.66
CA PRO K 130 44.18 -11.83 36.12
C PRO K 130 43.83 -13.27 36.46
N GLU K 131 44.79 -14.16 36.24
CA GLU K 131 44.52 -15.59 36.40
C GLU K 131 44.12 -15.93 37.83
N PHE K 132 44.72 -15.27 38.81
CA PHE K 132 44.34 -15.52 40.19
C PHE K 132 42.94 -14.98 40.52
N GLY K 133 42.41 -14.08 39.69
CA GLY K 133 41.10 -13.52 39.93
C GLY K 133 40.03 -14.01 38.99
N ARG K 134 40.22 -15.21 38.43
CA ARG K 134 39.25 -15.74 37.48
C ARG K 134 37.93 -16.08 38.17
N ALA K 135 38.00 -16.77 39.31
CA ALA K 135 36.83 -17.09 40.13
C ALA K 135 37.15 -16.76 41.58
N PRO K 136 37.18 -15.48 41.93
CA PRO K 136 37.58 -15.09 43.28
C PRO K 136 36.62 -15.60 44.34
N GLY K 137 37.19 -15.94 45.51
CA GLY K 137 36.41 -16.24 46.69
C GLY K 137 36.29 -15.03 47.59
N GLY K 138 35.66 -15.24 48.73
CA GLY K 138 35.45 -14.18 49.69
C GLY K 138 35.32 -14.68 51.12
N PRO K 139 34.63 -13.91 51.95
CA PRO K 139 34.42 -14.32 53.34
C PRO K 139 33.50 -15.53 53.42
N PRO K 140 33.56 -16.28 54.53
CA PRO K 140 32.67 -17.44 54.66
C PRO K 140 31.19 -17.10 54.64
N SER K 141 30.83 -15.85 54.95
CA SER K 141 29.42 -15.45 54.87
C SER K 141 28.92 -15.53 53.43
N ASN K 142 29.78 -15.22 52.46
CA ASN K 142 29.42 -15.40 51.05
C ASN K 142 29.08 -16.85 50.76
N VAL K 143 29.92 -17.78 51.25
CA VAL K 143 29.67 -19.20 51.03
C VAL K 143 28.37 -19.63 51.70
N ALA K 144 28.11 -19.11 52.90
CA ALA K 144 26.87 -19.48 53.60
C ALA K 144 25.65 -18.99 52.84
N ILE K 145 25.67 -17.74 52.38
CA ILE K 145 24.55 -17.19 51.63
C ILE K 145 24.34 -17.97 50.33
N SER K 146 25.43 -18.24 49.61
CA SER K 146 25.31 -18.99 48.37
C SER K 146 24.78 -20.40 48.61
N HIS K 147 25.24 -21.05 49.68
CA HIS K 147 24.78 -22.39 50.00
C HIS K 147 23.29 -22.41 50.33
N VAL K 148 22.81 -21.41 51.07
CA VAL K 148 21.39 -21.35 51.36
C VAL K 148 20.59 -21.09 50.09
N ARG K 149 21.09 -20.20 49.21
CA ARG K 149 20.38 -19.93 47.97
C ARG K 149 20.32 -21.16 47.06
N LEU K 150 21.28 -22.06 47.17
CA LEU K 150 21.28 -23.29 46.38
C LEU K 150 20.45 -24.39 47.01
N GLY K 151 19.66 -24.09 48.04
CA GLY K 151 18.76 -25.05 48.63
C GLY K 151 19.23 -25.69 49.91
N GLY K 152 20.41 -25.32 50.41
CA GLY K 152 20.94 -25.90 51.62
C GLY K 152 20.63 -25.07 52.87
N ARG K 153 21.00 -25.63 54.01
CA ARG K 153 20.86 -24.97 55.30
C ARG K 153 22.26 -24.69 55.84
N ALA K 154 22.50 -23.44 56.23
CA ALA K 154 23.82 -23.02 56.68
C ALA K 154 23.70 -22.18 57.94
N ALA K 155 24.76 -22.21 58.73
CA ALA K 155 24.88 -21.38 59.93
C ALA K 155 26.24 -20.71 59.91
N PHE K 156 26.28 -19.46 60.34
CA PHE K 156 27.53 -18.69 60.38
C PHE K 156 28.00 -18.56 61.82
N MET K 157 29.29 -18.82 62.05
CA MET K 157 29.90 -18.73 63.37
C MET K 157 30.95 -17.63 63.33
N GLY K 158 30.72 -16.57 64.11
CA GLY K 158 31.63 -15.45 64.13
C GLY K 158 31.13 -14.39 65.08
N LYS K 159 31.88 -13.29 65.16
CA LYS K 159 31.56 -12.21 66.07
C LYS K 159 31.51 -10.88 65.31
N VAL K 160 30.50 -10.07 65.63
CA VAL K 160 30.36 -8.73 65.09
C VAL K 160 30.20 -7.76 66.26
N GLY K 161 30.43 -6.49 65.98
CA GLY K 161 30.23 -5.46 66.97
C GLY K 161 28.77 -5.14 67.21
N GLY K 162 28.53 -4.32 68.22
CA GLY K 162 27.17 -3.95 68.57
C GLY K 162 26.75 -2.61 67.97
N ASP K 163 27.47 -2.17 66.94
CA ASP K 163 27.17 -0.91 66.29
C ASP K 163 26.21 -1.14 65.13
N ASP K 164 26.02 -0.11 64.29
CA ASP K 164 25.08 -0.21 63.19
C ASP K 164 25.56 -1.18 62.12
N TYR K 165 26.87 -1.19 61.83
CA TYR K 165 27.38 -2.04 60.76
C TYR K 165 27.22 -3.51 61.08
N GLY K 166 27.49 -3.90 62.33
CA GLY K 166 27.30 -5.28 62.73
C GLY K 166 25.85 -5.72 62.63
N GLU K 167 24.93 -4.85 63.06
CA GLU K 167 23.52 -5.16 62.93
C GLU K 167 23.11 -5.28 61.48
N GLU K 168 23.64 -4.43 60.60
CA GLU K 168 23.31 -4.51 59.19
C GLU K 168 23.85 -5.80 58.56
N LEU K 169 25.07 -6.20 58.94
CA LEU K 169 25.61 -7.46 58.44
C LEU K 169 24.78 -8.65 58.91
N VAL K 170 24.37 -8.64 60.19
CA VAL K 170 23.55 -9.72 60.71
C VAL K 170 22.19 -9.74 60.04
N LEU K 171 21.63 -8.56 59.74
CA LEU K 171 20.35 -8.49 59.03
C LEU K 171 20.48 -9.03 57.62
N MET K 172 21.59 -8.71 56.94
CA MET K 172 21.81 -9.23 55.60
C MET K 172 21.92 -10.75 55.62
N MET K 173 22.62 -11.29 56.62
CA MET K 173 22.71 -12.75 56.73
C MET K 173 21.37 -13.37 57.12
N ASN K 174 20.54 -12.65 57.87
CA ASN K 174 19.25 -13.17 58.29
C ASN K 174 18.25 -13.20 57.15
N LYS K 175 18.21 -12.13 56.34
CA LYS K 175 17.30 -12.09 55.21
C LYS K 175 17.61 -13.17 54.17
N GLU K 176 18.84 -13.67 54.16
CA GLU K 176 19.23 -14.78 53.30
C GLU K 176 19.00 -16.13 53.97
N ARG K 177 18.31 -16.14 55.11
CA ARG K 177 17.94 -17.37 55.82
C ARG K 177 19.17 -18.16 56.28
N VAL K 178 20.26 -17.45 56.58
CA VAL K 178 21.43 -18.05 57.21
C VAL K 178 21.25 -17.98 58.71
N GLN K 179 21.53 -19.09 59.40
CA GLN K 179 21.32 -19.14 60.84
C GLN K 179 22.31 -18.21 61.55
N THR K 180 21.76 -17.35 62.42
CA THR K 180 22.52 -16.33 63.11
C THR K 180 22.83 -16.70 64.56
N ARG K 181 22.25 -17.79 65.06
CA ARG K 181 22.40 -18.15 66.47
C ARG K 181 23.86 -18.37 66.86
N GLY K 182 24.73 -18.63 65.90
CA GLY K 182 26.16 -18.73 66.14
C GLY K 182 26.91 -17.43 66.11
N VAL K 183 26.22 -16.30 65.94
CA VAL K 183 26.88 -14.99 65.86
C VAL K 183 26.88 -14.35 67.24
N LYS K 184 28.05 -13.92 67.68
CA LYS K 184 28.23 -13.30 68.99
C LYS K 184 28.42 -11.79 68.81
N PHE K 185 27.71 -11.01 69.61
CA PHE K 185 27.78 -9.57 69.56
C PHE K 185 28.74 -9.03 70.61
N ASP K 186 29.45 -7.95 70.24
CA ASP K 186 30.35 -7.25 71.14
C ASP K 186 29.92 -5.78 71.19
N GLU K 187 29.41 -5.35 72.33
CA GLU K 187 28.84 -4.01 72.43
C GLU K 187 29.93 -2.94 72.38
N GLY K 188 31.12 -3.24 72.89
CA GLY K 188 32.21 -2.28 72.93
C GLY K 188 33.14 -2.26 71.74
N ALA K 189 32.81 -2.99 70.68
CA ALA K 189 33.69 -3.11 69.52
C ALA K 189 33.02 -2.51 68.29
N SER K 190 33.85 -1.97 67.40
CA SER K 190 33.40 -1.40 66.13
C SER K 190 33.55 -2.43 65.04
N THR K 191 32.44 -2.78 64.40
CA THR K 191 32.44 -3.82 63.38
C THR K 191 33.35 -3.46 62.22
N ALA K 192 34.19 -4.42 61.81
CA ALA K 192 35.07 -4.29 60.65
C ALA K 192 36.03 -3.10 60.79
N CYS K 193 36.41 -2.77 62.01
CA CYS K 193 37.36 -1.68 62.27
C CYS K 193 38.53 -2.23 63.05
N THR K 194 39.75 -1.88 62.62
CA THR K 194 40.97 -2.35 63.24
C THR K 194 41.83 -1.16 63.64
N ARG K 195 42.32 -1.17 64.88
CA ARG K 195 43.22 -0.13 65.36
C ARG K 195 44.65 -0.52 65.00
N VAL K 196 45.35 0.38 64.30
CA VAL K 196 46.72 0.15 63.88
C VAL K 196 47.56 1.36 64.24
N LYS K 197 48.87 1.13 64.39
CA LYS K 197 49.83 2.17 64.68
C LYS K 197 50.83 2.25 63.53
N ILE K 198 51.02 3.45 62.99
CA ILE K 198 51.87 3.67 61.83
C ILE K 198 53.29 3.96 62.29
N LYS K 199 54.24 3.18 61.81
CA LYS K 199 55.65 3.33 62.15
C LYS K 199 56.47 3.46 60.87
N PHE K 200 57.74 3.84 61.03
CA PHE K 200 58.63 4.14 59.92
C PHE K 200 59.93 3.35 60.04
N GLU K 201 59.79 2.04 60.27
CA GLU K 201 60.95 1.17 60.38
C GLU K 201 61.77 1.19 59.09
N ASP K 202 63.10 1.26 59.26
CA ASP K 202 64.09 1.26 58.19
C ASP K 202 63.71 2.11 57.00
N GLY K 203 63.13 3.29 57.25
CA GLY K 203 62.82 4.23 56.19
C GLY K 203 61.60 3.89 55.35
N LYS K 204 60.80 2.91 55.77
CA LYS K 204 59.59 2.55 55.05
C LYS K 204 58.41 2.57 56.01
N MET K 205 57.29 3.12 55.55
CA MET K 205 56.10 3.18 56.39
C MET K 205 55.52 1.78 56.60
N LYS K 206 55.14 1.50 57.85
CA LYS K 206 54.58 0.21 58.21
C LYS K 206 53.52 0.42 59.27
N ALA K 207 52.67 -0.60 59.45
CA ALA K 207 51.60 -0.56 60.43
C ALA K 207 51.63 -1.83 61.26
N GLU K 208 51.18 -1.72 62.51
CA GLU K 208 51.05 -2.87 63.40
C GLU K 208 49.71 -2.77 64.12
N THR K 209 49.07 -3.93 64.31
CA THR K 209 47.74 -3.96 64.88
C THR K 209 47.78 -3.63 66.37
N VAL K 210 46.94 -2.69 66.78
CA VAL K 210 46.80 -2.34 68.19
C VAL K 210 45.63 -3.07 68.83
N LYS K 211 44.45 -3.01 68.20
CA LYS K 211 43.27 -3.71 68.67
C LYS K 211 42.63 -4.42 67.49
N GLU K 212 42.46 -5.73 67.61
CA GLU K 212 41.89 -6.51 66.52
C GLU K 212 40.40 -6.20 66.36
N PRO K 213 39.87 -6.34 65.14
CA PRO K 213 38.44 -6.13 64.93
C PRO K 213 37.63 -7.26 65.55
N PRO K 214 36.34 -7.03 65.83
CA PRO K 214 35.52 -8.09 66.43
C PRO K 214 35.38 -9.33 65.55
N GLU K 215 35.59 -9.21 64.24
CA GLU K 215 35.53 -10.38 63.38
C GLU K 215 36.68 -11.34 63.65
N ASP K 216 37.81 -10.81 64.12
CA ASP K 216 38.97 -11.62 64.46
C ASP K 216 39.10 -11.87 65.96
N SER K 217 38.07 -11.55 66.73
CA SER K 217 38.14 -11.59 68.19
C SER K 217 37.06 -12.49 68.77
N LEU K 218 36.85 -13.66 68.17
CA LEU K 218 35.93 -14.64 68.70
C LEU K 218 36.70 -15.64 69.57
N LEU K 219 36.23 -15.82 70.80
CA LEU K 219 36.88 -16.71 71.76
C LEU K 219 36.24 -18.08 71.74
N ALA K 220 37.00 -19.07 72.23
CA ALA K 220 36.50 -20.44 72.30
C ALA K 220 35.31 -20.56 73.24
N SER K 221 35.19 -19.67 74.23
CA SER K 221 34.04 -19.67 75.12
C SER K 221 32.80 -19.08 74.48
N GLU K 222 32.94 -18.38 73.35
CA GLU K 222 31.81 -17.78 72.65
C GLU K 222 31.26 -18.67 71.55
N LEU K 223 31.79 -19.88 71.39
CA LEU K 223 31.31 -20.78 70.35
C LEU K 223 29.89 -21.26 70.67
N ASN K 224 29.20 -21.71 69.62
CA ASN K 224 27.85 -22.25 69.74
C ASN K 224 27.95 -23.77 69.58
N LEU K 225 27.73 -24.49 70.67
CA LEU K 225 27.94 -25.93 70.67
C LEU K 225 26.84 -26.68 69.93
N ALA K 226 25.61 -26.15 69.94
CA ALA K 226 24.53 -26.78 69.20
C ALA K 226 24.80 -26.74 67.71
N VAL K 227 25.28 -25.60 67.20
CA VAL K 227 25.59 -25.48 65.78
C VAL K 227 26.70 -26.45 65.40
N LEU K 228 27.76 -26.51 66.21
CA LEU K 228 28.87 -27.40 65.90
C LEU K 228 28.47 -28.86 66.01
N LYS K 229 27.47 -29.17 66.85
CA LYS K 229 26.98 -30.54 66.94
C LYS K 229 26.13 -30.91 65.73
N GLU K 230 25.28 -29.99 65.28
CA GLU K 230 24.38 -30.29 64.18
C GLU K 230 25.09 -30.27 62.82
N ALA K 231 26.04 -29.35 62.65
CA ALA K 231 26.65 -29.14 61.35
C ALA K 231 27.39 -30.38 60.87
N ARG K 232 27.16 -30.76 59.62
CA ARG K 232 27.83 -31.91 59.03
C ARG K 232 29.10 -31.53 58.29
N ILE K 233 29.24 -30.28 57.86
CA ILE K 233 30.46 -29.78 57.24
C ILE K 233 30.85 -28.51 57.95
N PHE K 234 32.12 -28.40 58.33
CA PHE K 234 32.67 -27.21 58.96
C PHE K 234 33.59 -26.52 57.95
N HIS K 235 33.27 -25.27 57.61
CA HIS K 235 33.95 -24.54 56.55
C HIS K 235 34.65 -23.32 57.12
N PHE K 236 35.87 -23.07 56.66
CA PHE K 236 36.63 -21.91 57.10
C PHE K 236 37.66 -21.56 56.02
N ASN K 237 38.21 -20.35 56.14
CA ASN K 237 39.22 -19.85 55.22
C ASN K 237 40.53 -19.60 55.96
N SER K 238 41.60 -19.42 55.20
CA SER K 238 42.91 -19.16 55.77
C SER K 238 43.07 -17.72 56.26
N GLU K 239 42.03 -16.90 56.16
CA GLU K 239 42.08 -15.56 56.71
C GLU K 239 42.18 -15.59 58.24
N VAL K 240 41.54 -16.57 58.87
CA VAL K 240 41.61 -16.69 60.32
C VAL K 240 43.01 -17.01 60.81
N LEU K 241 43.86 -17.58 59.94
CA LEU K 241 45.24 -17.86 60.32
C LEU K 241 46.08 -16.60 60.44
N THR K 242 45.58 -15.46 59.97
CA THR K 242 46.25 -14.19 60.15
C THR K 242 45.93 -13.54 61.49
N SER K 243 45.14 -14.21 62.33
CA SER K 243 44.78 -13.73 63.65
C SER K 243 45.03 -14.84 64.67
N PRO K 244 45.80 -14.59 65.73
CA PRO K 244 46.06 -15.66 66.70
C PRO K 244 44.83 -16.07 67.49
N THR K 245 44.02 -15.09 67.92
CA THR K 245 42.79 -15.40 68.64
C THR K 245 41.89 -16.30 67.80
N MET K 246 41.67 -15.91 66.54
CA MET K 246 40.85 -16.72 65.66
C MET K 246 41.51 -18.05 65.32
N GLU K 247 42.84 -18.10 65.33
CA GLU K 247 43.52 -19.38 65.13
C GLU K 247 43.19 -20.36 66.26
N SER K 248 43.33 -19.91 67.50
CA SER K 248 43.01 -20.78 68.63
C SER K 248 41.55 -21.16 68.65
N THR K 249 40.66 -20.18 68.40
CA THR K 249 39.24 -20.47 68.36
C THR K 249 38.91 -21.46 67.25
N LEU K 250 39.55 -21.31 66.08
CA LEU K 250 39.32 -22.21 64.98
C LEU K 250 39.74 -23.63 65.32
N PHE K 251 40.89 -23.79 65.98
CA PHE K 251 41.33 -25.14 66.30
C PHE K 251 40.44 -25.79 67.35
N LYS K 252 39.99 -25.00 68.34
CA LYS K 252 39.03 -25.54 69.30
C LYS K 252 37.73 -25.95 68.62
N ALA K 253 37.24 -25.12 67.69
CA ALA K 253 36.02 -25.44 66.96
C ALA K 253 36.20 -26.68 66.09
N ILE K 254 37.39 -26.85 65.52
CA ILE K 254 37.66 -28.04 64.71
C ILE K 254 37.64 -29.28 65.59
N GLN K 255 38.24 -29.21 66.78
CA GLN K 255 38.16 -30.35 67.71
C GLN K 255 36.71 -30.67 68.05
N TRP K 256 35.92 -29.64 68.35
CA TRP K 256 34.52 -29.86 68.70
C TRP K 256 33.77 -30.50 67.54
N SER K 257 33.97 -30.00 66.31
CA SER K 257 33.25 -30.50 65.16
C SER K 257 33.66 -31.94 64.83
N LYS K 258 34.96 -32.25 64.93
CA LYS K 258 35.41 -33.61 64.69
C LYS K 258 34.87 -34.56 65.75
N LYS K 259 34.70 -34.08 66.98
CA LYS K 259 34.13 -34.93 68.03
C LYS K 259 32.71 -35.37 67.66
N PHE K 260 31.91 -34.46 67.12
CA PHE K 260 30.52 -34.74 66.81
C PHE K 260 30.33 -35.40 65.44
N GLY K 261 31.39 -35.61 64.69
CA GLY K 261 31.31 -36.30 63.41
C GLY K 261 31.26 -35.44 62.18
N GLY K 262 31.48 -34.13 62.31
CA GLY K 262 31.43 -33.26 61.16
C GLY K 262 32.69 -33.36 60.31
N LEU K 263 32.57 -32.85 59.08
CA LEU K 263 33.67 -32.80 58.13
C LEU K 263 34.25 -31.39 58.07
N ILE K 264 35.56 -31.30 57.89
CA ILE K 264 36.26 -30.03 57.87
C ILE K 264 36.55 -29.65 56.43
N PHE K 265 36.03 -28.49 56.01
CA PHE K 265 36.22 -27.97 54.67
C PHE K 265 37.18 -26.78 54.76
N PHE K 266 38.38 -26.95 54.22
CA PHE K 266 39.37 -25.89 54.18
C PHE K 266 39.36 -25.26 52.79
N ASP K 267 38.77 -24.07 52.70
CA ASP K 267 38.79 -23.27 51.47
C ASP K 267 39.85 -22.20 51.68
N LEU K 268 41.01 -22.39 51.04
CA LEU K 268 42.21 -21.64 51.36
C LEU K 268 42.01 -20.13 51.28
N ASN K 269 41.78 -19.61 50.07
CA ASN K 269 41.57 -18.18 49.84
C ASN K 269 42.68 -17.36 50.50
N LEU K 270 43.89 -17.53 50.01
CA LEU K 270 45.07 -16.92 50.62
C LEU K 270 44.96 -15.40 50.56
N PRO K 271 45.00 -14.70 51.70
CA PRO K 271 45.00 -13.23 51.65
C PRO K 271 46.34 -12.67 51.21
N LEU K 272 46.42 -11.35 51.06
CA LEU K 272 47.63 -10.68 50.58
C LEU K 272 48.89 -11.04 51.35
N PRO K 273 48.90 -11.07 52.70
CA PRO K 273 50.16 -11.41 53.39
C PRO K 273 50.67 -12.82 53.09
N LEU K 274 49.78 -13.77 52.83
CA LEU K 274 50.16 -15.17 52.69
C LEU K 274 50.72 -15.50 51.31
N TRP K 275 50.97 -14.51 50.46
CA TRP K 275 51.59 -14.72 49.16
C TRP K 275 53.05 -14.28 49.15
N ARG K 276 53.63 -13.97 50.31
CA ARG K 276 54.97 -13.41 50.35
C ARG K 276 56.02 -14.44 49.93
N SER K 277 55.96 -15.63 50.51
CA SER K 277 56.87 -16.70 50.12
C SER K 277 56.21 -18.03 50.44
N ARG K 278 56.69 -19.08 49.77
CA ARG K 278 56.01 -20.38 49.85
C ARG K 278 56.23 -21.04 51.20
N ASN K 279 57.47 -21.03 51.71
CA ASN K 279 57.80 -21.80 52.90
C ASN K 279 57.07 -21.29 54.13
N GLU K 280 57.01 -19.97 54.32
CA GLU K 280 56.34 -19.44 55.50
C GLU K 280 54.85 -19.74 55.45
N THR K 281 54.24 -19.66 54.27
CA THR K 281 52.83 -19.99 54.13
C THR K 281 52.58 -21.47 54.39
N ARG K 282 53.48 -22.34 53.91
CA ARG K 282 53.33 -23.77 54.17
C ARG K 282 53.40 -24.07 55.65
N LYS K 283 54.35 -23.46 56.36
CA LYS K 283 54.43 -23.66 57.80
C LYS K 283 53.20 -23.09 58.51
N LEU K 284 52.69 -21.95 58.03
CA LEU K 284 51.52 -21.34 58.67
C LEU K 284 50.26 -22.17 58.46
N ILE K 285 50.10 -22.81 57.31
CA ILE K 285 48.87 -23.52 56.99
C ILE K 285 48.96 -25.02 57.19
N LYS K 286 50.13 -25.53 57.63
CA LYS K 286 50.30 -26.98 57.71
C LYS K 286 49.30 -27.62 58.68
N LYS K 287 49.10 -27.01 59.85
CA LYS K 287 48.21 -27.61 60.85
C LYS K 287 46.77 -27.65 60.36
N SER K 288 46.26 -26.51 59.87
CA SER K 288 44.91 -26.47 59.35
C SER K 288 44.76 -27.34 58.11
N TRP K 289 45.82 -27.43 57.29
CA TRP K 289 45.77 -28.31 56.13
C TRP K 289 45.60 -29.77 56.55
N ASP K 290 46.33 -30.19 57.59
CA ASP K 290 46.23 -31.56 58.07
C ASP K 290 44.97 -31.81 58.89
N GLU K 291 44.28 -30.76 59.32
CA GLU K 291 43.04 -30.90 60.06
C GLU K 291 41.80 -30.95 59.16
N ALA K 292 41.97 -30.96 57.85
CA ALA K 292 40.86 -30.80 56.91
C ALA K 292 40.60 -32.09 56.14
N ASN K 293 39.32 -32.40 55.96
CA ASN K 293 38.91 -33.54 55.14
C ASN K 293 38.67 -33.14 53.69
N ILE K 294 38.19 -31.93 53.45
CA ILE K 294 37.95 -31.41 52.11
C ILE K 294 38.72 -30.11 51.97
N ILE K 295 39.46 -29.99 50.88
CA ILE K 295 40.27 -28.80 50.61
C ILE K 295 39.97 -28.31 49.20
N GLU K 296 39.74 -27.01 49.06
CA GLU K 296 39.60 -26.37 47.77
C GLU K 296 40.68 -25.31 47.63
N VAL K 297 41.47 -25.40 46.57
CA VAL K 297 42.49 -24.40 46.25
C VAL K 297 42.33 -24.00 44.80
N SER K 298 42.75 -22.79 44.49
CA SER K 298 42.82 -22.38 43.10
C SER K 298 44.09 -22.94 42.47
N GLN K 299 44.14 -22.87 41.14
CA GLN K 299 45.34 -23.33 40.43
C GLN K 299 46.57 -22.53 40.84
N GLN K 300 46.40 -21.20 40.98
CA GLN K 300 47.50 -20.35 41.42
C GLN K 300 47.92 -20.68 42.83
N GLU K 301 46.96 -20.93 43.73
CA GLU K 301 47.29 -21.27 45.10
C GLU K 301 48.07 -22.57 45.18
N LEU K 302 47.62 -23.59 44.44
CA LEU K 302 48.32 -24.88 44.46
C LEU K 302 49.73 -24.76 43.88
N GLU K 303 49.86 -24.04 42.77
CA GLU K 303 51.18 -23.90 42.15
C GLU K 303 52.12 -23.08 43.02
N PHE K 304 51.60 -22.07 43.71
CA PHE K 304 52.41 -21.33 44.67
C PHE K 304 52.84 -22.22 45.83
N LEU K 305 51.94 -23.08 46.30
CA LEU K 305 52.28 -23.95 47.42
C LEU K 305 53.28 -25.03 47.03
N LEU K 306 53.28 -25.47 45.78
CA LEU K 306 54.24 -26.50 45.36
C LEU K 306 55.49 -25.88 44.73
N ASP K 307 55.35 -25.24 43.58
CA ASP K 307 56.45 -24.54 42.92
C ASP K 307 55.92 -23.65 41.81
N GLU K 308 56.07 -22.34 41.94
CA GLU K 308 55.55 -21.44 40.91
C GLU K 308 56.42 -21.46 39.66
N GLU K 309 57.74 -21.40 39.84
CA GLU K 309 58.65 -21.28 38.70
C GLU K 309 58.62 -22.53 37.82
N TYR K 310 58.53 -23.71 38.43
CA TYR K 310 58.52 -24.94 37.65
C TYR K 310 57.33 -24.99 36.72
N TYR K 311 56.14 -24.68 37.23
CA TYR K 311 54.94 -24.76 36.41
C TYR K 311 54.88 -23.60 35.41
N GLU K 312 55.42 -22.44 35.77
CA GLU K 312 55.53 -21.35 34.79
C GLU K 312 56.43 -21.76 33.64
N ARG K 313 57.55 -22.40 33.93
CA ARG K 313 58.45 -22.89 32.87
C ARG K 313 57.77 -23.96 32.03
N ARG K 314 57.03 -24.87 32.68
CA ARG K 314 56.35 -25.93 31.95
C ARG K 314 55.29 -25.37 31.02
N ARG K 315 54.59 -24.33 31.46
CA ARG K 315 53.59 -23.70 30.60
C ARG K 315 54.22 -23.04 29.38
N ASN K 316 55.38 -22.40 29.57
CA ASN K 316 56.02 -21.64 28.51
C ASN K 316 56.80 -22.51 27.53
N TYR K 317 56.94 -23.80 27.80
CA TYR K 317 57.75 -24.66 26.94
C TYR K 317 57.09 -24.84 25.57
N THR K 318 57.91 -24.77 24.52
CA THR K 318 57.46 -24.96 23.15
C THR K 318 58.50 -25.83 22.45
N PRO K 319 58.10 -26.92 21.80
CA PRO K 319 59.07 -27.77 21.12
C PRO K 319 59.74 -27.04 19.95
N GLN K 320 61.00 -27.37 19.71
CA GLN K 320 61.81 -26.65 18.74
C GLN K 320 61.45 -27.01 17.31
N TYR K 321 61.15 -28.28 17.04
CA TYR K 321 61.01 -28.75 15.66
C TYR K 321 59.61 -29.21 15.32
N PHE K 322 59.03 -30.12 16.09
CA PHE K 322 57.68 -30.60 15.79
C PHE K 322 57.00 -31.00 17.08
N ALA K 323 55.68 -30.98 17.06
CA ALA K 323 54.89 -31.37 18.22
C ALA K 323 54.89 -32.88 18.39
N GLU K 324 54.69 -33.32 19.64
CA GLU K 324 54.63 -34.75 19.92
C GLU K 324 53.31 -35.38 19.52
N ASP K 325 52.25 -34.58 19.39
CA ASP K 325 50.97 -35.07 18.88
C ASP K 325 50.24 -33.89 18.24
N PHE K 326 49.17 -34.21 17.50
CA PHE K 326 48.49 -33.17 16.73
C PHE K 326 47.85 -32.13 17.64
N GLU K 327 47.24 -32.56 18.74
CA GLU K 327 46.53 -31.63 19.63
C GLU K 327 47.46 -30.58 20.22
N GLN K 328 48.76 -30.86 20.23
CA GLN K 328 49.75 -29.89 20.70
C GLN K 328 50.10 -28.85 19.64
N THR K 329 49.64 -29.04 18.39
CA THR K 329 49.85 -28.08 17.33
C THR K 329 48.83 -26.94 17.37
N LYS K 330 47.74 -27.08 18.11
CA LYS K 330 46.68 -26.08 18.11
C LYS K 330 46.96 -24.89 19.02
N ASN K 331 48.01 -24.95 19.84
CA ASN K 331 48.36 -23.86 20.75
C ASN K 331 47.19 -23.49 21.64
N ARG K 332 46.47 -24.50 22.12
CA ARG K 332 45.33 -24.29 22.98
C ARG K 332 45.76 -23.85 24.38
N ARG K 333 44.80 -23.32 25.14
CA ARG K 333 45.07 -22.93 26.51
C ARG K 333 45.49 -24.15 27.33
N ASP K 334 46.43 -23.94 28.25
CA ASP K 334 46.97 -25.04 29.04
C ASP K 334 46.00 -25.41 30.14
N TYR K 335 45.61 -26.69 30.17
CA TYR K 335 44.73 -27.21 31.21
C TYR K 335 45.42 -28.37 31.91
N TYR K 336 46.68 -28.18 32.26
CA TYR K 336 47.51 -29.27 32.79
C TYR K 336 46.90 -29.86 34.05
N HIS K 337 46.78 -31.18 34.08
CA HIS K 337 46.25 -31.91 35.22
C HIS K 337 47.40 -32.45 36.05
N TYR K 338 47.52 -31.96 37.28
CA TYR K 338 48.60 -32.37 38.15
C TYR K 338 48.45 -33.84 38.54
N THR K 339 49.54 -34.58 38.48
CA THR K 339 49.52 -35.97 38.88
C THR K 339 49.45 -36.08 40.40
N PRO K 340 48.86 -37.16 40.92
CA PRO K 340 48.87 -37.36 42.37
C PRO K 340 50.27 -37.44 42.96
N GLU K 341 51.27 -37.83 42.16
CA GLU K 341 52.65 -37.80 42.64
C GLU K 341 53.10 -36.38 42.93
N GLU K 342 52.70 -35.41 42.10
CA GLU K 342 52.99 -34.01 42.38
C GLU K 342 52.21 -33.51 43.59
N ILE K 343 51.00 -34.02 43.79
CA ILE K 343 50.18 -33.62 44.94
C ILE K 343 50.62 -34.30 46.23
N LYS K 344 51.48 -35.31 46.14
CA LYS K 344 51.88 -36.09 47.31
C LYS K 344 52.40 -35.26 48.47
N PRO K 345 53.22 -34.22 48.28
CA PRO K 345 53.62 -33.40 49.45
C PRO K 345 52.45 -32.82 50.23
N LEU K 346 51.35 -32.48 49.56
CA LEU K 346 50.22 -31.86 50.22
C LEU K 346 49.15 -32.85 50.66
N TRP K 347 49.34 -34.15 50.42
CA TRP K 347 48.37 -35.15 50.80
C TRP K 347 48.61 -35.62 52.22
N HIS K 348 47.52 -36.01 52.89
CA HIS K 348 47.60 -36.61 54.22
C HIS K 348 46.48 -37.64 54.35
N ASP K 349 46.41 -38.27 55.52
CA ASP K 349 45.57 -39.46 55.67
C ASP K 349 44.09 -39.14 55.77
N ASP K 350 43.73 -38.02 56.39
CA ASP K 350 42.33 -37.68 56.59
C ASP K 350 41.71 -36.93 55.41
N LEU K 351 42.48 -36.69 54.35
CA LEU K 351 41.98 -35.95 53.19
C LEU K 351 41.09 -36.86 52.35
N LYS K 352 39.81 -36.52 52.28
CA LYS K 352 38.86 -37.30 51.48
C LYS K 352 38.74 -36.78 50.05
N LEU K 353 38.88 -35.46 49.85
CA LEU K 353 38.70 -34.88 48.53
C LEU K 353 39.46 -33.57 48.47
N LEU K 354 40.27 -33.41 47.42
CA LEU K 354 40.93 -32.16 47.12
C LEU K 354 40.48 -31.69 45.75
N VAL K 355 40.06 -30.44 45.65
CA VAL K 355 39.58 -29.85 44.41
C VAL K 355 40.46 -28.67 44.05
N VAL K 356 41.03 -28.69 42.86
CA VAL K 356 41.79 -27.57 42.31
C VAL K 356 40.94 -26.95 41.20
N THR K 357 40.67 -25.66 41.33
CA THR K 357 39.78 -24.96 40.42
C THR K 357 40.56 -23.96 39.58
N ASP K 358 40.51 -24.13 38.26
CA ASP K 358 40.99 -23.13 37.32
C ASP K 358 39.81 -22.27 36.88
N GLY K 359 39.37 -21.41 37.80
CA GLY K 359 38.11 -20.72 37.60
C GLY K 359 36.97 -21.72 37.53
N THR K 360 36.05 -21.46 36.61
CA THR K 360 35.00 -22.43 36.29
C THR K 360 35.36 -23.29 35.10
N LEU K 361 36.53 -23.06 34.50
CA LEU K 361 36.91 -23.80 33.29
C LEU K 361 37.32 -25.23 33.61
N ARG K 362 38.08 -25.43 34.68
CA ARG K 362 38.56 -26.75 35.05
C ARG K 362 38.37 -26.97 36.54
N LEU K 363 37.99 -28.20 36.89
CA LEU K 363 37.84 -28.62 38.29
C LEU K 363 38.61 -29.93 38.46
N HIS K 364 39.88 -29.81 38.86
CA HIS K 364 40.71 -30.98 39.12
C HIS K 364 40.40 -31.52 40.50
N TYR K 365 39.96 -32.77 40.58
CA TYR K 365 39.60 -33.40 41.84
C TYR K 365 40.56 -34.54 42.14
N TYR K 366 40.90 -34.70 43.41
CA TYR K 366 41.78 -35.78 43.85
C TYR K 366 41.20 -36.42 45.10
N THR K 367 41.10 -37.74 45.07
CA THR K 367 40.64 -38.56 46.18
C THR K 367 41.70 -39.62 46.46
N PRO K 368 41.67 -40.25 47.63
CA PRO K 368 42.65 -41.33 47.89
C PRO K 368 42.60 -42.46 46.88
N LYS K 369 41.46 -42.68 46.23
CA LYS K 369 41.30 -43.78 45.29
C LYS K 369 41.51 -43.38 43.84
N PHE K 370 41.05 -42.19 43.44
CA PHE K 370 41.12 -41.79 42.04
C PHE K 370 41.35 -40.29 41.94
N ASP K 371 41.54 -39.83 40.71
CA ASP K 371 41.70 -38.41 40.41
C ASP K 371 41.24 -38.15 38.99
N GLY K 372 40.94 -36.90 38.70
CA GLY K 372 40.47 -36.54 37.37
C GLY K 372 40.22 -35.06 37.28
N VAL K 373 39.58 -34.66 36.19
CA VAL K 373 39.26 -33.26 35.93
C VAL K 373 37.85 -33.19 35.35
N VAL K 374 37.11 -32.17 35.77
CA VAL K 374 35.79 -31.87 35.23
C VAL K 374 35.92 -30.65 34.33
N VAL K 375 35.56 -30.82 33.06
CA VAL K 375 35.68 -29.74 32.08
C VAL K 375 34.49 -28.81 32.23
N GLY K 376 34.76 -27.53 32.45
CA GLY K 376 33.70 -26.54 32.53
C GLY K 376 33.86 -25.47 31.46
N THR K 377 33.20 -24.34 31.66
CA THR K 377 33.29 -23.23 30.72
C THR K 377 32.97 -21.94 31.45
N GLU K 378 32.97 -20.84 30.71
CA GLU K 378 32.58 -19.56 31.25
C GLU K 378 32.17 -18.67 30.08
N ASP K 379 31.26 -17.73 30.36
CA ASP K 379 30.92 -16.73 29.37
C ASP K 379 30.48 -15.46 30.11
N VAL K 380 31.44 -14.56 30.33
CA VAL K 380 31.13 -13.25 30.85
C VAL K 380 30.94 -12.23 29.74
N LEU K 381 31.40 -12.54 28.52
CA LEU K 381 31.19 -11.68 27.37
C LEU K 381 29.75 -11.70 26.88
N ILE K 382 28.94 -12.64 27.35
CA ILE K 382 27.53 -12.66 27.00
C ILE K 382 26.81 -11.46 27.60
N THR K 383 27.28 -10.95 28.73
CA THR K 383 26.73 -9.75 29.37
C THR K 383 27.90 -8.85 29.78
N PRO K 384 28.48 -8.13 28.81
CA PRO K 384 29.70 -7.36 29.12
C PRO K 384 29.49 -6.23 30.11
N PHE K 385 28.25 -5.76 30.30
CA PHE K 385 28.00 -4.60 31.14
C PHE K 385 27.50 -4.95 32.53
N THR K 386 27.20 -6.22 32.81
CA THR K 386 26.80 -6.66 34.14
C THR K 386 27.71 -7.73 34.70
N CYS K 387 28.67 -8.23 33.93
CA CYS K 387 29.53 -9.30 34.40
C CYS K 387 30.43 -8.84 35.53
N ASP K 388 30.63 -9.72 36.51
CA ASP K 388 31.50 -9.44 37.64
C ASP K 388 31.86 -10.78 38.27
N ARG K 389 33.16 -11.07 38.36
CA ARG K 389 33.60 -12.39 38.78
C ARG K 389 33.61 -12.56 40.29
N THR K 390 33.40 -11.48 41.05
CA THR K 390 33.41 -11.55 42.51
C THR K 390 32.34 -12.52 43.00
N GLY K 391 32.74 -13.41 43.92
CA GLY K 391 31.83 -14.39 44.48
C GLY K 391 31.65 -15.66 43.68
N SER K 392 32.41 -15.85 42.60
CA SER K 392 32.27 -17.04 41.78
C SER K 392 32.82 -18.27 42.49
N GLY K 393 34.00 -18.14 43.10
CA GLY K 393 34.55 -19.23 43.87
C GLY K 393 33.71 -19.59 45.08
N ASP K 394 33.08 -18.60 45.69
CA ASP K 394 32.14 -18.87 46.77
C ASP K 394 30.98 -19.73 46.27
N ALA K 395 30.46 -19.40 45.08
CA ALA K 395 29.38 -20.21 44.50
C ALA K 395 29.84 -21.62 44.19
N VAL K 396 31.07 -21.78 43.69
CA VAL K 396 31.59 -23.12 43.40
C VAL K 396 31.70 -23.93 44.68
N VAL K 397 32.27 -23.33 45.74
CA VAL K 397 32.43 -24.03 47.01
C VAL K 397 31.07 -24.37 47.62
N ALA K 398 30.12 -23.44 47.54
CA ALA K 398 28.79 -23.69 48.07
C ALA K 398 28.09 -24.82 47.32
N GLY K 399 28.25 -24.86 45.99
CA GLY K 399 27.69 -25.97 45.23
C GLY K 399 28.33 -27.29 45.58
N ILE K 400 29.65 -27.29 45.80
CA ILE K 400 30.34 -28.52 46.22
C ILE K 400 29.78 -29.01 47.54
N MET K 401 29.61 -28.10 48.51
CA MET K 401 29.07 -28.49 49.81
C MET K 401 27.62 -28.96 49.69
N ARG K 402 26.84 -28.28 48.85
CA ARG K 402 25.43 -28.65 48.66
C ARG K 402 25.31 -30.06 48.11
N LYS K 403 26.14 -30.41 47.13
CA LYS K 403 26.09 -31.76 46.60
C LYS K 403 26.71 -32.79 47.55
N LEU K 404 27.72 -32.39 48.34
CA LEU K 404 28.36 -33.32 49.25
C LEU K 404 27.42 -33.70 50.40
N THR K 405 26.65 -32.74 50.91
CA THR K 405 25.78 -33.04 52.05
C THR K 405 24.66 -34.00 51.67
N THR K 406 24.23 -33.99 50.41
CA THR K 406 23.11 -34.81 49.97
C THR K 406 23.51 -36.01 49.13
N CYS K 407 24.78 -36.12 48.74
CA CYS K 407 25.26 -37.24 47.92
C CYS K 407 26.53 -37.80 48.56
N PRO K 408 26.40 -38.69 49.54
CA PRO K 408 27.59 -39.30 50.15
C PRO K 408 28.39 -40.17 49.20
N GLU K 409 27.80 -40.63 48.10
CA GLU K 409 28.52 -41.44 47.13
C GLU K 409 29.52 -40.64 46.30
N MET K 410 29.55 -39.31 46.45
CA MET K 410 30.53 -38.50 45.74
C MET K 410 31.95 -38.88 46.13
N PHE K 411 32.18 -39.17 47.41
CA PHE K 411 33.52 -39.46 47.89
C PHE K 411 34.04 -40.80 47.37
N GLU K 412 33.17 -41.68 46.88
CA GLU K 412 33.57 -43.02 46.48
C GLU K 412 33.33 -43.34 45.02
N ASP K 413 32.47 -42.59 44.32
CA ASP K 413 32.16 -42.84 42.91
C ASP K 413 32.68 -41.70 42.07
N GLN K 414 33.50 -42.02 41.07
CA GLN K 414 34.10 -40.98 40.23
C GLN K 414 33.08 -40.37 39.29
N ASP K 415 32.25 -41.19 38.65
CA ASP K 415 31.23 -40.68 37.74
C ASP K 415 30.23 -39.79 38.47
N VAL K 416 29.78 -40.23 39.64
CA VAL K 416 28.87 -39.42 40.45
C VAL K 416 29.55 -38.13 40.86
N LEU K 417 30.84 -38.21 41.21
CA LEU K 417 31.57 -37.01 41.62
C LEU K 417 31.61 -35.98 40.49
N GLU K 418 31.91 -36.43 39.28
CA GLU K 418 31.94 -35.50 38.14
C GLU K 418 30.56 -34.93 37.86
N ARG K 419 29.53 -35.78 37.91
CA ARG K 419 28.17 -35.30 37.65
C ARG K 419 27.75 -34.25 38.65
N GLN K 420 28.10 -34.44 39.93
CA GLN K 420 27.73 -33.46 40.94
C GLN K 420 28.62 -32.22 40.89
N LEU K 421 29.86 -32.34 40.42
CA LEU K 421 30.72 -31.18 40.31
C LEU K 421 30.31 -30.29 39.14
N ARG K 422 29.66 -30.85 38.13
CA ARG K 422 29.11 -30.02 37.07
C ARG K 422 28.07 -29.04 37.60
N PHE K 423 27.36 -29.42 38.66
CA PHE K 423 26.42 -28.50 39.31
C PHE K 423 27.14 -27.28 39.89
N ALA K 424 28.26 -27.52 40.58
CA ALA K 424 29.06 -26.42 41.10
C ALA K 424 29.65 -25.57 39.99
N VAL K 425 30.02 -26.20 38.87
CA VAL K 425 30.51 -25.44 37.72
C VAL K 425 29.43 -24.49 37.22
N ALA K 426 28.19 -24.99 37.09
CA ALA K 426 27.10 -24.14 36.64
C ALA K 426 26.83 -23.01 37.63
N ALA K 427 26.87 -23.32 38.93
CA ALA K 427 26.66 -22.29 39.95
C ALA K 427 27.72 -21.20 39.86
N GLY K 428 28.97 -21.59 39.63
CA GLY K 428 30.01 -20.59 39.45
C GLY K 428 29.83 -19.78 38.17
N ILE K 429 29.32 -20.42 37.11
CA ILE K 429 29.11 -19.70 35.86
C ILE K 429 28.05 -18.61 36.02
N ILE K 430 26.93 -18.96 36.65
CA ILE K 430 25.86 -17.97 36.80
C ILE K 430 26.31 -16.82 37.67
N SER K 431 27.11 -17.10 38.70
CA SER K 431 27.52 -16.09 39.66
C SER K 431 28.40 -15.01 39.03
N GLN K 432 28.96 -15.25 37.84
CA GLN K 432 29.79 -14.27 37.15
C GLN K 432 28.98 -13.26 36.36
N TRP K 433 27.65 -13.39 36.31
CA TRP K 433 26.81 -12.60 35.43
C TRP K 433 26.20 -11.39 36.10
N THR K 434 26.51 -11.13 37.36
CA THR K 434 25.90 -10.05 38.11
C THR K 434 26.96 -9.26 38.86
N ILE K 435 26.73 -7.96 38.99
CA ILE K 435 27.60 -7.10 39.79
C ILE K 435 27.29 -7.34 41.27
N GLY K 436 28.32 -7.66 42.05
CA GLY K 436 28.14 -7.95 43.45
C GLY K 436 28.10 -9.44 43.74
N ALA K 437 28.81 -9.87 44.78
CA ALA K 437 28.86 -11.28 45.12
C ALA K 437 27.51 -11.76 45.66
N VAL K 438 27.02 -11.13 46.72
CA VAL K 438 25.77 -11.55 47.35
C VAL K 438 24.61 -11.36 46.39
N ARG K 439 24.61 -10.25 45.64
CA ARG K 439 23.49 -9.94 44.75
C ARG K 439 23.33 -10.99 43.66
N GLY K 440 24.42 -11.58 43.19
CA GLY K 440 24.37 -12.46 42.04
C GLY K 440 24.46 -13.95 42.31
N PHE K 441 24.25 -14.37 43.56
CA PHE K 441 24.33 -15.79 43.88
C PHE K 441 23.13 -16.51 43.29
N PRO K 442 23.35 -17.58 42.52
CA PRO K 442 22.23 -18.26 41.86
C PRO K 442 21.42 -19.11 42.83
N THR K 443 20.20 -19.41 42.40
CA THR K 443 19.35 -20.37 43.09
C THR K 443 19.56 -21.77 42.52
N GLU K 444 19.03 -22.76 43.23
CA GLU K 444 19.19 -24.15 42.79
C GLU K 444 18.50 -24.39 41.46
N SER K 445 17.32 -23.81 41.25
CA SER K 445 16.57 -24.02 40.02
C SER K 445 17.34 -23.47 38.82
N ALA K 446 17.84 -22.25 38.94
CA ALA K 446 18.61 -21.65 37.84
C ALA K 446 19.90 -22.42 37.58
N THR K 447 20.56 -22.85 38.65
CA THR K 447 21.81 -23.60 38.48
C THR K 447 21.57 -24.93 37.77
N GLN K 448 20.51 -25.65 38.16
CA GLN K 448 20.18 -26.90 37.49
C GLN K 448 19.78 -26.67 36.04
N ASN K 449 19.04 -25.58 35.79
CA ASN K 449 18.65 -25.25 34.41
C ASN K 449 19.87 -24.99 33.55
N LEU K 450 20.82 -24.20 34.05
CA LEU K 450 22.02 -23.91 33.28
C LEU K 450 22.87 -25.15 33.09
N LYS K 451 22.94 -26.01 34.11
CA LYS K 451 23.70 -27.24 33.97
C LYS K 451 23.11 -28.12 32.88
N GLU K 452 21.77 -28.22 32.82
CA GLU K 452 21.15 -29.03 31.79
C GLU K 452 21.25 -28.39 30.41
N GLN K 453 21.30 -27.06 30.36
CA GLN K 453 21.43 -26.38 29.07
C GLN K 453 22.85 -26.52 28.52
N VAL K 454 23.86 -26.37 29.37
CA VAL K 454 25.24 -26.33 28.90
C VAL K 454 25.71 -27.74 28.49
N TYR K 455 25.46 -28.73 29.33
CA TYR K 455 25.96 -30.07 29.09
C TYR K 455 24.98 -30.89 28.27
N VAL K 456 25.50 -31.92 27.62
CA VAL K 456 24.67 -32.86 26.87
C VAL K 456 23.95 -33.75 27.88
N PRO K 457 22.77 -34.29 27.55
CA PRO K 457 21.99 -35.02 28.55
C PRO K 457 22.71 -36.22 29.15
N SER K 458 23.65 -36.84 28.44
CA SER K 458 24.36 -37.98 28.99
C SER K 458 25.35 -37.57 30.07
N MET K 459 25.67 -36.29 30.18
CA MET K 459 26.60 -35.79 31.20
C MET K 459 25.89 -35.32 32.47
N TRP K 460 24.56 -35.35 32.49
CA TRP K 460 23.82 -34.90 33.67
C TRP K 460 23.94 -35.92 34.79
N PHE L 56 -71.80 9.31 15.39
CA PHE L 56 -70.95 8.36 16.13
C PHE L 56 -71.04 6.97 15.51
N PRO L 57 -69.93 6.23 15.54
CA PRO L 57 -69.94 4.87 14.96
C PRO L 57 -70.96 3.95 15.60
N LEU L 58 -71.21 4.06 16.90
CA LEU L 58 -72.15 3.17 17.56
C LEU L 58 -73.58 3.44 17.12
N PHE L 59 -73.94 4.72 16.97
CA PHE L 59 -75.31 5.07 16.59
C PHE L 59 -75.65 4.70 15.15
N GLN L 60 -74.63 4.50 14.31
CA GLN L 60 -74.87 4.10 12.93
C GLN L 60 -74.51 2.63 12.71
N LEU L 72 -72.86 -11.91 -7.38
CA LEU L 72 -71.41 -12.10 -7.39
C LEU L 72 -70.88 -12.39 -6.00
N GLU L 73 -70.06 -13.43 -5.89
CA GLU L 73 -69.48 -13.85 -4.63
C GLU L 73 -67.96 -13.72 -4.68
N SER L 74 -67.37 -13.57 -3.50
CA SER L 74 -65.91 -13.51 -3.40
C SER L 74 -65.31 -14.85 -3.83
N ALA L 75 -64.17 -14.79 -4.51
CA ALA L 75 -63.53 -15.98 -5.02
C ALA L 75 -62.93 -16.80 -3.87
N ASP L 76 -62.55 -18.03 -4.19
CA ASP L 76 -61.88 -18.88 -3.23
C ASP L 76 -60.55 -18.23 -2.82
N PRO L 77 -60.31 -18.03 -1.52
CA PRO L 77 -59.05 -17.38 -1.12
C PRO L 77 -57.81 -18.13 -1.57
N ASP L 78 -57.88 -19.46 -1.69
CA ASP L 78 -56.72 -20.22 -2.15
C ASP L 78 -56.34 -19.85 -3.57
N PHE L 79 -57.30 -19.40 -4.37
CA PHE L 79 -57.00 -19.02 -5.76
C PHE L 79 -55.95 -17.92 -5.81
N TYR L 80 -56.13 -16.85 -5.03
CA TYR L 80 -55.12 -15.81 -4.97
C TYR L 80 -53.94 -16.21 -4.09
N LYS L 81 -54.18 -17.05 -3.08
CA LYS L 81 -53.11 -17.43 -2.17
C LYS L 81 -52.01 -18.22 -2.87
N ILE L 82 -52.39 -19.15 -3.76
CA ILE L 82 -51.38 -19.91 -4.49
C ILE L 82 -50.58 -19.00 -5.40
N GLY L 83 -51.23 -18.00 -5.99
CA GLY L 83 -50.49 -16.98 -6.71
C GLY L 83 -49.64 -16.11 -5.79
N TYR L 84 -50.21 -15.69 -4.66
CA TYR L 84 -49.52 -14.75 -3.79
C TYR L 84 -48.22 -15.33 -3.26
N VAL L 85 -48.23 -16.60 -2.84
CA VAL L 85 -47.01 -17.24 -2.36
C VAL L 85 -45.98 -17.42 -3.46
N ARG L 86 -46.36 -17.19 -4.73
CA ARG L 86 -45.45 -17.30 -5.85
C ARG L 86 -45.25 -15.94 -6.53
N ARG L 87 -45.24 -14.87 -5.75
CA ARG L 87 -44.89 -13.51 -6.16
C ARG L 87 -45.94 -12.88 -7.09
N VAL L 88 -47.16 -13.43 -7.13
CA VAL L 88 -48.25 -12.75 -7.81
C VAL L 88 -48.84 -11.71 -6.87
N ARG L 89 -48.93 -10.47 -7.35
CA ARG L 89 -49.46 -9.38 -6.55
C ARG L 89 -50.62 -8.72 -7.28
N ALA L 90 -51.73 -8.53 -6.58
CA ALA L 90 -52.88 -7.80 -7.09
C ALA L 90 -53.11 -6.60 -6.18
N TYR L 91 -53.20 -5.42 -6.79
CA TYR L 91 -53.33 -4.17 -6.05
C TYR L 91 -54.69 -3.55 -6.34
N GLY L 92 -55.45 -3.28 -5.29
CA GLY L 92 -56.71 -2.59 -5.41
C GLY L 92 -57.81 -3.35 -6.11
N VAL L 93 -57.63 -4.63 -6.40
CA VAL L 93 -58.64 -5.44 -7.07
C VAL L 93 -58.83 -6.74 -6.30
N GLU L 94 -60.02 -7.31 -6.45
CA GLU L 94 -60.37 -8.59 -5.86
C GLU L 94 -61.01 -9.47 -6.90
N PHE L 95 -60.84 -10.78 -6.75
CA PHE L 95 -61.41 -11.74 -7.69
C PHE L 95 -62.80 -12.15 -7.22
N LYS L 96 -63.77 -12.13 -8.13
CA LYS L 96 -65.14 -12.49 -7.84
C LYS L 96 -65.60 -13.53 -8.84
N GLU L 97 -66.54 -14.37 -8.40
CA GLU L 97 -67.08 -15.45 -9.23
C GLU L 97 -68.59 -15.29 -9.34
N GLY L 98 -69.10 -15.50 -10.54
CA GLY L 98 -70.53 -15.45 -10.79
C GLY L 98 -70.98 -16.59 -11.66
N PRO L 99 -72.28 -16.63 -11.99
CA PRO L 99 -72.79 -17.70 -12.86
C PRO L 99 -72.13 -17.71 -14.23
N ASP L 100 -71.78 -16.54 -14.77
CA ASP L 100 -71.10 -16.50 -16.06
C ASP L 100 -69.68 -17.01 -15.94
N GLY L 101 -68.97 -16.62 -14.89
CA GLY L 101 -67.61 -17.07 -14.70
C GLY L 101 -66.84 -16.10 -13.82
N PHE L 102 -65.53 -16.31 -13.78
CA PHE L 102 -64.65 -15.49 -12.97
C PHE L 102 -64.51 -14.08 -13.56
N GLY L 103 -64.09 -13.15 -12.71
CA GLY L 103 -63.88 -11.79 -13.12
C GLY L 103 -63.07 -11.03 -12.09
N ILE L 104 -62.51 -9.90 -12.52
CA ILE L 104 -61.67 -9.06 -11.68
C ILE L 104 -62.39 -7.73 -11.48
N TYR L 105 -62.55 -7.32 -10.23
CA TYR L 105 -63.28 -6.11 -9.88
C TYR L 105 -62.49 -5.31 -8.86
N ALA L 106 -62.62 -3.99 -8.93
CA ALA L 106 -61.88 -3.11 -8.04
C ALA L 106 -62.43 -3.22 -6.63
N SER L 107 -61.59 -3.68 -5.69
CA SER L 107 -62.00 -3.82 -4.30
C SER L 107 -62.20 -2.47 -3.61
N LYS L 108 -61.76 -1.38 -4.21
CA LYS L 108 -61.96 -0.05 -3.66
C LYS L 108 -61.97 0.95 -4.81
N ASP L 109 -61.92 2.23 -4.47
CA ASP L 109 -61.95 3.30 -5.46
C ASP L 109 -60.53 3.60 -5.90
N ILE L 110 -60.24 3.37 -7.18
CA ILE L 110 -58.92 3.60 -7.74
C ILE L 110 -58.84 5.06 -8.18
N GLU L 111 -58.04 5.85 -7.48
CA GLU L 111 -57.92 7.27 -7.75
C GLU L 111 -57.05 7.49 -8.99
N PRO L 112 -57.52 8.23 -9.99
CA PRO L 112 -56.73 8.43 -11.21
C PRO L 112 -55.49 9.25 -10.94
N ARG L 113 -54.33 8.65 -11.21
CA ARG L 113 -53.04 9.30 -11.00
C ARG L 113 -52.50 9.85 -12.32
N ARG L 114 -51.31 10.44 -12.26
CA ARG L 114 -50.72 11.05 -13.44
C ARG L 114 -50.42 10.02 -14.52
N ARG L 115 -49.89 8.87 -14.13
CA ARG L 115 -49.55 7.80 -15.07
C ARG L 115 -50.44 6.59 -14.82
N ALA L 116 -50.19 5.55 -15.60
CA ALA L 116 -50.91 4.29 -15.42
C ALA L 116 -50.57 3.68 -14.07
N ARG L 117 -51.56 3.05 -13.45
CA ARG L 117 -51.41 2.43 -12.15
C ARG L 117 -51.27 0.92 -12.29
N VAL L 118 -50.39 0.35 -11.48
CA VAL L 118 -50.15 -1.10 -11.50
C VAL L 118 -51.31 -1.79 -10.80
N ILE L 119 -51.95 -2.72 -11.49
CA ILE L 119 -53.08 -3.47 -10.94
C ILE L 119 -52.66 -4.87 -10.51
N MET L 120 -52.03 -5.62 -11.41
CA MET L 120 -51.55 -6.95 -11.07
C MET L 120 -50.14 -7.15 -11.63
N GLU L 121 -49.43 -8.10 -11.05
CA GLU L 121 -48.08 -8.46 -11.50
C GLU L 121 -47.97 -9.98 -11.50
N ILE L 122 -47.77 -10.56 -12.67
CA ILE L 122 -47.68 -12.01 -12.84
C ILE L 122 -46.26 -12.36 -13.24
N PRO L 123 -45.52 -13.12 -12.44
CA PRO L 123 -44.16 -13.49 -12.82
C PRO L 123 -44.13 -14.40 -14.05
N HIS L 124 -43.02 -14.30 -14.79
CA HIS L 124 -42.87 -15.05 -16.02
C HIS L 124 -42.82 -16.55 -15.78
N GLU L 125 -42.26 -16.99 -14.65
CA GLU L 125 -42.07 -18.41 -14.39
C GLU L 125 -43.39 -19.17 -14.21
N LEU L 126 -44.51 -18.47 -14.03
CA LEU L 126 -45.80 -19.11 -13.84
C LEU L 126 -46.59 -19.24 -15.13
N MET L 127 -46.01 -18.86 -16.26
CA MET L 127 -46.70 -18.89 -17.54
C MET L 127 -46.30 -20.12 -18.36
N ILE L 128 -47.07 -20.37 -19.40
CA ILE L 128 -46.77 -21.40 -20.39
C ILE L 128 -46.70 -20.70 -21.74
N THR L 129 -45.50 -20.38 -22.19
CA THR L 129 -45.29 -19.59 -23.40
C THR L 129 -44.53 -20.40 -24.44
N ILE L 130 -44.90 -20.23 -25.70
CA ILE L 130 -44.23 -20.87 -26.82
C ILE L 130 -43.94 -19.81 -27.87
N ARG L 131 -42.84 -19.99 -28.60
CA ARG L 131 -42.49 -19.06 -29.67
C ARG L 131 -43.59 -19.02 -30.72
N GLN L 132 -43.94 -17.81 -31.14
CA GLN L 132 -44.97 -17.64 -32.17
C GLN L 132 -44.45 -17.96 -33.56
N LYS L 133 -43.13 -18.05 -33.74
CA LYS L 133 -42.53 -18.32 -35.03
C LYS L 133 -41.56 -19.46 -34.92
N HIS L 134 -41.36 -20.16 -36.04
CA HIS L 134 -40.44 -21.30 -36.06
C HIS L 134 -39.02 -20.82 -35.80
N PRO L 135 -38.21 -21.59 -35.05
CA PRO L 135 -38.50 -22.87 -34.40
C PRO L 135 -39.27 -22.69 -33.09
N TRP L 136 -39.82 -23.76 -32.54
CA TRP L 136 -40.62 -23.70 -31.32
C TRP L 136 -39.70 -23.81 -30.11
N MET L 137 -39.62 -22.74 -29.34
CA MET L 137 -38.85 -22.72 -28.09
C MET L 137 -39.76 -22.22 -26.99
N PHE L 138 -39.75 -22.92 -25.85
CA PHE L 138 -40.66 -22.65 -24.75
C PHE L 138 -39.96 -21.84 -23.66
N PHE L 139 -40.68 -20.88 -23.09
CA PHE L 139 -40.14 -20.02 -22.04
C PHE L 139 -41.13 -19.96 -20.89
N PRO L 140 -40.80 -20.51 -19.71
CA PRO L 140 -39.56 -21.22 -19.36
C PRO L 140 -39.52 -22.61 -19.98
N ASP L 141 -38.33 -23.16 -20.22
CA ASP L 141 -38.19 -24.44 -20.89
C ASP L 141 -38.61 -25.56 -19.95
N ILE L 142 -39.86 -26.01 -20.07
CA ILE L 142 -40.36 -27.08 -19.24
C ILE L 142 -40.25 -28.46 -19.91
N VAL L 143 -40.17 -28.51 -21.23
CA VAL L 143 -40.11 -29.77 -21.95
C VAL L 143 -38.69 -30.31 -21.93
N PRO L 144 -38.48 -31.52 -21.41
CA PRO L 144 -37.13 -32.10 -21.39
C PRO L 144 -36.69 -32.48 -22.80
N ILE L 145 -35.36 -32.60 -22.95
CA ILE L 145 -34.78 -32.98 -24.23
C ILE L 145 -35.11 -34.44 -24.51
N GLY L 146 -35.61 -34.70 -25.72
CA GLY L 146 -35.97 -36.04 -26.12
C GLY L 146 -37.38 -36.46 -25.81
N HIS L 147 -38.19 -35.58 -25.22
CA HIS L 147 -39.56 -35.94 -24.91
C HIS L 147 -40.38 -36.07 -26.19
N PRO L 148 -41.23 -37.10 -26.30
CA PRO L 148 -42.07 -37.24 -27.50
C PRO L 148 -43.07 -36.11 -27.68
N ILE L 149 -43.40 -35.37 -26.62
CA ILE L 149 -44.32 -34.25 -26.75
C ILE L 149 -43.73 -33.18 -27.67
N PHE L 150 -42.40 -33.03 -27.67
CA PHE L 150 -41.78 -32.13 -28.61
C PHE L 150 -41.97 -32.61 -30.05
N ASP L 151 -41.89 -33.92 -30.28
CA ASP L 151 -42.14 -34.44 -31.61
C ASP L 151 -43.57 -34.20 -32.05
N ILE L 152 -44.52 -34.35 -31.11
CA ILE L 152 -45.92 -34.07 -31.45
C ILE L 152 -46.11 -32.59 -31.77
N ILE L 153 -45.49 -31.71 -30.99
CA ILE L 153 -45.62 -30.28 -31.22
C ILE L 153 -45.00 -29.87 -32.55
N ASN L 154 -43.82 -30.39 -32.85
CA ASN L 154 -43.03 -29.96 -34.00
C ASN L 154 -43.65 -30.35 -35.34
N SER L 155 -44.66 -31.22 -35.34
CA SER L 155 -45.30 -31.64 -36.58
C SER L 155 -46.49 -30.77 -36.95
N THR L 156 -46.78 -29.73 -36.18
CA THR L 156 -47.94 -28.89 -36.44
C THR L 156 -47.65 -27.90 -37.57
N ASP L 157 -48.71 -27.38 -38.15
CA ASP L 157 -48.58 -26.35 -39.17
C ASP L 157 -48.16 -25.04 -38.50
N PRO L 158 -47.08 -24.40 -38.97
CA PRO L 158 -46.60 -23.19 -38.29
C PRO L 158 -47.60 -22.06 -38.23
N GLU L 159 -48.49 -21.95 -39.22
CA GLU L 159 -49.38 -20.79 -39.30
C GLU L 159 -50.69 -20.98 -38.55
N ARG L 160 -51.41 -22.07 -38.82
CA ARG L 160 -52.77 -22.23 -38.31
C ARG L 160 -52.86 -23.16 -37.11
N ASP L 161 -51.81 -23.91 -36.79
CA ASP L 161 -51.85 -24.91 -35.72
C ASP L 161 -51.22 -24.39 -34.43
N TRP L 162 -51.36 -23.10 -34.14
CA TRP L 162 -50.76 -22.56 -32.93
C TRP L 162 -51.48 -23.05 -31.68
N ASP L 163 -52.80 -23.24 -31.76
CA ASP L 163 -53.55 -23.66 -30.58
C ASP L 163 -53.25 -25.10 -30.20
N LEU L 164 -52.92 -25.96 -31.18
CA LEU L 164 -52.59 -27.34 -30.86
C LEU L 164 -51.33 -27.43 -30.03
N ARG L 165 -50.32 -26.62 -30.34
CA ARG L 165 -49.09 -26.63 -29.55
C ARG L 165 -49.35 -26.17 -28.13
N LEU L 166 -50.16 -25.12 -27.96
CA LEU L 166 -50.48 -24.65 -26.62
C LEU L 166 -51.29 -25.70 -25.84
N ALA L 167 -52.18 -26.41 -26.52
CA ALA L 167 -52.92 -27.48 -25.86
C ALA L 167 -51.99 -28.60 -25.42
N CYS L 168 -51.03 -28.97 -26.27
CA CYS L 168 -50.05 -29.98 -25.89
C CYS L 168 -49.25 -29.53 -24.68
N LEU L 169 -48.82 -28.27 -24.67
CA LEU L 169 -48.08 -27.74 -23.52
C LEU L 169 -48.94 -27.74 -22.27
N LEU L 170 -50.23 -27.41 -22.41
CA LEU L 170 -51.13 -27.39 -21.26
C LEU L 170 -51.30 -28.78 -20.66
N LEU L 171 -51.50 -29.79 -21.52
CA LEU L 171 -51.61 -31.16 -21.03
C LEU L 171 -50.31 -31.61 -20.37
N PHE L 172 -49.17 -31.28 -20.99
CA PHE L 172 -47.89 -31.65 -20.41
C PHE L 172 -47.69 -31.01 -19.04
N SER L 173 -48.06 -29.74 -18.90
CA SER L 173 -47.95 -29.06 -17.62
C SER L 173 -48.90 -29.66 -16.59
N PHE L 174 -50.13 -29.99 -17.00
CA PHE L 174 -51.06 -30.63 -16.08
C PHE L 174 -50.53 -31.97 -15.59
N ASP L 175 -49.76 -32.66 -16.42
CA ASP L 175 -49.15 -33.92 -15.98
C ASP L 175 -47.89 -33.72 -15.14
N ARG L 176 -47.34 -32.50 -15.11
CA ARG L 176 -46.13 -32.25 -14.35
C ARG L 176 -46.45 -32.01 -12.88
N GLU L 177 -45.69 -32.65 -12.00
CA GLU L 177 -46.00 -32.60 -10.57
C GLU L 177 -45.63 -31.24 -9.97
N ASP L 178 -44.47 -30.69 -10.33
CA ASP L 178 -44.01 -29.45 -9.75
C ASP L 178 -44.48 -28.21 -10.50
N HIS L 179 -45.24 -28.38 -11.59
CA HIS L 179 -45.71 -27.24 -12.35
C HIS L 179 -46.78 -26.48 -11.59
N PHE L 180 -46.78 -25.16 -11.73
CA PHE L 180 -47.79 -24.33 -11.08
C PHE L 180 -49.18 -24.58 -11.67
N TRP L 181 -49.26 -24.81 -12.98
CA TRP L 181 -50.54 -24.94 -13.64
C TRP L 181 -51.29 -26.22 -13.26
N ARG L 182 -50.62 -27.15 -12.57
CA ARG L 182 -51.33 -28.30 -12.02
C ARG L 182 -52.34 -27.84 -10.98
N LEU L 183 -52.01 -26.80 -10.22
CA LEU L 183 -52.93 -26.21 -9.25
C LEU L 183 -53.82 -25.15 -9.87
N TYR L 184 -53.26 -24.30 -10.73
CA TYR L 184 -54.06 -23.25 -11.35
C TYR L 184 -55.07 -23.81 -12.34
N GLY L 185 -54.78 -24.98 -12.92
CA GLY L 185 -55.70 -25.60 -13.85
C GLY L 185 -57.01 -26.03 -13.25
N ASP L 186 -57.11 -26.05 -11.92
CA ASP L 186 -58.37 -26.39 -11.25
C ASP L 186 -59.35 -25.24 -11.23
N PHE L 187 -58.91 -24.03 -11.58
CA PHE L 187 -59.79 -22.87 -11.67
C PHE L 187 -60.16 -22.52 -13.10
N LEU L 188 -59.68 -23.29 -14.08
CA LEU L 188 -60.11 -23.10 -15.45
C LEU L 188 -61.54 -23.58 -15.61
N PRO L 189 -62.32 -22.96 -16.49
CA PRO L 189 -63.68 -23.46 -16.75
C PRO L 189 -63.64 -24.86 -17.32
N ALA L 190 -64.58 -25.69 -16.89
CA ALA L 190 -64.62 -27.09 -17.29
C ALA L 190 -65.22 -27.21 -18.68
N ALA L 191 -65.45 -28.45 -19.13
CA ALA L 191 -66.05 -28.66 -20.44
C ALA L 191 -67.48 -28.13 -20.50
N ASP L 192 -68.22 -28.22 -19.40
CA ASP L 192 -69.59 -27.73 -19.35
C ASP L 192 -69.68 -26.26 -18.98
N GLU L 193 -68.57 -25.61 -18.65
CA GLU L 193 -68.57 -24.20 -18.32
C GLU L 193 -67.87 -23.32 -19.35
N CYS L 194 -66.99 -23.88 -20.17
CA CYS L 194 -66.32 -23.11 -21.19
C CYS L 194 -67.29 -22.71 -22.29
N SER L 195 -67.17 -21.47 -22.76
CA SER L 195 -68.07 -20.92 -23.76
C SER L 195 -67.54 -21.07 -25.18
N SER L 196 -66.41 -21.75 -25.36
CA SER L 196 -65.84 -21.91 -26.70
C SER L 196 -66.76 -22.75 -27.57
N LEU L 197 -66.82 -22.43 -28.86
CA LEU L 197 -67.67 -23.14 -29.79
C LEU L 197 -67.10 -24.49 -30.20
N LEU L 198 -65.86 -24.80 -29.83
CA LEU L 198 -65.31 -26.13 -30.09
C LEU L 198 -66.03 -27.21 -29.29
N LEU L 199 -66.67 -26.85 -28.19
CA LEU L 199 -67.44 -27.78 -27.38
C LEU L 199 -68.92 -27.79 -27.74
N ALA L 200 -69.33 -26.98 -28.71
CA ALA L 200 -70.74 -26.91 -29.09
C ALA L 200 -71.10 -28.07 -30.01
N THR L 201 -72.30 -28.61 -29.80
CA THR L 201 -72.82 -29.69 -30.64
C THR L 201 -73.53 -29.09 -31.86
N GLU L 202 -74.07 -29.98 -32.70
CA GLU L 202 -74.75 -29.52 -33.90
C GLU L 202 -76.02 -28.75 -33.57
N GLU L 203 -76.70 -29.10 -32.48
CA GLU L 203 -77.91 -28.37 -32.09
C GLU L 203 -77.59 -26.92 -31.72
N ASP L 204 -76.53 -26.72 -30.94
CA ASP L 204 -76.14 -25.36 -30.56
C ASP L 204 -75.71 -24.55 -31.78
N LEU L 205 -74.96 -25.16 -32.69
CA LEU L 205 -74.51 -24.45 -33.89
C LEU L 205 -75.69 -24.07 -34.77
N ALA L 206 -76.78 -24.84 -34.74
CA ALA L 206 -77.95 -24.53 -35.56
C ALA L 206 -78.61 -23.22 -35.13
N GLU L 207 -78.36 -22.75 -33.92
CA GLU L 207 -78.97 -21.53 -33.41
C GLU L 207 -78.11 -20.30 -33.65
N LEU L 208 -76.94 -20.45 -34.25
CA LEU L 208 -76.13 -19.28 -34.60
C LEU L 208 -76.79 -18.46 -35.70
N GLN L 209 -77.61 -19.09 -36.53
CA GLN L 209 -78.26 -18.43 -37.68
C GLN L 209 -77.23 -17.76 -38.58
N ASP L 210 -76.11 -18.44 -38.79
CA ASP L 210 -75.03 -17.94 -39.65
C ASP L 210 -74.30 -19.15 -40.22
N PRO L 211 -74.53 -19.48 -41.49
CA PRO L 211 -73.85 -20.65 -42.07
C PRO L 211 -72.33 -20.52 -42.08
N GLN L 212 -71.80 -19.31 -42.23
CA GLN L 212 -70.35 -19.13 -42.28
C GLN L 212 -69.70 -19.51 -40.96
N LEU L 213 -70.24 -19.00 -39.86
CA LEU L 213 -69.70 -19.33 -38.54
C LEU L 213 -69.82 -20.82 -38.24
N VAL L 214 -70.96 -21.42 -38.62
CA VAL L 214 -71.17 -22.85 -38.39
C VAL L 214 -70.15 -23.66 -39.17
N SER L 215 -69.92 -23.31 -40.44
CA SER L 215 -68.94 -24.02 -41.24
C SER L 215 -67.53 -23.87 -40.65
N THR L 216 -67.19 -22.67 -40.19
CA THR L 216 -65.88 -22.46 -39.59
C THR L 216 -65.72 -23.32 -38.33
N ILE L 217 -66.76 -23.38 -37.50
CA ILE L 217 -66.69 -24.17 -36.28
C ILE L 217 -66.56 -25.65 -36.60
N ARG L 218 -67.29 -26.13 -37.61
CA ARG L 218 -67.15 -27.52 -38.02
C ARG L 218 -65.73 -27.81 -38.51
N GLN L 219 -65.15 -26.89 -39.28
CA GLN L 219 -63.78 -27.09 -39.74
C GLN L 219 -62.80 -27.15 -38.57
N GLN L 220 -62.98 -26.26 -37.59
CA GLN L 220 -62.10 -26.26 -36.43
C GLN L 220 -62.21 -27.56 -35.64
N GLN L 221 -63.45 -28.02 -35.41
CA GLN L 221 -63.65 -29.27 -34.68
C GLN L 221 -63.04 -30.44 -35.42
N LYS L 222 -63.24 -30.50 -36.74
CA LYS L 222 -62.66 -31.58 -37.53
C LYS L 222 -61.14 -31.55 -37.46
N ARG L 223 -60.53 -30.37 -37.54
CA ARG L 223 -59.09 -30.26 -37.45
C ARG L 223 -58.56 -30.76 -36.11
N VAL L 224 -59.22 -30.34 -35.02
CA VAL L 224 -58.78 -30.74 -33.69
C VAL L 224 -58.89 -32.26 -33.53
N LEU L 225 -60.01 -32.83 -33.95
CA LEU L 225 -60.18 -34.27 -33.80
C LEU L 225 -59.23 -35.05 -34.69
N GLU L 226 -58.95 -34.55 -35.90
CA GLU L 226 -57.98 -35.21 -36.77
C GLU L 226 -56.59 -35.19 -36.15
N PHE L 227 -56.19 -34.07 -35.55
CA PHE L 227 -54.90 -33.99 -34.89
C PHE L 227 -54.82 -34.98 -33.74
N TRP L 228 -55.87 -35.03 -32.91
CA TRP L 228 -55.86 -35.95 -31.78
C TRP L 228 -55.79 -37.40 -32.25
N GLU L 229 -56.57 -37.76 -33.27
CA GLU L 229 -56.55 -39.12 -33.77
C GLU L 229 -55.19 -39.48 -34.36
N LYS L 230 -54.56 -38.54 -35.07
CA LYS L 230 -53.28 -38.80 -35.69
C LYS L 230 -52.18 -38.99 -34.65
N ASN L 231 -52.18 -38.18 -33.58
CA ASN L 231 -51.06 -38.18 -32.65
C ASN L 231 -51.32 -38.96 -31.36
N TRP L 232 -52.55 -39.42 -31.12
CA TRP L 232 -52.83 -40.16 -29.90
C TRP L 232 -53.38 -41.55 -30.20
N HIS L 233 -52.72 -42.27 -31.10
CA HIS L 233 -53.17 -43.61 -31.50
C HIS L 233 -52.78 -44.63 -30.42
N SER L 234 -52.93 -45.91 -30.74
CA SER L 234 -52.73 -46.96 -29.75
C SER L 234 -51.27 -47.06 -29.30
N GLY L 235 -50.33 -46.92 -30.23
CA GLY L 235 -48.95 -47.21 -29.96
C GLY L 235 -48.14 -46.13 -29.26
N VAL L 236 -48.76 -45.01 -28.90
CA VAL L 236 -48.05 -43.92 -28.24
C VAL L 236 -47.59 -44.40 -26.86
N PRO L 237 -46.47 -43.87 -26.34
CA PRO L 237 -46.02 -44.28 -25.01
C PRO L 237 -46.99 -43.82 -23.93
N LEU L 238 -46.82 -44.41 -22.74
CA LEU L 238 -47.73 -44.14 -21.64
C LEU L 238 -47.69 -42.67 -21.22
N LYS L 239 -46.51 -42.05 -21.29
CA LYS L 239 -46.39 -40.65 -20.91
C LYS L 239 -47.15 -39.72 -21.84
N ILE L 240 -47.48 -40.17 -23.04
CA ILE L 240 -48.27 -39.39 -23.99
C ILE L 240 -49.75 -39.73 -23.91
N LYS L 241 -50.06 -41.02 -23.74
CA LYS L 241 -51.46 -41.44 -23.67
C LYS L 241 -52.16 -40.83 -22.46
N ARG L 242 -51.46 -40.73 -21.33
CA ARG L 242 -52.07 -40.16 -20.14
C ARG L 242 -52.29 -38.66 -20.24
N LEU L 243 -51.62 -37.99 -21.19
CA LEU L 243 -51.86 -36.56 -21.39
C LEU L 243 -53.30 -36.32 -21.85
N ALA L 244 -53.79 -37.14 -22.77
CA ALA L 244 -55.17 -37.05 -23.25
C ALA L 244 -55.62 -38.47 -23.59
N GLU L 245 -56.28 -39.11 -22.63
CA GLU L 245 -56.72 -40.49 -22.83
C GLU L 245 -57.81 -40.60 -23.88
N ASP L 246 -58.66 -39.59 -24.00
CA ASP L 246 -59.75 -39.62 -24.95
C ASP L 246 -59.99 -38.21 -25.50
N ALA L 247 -60.68 -38.15 -26.64
CA ALA L 247 -60.60 -36.99 -27.52
C ALA L 247 -61.09 -35.71 -26.87
N GLU L 248 -62.21 -35.77 -26.13
CA GLU L 248 -62.80 -34.54 -25.62
C GLU L 248 -61.90 -33.84 -24.61
N ARG L 249 -61.00 -34.56 -23.96
CA ARG L 249 -60.01 -33.91 -23.10
C ARG L 249 -59.10 -32.99 -23.90
N PHE L 250 -58.59 -33.50 -25.03
CA PHE L 250 -57.77 -32.66 -25.90
C PHE L 250 -58.58 -31.54 -26.53
N ILE L 251 -59.86 -31.80 -26.82
CA ILE L 251 -60.72 -30.74 -27.35
C ILE L 251 -60.88 -29.63 -26.32
N TRP L 252 -61.07 -29.99 -25.05
CA TRP L 252 -61.17 -28.99 -23.99
C TRP L 252 -59.85 -28.24 -23.82
N ALA L 253 -58.72 -28.94 -23.96
CA ALA L 253 -57.43 -28.27 -23.89
C ALA L 253 -57.28 -27.24 -25.01
N VAL L 254 -57.66 -27.61 -26.23
CA VAL L 254 -57.59 -26.68 -27.35
C VAL L 254 -58.54 -25.51 -27.13
N SER L 255 -59.72 -25.78 -26.58
CA SER L 255 -60.67 -24.70 -26.30
C SER L 255 -60.12 -23.72 -25.28
N ILE L 256 -59.51 -24.23 -24.21
CA ILE L 256 -58.91 -23.37 -23.20
C ILE L 256 -57.78 -22.54 -23.81
N ALA L 257 -56.93 -23.18 -24.62
CA ALA L 257 -55.85 -22.46 -25.26
C ALA L 257 -56.38 -21.35 -26.16
N GLN L 258 -57.41 -21.65 -26.96
CA GLN L 258 -57.97 -20.65 -27.85
C GLN L 258 -58.61 -19.50 -27.07
N THR L 259 -59.32 -19.82 -25.98
CA THR L 259 -60.07 -18.81 -25.26
C THR L 259 -59.22 -17.99 -24.29
N ARG L 260 -58.01 -18.44 -23.96
CA ARG L 260 -57.21 -17.72 -22.98
C ARG L 260 -55.79 -17.39 -23.43
N CYS L 261 -55.40 -17.71 -24.66
CA CYS L 261 -54.06 -17.38 -25.11
C CYS L 261 -53.91 -15.87 -25.28
N ILE L 262 -52.74 -15.36 -24.90
CA ILE L 262 -52.39 -13.96 -25.08
C ILE L 262 -51.10 -13.90 -25.89
N SER L 263 -51.12 -13.15 -26.99
CA SER L 263 -49.95 -12.98 -27.83
C SER L 263 -49.33 -11.62 -27.57
N MET L 264 -48.00 -11.59 -27.48
CA MET L 264 -47.29 -10.37 -27.13
C MET L 264 -45.87 -10.46 -27.65
N LYS L 265 -45.24 -9.30 -27.80
CA LYS L 265 -43.82 -9.20 -28.14
C LYS L 265 -43.06 -8.90 -26.86
N THR L 266 -42.35 -9.90 -26.34
CA THR L 266 -41.66 -9.79 -25.07
C THR L 266 -40.16 -9.93 -25.27
N ARG L 267 -39.39 -9.15 -24.53
CA ARG L 267 -37.94 -9.26 -24.51
C ARG L 267 -37.53 -9.99 -23.24
N ILE L 268 -36.77 -11.08 -23.40
CA ILE L 268 -36.22 -11.84 -22.30
C ILE L 268 -34.71 -11.75 -22.42
N GLY L 269 -34.06 -11.09 -21.45
CA GLY L 269 -32.64 -10.85 -21.54
C GLY L 269 -32.30 -9.95 -22.70
N ALA L 270 -31.65 -10.50 -23.73
CA ALA L 270 -31.34 -9.77 -24.94
C ALA L 270 -32.12 -10.26 -26.15
N LEU L 271 -33.05 -11.19 -25.96
CA LEU L 271 -33.80 -11.80 -27.05
C LEU L 271 -35.20 -11.22 -27.11
N VAL L 272 -35.56 -10.64 -28.25
CA VAL L 272 -36.88 -10.08 -28.49
C VAL L 272 -37.60 -10.97 -29.47
N GLN L 273 -38.82 -11.39 -29.12
CA GLN L 273 -39.57 -12.32 -29.95
C GLN L 273 -41.05 -12.24 -29.58
N ASP L 274 -41.88 -12.74 -30.48
CA ASP L 274 -43.31 -12.87 -30.23
C ASP L 274 -43.61 -14.23 -29.63
N LEU L 275 -44.52 -14.24 -28.66
CA LEU L 275 -44.85 -15.46 -27.93
C LEU L 275 -46.35 -15.64 -27.83
N ASN L 276 -46.79 -16.89 -27.84
CA ASN L 276 -48.16 -17.26 -27.49
C ASN L 276 -48.15 -17.73 -26.05
N MET L 277 -48.85 -17.00 -25.18
CA MET L 277 -48.67 -17.12 -23.74
C MET L 277 -49.98 -17.50 -23.07
N MET L 278 -49.92 -18.49 -22.18
CA MET L 278 -51.02 -18.82 -21.27
C MET L 278 -50.66 -18.22 -19.92
N ILE L 279 -51.20 -17.05 -19.63
CA ILE L 279 -50.80 -16.25 -18.48
C ILE L 279 -51.85 -16.41 -17.39
N PRO L 280 -51.52 -17.01 -16.25
CA PRO L 280 -52.48 -17.07 -15.14
C PRO L 280 -52.77 -15.69 -14.58
N TYR L 281 -53.99 -15.52 -14.09
CA TYR L 281 -54.46 -14.32 -13.39
C TYR L 281 -54.62 -13.15 -14.35
N ALA L 282 -54.16 -13.30 -15.59
CA ALA L 282 -54.35 -12.30 -16.63
C ALA L 282 -55.42 -12.69 -17.63
N ASP L 283 -55.63 -13.99 -17.84
CA ASP L 283 -56.80 -14.46 -18.56
C ASP L 283 -58.07 -14.28 -17.75
N MET L 284 -57.95 -13.92 -16.47
CA MET L 284 -59.13 -13.67 -15.65
C MET L 284 -59.86 -12.42 -16.09
N LEU L 285 -59.13 -11.44 -16.63
CA LEU L 285 -59.75 -10.21 -17.08
C LEU L 285 -60.72 -10.47 -18.22
N ASN L 286 -61.84 -9.76 -18.22
CA ASN L 286 -62.84 -9.90 -19.26
C ASN L 286 -62.56 -8.91 -20.39
N HIS L 287 -63.22 -9.14 -21.52
CA HIS L 287 -63.01 -8.35 -22.72
C HIS L 287 -63.90 -7.11 -22.73
N SER L 288 -63.38 -6.04 -23.34
CA SER L 288 -64.17 -4.85 -23.60
C SER L 288 -63.51 -4.10 -24.75
N PHE L 289 -64.34 -3.42 -25.55
CA PHE L 289 -63.83 -2.56 -26.60
C PHE L 289 -63.56 -1.14 -26.12
N GLU L 290 -63.91 -0.83 -24.87
CA GLU L 290 -63.54 0.42 -24.21
C GLU L 290 -62.95 0.07 -22.86
N PRO L 291 -61.79 -0.57 -22.83
CA PRO L 291 -61.27 -1.12 -21.58
C PRO L 291 -60.60 -0.06 -20.72
N ASN L 292 -60.53 -0.37 -19.42
CA ASN L 292 -59.85 0.49 -18.45
C ASN L 292 -58.48 -0.04 -18.07
N CYS L 293 -58.06 -1.17 -18.63
CA CYS L 293 -56.78 -1.77 -18.28
C CYS L 293 -56.09 -2.27 -19.55
N PHE L 294 -54.76 -2.39 -19.46
CA PHE L 294 -53.97 -2.91 -20.57
C PHE L 294 -52.78 -3.67 -20.01
N LEU L 295 -52.21 -4.54 -20.82
CA LEU L 295 -51.09 -5.38 -20.43
C LEU L 295 -49.78 -4.76 -20.89
N HIS L 296 -48.82 -4.67 -19.98
CA HIS L 296 -47.48 -4.19 -20.29
C HIS L 296 -46.46 -5.19 -19.76
N TRP L 297 -45.51 -5.56 -20.60
CA TRP L 297 -44.48 -6.52 -20.21
C TRP L 297 -43.26 -5.79 -19.66
N ARG L 298 -42.83 -6.19 -18.46
CA ARG L 298 -41.65 -5.62 -17.84
C ARG L 298 -40.48 -6.57 -18.03
N PRO L 299 -39.49 -6.25 -18.87
CA PRO L 299 -38.45 -7.23 -19.19
C PRO L 299 -37.35 -7.35 -18.14
N LYS L 300 -37.12 -6.32 -17.32
CA LYS L 300 -35.99 -6.34 -16.40
C LYS L 300 -36.12 -7.46 -15.38
N ASP L 301 -37.31 -7.64 -14.82
CA ASP L 301 -37.56 -8.72 -13.87
C ASP L 301 -38.48 -9.80 -14.44
N ARG L 302 -38.80 -9.72 -15.73
CA ARG L 302 -39.66 -10.69 -16.41
C ARG L 302 -41.02 -10.81 -15.71
N ILE L 303 -41.74 -9.72 -15.70
CA ILE L 303 -43.06 -9.64 -15.08
C ILE L 303 -44.03 -9.00 -16.06
N LEU L 304 -45.23 -9.57 -16.16
CA LEU L 304 -46.30 -8.97 -16.94
C LEU L 304 -47.16 -8.10 -16.03
N GLU L 305 -47.29 -6.83 -16.39
CA GLU L 305 -48.05 -5.87 -15.60
C GLU L 305 -49.42 -5.67 -16.21
N VAL L 306 -50.44 -5.63 -15.36
CA VAL L 306 -51.76 -5.18 -15.74
C VAL L 306 -51.89 -3.74 -15.25
N MET L 307 -52.02 -2.80 -16.18
CA MET L 307 -52.00 -1.38 -15.86
C MET L 307 -53.34 -0.76 -16.21
N SER L 308 -53.93 -0.05 -15.25
CA SER L 308 -55.10 0.75 -15.54
C SER L 308 -54.71 1.98 -16.35
N ASN L 309 -55.66 2.46 -17.15
CA ASN L 309 -55.39 3.60 -18.01
C ASN L 309 -55.02 4.83 -17.20
N ALA L 310 -54.08 5.62 -17.71
CA ALA L 310 -53.61 6.79 -17.00
C ALA L 310 -54.69 7.86 -16.95
N GLY L 311 -54.97 8.39 -15.76
CA GLY L 311 -55.94 9.43 -15.60
C GLY L 311 -57.38 8.99 -15.71
N GLN L 312 -57.66 7.68 -15.70
CA GLN L 312 -59.01 7.16 -15.80
C GLN L 312 -59.45 6.66 -14.43
N ALA L 313 -60.38 7.38 -13.82
CA ALA L 313 -60.92 6.98 -12.53
C ALA L 313 -61.71 5.69 -12.64
N ILE L 314 -61.54 4.82 -11.64
CA ILE L 314 -62.25 3.54 -11.58
C ILE L 314 -62.95 3.45 -10.23
N LYS L 315 -64.26 3.22 -10.26
CA LYS L 315 -65.05 3.18 -9.05
C LYS L 315 -64.98 1.79 -8.41
N LYS L 316 -65.35 1.73 -7.14
CA LYS L 316 -65.38 0.47 -6.42
C LYS L 316 -66.40 -0.47 -7.05
N GLY L 317 -65.99 -1.72 -7.27
CA GLY L 317 -66.85 -2.70 -7.90
C GLY L 317 -66.84 -2.68 -9.41
N GLU L 318 -66.15 -1.73 -10.03
CA GLU L 318 -66.06 -1.68 -11.48
C GLU L 318 -65.20 -2.82 -11.98
N GLU L 319 -65.68 -3.52 -13.01
CA GLU L 319 -64.95 -4.65 -13.55
C GLU L 319 -63.67 -4.19 -14.24
N MET L 320 -62.61 -4.98 -14.10
CA MET L 320 -61.36 -4.75 -14.80
C MET L 320 -61.41 -5.47 -16.13
N THR L 321 -61.27 -4.73 -17.22
CA THR L 321 -61.41 -5.28 -18.55
C THR L 321 -60.25 -4.82 -19.43
N ILE L 322 -59.87 -5.70 -20.36
CA ILE L 322 -58.85 -5.40 -21.35
C ILE L 322 -59.40 -5.76 -22.73
N ASN L 323 -58.80 -5.16 -23.76
CA ASN L 323 -59.19 -5.44 -25.13
C ASN L 323 -58.52 -6.74 -25.56
N TYR L 324 -59.31 -7.80 -25.70
CA TYR L 324 -58.75 -9.10 -26.11
C TYR L 324 -58.11 -9.00 -27.48
N MET L 325 -58.76 -8.32 -28.41
CA MET L 325 -58.25 -8.09 -29.75
C MET L 325 -59.00 -6.94 -30.40
N PRO L 326 -58.30 -5.92 -30.89
CA PRO L 326 -58.96 -4.75 -31.46
C PRO L 326 -59.30 -4.91 -32.93
N GLY L 327 -60.39 -4.24 -33.34
CA GLY L 327 -60.78 -4.24 -34.72
C GLY L 327 -61.36 -5.53 -35.24
N GLN L 328 -61.88 -6.38 -34.36
CA GLN L 328 -62.46 -7.66 -34.74
C GLN L 328 -63.95 -7.64 -34.48
N LYS L 329 -64.73 -8.11 -35.45
CA LYS L 329 -66.17 -8.10 -35.34
C LYS L 329 -66.65 -9.19 -34.38
N ASN L 330 -67.97 -9.27 -34.22
CA ASN L 330 -68.55 -10.25 -33.29
C ASN L 330 -68.37 -11.68 -33.77
N ASN L 331 -68.33 -11.89 -35.09
CA ASN L 331 -68.19 -13.25 -35.61
C ASN L 331 -66.82 -13.84 -35.26
N MET L 332 -65.75 -13.05 -35.40
CA MET L 332 -64.43 -13.56 -35.06
C MET L 332 -64.27 -13.72 -33.56
N LEU L 333 -64.88 -12.82 -32.77
CA LEU L 333 -64.89 -13.00 -31.33
C LEU L 333 -65.58 -14.29 -30.93
N MET L 334 -66.71 -14.60 -31.57
CA MET L 334 -67.41 -15.85 -31.29
C MET L 334 -66.59 -17.05 -31.73
N GLU L 335 -65.86 -16.92 -32.84
CA GLU L 335 -65.02 -18.02 -33.31
C GLU L 335 -63.87 -18.30 -32.35
N ARG L 336 -63.23 -17.25 -31.82
CA ARG L 336 -62.03 -17.44 -31.02
C ARG L 336 -62.35 -17.57 -29.53
N TYR L 337 -62.94 -16.54 -28.93
CA TYR L 337 -63.23 -16.55 -27.50
C TYR L 337 -64.62 -17.07 -27.17
N GLY L 338 -65.43 -17.39 -28.17
CA GLY L 338 -66.75 -17.95 -27.93
C GLY L 338 -67.72 -17.01 -27.24
N PHE L 339 -67.73 -15.74 -27.65
CA PHE L 339 -68.67 -14.77 -27.11
C PHE L 339 -68.79 -13.61 -28.08
N SER L 340 -69.80 -12.76 -27.83
CA SER L 340 -70.03 -11.58 -28.63
C SER L 340 -70.61 -10.49 -27.75
N THR L 341 -70.50 -9.25 -28.21
CA THR L 341 -70.97 -8.11 -27.45
C THR L 341 -71.90 -7.25 -28.30
N PRO L 342 -72.93 -6.66 -27.70
CA PRO L 342 -73.86 -5.83 -28.47
C PRO L 342 -73.33 -4.45 -28.83
N VAL L 343 -72.22 -4.02 -28.22
CA VAL L 343 -71.69 -2.69 -28.47
C VAL L 343 -70.39 -2.80 -29.24
N ASN L 344 -70.27 -3.85 -30.05
CA ASN L 344 -69.11 -4.03 -30.92
C ASN L 344 -69.05 -2.90 -31.94
N PRO L 345 -68.05 -2.01 -31.84
CA PRO L 345 -67.97 -0.88 -32.77
C PRO L 345 -67.38 -1.23 -34.13
N TRP L 346 -67.23 -2.51 -34.44
CA TRP L 346 -66.67 -2.94 -35.72
C TRP L 346 -67.60 -3.87 -36.47
N ASP L 347 -68.83 -4.05 -36.00
CA ASP L 347 -69.79 -4.93 -36.66
C ASP L 347 -70.20 -4.35 -38.01
N ALA L 348 -70.48 -5.25 -38.95
CA ALA L 348 -70.80 -4.87 -40.32
C ALA L 348 -72.15 -5.45 -40.72
N ILE L 349 -72.99 -4.61 -41.33
CA ILE L 349 -74.26 -5.00 -41.89
C ILE L 349 -74.20 -4.77 -43.40
N PRO L 350 -74.38 -5.79 -44.23
CA PRO L 350 -74.24 -5.59 -45.67
C PRO L 350 -75.42 -4.85 -46.29
N PHE L 351 -75.22 -3.58 -46.60
CA PHE L 351 -76.26 -2.78 -47.22
C PHE L 351 -76.10 -2.81 -48.74
N SER L 352 -77.16 -2.39 -49.43
CA SER L 352 -77.11 -2.33 -50.90
C SER L 352 -76.23 -1.20 -51.39
N GLY L 353 -76.11 -0.12 -50.61
CA GLY L 353 -75.31 1.02 -50.99
C GLY L 353 -75.99 2.00 -51.91
N ASP L 354 -77.25 1.76 -52.29
CA ASP L 354 -77.95 2.69 -53.18
C ASP L 354 -78.42 3.93 -52.42
N SER L 355 -78.82 3.78 -51.17
CA SER L 355 -79.25 4.89 -50.33
C SER L 355 -78.14 5.22 -49.33
N ARG L 356 -77.73 6.49 -49.31
CA ARG L 356 -76.61 6.93 -48.51
C ARG L 356 -76.99 8.18 -47.73
N ILE L 357 -76.34 8.37 -46.59
CA ILE L 357 -76.57 9.54 -45.75
C ILE L 357 -75.29 10.33 -45.63
N HIS L 358 -75.33 11.47 -44.93
CA HIS L 358 -74.17 12.34 -44.79
C HIS L 358 -73.38 11.92 -43.56
N LEU L 359 -72.11 11.56 -43.77
CA LEU L 359 -71.28 11.09 -42.66
C LEU L 359 -71.02 12.21 -41.66
N ASN L 360 -70.73 13.42 -42.13
CA ASN L 360 -70.38 14.51 -41.23
C ASN L 360 -71.55 14.86 -40.31
N SER L 361 -72.75 14.96 -40.87
CA SER L 361 -73.92 15.26 -40.04
C SER L 361 -74.20 14.14 -39.04
N PHE L 362 -74.05 12.89 -39.48
CA PHE L 362 -74.26 11.76 -38.57
C PHE L 362 -73.28 11.81 -37.41
N LEU L 363 -72.01 12.11 -37.69
CA LEU L 363 -71.01 12.20 -36.62
C LEU L 363 -71.30 13.38 -35.70
N SER L 364 -71.67 14.53 -36.26
CA SER L 364 -71.87 15.72 -35.44
C SER L 364 -73.11 15.62 -34.57
N VAL L 365 -74.17 14.98 -35.07
CA VAL L 365 -75.39 14.85 -34.27
C VAL L 365 -75.14 14.00 -33.04
N PHE L 366 -74.43 12.88 -33.19
CA PHE L 366 -74.16 11.96 -32.11
C PHE L 366 -72.84 12.25 -31.39
N ASN L 367 -72.14 13.31 -31.79
CA ASN L 367 -70.87 13.71 -31.17
C ASN L 367 -69.84 12.58 -31.26
N ILE L 368 -69.56 12.18 -32.49
CA ILE L 368 -68.54 11.17 -32.78
C ILE L 368 -67.41 11.88 -33.52
N PHE L 369 -66.25 11.95 -32.88
CA PHE L 369 -65.11 12.69 -33.41
C PHE L 369 -63.98 11.73 -33.75
N GLY L 370 -62.91 12.29 -34.30
CA GLY L 370 -61.73 11.53 -34.65
C GLY L 370 -61.78 10.96 -36.06
N LEU L 371 -60.64 10.37 -36.45
CA LEU L 371 -60.51 9.78 -37.77
C LEU L 371 -61.34 8.49 -37.84
N PRO L 372 -61.60 7.99 -39.05
CA PRO L 372 -62.42 6.77 -39.17
C PRO L 372 -61.90 5.59 -38.39
N GLU L 373 -60.61 5.52 -38.10
CA GLU L 373 -60.05 4.43 -37.32
C GLU L 373 -60.04 4.72 -35.82
N GLU L 374 -60.46 5.92 -35.40
CA GLU L 374 -60.46 6.27 -33.98
C GLU L 374 -61.73 7.03 -33.62
N TYR L 375 -62.88 6.55 -34.10
CA TYR L 375 -64.16 7.15 -33.72
C TYR L 375 -64.37 7.01 -32.22
N TYR L 376 -64.81 8.10 -31.58
CA TYR L 376 -65.08 8.06 -30.14
C TYR L 376 -66.14 9.08 -29.80
N HIS L 377 -66.78 8.88 -28.66
CA HIS L 377 -67.88 9.70 -28.18
C HIS L 377 -67.41 10.58 -27.04
N ASP L 378 -67.85 11.83 -27.04
CA ASP L 378 -67.40 12.82 -26.05
C ASP L 378 -67.86 12.46 -24.63
N PHE L 387 -77.51 7.21 -25.10
CA PHE L 387 -77.92 6.49 -26.30
C PHE L 387 -76.72 6.15 -27.18
N VAL L 388 -75.75 7.06 -27.22
CA VAL L 388 -74.57 6.88 -28.06
C VAL L 388 -73.63 5.89 -27.39
N ASP L 389 -73.27 4.84 -28.11
CA ASP L 389 -72.36 3.82 -27.61
C ASP L 389 -71.61 3.24 -28.81
N GLY L 390 -70.99 2.08 -28.62
CA GLY L 390 -70.28 1.43 -29.71
C GLY L 390 -71.17 1.02 -30.86
N ALA L 391 -72.46 0.83 -30.60
CA ALA L 391 -73.39 0.50 -31.69
C ALA L 391 -73.51 1.66 -32.68
N VAL L 392 -73.57 2.89 -32.18
CA VAL L 392 -73.67 4.04 -33.07
C VAL L 392 -72.39 4.19 -33.88
N ILE L 393 -71.23 3.95 -33.25
CA ILE L 393 -69.96 4.01 -33.97
C ILE L 393 -69.92 2.93 -35.05
N ALA L 394 -70.38 1.73 -34.74
CA ALA L 394 -70.42 0.67 -35.74
C ALA L 394 -71.36 1.03 -36.89
N ALA L 395 -72.49 1.66 -36.57
CA ALA L 395 -73.40 2.11 -37.61
C ALA L 395 -72.73 3.14 -38.51
N ALA L 396 -72.06 4.12 -37.92
CA ALA L 396 -71.36 5.13 -38.71
C ALA L 396 -70.27 4.52 -39.56
N ARG L 397 -69.63 3.45 -39.07
CA ARG L 397 -68.60 2.77 -39.85
C ARG L 397 -69.17 1.85 -40.92
N THR L 398 -70.44 1.44 -40.80
CA THR L 398 -71.02 0.50 -41.74
C THR L 398 -72.14 1.08 -42.60
N LEU L 399 -72.74 2.20 -42.19
CA LEU L 399 -73.81 2.78 -42.99
C LEU L 399 -73.26 3.34 -44.29
N PRO L 400 -74.00 3.23 -45.39
CA PRO L 400 -73.56 3.89 -46.64
C PRO L 400 -73.56 5.40 -46.47
N THR L 401 -72.40 6.00 -46.68
CA THR L 401 -72.21 7.42 -46.44
C THR L 401 -71.55 8.08 -47.64
N TRP L 402 -71.84 9.36 -47.83
CA TRP L 402 -71.23 10.17 -48.85
C TRP L 402 -70.66 11.44 -48.22
N SER L 403 -69.55 11.92 -48.78
CA SER L 403 -68.90 13.11 -48.28
C SER L 403 -68.36 13.92 -49.45
N ASP L 404 -68.55 15.24 -49.39
CA ASP L 404 -68.10 16.16 -50.42
C ASP L 404 -67.42 17.38 -49.77
N ILE L 405 -66.50 17.10 -48.85
CA ILE L 405 -65.70 18.12 -48.18
C ILE L 405 -66.59 18.99 -47.31
N ASP L 406 -67.22 20.00 -47.91
CA ASP L 406 -68.03 20.95 -47.16
C ASP L 406 -69.43 21.11 -47.73
N LEU L 407 -69.87 20.21 -48.60
CA LEU L 407 -71.20 20.30 -49.18
C LEU L 407 -72.24 19.87 -48.15
N PRO L 408 -73.19 20.73 -47.79
CA PRO L 408 -74.22 20.33 -46.81
C PRO L 408 -75.23 19.39 -47.44
N PRO L 409 -75.90 18.57 -46.65
CA PRO L 409 -76.97 17.73 -47.19
C PRO L 409 -78.33 18.41 -47.12
N ILE L 410 -79.10 18.33 -48.21
CA ILE L 410 -80.47 18.84 -48.19
C ILE L 410 -81.33 17.80 -47.48
N PRO L 411 -82.18 18.19 -46.53
CA PRO L 411 -82.86 17.20 -45.69
C PRO L 411 -83.75 16.23 -46.46
N SER L 412 -84.35 16.66 -47.58
CA SER L 412 -85.34 15.84 -48.26
C SER L 412 -84.76 14.50 -48.71
N ALA L 413 -83.56 14.51 -49.27
CA ALA L 413 -82.95 13.24 -49.69
C ALA L 413 -82.53 12.41 -48.48
N GLU L 414 -82.17 13.06 -47.37
CA GLU L 414 -81.80 12.32 -46.18
C GLU L 414 -82.98 11.52 -45.63
N ARG L 415 -84.19 12.11 -45.61
CA ARG L 415 -85.34 11.37 -45.10
C ARG L 415 -85.61 10.13 -45.94
N LYS L 416 -85.57 10.27 -47.27
CA LYS L 416 -85.79 9.12 -48.14
C LYS L 416 -84.70 8.08 -47.96
N ALA L 417 -83.44 8.52 -47.81
CA ALA L 417 -82.33 7.59 -47.64
C ALA L 417 -82.48 6.79 -46.35
N VAL L 418 -82.80 7.47 -45.24
CA VAL L 418 -82.96 6.75 -43.99
C VAL L 418 -84.21 5.88 -44.01
N LYS L 419 -85.25 6.27 -44.75
CA LYS L 419 -86.42 5.39 -44.88
C LYS L 419 -86.05 4.12 -45.62
N GLU L 420 -85.27 4.23 -46.70
CA GLU L 420 -84.83 3.03 -47.41
C GLU L 420 -83.93 2.16 -46.54
N LEU L 421 -83.02 2.78 -45.79
CA LEU L 421 -82.14 2.02 -44.92
C LEU L 421 -82.93 1.32 -43.81
N GLN L 422 -83.93 2.00 -43.24
CA GLN L 422 -84.77 1.38 -42.23
C GLN L 422 -85.57 0.23 -42.82
N ASP L 423 -86.02 0.37 -44.07
CA ASP L 423 -86.70 -0.73 -44.74
C ASP L 423 -85.77 -1.93 -44.91
N GLU L 424 -84.52 -1.67 -45.28
CA GLU L 424 -83.55 -2.76 -45.41
C GLU L 424 -83.31 -3.44 -44.07
N CYS L 425 -83.17 -2.65 -43.00
CA CYS L 425 -82.95 -3.22 -41.68
C CYS L 425 -84.14 -4.05 -41.21
N ARG L 426 -85.36 -3.56 -41.48
CA ARG L 426 -86.55 -4.31 -41.11
C ARG L 426 -86.67 -5.60 -41.93
N LYS L 427 -86.28 -5.55 -43.20
CA LYS L 427 -86.24 -6.78 -44.00
C LYS L 427 -85.25 -7.77 -43.40
N MET L 428 -84.09 -7.30 -42.97
CA MET L 428 -83.11 -8.18 -42.33
C MET L 428 -83.67 -8.79 -41.06
N LEU L 429 -84.36 -7.98 -40.25
CA LEU L 429 -84.97 -8.50 -39.03
C LEU L 429 -86.03 -9.53 -39.35
N ALA L 430 -86.82 -9.30 -40.40
CA ALA L 430 -87.84 -10.26 -40.80
C ALA L 430 -87.21 -11.55 -41.33
N GLU L 431 -86.01 -11.47 -41.89
CA GLU L 431 -85.33 -12.68 -42.34
C GLU L 431 -85.06 -13.63 -41.19
N TYR L 432 -84.81 -13.11 -40.00
CA TYR L 432 -84.60 -13.96 -38.84
C TYR L 432 -85.92 -14.58 -38.40
N PRO L 433 -85.96 -15.88 -38.09
CA PRO L 433 -87.24 -16.50 -37.72
C PRO L 433 -87.88 -15.90 -36.48
N THR L 434 -87.10 -15.44 -35.52
CA THR L 434 -87.61 -14.89 -34.27
C THR L 434 -87.10 -13.46 -34.08
N THR L 435 -87.44 -12.89 -32.93
CA THR L 435 -87.04 -11.53 -32.56
C THR L 435 -86.07 -11.58 -31.38
N SER L 436 -85.66 -10.39 -30.94
CA SER L 436 -84.69 -10.28 -29.86
C SER L 436 -85.34 -10.34 -28.49
N GLU L 437 -86.49 -9.70 -28.32
CA GLU L 437 -87.19 -9.76 -27.03
C GLU L 437 -87.62 -11.17 -26.70
N GLN L 438 -88.12 -11.91 -27.70
CA GLN L 438 -88.44 -13.32 -27.47
C GLN L 438 -87.20 -14.14 -27.15
N ASP L 439 -86.05 -13.78 -27.74
CA ASP L 439 -84.80 -14.46 -27.39
C ASP L 439 -84.43 -14.20 -25.93
N GLN L 440 -84.58 -12.96 -25.47
CA GLN L 440 -84.31 -12.66 -24.07
C GLN L 440 -85.27 -13.41 -23.15
N LYS L 441 -86.54 -13.50 -23.53
CA LYS L 441 -87.50 -14.27 -22.75
C LYS L 441 -87.12 -15.75 -22.70
N LEU L 442 -86.67 -16.30 -23.83
CA LEU L 442 -86.23 -17.69 -23.87
C LEU L 442 -85.02 -17.89 -22.97
N LEU L 443 -84.09 -16.93 -22.96
CA LEU L 443 -82.94 -17.02 -22.06
C LEU L 443 -83.39 -16.99 -20.60
N ASP L 444 -84.33 -16.10 -20.27
CA ASP L 444 -84.81 -16.02 -18.89
C ASP L 444 -85.56 -17.28 -18.48
N SER L 445 -86.22 -17.95 -19.42
CA SER L 445 -86.91 -19.20 -19.15
C SER L 445 -86.02 -20.43 -19.30
N LEU L 446 -84.75 -20.24 -19.66
CA LEU L 446 -83.86 -21.36 -19.93
C LEU L 446 -83.39 -21.97 -18.62
N SER L 447 -83.46 -23.31 -18.54
CA SER L 447 -83.03 -24.00 -17.32
C SER L 447 -82.20 -25.26 -17.57
N GLU L 448 -82.16 -25.80 -18.78
CA GLU L 448 -81.44 -27.04 -19.05
C GLU L 448 -80.67 -26.94 -20.36
N ALA L 449 -79.98 -25.83 -20.58
CA ALA L 449 -79.22 -25.62 -21.80
C ALA L 449 -77.74 -25.42 -21.47
N ARG L 450 -76.90 -25.84 -22.40
CA ARG L 450 -75.45 -25.69 -22.24
C ARG L 450 -75.04 -24.24 -22.44
N THR L 451 -73.77 -23.96 -22.11
CA THR L 451 -73.26 -22.60 -22.24
C THR L 451 -73.26 -22.14 -23.69
N THR L 452 -72.92 -23.03 -24.62
CA THR L 452 -72.89 -22.65 -26.03
C THR L 452 -74.27 -22.33 -26.56
N PHE L 453 -75.31 -22.98 -26.05
CA PHE L 453 -76.68 -22.66 -26.44
C PHE L 453 -77.01 -21.21 -26.13
N ALA L 454 -76.78 -20.80 -24.88
CA ALA L 454 -77.02 -19.42 -24.50
C ALA L 454 -76.09 -18.47 -25.24
N THR L 455 -74.87 -18.91 -25.54
CA THR L 455 -73.94 -18.06 -26.29
C THR L 455 -74.47 -17.77 -27.69
N ALA L 456 -74.97 -18.80 -28.38
CA ALA L 456 -75.53 -18.59 -29.70
C ALA L 456 -76.78 -17.72 -29.65
N VAL L 457 -77.65 -17.96 -28.66
CA VAL L 457 -78.84 -17.13 -28.51
C VAL L 457 -78.46 -15.68 -28.30
N LYS L 458 -77.46 -15.44 -27.44
CA LYS L 458 -77.00 -14.08 -27.18
C LYS L 458 -76.39 -13.46 -28.42
N TYR L 459 -75.67 -14.24 -29.22
CA TYR L 459 -75.08 -13.72 -30.45
C TYR L 459 -76.16 -13.22 -31.41
N ARG L 460 -77.17 -14.05 -31.66
CA ARG L 460 -78.21 -13.63 -32.59
C ARG L 460 -79.03 -12.47 -32.02
N MET L 461 -79.29 -12.49 -30.71
CA MET L 461 -80.01 -11.37 -30.10
C MET L 461 -79.21 -10.08 -30.21
N HIS L 462 -77.89 -10.16 -30.01
CA HIS L 462 -77.05 -8.98 -30.11
C HIS L 462 -77.05 -8.42 -31.53
N ARG L 463 -77.03 -9.30 -32.54
CA ARG L 463 -77.16 -8.81 -33.90
C ARG L 463 -78.49 -8.10 -34.10
N LYS L 464 -79.58 -8.66 -33.55
CA LYS L 464 -80.88 -8.01 -33.67
C LYS L 464 -80.90 -6.65 -32.99
N MET L 465 -80.33 -6.54 -31.80
CA MET L 465 -80.26 -5.25 -31.13
C MET L 465 -79.38 -4.26 -31.88
N PHE L 466 -78.32 -4.73 -32.53
CA PHE L 466 -77.49 -3.83 -33.33
C PHE L 466 -78.29 -3.25 -34.49
N ILE L 467 -79.08 -4.09 -35.17
CA ILE L 467 -79.90 -3.59 -36.27
C ILE L 467 -80.96 -2.62 -35.74
N GLY L 468 -81.58 -2.95 -34.61
CA GLY L 468 -82.57 -2.05 -34.03
C GLY L 468 -81.98 -0.71 -33.62
N LYS L 469 -80.77 -0.74 -33.05
CA LYS L 469 -80.09 0.50 -32.70
C LYS L 469 -79.75 1.31 -33.93
N ILE L 470 -79.39 0.64 -35.03
CA ILE L 470 -79.18 1.36 -36.29
C ILE L 470 -80.47 2.08 -36.70
N ILE L 471 -81.60 1.39 -36.60
CA ILE L 471 -82.88 1.99 -36.98
C ILE L 471 -83.18 3.22 -36.12
N LYS L 472 -83.02 3.07 -34.79
CA LYS L 472 -83.32 4.18 -33.89
C LYS L 472 -82.37 5.35 -34.11
N ALA L 473 -81.08 5.05 -34.37
CA ALA L 473 -80.12 6.10 -34.63
C ALA L 473 -80.45 6.86 -35.90
N LEU L 474 -80.88 6.14 -36.95
CA LEU L 474 -81.28 6.81 -38.18
C LEU L 474 -82.50 7.70 -37.93
N ASP L 475 -83.47 7.20 -37.16
CA ASP L 475 -84.66 7.99 -36.87
C ASP L 475 -84.30 9.27 -36.12
N ILE L 476 -83.49 9.15 -35.07
CA ILE L 476 -83.16 10.34 -34.28
C ILE L 476 -82.25 11.29 -35.06
N TYR L 477 -81.40 10.75 -35.95
CA TYR L 477 -80.57 11.60 -36.78
C TYR L 477 -81.41 12.39 -37.77
N GLN L 478 -82.41 11.77 -38.38
CA GLN L 478 -83.32 12.51 -39.24
C GLN L 478 -84.16 13.50 -38.44
N GLU L 479 -84.42 13.20 -37.17
CA GLU L 479 -85.14 14.14 -36.32
C GLU L 479 -84.31 15.39 -36.06
N ARG L 480 -83.05 15.21 -35.66
CA ARG L 480 -82.19 16.33 -35.27
C ARG L 480 -81.49 16.98 -36.45
N LEU L 481 -81.93 16.71 -37.68
CA LEU L 481 -81.34 17.34 -38.85
C LEU L 481 -81.80 18.77 -39.06
N LEU L 482 -82.82 19.22 -38.32
CA LEU L 482 -83.36 20.55 -38.50
C LEU L 482 -83.04 21.44 -37.30
N VAL M 131 -36.09 -58.40 -20.10
CA VAL M 131 -36.90 -57.54 -20.95
C VAL M 131 -38.06 -58.32 -21.54
N VAL M 132 -39.27 -57.77 -21.40
CA VAL M 132 -40.46 -58.41 -21.92
C VAL M 132 -40.84 -57.75 -23.24
N ASP M 133 -41.75 -58.39 -23.98
CA ASP M 133 -42.16 -57.93 -25.29
C ASP M 133 -43.61 -57.42 -25.30
N TYR M 134 -44.07 -56.89 -24.18
CA TYR M 134 -45.43 -56.39 -24.08
C TYR M 134 -45.49 -55.29 -23.04
N ARG M 135 -46.53 -54.46 -23.14
CA ARG M 135 -46.76 -53.35 -22.21
C ARG M 135 -47.84 -53.79 -21.22
N ILE M 136 -47.48 -53.90 -19.95
CA ILE M 136 -48.41 -54.35 -18.93
C ILE M 136 -49.40 -53.23 -18.62
N ASN M 137 -50.48 -53.57 -17.91
CA ASN M 137 -51.47 -52.59 -17.46
C ASN M 137 -51.13 -52.19 -16.03
N GLU M 138 -50.90 -50.90 -15.81
CA GLU M 138 -50.45 -50.40 -14.52
C GLU M 138 -51.60 -50.17 -13.54
N ASP M 139 -52.85 -50.37 -13.98
CA ASP M 139 -53.98 -50.18 -13.07
C ASP M 139 -54.10 -51.32 -12.06
N GLU M 140 -53.47 -52.47 -12.33
CA GLU M 140 -53.52 -53.62 -11.43
C GLU M 140 -52.17 -53.90 -10.79
N PHE M 141 -51.28 -52.90 -10.76
CA PHE M 141 -49.93 -53.09 -10.26
C PHE M 141 -49.61 -52.06 -9.19
N HIS M 142 -48.70 -52.41 -8.28
CA HIS M 142 -48.17 -51.48 -7.29
C HIS M 142 -46.96 -50.80 -7.90
N LYS M 143 -47.12 -49.55 -8.31
CA LYS M 143 -46.00 -48.79 -8.87
C LYS M 143 -45.19 -48.20 -7.72
N ILE M 144 -43.99 -48.72 -7.52
CA ILE M 144 -43.08 -48.23 -6.50
C ILE M 144 -41.95 -47.50 -7.22
N SER M 145 -41.85 -46.20 -7.02
CA SER M 145 -40.90 -45.36 -7.72
C SER M 145 -39.68 -45.11 -6.83
N LEU M 146 -38.50 -45.41 -7.36
CA LEU M 146 -37.24 -45.21 -6.67
C LEU M 146 -36.36 -44.28 -7.50
N LEU M 147 -35.16 -44.03 -6.99
CA LEU M 147 -34.26 -43.07 -7.64
C LEU M 147 -33.83 -43.55 -9.02
N ASP M 148 -33.50 -44.84 -9.15
CA ASP M 148 -32.92 -45.36 -10.38
C ASP M 148 -33.91 -46.17 -11.22
N CYS M 149 -35.07 -46.52 -10.67
CA CYS M 149 -36.00 -47.36 -11.41
C CYS M 149 -37.39 -47.23 -10.79
N ASP M 150 -38.39 -47.71 -11.52
CA ASP M 150 -39.75 -47.84 -11.02
C ASP M 150 -40.08 -49.32 -10.91
N PHE M 151 -40.52 -49.73 -9.73
CA PHE M 151 -40.77 -51.14 -9.43
C PHE M 151 -42.27 -51.42 -9.49
N PHE M 152 -42.64 -52.52 -10.13
CA PHE M 152 -44.04 -52.90 -10.31
C PHE M 152 -44.29 -54.25 -9.68
N ILE M 153 -45.30 -54.32 -8.81
CA ILE M 153 -45.74 -55.56 -8.19
C ILE M 153 -47.24 -55.67 -8.40
N ARG M 154 -47.69 -56.83 -8.87
CA ARG M 154 -49.09 -57.01 -9.18
C ARG M 154 -49.97 -56.77 -7.95
N LYS M 155 -51.00 -55.96 -8.12
CA LYS M 155 -51.85 -55.56 -7.01
C LYS M 155 -53.22 -56.23 -7.12
N PRO M 156 -53.53 -57.21 -6.28
CA PRO M 156 -54.90 -57.72 -6.21
C PRO M 156 -55.85 -56.63 -5.73
N PRO M 157 -57.07 -56.60 -6.23
CA PRO M 157 -58.02 -55.56 -5.80
C PRO M 157 -58.33 -55.67 -4.30
N ASP M 158 -58.43 -54.51 -3.66
CA ASP M 158 -58.72 -54.42 -2.24
C ASP M 158 -59.08 -52.97 -1.87
N PRO M 159 -60.06 -52.76 -1.00
CA PRO M 159 -60.36 -51.39 -0.57
C PRO M 159 -59.20 -50.70 0.11
N ASP M 160 -58.38 -51.44 0.86
CA ASP M 160 -57.22 -50.84 1.50
C ASP M 160 -56.09 -50.59 0.52
N ASN M 161 -55.98 -51.39 -0.53
CA ASN M 161 -54.91 -51.33 -1.53
C ASN M 161 -53.56 -51.68 -0.93
N ASP M 162 -53.55 -52.46 0.15
CA ASP M 162 -52.31 -52.91 0.80
C ASP M 162 -51.98 -54.36 0.49
N VAL M 163 -52.67 -54.97 -0.46
CA VAL M 163 -52.47 -56.39 -0.79
C VAL M 163 -51.52 -56.47 -1.98
N TYR M 164 -50.51 -57.32 -1.86
CA TYR M 164 -49.46 -57.45 -2.86
C TYR M 164 -49.39 -58.89 -3.37
N ASP M 165 -49.18 -59.04 -4.67
CA ASP M 165 -48.99 -60.34 -5.30
C ASP M 165 -47.60 -60.35 -5.94
N PHE M 166 -46.68 -61.08 -5.33
CA PHE M 166 -45.28 -61.07 -5.73
C PHE M 166 -44.96 -62.02 -6.88
N ARG M 167 -45.94 -62.77 -7.37
CA ARG M 167 -45.67 -63.71 -8.47
C ARG M 167 -45.27 -62.97 -9.73
N GLU M 168 -45.93 -61.88 -10.05
CA GLU M 168 -45.65 -61.09 -11.24
C GLU M 168 -45.03 -59.76 -10.82
N MET M 169 -43.84 -59.47 -11.35
CA MET M 169 -43.10 -58.28 -10.98
C MET M 169 -42.37 -57.74 -12.21
N TYR M 170 -42.18 -56.42 -12.24
CA TYR M 170 -41.51 -55.77 -13.35
C TYR M 170 -40.73 -54.57 -12.86
N VAL M 171 -39.61 -54.29 -13.51
CA VAL M 171 -38.78 -53.13 -13.21
C VAL M 171 -38.55 -52.35 -14.50
N THR M 172 -38.72 -51.05 -14.45
CA THR M 172 -38.51 -50.16 -15.58
C THR M 172 -37.67 -48.98 -15.15
N PRO M 173 -36.96 -48.34 -16.09
CA PRO M 173 -36.34 -47.05 -15.79
C PRO M 173 -37.41 -46.03 -15.48
N PRO M 174 -37.09 -45.02 -14.67
CA PRO M 174 -38.12 -44.08 -14.20
C PRO M 174 -38.88 -43.44 -15.35
N ASP M 175 -40.20 -43.52 -15.29
CA ASP M 175 -41.10 -42.99 -16.30
C ASP M 175 -40.80 -43.57 -17.68
N THR M 176 -40.95 -44.89 -17.78
CA THR M 176 -40.71 -45.61 -19.03
C THR M 176 -41.56 -46.87 -19.04
N ASP M 177 -42.15 -47.18 -20.19
CA ASP M 177 -43.00 -48.35 -20.36
C ASP M 177 -42.29 -49.51 -21.04
N ILE M 178 -40.97 -49.61 -20.85
CA ILE M 178 -40.19 -50.73 -21.35
C ILE M 178 -39.94 -51.65 -20.16
N TYR M 179 -40.81 -52.63 -19.98
CA TYR M 179 -40.83 -53.43 -18.77
C TYR M 179 -39.84 -54.58 -18.85
N SER M 180 -39.30 -54.95 -17.70
CA SER M 180 -38.34 -56.05 -17.59
C SER M 180 -38.54 -56.76 -16.27
N VAL M 181 -38.23 -58.05 -16.25
CA VAL M 181 -38.39 -58.85 -15.04
C VAL M 181 -37.28 -58.49 -14.05
N PRO M 182 -37.61 -58.11 -12.82
CA PRO M 182 -36.56 -57.72 -11.87
C PRO M 182 -35.77 -58.92 -11.37
N ARG M 183 -34.54 -58.64 -10.97
CA ARG M 183 -33.68 -59.67 -10.40
C ARG M 183 -34.13 -59.98 -8.98
N VAL M 184 -34.24 -61.27 -8.65
CA VAL M 184 -34.71 -61.72 -7.35
C VAL M 184 -33.55 -62.43 -6.64
N LEU M 185 -33.30 -62.04 -5.40
CA LEU M 185 -32.20 -62.59 -4.61
C LEU M 185 -32.65 -63.53 -3.50
N ALA M 186 -33.94 -63.79 -3.37
CA ALA M 186 -34.45 -64.59 -2.25
C ALA M 186 -35.80 -65.17 -2.64
N PRO M 187 -36.25 -66.21 -1.94
CA PRO M 187 -37.61 -66.72 -2.19
C PRO M 187 -38.65 -65.65 -1.99
N MET M 188 -39.66 -65.66 -2.86
CA MET M 188 -40.75 -64.71 -2.83
C MET M 188 -42.05 -65.37 -2.40
N PRO M 189 -42.98 -64.62 -1.81
CA PRO M 189 -44.25 -65.21 -1.37
C PRO M 189 -45.07 -65.70 -2.57
N GLN M 190 -45.84 -66.75 -2.32
CA GLN M 190 -46.75 -67.29 -3.33
C GLN M 190 -48.20 -66.92 -3.09
N LYS M 191 -48.59 -66.67 -1.84
CA LYS M 191 -49.93 -66.24 -1.49
C LYS M 191 -49.97 -64.73 -1.29
N TYR M 192 -51.15 -64.16 -1.49
CA TYR M 192 -51.33 -62.73 -1.28
C TYR M 192 -51.07 -62.37 0.18
N ILE M 193 -50.27 -61.34 0.40
CA ILE M 193 -49.93 -60.88 1.74
C ILE M 193 -50.13 -59.38 1.82
N ARG M 194 -50.77 -58.92 2.88
CA ARG M 194 -50.90 -57.49 3.15
C ARG M 194 -49.59 -56.96 3.72
N CYS M 195 -49.11 -55.85 3.16
CA CYS M 195 -47.82 -55.29 3.53
C CYS M 195 -47.93 -53.78 3.69
N ALA M 196 -47.01 -53.22 4.47
CA ALA M 196 -46.89 -51.79 4.67
C ALA M 196 -45.61 -51.30 4.01
N MET M 197 -45.74 -50.26 3.20
CA MET M 197 -44.62 -49.75 2.41
C MET M 197 -43.99 -48.55 3.10
N SER M 198 -42.67 -48.55 3.18
CA SER M 198 -41.92 -47.43 3.76
C SER M 198 -40.62 -47.27 2.98
N ASP M 199 -40.35 -46.05 2.52
CA ASP M 199 -39.18 -45.78 1.71
C ASP M 199 -37.96 -45.51 2.57
N TYR M 200 -36.79 -45.60 1.94
CA TYR M 200 -35.50 -45.44 2.62
C TYR M 200 -34.58 -44.67 1.70
N GLY M 201 -34.00 -43.59 2.20
CA GLY M 201 -33.13 -42.77 1.38
C GLY M 201 -32.67 -41.54 2.13
N CYS M 202 -32.28 -40.53 1.36
CA CYS M 202 -31.72 -39.30 1.90
C CYS M 202 -32.45 -38.11 1.29
N TYR M 203 -32.04 -36.91 1.72
CA TYR M 203 -32.52 -35.66 1.16
C TYR M 203 -31.40 -35.00 0.37
N ASP M 204 -31.75 -34.42 -0.77
CA ASP M 204 -30.80 -33.73 -1.63
C ASP M 204 -31.14 -32.24 -1.60
N VAL M 205 -30.60 -31.54 -0.61
CA VAL M 205 -30.78 -30.09 -0.49
C VAL M 205 -29.58 -29.44 -1.17
N THR M 206 -29.79 -28.94 -2.39
CA THR M 206 -28.75 -28.30 -3.17
C THR M 206 -29.06 -26.82 -3.33
N GLU M 207 -28.04 -26.07 -3.75
CA GLU M 207 -28.18 -24.65 -4.06
C GLU M 207 -28.03 -24.48 -5.57
N PRO M 208 -29.12 -24.57 -6.33
CA PRO M 208 -29.00 -24.47 -7.78
C PRO M 208 -28.57 -23.07 -8.19
N PRO M 209 -27.88 -22.93 -9.32
CA PRO M 209 -27.50 -21.60 -9.79
C PRO M 209 -28.72 -20.76 -10.14
N ILE M 210 -28.60 -19.46 -9.91
CA ILE M 210 -29.70 -18.52 -10.08
C ILE M 210 -29.55 -17.88 -11.46
N ASP M 211 -30.39 -18.31 -12.40
CA ASP M 211 -30.40 -17.74 -13.76
C ASP M 211 -31.46 -16.66 -13.92
N ALA M 212 -32.72 -17.04 -13.77
CA ALA M 212 -33.82 -16.12 -13.97
C ALA M 212 -34.11 -15.35 -12.70
N PRO M 213 -34.82 -14.23 -12.80
CA PRO M 213 -35.27 -13.54 -11.58
C PRO M 213 -36.12 -14.47 -10.73
N ARG M 214 -35.95 -14.36 -9.41
CA ARG M 214 -36.70 -15.14 -8.44
C ARG M 214 -36.44 -16.64 -8.57
N ASP M 215 -35.25 -17.01 -9.02
CA ASP M 215 -34.88 -18.42 -9.05
C ASP M 215 -34.73 -18.94 -7.62
N PRO M 216 -35.12 -20.19 -7.35
CA PRO M 216 -35.08 -20.69 -5.97
C PRO M 216 -33.67 -20.68 -5.40
N LEU M 217 -33.57 -20.30 -4.13
CA LEU M 217 -32.28 -20.28 -3.45
C LEU M 217 -31.80 -21.68 -3.07
N TYR M 218 -32.72 -22.63 -2.94
CA TYR M 218 -32.36 -24.01 -2.60
C TYR M 218 -33.35 -24.94 -3.28
N LYS M 219 -32.96 -26.20 -3.39
CA LYS M 219 -33.82 -27.24 -3.94
C LYS M 219 -33.68 -28.50 -3.10
N SER M 220 -34.78 -28.97 -2.53
CA SER M 220 -34.79 -30.15 -1.69
C SER M 220 -35.62 -31.24 -2.36
N GLU M 221 -35.03 -32.41 -2.56
CA GLU M 221 -35.72 -33.54 -3.13
C GLU M 221 -35.34 -34.80 -2.38
N ARG M 222 -36.27 -35.75 -2.35
CA ARG M 222 -36.11 -36.99 -1.57
C ARG M 222 -35.58 -38.08 -2.49
N GLU M 223 -34.33 -38.48 -2.28
CA GLU M 223 -33.70 -39.54 -3.07
C GLU M 223 -33.97 -40.87 -2.39
N ILE M 224 -35.00 -41.57 -2.86
CA ILE M 224 -35.36 -42.87 -2.29
C ILE M 224 -34.49 -43.94 -2.94
N SER M 225 -33.72 -44.67 -2.12
CA SER M 225 -32.84 -45.72 -2.60
C SER M 225 -33.27 -47.12 -2.20
N LYS M 226 -34.13 -47.25 -1.19
CA LYS M 226 -34.61 -48.55 -0.75
C LYS M 226 -36.07 -48.43 -0.32
N VAL M 227 -36.82 -49.49 -0.53
CA VAL M 227 -38.22 -49.56 -0.13
C VAL M 227 -38.42 -50.86 0.63
N PHE M 228 -38.92 -50.76 1.87
CA PHE M 228 -39.15 -51.91 2.71
C PHE M 228 -40.64 -52.23 2.71
N LEU M 229 -40.97 -53.51 2.48
CA LEU M 229 -42.33 -53.99 2.52
C LEU M 229 -42.46 -54.94 3.71
N THR M 230 -43.16 -54.47 4.75
CA THR M 230 -43.29 -55.21 5.99
C THR M 230 -44.69 -55.83 6.06
N LYS M 231 -44.76 -57.14 6.21
CA LYS M 231 -46.03 -57.84 6.25
C LYS M 231 -46.79 -57.52 7.53
N HIS M 232 -48.09 -57.30 7.41
CA HIS M 232 -48.94 -57.22 8.58
C HIS M 232 -49.05 -58.59 9.24
N TYR M 233 -49.17 -58.59 10.56
CA TYR M 233 -49.29 -59.85 11.30
C TYR M 233 -50.59 -60.53 10.92
N ARG M 234 -50.49 -61.72 10.33
CA ARG M 234 -51.64 -62.50 9.88
C ARG M 234 -52.51 -61.72 8.89
N ASN M 235 -51.87 -60.85 8.10
CA ASN M 235 -52.54 -60.04 7.07
C ASN M 235 -53.67 -59.21 7.66
N ARG M 236 -53.47 -58.72 8.89
CA ARG M 236 -54.48 -57.89 9.53
C ARG M 236 -54.55 -56.52 8.88
N ARG M 237 -55.75 -55.96 8.86
CA ARG M 237 -55.97 -54.65 8.27
C ARG M 237 -55.48 -53.55 9.21
N LEU M 238 -55.26 -52.37 8.64
CA LEU M 238 -54.85 -51.22 9.47
C LEU M 238 -55.96 -50.83 10.43
N ASN M 239 -57.21 -50.86 9.97
CA ASN M 239 -58.34 -50.50 10.83
C ASN M 239 -58.61 -51.51 11.93
N ASP M 240 -57.98 -52.68 11.88
CA ASP M 240 -58.19 -53.69 12.90
C ASP M 240 -57.65 -53.20 14.24
N PRO M 241 -58.43 -53.30 15.32
CA PRO M 241 -57.91 -52.86 16.63
C PRO M 241 -56.74 -53.69 17.12
N GLU M 242 -56.54 -54.90 16.58
CA GLU M 242 -55.43 -55.77 16.97
C GLU M 242 -54.31 -55.77 15.95
N PHE M 243 -54.19 -54.71 15.15
CA PHE M 243 -53.21 -54.68 14.08
C PHE M 243 -51.81 -54.48 14.66
N VAL M 244 -50.88 -55.36 14.28
CA VAL M 244 -49.46 -55.22 14.59
C VAL M 244 -48.66 -55.59 13.35
N LEU M 245 -47.44 -55.10 13.30
CA LEU M 245 -46.56 -55.35 12.16
C LEU M 245 -45.68 -56.57 12.44
N ASP M 246 -45.50 -57.39 11.41
CA ASP M 246 -44.65 -58.58 11.48
C ASP M 246 -43.28 -58.21 10.93
N PHE M 247 -42.34 -57.92 11.84
CA PHE M 247 -41.01 -57.49 11.43
C PHE M 247 -40.11 -58.64 10.99
N GLU M 248 -40.57 -59.89 11.14
CA GLU M 248 -39.82 -61.02 10.63
C GLU M 248 -40.03 -61.23 9.13
N GLU M 249 -40.93 -60.48 8.51
CA GLU M 249 -41.26 -60.61 7.09
C GLU M 249 -41.11 -59.24 6.44
N ILE M 250 -39.90 -58.94 5.98
CA ILE M 250 -39.59 -57.67 5.33
C ILE M 250 -38.89 -57.95 4.01
N TYR M 251 -39.35 -57.31 2.95
CA TYR M 251 -38.76 -57.43 1.61
C TYR M 251 -38.17 -56.10 1.20
N VAL M 252 -36.93 -56.11 0.73
CA VAL M 252 -36.17 -54.91 0.44
C VAL M 252 -36.04 -54.76 -1.07
N ILE M 253 -36.41 -53.58 -1.58
CA ILE M 253 -36.30 -53.25 -2.99
C ILE M 253 -35.15 -52.26 -3.16
N ASP M 254 -34.17 -52.62 -3.97
CA ASP M 254 -32.97 -51.82 -4.17
C ASP M 254 -33.03 -51.14 -5.53
N SER M 255 -32.85 -49.82 -5.54
CA SER M 255 -32.89 -49.06 -6.79
C SER M 255 -31.60 -49.22 -7.58
N LYS M 256 -30.45 -49.25 -6.90
CA LYS M 256 -29.18 -49.32 -7.60
C LYS M 256 -29.03 -50.62 -8.38
N THR M 257 -29.42 -51.74 -7.77
CA THR M 257 -29.30 -53.05 -8.41
C THR M 257 -30.57 -53.48 -9.13
N LYS M 258 -31.66 -52.70 -9.02
CA LYS M 258 -32.94 -53.03 -9.65
C LYS M 258 -33.40 -54.43 -9.24
N SER M 259 -33.24 -54.75 -7.96
CA SER M 259 -33.54 -56.08 -7.45
C SER M 259 -34.45 -55.98 -6.24
N ILE M 260 -34.91 -57.15 -5.78
CA ILE M 260 -35.74 -57.27 -4.59
C ILE M 260 -35.23 -58.45 -3.77
N THR M 261 -35.11 -58.25 -2.46
CA THR M 261 -34.55 -59.26 -1.57
C THR M 261 -35.39 -59.33 -0.30
N ARG M 262 -35.21 -60.41 0.45
CA ARG M 262 -35.81 -60.57 1.76
C ARG M 262 -34.81 -60.19 2.84
N ALA M 263 -35.28 -59.51 3.87
CA ALA M 263 -34.41 -58.97 4.90
C ALA M 263 -33.94 -60.08 5.84
N ARG M 264 -32.66 -60.00 6.23
CA ARG M 264 -32.07 -60.92 7.21
C ARG M 264 -32.35 -60.35 8.59
N VAL M 265 -33.45 -60.80 9.20
CA VAL M 265 -33.93 -60.25 10.46
C VAL M 265 -33.35 -61.07 11.61
N LEU M 266 -32.78 -60.38 12.59
CA LEU M 266 -32.24 -61.00 13.80
C LEU M 266 -33.09 -60.56 14.99
N VAL M 267 -33.54 -61.52 15.78
CA VAL M 267 -34.48 -61.27 16.87
C VAL M 267 -33.77 -61.51 18.20
N THR M 268 -33.88 -60.54 19.11
CA THR M 268 -33.32 -60.65 20.45
C THR M 268 -34.36 -60.70 21.55
N VAL M 269 -35.61 -60.35 21.26
CA VAL M 269 -36.65 -60.33 22.27
C VAL M 269 -36.94 -61.76 22.72
N PRO M 270 -37.03 -62.02 24.03
CA PRO M 270 -37.39 -63.38 24.48
C PRO M 270 -38.79 -63.75 24.02
N GLY M 271 -38.96 -65.03 23.72
CA GLY M 271 -40.23 -65.54 23.25
C GLY M 271 -40.11 -66.43 22.03
N GLY M 272 -39.13 -66.15 21.19
CA GLY M 272 -38.93 -66.95 20.00
C GLY M 272 -40.06 -66.72 19.00
N ARG M 273 -40.58 -67.82 18.45
CA ARG M 273 -41.64 -67.72 17.45
C ARG M 273 -42.92 -67.13 18.05
N LYS M 274 -43.26 -67.53 19.27
CA LYS M 274 -44.49 -67.10 19.93
C LYS M 274 -44.14 -66.03 20.96
N ARG M 275 -44.55 -64.79 20.70
CA ARG M 275 -44.30 -63.69 21.61
C ARG M 275 -45.33 -62.60 21.35
N ASP M 276 -45.33 -61.58 22.21
CA ASP M 276 -46.21 -60.44 22.05
C ASP M 276 -45.58 -59.46 21.07
N ARG M 277 -46.12 -59.40 19.85
CA ARG M 277 -45.59 -58.50 18.83
C ARG M 277 -45.83 -57.03 19.16
N LYS M 278 -46.65 -56.72 20.15
CA LYS M 278 -46.91 -55.33 20.52
C LYS M 278 -45.72 -54.66 21.21
N ASP M 279 -44.71 -55.42 21.63
CA ASP M 279 -43.64 -54.88 22.46
C ASP M 279 -42.27 -54.90 21.77
N ASP M 280 -42.20 -55.25 20.49
CA ASP M 280 -40.93 -55.33 19.80
C ASP M 280 -40.67 -54.07 18.99
N LEU M 281 -39.39 -53.80 18.77
CA LEU M 281 -38.95 -52.63 18.01
C LEU M 281 -37.90 -53.06 17.00
N LEU M 282 -38.02 -52.57 15.78
CA LEU M 282 -37.10 -52.91 14.70
C LEU M 282 -36.06 -51.80 14.53
N VAL M 283 -34.81 -52.19 14.37
CA VAL M 283 -33.70 -51.26 14.17
C VAL M 283 -33.04 -51.60 12.85
N ILE M 284 -32.93 -50.61 11.96
CA ILE M 284 -32.34 -50.78 10.64
C ILE M 284 -31.10 -49.91 10.56
N ARG M 285 -29.95 -50.53 10.29
CA ARG M 285 -28.68 -49.83 10.18
C ARG M 285 -27.95 -50.32 8.94
N ASP M 286 -26.74 -49.78 8.73
CA ASP M 286 -25.83 -50.23 7.68
C ASP M 286 -26.47 -50.14 6.29
N ASN M 287 -26.97 -48.95 5.96
CA ASN M 287 -27.57 -48.68 4.65
C ASN M 287 -28.70 -49.65 4.34
N GLY M 288 -29.56 -49.87 5.34
CA GLY M 288 -30.71 -50.74 5.14
C GLY M 288 -30.37 -52.20 5.03
N ASN M 289 -29.23 -52.64 5.56
CA ASN M 289 -28.81 -54.03 5.48
C ASN M 289 -28.92 -54.78 6.80
N SER M 290 -28.82 -54.08 7.93
CA SER M 290 -28.88 -54.71 9.24
C SER M 290 -30.28 -54.54 9.81
N PHE M 291 -30.96 -55.65 10.06
CA PHE M 291 -32.29 -55.65 10.65
C PHE M 291 -32.26 -56.42 11.96
N LYS M 292 -32.65 -55.76 13.05
CA LYS M 292 -32.60 -56.36 14.37
C LYS M 292 -33.87 -56.00 15.14
N ILE M 293 -34.39 -56.97 15.90
CA ILE M 293 -35.60 -56.79 16.69
C ILE M 293 -35.20 -56.75 18.16
N ILE M 294 -35.58 -55.68 18.84
CA ILE M 294 -35.26 -55.48 20.25
C ILE M 294 -36.54 -55.09 20.97
N HIS M 295 -36.50 -55.19 22.30
CA HIS M 295 -37.61 -54.75 23.12
C HIS M 295 -37.74 -53.23 23.07
N VAL M 296 -38.99 -52.75 23.15
CA VAL M 296 -39.21 -51.30 23.08
C VAL M 296 -38.61 -50.60 24.28
N GLY M 297 -38.45 -51.31 25.41
CA GLY M 297 -37.88 -50.70 26.60
C GLY M 297 -36.44 -50.27 26.43
N GLU M 298 -35.66 -51.01 25.64
CA GLU M 298 -34.26 -50.68 25.40
C GLU M 298 -34.06 -49.80 24.18
N ARG M 299 -35.04 -48.96 23.88
CA ARG M 299 -34.92 -47.99 22.80
C ARG M 299 -33.76 -47.03 23.07
N ASP M 300 -33.05 -46.66 22.01
CA ASP M 300 -31.92 -45.75 22.11
C ASP M 300 -32.32 -44.35 21.70
N ASP M 301 -31.86 -43.36 22.48
CA ASP M 301 -32.14 -41.98 22.17
C ASP M 301 -31.45 -41.57 20.86
N PRO M 302 -32.08 -40.70 20.06
CA PRO M 302 -31.39 -40.19 18.87
C PRO M 302 -30.09 -39.49 19.19
N THR M 303 -30.05 -38.76 20.31
CA THR M 303 -28.81 -38.15 20.76
C THR M 303 -27.73 -39.19 21.00
N THR M 304 -28.12 -40.32 21.61
CA THR M 304 -27.15 -41.38 21.86
C THR M 304 -26.60 -41.96 20.57
N VAL M 305 -27.46 -42.15 19.57
CA VAL M 305 -27.00 -42.71 18.29
C VAL M 305 -26.04 -41.75 17.60
N ILE M 306 -26.41 -40.47 17.54
CA ILE M 306 -25.55 -39.49 16.88
C ILE M 306 -24.21 -39.38 17.62
N GLU M 307 -24.26 -39.37 18.96
CA GLU M 307 -23.04 -39.26 19.74
C GLU M 307 -22.16 -40.49 19.58
N ARG M 308 -22.77 -41.68 19.47
CA ARG M 308 -21.98 -42.89 19.25
C ARG M 308 -21.24 -42.82 17.94
N GLU M 309 -21.95 -42.43 16.86
CA GLU M 309 -21.29 -42.32 15.56
C GLU M 309 -20.16 -41.29 15.60
N GLU M 310 -20.44 -40.13 16.20
CA GLU M 310 -19.43 -39.08 16.27
C GLU M 310 -18.22 -39.53 17.06
N TRP M 311 -18.44 -40.19 18.20
CA TRP M 311 -17.35 -40.64 19.03
C TRP M 311 -16.48 -41.66 18.29
N THR M 312 -17.11 -42.61 17.62
CA THR M 312 -16.35 -43.62 16.89
C THR M 312 -15.49 -42.97 15.80
N LYS M 313 -16.12 -42.14 14.96
CA LYS M 313 -15.38 -41.54 13.84
C LYS M 313 -14.26 -40.62 14.35
N THR M 314 -14.54 -39.81 15.37
CA THR M 314 -13.53 -38.90 15.88
C THR M 314 -12.41 -39.63 16.59
N ARG M 315 -12.71 -40.75 17.26
CA ARG M 315 -11.67 -41.53 17.89
C ARG M 315 -10.72 -42.11 16.86
N GLU M 316 -11.26 -42.67 15.77
CA GLU M 316 -10.39 -43.16 14.71
C GLU M 316 -9.58 -42.04 14.08
N ASP M 317 -10.21 -40.89 13.85
CA ASP M 317 -9.49 -39.76 13.26
C ASP M 317 -8.35 -39.30 14.16
N MET M 318 -8.60 -39.20 15.46
CA MET M 318 -7.56 -38.78 16.40
C MET M 318 -6.44 -39.79 16.46
N GLU M 319 -6.75 -41.10 16.44
CA GLU M 319 -5.69 -42.09 16.43
C GLU M 319 -4.85 -41.99 15.16
N LYS M 320 -5.50 -41.73 14.02
CA LYS M 320 -4.76 -41.56 12.77
C LYS M 320 -3.86 -40.33 12.82
N HIS M 321 -4.34 -39.24 13.41
CA HIS M 321 -3.54 -38.01 13.47
C HIS M 321 -2.34 -38.17 14.39
N LEU M 322 -2.52 -38.82 15.54
CA LEU M 322 -1.45 -38.95 16.52
C LEU M 322 -0.45 -40.05 16.16
N ARG M 323 -0.83 -40.97 15.27
CA ARG M 323 0.04 -42.10 14.95
C ARG M 323 1.36 -41.65 14.32
N LYS M 324 1.36 -40.49 13.66
CA LYS M 324 2.55 -40.00 12.99
C LYS M 324 3.60 -39.43 13.94
N LEU M 325 3.27 -39.24 15.21
CA LEU M 325 4.27 -38.81 16.19
C LEU M 325 5.12 -39.99 16.61
N ARG M 326 6.38 -39.72 16.91
CA ARG M 326 7.36 -40.78 17.13
C ARG M 326 7.38 -41.30 18.56
N ASP M 327 6.64 -40.69 19.48
CA ASP M 327 6.44 -41.26 20.81
C ASP M 327 5.06 -41.86 20.97
N PHE M 328 4.37 -42.13 19.85
CA PHE M 328 3.02 -42.68 19.90
C PHE M 328 3.00 -44.08 20.50
N SER M 329 4.06 -44.87 20.29
CA SER M 329 4.09 -46.23 20.80
C SER M 329 4.28 -46.29 22.31
N VAL M 330 4.73 -45.20 22.92
CA VAL M 330 4.94 -45.14 24.36
C VAL M 330 4.00 -44.11 24.97
N SER M 331 2.82 -43.98 24.39
CA SER M 331 1.83 -43.01 24.83
C SER M 331 0.53 -43.71 25.20
N ASN M 332 -0.25 -43.04 26.04
CA ASN M 332 -1.54 -43.53 26.51
C ASN M 332 -2.67 -42.70 25.91
N TRP M 333 -3.82 -43.33 25.75
CA TRP M 333 -5.07 -42.63 25.54
C TRP M 333 -5.69 -42.26 26.89
N PHE M 334 -6.38 -41.13 26.93
CA PHE M 334 -7.10 -40.73 28.13
C PHE M 334 -8.19 -39.73 27.80
N GLY N 47 104.66 4.49 -36.14
CA GLY N 47 105.26 3.16 -36.23
C GLY N 47 106.57 3.04 -35.50
N PHE N 48 106.53 2.43 -34.32
CA PHE N 48 107.73 2.26 -33.51
C PHE N 48 108.67 1.24 -34.15
N GLU N 49 109.93 1.28 -33.70
CA GLU N 49 110.95 0.37 -34.17
C GLU N 49 111.71 -0.21 -32.98
N LEU N 50 112.29 -1.38 -33.17
CA LEU N 50 113.07 -2.05 -32.14
C LEU N 50 114.56 -1.79 -32.39
N LYS N 51 115.24 -1.25 -31.40
CA LYS N 51 116.67 -1.05 -31.61
C LYS N 51 117.48 -2.09 -30.85
N PRO N 52 118.59 -2.53 -31.41
CA PRO N 52 119.45 -3.49 -30.70
C PRO N 52 120.05 -2.87 -29.45
N PRO N 53 120.41 -3.67 -28.46
CA PRO N 53 120.99 -3.11 -27.24
C PRO N 53 122.28 -2.38 -27.56
N PRO N 54 122.59 -1.33 -26.80
CA PRO N 54 123.80 -0.54 -27.08
C PRO N 54 125.11 -1.21 -26.71
N TYR N 55 125.08 -2.50 -26.37
CA TYR N 55 126.28 -3.25 -26.02
C TYR N 55 126.31 -4.54 -26.82
N PRO N 56 127.50 -5.07 -27.10
CA PRO N 56 127.59 -6.33 -27.85
C PRO N 56 126.91 -7.47 -27.12
N LEU N 57 126.29 -8.37 -27.89
CA LEU N 57 125.59 -9.50 -27.31
C LEU N 57 126.51 -10.45 -26.56
N ASP N 58 127.79 -10.44 -26.88
CA ASP N 58 128.77 -11.28 -26.18
C ASP N 58 129.45 -10.55 -25.02
N ALA N 59 129.10 -9.29 -24.78
CA ALA N 59 129.77 -8.51 -23.74
C ALA N 59 129.21 -8.77 -22.35
N LEU N 60 128.06 -9.40 -22.23
CA LEU N 60 127.42 -9.62 -20.93
C LEU N 60 127.77 -10.96 -20.30
N GLU N 61 128.64 -11.75 -20.93
CA GLU N 61 129.00 -13.04 -20.37
C GLU N 61 129.76 -12.86 -19.06
N PRO N 62 129.57 -13.74 -18.08
CA PRO N 62 128.61 -14.85 -18.05
C PRO N 62 127.28 -14.45 -17.41
N HIS N 63 127.14 -13.18 -17.06
CA HIS N 63 125.95 -12.68 -16.37
C HIS N 63 124.69 -12.90 -17.20
N MET N 64 124.84 -12.85 -18.52
CA MET N 64 123.70 -13.08 -19.42
C MET N 64 124.26 -13.64 -20.72
N SER N 65 123.97 -14.91 -21.01
CA SER N 65 124.56 -15.59 -22.15
C SER N 65 124.08 -14.97 -23.46
N ARG N 66 124.89 -15.15 -24.51
CA ARG N 66 124.56 -14.59 -25.81
C ARG N 66 123.26 -15.15 -26.36
N GLU N 67 123.05 -16.47 -26.20
CA GLU N 67 121.80 -17.07 -26.64
C GLU N 67 120.61 -16.43 -25.93
N THR N 68 120.72 -16.27 -24.61
CA THR N 68 119.65 -15.64 -23.85
C THR N 68 119.41 -14.22 -24.33
N LEU N 69 120.49 -13.44 -24.52
CA LEU N 69 120.35 -12.07 -24.94
C LEU N 69 119.66 -11.97 -26.30
N ASP N 70 120.15 -12.73 -27.28
CA ASP N 70 119.60 -12.62 -28.63
C ASP N 70 118.15 -13.09 -28.67
N TYR N 71 117.84 -14.20 -27.99
CA TYR N 71 116.46 -14.70 -28.00
C TYR N 71 115.52 -13.71 -27.33
N HIS N 72 115.91 -13.21 -26.15
CA HIS N 72 115.07 -12.26 -25.41
C HIS N 72 114.86 -10.98 -26.22
N TRP N 73 115.93 -10.45 -26.84
CA TRP N 73 115.81 -9.18 -27.53
C TRP N 73 115.06 -9.31 -28.85
N GLY N 74 115.37 -10.35 -29.63
CA GLY N 74 114.89 -10.44 -30.99
C GLY N 74 113.70 -11.33 -31.23
N LYS N 75 113.20 -12.05 -30.22
CA LYS N 75 111.96 -12.80 -30.39
C LYS N 75 110.96 -12.63 -29.26
N HIS N 76 111.30 -11.89 -28.20
CA HIS N 76 110.31 -11.38 -27.26
C HIS N 76 110.02 -9.90 -27.52
N HIS N 77 111.06 -9.07 -27.42
CA HIS N 77 110.90 -7.63 -27.64
C HIS N 77 110.52 -7.34 -29.08
N LYS N 78 111.12 -8.04 -30.05
CA LYS N 78 110.77 -7.85 -31.45
C LYS N 78 109.32 -8.21 -31.70
N THR N 79 108.84 -9.32 -31.13
CA THR N 79 107.45 -9.70 -31.29
C THR N 79 106.52 -8.67 -30.67
N TYR N 80 106.86 -8.18 -29.48
CA TYR N 80 106.02 -7.17 -28.85
C TYR N 80 105.97 -5.89 -29.69
N VAL N 81 107.12 -5.44 -30.20
CA VAL N 81 107.16 -4.22 -30.97
C VAL N 81 106.38 -4.37 -32.27
N GLU N 82 106.56 -5.50 -32.96
CA GLU N 82 105.85 -5.68 -34.23
C GLU N 82 104.35 -5.82 -34.01
N ASN N 83 103.94 -6.48 -32.91
CA ASN N 83 102.52 -6.56 -32.61
C ASN N 83 101.93 -5.19 -32.32
N LEU N 84 102.65 -4.38 -31.53
CA LEU N 84 102.18 -3.03 -31.24
C LEU N 84 102.08 -2.20 -32.52
N ASN N 85 103.07 -2.33 -33.42
CA ASN N 85 103.00 -1.64 -34.69
C ASN N 85 101.81 -2.09 -35.51
N LYS N 86 101.50 -3.40 -35.48
CA LYS N 86 100.35 -3.91 -36.21
C LYS N 86 99.05 -3.31 -35.65
N GLN N 87 98.92 -3.22 -34.33
CA GLN N 87 97.72 -2.61 -33.77
C GLN N 87 97.65 -1.13 -34.12
N ILE N 88 98.78 -0.42 -34.07
CA ILE N 88 98.79 1.00 -34.40
C ILE N 88 99.10 1.19 -35.88
N LEU N 98 106.20 6.76 -26.82
CA LEU N 98 105.81 5.50 -26.19
C LEU N 98 105.12 5.73 -24.86
N GLU N 99 105.57 6.77 -24.14
CA GLU N 99 104.94 7.15 -22.88
C GLU N 99 103.48 7.53 -23.10
N GLU N 100 103.22 8.33 -24.14
CA GLU N 100 101.85 8.72 -24.44
C GLU N 100 100.99 7.51 -24.79
N VAL N 101 101.54 6.58 -25.58
CA VAL N 101 100.80 5.39 -25.97
C VAL N 101 100.46 4.56 -24.74
N VAL N 102 101.44 4.37 -23.85
CA VAL N 102 101.21 3.56 -22.65
C VAL N 102 100.15 4.22 -21.77
N LEU N 103 100.26 5.53 -21.56
CA LEU N 103 99.30 6.23 -20.70
C LEU N 103 97.89 6.18 -21.29
N LEU N 104 97.79 6.36 -22.62
CA LEU N 104 96.48 6.30 -23.26
C LEU N 104 95.89 4.90 -23.18
N SER N 105 96.71 3.87 -23.37
CA SER N 105 96.22 2.50 -23.36
C SER N 105 95.91 1.99 -21.96
N TYR N 106 96.49 2.61 -20.92
CA TYR N 106 96.12 2.22 -19.56
C TYR N 106 94.66 2.57 -19.27
N ASN N 107 94.21 3.74 -19.75
CA ASN N 107 92.80 4.13 -19.72
C ASN N 107 92.26 4.22 -18.29
N ARG N 108 93.12 4.51 -17.33
CA ARG N 108 92.73 4.63 -15.92
C ARG N 108 92.13 3.34 -15.38
N GLY N 109 92.72 2.21 -15.76
CA GLY N 109 92.38 0.93 -15.15
C GLY N 109 91.83 -0.13 -16.09
N ASN N 110 90.93 0.24 -17.01
CA ASN N 110 90.41 -0.72 -17.99
C ASN N 110 91.33 -0.66 -19.20
N MET N 111 92.36 -1.50 -19.18
CA MET N 111 93.43 -1.41 -20.18
C MET N 111 92.90 -1.76 -21.56
N LEU N 112 93.31 -0.95 -22.54
CA LEU N 112 92.98 -1.21 -23.93
C LEU N 112 93.77 -2.43 -24.43
N PRO N 113 93.31 -3.06 -25.52
CA PRO N 113 94.02 -4.25 -26.02
C PRO N 113 95.46 -3.97 -26.41
N ALA N 114 95.79 -2.74 -26.79
CA ALA N 114 97.15 -2.38 -27.19
C ALA N 114 98.04 -2.05 -25.99
N PHE N 115 97.51 -2.06 -24.77
CA PHE N 115 98.31 -1.72 -23.61
C PHE N 115 99.43 -2.74 -23.37
N ASN N 116 99.12 -4.02 -23.58
CA ASN N 116 100.07 -5.08 -23.23
C ASN N 116 101.35 -4.95 -24.05
N ASN N 117 101.22 -4.87 -25.38
CA ASN N 117 102.40 -4.83 -26.24
C ASN N 117 103.22 -3.57 -26.02
N ALA N 118 102.55 -2.42 -25.95
CA ALA N 118 103.28 -1.16 -25.77
C ALA N 118 103.98 -1.12 -24.42
N ALA N 119 103.30 -1.56 -23.36
CA ALA N 119 103.92 -1.55 -22.04
C ALA N 119 105.09 -2.52 -21.97
N GLN N 120 104.95 -3.71 -22.58
CA GLN N 120 106.05 -4.67 -22.59
C GLN N 120 107.24 -4.12 -23.38
N ALA N 121 106.97 -3.47 -24.51
CA ALA N 121 108.06 -2.88 -25.28
C ALA N 121 108.77 -1.77 -24.50
N TRP N 122 108.01 -0.91 -23.82
CA TRP N 122 108.61 0.15 -23.03
C TRP N 122 109.45 -0.42 -21.89
N ASN N 123 108.93 -1.44 -21.20
CA ASN N 123 109.68 -2.04 -20.10
C ASN N 123 110.93 -2.74 -20.60
N HIS N 124 110.87 -3.39 -21.76
CA HIS N 124 112.04 -4.03 -22.33
C HIS N 124 113.09 -3.00 -22.74
N GLU N 125 112.65 -1.88 -23.34
CA GLU N 125 113.58 -0.81 -23.67
C GLU N 125 114.24 -0.26 -22.41
N PHE N 126 113.46 -0.11 -21.34
CA PHE N 126 114.01 0.34 -20.07
C PHE N 126 115.04 -0.64 -19.53
N PHE N 127 114.75 -1.94 -19.65
CA PHE N 127 115.63 -2.96 -19.07
C PHE N 127 117.00 -2.98 -19.76
N TRP N 128 117.03 -2.85 -21.08
CA TRP N 128 118.30 -2.90 -21.80
C TRP N 128 119.20 -1.72 -21.42
N GLU N 129 118.60 -0.53 -21.26
CA GLU N 129 119.37 0.66 -20.93
C GLU N 129 119.91 0.64 -19.50
N SER N 130 119.43 -0.26 -18.65
CA SER N 130 119.85 -0.31 -17.26
C SER N 130 120.98 -1.30 -17.00
N ILE N 131 121.48 -1.98 -18.03
CA ILE N 131 122.51 -3.01 -17.86
C ILE N 131 123.68 -2.69 -18.78
N GLN N 132 124.88 -2.73 -18.23
CA GLN N 132 126.11 -2.57 -18.98
C GLN N 132 127.13 -3.57 -18.47
N PRO N 133 128.07 -4.01 -19.31
CA PRO N 133 129.03 -5.04 -18.88
C PRO N 133 129.87 -4.62 -17.69
N GLY N 134 130.21 -3.35 -17.56
CA GLY N 134 131.01 -2.89 -16.45
C GLY N 134 130.18 -2.41 -15.29
N GLY N 135 128.93 -2.86 -15.22
CA GLY N 135 128.03 -2.45 -14.18
C GLY N 135 128.37 -3.09 -12.84
N GLY N 136 127.54 -2.79 -11.85
CA GLY N 136 127.76 -3.25 -10.50
C GLY N 136 128.45 -2.20 -9.65
N GLY N 137 128.74 -2.60 -8.41
CA GLY N 137 129.36 -1.69 -7.46
C GLY N 137 128.35 -0.82 -6.73
N LYS N 138 128.68 0.45 -6.55
CA LYS N 138 127.82 1.39 -5.85
C LYS N 138 127.72 2.70 -6.62
N PRO N 139 126.62 3.43 -6.45
CA PRO N 139 126.50 4.76 -7.05
C PRO N 139 127.16 5.80 -6.16
N SER N 140 127.13 7.05 -6.63
CA SER N 140 127.78 8.13 -5.90
C SER N 140 127.07 9.45 -6.18
N GLY N 141 127.29 10.40 -5.29
CA GLY N 141 126.76 11.75 -5.47
C GLY N 141 125.37 11.95 -4.91
N ASP N 142 124.54 12.71 -5.64
CA ASP N 142 123.17 12.93 -5.20
C ASP N 142 122.38 11.63 -5.19
N LEU N 143 122.69 10.70 -6.09
CA LEU N 143 122.08 9.38 -6.03
C LEU N 143 122.45 8.66 -4.73
N LEU N 144 123.71 8.77 -4.32
CA LEU N 144 124.12 8.14 -3.07
C LEU N 144 123.43 8.78 -1.88
N ARG N 145 123.32 10.12 -1.86
CA ARG N 145 122.66 10.77 -0.74
C ARG N 145 121.17 10.42 -0.72
N LEU N 146 120.55 10.28 -1.89
CA LEU N 146 119.14 9.93 -1.94
C LEU N 146 118.90 8.49 -1.50
N ILE N 147 119.79 7.57 -1.90
CA ILE N 147 119.65 6.18 -1.47
C ILE N 147 119.90 6.06 0.03
N GLU N 148 120.81 6.88 0.57
CA GLU N 148 121.03 6.89 2.01
C GLU N 148 119.81 7.44 2.75
N ARG N 149 119.18 8.48 2.21
CA ARG N 149 118.01 9.05 2.88
C ARG N 149 116.81 8.11 2.81
N ASP N 150 116.64 7.43 1.67
CA ASP N 150 115.44 6.62 1.45
C ASP N 150 115.60 5.17 1.85
N PHE N 151 116.81 4.72 2.20
CA PHE N 151 116.98 3.36 2.66
C PHE N 151 117.96 3.21 3.82
N GLY N 152 118.48 4.30 4.36
CA GLY N 152 119.41 4.21 5.49
C GLY N 152 120.83 3.93 5.06
N SER N 153 121.04 2.80 4.38
CA SER N 153 122.36 2.42 3.91
C SER N 153 122.22 1.68 2.59
N PHE N 154 123.33 1.58 1.86
CA PHE N 154 123.32 0.89 0.57
C PHE N 154 122.98 -0.59 0.74
N SER N 155 123.50 -1.21 1.80
CA SER N 155 123.20 -2.62 2.04
C SER N 155 121.72 -2.82 2.30
N ASP N 156 121.09 -1.92 3.05
CA ASP N 156 119.65 -2.02 3.31
C ASP N 156 118.86 -1.93 2.01
N PHE N 157 119.23 -0.98 1.15
CA PHE N 157 118.55 -0.86 -0.14
C PHE N 157 118.74 -2.12 -0.97
N VAL N 158 119.97 -2.65 -1.00
CA VAL N 158 120.25 -3.79 -1.87
C VAL N 158 119.50 -5.02 -1.38
N GLU N 159 119.39 -5.19 -0.05
CA GLU N 159 118.67 -6.35 0.46
C GLU N 159 117.16 -6.20 0.27
N ARG N 160 116.64 -4.97 0.42
CA ARG N 160 115.23 -4.74 0.14
C ARG N 160 114.91 -5.01 -1.32
N PHE N 161 115.77 -4.53 -2.23
CA PHE N 161 115.54 -4.75 -3.65
C PHE N 161 115.62 -6.23 -4.01
N LYS N 162 116.60 -6.95 -3.44
CA LYS N 162 116.71 -8.37 -3.72
C LYS N 162 115.50 -9.14 -3.19
N ALA N 163 115.03 -8.79 -1.98
CA ALA N 163 113.85 -9.43 -1.43
C ALA N 163 112.62 -9.15 -2.28
N ALA N 164 112.46 -7.90 -2.73
CA ALA N 164 111.32 -7.56 -3.58
C ALA N 164 111.37 -8.32 -4.91
N ALA N 165 112.55 -8.41 -5.52
CA ALA N 165 112.69 -9.12 -6.79
C ALA N 165 112.41 -10.61 -6.61
N ALA N 166 112.87 -11.20 -5.51
CA ALA N 166 112.64 -12.62 -5.28
C ALA N 166 111.19 -12.92 -4.93
N SER N 167 110.52 -12.00 -4.24
CA SER N 167 109.15 -12.22 -3.77
C SER N 167 108.10 -11.88 -4.81
N ASN N 168 108.49 -11.41 -5.99
CA ASN N 168 107.55 -11.11 -7.05
C ASN N 168 106.99 -12.43 -7.59
N PHE N 169 105.76 -12.76 -7.20
CA PHE N 169 105.14 -14.01 -7.63
C PHE N 169 104.70 -13.91 -9.08
N GLY N 170 105.08 -14.90 -9.87
CA GLY N 170 104.70 -14.93 -11.27
C GLY N 170 105.50 -13.92 -12.11
N SER N 171 105.05 -13.78 -13.35
CA SER N 171 105.68 -12.84 -14.26
C SER N 171 105.45 -11.41 -13.81
N GLY N 172 106.49 -10.60 -13.87
CA GLY N 172 106.38 -9.21 -13.47
C GLY N 172 107.74 -8.54 -13.43
N TRP N 173 107.75 -7.34 -12.86
CA TRP N 173 108.94 -6.52 -12.73
C TRP N 173 109.04 -5.95 -11.34
N THR N 174 110.26 -5.60 -10.93
CA THR N 174 110.52 -4.85 -9.72
C THR N 174 111.16 -3.52 -10.11
N TRP N 175 110.64 -2.43 -9.57
CA TRP N 175 111.02 -1.08 -9.99
C TRP N 175 111.51 -0.26 -8.81
N LEU N 176 112.51 0.57 -9.07
CA LEU N 176 112.90 1.65 -8.18
C LEU N 176 112.61 2.97 -8.89
N ALA N 177 111.71 3.76 -8.32
CA ALA N 177 111.18 4.93 -9.00
C ALA N 177 111.20 6.14 -8.08
N TYR N 178 111.12 7.31 -8.71
CA TYR N 178 111.08 8.59 -8.01
C TYR N 178 109.64 9.05 -7.86
N LYS N 179 109.25 9.43 -6.65
CA LYS N 179 107.86 9.74 -6.32
C LYS N 179 107.54 11.17 -6.73
N ALA N 180 107.24 11.34 -8.02
CA ALA N 180 106.84 12.64 -8.55
C ALA N 180 105.44 12.57 -9.15
N ASN N 181 104.52 11.94 -8.42
CA ASN N 181 103.20 11.64 -8.96
C ASN N 181 102.19 12.72 -8.58
N ARG N 182 101.22 12.91 -9.47
CA ARG N 182 100.06 13.78 -9.23
C ARG N 182 98.81 13.02 -9.64
N LEU N 183 97.79 13.06 -8.80
CA LEU N 183 96.57 12.30 -9.03
C LEU N 183 95.58 13.11 -9.86
N ASP N 184 94.66 12.40 -10.51
CA ASP N 184 93.63 13.02 -11.33
C ASP N 184 92.39 13.26 -10.46
N VAL N 185 92.60 14.00 -9.38
CA VAL N 185 91.53 14.43 -8.48
C VAL N 185 91.87 15.83 -7.99
N ALA N 186 90.83 16.63 -7.75
CA ALA N 186 91.04 17.89 -7.07
C ALA N 186 91.39 17.62 -5.61
N ASN N 187 91.92 18.65 -4.95
CA ASN N 187 92.42 18.53 -3.58
C ASN N 187 93.46 17.42 -3.48
N ALA N 188 94.34 17.34 -4.48
CA ALA N 188 95.45 16.40 -4.49
C ALA N 188 96.80 17.10 -4.39
N VAL N 189 96.81 18.38 -4.04
CA VAL N 189 98.03 19.19 -3.99
C VAL N 189 98.32 19.52 -2.54
N ASN N 190 99.58 19.33 -2.12
CA ASN N 190 99.99 19.69 -0.78
C ASN N 190 100.50 21.12 -0.78
N PRO N 191 99.82 22.07 -0.13
CA PRO N 191 100.30 23.46 -0.14
C PRO N 191 101.62 23.65 0.58
N LEU N 192 102.04 22.71 1.43
CA LEU N 192 103.28 22.82 2.18
C LEU N 192 104.12 21.57 1.94
N PRO N 193 104.75 21.46 0.77
CA PRO N 193 105.63 20.32 0.52
C PRO N 193 106.83 20.33 1.46
N LYS N 194 107.24 19.14 1.89
CA LYS N 194 108.34 19.00 2.83
C LYS N 194 109.63 18.51 2.17
N GLU N 195 109.62 18.34 0.84
CA GLU N 195 110.73 17.86 0.03
C GLU N 195 111.08 16.40 0.29
N GLU N 196 110.42 15.75 1.24
CA GLU N 196 110.60 14.32 1.49
C GLU N 196 109.54 13.47 0.81
N ASP N 197 108.38 14.06 0.48
CA ASP N 197 107.33 13.32 -0.21
C ASP N 197 107.76 12.86 -1.59
N LYS N 198 108.74 13.51 -2.20
CA LYS N 198 109.28 13.12 -3.50
C LYS N 198 110.57 12.31 -3.24
N LYS N 199 110.38 11.04 -2.95
CA LYS N 199 111.47 10.15 -2.56
C LYS N 199 111.55 8.97 -3.53
N LEU N 200 112.54 8.11 -3.30
CA LEU N 200 112.69 6.89 -4.08
C LEU N 200 112.04 5.73 -3.34
N VAL N 201 111.21 4.97 -4.07
CA VAL N 201 110.47 3.86 -3.49
C VAL N 201 110.66 2.62 -4.36
N ILE N 202 110.41 1.46 -3.76
CA ILE N 202 110.49 0.18 -4.44
C ILE N 202 109.08 -0.33 -4.67
N VAL N 203 108.77 -0.66 -5.92
CA VAL N 203 107.44 -1.14 -6.30
C VAL N 203 107.59 -2.37 -7.19
N LYS N 204 106.75 -3.36 -6.96
CA LYS N 204 106.71 -4.58 -7.76
C LYS N 204 105.41 -4.61 -8.54
N THR N 205 105.50 -4.91 -9.84
CA THR N 205 104.35 -4.91 -10.70
C THR N 205 104.27 -6.22 -11.47
N PRO N 206 103.07 -6.72 -11.73
CA PRO N 206 102.91 -7.95 -12.51
C PRO N 206 102.71 -7.68 -13.99
N ASN N 207 103.21 -8.63 -14.79
CA ASN N 207 103.04 -8.64 -16.25
C ASN N 207 103.70 -7.38 -16.81
N ALA N 208 102.99 -6.52 -17.53
CA ALA N 208 103.58 -5.38 -18.21
C ALA N 208 103.35 -4.06 -17.49
N VAL N 209 102.89 -4.09 -16.24
CA VAL N 209 102.61 -2.87 -15.51
C VAL N 209 103.92 -2.17 -15.15
N ASN N 210 103.96 -0.85 -15.35
CA ASN N 210 105.09 -0.02 -14.99
C ASN N 210 104.61 1.11 -14.10
N PRO N 211 105.47 1.64 -13.22
CA PRO N 211 105.02 2.66 -12.26
C PRO N 211 104.55 3.95 -12.90
N LEU N 212 104.91 4.23 -14.15
CA LEU N 212 104.55 5.49 -14.78
C LEU N 212 103.04 5.67 -14.91
N VAL N 213 102.27 4.58 -14.89
CA VAL N 213 100.82 4.71 -14.90
C VAL N 213 100.32 5.38 -13.63
N TRP N 214 101.09 5.26 -12.53
CA TRP N 214 100.82 6.02 -11.32
C TRP N 214 101.50 7.38 -11.33
N ASP N 215 101.88 7.88 -12.51
CA ASP N 215 102.60 9.14 -12.65
C ASP N 215 103.96 9.10 -11.95
N TYR N 216 104.57 7.91 -11.88
CA TYR N 216 105.87 7.75 -11.28
C TYR N 216 106.97 7.91 -12.32
N SER N 217 108.21 8.03 -11.85
CA SER N 217 109.38 8.15 -12.73
C SER N 217 110.29 6.95 -12.51
N PRO N 218 110.23 5.93 -13.38
CA PRO N 218 111.12 4.77 -13.21
C PRO N 218 112.58 5.15 -13.37
N LEU N 219 113.43 4.51 -12.59
CA LEU N 219 114.87 4.73 -12.63
C LEU N 219 115.67 3.47 -12.88
N LEU N 220 115.26 2.34 -12.31
CA LEU N 220 115.97 1.08 -12.49
C LEU N 220 114.97 -0.06 -12.36
N THR N 221 115.12 -1.07 -13.21
CA THR N 221 114.22 -2.21 -13.20
C THR N 221 115.01 -3.50 -13.34
N ILE N 222 114.42 -4.59 -12.85
CA ILE N 222 114.93 -5.93 -13.03
C ILE N 222 113.79 -6.80 -13.53
N ASP N 223 114.03 -7.53 -14.61
CA ASP N 223 112.99 -8.37 -15.22
C ASP N 223 112.86 -9.65 -14.43
N THR N 224 111.81 -9.75 -13.62
CA THR N 224 111.54 -10.97 -12.86
C THR N 224 110.76 -11.99 -13.67
N TRP N 225 110.41 -11.67 -14.92
CA TRP N 225 109.86 -12.67 -15.82
C TRP N 225 110.83 -13.82 -15.98
N GLU N 226 110.29 -15.04 -15.94
CA GLU N 226 111.15 -16.22 -16.01
C GLU N 226 111.88 -16.32 -17.34
N HIS N 227 111.31 -15.76 -18.40
CA HIS N 227 111.97 -15.79 -19.70
C HIS N 227 113.27 -14.98 -19.71
N ALA N 228 113.44 -14.07 -18.75
CA ALA N 228 114.65 -13.25 -18.72
C ALA N 228 115.87 -14.03 -18.24
N TYR N 229 115.67 -15.06 -17.42
CA TYR N 229 116.80 -15.74 -16.79
C TYR N 229 116.70 -17.26 -16.80
N TYR N 230 115.62 -17.85 -17.33
CA TYR N 230 115.48 -19.30 -17.26
C TYR N 230 116.54 -20.01 -18.08
N LEU N 231 117.04 -19.38 -19.14
CA LEU N 231 118.03 -20.03 -19.99
C LEU N 231 119.38 -20.14 -19.28
N ASP N 232 119.70 -19.19 -18.40
CA ASP N 232 120.98 -19.18 -17.70
C ASP N 232 120.86 -19.66 -16.26
N PHE N 233 120.00 -19.02 -15.47
CA PHE N 233 119.88 -19.32 -14.05
C PHE N 233 118.76 -20.30 -13.73
N GLU N 234 117.99 -20.73 -14.73
CA GLU N 234 116.85 -21.64 -14.56
C GLU N 234 115.92 -21.03 -13.52
N ASN N 235 115.52 -21.77 -12.48
CA ASN N 235 114.63 -21.24 -11.46
C ASN N 235 115.37 -20.63 -10.28
N ARG N 236 116.71 -20.63 -10.31
CA ARG N 236 117.51 -20.05 -9.23
C ARG N 236 117.46 -18.54 -9.35
N ARG N 237 116.32 -17.97 -8.92
CA ARG N 237 116.11 -16.54 -9.03
C ARG N 237 117.05 -15.75 -8.12
N ILE N 238 117.39 -16.30 -6.96
CA ILE N 238 118.27 -15.59 -6.03
C ILE N 238 119.63 -15.34 -6.67
N GLU N 239 120.19 -16.36 -7.33
CA GLU N 239 121.48 -16.21 -7.98
C GLU N 239 121.41 -15.18 -9.10
N TYR N 240 120.34 -15.21 -9.90
CA TYR N 240 120.19 -14.25 -10.99
C TYR N 240 120.08 -12.83 -10.45
N ILE N 241 119.32 -12.62 -9.39
CA ILE N 241 119.18 -11.29 -8.81
C ILE N 241 120.50 -10.81 -8.24
N ASN N 242 121.23 -11.69 -7.55
CA ASN N 242 122.54 -11.29 -7.01
C ASN N 242 123.50 -10.92 -8.12
N THR N 243 123.55 -11.74 -9.18
CA THR N 243 124.44 -11.45 -10.30
C THR N 243 124.07 -10.14 -10.97
N PHE N 244 122.78 -9.92 -11.20
CA PHE N 244 122.33 -8.65 -11.79
C PHE N 244 122.75 -7.47 -10.93
N MET N 245 122.48 -7.55 -9.63
CA MET N 245 122.77 -6.42 -8.74
C MET N 245 124.27 -6.14 -8.66
N GLU N 246 125.10 -7.19 -8.64
CA GLU N 246 126.52 -7.00 -8.41
C GLU N 246 127.35 -6.90 -9.69
N LYS N 247 126.76 -7.12 -10.87
CA LYS N 247 127.54 -7.07 -12.10
C LYS N 247 126.91 -6.27 -13.22
N LEU N 248 125.59 -6.07 -13.25
CA LEU N 248 124.93 -5.47 -14.39
C LEU N 248 124.25 -4.14 -14.09
N VAL N 249 124.16 -3.72 -12.83
CA VAL N 249 123.46 -2.49 -12.52
C VAL N 249 124.29 -1.31 -13.00
N SER N 250 123.72 -0.51 -13.90
CA SER N 250 124.39 0.69 -14.43
C SER N 250 123.98 1.87 -13.57
N TRP N 251 124.83 2.19 -12.58
CA TRP N 251 124.52 3.32 -11.71
C TRP N 251 124.55 4.65 -12.46
N GLU N 252 125.30 4.73 -13.56
CA GLU N 252 125.34 5.96 -14.33
C GLU N 252 123.97 6.26 -14.95
N THR N 253 123.36 5.25 -15.56
CA THR N 253 122.03 5.45 -16.15
C THR N 253 120.99 5.75 -15.08
N VAL N 254 121.10 5.10 -13.92
CA VAL N 254 120.18 5.38 -12.82
C VAL N 254 120.34 6.83 -12.36
N SER N 255 121.59 7.30 -12.28
CA SER N 255 121.83 8.69 -11.90
C SER N 255 121.25 9.66 -12.91
N THR N 256 121.43 9.36 -14.21
CA THR N 256 120.85 10.22 -15.24
C THR N 256 119.33 10.25 -15.16
N ARG N 257 118.72 9.09 -14.92
CA ARG N 257 117.26 9.04 -14.80
C ARG N 257 116.78 9.78 -13.56
N LEU N 258 117.54 9.70 -12.47
CA LEU N 258 117.19 10.46 -11.27
C LEU N 258 117.28 11.96 -11.52
N GLU N 259 118.31 12.40 -12.24
CA GLU N 259 118.41 13.81 -12.60
C GLU N 259 117.27 14.22 -13.51
N SER N 260 116.87 13.36 -14.45
CA SER N 260 115.74 13.66 -15.31
C SER N 260 114.44 13.78 -14.51
N ALA N 261 114.26 12.90 -13.52
CA ALA N 261 113.09 13.01 -12.65
C ALA N 261 113.12 14.29 -11.83
N MET N 262 114.31 14.68 -11.35
CA MET N 262 114.46 15.96 -10.67
C MET N 262 114.08 17.12 -11.58
N ALA N 263 114.51 17.07 -12.83
CA ALA N 263 114.18 18.13 -13.78
C ALA N 263 112.69 18.16 -14.06
N ARG N 264 112.06 16.99 -14.19
CA ARG N 264 110.62 16.94 -14.39
C ARG N 264 109.87 17.53 -13.21
N ALA N 265 110.29 17.19 -11.99
CA ALA N 265 109.67 17.76 -10.80
C ALA N 265 109.85 19.28 -10.76
N ALA N 266 111.05 19.76 -11.11
CA ALA N 266 111.30 21.20 -11.11
C ALA N 266 110.44 21.90 -12.15
N GLN N 267 110.31 21.33 -13.35
CA GLN N 267 109.51 21.96 -14.39
C GLN N 267 108.02 21.91 -14.05
N ARG N 268 107.59 20.90 -13.29
CA ARG N 268 106.22 20.88 -12.80
C ARG N 268 106.01 21.80 -11.60
N GLU N 269 107.09 22.19 -10.92
CA GLU N 269 106.96 23.11 -9.80
C GLU N 269 106.47 24.47 -10.25
N GLN N 270 106.97 24.96 -11.38
CA GLN N 270 106.55 26.25 -11.91
C GLN N 270 105.66 26.06 -13.14
N PHE O 72 39.38 25.95 32.70
CA PHE O 72 38.03 26.18 32.18
C PHE O 72 37.13 24.98 32.42
N VAL O 73 37.69 23.78 32.37
CA VAL O 73 36.96 22.54 32.53
C VAL O 73 37.36 21.92 33.86
N ARG O 74 36.37 21.71 34.72
CA ARG O 74 36.61 21.07 36.01
C ARG O 74 37.02 19.61 35.81
N GLU O 75 37.88 19.12 36.70
CA GLU O 75 38.27 17.72 36.64
C GLU O 75 37.16 16.83 37.19
N ASP O 76 37.04 15.64 36.61
CA ASP O 76 35.94 14.74 36.94
C ASP O 76 36.18 13.95 38.22
N TYR O 77 37.41 13.91 38.73
CA TYR O 77 37.75 13.09 39.88
C TYR O 77 38.53 13.93 40.89
N LEU O 78 38.12 13.85 42.15
CA LEU O 78 38.76 14.62 43.22
C LEU O 78 39.72 13.80 44.05
N VAL O 79 39.64 12.47 44.00
CA VAL O 79 40.53 11.62 44.76
C VAL O 79 41.83 11.45 44.00
N ARG O 80 42.95 11.77 44.64
CA ARG O 80 44.25 11.76 44.01
C ARG O 80 44.98 10.46 44.31
N LYS O 81 45.71 9.96 43.32
CA LYS O 81 46.48 8.73 43.44
C LYS O 81 47.91 9.07 43.82
N LEU O 82 48.41 8.46 44.89
CA LEU O 82 49.72 8.76 45.43
C LEU O 82 50.59 7.51 45.45
N SER O 83 51.90 7.73 45.41
CA SER O 83 52.87 6.65 45.54
C SER O 83 53.11 6.34 47.02
N ALA O 84 53.88 5.27 47.26
CA ALA O 84 54.25 4.95 48.63
C ALA O 84 55.11 6.05 49.24
N GLN O 85 56.05 6.60 48.47
CA GLN O 85 56.89 7.67 48.96
C GLN O 85 56.09 8.94 49.21
N GLU O 86 55.18 9.28 48.30
CA GLU O 86 54.36 10.47 48.49
C GLU O 86 53.45 10.34 49.71
N LEU O 87 52.86 9.15 49.89
CA LEU O 87 52.03 8.92 51.08
C LEU O 87 52.87 8.96 52.34
N GLN O 88 54.11 8.45 52.27
CA GLN O 88 55.01 8.53 53.41
C GLN O 88 55.29 9.97 53.80
N ASP O 89 55.56 10.81 52.80
CA ASP O 89 55.80 12.22 53.07
C ASP O 89 54.54 12.91 53.62
N LEU O 90 53.37 12.55 53.09
CA LEU O 90 52.13 13.13 53.57
C LEU O 90 51.88 12.77 55.03
N VAL O 91 52.11 11.51 55.40
CA VAL O 91 51.89 11.09 56.78
C VAL O 91 52.93 11.71 57.71
N LYS O 92 54.18 11.79 57.25
CA LYS O 92 55.23 12.39 58.07
C LYS O 92 54.97 13.87 58.31
N GLY O 93 54.48 14.58 57.29
CA GLY O 93 54.27 16.00 57.39
C GLY O 93 53.11 16.35 58.29
N GLU O 94 53.07 17.63 58.68
CA GLU O 94 52.00 18.13 59.53
C GLU O 94 50.66 18.06 58.80
N ARG O 95 49.63 17.60 59.51
CA ARG O 95 48.30 17.45 58.95
C ARG O 95 47.28 18.15 59.83
N LYS O 96 46.37 18.89 59.21
CA LYS O 96 45.29 19.56 59.92
C LYS O 96 43.96 18.83 59.82
N VAL O 97 43.71 18.15 58.71
CA VAL O 97 42.45 17.47 58.45
C VAL O 97 42.70 15.96 58.43
N PRO O 98 41.68 15.13 58.66
CA PRO O 98 41.90 13.68 58.58
C PRO O 98 42.31 13.26 57.17
N LEU O 99 43.15 12.23 57.12
CA LEU O 99 43.63 11.66 55.86
C LEU O 99 43.06 10.26 55.70
N ILE O 100 42.39 10.03 54.58
CA ILE O 100 41.78 8.74 54.28
C ILE O 100 42.52 8.13 53.10
N VAL O 101 43.09 6.96 53.31
CA VAL O 101 43.90 6.27 52.31
C VAL O 101 43.14 5.06 51.81
N ASP O 102 42.97 4.97 50.49
CA ASP O 102 42.27 3.86 49.85
C ASP O 102 43.28 2.97 49.14
N PHE O 103 43.16 1.66 49.36
CA PHE O 103 43.96 0.68 48.64
C PHE O 103 43.04 -0.03 47.66
N TYR O 104 43.41 -0.02 46.38
CA TYR O 104 42.52 -0.50 45.34
C TYR O 104 43.33 -1.12 44.22
N ALA O 105 42.65 -1.92 43.41
CA ALA O 105 43.20 -2.46 42.17
C ALA O 105 42.12 -2.40 41.10
N THR O 106 42.53 -2.06 39.88
CA THR O 106 41.57 -1.92 38.79
C THR O 106 40.95 -3.25 38.38
N TRP O 107 41.60 -4.37 38.66
CA TRP O 107 41.03 -5.68 38.36
C TRP O 107 40.04 -6.14 39.41
N CYS O 108 39.89 -5.41 40.51
CA CYS O 108 38.99 -5.78 41.59
C CYS O 108 37.61 -5.20 41.32
N GLY O 109 36.60 -6.07 41.28
CA GLY O 109 35.24 -5.66 41.03
C GLY O 109 34.64 -4.75 42.08
N PRO O 110 34.79 -5.09 43.36
CA PRO O 110 34.27 -4.21 44.42
C PRO O 110 34.91 -2.84 44.46
N CYS O 111 36.09 -2.66 43.86
CA CYS O 111 36.78 -1.37 43.95
C CYS O 111 36.10 -0.28 43.12
N ILE O 112 35.26 -0.65 42.15
CA ILE O 112 34.53 0.35 41.37
C ILE O 112 33.51 1.05 42.25
N LEU O 113 32.73 0.27 43.01
CA LEU O 113 31.76 0.84 43.93
C LEU O 113 32.44 1.67 45.01
N MET O 114 33.56 1.18 45.53
CA MET O 114 34.32 1.95 46.50
C MET O 114 34.86 3.24 45.89
N ALA O 115 35.27 3.20 44.62
CA ALA O 115 35.74 4.40 43.95
C ALA O 115 34.64 5.45 43.88
N GLN O 116 33.43 5.04 43.49
CA GLN O 116 32.33 5.99 43.43
C GLN O 116 31.96 6.51 44.81
N GLU O 117 31.96 5.63 45.82
CA GLU O 117 31.64 6.04 47.18
C GLU O 117 32.66 7.06 47.70
N LEU O 118 33.93 6.83 47.41
CA LEU O 118 34.96 7.77 47.88
C LEU O 118 34.93 9.07 47.10
N GLU O 119 34.52 9.03 45.83
CA GLU O 119 34.30 10.29 45.11
C GLU O 119 33.19 11.10 45.77
N MET O 120 32.09 10.42 46.14
CA MET O 120 31.02 11.11 46.83
C MET O 120 31.48 11.67 48.18
N LEU O 121 32.28 10.89 48.91
CA LEU O 121 32.80 11.35 50.18
C LEU O 121 33.71 12.56 50.02
N ALA O 122 34.56 12.54 48.98
CA ALA O 122 35.43 13.68 48.71
C ALA O 122 34.61 14.92 48.37
N VAL O 123 33.52 14.75 47.62
CA VAL O 123 32.63 15.87 47.37
C VAL O 123 32.03 16.38 48.68
N GLU O 124 31.69 15.46 49.58
CA GLU O 124 31.10 15.86 50.87
C GLU O 124 32.08 16.69 51.69
N TYR O 125 33.31 16.19 51.88
CA TYR O 125 34.32 16.85 52.68
C TYR O 125 35.21 17.64 51.72
N GLU O 126 34.84 18.89 51.46
CA GLU O 126 35.58 19.71 50.51
C GLU O 126 37.02 19.92 50.94
N SER O 127 37.22 20.60 52.06
CA SER O 127 38.55 20.85 52.61
C SER O 127 38.70 20.31 54.02
N ASN O 128 37.69 19.63 54.55
CA ASN O 128 37.72 19.09 55.89
C ASN O 128 38.31 17.70 55.97
N ALA O 129 38.67 17.10 54.84
CA ALA O 129 39.30 15.79 54.83
C ALA O 129 40.12 15.65 53.55
N MET O 130 41.05 14.70 53.57
CA MET O 130 41.92 14.41 52.44
C MET O 130 41.71 12.95 52.05
N ILE O 131 41.32 12.73 50.80
CA ILE O 131 41.07 11.38 50.28
C ILE O 131 42.12 11.08 49.23
N VAL O 132 42.89 10.01 49.46
CA VAL O 132 43.91 9.56 48.53
C VAL O 132 43.73 8.07 48.29
N LYS O 133 44.30 7.59 47.19
CA LYS O 133 44.20 6.19 46.81
C LYS O 133 45.57 5.67 46.40
N VAL O 134 45.85 4.42 46.77
CA VAL O 134 47.09 3.75 46.43
C VAL O 134 46.76 2.48 45.67
N ASP O 135 47.35 2.32 44.49
CA ASP O 135 47.15 1.12 43.68
C ASP O 135 48.07 0.01 44.18
N THR O 136 47.49 -1.15 44.48
CA THR O 136 48.29 -2.27 44.97
C THR O 136 49.09 -2.93 43.86
N ASP O 137 48.81 -2.64 42.59
CA ASP O 137 49.61 -3.15 41.50
C ASP O 137 50.90 -2.38 41.29
N ASP O 138 51.04 -1.21 41.94
CA ASP O 138 52.27 -0.44 41.92
C ASP O 138 52.98 -0.40 43.26
N GLU O 139 52.27 -0.65 44.35
CA GLU O 139 52.79 -0.59 45.71
C GLU O 139 52.39 -1.83 46.50
N TYR O 140 52.61 -2.99 45.89
CA TYR O 140 52.21 -4.25 46.52
C TYR O 140 52.94 -4.48 47.83
N GLU O 141 54.26 -4.26 47.83
CA GLU O 141 55.04 -4.44 49.05
C GLU O 141 54.64 -3.42 50.12
N PHE O 142 54.38 -2.18 49.70
CA PHE O 142 53.93 -1.17 50.65
C PHE O 142 52.57 -1.54 51.25
N ALA O 143 51.66 -2.08 50.44
CA ALA O 143 50.37 -2.51 50.95
C ALA O 143 50.53 -3.66 51.92
N ARG O 144 51.40 -4.62 51.62
CA ARG O 144 51.62 -5.73 52.53
C ARG O 144 52.23 -5.26 53.84
N ASP O 145 53.12 -4.28 53.78
CA ASP O 145 53.73 -3.75 55.00
C ASP O 145 52.68 -3.10 55.90
N MET O 146 51.72 -2.40 55.32
CA MET O 146 50.70 -1.68 56.07
C MET O 146 49.57 -2.58 56.57
N GLN O 147 49.76 -3.91 56.52
CA GLN O 147 48.77 -4.88 56.99
C GLN O 147 47.46 -4.76 56.20
N VAL O 148 47.59 -4.89 54.89
CA VAL O 148 46.44 -4.96 53.98
C VAL O 148 46.24 -6.42 53.62
N ARG O 149 45.08 -6.97 53.97
CA ARG O 149 44.77 -8.37 53.74
C ARG O 149 43.84 -8.60 52.55
N GLY O 150 43.36 -7.54 51.92
CA GLY O 150 42.46 -7.69 50.80
C GLY O 150 41.98 -6.32 50.35
N LEU O 151 41.08 -6.34 49.36
CA LEU O 151 40.52 -5.12 48.81
C LEU O 151 39.01 -5.22 48.78
N PRO O 152 38.30 -4.11 48.98
CA PRO O 152 38.80 -2.75 49.29
C PRO O 152 39.23 -2.59 50.75
N THR O 153 40.27 -1.80 51.00
CA THR O 153 40.76 -1.54 52.35
C THR O 153 40.98 -0.05 52.51
N LEU O 154 40.46 0.52 53.60
CA LEU O 154 40.58 1.94 53.88
C LEU O 154 41.37 2.16 55.16
N PHE O 155 42.18 3.20 55.17
CA PHE O 155 42.94 3.61 56.34
C PHE O 155 42.55 5.03 56.72
N PHE O 156 42.03 5.20 57.93
CA PHE O 156 41.64 6.51 58.44
C PHE O 156 42.74 6.98 59.38
N ILE O 157 43.50 7.98 58.96
CA ILE O 157 44.66 8.47 59.72
C ILE O 157 44.29 9.82 60.32
N SER O 158 44.35 9.90 61.65
CA SER O 158 44.01 11.12 62.36
C SER O 158 45.16 12.13 62.26
N PRO O 159 44.84 13.43 62.23
CA PRO O 159 45.91 14.44 62.20
C PRO O 159 46.78 14.45 63.44
N ASP O 160 46.29 13.92 64.55
CA ASP O 160 47.10 13.85 65.77
C ASP O 160 48.00 12.62 65.72
N PRO O 161 49.31 12.77 65.75
CA PRO O 161 50.20 11.58 65.73
C PRO O 161 50.03 10.69 66.95
N SER O 162 49.53 11.22 68.07
CA SER O 162 49.36 10.40 69.27
C SER O 162 48.32 9.31 69.04
N LYS O 163 47.23 9.63 68.33
CA LYS O 163 46.18 8.67 68.09
C LYS O 163 46.65 7.58 67.13
N ASP O 164 45.84 6.54 67.01
CA ASP O 164 46.13 5.40 66.15
C ASP O 164 45.13 5.36 65.00
N ALA O 165 45.61 4.95 63.84
CA ALA O 165 44.77 4.90 62.65
C ALA O 165 43.80 3.73 62.73
N ILE O 166 42.76 3.78 61.90
CA ILE O 166 41.74 2.74 61.84
C ILE O 166 41.74 2.16 60.43
N ARG O 167 41.78 0.83 60.34
CA ARG O 167 41.70 0.12 59.07
C ARG O 167 40.33 -0.54 58.98
N THR O 168 39.60 -0.26 57.91
CA THR O 168 38.30 -0.86 57.65
C THR O 168 38.39 -1.72 56.39
N GLU O 169 37.83 -2.92 56.47
CA GLU O 169 37.88 -3.88 55.38
C GLU O 169 36.48 -4.18 54.89
N GLY O 170 36.29 -4.11 53.58
CA GLY O 170 35.00 -4.37 52.95
C GLY O 170 34.36 -3.09 52.44
N LEU O 171 33.23 -3.29 51.76
CA LEU O 171 32.45 -2.19 51.20
C LEU O 171 31.56 -1.60 52.30
N ILE O 172 32.19 -0.80 53.16
CA ILE O 172 31.49 -0.18 54.29
C ILE O 172 30.60 0.93 53.76
N PRO O 173 29.52 1.28 54.45
CA PRO O 173 28.63 2.34 53.96
C PRO O 173 29.27 3.72 54.07
N LEU O 174 28.71 4.65 53.30
CA LEU O 174 29.17 6.03 53.35
C LEU O 174 28.95 6.64 54.72
N GLN O 175 27.81 6.32 55.35
CA GLN O 175 27.55 6.81 56.70
C GLN O 175 28.57 6.28 57.69
N MET O 176 29.07 5.06 57.49
CA MET O 176 30.12 4.54 58.35
C MET O 176 31.40 5.38 58.23
N MET O 177 31.78 5.74 57.00
CA MET O 177 32.94 6.60 56.82
C MET O 177 32.72 7.96 57.46
N ARG O 178 31.52 8.52 57.31
CA ARG O 178 31.22 9.81 57.94
C ARG O 178 31.33 9.72 59.45
N ASP O 179 30.80 8.65 60.04
CA ASP O 179 30.88 8.46 61.49
C ASP O 179 32.32 8.34 61.95
N ILE O 180 33.12 7.55 61.22
CA ILE O 180 34.52 7.37 61.60
C ILE O 180 35.26 8.69 61.55
N ILE O 181 35.07 9.45 60.46
CA ILE O 181 35.76 10.73 60.31
C ILE O 181 35.33 11.70 61.40
N ASP O 182 34.04 11.75 61.70
CA ASP O 182 33.54 12.74 62.64
C ASP O 182 33.94 12.40 64.08
N ASN O 183 33.78 11.15 64.49
CA ASN O 183 33.90 10.78 65.89
C ASN O 183 35.19 10.05 66.22
N ASP O 184 36.12 9.90 65.27
CA ASP O 184 37.37 9.20 65.58
C ASP O 184 38.61 9.89 65.04
N MET O 185 38.49 10.91 64.21
CA MET O 185 39.66 11.56 63.61
C MET O 185 39.85 12.98 64.13
N LEU P 78 -53.69 36.72 57.70
CA LEU P 78 -53.04 36.32 58.94
C LEU P 78 -53.96 35.44 59.78
N VAL P 79 -53.48 34.25 60.13
CA VAL P 79 -54.22 33.30 60.96
C VAL P 79 -53.55 33.23 62.32
N ARG P 80 -54.33 33.42 63.37
CA ARG P 80 -53.83 33.50 64.74
C ARG P 80 -54.17 32.23 65.50
N LYS P 81 -53.17 31.66 66.18
CA LYS P 81 -53.38 30.48 67.00
C LYS P 81 -54.07 30.88 68.30
N LEU P 82 -55.29 30.38 68.50
CA LEU P 82 -56.11 30.76 69.64
C LEU P 82 -56.57 29.52 70.40
N SER P 83 -56.66 29.65 71.71
CA SER P 83 -56.98 28.53 72.58
C SER P 83 -58.49 28.29 72.63
N ALA P 84 -58.91 27.35 73.47
CA ALA P 84 -60.32 27.01 73.58
C ALA P 84 -61.13 28.14 74.18
N GLN P 85 -60.63 28.74 75.27
CA GLN P 85 -61.39 29.77 75.95
C GLN P 85 -61.49 31.05 75.12
N GLU P 86 -60.46 31.37 74.35
CA GLU P 86 -60.54 32.56 73.51
C GLU P 86 -61.59 32.37 72.41
N LEU P 87 -61.67 31.17 71.84
CA LEU P 87 -62.74 30.88 70.89
C LEU P 87 -64.10 30.89 71.57
N GLN P 88 -64.16 30.42 72.83
CA GLN P 88 -65.38 30.51 73.61
C GLN P 88 -65.86 31.95 73.64
N ASP P 89 -64.96 32.86 74.02
CA ASP P 89 -65.28 34.28 74.10
C ASP P 89 -65.66 34.84 72.73
N LEU P 90 -64.91 34.49 71.70
CA LEU P 90 -65.15 35.05 70.38
C LEU P 90 -66.54 34.68 69.85
N VAL P 91 -66.92 33.41 69.98
CA VAL P 91 -68.24 33.01 69.49
C VAL P 91 -69.33 33.58 70.39
N LYS P 92 -69.14 33.51 71.72
CA LYS P 92 -70.13 34.08 72.62
C LYS P 92 -70.27 35.58 72.48
N GLY P 93 -69.24 36.25 71.95
CA GLY P 93 -69.33 37.65 71.61
C GLY P 93 -70.09 37.87 70.32
N GLU P 94 -69.85 39.01 69.70
CA GLU P 94 -70.51 39.37 68.46
C GLU P 94 -69.50 39.93 67.47
N ARG P 95 -69.77 39.72 66.19
CA ARG P 95 -68.90 40.20 65.13
C ARG P 95 -69.73 40.43 63.88
N LYS P 96 -69.21 41.29 63.01
CA LYS P 96 -69.88 41.64 61.75
C LYS P 96 -69.27 40.95 60.54
N VAL P 97 -68.28 40.08 60.74
CA VAL P 97 -67.60 39.43 59.63
C VAL P 97 -67.60 37.93 59.85
N PRO P 98 -67.57 37.12 58.78
CA PRO P 98 -67.50 35.66 58.96
C PRO P 98 -66.24 35.26 59.70
N LEU P 99 -66.38 34.22 60.53
CA LEU P 99 -65.26 33.65 61.28
C LEU P 99 -65.01 32.24 60.78
N ILE P 100 -63.78 31.97 60.37
CA ILE P 100 -63.35 30.66 59.92
C ILE P 100 -62.37 30.12 60.94
N VAL P 101 -62.67 28.95 61.51
CA VAL P 101 -61.85 28.32 62.54
C VAL P 101 -61.14 27.13 61.91
N ASP P 102 -59.82 27.10 62.01
CA ASP P 102 -59.01 26.02 61.47
C ASP P 102 -58.68 25.08 62.62
N PHE P 103 -59.14 23.83 62.53
CA PHE P 103 -58.74 22.78 63.45
C PHE P 103 -57.58 22.01 62.81
N TYR P 104 -56.41 22.08 63.43
CA TYR P 104 -55.20 21.57 62.83
C TYR P 104 -54.34 20.88 63.90
N ALA P 105 -53.36 20.13 63.42
CA ALA P 105 -52.31 19.57 64.27
C ALA P 105 -50.98 19.75 63.55
N THR P 106 -49.91 19.82 64.34
CA THR P 106 -48.59 20.06 63.76
C THR P 106 -48.03 18.86 63.03
N TRP P 107 -48.65 17.69 63.14
CA TRP P 107 -48.14 16.47 62.55
C TRP P 107 -48.85 16.09 61.26
N CYS P 108 -49.68 16.97 60.70
CA CYS P 108 -50.45 16.69 59.50
C CYS P 108 -49.98 17.57 58.35
N GLY P 109 -49.61 16.94 57.24
CA GLY P 109 -49.22 17.64 56.04
C GLY P 109 -50.35 18.35 55.33
N PRO P 110 -51.50 17.67 55.18
CA PRO P 110 -52.68 18.37 54.68
C PRO P 110 -53.06 19.57 55.52
N CYS P 111 -52.73 19.56 56.82
CA CYS P 111 -52.92 20.76 57.63
C CYS P 111 -52.04 21.91 57.15
N ILE P 112 -50.80 21.62 56.75
CA ILE P 112 -49.94 22.67 56.21
C ILE P 112 -50.46 23.17 54.88
N LEU P 113 -50.95 22.27 54.03
CA LEU P 113 -51.53 22.69 52.76
C LEU P 113 -52.77 23.55 52.98
N MET P 114 -53.61 23.17 53.94
CA MET P 114 -54.77 23.99 54.28
C MET P 114 -54.34 25.33 54.87
N ALA P 115 -53.24 25.36 55.61
CA ALA P 115 -52.71 26.62 56.11
C ALA P 115 -52.31 27.54 54.98
N GLN P 116 -51.66 27.00 53.95
CA GLN P 116 -51.31 27.80 52.78
C GLN P 116 -52.57 28.32 52.08
N GLU P 117 -53.57 27.45 51.92
CA GLU P 117 -54.82 27.88 51.28
C GLU P 117 -55.51 28.97 52.10
N LEU P 118 -55.52 28.83 53.42
CA LEU P 118 -56.15 29.82 54.29
C LEU P 118 -55.38 31.13 54.28
N GLU P 119 -54.05 31.07 54.20
CA GLU P 119 -53.27 32.29 54.10
C GLU P 119 -53.58 33.03 52.81
N MET P 120 -53.68 32.30 51.69
CA MET P 120 -54.08 32.96 50.45
C MET P 120 -55.48 33.55 50.56
N LEU P 121 -56.41 32.82 51.18
CA LEU P 121 -57.77 33.31 51.34
C LEU P 121 -57.81 34.58 52.20
N ALA P 122 -57.05 34.59 53.29
CA ALA P 122 -56.97 35.79 54.13
C ALA P 122 -56.35 36.95 53.38
N VAL P 123 -55.44 36.68 52.45
CA VAL P 123 -54.97 37.73 51.55
C VAL P 123 -56.11 38.24 50.69
N GLU P 124 -56.94 37.33 50.16
CA GLU P 124 -58.09 37.74 49.36
C GLU P 124 -59.13 38.47 50.20
N TYR P 125 -59.36 38.02 51.43
CA TYR P 125 -60.31 38.64 52.34
C TYR P 125 -59.52 39.40 53.40
N GLU P 126 -59.17 40.65 53.10
CA GLU P 126 -58.26 41.40 53.97
C GLU P 126 -58.91 41.69 55.32
N SER P 127 -60.12 42.24 55.31
CA SER P 127 -60.79 42.65 56.54
C SER P 127 -62.25 42.21 56.60
N ASN P 128 -62.79 41.63 55.54
CA ASN P 128 -64.19 41.20 55.51
C ASN P 128 -64.39 39.82 56.12
N ALA P 129 -63.32 39.16 56.57
CA ALA P 129 -63.44 37.85 57.20
C ALA P 129 -62.29 37.68 58.18
N MET P 130 -62.49 36.76 59.13
CA MET P 130 -61.50 36.45 60.14
C MET P 130 -61.21 34.96 60.14
N ILE P 131 -59.94 34.59 59.98
CA ILE P 131 -59.51 33.20 59.93
C ILE P 131 -58.64 32.93 61.15
N VAL P 132 -59.01 31.93 61.93
CA VAL P 132 -58.29 31.57 63.15
C VAL P 132 -57.98 30.07 63.10
N LYS P 133 -56.97 29.68 63.88
CA LYS P 133 -56.55 28.29 63.96
C LYS P 133 -56.52 27.84 65.41
N VAL P 134 -57.02 26.64 65.66
CA VAL P 134 -57.03 26.02 66.98
C VAL P 134 -56.31 24.70 66.88
N ASP P 135 -55.27 24.53 67.71
CA ASP P 135 -54.50 23.29 67.69
C ASP P 135 -55.29 22.17 68.35
N THR P 136 -55.47 21.06 67.63
CA THR P 136 -56.27 19.97 68.16
C THR P 136 -55.56 19.24 69.28
N ASP P 137 -54.25 19.04 69.15
CA ASP P 137 -53.49 18.28 70.15
C ASP P 137 -53.50 18.97 71.52
N ASP P 138 -53.70 20.28 71.57
CA ASP P 138 -53.74 20.99 72.84
C ASP P 138 -55.16 21.25 73.33
N GLU P 139 -56.16 21.13 72.46
CA GLU P 139 -57.57 21.28 72.80
C GLU P 139 -58.35 20.05 72.35
N TYR P 140 -57.86 18.86 72.72
CA TYR P 140 -58.50 17.63 72.27
C TYR P 140 -59.92 17.51 72.79
N GLU P 141 -60.15 17.89 74.05
CA GLU P 141 -61.51 17.84 74.59
C GLU P 141 -62.43 18.84 73.88
N PHE P 142 -61.92 20.04 73.59
CA PHE P 142 -62.70 21.01 72.85
C PHE P 142 -62.97 20.55 71.43
N ALA P 143 -61.98 19.94 70.79
CA ALA P 143 -62.17 19.42 69.45
C ALA P 143 -63.21 18.31 69.42
N ARG P 144 -63.21 17.45 70.44
CA ARG P 144 -64.24 16.42 70.55
C ARG P 144 -65.61 17.05 70.78
N ASP P 145 -65.67 18.12 71.58
CA ASP P 145 -66.94 18.80 71.82
C ASP P 145 -67.51 19.40 70.54
N MET P 146 -66.67 19.71 69.56
CA MET P 146 -67.11 20.23 68.28
C MET P 146 -67.31 19.13 67.24
N GLN P 147 -67.21 17.86 67.64
CA GLN P 147 -67.34 16.72 66.72
C GLN P 147 -66.38 16.83 65.55
N VAL P 148 -65.14 17.19 65.84
CA VAL P 148 -64.08 17.18 64.83
C VAL P 148 -63.61 15.74 64.67
N ARG P 149 -63.95 15.13 63.53
CA ARG P 149 -63.68 13.71 63.31
C ARG P 149 -62.33 13.46 62.65
N GLY P 150 -61.55 14.49 62.41
CA GLY P 150 -60.25 14.32 61.78
C GLY P 150 -59.72 15.66 61.31
N LEU P 151 -58.62 15.59 60.58
CA LEU P 151 -57.94 16.79 60.11
C LEU P 151 -57.61 16.67 58.62
N PRO P 152 -57.59 17.78 57.89
CA PRO P 152 -57.92 19.15 58.33
C PRO P 152 -59.43 19.38 58.43
N THR P 153 -59.87 20.23 59.35
CA THR P 153 -61.28 20.54 59.53
C THR P 153 -61.44 22.04 59.68
N LEU P 154 -62.41 22.61 58.95
CA LEU P 154 -62.70 24.02 59.02
C LEU P 154 -64.14 24.21 59.51
N PHE P 155 -64.34 25.25 60.31
CA PHE P 155 -65.67 25.63 60.79
C PHE P 155 -65.95 27.05 60.33
N PHE P 156 -67.03 27.23 59.58
CA PHE P 156 -67.47 28.54 59.12
C PHE P 156 -68.60 29.01 60.04
N ILE P 157 -68.29 29.97 60.91
CA ILE P 157 -69.23 30.44 61.91
C ILE P 157 -69.92 31.69 61.36
N SER P 158 -71.25 31.63 61.27
CA SER P 158 -72.00 32.77 60.77
C SER P 158 -72.08 33.87 61.81
N PRO P 159 -71.88 35.13 61.42
CA PRO P 159 -72.11 36.23 62.38
C PRO P 159 -73.55 36.29 62.86
N ASP P 160 -74.50 35.93 62.03
CA ASP P 160 -75.89 35.88 62.44
C ASP P 160 -76.12 34.63 63.29
N PRO P 161 -76.57 34.76 64.54
CA PRO P 161 -76.84 33.57 65.35
C PRO P 161 -77.96 32.70 64.79
N SER P 162 -78.83 33.26 63.94
CA SER P 162 -79.92 32.47 63.38
C SER P 162 -79.39 31.38 62.44
N LYS P 163 -78.40 31.71 61.63
CA LYS P 163 -77.89 30.78 60.63
C LYS P 163 -77.00 29.72 61.28
N ASP P 164 -76.75 28.65 60.53
CA ASP P 164 -76.02 27.49 61.02
C ASP P 164 -74.57 27.53 60.56
N ALA P 165 -73.72 26.84 61.32
CA ALA P 165 -72.30 26.75 61.02
C ALA P 165 -72.04 25.58 60.08
N ILE P 166 -70.99 25.71 59.27
CA ILE P 166 -70.60 24.72 58.29
C ILE P 166 -69.29 24.07 58.72
N ARG P 167 -69.27 22.75 58.74
CA ARG P 167 -68.06 21.98 59.04
C ARG P 167 -67.60 21.29 57.76
N THR P 168 -66.37 21.59 57.34
CA THR P 168 -65.80 21.02 56.13
C THR P 168 -64.67 20.07 56.50
N GLU P 169 -64.72 18.86 55.96
CA GLU P 169 -63.71 17.84 56.20
C GLU P 169 -62.85 17.67 54.96
N GLY P 170 -61.54 17.68 55.14
CA GLY P 170 -60.60 17.44 54.05
C GLY P 170 -60.05 18.72 53.47
N LEU P 171 -59.16 18.54 52.49
CA LEU P 171 -58.47 19.63 51.81
C LEU P 171 -59.35 20.13 50.66
N ILE P 172 -60.34 20.94 51.02
CA ILE P 172 -61.28 21.48 50.04
C ILE P 172 -60.61 22.60 49.26
N PRO P 173 -61.00 22.84 48.01
CA PRO P 173 -60.40 23.93 47.24
C PRO P 173 -60.90 25.30 47.69
N LEU P 174 -60.21 26.33 47.23
CA LEU P 174 -60.54 27.70 47.62
C LEU P 174 -61.90 28.13 47.07
N GLN P 175 -62.28 27.62 45.91
CA GLN P 175 -63.55 28.01 45.30
C GLN P 175 -64.73 27.60 46.19
N MET P 176 -64.63 26.43 46.81
CA MET P 176 -65.68 26.02 47.75
C MET P 176 -65.75 26.98 48.94
N MET P 177 -64.60 27.41 49.44
CA MET P 177 -64.56 28.38 50.53
C MET P 177 -65.26 29.67 50.13
N ARG P 178 -64.92 30.19 48.95
CA ARG P 178 -65.54 31.42 48.47
C ARG P 178 -67.04 31.25 48.26
N ASP P 179 -67.44 30.10 47.72
CA ASP P 179 -68.86 29.85 47.51
C ASP P 179 -69.63 29.82 48.83
N ILE P 180 -69.05 29.16 49.85
CA ILE P 180 -69.70 29.13 51.16
C ILE P 180 -69.83 30.54 51.71
N ILE P 181 -68.74 31.31 51.63
CA ILE P 181 -68.74 32.66 52.20
C ILE P 181 -69.69 33.59 51.45
N ASP P 182 -69.90 33.36 50.16
CA ASP P 182 -70.77 34.23 49.39
C ASP P 182 -72.22 33.72 49.31
N ASN P 183 -72.49 32.50 49.75
CA ASN P 183 -73.84 31.94 49.67
C ASN P 183 -74.48 31.74 51.03
N ASP P 184 -73.83 31.01 51.94
CA ASP P 184 -74.49 30.64 53.19
C ASP P 184 -73.71 31.17 54.39
N MET P 185 -73.27 32.42 54.32
CA MET P 185 -72.43 32.99 55.37
C MET P 185 -73.16 34.09 56.13
N ASN Q 350 10.46 63.96 -89.44
CA ASN Q 350 11.62 63.09 -89.49
C ASN Q 350 12.92 63.89 -89.47
N GLY Q 351 13.63 63.81 -88.36
CA GLY Q 351 14.87 64.56 -88.20
C GLY Q 351 14.70 66.03 -87.86
N LYS Q 352 13.50 66.44 -87.46
CA LYS Q 352 13.28 67.85 -87.11
C LYS Q 352 14.14 68.26 -85.92
N THR Q 353 14.24 67.40 -84.90
CA THR Q 353 15.09 67.69 -83.77
C THR Q 353 16.56 67.76 -84.17
N THR Q 354 16.99 66.84 -85.03
CA THR Q 354 18.39 66.83 -85.48
C THR Q 354 18.71 68.08 -86.31
N THR Q 355 17.77 68.49 -87.17
CA THR Q 355 18.02 69.66 -88.02
C THR Q 355 18.11 70.93 -87.19
N THR Q 356 17.23 71.09 -86.19
CA THR Q 356 17.21 72.31 -85.41
C THR Q 356 18.49 72.49 -84.59
N TYR Q 357 18.99 71.41 -83.99
CA TYR Q 357 20.19 71.52 -83.16
C TYR Q 357 21.41 71.90 -84.00
N LEU Q 358 21.55 71.30 -85.19
CA LEU Q 358 22.68 71.66 -86.05
C LEU Q 358 22.54 73.09 -86.56
N ILE Q 359 21.32 73.51 -86.90
CA ILE Q 359 21.10 74.87 -87.38
C ILE Q 359 21.42 75.89 -86.29
N LYS Q 360 20.97 75.63 -85.06
CA LYS Q 360 21.25 76.54 -83.96
C LYS Q 360 22.75 76.63 -83.69
N SER Q 361 23.43 75.50 -83.68
CA SER Q 361 24.88 75.48 -83.43
C SER Q 361 25.65 75.97 -84.64
N LEU Q 537 27.07 62.38 -85.30
CA LEU Q 537 25.99 61.69 -86.00
C LEU Q 537 26.52 60.44 -86.70
N LEU Q 538 25.67 59.41 -86.77
CA LEU Q 538 26.04 58.14 -87.38
C LEU Q 538 24.95 57.69 -88.35
N GLY Q 539 25.35 56.92 -89.35
CA GLY Q 539 24.42 56.35 -90.30
C GLY Q 539 24.13 57.27 -91.47
N ARG Q 540 23.51 56.69 -92.49
CA ARG Q 540 23.12 57.45 -93.67
C ARG Q 540 21.87 58.28 -93.45
N HIS Q 541 21.08 57.97 -92.41
CA HIS Q 541 19.89 58.76 -92.11
C HIS Q 541 20.25 60.14 -91.59
N ASN Q 542 21.34 60.25 -90.83
CA ASN Q 542 21.78 61.54 -90.30
C ASN Q 542 22.57 62.35 -91.33
N ILE Q 543 23.00 61.73 -92.43
CA ILE Q 543 23.72 62.48 -93.47
C ILE Q 543 22.81 63.53 -94.10
N TYR Q 544 21.56 63.16 -94.41
CA TYR Q 544 20.63 64.11 -94.96
C TYR Q 544 20.29 65.21 -93.97
N ASN Q 545 20.32 64.90 -92.67
CA ASN Q 545 20.11 65.93 -91.65
C ASN Q 545 21.20 66.99 -91.71
N ILE Q 546 22.44 66.57 -91.94
CA ILE Q 546 23.55 67.52 -92.07
C ILE Q 546 23.35 68.40 -93.29
N LEU Q 547 22.94 67.80 -94.41
CA LEU Q 547 22.76 68.55 -95.65
C LEU Q 547 21.67 69.61 -95.50
N ALA Q 548 20.56 69.25 -94.86
CA ALA Q 548 19.46 70.19 -94.67
C ALA Q 548 19.71 71.07 -93.45
N VAL Q 573 23.04 65.12 -80.47
CA VAL Q 573 21.60 65.28 -80.37
C VAL Q 573 21.07 64.46 -79.19
N PRO Q 574 20.38 65.13 -78.26
CA PRO Q 574 19.84 64.44 -77.08
C PRO Q 574 18.72 63.49 -77.45
N GLY Q 575 18.89 62.22 -77.10
CA GLY Q 575 17.86 61.22 -77.30
C GLY Q 575 17.74 60.67 -78.70
N ARG Q 576 18.63 61.05 -79.61
CA ARG Q 576 18.60 60.57 -81.00
C ARG Q 576 19.97 59.99 -81.32
N CYS Q 577 20.14 58.69 -81.05
CA CYS Q 577 21.38 57.97 -81.30
C CYS Q 577 22.56 58.65 -80.60
N GLU Q 578 22.35 59.05 -79.34
CA GLU Q 578 23.38 59.72 -78.57
C GLU Q 578 24.52 58.73 -78.30
N LEU Q 579 25.64 58.90 -78.99
CA LEU Q 579 26.75 57.97 -78.88
C LEU Q 579 27.42 58.11 -77.52
N ILE Q 580 27.67 56.97 -76.87
CA ILE Q 580 28.30 56.92 -75.57
C ILE Q 580 29.66 56.28 -75.76
N ASP Q 581 30.71 57.10 -75.71
CA ASP Q 581 32.07 56.67 -75.98
C ASP Q 581 32.90 56.73 -74.71
N GLU Q 582 33.56 55.62 -74.38
CA GLU Q 582 34.51 55.55 -73.27
C GLU Q 582 35.74 54.77 -73.67
N GLU Q 583 36.26 55.04 -74.87
CA GLU Q 583 37.47 54.41 -75.39
C GLU Q 583 37.33 52.89 -75.45
N GLN Q 584 36.13 52.43 -75.77
CA GLN Q 584 35.84 51.01 -75.90
C GLN Q 584 35.94 50.58 -77.36
N ALA Q 585 35.86 49.26 -77.57
CA ALA Q 585 35.95 48.67 -78.90
C ALA Q 585 34.59 48.56 -79.59
N PHE Q 586 33.62 49.38 -79.19
CA PHE Q 586 32.27 49.33 -79.74
C PHE Q 586 31.62 50.69 -79.50
N GLY Q 587 30.30 50.75 -79.67
CA GLY Q 587 29.57 51.98 -79.42
C GLY Q 587 28.25 51.71 -78.74
N VAL Q 588 27.73 52.75 -78.09
CA VAL Q 588 26.45 52.70 -77.41
C VAL Q 588 25.66 53.95 -77.77
N ILE Q 589 24.45 53.76 -78.29
CA ILE Q 589 23.59 54.87 -78.68
C ILE Q 589 22.23 54.69 -78.02
N VAL Q 590 21.52 55.81 -77.86
CA VAL Q 590 20.21 55.85 -77.22
C VAL Q 590 19.21 56.46 -78.20
N ASP Q 591 18.10 55.76 -78.42
CA ASP Q 591 17.04 56.25 -79.27
C ASP Q 591 15.71 56.16 -78.53
N HIS Q 592 14.79 57.06 -78.87
CA HIS Q 592 13.50 57.17 -78.21
C HIS Q 592 12.42 56.29 -78.83
N ALA Q 593 12.79 55.44 -79.79
CA ALA Q 593 11.81 54.65 -80.53
C ALA Q 593 11.08 53.66 -79.63
N ASN Q 594 9.81 53.95 -79.36
CA ASN Q 594 8.92 53.03 -78.65
C ASN Q 594 7.83 52.48 -79.55
N THR Q 595 8.00 52.64 -80.87
CA THR Q 595 7.04 52.24 -81.88
C THR Q 595 7.67 51.23 -82.83
N PRO Q 596 6.92 50.21 -83.26
CA PRO Q 596 7.51 49.17 -84.12
C PRO Q 596 8.14 49.71 -85.39
N ASP Q 597 7.53 50.72 -86.02
CA ASP Q 597 8.05 51.25 -87.28
C ASP Q 597 9.42 51.90 -87.07
N GLY Q 598 9.51 52.80 -86.09
CA GLY Q 598 10.78 53.47 -85.84
C GLY Q 598 11.86 52.51 -85.37
N LEU Q 599 11.49 51.57 -84.49
CA LEU Q 599 12.45 50.58 -84.02
C LEU Q 599 12.95 49.73 -85.19
N SER Q 600 12.06 49.32 -86.08
CA SER Q 600 12.49 48.56 -87.26
C SER Q 600 13.41 49.38 -88.14
N ARG Q 601 13.08 50.66 -88.34
CA ARG Q 601 13.92 51.51 -89.18
C ARG Q 601 15.32 51.64 -88.60
N LEU Q 602 15.43 51.91 -87.30
CA LEU Q 602 16.75 52.06 -86.71
C LEU Q 602 17.51 50.73 -86.68
N LEU Q 603 16.83 49.62 -86.40
CA LEU Q 603 17.51 48.33 -86.38
C LEU Q 603 18.04 47.98 -87.77
N ASP Q 604 17.29 48.32 -88.83
CA ASP Q 604 17.82 48.17 -90.17
C ASP Q 604 19.00 49.11 -90.40
N SER Q 605 18.95 50.31 -89.82
CA SER Q 605 20.04 51.26 -89.98
C SER Q 605 21.33 50.78 -89.34
N VAL Q 606 21.25 50.04 -88.23
CA VAL Q 606 22.45 49.53 -87.59
C VAL Q 606 23.19 48.54 -88.49
N ARG Q 607 22.44 47.75 -89.26
CA ARG Q 607 23.07 46.71 -90.08
C ARG Q 607 24.01 47.33 -91.12
N GLU Q 608 23.62 48.46 -91.70
CA GLU Q 608 24.44 49.09 -92.74
C GLU Q 608 25.73 49.69 -92.20
N LEU Q 609 25.88 49.79 -90.88
CA LEU Q 609 27.11 50.30 -90.27
C LEU Q 609 28.15 49.21 -90.01
N LYS Q 610 27.94 48.02 -90.57
CA LYS Q 610 28.84 46.87 -90.43
C LYS Q 610 29.12 46.56 -88.97
N PRO Q 611 28.15 46.03 -88.22
CA PRO Q 611 28.45 45.47 -86.90
C PRO Q 611 28.72 43.98 -86.97
N ARG Q 612 29.72 43.54 -86.22
CA ARG Q 612 30.04 42.12 -86.19
C ARG Q 612 28.91 41.32 -85.53
N ARG Q 613 28.36 41.83 -84.43
CA ARG Q 613 27.24 41.19 -83.76
C ARG Q 613 26.28 42.26 -83.27
N ILE Q 614 25.00 41.91 -83.22
CA ILE Q 614 23.92 42.84 -82.91
C ILE Q 614 23.30 42.43 -81.59
N ILE Q 615 23.28 43.35 -80.62
CA ILE Q 615 22.68 43.12 -79.32
C ILE Q 615 21.72 44.28 -79.05
N THR Q 616 20.49 43.96 -78.66
CA THR Q 616 19.44 44.96 -78.53
C THR Q 616 18.73 44.83 -77.19
N VAL Q 617 18.26 45.97 -76.67
CA VAL Q 617 17.51 46.03 -75.43
C VAL Q 617 16.18 46.73 -75.72
N ILE Q 618 15.08 46.05 -75.43
CA ILE Q 618 13.75 46.56 -75.77
C ILE Q 618 12.86 46.42 -74.53
N GLY Q 619 11.79 47.21 -74.50
CA GLY Q 619 10.79 47.10 -73.46
C GLY Q 619 9.47 47.63 -73.94
N CYS Q 620 8.47 47.55 -73.07
CA CYS Q 620 7.14 48.07 -73.37
C CYS Q 620 6.51 48.60 -72.09
N ALA Q 621 5.59 49.54 -72.25
CA ALA Q 621 4.95 50.19 -71.12
C ALA Q 621 3.82 49.31 -70.58
N GLY Q 622 3.12 49.82 -69.57
CA GLY Q 622 2.00 49.12 -68.98
C GLY Q 622 0.72 49.91 -69.13
N GLU Q 623 -0.40 49.18 -69.15
CA GLU Q 623 -1.77 49.69 -69.27
C GLU Q 623 -2.06 50.30 -70.64
N ASN Q 624 -1.07 50.39 -71.52
CA ASN Q 624 -1.24 50.96 -72.85
C ASN Q 624 -0.57 50.04 -73.87
N GLU Q 625 -0.76 50.38 -75.15
CA GLU Q 625 -0.18 49.70 -76.31
C GLU Q 625 -0.15 48.19 -76.16
N ARG Q 626 -1.24 47.60 -75.66
CA ARG Q 626 -1.27 46.17 -75.39
C ARG Q 626 -1.34 45.33 -76.65
N GLY Q 627 -1.79 45.90 -77.77
CA GLY Q 627 -2.05 45.12 -78.97
C GLY Q 627 -0.89 44.85 -79.87
N LYS Q 628 0.32 45.33 -79.54
CA LYS Q 628 1.48 45.14 -80.40
C LYS Q 628 2.76 44.84 -79.62
N ARG Q 629 2.64 44.19 -78.46
CA ARG Q 629 3.81 43.93 -77.62
C ARG Q 629 4.84 43.00 -78.27
N PRO Q 630 4.47 41.83 -78.83
CA PRO Q 630 5.51 40.88 -79.25
C PRO Q 630 6.24 41.25 -80.53
N VAL Q 631 5.80 42.28 -81.25
CA VAL Q 631 6.40 42.57 -82.56
C VAL Q 631 7.82 43.09 -82.41
N MET Q 632 8.10 43.91 -81.39
CA MET Q 632 9.46 44.41 -81.20
C MET Q 632 10.44 43.28 -80.93
N THR Q 633 10.07 42.36 -80.03
CA THR Q 633 10.95 41.23 -79.75
C THR Q 633 11.06 40.30 -80.93
N LYS Q 634 9.99 40.14 -81.72
CA LYS Q 634 10.09 39.31 -82.91
C LYS Q 634 11.09 39.89 -83.91
N ILE Q 635 10.96 41.19 -84.20
CA ILE Q 635 11.88 41.81 -85.16
C ILE Q 635 13.30 41.87 -84.62
N ALA Q 636 13.45 42.07 -83.31
CA ALA Q 636 14.79 42.08 -82.72
C ALA Q 636 15.44 40.70 -82.79
N THR Q 637 14.67 39.65 -82.51
CA THR Q 637 15.20 38.29 -82.61
C THR Q 637 15.58 37.95 -84.05
N GLU Q 638 14.76 38.40 -85.01
CA GLU Q 638 15.06 38.13 -86.42
C GLU Q 638 16.10 39.09 -86.99
N LYS Q 639 16.49 40.12 -86.25
CA LYS Q 639 17.50 41.07 -86.71
C LYS Q 639 18.76 41.11 -85.85
N SER Q 640 18.73 40.58 -84.64
CA SER Q 640 19.85 40.63 -83.72
C SER Q 640 20.25 39.23 -83.27
N ASP Q 641 21.53 39.06 -82.94
CA ASP Q 641 22.04 37.76 -82.54
C ASP Q 641 21.63 37.43 -81.10
N VAL Q 642 22.09 38.24 -80.15
CA VAL Q 642 21.74 38.08 -78.74
C VAL Q 642 20.94 39.31 -78.32
N THR Q 643 19.70 39.10 -77.89
CA THR Q 643 18.80 40.20 -77.56
C THR Q 643 18.46 40.15 -76.07
N MET Q 644 18.79 41.23 -75.36
CA MET Q 644 18.34 41.39 -73.99
C MET Q 644 16.88 41.81 -73.98
N LEU Q 645 16.17 41.43 -72.92
CA LEU Q 645 14.75 41.74 -72.77
C LEU Q 645 14.50 42.39 -71.42
N THR Q 646 13.66 43.42 -71.42
CA THR Q 646 13.27 44.12 -70.21
C THR Q 646 12.01 44.91 -70.52
N SER Q 647 11.66 45.84 -69.63
CA SER Q 647 10.51 46.72 -69.80
C SER Q 647 10.96 48.13 -70.11
N ASP Q 648 10.03 48.93 -70.62
CA ASP Q 648 10.27 50.35 -70.89
C ASP Q 648 9.78 51.22 -69.74
N ASN Q 649 8.50 51.11 -69.40
CA ASN Q 649 7.94 51.83 -68.25
C ASN Q 649 6.77 51.00 -67.72
N PRO Q 650 7.05 50.07 -66.81
CA PRO Q 650 5.99 49.14 -66.36
C PRO Q 650 4.77 49.83 -65.79
N GLY Q 651 4.96 50.92 -65.04
CA GLY Q 651 3.82 51.58 -64.44
C GLY Q 651 3.12 50.68 -63.43
N ASN Q 652 1.80 50.85 -63.31
CA ASN Q 652 1.03 50.02 -62.40
C ASN Q 652 1.01 48.57 -62.84
N GLU Q 653 1.02 48.32 -64.14
CA GLU Q 653 1.06 46.95 -64.65
C GLU Q 653 2.37 46.28 -64.27
N ASP Q 654 2.27 45.04 -63.81
CA ASP Q 654 3.45 44.30 -63.37
C ASP Q 654 4.36 44.03 -64.57
N PRO Q 655 5.64 44.39 -64.50
CA PRO Q 655 6.53 44.17 -65.65
C PRO Q 655 6.70 42.71 -66.03
N LEU Q 656 6.46 41.77 -65.11
CA LEU Q 656 6.63 40.36 -65.43
C LEU Q 656 5.66 39.92 -66.51
N ASP Q 657 4.41 40.40 -66.45
CA ASP Q 657 3.43 40.03 -67.46
C ASP Q 657 3.79 40.59 -68.83
N ILE Q 658 4.26 41.83 -68.89
CA ILE Q 658 4.68 42.41 -70.16
C ILE Q 658 5.88 41.66 -70.72
N LEU Q 659 6.84 41.32 -69.84
CA LEU Q 659 8.01 40.57 -70.29
C LEU Q 659 7.61 39.18 -70.77
N ASP Q 660 6.56 38.60 -70.19
CA ASP Q 660 5.96 37.40 -70.76
C ASP Q 660 5.42 37.67 -72.16
N ASP Q 661 4.75 38.81 -72.33
CA ASP Q 661 4.23 39.18 -73.64
C ASP Q 661 5.34 39.32 -74.67
N MET Q 662 6.56 39.63 -74.23
CA MET Q 662 7.69 39.62 -75.17
C MET Q 662 7.91 38.24 -75.78
N LEU Q 663 8.01 37.21 -74.94
CA LEU Q 663 8.33 35.89 -75.46
C LEU Q 663 7.19 35.24 -76.22
N SER Q 664 5.99 35.83 -76.18
CA SER Q 664 4.86 35.26 -76.89
C SER Q 664 5.07 35.26 -78.40
N GLY Q 665 5.89 36.18 -78.91
CA GLY Q 665 6.18 36.25 -80.32
C GLY Q 665 7.23 35.29 -80.82
N ILE Q 666 7.78 34.45 -79.95
CA ILE Q 666 8.81 33.50 -80.30
C ILE Q 666 8.46 32.06 -79.93
N GLY Q 667 7.34 31.84 -79.24
CA GLY Q 667 7.00 30.52 -78.77
C GLY Q 667 7.47 30.21 -77.37
N TRP Q 668 7.84 31.21 -76.59
CA TRP Q 668 8.30 31.04 -75.22
C TRP Q 668 7.43 31.85 -74.27
N THR Q 669 7.62 31.61 -72.98
CA THR Q 669 6.97 32.37 -71.93
C THR Q 669 7.94 32.48 -70.75
N MET Q 670 7.50 33.19 -69.71
CA MET Q 670 8.33 33.28 -68.51
C MET Q 670 8.55 31.92 -67.87
N GLN Q 671 7.54 31.04 -67.93
CA GLN Q 671 7.70 29.71 -67.34
C GLN Q 671 8.81 28.94 -68.04
N GLU Q 672 8.74 28.86 -69.37
CA GLU Q 672 9.76 28.12 -70.12
C GLU Q 672 11.13 28.78 -70.00
N TYR Q 673 11.18 30.12 -70.07
CA TYR Q 673 12.45 30.82 -69.96
C TYR Q 673 13.08 30.60 -68.59
N LEU Q 674 12.28 30.66 -67.53
CA LEU Q 674 12.80 30.46 -66.19
C LEU Q 674 13.21 29.01 -65.95
N LYS Q 675 12.50 28.06 -66.58
CA LYS Q 675 12.95 26.67 -66.53
C LYS Q 675 14.29 26.52 -67.23
N HIS Q 676 14.50 27.28 -68.32
CA HIS Q 676 15.82 27.32 -68.94
C HIS Q 676 16.85 27.89 -67.97
N GLY Q 677 16.49 28.94 -67.23
CA GLY Q 677 17.43 29.53 -66.29
C GLY Q 677 17.80 28.59 -65.16
N GLU Q 678 16.83 27.81 -64.68
CA GLU Q 678 17.10 26.86 -63.60
C GLU Q 678 18.13 25.82 -64.04
N HIS Q 679 18.00 25.32 -65.26
CA HIS Q 679 18.96 24.36 -65.81
C HIS Q 679 20.24 25.04 -66.31
N ASP Q 680 20.42 26.33 -66.01
CA ASP Q 680 21.58 27.13 -66.39
C ASP Q 680 22.04 26.87 -67.82
N TYR Q 681 21.09 26.68 -68.73
CA TYR Q 681 21.40 26.48 -70.14
C TYR Q 681 20.28 27.06 -70.98
N TYR Q 682 20.65 27.83 -72.00
CA TYR Q 682 19.69 28.46 -72.90
C TYR Q 682 19.96 28.01 -74.33
N PRO Q 683 19.23 27.01 -74.82
CA PRO Q 683 19.37 26.62 -76.24
C PRO Q 683 19.06 27.80 -77.15
N PRO Q 684 19.82 27.94 -78.23
CA PRO Q 684 19.65 29.13 -79.09
C PRO Q 684 18.35 29.13 -79.88
N LEU Q 685 18.15 30.18 -80.68
CA LEU Q 685 16.92 30.34 -81.44
C LEU Q 685 16.91 29.40 -82.64
N SER Q 686 15.84 29.52 -83.44
CA SER Q 686 15.75 28.72 -84.67
C SER Q 686 16.78 29.18 -85.70
N ASN Q 687 17.00 30.49 -85.80
CA ASN Q 687 17.95 31.05 -86.75
C ASN Q 687 19.35 31.20 -86.17
N GLY Q 688 19.69 30.45 -85.13
CA GLY Q 688 21.00 30.50 -84.52
C GLY Q 688 21.22 31.67 -83.56
N HIS Q 689 20.20 32.49 -83.34
CA HIS Q 689 20.32 33.63 -82.44
C HIS Q 689 20.18 33.20 -80.99
N ARG Q 690 20.60 34.07 -80.08
CA ARG Q 690 20.56 33.81 -78.65
C ARG Q 690 19.60 34.76 -77.97
N LEU Q 691 19.03 34.32 -76.84
CA LEU Q 691 18.05 35.10 -76.11
C LEU Q 691 18.34 35.06 -74.62
N PHE Q 692 18.45 36.24 -74.01
CA PHE Q 692 18.56 36.40 -72.58
C PHE Q 692 17.59 37.50 -72.14
N LEU Q 693 17.19 37.46 -70.88
CA LEU Q 693 16.10 38.32 -70.41
C LEU Q 693 16.30 38.65 -68.94
N HIS Q 694 15.79 39.82 -68.55
CA HIS Q 694 15.83 40.25 -67.15
C HIS Q 694 14.72 41.25 -66.90
N ASP Q 695 14.10 41.16 -65.73
CA ASP Q 695 12.92 41.98 -65.46
C ASP Q 695 13.26 43.47 -65.38
N VAL Q 696 14.36 43.82 -64.74
CA VAL Q 696 14.75 45.21 -64.53
C VAL Q 696 15.77 45.60 -65.58
N ARG Q 697 15.55 46.76 -66.22
CA ARG Q 697 16.43 47.22 -67.29
C ARG Q 697 17.84 47.50 -66.81
N ARG Q 698 18.02 47.73 -65.51
CA ARG Q 698 19.32 48.17 -65.00
C ARG Q 698 20.40 47.12 -65.26
N VAL Q 699 20.26 45.94 -64.65
CA VAL Q 699 21.26 44.89 -64.82
C VAL Q 699 21.30 44.42 -66.27
N ALA Q 700 20.16 44.46 -66.96
CA ALA Q 700 20.12 44.06 -68.36
C ALA Q 700 21.05 44.92 -69.21
N VAL Q 701 20.93 46.25 -69.09
CA VAL Q 701 21.79 47.12 -69.87
C VAL Q 701 23.23 47.07 -69.36
N ARG Q 702 23.44 46.82 -68.06
CA ARG Q 702 24.80 46.65 -67.57
C ARG Q 702 25.48 45.45 -68.24
N CYS Q 703 24.76 44.33 -68.33
CA CYS Q 703 25.32 43.15 -68.99
C CYS Q 703 25.48 43.37 -70.49
N ALA Q 704 24.54 44.11 -71.10
CA ALA Q 704 24.67 44.42 -72.52
C ALA Q 704 25.91 45.26 -72.79
N VAL Q 705 26.18 46.25 -71.94
CA VAL Q 705 27.40 47.04 -72.07
C VAL Q 705 28.63 46.17 -71.87
N ALA Q 706 28.59 45.28 -70.86
CA ALA Q 706 29.70 44.36 -70.66
C ALA Q 706 29.87 43.41 -71.84
N MET Q 707 28.84 43.23 -72.66
CA MET Q 707 28.91 42.37 -73.84
C MET Q 707 29.23 43.14 -75.11
N GLY Q 708 29.58 44.42 -75.03
CA GLY Q 708 30.12 45.13 -76.16
C GLY Q 708 31.48 44.56 -76.52
N GLU Q 709 31.64 44.10 -77.76
CA GLU Q 709 32.86 43.46 -78.22
C GLU Q 709 33.45 44.26 -79.38
N GLU Q 710 34.54 43.73 -79.94
CA GLU Q 710 35.19 44.40 -81.06
C GLU Q 710 34.30 44.36 -82.29
N GLY Q 711 34.05 45.54 -82.87
CA GLY Q 711 33.16 45.62 -84.01
C GLY Q 711 31.72 45.27 -83.71
N ASP Q 712 31.34 45.23 -82.44
CA ASP Q 712 29.99 44.90 -82.03
C ASP Q 712 29.21 46.17 -81.70
N MET Q 713 27.93 46.00 -81.38
CA MET Q 713 27.03 47.12 -81.20
C MET Q 713 25.95 46.75 -80.19
N VAL Q 714 25.52 47.73 -79.39
CA VAL Q 714 24.47 47.55 -78.42
C VAL Q 714 23.48 48.70 -78.54
N VAL Q 715 22.19 48.38 -78.62
CA VAL Q 715 21.10 49.35 -78.67
C VAL Q 715 20.29 49.25 -77.39
N VAL Q 716 20.07 50.40 -76.74
CA VAL Q 716 19.10 50.53 -75.67
C VAL Q 716 18.06 51.54 -76.14
N ALA Q 717 16.80 51.13 -76.18
CA ALA Q 717 15.74 51.93 -76.80
C ALA Q 717 14.55 52.04 -75.86
N GLY Q 718 13.59 52.87 -76.26
CA GLY Q 718 12.35 53.03 -75.56
C GLY Q 718 12.26 54.26 -74.68
N LYS Q 719 13.38 54.87 -74.33
CA LYS Q 719 13.40 56.03 -73.44
C LYS Q 719 13.87 57.30 -74.16
N GLY Q 720 15.06 57.26 -74.75
CA GLY Q 720 15.55 58.43 -75.47
C GLY Q 720 15.91 59.56 -74.52
N HIS Q 721 15.60 60.79 -74.94
CA HIS Q 721 15.94 61.97 -74.16
C HIS Q 721 15.15 62.08 -72.86
N GLU Q 722 14.07 61.31 -72.71
CA GLU Q 722 13.35 61.28 -71.45
C GLU Q 722 14.21 60.64 -70.37
N SER Q 723 14.18 61.23 -69.18
CA SER Q 723 15.03 60.81 -68.07
C SER Q 723 14.19 60.52 -66.84
N TYR Q 724 13.10 59.76 -67.01
CA TYR Q 724 12.26 59.38 -65.91
C TYR Q 724 11.92 57.89 -66.01
N GLN Q 725 11.63 57.29 -64.87
CA GLN Q 725 11.23 55.88 -64.78
C GLN Q 725 9.84 55.80 -64.17
N LEU Q 726 8.96 55.01 -64.79
CA LEU Q 726 7.58 54.90 -64.37
C LEU Q 726 7.35 53.51 -63.78
N GLU Q 727 7.38 53.42 -62.45
CA GLU Q 727 7.00 52.22 -61.72
C GLU Q 727 5.80 52.55 -60.84
N GLY Q 728 4.74 51.76 -60.98
CA GLY Q 728 3.51 52.03 -60.25
C GLY Q 728 2.90 53.36 -60.67
N ASP Q 729 2.94 54.34 -59.78
CA ASP Q 729 2.48 55.69 -60.08
C ASP Q 729 3.54 56.75 -59.86
N LYS Q 730 4.64 56.43 -59.19
CA LYS Q 730 5.71 57.39 -58.94
C LYS Q 730 6.66 57.44 -60.13
N LYS Q 731 6.97 58.63 -60.60
CA LYS Q 731 7.88 58.84 -61.73
C LYS Q 731 9.29 58.95 -61.18
N GLU Q 732 9.95 57.80 -61.02
CA GLU Q 732 11.31 57.78 -60.52
C GLU Q 732 12.26 58.39 -61.53
N PHE Q 733 13.33 59.00 -61.02
CA PHE Q 733 14.35 59.59 -61.87
C PHE Q 733 15.34 58.53 -62.31
N TYR Q 734 15.51 58.40 -63.62
CA TYR Q 734 16.42 57.40 -64.18
C TYR Q 734 16.85 57.85 -65.56
N ASP Q 735 18.16 57.92 -65.78
CA ASP Q 735 18.73 58.33 -67.06
C ASP Q 735 19.44 57.14 -67.70
N ASP Q 736 19.08 56.84 -68.94
CA ASP Q 736 19.71 55.73 -69.65
C ASP Q 736 21.12 56.10 -70.09
N ARG Q 737 21.33 57.34 -70.54
CA ARG Q 737 22.64 57.75 -71.02
C ARG Q 737 23.67 57.71 -69.90
N GLU Q 738 23.32 58.24 -68.72
CA GLU Q 738 24.26 58.25 -67.61
C GLU Q 738 24.56 56.84 -67.12
N GLU Q 739 23.54 55.98 -67.06
CA GLU Q 739 23.77 54.61 -66.64
C GLU Q 739 24.64 53.86 -67.64
N CYS Q 740 24.44 54.09 -68.93
CA CYS Q 740 25.32 53.49 -69.94
C CYS Q 740 26.74 54.01 -69.79
N ARG Q 741 26.89 55.30 -69.49
CA ARG Q 741 28.21 55.86 -69.23
C ARG Q 741 28.88 55.15 -68.07
N GLU Q 742 28.15 54.97 -66.97
CA GLU Q 742 28.71 54.30 -65.80
C GLU Q 742 29.08 52.85 -66.11
N ALA Q 743 28.22 52.15 -66.86
CA ALA Q 743 28.50 50.77 -67.23
C ALA Q 743 29.76 50.66 -68.10
N LEU Q 744 29.89 51.56 -69.08
CA LEU Q 744 31.08 51.57 -69.92
C LEU Q 744 32.32 51.96 -69.13
N GLN Q 745 32.16 52.75 -68.07
CA GLN Q 745 33.30 53.23 -67.31
C GLN Q 745 34.05 52.10 -66.62
N TYR Q 746 33.31 51.14 -66.04
CA TYR Q 746 33.91 50.16 -65.15
C TYR Q 746 33.73 48.73 -65.67
N VAL Q 747 33.68 48.57 -66.99
CA VAL Q 747 33.44 47.26 -67.59
C VAL Q 747 34.62 46.32 -67.37
N ASP Q 748 35.84 46.87 -67.28
CA ASP Q 748 37.05 46.04 -67.33
C ASP Q 748 37.11 45.07 -66.16
N GLU Q 749 36.84 45.55 -64.94
CA GLU Q 749 37.10 44.75 -63.75
C GLU Q 749 36.25 43.49 -63.73
N LEU Q 750 35.00 43.58 -64.21
CA LEU Q 750 34.11 42.44 -64.19
C LEU Q 750 34.65 41.31 -65.06
N HIS Q 751 35.19 41.65 -66.23
CA HIS Q 751 35.71 40.63 -67.13
C HIS Q 751 37.07 40.11 -66.67
N GLN Q 752 37.92 40.98 -66.11
CA GLN Q 752 39.26 40.55 -65.74
C GLN Q 752 39.31 39.81 -64.41
N ALA Q 753 38.22 39.76 -63.66
CA ALA Q 753 38.21 39.14 -62.35
C ALA Q 753 37.91 37.65 -62.39
N GLY Q 754 38.16 37.00 -63.53
CA GLY Q 754 37.92 35.58 -63.65
C GLY Q 754 36.48 35.19 -63.95
N ILE Q 755 35.60 36.17 -64.15
CA ILE Q 755 34.19 35.89 -64.42
C ILE Q 755 33.98 35.89 -65.93
N ASP Q 756 33.51 34.77 -66.47
CA ASP Q 756 33.18 34.67 -67.89
C ASP Q 756 31.78 35.20 -68.08
N THR Q 757 31.67 36.53 -68.21
CA THR Q 757 30.39 37.20 -68.37
C THR Q 757 29.84 37.11 -69.78
N SER Q 758 30.41 36.24 -70.62
CA SER Q 758 30.05 36.21 -72.04
C SER Q 758 28.57 35.85 -72.24
N GLU Q 759 27.98 35.10 -71.33
CA GLU Q 759 26.59 34.69 -71.48
C GLU Q 759 26.02 34.34 -70.12
N PHE Q 760 24.69 34.29 -70.05
CA PHE Q 760 24.00 33.85 -68.84
C PHE Q 760 23.93 32.33 -68.81
N PRO Q 761 24.36 31.68 -67.74
CA PRO Q 761 24.94 32.24 -66.50
C PRO Q 761 26.42 32.51 -66.62
N TRP Q 762 26.95 33.47 -65.85
CA TRP Q 762 28.38 33.75 -65.88
C TRP Q 762 29.14 32.60 -65.23
N ARG Q 763 30.20 32.14 -65.89
CA ARG Q 763 31.01 31.03 -65.40
C ARG Q 763 31.95 31.56 -64.33
N LEU Q 764 31.47 31.56 -63.08
CA LEU Q 764 32.29 32.03 -61.98
C LEU Q 764 33.47 31.10 -61.74
N PRO Q 765 34.59 31.62 -61.23
CA PRO Q 765 35.77 30.76 -61.04
C PRO Q 765 35.54 29.59 -60.12
N GLU Q 766 34.97 29.83 -58.94
CA GLU Q 766 34.76 28.79 -57.94
C GLU Q 766 33.39 28.12 -58.04
N SER Q 767 32.60 28.48 -59.05
CA SER Q 767 31.29 27.87 -59.27
C SER Q 767 31.38 26.96 -60.48
N HIS Q 768 31.29 25.66 -60.25
CA HIS Q 768 31.36 24.67 -61.33
C HIS Q 768 30.37 23.54 -61.11
N GLY R 35 -74.25 -25.76 -18.85
CA GLY R 35 -73.81 -25.33 -17.54
C GLY R 35 -74.86 -24.48 -16.83
N ILE R 36 -75.91 -24.12 -17.55
CA ILE R 36 -76.98 -23.29 -17.00
C ILE R 36 -78.01 -24.20 -16.33
N GLN R 37 -78.34 -23.89 -15.09
CA GLN R 37 -79.35 -24.64 -14.35
C GLN R 37 -80.03 -23.72 -13.36
N ARG R 38 -81.35 -23.81 -13.28
CA ARG R 38 -82.12 -22.97 -12.37
C ARG R 38 -83.11 -23.80 -11.56
N ARG R 44 -80.45 -18.88 -10.12
CA ARG R 44 -79.46 -19.65 -10.85
C ARG R 44 -78.53 -20.39 -9.90
N ILE R 45 -78.16 -21.62 -10.26
CA ILE R 45 -77.21 -22.42 -9.51
C ILE R 45 -76.00 -22.69 -10.40
N TRP R 46 -74.81 -22.61 -9.80
CA TRP R 46 -73.57 -22.81 -10.54
C TRP R 46 -72.54 -23.43 -9.62
N ARG R 47 -71.55 -24.08 -10.23
CA ARG R 47 -70.50 -24.77 -9.49
C ARG R 47 -69.39 -23.79 -9.13
N ARG R 48 -69.07 -23.71 -7.84
CA ARG R 48 -67.98 -22.87 -7.38
C ARG R 48 -66.64 -23.54 -7.66
N ARG R 49 -65.68 -22.75 -8.11
CA ARG R 49 -64.35 -23.27 -8.41
C ARG R 49 -63.51 -23.31 -7.15
N THR R 50 -62.91 -24.47 -6.88
CA THR R 50 -62.11 -24.69 -5.68
C THR R 50 -60.77 -25.30 -6.04
N LEU R 51 -59.83 -25.20 -5.11
CA LEU R 51 -58.47 -25.68 -5.35
C LEU R 51 -58.45 -27.20 -5.54
N THR R 52 -59.23 -27.93 -4.74
CA THR R 52 -59.37 -29.39 -4.79
C THR R 52 -58.02 -30.12 -4.89
N LYS R 53 -56.95 -29.49 -4.43
CA LYS R 53 -55.63 -30.08 -4.47
C LYS R 53 -54.83 -29.60 -3.27
N LYS R 54 -53.72 -30.27 -3.01
CA LYS R 54 -52.85 -29.96 -1.89
C LYS R 54 -51.59 -29.27 -2.41
N ASP R 55 -51.32 -28.07 -1.90
CA ASP R 55 -50.09 -27.36 -2.19
C ASP R 55 -49.43 -27.06 -0.85
N ASP R 56 -48.22 -27.57 -0.66
CA ASP R 56 -47.54 -27.46 0.63
C ASP R 56 -46.84 -26.13 0.81
N MET R 57 -46.85 -25.26 -0.20
CA MET R 57 -46.15 -23.98 -0.11
C MET R 57 -46.94 -22.93 0.67
N LEU R 58 -48.18 -23.21 1.02
CA LEU R 58 -48.98 -22.28 1.82
C LEU R 58 -48.42 -22.16 3.23
N PRO R 66 -41.97 -11.73 14.18
CA PRO R 66 -42.95 -10.79 14.72
C PRO R 66 -42.35 -9.81 15.73
N PHE R 67 -41.02 -9.76 15.79
CA PHE R 67 -40.29 -8.85 16.66
C PHE R 67 -39.47 -7.86 15.86
N VAL R 68 -40.04 -7.36 14.77
CA VAL R 68 -39.33 -6.47 13.85
C VAL R 68 -39.85 -5.05 13.94
N GLU R 69 -40.57 -4.70 15.01
CA GLU R 69 -41.11 -3.36 15.15
C GLU R 69 -39.99 -2.33 15.20
N GLU R 70 -38.97 -2.57 16.03
CA GLU R 70 -37.82 -1.68 16.07
C GLU R 70 -37.11 -1.64 14.73
N GLN R 71 -37.00 -2.80 14.08
CA GLN R 71 -36.33 -2.88 12.78
C GLN R 71 -37.06 -2.07 11.72
N VAL R 72 -38.39 -2.25 11.63
CA VAL R 72 -39.17 -1.50 10.65
C VAL R 72 -39.11 -0.01 10.94
N ARG R 73 -39.25 0.37 12.21
CA ARG R 73 -39.20 1.78 12.58
C ARG R 73 -37.84 2.39 12.24
N LYS R 74 -36.76 1.66 12.51
CA LYS R 74 -35.43 2.17 12.18
C LYS R 74 -35.24 2.29 10.67
N ILE R 75 -35.77 1.33 9.91
CA ILE R 75 -35.70 1.40 8.45
C ILE R 75 -36.40 2.66 7.96
N LYS R 76 -37.60 2.93 8.50
CA LYS R 76 -38.31 4.14 8.11
C LYS R 76 -37.56 5.40 8.52
N GLU R 77 -36.94 5.39 9.70
CA GLU R 77 -36.21 6.57 10.17
C GLU R 77 -35.00 6.87 9.31
N VAL R 78 -34.24 5.85 8.90
CA VAL R 78 -33.03 6.12 8.14
C VAL R 78 -33.32 6.38 6.67
N GLY R 79 -34.45 5.91 6.14
CA GLY R 79 -34.78 6.14 4.76
C GLY R 79 -34.30 5.07 3.80
N LYS R 80 -34.55 3.81 4.15
CA LYS R 80 -34.27 2.70 3.24
C LYS R 80 -35.45 2.37 2.33
N VAL R 81 -36.65 2.79 2.72
CA VAL R 81 -37.81 2.67 1.86
C VAL R 81 -37.59 3.45 0.58
N MET R 82 -36.88 4.58 0.66
CA MET R 82 -36.55 5.33 -0.55
C MET R 82 -35.60 4.53 -1.44
N THR R 83 -34.66 3.79 -0.85
CA THR R 83 -33.79 2.94 -1.64
C THR R 83 -34.59 1.86 -2.36
N MET R 84 -35.55 1.24 -1.66
CA MET R 84 -36.40 0.26 -2.31
C MET R 84 -37.22 0.90 -3.43
N ASP R 85 -37.73 2.11 -3.20
CA ASP R 85 -38.50 2.82 -4.23
C ASP R 85 -37.65 3.12 -5.45
N ILE R 86 -36.40 3.55 -5.22
CA ILE R 86 -35.50 3.84 -6.34
C ILE R 86 -35.21 2.59 -7.13
N GLU R 87 -34.99 1.46 -6.45
CA GLU R 87 -34.79 0.21 -7.16
C GLU R 87 -36.03 -0.19 -7.96
N ARG R 88 -37.21 0.01 -7.38
CA ARG R 88 -38.45 -0.36 -8.06
C ARG R 88 -38.68 0.50 -9.29
N LEU R 89 -38.38 1.80 -9.21
CA LEU R 89 -38.58 2.69 -10.35
C LEU R 89 -37.70 2.31 -11.53
N LEU R 90 -36.49 1.82 -11.27
CA LEU R 90 -35.58 1.45 -12.34
C LEU R 90 -35.91 0.10 -12.96
N LEU R 91 -36.84 -0.66 -12.36
CA LEU R 91 -37.24 -1.93 -12.97
C LEU R 91 -38.05 -1.71 -14.24
N SER R 92 -38.55 -0.51 -14.47
CA SER R 92 -39.32 -0.19 -15.66
C SER R 92 -38.59 0.76 -16.60
N GLU R 93 -37.30 0.98 -16.38
CA GLU R 93 -36.51 1.91 -17.19
C GLU R 93 -35.48 1.11 -17.98
N ASP R 94 -35.50 1.29 -19.31
CA ASP R 94 -34.52 0.62 -20.15
C ASP R 94 -33.12 1.17 -19.90
N ASN R 95 -33.00 2.48 -19.71
CA ASN R 95 -31.72 3.13 -19.48
C ASN R 95 -31.80 3.93 -18.17
N ARG R 96 -30.84 3.70 -17.28
CA ARG R 96 -30.83 4.39 -16.01
C ARG R 96 -30.35 5.84 -16.15
N PHE R 97 -29.49 6.12 -17.12
CA PHE R 97 -29.07 7.50 -17.35
C PHE R 97 -30.24 8.37 -17.78
N GLU R 98 -31.10 7.84 -18.64
CA GLU R 98 -32.30 8.56 -19.02
C GLU R 98 -33.23 8.76 -17.84
N PHE R 99 -33.30 7.76 -16.94
CA PHE R 99 -34.10 7.92 -15.73
C PHE R 99 -33.59 9.06 -14.87
N VAL R 100 -32.26 9.12 -14.68
CA VAL R 100 -31.67 10.19 -13.88
C VAL R 100 -31.93 11.55 -14.54
N ASN R 101 -31.77 11.62 -15.86
CA ASN R 101 -32.00 12.88 -16.56
C ASN R 101 -33.46 13.33 -16.43
N SER R 102 -34.40 12.42 -16.58
CA SER R 102 -35.82 12.77 -16.45
C SER R 102 -36.15 13.20 -15.04
N VAL R 103 -35.60 12.52 -14.03
CA VAL R 103 -35.83 12.91 -12.65
C VAL R 103 -35.28 14.31 -12.39
N ALA R 104 -34.09 14.59 -12.90
CA ALA R 104 -33.50 15.92 -12.72
C ALA R 104 -34.34 16.99 -13.41
N ALA R 105 -34.83 16.70 -14.62
CA ALA R 105 -35.67 17.67 -15.32
C ALA R 105 -36.97 17.94 -14.56
N GLU R 106 -37.60 16.89 -14.03
CA GLU R 106 -38.83 17.07 -13.28
C GLU R 106 -38.58 17.86 -12.00
N ALA R 107 -37.46 17.59 -11.31
CA ALA R 107 -37.12 18.35 -10.12
C ALA R 107 -36.87 19.82 -10.47
N THR R 108 -36.20 20.07 -11.60
CA THR R 108 -35.97 21.45 -12.03
C THR R 108 -37.29 22.16 -12.28
N GLU R 109 -38.23 21.49 -12.95
CA GLU R 109 -39.55 22.09 -13.17
C GLU R 109 -40.24 22.39 -11.83
N TYR R 110 -40.16 21.45 -10.88
CA TYR R 110 -40.74 21.67 -9.56
C TYR R 110 -40.15 22.91 -8.91
N VAL R 111 -38.83 23.07 -8.98
CA VAL R 111 -38.19 24.20 -8.33
C VAL R 111 -38.56 25.51 -9.01
N GLU R 112 -38.60 25.52 -10.34
CA GLU R 112 -38.96 26.75 -11.05
C GLU R 112 -40.40 27.15 -10.76
N LYS R 113 -41.32 26.18 -10.70
CA LYS R 113 -42.72 26.52 -10.47
C LYS R 113 -42.96 27.06 -9.07
N ASN R 114 -42.45 26.37 -8.05
CA ASN R 114 -42.63 26.77 -6.65
C ASN R 114 -41.27 26.76 -5.97
N ARG R 115 -40.57 27.89 -6.05
CA ARG R 115 -39.19 27.96 -5.55
C ARG R 115 -39.12 27.82 -4.04
N ASP R 116 -40.01 28.49 -3.31
CA ASP R 116 -39.88 28.63 -1.87
C ASP R 116 -40.30 27.40 -1.09
N GLU R 117 -40.92 26.41 -1.74
CA GLU R 117 -41.35 25.21 -1.04
C GLU R 117 -40.25 24.19 -0.86
N TYR R 118 -39.10 24.36 -1.51
CA TYR R 118 -38.04 23.37 -1.50
C TYR R 118 -36.77 23.95 -0.89
N GLY R 119 -35.83 23.06 -0.59
CA GLY R 119 -34.56 23.43 0.00
C GLY R 119 -34.46 23.21 1.49
N GLY R 120 -35.59 23.09 2.18
CA GLY R 120 -35.58 22.84 3.60
C GLY R 120 -36.01 21.43 3.94
N THR R 121 -37.17 21.29 4.59
CA THR R 121 -37.69 19.97 4.91
C THR R 121 -38.17 19.23 3.67
N LYS R 122 -38.44 19.95 2.59
CA LYS R 122 -38.89 19.35 1.34
C LYS R 122 -37.79 19.50 0.29
N LYS R 123 -37.40 18.39 -0.31
CA LYS R 123 -36.39 18.37 -1.38
C LYS R 123 -37.06 18.02 -2.70
N ALA R 124 -36.65 18.71 -3.76
CA ALA R 124 -37.30 18.55 -5.06
C ALA R 124 -37.12 17.14 -5.60
N ILE R 125 -35.92 16.58 -5.50
CA ILE R 125 -35.68 15.24 -6.02
C ILE R 125 -36.46 14.21 -5.22
N PHE R 126 -36.51 14.38 -3.89
CA PHE R 126 -37.30 13.49 -3.06
C PHE R 126 -38.79 13.59 -3.41
N HIS R 127 -39.27 14.81 -3.66
CA HIS R 127 -40.65 14.99 -4.08
C HIS R 127 -40.93 14.30 -5.40
N VAL R 128 -40.00 14.41 -6.36
CA VAL R 128 -40.16 13.76 -7.65
C VAL R 128 -40.23 12.24 -7.48
N LEU R 129 -39.33 11.69 -6.66
CA LEU R 129 -39.31 10.25 -6.46
C LEU R 129 -40.60 9.78 -5.77
N SER R 130 -41.06 10.51 -4.77
CA SER R 130 -42.30 10.14 -4.10
C SER R 130 -43.48 10.20 -5.05
N ASN R 131 -43.55 11.25 -5.87
CA ASN R 131 -44.64 11.39 -6.83
C ASN R 131 -44.62 10.25 -7.85
N ARG R 132 -43.44 9.89 -8.34
CA ARG R 132 -43.34 8.78 -9.28
C ARG R 132 -43.75 7.47 -8.63
N VAL R 133 -43.42 7.28 -7.36
CA VAL R 133 -43.88 6.09 -6.65
C VAL R 133 -45.38 6.18 -6.40
N ASN R 134 -45.87 7.37 -6.04
CA ASN R 134 -47.31 7.55 -5.82
C ASN R 134 -48.10 7.36 -7.10
N ASP R 135 -47.53 7.73 -8.25
CA ASP R 135 -48.23 7.58 -9.52
C ASP R 135 -48.54 6.12 -9.84
N LEU R 136 -47.78 5.18 -9.29
CA LEU R 136 -48.05 3.77 -9.48
C LEU R 136 -49.18 3.26 -8.59
N GLY R 137 -49.67 4.08 -7.66
CA GLY R 137 -50.69 3.65 -6.74
C GLY R 137 -50.21 3.25 -5.37
N PHE R 138 -48.93 3.45 -5.06
CA PHE R 138 -48.36 3.10 -3.76
C PHE R 138 -48.20 4.37 -2.95
N ASP R 139 -48.87 4.42 -1.80
CA ASP R 139 -48.87 5.64 -0.99
C ASP R 139 -47.55 5.81 -0.27
N ARG R 140 -47.00 7.01 -0.33
CA ARG R 140 -45.76 7.36 0.34
C ARG R 140 -45.88 8.76 0.93
N PRO R 141 -45.17 9.05 2.02
CA PRO R 141 -45.12 10.42 2.53
C PRO R 141 -44.53 11.37 1.49
N GLU R 142 -44.99 12.60 1.52
CA GLU R 142 -44.59 13.59 0.52
C GLU R 142 -43.11 13.92 0.68
N ALA R 143 -42.33 13.64 -0.37
CA ALA R 143 -40.90 13.92 -0.43
C ALA R 143 -40.12 13.22 0.67
N TYR R 144 -40.69 12.17 1.26
CA TYR R 144 -40.04 11.42 2.34
C TYR R 144 -39.63 12.34 3.48
N ALA R 145 -40.47 13.33 3.76
CA ALA R 145 -40.19 14.33 4.78
C ALA R 145 -40.68 13.82 6.13
N GLU R 146 -39.76 13.65 7.08
CA GLU R 146 -40.10 13.19 8.41
C GLU R 146 -39.30 13.99 9.44
N SER R 147 -39.86 14.08 10.65
CA SER R 147 -39.22 14.78 11.75
C SER R 147 -39.34 13.92 13.00
N ASP R 148 -38.66 14.35 14.06
CA ASP R 148 -38.67 13.62 15.33
C ASP R 148 -39.74 14.19 16.24
N PRO R 149 -40.74 13.39 16.62
CA PRO R 149 -41.76 13.89 17.57
C PRO R 149 -41.24 14.03 18.99
N TYR R 150 -40.05 13.51 19.30
CA TYR R 150 -39.52 13.51 20.65
C TYR R 150 -38.51 14.61 20.90
N LYS R 151 -38.40 15.58 20.01
CA LYS R 151 -37.51 16.71 20.25
C LYS R 151 -38.01 17.50 21.45
N PRO R 152 -37.18 17.75 22.47
CA PRO R 152 -37.64 18.35 23.72
C PRO R 152 -37.74 19.88 23.67
N GLY R 153 -38.39 20.38 22.63
CA GLY R 153 -38.61 21.80 22.49
C GLY R 153 -37.61 22.44 21.53
N PRO R 154 -37.80 23.73 21.26
CA PRO R 154 -36.92 24.41 20.29
C PRO R 154 -35.51 24.57 20.83
N GLY R 155 -34.55 24.55 19.91
CA GLY R 155 -33.15 24.72 20.23
C GLY R 155 -32.40 23.43 20.50
N TYR R 156 -33.10 22.37 20.88
CA TYR R 156 -32.44 21.11 21.21
C TYR R 156 -32.13 20.34 19.94
N LEU R 157 -30.86 20.02 19.73
CA LEU R 157 -30.39 19.32 18.55
C LEU R 157 -29.99 17.90 18.94
N LYS R 158 -30.48 16.92 18.19
CA LYS R 158 -30.14 15.54 18.47
C LYS R 158 -28.65 15.30 18.23
N GLU R 159 -28.00 14.62 19.17
CA GLU R 159 -26.60 14.27 19.07
C GLU R 159 -26.49 12.80 18.68
N TYR R 160 -25.79 12.52 17.58
CA TYR R 160 -25.65 11.16 17.10
C TYR R 160 -24.81 10.32 18.05
N ILE S 193 -74.86 -14.03 37.09
CA ILE S 193 -73.87 -13.84 36.06
C ILE S 193 -72.48 -14.16 36.60
N SER S 194 -72.35 -15.30 37.26
CA SER S 194 -71.07 -15.69 37.86
C SER S 194 -70.00 -15.97 36.82
N HIS S 195 -70.39 -16.26 35.58
CA HIS S 195 -69.40 -16.55 34.54
C HIS S 195 -68.73 -15.30 34.01
N THR S 196 -69.25 -14.10 34.33
CA THR S 196 -68.62 -12.86 33.94
C THR S 196 -67.65 -12.33 34.98
N TYR S 197 -67.54 -12.99 36.13
CA TYR S 197 -66.62 -12.57 37.18
C TYR S 197 -65.23 -13.06 36.85
N GLY S 198 -64.32 -12.13 36.55
CA GLY S 198 -62.97 -12.47 36.13
C GLY S 198 -61.98 -12.51 37.28
N TRP S 199 -60.71 -12.33 36.92
CA TRP S 199 -59.61 -12.31 37.87
C TRP S 199 -58.83 -11.01 37.72
N PRO S 200 -58.37 -10.42 38.83
CA PRO S 200 -58.50 -10.85 40.23
C PRO S 200 -59.91 -10.61 40.77
N PRO S 201 -60.25 -11.20 41.92
CA PRO S 201 -61.57 -10.95 42.50
C PRO S 201 -61.78 -9.48 42.84
N LEU S 202 -63.02 -9.03 42.70
CA LEU S 202 -63.36 -7.65 43.02
C LEU S 202 -63.37 -7.43 44.52
N VAL S 203 -62.95 -6.24 44.94
CA VAL S 203 -62.95 -5.84 46.34
C VAL S 203 -63.80 -4.58 46.47
N CYS S 204 -64.74 -4.60 47.41
CA CYS S 204 -65.60 -3.46 47.67
C CYS S 204 -65.05 -2.68 48.87
N CYS S 205 -64.74 -1.41 48.64
CA CYS S 205 -64.23 -0.52 49.69
C CYS S 205 -65.37 0.42 50.08
N PHE S 206 -65.93 0.22 51.27
CA PHE S 206 -67.10 0.94 51.74
C PHE S 206 -66.66 2.06 52.67
N GLY S 207 -67.14 3.28 52.40
CA GLY S 207 -66.81 4.42 53.23
C GLY S 207 -66.99 5.76 52.55
N SER S 208 -66.04 6.66 52.74
CA SER S 208 -66.09 7.99 52.18
C SER S 208 -64.88 8.24 51.29
N ALA S 209 -65.07 9.02 50.23
CA ALA S 209 -63.98 9.41 49.34
C ALA S 209 -63.54 10.82 49.72
N GLN S 210 -62.79 10.90 50.82
CA GLN S 210 -62.28 12.17 51.29
C GLN S 210 -60.99 12.54 50.55
N HIS S 211 -60.63 13.81 50.63
CA HIS S 211 -59.42 14.34 49.99
C HIS S 211 -58.44 14.76 51.09
N ALA S 212 -57.38 13.97 51.26
CA ALA S 212 -56.33 14.27 52.24
C ALA S 212 -56.89 14.46 53.63
N PHE S 213 -57.68 13.50 54.09
CA PHE S 213 -58.30 13.54 55.40
C PHE S 213 -57.66 12.48 56.29
N VAL S 214 -57.18 12.90 57.45
CA VAL S 214 -56.45 12.04 58.38
C VAL S 214 -57.33 11.81 59.61
N PRO S 215 -57.61 10.55 59.97
CA PRO S 215 -58.44 10.29 61.16
C PRO S 215 -57.79 10.77 62.45
N SER S 216 -56.57 10.32 62.70
CA SER S 216 -55.87 10.65 63.94
C SER S 216 -54.38 10.44 63.72
N GLY S 217 -53.61 10.68 64.78
CA GLY S 217 -52.18 10.45 64.75
C GLY S 217 -51.61 10.25 66.15
N ARG S 218 -50.87 9.17 66.34
CA ARG S 218 -50.33 8.83 67.65
C ARG S 218 -48.81 8.83 67.62
N PRO S 219 -48.15 9.10 68.75
CA PRO S 219 -46.69 9.00 68.79
C PRO S 219 -46.24 7.59 68.44
N ALA S 220 -45.16 7.50 67.68
CA ALA S 220 -44.73 6.24 67.10
C ALA S 220 -43.21 6.15 67.10
N ASN S 221 -42.72 4.92 66.99
CA ASN S 221 -41.30 4.64 66.86
C ASN S 221 -41.06 3.92 65.53
N ARG S 222 -40.02 4.33 64.82
CA ARG S 222 -39.67 3.72 63.54
C ARG S 222 -38.22 3.28 63.56
N LEU S 223 -37.94 2.22 62.81
CA LEU S 223 -36.56 1.78 62.64
C LEU S 223 -35.81 2.78 61.77
N LEU S 224 -34.64 3.22 62.25
CA LEU S 224 -33.90 4.26 61.56
C LEU S 224 -32.42 4.10 61.83
N ASP S 225 -31.60 4.55 60.89
CA ASP S 225 -30.15 4.64 61.06
C ASP S 225 -29.83 6.07 61.49
N TYR S 226 -29.32 6.22 62.71
CA TYR S 226 -29.16 7.54 63.30
C TYR S 226 -27.81 8.16 63.01
N GLU S 227 -26.79 7.37 62.65
CA GLU S 227 -25.57 7.95 62.12
C GLU S 227 -25.84 8.69 60.82
N ARG S 228 -26.65 8.08 59.94
CA ARG S 228 -27.06 8.76 58.72
C ARG S 228 -27.88 10.01 59.03
N GLN S 229 -28.78 9.92 60.01
CA GLN S 229 -29.61 11.07 60.35
C GLN S 229 -28.77 12.23 60.85
N GLU S 230 -27.77 11.94 61.68
CA GLU S 230 -26.86 13.00 62.14
C GLU S 230 -26.06 13.55 60.96
N ARG S 231 -25.59 12.67 60.08
CA ARG S 231 -24.76 13.12 58.96
C ARG S 231 -25.56 13.95 57.96
N MET S 232 -26.79 13.53 57.67
CA MET S 232 -27.61 14.17 56.64
C MET S 232 -28.70 15.07 57.23
N LYS S 233 -28.50 15.56 58.46
CA LYS S 233 -29.54 16.37 59.09
C LYS S 233 -29.75 17.71 58.42
N ASP S 234 -28.78 18.19 57.64
CA ASP S 234 -28.92 19.45 56.94
C ASP S 234 -29.56 19.30 55.57
N ALA S 235 -29.75 18.07 55.08
CA ALA S 235 -30.33 17.83 53.78
C ALA S 235 -31.60 16.98 53.82
N VAL S 236 -31.80 16.19 54.86
CA VAL S 236 -32.96 15.31 54.98
C VAL S 236 -33.87 15.88 56.06
N TRP S 237 -35.13 16.12 55.70
CA TRP S 237 -36.09 16.65 56.64
C TRP S 237 -36.64 15.54 57.53
N ALA S 238 -36.74 15.81 58.83
CA ALA S 238 -37.30 14.88 59.78
C ALA S 238 -38.21 15.64 60.74
N PRO S 239 -39.28 15.00 61.21
CA PRO S 239 -40.14 15.62 62.22
C PRO S 239 -39.46 15.61 63.58
N GLU S 240 -39.69 16.68 64.35
CA GLU S 240 -39.16 16.73 65.72
C GLU S 240 -39.81 15.65 66.58
N LYS S 241 -41.11 15.43 66.40
CA LYS S 241 -41.83 14.35 67.06
C LYS S 241 -42.43 13.46 65.99
N TYR S 242 -42.07 12.17 66.00
CA TYR S 242 -42.57 11.23 65.02
C TYR S 242 -43.98 10.80 65.41
N ILE S 243 -44.97 11.24 64.65
CA ILE S 243 -46.37 10.90 64.88
C ILE S 243 -46.92 10.31 63.58
N ARG S 244 -47.56 9.15 63.69
CA ARG S 244 -47.97 8.38 62.53
C ARG S 244 -49.48 8.27 62.48
N ALA S 245 -50.06 8.62 61.33
CA ALA S 245 -51.49 8.39 61.11
C ALA S 245 -51.73 6.95 60.68
N PRO S 246 -52.84 6.35 61.13
CA PRO S 246 -53.10 4.94 60.77
C PRO S 246 -53.40 4.73 59.29
N GLY S 247 -53.81 5.76 58.57
CA GLY S 247 -54.19 5.61 57.19
C GLY S 247 -55.07 6.76 56.75
N GLY S 248 -55.94 6.48 55.78
CA GLY S 248 -56.84 7.47 55.23
C GLY S 248 -58.25 6.93 55.16
N CYS S 249 -58.95 7.33 54.10
CA CYS S 249 -60.34 6.95 53.89
C CYS S 249 -60.43 5.65 53.10
N ALA S 250 -61.66 5.21 52.82
CA ALA S 250 -61.85 4.01 52.02
C ALA S 250 -61.55 4.27 50.54
N GLY S 251 -61.79 5.49 50.07
CA GLY S 251 -61.45 5.83 48.70
C GLY S 251 -59.95 5.77 48.45
N GLY S 252 -59.16 6.19 49.44
CA GLY S 252 -57.72 6.08 49.31
C GLY S 252 -57.25 4.63 49.21
N VAL S 253 -57.85 3.74 50.01
CA VAL S 253 -57.51 2.33 49.93
C VAL S 253 -57.95 1.74 48.60
N ALA S 254 -59.09 2.18 48.08
CA ALA S 254 -59.54 1.73 46.76
C ALA S 254 -58.57 2.16 45.68
N ILE S 255 -58.10 3.41 45.75
CA ILE S 255 -57.14 3.90 44.76
C ILE S 255 -55.83 3.15 44.87
N ALA S 256 -55.34 2.92 46.09
CA ALA S 256 -54.08 2.22 46.29
C ALA S 256 -54.16 0.78 45.79
N LEU S 257 -55.28 0.10 46.07
CA LEU S 257 -55.44 -1.28 45.63
C LEU S 257 -55.47 -1.38 44.11
N ALA S 258 -56.10 -0.41 43.45
CA ALA S 258 -56.12 -0.42 41.98
C ALA S 258 -54.74 -0.23 41.41
N SER S 259 -53.91 0.61 42.05
CA SER S 259 -52.55 0.83 41.59
C SER S 259 -51.68 -0.41 41.69
N LEU S 260 -52.09 -1.39 42.50
CA LEU S 260 -51.37 -2.64 42.64
C LEU S 260 -51.79 -3.68 41.61
N GLY S 261 -52.67 -3.32 40.68
CA GLY S 261 -53.21 -4.27 39.74
C GLY S 261 -54.41 -5.05 40.22
N GLY S 262 -54.96 -4.70 41.37
CA GLY S 262 -56.15 -5.36 41.87
C GLY S 262 -57.43 -4.71 41.39
N LYS S 263 -58.53 -5.42 41.60
CA LYS S 263 -59.86 -4.94 41.23
C LYS S 263 -60.54 -4.37 42.46
N ALA S 264 -60.87 -3.08 42.41
CA ALA S 264 -61.43 -2.37 43.55
C ALA S 264 -62.66 -1.57 43.13
N ALA S 265 -63.70 -1.62 43.96
CA ALA S 265 -64.90 -0.84 43.77
C ALA S 265 -65.18 -0.04 45.04
N PHE S 266 -65.57 1.22 44.87
CA PHE S 266 -65.85 2.10 45.99
C PHE S 266 -67.36 2.26 46.15
N MET S 267 -67.84 2.00 47.37
CA MET S 267 -69.26 2.13 47.70
C MET S 267 -69.43 3.30 48.65
N GLY S 268 -70.11 4.34 48.17
CA GLY S 268 -70.29 5.54 48.97
C GLY S 268 -71.16 6.53 48.23
N LYS S 269 -71.29 7.72 48.82
CA LYS S 269 -72.12 8.77 48.26
C LYS S 269 -71.30 10.03 48.03
N LEU S 270 -71.55 10.68 46.89
CA LEU S 270 -70.92 11.95 46.56
C LEU S 270 -71.98 12.91 46.04
N GLY S 271 -71.76 14.20 46.28
CA GLY S 271 -72.68 15.22 45.79
C GLY S 271 -72.47 15.54 44.32
N ASP S 272 -73.41 16.31 43.77
CA ASP S 272 -73.36 16.73 42.39
C ASP S 272 -72.62 18.06 42.21
N ASP S 273 -72.09 18.62 43.29
CA ASP S 273 -71.35 19.87 43.21
C ASP S 273 -70.02 19.64 42.49
N ASP S 274 -69.26 20.72 42.32
CA ASP S 274 -67.99 20.62 41.62
C ASP S 274 -67.00 19.73 42.37
N PHE S 275 -66.98 19.82 43.71
CA PHE S 275 -66.09 18.98 44.49
C PHE S 275 -66.45 17.51 44.37
N GLY S 276 -67.74 17.18 44.45
CA GLY S 276 -68.16 15.80 44.33
C GLY S 276 -67.89 15.22 42.95
N GLN S 277 -68.16 16.00 41.92
CA GLN S 277 -67.88 15.55 40.56
C GLN S 277 -66.38 15.37 40.34
N ALA S 278 -65.58 16.29 40.87
CA ALA S 278 -64.12 16.15 40.76
C ALA S 278 -63.62 14.92 41.48
N MET S 279 -64.14 14.64 42.68
CA MET S 279 -63.73 13.44 43.40
C MET S 279 -64.14 12.18 42.66
N LEU S 280 -65.35 12.17 42.10
CA LEU S 280 -65.80 11.01 41.32
C LEU S 280 -64.93 10.80 40.09
N TYR S 281 -64.56 11.89 39.40
CA TYR S 281 -63.68 11.78 38.25
C TYR S 281 -62.30 11.26 38.66
N TYR S 282 -61.78 11.75 39.79
CA TYR S 282 -60.47 11.30 40.26
C TYR S 282 -60.49 9.82 40.59
N LEU S 283 -61.57 9.35 41.21
CA LEU S 283 -61.71 7.92 41.45
C LEU S 283 -61.83 7.15 40.13
N ASN S 284 -62.50 7.73 39.14
CA ASN S 284 -62.70 7.04 37.87
C ASN S 284 -61.38 6.85 37.12
N VAL S 285 -60.56 7.90 37.05
CA VAL S 285 -59.30 7.81 36.32
C VAL S 285 -58.26 6.96 37.04
N CYS S 286 -58.51 6.61 38.31
CA CYS S 286 -57.64 5.71 39.05
C CYS S 286 -58.07 4.25 38.92
N GLN S 287 -58.88 3.94 37.91
CA GLN S 287 -59.34 2.58 37.63
C GLN S 287 -60.12 1.99 38.80
N VAL S 288 -60.80 2.84 39.57
CA VAL S 288 -61.66 2.39 40.64
C VAL S 288 -63.09 2.33 40.13
N GLN S 289 -63.74 1.18 40.31
CA GLN S 289 -65.11 1.01 39.85
C GLN S 289 -66.04 1.87 40.70
N THR S 290 -66.67 2.85 40.05
CA THR S 290 -67.53 3.81 40.75
C THR S 290 -69.01 3.59 40.44
N ARG S 291 -69.36 2.42 39.92
CA ARG S 291 -70.77 2.13 39.67
C ARG S 291 -71.56 1.94 40.96
N SER S 292 -70.88 1.71 42.07
CA SER S 292 -71.51 1.62 43.38
C SER S 292 -71.54 2.95 44.11
N VAL S 293 -71.11 4.03 43.47
CA VAL S 293 -71.12 5.35 44.06
C VAL S 293 -72.47 5.99 43.76
N LYS S 294 -73.20 6.35 44.80
CA LYS S 294 -74.51 7.00 44.65
C LYS S 294 -74.33 8.51 44.67
N ILE S 295 -74.89 9.18 43.68
CA ILE S 295 -74.74 10.62 43.53
C ILE S 295 -76.04 11.29 43.97
N ASP S 296 -75.93 12.19 44.96
CA ASP S 296 -77.08 12.86 45.55
C ASP S 296 -77.05 14.33 45.16
N SER S 297 -78.15 14.81 44.58
CA SER S 297 -78.24 16.21 44.19
C SER S 297 -78.70 17.12 45.32
N LYS S 298 -79.25 16.56 46.39
CA LYS S 298 -79.74 17.34 47.52
C LYS S 298 -78.71 17.47 48.63
N ARG S 299 -77.50 16.93 48.44
CA ARG S 299 -76.47 16.93 49.46
C ARG S 299 -75.25 17.70 48.98
N VAL S 300 -74.48 18.22 49.93
CA VAL S 300 -73.26 18.96 49.65
C VAL S 300 -72.07 18.08 50.03
N THR S 301 -71.10 17.99 49.14
CA THR S 301 -69.93 17.16 49.39
C THR S 301 -69.01 17.81 50.42
N ALA S 302 -68.63 17.03 51.43
CA ALA S 302 -67.66 17.42 52.44
C ALA S 302 -68.08 18.66 53.23
N CYS S 303 -69.38 18.93 53.31
CA CYS S 303 -69.90 20.06 54.06
C CYS S 303 -71.12 19.62 54.86
N SER S 304 -71.16 20.01 56.13
CA SER S 304 -72.26 19.67 57.01
C SER S 304 -72.72 20.91 57.76
N THR S 305 -74.03 21.12 57.83
CA THR S 305 -74.59 22.21 58.62
C THR S 305 -74.63 21.79 60.08
N MET S 306 -74.10 22.65 60.95
CA MET S 306 -73.90 22.30 62.35
C MET S 306 -74.54 23.36 63.22
N LYS S 307 -75.28 22.93 64.24
CA LYS S 307 -76.01 23.83 65.14
C LYS S 307 -75.24 23.98 66.44
N ILE S 308 -74.59 25.12 66.61
CA ILE S 308 -73.76 25.39 67.79
C ILE S 308 -74.63 25.96 68.89
N SER S 309 -74.52 25.40 70.09
CA SER S 309 -75.20 25.93 71.26
C SER S 309 -74.37 27.05 71.87
N LYS S 310 -74.96 28.23 72.00
CA LYS S 310 -74.26 29.42 72.46
C LYS S 310 -74.69 29.84 73.85
N ARG S 311 -75.04 28.88 74.70
CA ARG S 311 -75.41 29.15 76.09
C ARG S 311 -74.36 28.68 77.08
N GLY S 312 -73.96 27.43 77.01
CA GLY S 312 -72.82 26.91 77.74
C GLY S 312 -71.59 26.84 76.85
N ARG S 313 -70.73 25.87 77.14
CA ARG S 313 -69.62 25.61 76.23
C ARG S 313 -70.16 25.11 74.90
N LEU S 314 -69.50 25.53 73.82
CA LEU S 314 -69.99 25.21 72.48
C LEU S 314 -69.85 23.72 72.17
N LYS S 315 -70.97 23.08 71.89
CA LYS S 315 -71.02 21.84 71.13
C LYS S 315 -71.35 22.22 69.68
N SER S 316 -71.49 21.21 68.83
CA SER S 316 -71.74 21.52 67.43
C SER S 316 -73.00 20.84 66.90
N THR S 317 -73.32 19.65 67.43
CA THR S 317 -74.62 19.02 67.27
C THR S 317 -75.04 18.97 65.78
N CYS S 318 -74.30 18.15 65.03
CA CYS S 318 -74.53 18.00 63.60
C CYS S 318 -76.01 17.82 63.27
N VAL S 319 -76.50 18.63 62.33
CA VAL S 319 -77.90 18.64 61.92
C VAL S 319 -78.08 18.00 60.55
N LYS S 320 -77.47 18.59 59.52
CA LYS S 320 -77.54 18.04 58.16
C LYS S 320 -76.19 17.46 57.78
N PRO S 321 -76.07 16.14 57.65
CA PRO S 321 -74.77 15.55 57.34
C PRO S 321 -74.31 15.92 55.93
N CYS S 322 -73.07 15.54 55.63
CA CYS S 322 -72.48 15.78 54.32
C CYS S 322 -72.98 14.73 53.34
N ALA S 323 -72.56 14.87 52.08
CA ALA S 323 -72.97 13.92 51.05
C ALA S 323 -72.47 12.51 51.36
N GLU S 324 -71.20 12.38 51.74
CA GLU S 324 -70.65 11.07 52.06
C GLU S 324 -70.88 10.68 53.50
N ASP S 325 -72.12 10.88 53.95
CA ASP S 325 -72.61 10.33 55.21
C ASP S 325 -74.07 9.92 55.14
N SER S 326 -74.70 10.02 53.98
CA SER S 326 -76.14 9.85 53.83
C SER S 326 -76.49 8.72 52.88
N LEU S 327 -75.66 7.69 52.82
CA LEU S 327 -75.94 6.52 52.00
C LEU S 327 -76.97 5.66 52.73
N SER S 328 -78.17 5.55 52.15
CA SER S 328 -79.24 4.78 52.76
C SER S 328 -79.07 3.29 52.43
N LYS S 329 -79.81 2.46 53.17
CA LYS S 329 -79.77 1.02 52.92
C LYS S 329 -80.29 0.67 51.53
N SER S 330 -81.21 1.48 51.00
CA SER S 330 -81.72 1.25 49.66
C SER S 330 -80.72 1.62 48.57
N GLU S 331 -79.77 2.51 48.88
CA GLU S 331 -78.77 2.94 47.92
C GLU S 331 -77.57 2.00 47.84
N ILE S 332 -77.50 0.98 48.70
CA ILE S 332 -76.43 0.01 48.63
C ILE S 332 -76.56 -0.77 47.33
N ASN S 333 -75.48 -0.81 46.55
CA ASN S 333 -75.44 -1.58 45.32
C ASN S 333 -75.17 -3.03 45.65
N VAL S 334 -76.18 -3.89 45.48
CA VAL S 334 -76.03 -5.29 45.84
C VAL S 334 -75.30 -6.09 44.76
N ASP S 335 -75.32 -5.64 43.50
CA ASP S 335 -74.64 -6.36 42.44
C ASP S 335 -73.14 -6.44 42.71
N VAL S 336 -72.53 -5.31 43.09
CA VAL S 336 -71.11 -5.31 43.40
C VAL S 336 -70.84 -6.15 44.65
N LEU S 337 -71.82 -6.25 45.55
CA LEU S 337 -71.64 -7.09 46.74
C LEU S 337 -71.65 -8.56 46.38
N LYS S 338 -72.47 -8.96 45.39
CA LYS S 338 -72.41 -10.33 44.90
C LYS S 338 -71.10 -10.59 44.17
N GLU S 339 -70.68 -9.67 43.31
CA GLU S 339 -69.45 -9.87 42.54
C GLU S 339 -68.22 -9.87 43.45
N ALA S 340 -68.17 -8.96 44.42
CA ALA S 340 -66.98 -8.84 45.26
C ALA S 340 -66.78 -10.08 46.11
N LYS S 341 -65.51 -10.41 46.36
CA LYS S 341 -65.14 -11.52 47.22
C LYS S 341 -64.61 -11.08 48.57
N MET S 342 -64.35 -9.78 48.75
CA MET S 342 -63.90 -9.24 50.02
C MET S 342 -64.57 -7.89 50.24
N PHE S 343 -65.00 -7.64 51.47
CA PHE S 343 -65.64 -6.39 51.85
C PHE S 343 -64.75 -5.63 52.80
N TYR S 344 -64.49 -4.36 52.47
CA TYR S 344 -63.60 -3.51 53.26
C TYR S 344 -64.38 -2.32 53.80
N PHE S 345 -64.13 -1.96 55.05
CA PHE S 345 -64.77 -0.80 55.67
C PHE S 345 -63.89 -0.32 56.81
N THR S 346 -64.17 0.90 57.26
CA THR S 346 -63.42 1.54 58.34
C THR S 346 -64.38 2.02 59.41
N THR S 347 -63.81 2.49 60.53
CA THR S 347 -64.59 2.96 61.65
C THR S 347 -65.17 4.36 61.45
N HIS S 348 -64.71 5.10 60.44
CA HIS S 348 -65.29 6.40 60.16
C HIS S 348 -66.75 6.29 59.74
N SER S 349 -67.18 5.13 59.24
CA SER S 349 -68.55 4.94 58.82
C SER S 349 -69.51 4.68 59.98
N LEU S 350 -68.99 4.41 61.18
CA LEU S 350 -69.82 4.15 62.34
C LEU S 350 -70.06 5.39 63.19
N LEU S 351 -69.55 6.55 62.78
CA LEU S 351 -69.72 7.76 63.57
C LEU S 351 -71.14 8.31 63.48
N ASP S 352 -71.76 8.22 62.30
CA ASP S 352 -73.14 8.65 62.11
C ASP S 352 -74.08 7.46 62.28
N LYS S 353 -75.22 7.71 62.91
CA LYS S 353 -76.17 6.62 63.18
C LYS S 353 -76.71 6.01 61.90
N LYS S 354 -77.10 6.83 60.93
CA LYS S 354 -77.58 6.31 59.66
C LYS S 354 -76.44 5.64 58.89
N MET S 355 -75.26 6.24 58.93
CA MET S 355 -74.09 5.62 58.31
C MET S 355 -73.76 4.30 58.97
N MET S 356 -73.87 4.24 60.31
CA MET S 356 -73.63 2.98 61.02
C MET S 356 -74.62 1.91 60.61
N SER S 357 -75.91 2.28 60.50
CA SER S 357 -76.91 1.31 60.08
C SER S 357 -76.64 0.81 58.66
N THR S 358 -76.27 1.72 57.75
CA THR S 358 -75.93 1.33 56.39
C THR S 358 -74.72 0.39 56.37
N THR S 359 -73.70 0.70 57.18
CA THR S 359 -72.52 -0.15 57.24
C THR S 359 -72.87 -1.54 57.76
N LEU S 360 -73.70 -1.61 58.81
CA LEU S 360 -74.12 -2.90 59.34
C LEU S 360 -74.88 -3.70 58.29
N GLN S 361 -75.79 -3.04 57.57
CA GLN S 361 -76.54 -3.73 56.53
C GLN S 361 -75.62 -4.25 55.43
N ALA S 362 -74.66 -3.44 55.00
CA ALA S 362 -73.74 -3.85 53.95
C ALA S 362 -72.88 -5.02 54.41
N ILE S 363 -72.38 -4.97 55.65
CA ILE S 363 -71.57 -6.06 56.17
C ILE S 363 -72.38 -7.34 56.22
N LYS S 364 -73.62 -7.26 56.71
CA LYS S 364 -74.46 -8.45 56.80
C LYS S 364 -74.75 -9.02 55.41
N ILE S 365 -75.09 -8.16 54.45
CA ILE S 365 -75.38 -8.63 53.09
C ILE S 365 -74.16 -9.30 52.49
N SER S 366 -72.98 -8.70 52.65
CA SER S 366 -71.76 -9.31 52.13
C SER S 366 -71.48 -10.64 52.81
N LYS S 367 -71.75 -10.73 54.11
CA LYS S 367 -71.55 -11.99 54.83
C LYS S 367 -72.47 -13.08 54.29
N GLN S 368 -73.73 -12.73 53.98
CA GLN S 368 -74.64 -13.73 53.42
C GLN S 368 -74.14 -14.26 52.09
N LEU S 369 -73.56 -13.39 51.26
CA LEU S 369 -73.05 -13.79 49.95
C LEU S 369 -71.66 -14.41 50.02
N GLY S 370 -71.22 -14.84 51.19
CA GLY S 370 -69.94 -15.53 51.33
C GLY S 370 -68.72 -14.70 51.03
N ASN S 371 -68.66 -13.48 51.54
CA ASN S 371 -67.51 -12.60 51.37
C ASN S 371 -66.67 -12.59 52.64
N VAL S 372 -65.40 -12.23 52.47
CA VAL S 372 -64.49 -12.05 53.59
C VAL S 372 -64.53 -10.60 54.02
N ILE S 373 -64.79 -10.36 55.29
CA ILE S 373 -64.97 -9.01 55.83
C ILE S 373 -63.64 -8.53 56.37
N PHE S 374 -63.16 -7.42 55.82
CA PHE S 374 -61.91 -6.79 56.25
C PHE S 374 -62.26 -5.52 57.01
N TYR S 375 -61.91 -5.48 58.28
CA TYR S 375 -62.17 -4.32 59.13
C TYR S 375 -60.86 -3.61 59.40
N ASP S 376 -60.69 -2.43 58.82
CA ASP S 376 -59.55 -1.57 59.08
C ASP S 376 -59.99 -0.53 60.11
N LEU S 377 -59.46 -0.64 61.33
CA LEU S 377 -59.94 0.18 62.43
C LEU S 377 -59.78 1.66 62.12
N ASN S 378 -58.55 2.14 61.98
CA ASN S 378 -58.27 3.55 61.71
C ASN S 378 -59.08 4.46 62.63
N LEU S 379 -58.78 4.33 63.92
CA LEU S 379 -59.61 4.94 64.96
C LEU S 379 -59.69 6.45 64.78
N PRO S 380 -60.89 7.02 64.66
CA PRO S 380 -61.01 8.47 64.45
C PRO S 380 -60.57 9.25 65.69
N LEU S 381 -60.50 10.56 65.49
CA LEU S 381 -60.00 11.45 66.55
C LEU S 381 -60.86 11.43 67.82
N PRO S 382 -62.18 11.59 67.77
CA PRO S 382 -62.94 11.66 69.03
C PRO S 382 -62.97 10.37 69.83
N LEU S 383 -62.65 9.23 69.22
CA LEU S 383 -62.75 7.94 69.88
C LEU S 383 -61.48 7.54 70.63
N TRP S 384 -60.47 8.40 70.68
CA TRP S 384 -59.21 8.06 71.31
C TRP S 384 -59.22 8.30 72.82
N GLN S 385 -60.32 8.81 73.36
CA GLN S 385 -60.54 8.85 74.80
C GLN S 385 -61.81 8.09 75.13
N SER S 386 -61.90 7.62 76.38
CA SER S 386 -63.01 6.79 76.84
C SER S 386 -63.10 5.49 76.01
N LEU S 387 -62.07 4.67 76.22
CA LEU S 387 -61.95 3.36 75.58
C LEU S 387 -63.27 2.59 75.62
N GLU S 388 -64.05 2.77 76.69
CA GLU S 388 -65.28 2.02 76.86
C GLU S 388 -66.30 2.34 75.77
N GLU S 389 -66.48 3.62 75.44
CA GLU S 389 -67.45 3.95 74.39
C GLU S 389 -66.95 3.53 73.01
N THR S 390 -65.63 3.55 72.80
CA THR S 390 -65.07 3.01 71.56
C THR S 390 -65.40 1.52 71.43
N LYS S 391 -65.23 0.76 72.51
CA LYS S 391 -65.59 -0.65 72.49
C LYS S 391 -67.09 -0.83 72.25
N SER S 392 -67.91 0.01 72.89
CA SER S 392 -69.35 -0.10 72.70
C SER S 392 -69.72 0.16 71.24
N LEU S 393 -69.04 1.11 70.59
CA LEU S 393 -69.33 1.41 69.19
C LEU S 393 -68.88 0.29 68.27
N ILE S 394 -67.69 -0.26 68.50
CA ILE S 394 -67.09 -1.17 67.53
C ILE S 394 -67.27 -2.65 67.89
N GLN S 395 -68.01 -2.96 68.95
CA GLN S 395 -68.13 -4.36 69.36
C GLN S 395 -68.86 -5.19 68.31
N GLU S 396 -69.93 -4.66 67.73
CA GLU S 396 -70.72 -5.45 66.80
C GLU S 396 -69.97 -5.71 65.49
N VAL S 397 -69.34 -4.68 64.93
CA VAL S 397 -68.59 -4.85 63.69
C VAL S 397 -67.34 -5.69 63.92
N TRP S 398 -66.78 -5.65 65.12
CA TRP S 398 -65.57 -6.43 65.40
C TRP S 398 -65.84 -7.92 65.29
N ASP S 399 -67.02 -8.37 65.71
CA ASP S 399 -67.35 -9.79 65.66
C ASP S 399 -67.77 -10.26 64.27
N LEU S 400 -68.00 -9.34 63.34
CA LEU S 400 -68.41 -9.69 61.98
C LEU S 400 -67.26 -9.64 60.98
N ALA S 401 -66.03 -9.48 61.45
CA ALA S 401 -64.87 -9.30 60.59
C ALA S 401 -64.01 -10.55 60.60
N ASP S 402 -63.58 -10.98 59.41
CA ASP S 402 -62.67 -12.11 59.28
C ASP S 402 -61.21 -11.68 59.40
N VAL S 403 -60.86 -10.53 58.84
CA VAL S 403 -59.52 -9.96 58.93
C VAL S 403 -59.64 -8.57 59.52
N ILE S 404 -58.82 -8.29 60.53
CA ILE S 404 -58.79 -6.99 61.19
C ILE S 404 -57.37 -6.47 61.17
N GLU S 405 -57.19 -5.21 60.76
CA GLU S 405 -55.90 -4.55 60.79
C GLU S 405 -55.97 -3.39 61.76
N VAL S 406 -55.07 -3.39 62.74
CA VAL S 406 -54.94 -2.31 63.70
C VAL S 406 -53.47 -1.92 63.79
N THR S 407 -53.23 -0.70 64.25
CA THR S 407 -51.87 -0.28 64.53
C THR S 407 -51.43 -0.82 65.89
N LYS S 408 -50.14 -0.65 66.19
CA LYS S 408 -49.65 -0.98 67.52
C LYS S 408 -50.32 -0.12 68.58
N GLN S 409 -50.46 1.17 68.30
CA GLN S 409 -51.13 2.08 69.22
C GLN S 409 -52.59 1.70 69.40
N GLU S 410 -53.27 1.36 68.30
CA GLU S 410 -54.67 0.96 68.40
C GLU S 410 -54.83 -0.33 69.19
N LEU S 411 -53.94 -1.30 68.98
CA LEU S 411 -54.01 -2.53 69.74
C LEU S 411 -53.77 -2.29 71.22
N GLU S 412 -52.80 -1.43 71.55
CA GLU S 412 -52.56 -1.09 72.95
C GLU S 412 -53.76 -0.39 73.57
N PHE S 413 -54.39 0.52 72.81
CA PHE S 413 -55.57 1.22 73.30
C PHE S 413 -56.73 0.27 73.56
N LEU S 414 -56.95 -0.67 72.64
CA LEU S 414 -58.05 -1.61 72.79
C LEU S 414 -57.79 -2.67 73.86
N CYS S 415 -56.52 -2.95 74.16
CA CYS S 415 -56.15 -3.93 75.17
C CYS S 415 -55.87 -3.29 76.53
N GLY S 416 -56.04 -1.97 76.65
CA GLY S 416 -55.77 -1.29 77.90
C GLY S 416 -54.32 -1.35 78.33
N ILE S 417 -53.41 -1.10 77.40
CA ILE S 417 -51.97 -1.15 77.66
C ILE S 417 -51.41 0.26 77.55
N GLU S 418 -50.68 0.68 78.58
CA GLU S 418 -50.02 1.98 78.58
C GLU S 418 -48.65 1.80 77.94
N PRO S 419 -48.33 2.50 76.85
CA PRO S 419 -46.99 2.38 76.25
C PRO S 419 -45.87 2.72 77.22
N THR S 420 -45.07 1.72 77.57
CA THR S 420 -43.94 1.91 78.49
C THR S 420 -42.66 2.28 77.78
N GLU S 421 -42.62 2.23 76.46
CA GLU S 421 -41.40 2.52 75.73
C GLU S 421 -41.12 4.02 75.69
N GLU S 422 -39.95 4.37 75.19
CA GLU S 422 -39.50 5.74 75.08
C GLU S 422 -39.63 6.21 73.62
N PHE S 423 -40.01 7.47 73.45
CA PHE S 423 -40.26 8.04 72.13
C PHE S 423 -39.23 9.09 71.79
N ASP S 424 -38.91 9.18 70.49
CA ASP S 424 -38.04 10.22 69.94
C ASP S 424 -36.65 10.19 70.56
N THR S 425 -36.11 8.99 70.74
CA THR S 425 -34.75 8.79 71.19
C THR S 425 -33.96 8.06 70.12
N LYS S 426 -32.71 8.49 69.92
CA LYS S 426 -31.91 8.05 68.77
C LYS S 426 -31.29 6.68 69.06
N ASN S 427 -32.15 5.66 69.01
CA ASN S 427 -31.72 4.28 69.10
C ASN S 427 -32.84 3.39 68.56
N ASN S 428 -32.53 2.10 68.42
CA ASN S 428 -33.47 1.12 67.85
C ASN S 428 -33.60 -0.07 68.78
N ASP S 429 -33.80 0.19 70.07
CA ASP S 429 -33.91 -0.90 71.03
C ASP S 429 -35.19 -1.69 70.80
N SER S 430 -35.10 -3.00 71.08
CA SER S 430 -36.21 -3.92 70.79
C SER S 430 -37.45 -3.62 71.61
N SER S 431 -37.33 -2.85 72.70
CA SER S 431 -38.50 -2.50 73.50
C SER S 431 -39.47 -1.63 72.72
N LYS S 432 -39.00 -0.90 71.71
CA LYS S 432 -39.88 -0.09 70.88
C LYS S 432 -40.66 -0.93 69.87
N PHE S 433 -40.19 -2.14 69.58
CA PHE S 433 -40.84 -3.05 68.62
C PHE S 433 -40.99 -4.40 69.30
N VAL S 434 -42.07 -4.56 70.06
CA VAL S 434 -42.31 -5.77 70.84
C VAL S 434 -43.44 -6.56 70.18
N HIS S 435 -43.23 -7.87 70.05
CA HIS S 435 -44.23 -8.76 69.48
C HIS S 435 -45.05 -9.32 70.64
N TYR S 436 -46.24 -8.77 70.83
CA TYR S 436 -47.11 -9.21 71.92
C TYR S 436 -47.50 -10.67 71.74
N GLU S 437 -47.51 -11.41 72.84
CA GLU S 437 -47.89 -12.80 72.79
C GLU S 437 -49.38 -12.93 72.46
N PRO S 438 -49.80 -14.08 71.92
CA PRO S 438 -51.22 -14.26 71.61
C PRO S 438 -52.12 -14.14 72.83
N GLU S 439 -51.59 -14.30 74.03
CA GLU S 439 -52.38 -14.08 75.24
C GLU S 439 -52.79 -12.62 75.38
N THR S 440 -51.92 -11.69 74.97
CA THR S 440 -52.27 -10.28 75.01
C THR S 440 -53.43 -9.97 74.08
N VAL S 441 -53.42 -10.54 72.87
CA VAL S 441 -54.52 -10.33 71.92
C VAL S 441 -55.65 -11.33 72.11
N GLU S 442 -55.58 -12.17 73.14
CA GLU S 442 -56.65 -13.14 73.40
C GLU S 442 -58.00 -12.49 73.66
N PRO S 443 -58.12 -11.44 74.50
CA PRO S 443 -59.46 -10.86 74.72
C PRO S 443 -60.11 -10.32 73.45
N LEU S 444 -59.32 -9.87 72.48
CA LEU S 444 -59.88 -9.30 71.26
C LEU S 444 -60.33 -10.35 70.26
N TRP S 445 -59.94 -11.61 70.43
CA TRP S 445 -60.28 -12.65 69.48
C TRP S 445 -61.75 -13.05 69.62
N HIS S 446 -62.31 -13.55 68.53
CA HIS S 446 -63.68 -14.06 68.52
C HIS S 446 -63.73 -15.29 67.62
N GLU S 447 -64.94 -15.81 67.41
CA GLU S 447 -65.10 -17.12 66.77
C GLU S 447 -64.69 -17.08 65.31
N ASN S 448 -65.13 -16.05 64.57
CA ASN S 448 -64.96 -16.02 63.13
C ASN S 448 -63.72 -15.25 62.70
N LEU S 449 -62.88 -14.80 63.62
CA LEU S 449 -61.66 -14.10 63.25
C LEU S 449 -60.64 -15.08 62.69
N LYS S 450 -60.04 -14.73 61.55
CA LYS S 450 -59.01 -15.56 60.93
C LYS S 450 -57.61 -14.99 61.13
N ILE S 451 -57.39 -13.73 60.73
CA ILE S 451 -56.10 -13.08 60.85
C ILE S 451 -56.28 -11.73 61.52
N LEU S 452 -55.36 -11.39 62.42
CA LEU S 452 -55.25 -10.04 62.97
C LEU S 452 -53.88 -9.50 62.59
N PHE S 453 -53.86 -8.35 61.94
CA PHE S 453 -52.63 -7.69 61.52
C PHE S 453 -52.38 -6.48 62.41
N VAL S 454 -51.22 -6.46 63.07
CA VAL S 454 -50.79 -5.34 63.89
C VAL S 454 -49.60 -4.70 63.20
N THR S 455 -49.76 -3.47 62.75
CA THR S 455 -48.75 -2.78 61.96
C THR S 455 -48.12 -1.66 62.77
N ASN S 456 -46.81 -1.48 62.58
CA ASN S 456 -46.07 -0.41 63.21
C ASN S 456 -45.52 0.50 62.12
N GLY S 457 -46.37 0.85 61.16
CA GLY S 457 -45.89 1.46 59.94
C GLY S 457 -45.29 0.41 59.01
N THR S 458 -44.31 0.84 58.22
CA THR S 458 -43.57 -0.09 57.40
C THR S 458 -42.36 -0.68 58.10
N SER S 459 -42.17 -0.35 59.38
CA SER S 459 -41.05 -0.91 60.14
C SER S 459 -41.30 -2.37 60.51
N LYS S 460 -42.51 -2.70 60.95
CA LYS S 460 -42.80 -4.04 61.43
C LYS S 460 -44.29 -4.31 61.31
N ILE S 461 -44.63 -5.53 60.90
CA ILE S 461 -46.00 -5.99 60.81
C ILE S 461 -46.12 -7.32 61.53
N HIS S 462 -47.05 -7.40 62.48
CA HIS S 462 -47.29 -8.61 63.26
C HIS S 462 -48.61 -9.23 62.81
N TYR S 463 -48.60 -10.53 62.56
CA TYR S 463 -49.81 -11.25 62.19
C TYR S 463 -50.12 -12.29 63.26
N TYR S 464 -51.42 -12.46 63.53
CA TYR S 464 -51.88 -13.40 64.54
C TYR S 464 -52.98 -14.29 63.95
N THR S 465 -52.84 -15.59 64.14
CA THR S 465 -53.87 -16.56 63.85
C THR S 465 -54.11 -17.40 65.10
N LYS S 466 -54.97 -18.41 64.98
CA LYS S 466 -55.21 -19.31 66.10
C LYS S 466 -54.17 -20.42 66.20
N GLU S 467 -53.32 -20.59 65.18
CA GLU S 467 -52.28 -21.60 65.19
C GLU S 467 -50.88 -21.05 64.98
N HIS S 468 -50.73 -19.90 64.33
CA HIS S 468 -49.43 -19.31 64.07
C HIS S 468 -49.45 -17.83 64.42
N ASN S 469 -48.28 -17.31 64.78
CA ASN S 469 -48.10 -15.89 65.02
C ASN S 469 -46.65 -15.54 64.74
N GLY S 470 -46.43 -14.31 64.29
CA GLY S 470 -45.08 -13.88 63.98
C GLY S 470 -45.09 -12.45 63.49
N ALA S 471 -43.88 -11.97 63.19
CA ALA S 471 -43.69 -10.60 62.72
C ALA S 471 -42.70 -10.59 61.58
N VAL S 472 -42.80 -9.55 60.75
CA VAL S 472 -41.90 -9.34 59.62
C VAL S 472 -41.33 -7.94 59.73
N LEU S 473 -40.01 -7.83 59.67
CA LEU S 473 -39.34 -6.53 59.74
C LEU S 473 -39.37 -5.85 58.38
N GLY S 474 -39.36 -4.52 58.40
CA GLY S 474 -39.49 -3.74 57.19
C GLY S 474 -38.48 -2.59 57.16
N MET S 475 -38.92 -1.48 56.57
CA MET S 475 -38.07 -0.33 56.34
C MET S 475 -38.92 0.94 56.39
N GLU S 476 -38.46 1.93 57.15
CA GLU S 476 -39.19 3.20 57.25
C GLU S 476 -38.28 4.40 57.09
N ASP S 477 -37.12 4.24 56.47
CA ASP S 477 -36.25 5.38 56.14
C ASP S 477 -36.55 5.86 54.73
N VAL S 478 -37.81 6.22 54.52
CA VAL S 478 -38.29 6.72 53.23
C VAL S 478 -38.19 8.24 53.25
N PRO S 479 -38.16 8.90 52.10
CA PRO S 479 -38.18 10.37 52.11
C PRO S 479 -39.49 10.89 52.68
N ILE S 480 -39.37 11.82 53.63
CA ILE S 480 -40.52 12.41 54.29
C ILE S 480 -40.45 13.92 54.10
N THR S 481 -41.61 14.52 53.87
CA THR S 481 -41.79 15.93 53.59
C THR S 481 -42.81 16.50 54.55
N PRO S 482 -42.67 17.78 54.93
CA PRO S 482 -43.70 18.41 55.77
C PRO S 482 -45.11 18.23 55.27
N PHE S 483 -45.29 18.06 53.95
CA PHE S 483 -46.59 17.77 53.38
C PHE S 483 -46.99 16.31 53.49
N THR S 484 -46.05 15.42 53.81
CA THR S 484 -46.32 13.98 53.87
C THR S 484 -45.90 13.36 55.20
N ARG S 485 -45.85 14.16 56.27
CA ARG S 485 -45.27 13.69 57.53
C ARG S 485 -46.16 12.70 58.27
N ASP S 486 -47.48 12.72 58.02
CA ASP S 486 -48.38 11.86 58.77
C ASP S 486 -48.22 10.38 58.44
N MET S 487 -47.59 10.06 57.31
CA MET S 487 -47.32 8.68 56.90
C MET S 487 -48.61 7.88 56.69
N SER S 488 -49.69 8.54 56.28
CA SER S 488 -50.93 7.84 55.99
C SER S 488 -50.86 7.07 54.67
N ALA S 489 -50.04 7.55 53.72
CA ALA S 489 -49.86 6.84 52.47
C ALA S 489 -49.27 5.45 52.72
N SER S 490 -48.34 5.35 53.67
CA SER S 490 -47.78 4.05 54.02
C SER S 490 -48.86 3.11 54.54
N GLY S 491 -49.75 3.62 55.39
CA GLY S 491 -50.82 2.78 55.90
C GLY S 491 -51.77 2.32 54.81
N ASP S 492 -52.14 3.24 53.91
CA ASP S 492 -53.00 2.86 52.79
C ASP S 492 -52.34 1.80 51.92
N GLY S 493 -51.04 1.96 51.63
CA GLY S 493 -50.33 0.97 50.84
C GLY S 493 -50.23 -0.37 51.53
N ILE S 494 -50.00 -0.37 52.84
CA ILE S 494 -49.92 -1.63 53.59
C ILE S 494 -51.25 -2.35 53.54
N VAL S 495 -52.35 -1.63 53.78
CA VAL S 495 -53.67 -2.25 53.75
C VAL S 495 -53.99 -2.76 52.35
N ALA S 496 -53.64 -1.99 51.32
CA ALA S 496 -53.89 -2.42 49.96
C ALA S 496 -53.11 -3.69 49.61
N GLY S 497 -51.85 -3.76 50.01
CA GLY S 497 -51.06 -4.96 49.77
C GLY S 497 -51.62 -6.18 50.50
N LEU S 498 -52.02 -5.99 51.76
CA LEU S 498 -52.62 -7.08 52.51
C LEU S 498 -53.89 -7.59 51.82
N ILE S 499 -54.75 -6.66 51.40
CA ILE S 499 -55.99 -7.05 50.73
C ILE S 499 -55.69 -7.78 49.43
N ARG S 500 -54.74 -7.25 48.64
CA ARG S 500 -54.39 -7.87 47.37
C ARG S 500 -53.93 -9.31 47.56
N MET S 501 -52.98 -9.52 48.48
CA MET S 501 -52.46 -10.86 48.66
C MET S 501 -53.48 -11.80 49.30
N LEU S 502 -54.34 -11.31 50.18
CA LEU S 502 -55.36 -12.18 50.75
C LEU S 502 -56.40 -12.56 49.71
N THR S 503 -56.69 -11.67 48.76
CA THR S 503 -57.70 -11.97 47.74
C THR S 503 -57.15 -12.89 46.66
N VAL S 504 -55.88 -12.74 46.28
CA VAL S 504 -55.38 -13.55 45.17
C VAL S 504 -55.28 -15.02 45.56
N GLN S 505 -54.97 -15.31 46.83
CA GLN S 505 -54.88 -16.67 47.33
C GLN S 505 -55.69 -16.78 48.62
N PRO S 506 -57.03 -16.85 48.51
CA PRO S 506 -57.86 -16.86 49.72
C PRO S 506 -57.80 -18.17 50.51
N ASP S 507 -57.27 -19.25 49.94
CA ASP S 507 -57.20 -20.52 50.63
C ASP S 507 -55.94 -20.66 51.48
N LEU S 508 -55.06 -19.66 51.50
CA LEU S 508 -53.83 -19.69 52.26
C LEU S 508 -53.85 -18.69 53.42
N MET S 509 -55.04 -18.38 53.93
CA MET S 509 -55.14 -17.45 55.06
C MET S 509 -54.56 -18.02 56.34
N ASN S 510 -54.32 -19.34 56.39
CA ASN S 510 -53.72 -19.98 57.55
C ASN S 510 -52.29 -20.43 57.30
N ASP S 511 -51.76 -20.25 56.10
CA ASP S 511 -50.40 -20.67 55.78
C ASP S 511 -49.41 -19.65 56.35
N LYS S 512 -48.50 -20.13 57.20
CA LYS S 512 -47.56 -19.21 57.85
C LYS S 512 -46.63 -18.56 56.85
N GLY S 513 -46.10 -19.33 55.89
CA GLY S 513 -45.21 -18.75 54.89
C GLY S 513 -45.90 -17.73 54.03
N TYR S 514 -47.15 -18.02 53.62
CA TYR S 514 -47.90 -17.05 52.84
C TYR S 514 -48.22 -15.80 53.65
N LEU S 515 -48.46 -15.94 54.96
CA LEU S 515 -48.68 -14.75 55.79
C LEU S 515 -47.42 -13.91 55.91
N GLU S 516 -46.26 -14.55 56.06
CA GLU S 516 -45.00 -13.80 56.07
C GLU S 516 -44.78 -13.07 54.76
N ARG S 517 -45.02 -13.76 53.64
CA ARG S 517 -44.82 -13.13 52.33
C ARG S 517 -45.81 -11.99 52.13
N THR S 518 -47.04 -12.16 52.61
CA THR S 518 -48.04 -11.09 52.54
C THR S 518 -47.62 -9.87 53.34
N ALA S 519 -47.09 -10.09 54.55
CA ALA S 519 -46.61 -8.97 55.35
C ALA S 519 -45.46 -8.25 54.67
N ARG S 520 -44.52 -9.00 54.09
CA ARG S 520 -43.41 -8.37 53.37
C ARG S 520 -43.92 -7.56 52.18
N TYR S 521 -44.88 -8.11 51.43
CA TYR S 521 -45.44 -7.41 50.28
C TYR S 521 -46.14 -6.13 50.71
N ALA S 522 -46.88 -6.18 51.83
CA ALA S 522 -47.54 -4.98 52.33
C ALA S 522 -46.53 -3.92 52.76
N ILE S 523 -45.44 -4.34 53.40
CA ILE S 523 -44.39 -3.40 53.77
C ILE S 523 -43.83 -2.72 52.52
N GLU S 524 -43.55 -3.51 51.48
CA GLU S 524 -43.00 -2.95 50.24
C GLU S 524 -43.99 -1.97 49.60
N CYS S 525 -45.27 -2.32 49.60
CA CYS S 525 -46.29 -1.44 49.02
C CYS S 525 -46.38 -0.13 49.77
N GLY S 526 -46.36 -0.18 51.10
CA GLY S 526 -46.38 1.04 51.88
C GLY S 526 -45.17 1.91 51.65
N VAL S 527 -43.98 1.29 51.56
CA VAL S 527 -42.75 2.05 51.29
C VAL S 527 -42.85 2.75 49.95
N VAL S 528 -43.30 2.02 48.92
CA VAL S 528 -43.40 2.61 47.59
C VAL S 528 -44.40 3.75 47.58
N ASP S 529 -45.54 3.58 48.24
CA ASP S 529 -46.55 4.62 48.27
C ASP S 529 -46.04 5.88 48.97
N GLN S 530 -45.34 5.71 50.09
CA GLN S 530 -44.79 6.87 50.78
C GLN S 530 -43.75 7.59 49.93
N TRP S 531 -42.88 6.83 49.26
CA TRP S 531 -41.88 7.43 48.39
C TRP S 531 -42.54 8.23 47.27
N LEU S 532 -43.56 7.65 46.64
CA LEU S 532 -44.27 8.33 45.56
C LEU S 532 -44.96 9.59 46.04
N LEU S 533 -45.58 9.53 47.22
CA LEU S 533 -46.25 10.73 47.74
C LEU S 533 -45.24 11.83 48.05
N ALA S 534 -44.08 11.46 48.61
CA ALA S 534 -43.05 12.45 48.86
C ALA S 534 -42.59 13.10 47.57
N GLN S 535 -42.43 12.31 46.51
CA GLN S 535 -42.03 12.90 45.23
C GLN S 535 -43.12 13.81 44.66
N THR S 536 -44.39 13.40 44.78
CA THR S 536 -45.47 14.17 44.17
C THR S 536 -45.69 15.49 44.88
N ARG S 537 -45.79 15.48 46.22
CA ARG S 537 -46.17 16.68 46.93
C ARG S 537 -45.03 17.69 47.02
N GLY S 538 -43.81 17.23 47.25
CA GLY S 538 -42.68 18.13 47.33
C GLY S 538 -42.67 18.95 48.61
N TYR S 539 -41.56 19.65 48.87
CA TYR S 539 -41.39 20.40 50.11
C TYR S 539 -42.05 21.77 50.05
N PRO S 540 -42.50 22.30 51.18
CA PRO S 540 -42.92 23.69 51.22
C PRO S 540 -41.73 24.62 51.05
N PRO S 541 -41.94 25.81 50.49
CA PRO S 541 -40.84 26.75 50.27
C PRO S 541 -40.45 27.51 51.54
N ASN S 562 -56.23 28.15 44.19
CA ASN S 562 -55.52 27.39 45.22
C ASN S 562 -54.10 27.88 45.40
N GLY S 563 -53.81 28.51 46.53
CA GLY S 563 -52.46 28.95 46.80
C GLY S 563 -51.65 27.87 47.48
N ILE S 564 -50.89 27.12 46.67
CA ILE S 564 -50.08 26.01 47.17
C ILE S 564 -48.77 26.04 46.40
N ARG S 565 -47.69 26.44 47.07
CA ARG S 565 -46.36 26.48 46.47
C ARG S 565 -45.53 25.35 47.08
N SER S 566 -44.84 24.60 46.22
CA SER S 566 -43.98 23.52 46.67
C SER S 566 -42.68 23.56 45.88
N ILE S 567 -41.62 23.07 46.51
CA ILE S 567 -40.32 22.96 45.88
C ILE S 567 -39.90 21.49 45.87
N THR S 568 -39.04 21.15 44.91
CA THR S 568 -38.58 19.79 44.79
C THR S 568 -37.54 19.48 45.85
N GLU S 569 -37.21 18.19 45.98
CA GLU S 569 -36.13 17.78 46.87
C GLU S 569 -34.80 18.37 46.42
N ARG S 570 -34.62 18.55 45.11
CA ARG S 570 -33.41 19.18 44.60
C ARG S 570 -33.32 20.64 45.05
N GLU S 571 -34.43 21.37 45.01
CA GLU S 571 -34.43 22.75 45.47
C GLU S 571 -34.32 22.83 46.97
N TYR S 572 -34.90 21.87 47.70
CA TYR S 572 -34.80 21.87 49.15
C TYR S 572 -33.37 21.71 49.61
N ARG S 573 -32.60 20.87 48.92
CA ARG S 573 -31.20 20.61 49.26
C ARG S 573 -30.24 21.57 48.56
N THR S 574 -30.70 22.76 48.17
CA THR S 574 -29.86 23.76 47.57
C THR S 574 -29.60 24.87 48.59
N SER S 575 -28.33 25.20 48.79
CA SER S 575 -27.92 26.20 49.76
C SER S 575 -27.69 27.55 49.09
N LYS S 576 -27.57 28.58 49.92
CA LYS S 576 -27.29 29.91 49.42
C LYS S 576 -25.85 30.00 48.93
N PRO S 577 -25.57 30.89 47.97
CA PRO S 577 -24.19 31.00 47.46
C PRO S 577 -23.17 31.44 48.49
N TYR S 578 -23.62 32.04 49.59
CA TYR S 578 -22.73 32.57 50.63
C TYR S 578 -21.78 33.63 50.07
N ASP S 579 -22.25 34.39 49.08
CA ASP S 579 -21.45 35.43 48.42
C ASP S 579 -21.73 36.81 48.99
N GLU S 580 -22.14 36.89 50.26
CA GLU S 580 -22.36 38.18 50.89
C GLU S 580 -21.02 38.88 51.06
N PRO S 581 -20.90 40.15 50.64
CA PRO S 581 -19.60 40.84 50.77
C PRO S 581 -19.09 40.90 52.21
N ASP S 582 -19.98 41.02 53.18
CA ASP S 582 -19.57 41.00 54.57
C ASP S 582 -19.14 39.61 55.03
N GLY S 583 -19.47 38.57 54.26
CA GLY S 583 -19.13 37.21 54.61
C GLY S 583 -17.65 36.95 54.57
N PRO S 584 -17.19 35.95 55.33
CA PRO S 584 -15.75 35.63 55.36
C PRO S 584 -15.32 34.74 54.19
N TYR S 585 -16.15 34.64 53.16
CA TYR S 585 -15.86 33.75 52.03
C TYR S 585 -15.74 34.51 50.71
N VAL S 586 -15.43 35.81 50.76
CA VAL S 586 -15.33 36.63 49.56
C VAL S 586 -14.09 37.51 49.67
N MET S 587 -13.40 37.70 48.55
CA MET S 587 -12.20 38.53 48.51
C MET S 587 -12.60 39.99 48.70
N LYS S 588 -12.43 40.51 49.91
CA LYS S 588 -12.74 41.88 50.21
C LYS S 588 -11.69 42.81 49.60
N PRO S 589 -12.01 44.09 49.42
CA PRO S 589 -11.00 45.04 48.96
C PRO S 589 -9.79 45.07 49.90
N VAL S 590 -8.63 45.39 49.33
CA VAL S 590 -7.36 45.25 50.03
C VAL S 590 -7.30 46.08 51.32
N GLU S 591 -8.21 47.05 51.49
CA GLU S 591 -8.24 47.81 52.72
C GLU S 591 -8.54 46.91 53.91
N GLU S 592 -9.49 45.99 53.77
CA GLU S 592 -9.88 45.07 54.83
C GLU S 592 -9.59 43.65 54.34
N ARG S 593 -8.49 43.07 54.80
CA ARG S 593 -8.08 41.74 54.36
C ARG S 593 -8.04 40.73 55.50
N GLU S 594 -7.37 41.05 56.60
CA GLU S 594 -7.26 40.19 57.78
C GLU S 594 -6.61 38.84 57.42
N TYR S 595 -5.35 38.93 57.02
CA TYR S 595 -4.56 37.74 56.79
C TYR S 595 -4.34 36.97 58.10
N ARG S 596 -4.28 35.65 57.98
CA ARG S 596 -3.96 34.78 59.10
C ARG S 596 -2.57 34.20 58.90
N LYS S 597 -1.76 34.25 59.95
CA LYS S 597 -0.37 33.79 59.85
C LYS S 597 -0.32 32.27 59.76
N LEU S 598 0.59 31.76 58.94
CA LEU S 598 0.76 30.33 58.76
C LEU S 598 1.59 29.73 59.89
N MET T 37 78.89 -13.99 19.96
CA MET T 37 79.04 -15.33 19.42
C MET T 37 80.30 -16.01 19.98
N GLN T 38 80.45 -17.30 19.69
CA GLN T 38 81.62 -18.03 20.16
C GLN T 38 82.89 -17.55 19.50
N THR T 39 82.84 -17.29 18.19
CA THR T 39 84.03 -16.88 17.46
C THR T 39 84.36 -15.42 17.75
N PRO T 40 85.59 -15.11 18.15
CA PRO T 40 85.96 -13.71 18.38
C PRO T 40 85.97 -12.92 17.08
N LEU T 41 85.85 -11.60 17.23
CA LEU T 41 85.70 -10.72 16.08
C LEU T 41 86.92 -10.76 15.16
N GLU T 42 88.12 -10.93 15.74
CA GLU T 42 89.33 -10.91 14.92
C GLU T 42 89.34 -12.06 13.92
N GLU T 43 88.95 -13.26 14.35
CA GLU T 43 88.89 -14.40 13.43
C GLU T 43 87.84 -14.19 12.36
N LEU T 44 86.67 -13.68 12.75
CA LEU T 44 85.58 -13.49 11.78
C LEU T 44 85.94 -12.46 10.73
N TYR T 45 86.54 -11.35 11.14
CA TYR T 45 86.81 -10.23 10.25
C TYR T 45 88.23 -10.24 9.69
N ASN T 46 89.02 -11.27 9.99
CA ASN T 46 90.36 -11.44 9.44
C ASN T 46 91.24 -10.24 9.78
N VAL T 47 91.47 -10.08 11.09
CA VAL T 47 92.35 -9.03 11.61
C VAL T 47 93.51 -9.71 12.30
N LYS T 48 94.73 -9.49 11.80
CA LYS T 48 95.93 -10.06 12.39
C LYS T 48 96.49 -9.12 13.44
N VAL T 49 96.67 -9.62 14.66
CA VAL T 49 97.17 -8.85 15.78
C VAL T 49 98.52 -9.43 16.19
N GLU T 50 99.49 -8.55 16.43
CA GLU T 50 100.84 -8.96 16.78
C GLU T 50 101.25 -8.29 18.08
N ARG T 51 100.39 -8.41 19.10
CA ARG T 51 100.59 -7.74 20.38
C ARG T 51 101.99 -7.99 20.93
N LYS T 52 102.57 -6.95 21.54
CA LYS T 52 103.94 -6.99 22.04
C LYS T 52 104.92 -7.39 20.95
N VAL T 53 104.82 -6.69 19.81
CA VAL T 53 105.65 -7.02 18.65
C VAL T 53 107.12 -6.79 19.00
N SER T 54 107.95 -7.77 18.68
CA SER T 54 109.37 -7.67 18.98
C SER T 54 110.04 -6.63 18.07
N GLN T 55 111.22 -6.20 18.50
CA GLN T 55 111.98 -5.23 17.71
C GLN T 55 112.37 -5.80 16.35
N ARG T 56 112.59 -7.11 16.27
CA ARG T 56 113.10 -7.73 15.04
C ARG T 56 112.10 -7.56 13.90
N ARG T 57 110.85 -7.98 14.11
CA ARG T 57 109.82 -7.73 13.12
C ARG T 57 109.62 -6.24 12.92
N LEU T 58 109.82 -5.46 13.98
CA LEU T 58 109.51 -4.04 13.95
C LEU T 58 110.41 -3.31 12.95
N GLU T 59 111.73 -3.52 13.04
CA GLU T 59 112.61 -2.85 12.09
C GLU T 59 112.78 -3.66 10.80
N GLU T 60 112.32 -4.92 10.76
CA GLU T 60 112.14 -5.58 9.47
C GLU T 60 111.08 -4.87 8.64
N LEU T 61 109.99 -4.45 9.28
CA LEU T 61 108.93 -3.76 8.57
C LEU T 61 109.25 -2.30 8.25
N GLY T 62 110.35 -1.77 8.78
CA GLY T 62 110.65 -0.35 8.59
C GLY T 62 109.67 0.59 9.28
N VAL T 63 109.33 0.29 10.53
CA VAL T 63 108.34 1.09 11.26
C VAL T 63 108.89 2.48 11.55
N SER T 64 110.19 2.59 11.83
CA SER T 64 110.76 3.81 12.37
C SER T 64 110.64 4.99 11.42
N ARG T 65 110.40 4.74 10.14
CA ARG T 65 110.36 5.81 9.15
C ARG T 65 108.97 5.96 8.53
N TRP T 66 107.95 5.44 9.20
CA TRP T 66 106.57 5.66 8.81
C TRP T 66 106.07 6.98 9.39
N SER T 67 105.04 7.53 8.75
CA SER T 67 104.46 8.77 9.26
C SER T 67 103.55 8.46 10.45
N VAL T 68 103.25 9.50 11.22
CA VAL T 68 102.54 9.37 12.49
C VAL T 68 101.18 10.05 12.37
N TRP T 69 100.13 9.31 12.73
CA TRP T 69 98.78 9.85 12.82
C TRP T 69 98.38 9.91 14.30
N LYS T 70 97.91 11.07 14.73
CA LYS T 70 97.58 11.29 16.12
C LYS T 70 96.15 11.81 16.23
N THR T 71 95.50 11.48 17.34
CA THR T 71 94.12 11.89 17.56
C THR T 71 93.84 11.88 19.05
N GLY T 72 92.79 12.60 19.43
CA GLY T 72 92.29 12.58 20.79
C GLY T 72 90.97 11.83 20.86
N LYS T 73 90.08 12.25 21.76
CA LYS T 73 88.76 11.63 21.87
C LYS T 73 87.95 12.01 20.64
N CYS T 74 87.80 11.08 19.70
CA CYS T 74 87.07 11.33 18.47
C CYS T 74 86.42 10.03 18.01
N LYS T 75 85.92 10.01 16.79
CA LYS T 75 85.24 8.85 16.24
C LYS T 75 85.32 8.94 14.72
N LEU T 76 86.13 8.09 14.11
CA LEU T 76 86.35 8.13 12.67
C LEU T 76 85.65 6.97 11.98
N PRO T 77 84.60 7.21 11.19
CA PRO T 77 84.01 6.14 10.38
C PRO T 77 84.78 5.95 9.08
N TRP T 78 85.44 4.80 8.96
CA TRP T 78 86.32 4.53 7.83
C TRP T 78 86.01 3.17 7.25
N ASP T 79 86.26 3.03 5.94
CA ASP T 79 86.18 1.75 5.25
C ASP T 79 87.54 1.46 4.63
N TRP T 80 88.14 0.34 5.01
CA TRP T 80 89.47 -0.02 4.55
C TRP T 80 89.36 -0.70 3.19
N GLN T 81 89.41 0.09 2.13
CA GLN T 81 89.51 -0.47 0.79
C GLN T 81 90.94 -0.76 0.38
N VAL T 82 91.90 -0.53 1.28
CA VAL T 82 93.28 -0.95 1.12
C VAL T 82 93.74 -1.57 2.43
N ASP T 83 94.65 -2.53 2.35
CA ASP T 83 95.27 -3.11 3.54
C ASP T 83 96.15 -2.07 4.22
N GLN T 84 96.27 -2.19 5.55
CA GLN T 84 97.06 -1.23 6.32
C GLN T 84 97.43 -1.84 7.66
N LEU T 85 98.73 -2.00 7.91
CA LEU T 85 99.21 -2.34 9.23
C LEU T 85 99.30 -1.07 10.08
N VAL T 86 99.09 -1.23 11.39
CA VAL T 86 99.11 -0.11 12.31
C VAL T 86 99.90 -0.52 13.55
N TYR T 87 100.89 0.29 13.92
CA TYR T 87 101.61 0.12 15.17
C TYR T 87 101.14 1.20 16.14
N ILE T 88 100.70 0.77 17.32
CA ILE T 88 100.25 1.68 18.37
C ILE T 88 101.35 1.77 19.42
N GLU T 89 101.81 3.00 19.68
CA GLU T 89 102.81 3.26 20.71
C GLU T 89 102.21 3.86 21.97
N GLU T 90 101.39 4.89 21.82
CA GLU T 90 100.71 5.52 22.94
C GLU T 90 99.24 5.71 22.59
N GLY T 91 98.36 5.28 23.49
CA GLY T 91 96.93 5.42 23.31
C GLY T 91 96.24 4.07 23.14
N GLU T 92 94.91 4.14 23.20
CA GLU T 92 94.06 2.96 23.09
C GLU T 92 92.96 3.23 22.09
N VAL T 93 92.60 2.21 21.32
CA VAL T 93 91.56 2.32 20.29
C VAL T 93 90.65 1.10 20.39
N ARG T 94 89.34 1.34 20.34
CA ARG T 94 88.34 0.28 20.27
C ARG T 94 87.72 0.31 18.87
N VAL T 95 87.73 -0.84 18.21
CA VAL T 95 87.25 -0.97 16.83
C VAL T 95 85.92 -1.69 16.85
N VAL T 96 84.90 -1.06 16.27
CA VAL T 96 83.57 -1.65 16.17
C VAL T 96 83.21 -1.81 14.70
N PRO T 97 83.11 -3.02 14.18
CA PRO T 97 82.71 -3.21 12.79
C PRO T 97 81.26 -2.80 12.57
N GLU T 98 80.94 -2.47 11.32
CA GLU T 98 79.61 -1.99 10.96
C GLU T 98 78.54 -3.00 11.37
N GLY T 99 77.67 -2.58 12.29
CA GLY T 99 76.58 -3.41 12.75
C GLY T 99 76.90 -4.29 13.94
N SER T 100 78.16 -4.38 14.35
CA SER T 100 78.54 -5.24 15.45
C SER T 100 78.18 -4.60 16.79
N LYS T 101 77.75 -5.44 17.73
CA LYS T 101 77.48 -5.02 19.10
C LYS T 101 78.68 -5.23 20.02
N ARG T 102 79.79 -5.73 19.50
CA ARG T 102 81.00 -5.96 20.26
C ARG T 102 82.16 -5.19 19.63
N PHE T 103 83.29 -5.17 20.33
CA PHE T 103 84.44 -4.40 19.91
C PHE T 103 85.71 -5.24 20.05
N MET T 104 86.73 -4.86 19.27
CA MET T 104 88.05 -5.46 19.36
C MET T 104 88.95 -4.52 20.16
N GLN T 105 89.51 -5.01 21.25
CA GLN T 105 90.30 -4.19 22.17
C GLN T 105 91.77 -4.23 21.76
N PHE T 106 92.33 -3.07 21.47
CA PHE T 106 93.73 -2.94 21.07
C PHE T 106 94.45 -2.02 22.03
N LEU T 107 95.51 -2.52 22.65
CA LEU T 107 96.34 -1.77 23.57
C LEU T 107 97.64 -1.35 22.90
N ALA T 108 98.39 -0.52 23.61
CA ALA T 108 99.65 0.00 23.07
C ALA T 108 100.67 -1.13 22.91
N GLY T 109 101.52 -0.99 21.90
CA GLY T 109 102.54 -1.99 21.61
C GLY T 109 102.10 -3.12 20.74
N ASP T 110 100.90 -3.06 20.15
CA ASP T 110 100.39 -4.10 19.28
C ASP T 110 100.51 -3.70 17.82
N LEU T 111 100.73 -4.68 16.96
CA LEU T 111 100.77 -4.49 15.53
C LEU T 111 99.52 -5.14 14.92
N VAL T 112 98.70 -4.33 14.26
CA VAL T 112 97.42 -4.76 13.73
C VAL T 112 97.36 -4.43 12.25
N ARG T 113 96.95 -5.41 11.44
CA ARG T 113 96.80 -5.26 10.00
C ARG T 113 95.31 -5.24 9.68
N TYR T 114 94.79 -4.07 9.32
CA TYR T 114 93.38 -3.95 8.98
C TYR T 114 93.13 -4.47 7.58
N PRO T 115 92.19 -5.40 7.41
CA PRO T 115 92.00 -6.02 6.09
C PRO T 115 91.27 -5.10 5.13
N LYS T 116 91.42 -5.42 3.84
CA LYS T 116 90.71 -4.70 2.80
C LYS T 116 89.21 -4.98 2.88
N TRP T 117 88.42 -3.96 2.52
CA TRP T 117 86.96 -3.99 2.50
C TRP T 117 86.35 -4.01 3.90
N LEU T 118 87.15 -3.80 4.94
CA LEU T 118 86.60 -3.78 6.30
C LEU T 118 85.77 -2.53 6.52
N GLU T 119 84.57 -2.71 7.04
CA GLU T 119 83.65 -1.62 7.37
C GLU T 119 83.58 -1.54 8.89
N ALA T 120 84.51 -0.79 9.47
CA ALA T 120 84.60 -0.66 10.92
C ALA T 120 84.41 0.81 11.31
N ASP T 121 84.58 1.10 12.60
CA ASP T 121 84.37 2.46 13.10
C ASP T 121 85.30 2.60 14.30
N LEU T 122 86.36 3.37 14.15
CA LEU T 122 87.33 3.53 15.23
C LEU T 122 86.79 4.45 16.32
N PHE T 123 87.11 4.11 17.56
CA PHE T 123 86.74 4.89 18.73
C PHE T 123 87.99 5.19 19.53
N PHE T 124 88.09 6.42 20.05
CA PHE T 124 89.21 6.83 20.89
C PHE T 124 88.68 7.54 22.12
N ASN T 125 89.21 7.19 23.29
CA ASN T 125 88.83 7.80 24.54
C ASN T 125 89.99 8.50 25.23
N ALA T 126 91.09 8.73 24.52
CA ALA T 126 92.30 9.29 25.09
C ALA T 126 93.20 9.71 23.93
N PRO T 127 94.24 10.52 24.20
CA PRO T 127 95.19 10.85 23.13
C PRO T 127 95.82 9.60 22.56
N TYR T 128 96.00 9.60 21.24
CA TYR T 128 96.38 8.41 20.50
C TYR T 128 97.37 8.79 19.41
N SER T 129 98.25 7.85 19.07
CA SER T 129 99.29 8.08 18.08
C SER T 129 99.77 6.75 17.55
N GLU T 130 99.96 6.65 16.24
CA GLU T 130 100.22 5.36 15.62
C GLU T 130 101.13 5.52 14.41
N ARG T 131 101.72 4.40 14.00
CA ARG T 131 102.50 4.30 12.78
C ARG T 131 101.84 3.28 11.86
N TYR T 132 101.93 3.52 10.55
CA TYR T 132 101.12 2.79 9.59
C TYR T 132 101.98 2.28 8.45
N CYS T 133 101.38 1.43 7.63
CA CYS T 133 101.93 1.21 6.29
C CYS T 133 100.81 0.70 5.40
N PHE T 134 100.29 1.57 4.53
CA PHE T 134 99.31 1.13 3.55
C PHE T 134 100.00 0.26 2.51
N LYS T 135 99.47 -0.93 2.30
CA LYS T 135 100.08 -1.93 1.43
C LYS T 135 99.10 -2.32 0.34
N ALA T 136 99.57 -2.36 -0.90
CA ALA T 136 98.76 -2.81 -2.02
C ALA T 136 98.84 -4.33 -2.11
N TYR T 137 98.39 -4.87 -3.24
CA TYR T 137 98.48 -6.32 -3.44
C TYR T 137 99.94 -6.75 -3.46
N ALA T 138 100.17 -7.99 -3.01
CA ALA T 138 101.51 -8.55 -2.88
C ALA T 138 102.37 -7.69 -1.94
N ASP T 139 103.41 -7.06 -2.49
CA ASP T 139 104.28 -6.18 -1.72
C ASP T 139 104.88 -6.91 -0.52
N ASP T 140 104.24 -6.77 0.64
CA ASP T 140 104.69 -7.46 1.85
C ASP T 140 103.53 -8.14 2.55
MG MG X . -4.28 3.61 6.64
ZN ZN Y . -20.99 -5.06 -32.04
FE FE Z . 103.96 -24.92 -12.84
N SAH AA . -65.04 -16.11 -17.70
CA SAH AA . -63.71 -16.69 -17.53
CB SAH AA . -62.68 -15.59 -17.36
CG SAH AA . -62.21 -14.99 -18.67
SD SAH AA . -61.37 -16.25 -19.68
C SAH AA . -63.67 -17.65 -16.34
O SAH AA . -62.74 -18.44 -16.22
OXT SAH AA . -64.55 -17.65 -15.49
C5' SAH AA . -62.21 -15.64 -21.17
C4' SAH AA . -63.60 -16.25 -21.36
O4' SAH AA . -64.57 -15.40 -20.79
C3' SAH AA . -63.92 -16.42 -22.84
O3' SAH AA . -64.09 -17.79 -23.14
C2' SAH AA . -65.22 -15.68 -23.06
O2' SAH AA . -66.20 -16.60 -23.49
C1' SAH AA . -65.60 -15.11 -21.72
N9 SAH AA . -65.77 -13.65 -21.82
C8 SAH AA . -64.76 -12.75 -21.96
N7 SAH AA . -65.30 -11.51 -22.03
C5 SAH AA . -66.64 -11.61 -21.94
C6 SAH AA . -67.66 -10.67 -21.96
N6 SAH AA . -67.37 -9.38 -22.08
N1 SAH AA . -68.97 -11.07 -21.85
C2 SAH AA . -69.27 -12.42 -21.72
N3 SAH AA . -68.24 -13.35 -21.71
C4 SAH AA . -66.96 -12.96 -21.81
FE FE BA . 111.14 -9.52 -20.49
#